data_7YEG
#
_entry.id   7YEG
#
_cell.length_a   1.00
_cell.length_b   1.00
_cell.length_c   1.00
_cell.angle_alpha   90.00
_cell.angle_beta   90.00
_cell.angle_gamma   90.00
#
_symmetry.space_group_name_H-M   'P 1'
#
loop_
_entity.id
_entity.type
_entity.pdbx_description
1 polymer 'Spike glycoprotein'
2 polymer 'Angiotensin-converting enzyme 2'
3 polymer 'heavy chain of R1-32 Fab'
4 polymer 'light chain of R1-32 Fab'
5 branched 2-acetamido-2-deoxy-beta-D-glucopyranose-(1-4)-2-acetamido-2-deoxy-beta-D-glucopyranose
6 non-polymer 2-acetamido-2-deoxy-beta-D-glucopyranose
7 non-polymer 'ZINC ION'
#
loop_
_entity_poly.entity_id
_entity_poly.type
_entity_poly.pdbx_seq_one_letter_code
_entity_poly.pdbx_strand_id
1 'polypeptide(L)'
;MFVFLVLLPLVSSQCVNLTTRTQLPPAYTNSFTRGVYYPDKVFRSSVLHSTQDLFLPFFSNVTWFHAIHVSGTNGTKRFD
NPVLPFNDGVYFASTEKSNIIRGWIFGTTLDSKTQSLLIVNNATNVVIKVCEFQFCNDPFLGVYYHKNNKSWMESEFRVY
SSANNCTFEYVSQPFLMDLEGKQGNFKNLREFVFKNIDGYFKIYSKHTPINLVRDLPQGFSALEPLVDLPIGINITRFQT
LLALHRSYLTPGDSSSGWTAGAAAYYVGYLQPRTFLLKYNENGTITDAVDCALDPLSETKCTLKSFTVEKGIYQTSNFRV
QPTESIVRFPNITNLCPFGEVFNATRFASVYAWNRKRISNCVADYSVLYNSASFSTFKCYGVSPTKLNDLCFTNVYADSF
VIRGDEVRQIAPGQTGKIADYNYKLPDDFTGCVIAWNSNNLDSKVGGNYNYLYRLFRKSNLKPFERDISTEIYQAGSTPC
NGVEGFNCYFPLQSYGFQPTNGVGYQPYRVVVLSFELLHAPATVCGPKKSTNLVKNKCVNFNFNGLTGTGVLTESNKKFL
PFQQFGRDIADTTDAVRDPQTLEILDITPCSFGGVSVITPGTNTSNQVAVLYQDVNCTEVPVAIHADQLTPTWRVYSTGS
NVFQTRAGCLIGAEHVNNSYECDIPIGAGICASYQTQTNSPGSASSVASQSIIAYTMSLGAENSVAYSNNSIAIPTNFTI
SVTTEILPVSMTKTSVDCTMYICGDSTECSNLLLQYGSFCTQLNRALTGIAVEQDKNTQEVFAQVKQIYKTPPIKDFGGF
NFSQILPDPSKPSKRSPIEDLLFNKVTLADAGFIKQYGDCLGDIAARDLICAQKFNGLTVLPPLLTDEMIAQYTSALLAG
TITSGWTFGAGPALQIPFPMQMAYRFNGIGVTQNVLYENQKLIANQFNSAIGKIQDSLSSTPSALGKLQDVVNQNAQALN
TLVKQLSSNFGAISSVLNDILSRLDPPEAEVQIDRLITGRLQSLQTYVTQQLIRAAEIRASANLAATKMSECVLGQSKRV
DFCGKGYHLMSFPQSAPHGVVFLHVTYVPAQEKNFTTAPAICHDGKAHFPREGVFVSNGTHWFVTQRNFYEPQIITTDNT
FVSGNCDVVIGIVNNTVYDPLQPELDSFKEELDKYFKNHTSPDVDLGDISGINASVVNIQKEIDRLNEVAKNLNESLIDL
QELGKYEQ
;
A,B,C
2 'polypeptide(L)'
;STIEEQAKTFLDKFNHEAEDLFYQSSLASWNYNTNITEENVQNMNNAGDKWSAFLKEQSTLAQMYPLQEIQNLTVKLQLQ
ALQQNGSSVLSEDKSKRLNTILNTMSTIYSTGKVCNPDNPQECLLLEPGLNEIMANSLDYNERLWAWESWRSEVGKQLRP
LYEEYVVLKNEMARANHYEDYGDYWRGDYEVNGVDGYDYSRGQLIEDVEHTFEEIKPLYEHLHAYVRAKLMNAYPSYISP
IGCLPAHLLGDMWGRFWTNLYSLTVPFGQKPNIDVTDAMVDQAWDAQRIFKEAEKFFVSVGLPNMTQGFWENSMLTDPGN
VQKAVCHPTAWDLGKGDFRILMCTKVTMDDFLTAHHEMGHIQYDMAYAAQPFLLRNGANEGFHEAVGEIMSLSAATPKHL
KSIGLLSPDFQEDNETEINFLLKQALTIVGTLPFTYMLEKWRWMVFKGEIPKDQWMKKWWEMKREIVGVVEPVPHDETYC
DPASLFHVSNDYSFIRYYTRTLYQFQFQEALCQAAKHEGPLHKCDISNSTEAGQKLFNMLRLGKSEPWTLALENVVGAKN
MNVRPLLNYFEPLFTWLKDQNKNSFVGWSTDWSPYAD
;
E,J,M
3 'polypeptide(L)'
;EVQLVESGAEVKKPGSSVKVSCKASGGTFSSYAISWVRQAPGQGLEWMGGIIPILGIANYAQKFQGRVTITADKSTSTAY
MELSSLRSEDTAVYYCARENGYSGYGAAANFDLWGRGTLVTVSSASTKGPSVFPLAPSSKSTSGGTAALGCLVKDYFPEP
VTVSWNSGALTSGVHTFPAVLQSSGLYSLSSVVTVPSSSLGTQTYICNVNHKPSNTKVDKKVEPKSCD
;
H,G,N
4 'polypeptide(L)'
;QSVLTQPPSVSGAPGQRVTISCTGSSSNIGAGYDVHWYQQLPGTAPKLLIYGNSNRPSGVPDRFSGSKSGTSASLAITGL
QAEDEADYYCQSYDSSLSGSVFGGGTKLTVLGQPKAAPSVTLFPPSSEELQANKATLVCLISDFYPGAVTVAWKADSSPV
KAGVETTTPSKQSNNKYAASSYLSLTPEQWKSHRSYSCQVTHEGSTVEKTVAPT
;
L,I,O
#
# COMPACT_ATOMS: atom_id res chain seq x y z
N GLN A 14 -32.82 -39.33 29.59
CA GLN A 14 -32.96 -39.02 31.01
C GLN A 14 -31.93 -39.77 31.85
N CYS A 15 -31.58 -39.22 33.00
CA CYS A 15 -30.59 -39.82 33.89
C CYS A 15 -31.08 -39.69 35.33
N VAL A 16 -30.50 -40.52 36.19
CA VAL A 16 -30.80 -40.50 37.62
C VAL A 16 -29.51 -40.24 38.38
N ASN A 17 -29.65 -39.91 39.66
CA ASN A 17 -28.52 -39.64 40.53
C ASN A 17 -28.14 -40.89 41.32
N LEU A 18 -26.88 -40.92 41.75
CA LEU A 18 -26.35 -42.03 42.53
C LEU A 18 -26.36 -41.69 44.02
N THR A 19 -26.13 -42.72 44.82
CA THR A 19 -26.04 -42.59 46.27
C THR A 19 -24.59 -42.76 46.72
N THR A 20 -24.22 -42.02 47.76
CA THR A 20 -22.86 -42.09 48.27
C THR A 20 -22.57 -43.45 48.89
N ARG A 21 -21.37 -43.96 48.62
CA ARG A 21 -20.97 -45.28 49.11
C ARG A 21 -19.45 -45.31 49.22
N THR A 22 -18.92 -46.45 49.65
CA THR A 22 -17.49 -46.64 49.77
C THR A 22 -16.90 -47.01 48.40
N GLN A 23 -15.93 -46.23 47.95
CA GLN A 23 -15.25 -46.47 46.69
C GLN A 23 -13.82 -46.92 46.94
N LEU A 24 -13.06 -47.06 45.85
CA LEU A 24 -11.65 -47.37 45.90
C LEU A 24 -10.85 -46.28 45.20
N PRO A 25 -9.75 -45.82 45.79
CA PRO A 25 -8.95 -44.77 45.16
C PRO A 25 -8.15 -45.31 44.00
N PRO A 26 -7.88 -44.49 42.99
CA PRO A 26 -7.09 -44.97 41.85
C PRO A 26 -5.62 -45.10 42.20
N ALA A 27 -4.98 -46.09 41.57
CA ALA A 27 -3.57 -46.37 41.79
C ALA A 27 -2.73 -45.89 40.61
N TYR A 28 -1.42 -45.92 40.80
CA TYR A 28 -0.46 -45.49 39.79
C TYR A 28 0.44 -46.67 39.43
N THR A 29 0.43 -47.05 38.15
CA THR A 29 1.24 -48.13 37.63
C THR A 29 2.22 -47.60 36.59
N ASN A 30 3.00 -48.50 36.01
CA ASN A 30 4.01 -48.16 35.02
C ASN A 30 3.70 -48.81 33.69
N SER A 31 3.98 -48.10 32.61
CA SER A 31 3.79 -48.61 31.27
C SER A 31 5.07 -49.26 30.74
N PHE A 32 4.92 -50.18 29.80
CA PHE A 32 6.06 -50.92 29.23
C PHE A 32 5.87 -50.99 27.72
N THR A 33 6.48 -50.03 27.02
CA THR A 33 6.46 -49.97 25.55
C THR A 33 5.03 -49.99 25.00
N ARG A 34 4.27 -48.96 25.37
CA ARG A 34 2.89 -48.81 24.94
C ARG A 34 2.67 -47.41 24.40
N GLY A 35 1.76 -47.30 23.43
CA GLY A 35 1.42 -46.01 22.86
C GLY A 35 2.18 -45.69 21.59
N VAL A 36 2.32 -46.67 20.71
CA VAL A 36 3.01 -46.50 19.43
C VAL A 36 2.01 -46.78 18.32
N TYR A 37 1.82 -45.80 17.44
CA TYR A 37 0.89 -45.91 16.32
C TYR A 37 1.59 -45.47 15.04
N TYR A 38 0.85 -45.52 13.94
CA TYR A 38 1.39 -45.10 12.65
C TYR A 38 1.35 -43.58 12.56
N PRO A 39 2.49 -42.90 12.40
CA PRO A 39 2.49 -41.43 12.39
C PRO A 39 2.08 -40.83 11.06
N ASP A 40 1.90 -41.62 10.00
CA ASP A 40 1.53 -41.09 8.69
C ASP A 40 0.76 -42.16 7.94
N LYS A 41 0.38 -41.83 6.70
CA LYS A 41 -0.35 -42.73 5.83
C LYS A 41 0.46 -43.14 4.61
N VAL A 42 1.79 -43.24 4.77
CA VAL A 42 2.68 -43.64 3.70
C VAL A 42 3.39 -44.93 4.11
N PHE A 43 3.99 -45.58 3.12
CA PHE A 43 4.68 -46.84 3.33
C PHE A 43 6.19 -46.60 3.52
N ARG A 44 6.77 -47.26 4.52
CA ARG A 44 8.19 -47.18 4.80
C ARG A 44 8.74 -48.59 5.01
N SER A 45 9.91 -48.86 4.43
CA SER A 45 10.51 -50.18 4.53
C SER A 45 12.02 -50.03 4.55
N SER A 46 12.66 -50.66 5.54
CA SER A 46 14.13 -50.68 5.66
C SER A 46 14.69 -49.27 5.76
N VAL A 47 14.01 -48.41 6.51
CA VAL A 47 14.45 -47.03 6.72
C VAL A 47 14.18 -46.64 8.16
N LEU A 48 15.15 -45.97 8.78
CA LEU A 48 15.04 -45.51 10.16
C LEU A 48 14.78 -44.00 10.13
N HIS A 49 13.50 -43.63 10.09
CA HIS A 49 13.08 -42.24 10.00
C HIS A 49 12.39 -41.80 11.29
N SER A 50 12.64 -40.56 11.69
CA SER A 50 12.06 -39.99 12.89
C SER A 50 11.13 -38.85 12.54
N THR A 51 10.07 -38.69 13.35
CA THR A 51 9.09 -37.64 13.17
C THR A 51 8.77 -37.02 14.52
N GLN A 52 8.09 -35.87 14.48
CA GLN A 52 7.71 -35.13 15.68
C GLN A 52 6.19 -35.16 15.79
N ASP A 53 5.67 -36.11 16.56
CA ASP A 53 4.24 -36.27 16.76
C ASP A 53 3.96 -36.50 18.25
N LEU A 54 2.69 -36.64 18.58
CA LEU A 54 2.26 -36.84 19.96
C LEU A 54 2.27 -38.33 20.28
N PHE A 55 3.26 -38.77 21.05
CA PHE A 55 3.40 -40.16 21.44
C PHE A 55 3.48 -40.25 22.96
N LEU A 56 3.54 -41.47 23.47
CA LEU A 56 3.60 -41.71 24.91
C LEU A 56 5.03 -42.04 25.33
N PRO A 57 5.59 -41.33 26.30
CA PRO A 57 6.94 -41.67 26.76
C PRO A 57 6.95 -42.98 27.52
N PHE A 58 7.98 -43.78 27.27
CA PHE A 58 8.11 -45.09 27.91
C PHE A 58 8.55 -44.93 29.36
N PHE A 59 8.17 -45.91 30.18
CA PHE A 59 8.54 -45.96 31.60
C PHE A 59 8.06 -44.70 32.34
N SER A 60 6.87 -44.23 32.00
CA SER A 60 6.28 -43.05 32.59
C SER A 60 5.19 -43.44 33.57
N ASN A 61 4.82 -42.48 34.43
CA ASN A 61 3.77 -42.70 35.42
C ASN A 61 2.41 -42.53 34.76
N VAL A 62 1.60 -43.59 34.78
CA VAL A 62 0.28 -43.58 34.19
C VAL A 62 -0.74 -43.95 35.26
N THR A 63 -1.96 -43.45 35.09
CA THR A 63 -3.02 -43.70 36.05
C THR A 63 -3.67 -45.07 35.79
N TRP A 64 -4.37 -45.56 36.81
CA TRP A 64 -5.02 -46.86 36.75
C TRP A 64 -6.37 -46.76 37.44
N PHE A 65 -7.43 -47.13 36.72
CA PHE A 65 -8.79 -47.14 37.27
C PHE A 65 -9.37 -48.55 37.15
N HIS A 66 -10.05 -48.98 38.20
CA HIS A 66 -10.63 -50.31 38.26
C HIS A 66 -12.13 -50.26 37.94
N ALA A 67 -12.65 -51.42 37.51
CA ALA A 67 -14.07 -51.55 37.21
C ALA A 67 -14.65 -52.87 37.71
N ILE A 68 -13.92 -53.62 38.53
CA ILE A 68 -14.40 -54.90 39.03
C ILE A 68 -15.35 -54.68 40.20
N HIS A 69 -16.42 -55.45 40.24
CA HIS A 69 -17.41 -55.29 41.31
C HIS A 69 -16.87 -55.80 42.64
N VAL A 70 -16.52 -57.08 42.70
CA VAL A 70 -16.02 -57.68 43.94
C VAL A 70 -14.55 -57.32 44.14
N THR A 76 -15.44 -53.00 47.57
CA THR A 76 -16.39 -53.50 46.59
C THR A 76 -17.20 -52.35 45.99
N LYS A 77 -17.95 -52.66 44.93
CA LYS A 77 -18.78 -51.68 44.23
C LYS A 77 -17.94 -50.51 43.73
N ARG A 78 -17.00 -50.83 42.84
CA ARG A 78 -16.08 -49.84 42.28
C ARG A 78 -16.69 -49.26 41.01
N PHE A 79 -16.96 -47.95 41.04
CA PHE A 79 -17.48 -47.24 39.87
C PHE A 79 -16.94 -45.81 39.92
N ASP A 80 -15.81 -45.60 39.23
CA ASP A 80 -15.13 -44.31 39.20
C ASP A 80 -15.02 -43.86 37.75
N ASN A 81 -15.82 -42.85 37.38
CA ASN A 81 -15.78 -42.28 36.03
C ASN A 81 -15.83 -40.77 36.14
N PRO A 82 -14.69 -40.14 36.38
CA PRO A 82 -14.65 -38.68 36.50
C PRO A 82 -14.51 -38.01 35.14
N VAL A 83 -14.62 -36.68 35.16
CA VAL A 83 -14.51 -35.86 33.95
C VAL A 83 -13.06 -35.39 33.87
N LEU A 84 -12.25 -36.11 33.08
CA LEU A 84 -10.84 -35.78 32.93
C LEU A 84 -10.63 -34.79 31.79
N PRO A 85 -9.66 -33.89 31.92
CA PRO A 85 -9.41 -32.93 30.85
C PRO A 85 -8.76 -33.60 29.65
N PHE A 86 -9.22 -33.24 28.46
CA PHE A 86 -8.71 -33.78 27.21
C PHE A 86 -7.56 -32.91 26.72
N ASN A 87 -6.36 -33.48 26.66
CA ASN A 87 -5.18 -32.79 26.19
C ASN A 87 -4.94 -33.12 24.71
N ASP A 88 -3.80 -32.68 24.19
CA ASP A 88 -3.44 -32.91 22.79
C ASP A 88 -2.97 -34.35 22.65
N GLY A 89 -3.91 -35.25 22.39
CA GLY A 89 -3.60 -36.65 22.21
C GLY A 89 -3.65 -37.44 23.50
N VAL A 90 -4.47 -38.49 23.54
CA VAL A 90 -4.61 -39.34 24.71
C VAL A 90 -4.31 -40.78 24.31
N TYR A 91 -4.12 -41.62 25.32
CA TYR A 91 -3.87 -43.05 25.12
C TYR A 91 -4.80 -43.83 26.05
N PHE A 92 -5.79 -44.51 25.45
CA PHE A 92 -6.79 -45.27 26.20
C PHE A 92 -6.60 -46.75 25.87
N ALA A 93 -5.94 -47.47 26.78
CA ALA A 93 -5.71 -48.90 26.63
C ALA A 93 -6.62 -49.66 27.60
N SER A 94 -7.32 -50.66 27.09
CA SER A 94 -8.25 -51.45 27.89
C SER A 94 -8.07 -52.93 27.57
N THR A 95 -7.78 -53.73 28.59
CA THR A 95 -7.70 -55.18 28.44
C THR A 95 -9.10 -55.79 28.55
N GLU A 96 -9.88 -55.52 27.50
CA GLU A 96 -11.29 -55.88 27.51
C GLU A 96 -11.49 -57.37 27.33
N LYS A 97 -12.42 -57.94 28.11
CA LYS A 97 -12.78 -59.35 28.03
C LYS A 97 -14.23 -59.56 27.64
N SER A 98 -15.17 -58.90 28.33
CA SER A 98 -16.59 -59.12 28.11
C SER A 98 -17.28 -57.90 27.50
N ASN A 99 -16.51 -56.95 26.95
CA ASN A 99 -17.06 -55.76 26.30
C ASN A 99 -17.95 -54.96 27.26
N ILE A 100 -17.33 -54.47 28.33
CA ILE A 100 -18.06 -53.69 29.33
C ILE A 100 -18.12 -52.22 28.96
N ILE A 101 -16.97 -51.63 28.59
CA ILE A 101 -16.95 -50.24 28.16
C ILE A 101 -17.55 -50.12 26.78
N ARG A 102 -18.60 -49.30 26.65
CA ARG A 102 -19.34 -49.19 25.39
C ARG A 102 -18.81 -48.05 24.53
N GLY A 103 -18.85 -46.83 25.04
CA GLY A 103 -18.45 -45.68 24.24
C GLY A 103 -17.75 -44.58 25.02
N TRP A 104 -17.53 -43.44 24.38
CA TRP A 104 -16.88 -42.29 24.99
C TRP A 104 -17.58 -41.02 24.55
N ILE A 105 -17.53 -40.00 25.42
CA ILE A 105 -18.12 -38.71 25.13
C ILE A 105 -17.04 -37.65 25.19
N PHE A 106 -17.29 -36.53 24.51
CA PHE A 106 -16.36 -35.41 24.48
C PHE A 106 -17.14 -34.11 24.59
N GLY A 107 -16.43 -33.06 24.97
CA GLY A 107 -17.05 -31.75 25.11
C GLY A 107 -16.19 -30.84 25.97
N THR A 108 -16.75 -29.66 26.22
CA THR A 108 -16.08 -28.64 27.03
C THR A 108 -16.81 -28.38 28.33
N THR A 109 -18.12 -28.06 28.27
CA THR A 109 -18.91 -27.79 29.46
C THR A 109 -20.02 -28.80 29.69
N LEU A 110 -20.48 -29.49 28.64
CA LEU A 110 -21.49 -30.54 28.76
C LEU A 110 -22.79 -30.00 29.34
N ASP A 111 -23.28 -28.90 28.76
CA ASP A 111 -24.55 -28.31 29.18
C ASP A 111 -25.37 -27.86 27.97
N SER A 112 -25.25 -28.57 26.85
CA SER A 112 -25.94 -28.23 25.61
C SER A 112 -25.59 -26.82 25.15
N LYS A 113 -24.28 -26.54 25.08
CA LYS A 113 -23.78 -25.25 24.63
C LYS A 113 -22.79 -25.35 23.48
N THR A 114 -21.98 -26.40 23.43
CA THR A 114 -21.01 -26.63 22.37
C THR A 114 -21.39 -27.88 21.58
N GLN A 115 -20.53 -28.24 20.64
CA GLN A 115 -20.75 -29.43 19.80
C GLN A 115 -20.14 -30.63 20.51
N SER A 116 -20.96 -31.31 21.31
CA SER A 116 -20.51 -32.49 22.03
C SER A 116 -20.44 -33.69 21.09
N LEU A 117 -19.54 -34.63 21.42
CA LEU A 117 -19.34 -35.83 20.63
C LEU A 117 -19.98 -37.02 21.33
N LEU A 118 -20.42 -37.99 20.51
CA LEU A 118 -21.06 -39.19 21.04
C LEU A 118 -20.69 -40.35 20.12
N ILE A 119 -19.65 -41.09 20.51
CA ILE A 119 -19.23 -42.29 19.78
C ILE A 119 -19.45 -43.51 20.67
N VAL A 120 -20.60 -44.16 20.52
CA VAL A 120 -21.01 -45.28 21.35
C VAL A 120 -21.04 -46.53 20.51
N ASN A 121 -20.35 -47.58 20.97
CA ASN A 121 -20.35 -48.88 20.31
C ASN A 121 -21.51 -49.69 20.87
N ASN A 122 -22.63 -49.71 20.14
CA ASN A 122 -23.80 -50.44 20.57
C ASN A 122 -23.74 -51.89 20.08
N ALA A 123 -24.79 -52.64 20.37
CA ALA A 123 -24.86 -54.05 19.98
C ALA A 123 -25.36 -54.25 18.55
N THR A 124 -25.76 -53.19 17.87
CA THR A 124 -26.24 -53.27 16.50
C THR A 124 -25.31 -52.60 15.50
N ASN A 125 -24.95 -51.34 15.73
CA ASN A 125 -24.07 -50.62 14.84
C ASN A 125 -23.38 -49.50 15.60
N VAL A 126 -22.22 -49.08 15.09
CA VAL A 126 -21.45 -48.00 15.69
C VAL A 126 -21.91 -46.68 15.08
N VAL A 127 -22.29 -45.74 15.94
CA VAL A 127 -22.78 -44.43 15.51
C VAL A 127 -21.75 -43.37 15.88
N ILE A 128 -21.63 -42.36 15.03
CA ILE A 128 -20.77 -41.20 15.28
C ILE A 128 -21.65 -39.97 15.02
N LYS A 129 -22.22 -39.42 16.09
CA LYS A 129 -23.19 -38.33 16.00
C LYS A 129 -22.71 -37.17 16.86
N VAL A 130 -22.16 -36.14 16.22
CA VAL A 130 -21.69 -34.94 16.91
C VAL A 130 -22.82 -33.93 16.89
N CYS A 131 -23.42 -33.70 18.06
CA CYS A 131 -24.60 -32.86 18.17
C CYS A 131 -24.56 -32.16 19.53
N GLU A 132 -25.70 -31.64 19.97
CA GLU A 132 -25.77 -30.84 21.19
C GLU A 132 -26.59 -31.57 22.25
N PHE A 133 -26.33 -32.87 22.41
CA PHE A 133 -27.08 -33.68 23.36
C PHE A 133 -26.94 -33.15 24.77
N GLN A 134 -27.95 -33.42 25.59
CA GLN A 134 -27.99 -32.99 26.99
C GLN A 134 -27.30 -34.06 27.84
N PHE A 135 -25.99 -33.88 28.05
CA PHE A 135 -25.23 -34.83 28.84
C PHE A 135 -25.49 -34.59 30.33
N CYS A 136 -25.82 -35.66 31.04
CA CYS A 136 -26.13 -35.58 32.45
C CYS A 136 -24.86 -35.69 33.28
N ASN A 137 -25.01 -35.84 34.61
CA ASN A 137 -23.85 -35.95 35.48
C ASN A 137 -23.12 -37.28 35.27
N ASP A 138 -23.86 -38.34 34.94
CA ASP A 138 -23.26 -39.66 34.76
C ASP A 138 -24.13 -40.49 33.80
N PRO A 139 -23.79 -40.52 32.51
CA PRO A 139 -24.52 -41.38 31.58
C PRO A 139 -23.95 -42.79 31.55
N PHE A 140 -24.85 -43.77 31.57
CA PHE A 140 -24.44 -45.17 31.58
C PHE A 140 -25.54 -46.01 30.94
N LEU A 141 -25.13 -47.11 30.31
CA LEU A 141 -26.05 -48.05 29.71
C LEU A 141 -26.33 -49.19 30.68
N GLY A 142 -27.59 -49.61 30.74
CA GLY A 142 -28.02 -50.67 31.64
C GLY A 142 -28.41 -51.91 30.87
N VAL A 143 -27.93 -53.05 31.35
CA VAL A 143 -28.21 -54.35 30.76
C VAL A 143 -29.09 -55.14 31.72
N TYR A 144 -30.31 -55.45 31.29
CA TYR A 144 -31.27 -56.18 32.11
C TYR A 144 -31.32 -57.64 31.66
N TYR A 145 -31.39 -58.54 32.63
CA TYR A 145 -31.45 -59.97 32.38
C TYR A 145 -32.91 -60.42 32.41
N HIS A 146 -33.37 -60.99 31.30
CA HIS A 146 -34.75 -61.46 31.21
C HIS A 146 -34.91 -62.81 31.90
N LYS A 147 -36.12 -63.08 32.37
CA LYS A 147 -36.40 -64.34 33.05
C LYS A 147 -36.67 -65.47 32.07
N ASN A 148 -37.54 -65.22 31.09
CA ASN A 148 -37.88 -66.26 30.12
C ASN A 148 -36.80 -66.43 29.07
N ASN A 149 -36.00 -65.40 28.82
CA ASN A 149 -34.93 -65.44 27.83
C ASN A 149 -33.59 -65.46 28.56
N LYS A 150 -32.78 -66.48 28.29
CA LYS A 150 -31.47 -66.63 28.93
C LYS A 150 -30.41 -65.90 28.09
N SER A 151 -30.55 -64.58 28.06
CA SER A 151 -29.62 -63.74 27.31
C SER A 151 -29.63 -62.35 27.91
N TRP A 152 -28.47 -61.69 27.87
CA TRP A 152 -28.32 -60.34 28.39
C TRP A 152 -28.66 -59.33 27.29
N MET A 153 -29.69 -58.53 27.53
CA MET A 153 -30.15 -57.53 26.58
C MET A 153 -30.08 -56.14 27.21
N GLU A 154 -29.67 -55.15 26.41
CA GLU A 154 -29.60 -53.77 26.87
C GLU A 154 -30.96 -53.10 26.71
N SER A 155 -31.46 -52.54 27.81
CA SER A 155 -32.77 -51.88 27.81
C SER A 155 -32.71 -50.45 28.31
N GLU A 156 -31.84 -50.15 29.28
CA GLU A 156 -31.71 -48.80 29.83
C GLU A 156 -30.75 -48.02 28.95
N PHE A 157 -31.31 -47.24 28.01
CA PHE A 157 -30.51 -46.41 27.11
C PHE A 157 -30.52 -44.99 27.65
N ARG A 158 -29.64 -44.74 28.61
CA ARG A 158 -29.55 -43.45 29.29
C ARG A 158 -28.19 -42.83 28.98
N VAL A 159 -28.12 -42.12 27.85
CA VAL A 159 -26.93 -41.38 27.46
C VAL A 159 -27.18 -39.87 27.39
N TYR A 160 -28.36 -39.47 26.96
CA TYR A 160 -28.72 -38.06 26.90
C TYR A 160 -30.22 -37.92 27.06
N SER A 161 -30.68 -36.68 27.20
CA SER A 161 -32.10 -36.39 27.39
C SER A 161 -32.80 -36.09 26.06
N SER A 162 -32.33 -35.07 25.35
CA SER A 162 -32.95 -34.67 24.09
C SER A 162 -31.91 -33.96 23.23
N ALA A 163 -32.33 -33.59 22.02
CA ALA A 163 -31.48 -32.87 21.09
C ALA A 163 -32.36 -31.99 20.21
N ASN A 164 -31.90 -30.76 19.96
CA ASN A 164 -32.70 -29.79 19.21
C ASN A 164 -32.37 -29.81 17.72
N ASN A 165 -31.11 -29.54 17.38
CA ASN A 165 -30.72 -29.44 15.98
C ASN A 165 -29.21 -29.58 15.87
N CYS A 166 -28.77 -30.32 14.85
CA CYS A 166 -27.35 -30.47 14.57
C CYS A 166 -27.20 -30.83 13.09
N THR A 167 -25.96 -30.84 12.63
CA THR A 167 -25.66 -30.99 11.21
C THR A 167 -25.02 -32.33 10.87
N PHE A 168 -23.91 -32.68 11.52
CA PHE A 168 -23.15 -33.85 11.14
C PHE A 168 -23.75 -35.12 11.75
N GLU A 169 -23.78 -36.18 10.94
CA GLU A 169 -24.24 -37.49 11.40
C GLU A 169 -23.62 -38.55 10.51
N TYR A 170 -22.90 -39.50 11.10
CA TYR A 170 -22.19 -40.52 10.35
C TYR A 170 -22.34 -41.87 11.03
N VAL A 171 -22.52 -42.91 10.23
CA VAL A 171 -22.65 -44.28 10.72
C VAL A 171 -21.41 -45.06 10.33
N SER A 172 -20.88 -45.85 11.26
CA SER A 172 -19.68 -46.63 11.04
C SER A 172 -20.07 -48.08 10.68
N GLN A 173 -19.06 -48.94 10.58
CA GLN A 173 -19.31 -50.32 10.21
C GLN A 173 -19.96 -51.07 11.38
N PRO A 174 -20.80 -52.07 11.09
CA PRO A 174 -21.42 -52.84 12.17
C PRO A 174 -20.39 -53.72 12.87
N PHE A 175 -20.55 -53.82 14.20
CA PHE A 175 -19.64 -54.63 15.02
C PHE A 175 -20.46 -55.37 16.06
N LEU A 176 -20.19 -56.67 16.18
CA LEU A 176 -20.90 -57.51 17.13
C LEU A 176 -20.17 -57.53 18.47
N MET A 177 -20.93 -57.47 19.55
CA MET A 177 -20.39 -57.45 20.90
C MET A 177 -21.10 -58.47 21.77
N ASP A 178 -20.42 -58.89 22.82
CA ASP A 178 -20.98 -59.83 23.80
C ASP A 178 -21.49 -59.05 25.00
N LEU A 179 -22.74 -59.28 25.37
CA LEU A 179 -23.39 -58.57 26.45
C LEU A 179 -23.31 -59.30 27.78
N GLU A 180 -22.75 -60.51 27.81
CA GLU A 180 -22.63 -61.28 29.04
C GLU A 180 -21.35 -60.89 29.77
N GLY A 181 -21.48 -60.59 31.05
CA GLY A 181 -20.36 -60.20 31.89
C GLY A 181 -20.01 -61.29 32.87
N LYS A 182 -18.71 -61.58 32.98
CA LYS A 182 -18.19 -62.61 33.85
C LYS A 182 -17.18 -62.00 34.82
N GLN A 183 -16.59 -62.85 35.67
CA GLN A 183 -15.60 -62.42 36.65
C GLN A 183 -14.27 -63.14 36.46
N GLY A 184 -14.01 -63.68 35.27
CA GLY A 184 -12.78 -64.38 34.99
C GLY A 184 -11.69 -63.45 34.51
N ASN A 185 -10.59 -64.06 34.06
CA ASN A 185 -9.45 -63.30 33.57
C ASN A 185 -9.71 -62.77 32.16
N PHE A 186 -8.98 -61.72 31.80
CA PHE A 186 -9.14 -61.10 30.50
C PHE A 186 -8.45 -61.93 29.43
N LYS A 187 -8.96 -61.81 28.20
CA LYS A 187 -8.42 -62.56 27.07
C LYS A 187 -8.02 -61.69 25.89
N ASN A 188 -8.42 -60.42 25.86
CA ASN A 188 -8.10 -59.52 24.76
C ASN A 188 -7.62 -58.18 25.33
N LEU A 189 -7.04 -57.37 24.45
CA LEU A 189 -6.54 -56.05 24.82
C LEU A 189 -6.83 -55.07 23.69
N ARG A 190 -7.48 -53.97 24.02
CA ARG A 190 -7.88 -52.95 23.05
C ARG A 190 -7.28 -51.61 23.43
N GLU A 191 -6.64 -50.96 22.46
CA GLU A 191 -6.04 -49.65 22.66
C GLU A 191 -6.71 -48.63 21.76
N PHE A 192 -6.98 -47.45 22.31
CA PHE A 192 -7.64 -46.37 21.59
C PHE A 192 -6.84 -45.08 21.77
N VAL A 193 -6.57 -44.40 20.67
CA VAL A 193 -5.83 -43.14 20.67
C VAL A 193 -6.69 -42.09 19.99
N PHE A 194 -7.01 -41.02 20.73
CA PHE A 194 -7.82 -39.93 20.21
C PHE A 194 -6.96 -38.67 20.14
N LYS A 195 -6.80 -38.13 18.95
CA LYS A 195 -6.01 -36.93 18.71
C LYS A 195 -6.86 -35.87 18.05
N ASN A 196 -6.37 -34.62 18.11
CA ASN A 196 -7.08 -33.49 17.53
C ASN A 196 -6.04 -32.50 17.01
N ILE A 197 -5.81 -32.52 15.70
CA ILE A 197 -4.89 -31.60 15.04
C ILE A 197 -5.67 -30.87 13.95
N ASP A 198 -5.62 -29.54 13.98
CA ASP A 198 -6.30 -28.68 13.00
C ASP A 198 -7.79 -28.98 12.91
N GLY A 199 -8.39 -29.39 14.03
CA GLY A 199 -9.80 -29.73 14.06
C GLY A 199 -10.14 -31.13 13.60
N TYR A 200 -9.18 -31.88 13.06
CA TYR A 200 -9.43 -33.23 12.57
C TYR A 200 -9.29 -34.23 13.71
N PHE A 201 -10.22 -35.19 13.75
CA PHE A 201 -10.23 -36.23 14.77
C PHE A 201 -9.62 -37.51 14.22
N LYS A 202 -8.77 -38.14 15.02
CA LYS A 202 -8.08 -39.37 14.64
C LYS A 202 -8.42 -40.47 15.64
N ILE A 203 -8.72 -41.65 15.12
CA ILE A 203 -9.05 -42.81 15.93
C ILE A 203 -8.12 -43.95 15.56
N TYR A 204 -7.31 -44.40 16.51
CA TYR A 204 -6.37 -45.50 16.31
C TYR A 204 -6.79 -46.67 17.19
N SER A 205 -7.31 -47.71 16.57
CA SER A 205 -7.80 -48.88 17.30
C SER A 205 -7.16 -50.15 16.73
N LYS A 206 -6.81 -51.07 17.63
CA LYS A 206 -6.21 -52.34 17.23
C LYS A 206 -6.44 -53.36 18.34
N HIS A 207 -6.89 -54.55 17.97
CA HIS A 207 -7.17 -55.61 18.92
C HIS A 207 -6.00 -56.57 18.99
N THR A 208 -5.60 -56.94 20.21
CA THR A 208 -4.48 -57.85 20.41
C THR A 208 -4.79 -58.80 21.56
N PRO A 209 -4.76 -60.11 21.32
CA PRO A 209 -5.06 -61.06 22.41
C PRO A 209 -3.90 -61.17 23.38
N ILE A 210 -4.24 -61.24 24.67
CA ILE A 210 -3.27 -61.39 25.74
C ILE A 210 -3.95 -62.07 26.92
N ASN A 211 -3.14 -62.71 27.76
CA ASN A 211 -3.63 -63.42 28.94
C ASN A 211 -2.95 -62.81 30.16
N LEU A 212 -3.55 -61.75 30.70
CA LEU A 212 -2.96 -61.03 31.82
C LEU A 212 -4.03 -60.15 32.46
N VAL A 213 -3.87 -59.90 33.76
CA VAL A 213 -4.83 -59.10 34.51
C VAL A 213 -4.28 -57.72 34.86
N ARG A 214 -2.97 -57.55 35.01
CA ARG A 214 -2.38 -56.27 35.35
C ARG A 214 -0.88 -56.33 35.03
N ASP A 215 -0.25 -55.15 35.08
CA ASP A 215 1.18 -55.01 34.78
C ASP A 215 1.50 -55.50 33.36
N LEU A 216 0.93 -54.76 32.40
CA LEU A 216 1.00 -55.03 30.96
C LEU A 216 2.38 -55.48 30.51
N PRO A 217 2.47 -56.40 29.56
CA PRO A 217 3.77 -56.93 29.16
C PRO A 217 4.56 -55.93 28.33
N GLN A 218 5.78 -56.33 27.97
CA GLN A 218 6.69 -55.51 27.18
C GLN A 218 6.58 -55.78 25.69
N GLY A 219 5.47 -56.36 25.23
CA GLY A 219 5.32 -56.65 23.83
C GLY A 219 5.10 -55.40 22.99
N PHE A 220 5.24 -55.58 21.67
CA PHE A 220 5.07 -54.50 20.72
C PHE A 220 3.90 -54.80 19.80
N SER A 221 3.07 -53.79 19.55
CA SER A 221 1.92 -53.92 18.67
C SER A 221 1.56 -52.55 18.12
N ALA A 222 1.47 -52.44 16.80
CA ALA A 222 1.15 -51.18 16.16
C ALA A 222 -0.36 -50.93 16.19
N LEU A 223 -0.72 -49.67 16.01
CA LEU A 223 -2.12 -49.25 16.01
C LEU A 223 -2.46 -48.65 14.65
N GLU A 224 -3.47 -49.21 14.00
CA GLU A 224 -3.86 -48.74 12.67
C GLU A 224 -5.12 -47.89 12.74
N PRO A 225 -5.15 -46.76 12.04
CA PRO A 225 -6.37 -45.94 12.02
C PRO A 225 -7.44 -46.54 11.13
N LEU A 226 -8.66 -46.04 11.31
CA LEU A 226 -9.82 -46.51 10.56
C LEU A 226 -10.37 -45.44 9.62
N VAL A 227 -10.71 -44.27 10.15
CA VAL A 227 -11.31 -43.21 9.34
C VAL A 227 -11.06 -41.87 10.03
N ASP A 228 -10.79 -40.85 9.23
CA ASP A 228 -10.61 -39.49 9.73
C ASP A 228 -11.95 -38.77 9.75
N LEU A 229 -12.19 -38.03 10.84
CA LEU A 229 -13.45 -37.32 11.03
C LEU A 229 -13.21 -35.82 11.04
N PRO A 230 -13.39 -35.12 9.92
CA PRO A 230 -13.15 -33.66 9.85
C PRO A 230 -14.35 -32.81 10.30
N ILE A 231 -14.49 -32.66 11.61
CA ILE A 231 -15.52 -31.80 12.17
C ILE A 231 -15.00 -30.38 12.25
N GLY A 232 -13.90 -30.19 12.98
CA GLY A 232 -13.29 -28.88 13.10
C GLY A 232 -13.73 -28.10 14.33
N ILE A 233 -13.64 -28.73 15.50
CA ILE A 233 -13.99 -28.10 16.77
C ILE A 233 -12.87 -28.35 17.76
N ASN A 234 -12.97 -27.70 18.92
CA ASN A 234 -11.99 -27.81 19.98
C ASN A 234 -12.53 -28.69 21.10
N ILE A 235 -11.71 -29.62 21.58
CA ILE A 235 -12.07 -30.52 22.67
C ILE A 235 -11.10 -30.32 23.81
N THR A 236 -11.63 -30.08 25.01
CA THR A 236 -10.80 -29.87 26.20
C THR A 236 -11.12 -30.82 27.34
N ARG A 237 -12.24 -31.55 27.27
CA ARG A 237 -12.60 -32.51 28.31
C ARG A 237 -13.14 -33.77 27.65
N PHE A 238 -13.05 -34.88 28.39
CA PHE A 238 -13.54 -36.16 27.88
C PHE A 238 -13.93 -37.04 29.07
N GLN A 239 -14.77 -38.03 28.78
CA GLN A 239 -15.27 -38.93 29.81
C GLN A 239 -15.68 -40.24 29.15
N THR A 240 -15.41 -41.34 29.84
CA THR A 240 -15.73 -42.67 29.34
C THR A 240 -17.07 -43.15 29.89
N LEU A 241 -17.67 -44.11 29.18
CA LEU A 241 -18.96 -44.67 29.54
C LEU A 241 -18.79 -46.11 30.00
N LEU A 242 -19.40 -46.44 31.13
CA LEU A 242 -19.36 -47.79 31.67
C LEU A 242 -20.77 -48.37 31.71
N ALA A 243 -20.85 -49.69 31.50
CA ALA A 243 -22.12 -50.40 31.47
C ALA A 243 -22.23 -51.33 32.67
N LEU A 244 -23.42 -51.40 33.24
CA LEU A 244 -23.70 -52.26 34.39
C LEU A 244 -24.71 -53.33 34.00
N HIS A 245 -24.76 -54.39 34.80
CA HIS A 245 -25.67 -55.50 34.57
C HIS A 245 -26.70 -55.57 35.70
N ARG A 246 -27.89 -56.03 35.34
CA ARG A 246 -29.00 -56.16 36.29
C ARG A 246 -29.47 -57.62 36.27
N SER A 247 -28.99 -58.41 37.21
CA SER A 247 -29.34 -59.81 37.33
C SER A 247 -30.40 -59.99 38.43
N TYR A 248 -30.72 -61.25 38.73
CA TYR A 248 -31.72 -61.54 39.76
C TYR A 248 -31.15 -61.43 41.17
N LEU A 249 -29.83 -61.30 41.32
CA LEU A 249 -29.24 -61.15 42.65
C LEU A 249 -29.47 -59.73 43.19
N THR A 250 -29.41 -58.72 42.32
CA THR A 250 -29.65 -57.34 42.68
C THR A 250 -31.14 -57.00 42.54
N PRO A 251 -31.65 -56.09 43.37
CA PRO A 251 -33.07 -55.71 43.24
C PRO A 251 -33.38 -54.96 41.95
N GLY A 252 -32.39 -54.37 41.30
CA GLY A 252 -32.59 -53.68 40.05
C GLY A 252 -32.56 -52.17 40.11
N ASP A 253 -32.27 -51.58 41.26
CA ASP A 253 -32.19 -50.13 41.41
C ASP A 253 -30.74 -49.68 41.30
N SER A 254 -30.54 -48.52 40.67
CA SER A 254 -29.20 -47.95 40.51
C SER A 254 -28.87 -46.98 41.64
N SER A 255 -29.02 -47.43 42.89
CA SER A 255 -28.70 -46.61 44.04
C SER A 255 -27.55 -47.20 44.85
N SER A 256 -27.66 -48.45 45.30
CA SER A 256 -26.58 -49.09 46.06
C SER A 256 -26.30 -50.52 45.66
N GLY A 257 -27.19 -51.19 44.92
CA GLY A 257 -26.97 -52.57 44.52
C GLY A 257 -26.86 -52.75 43.03
N TRP A 258 -25.67 -53.12 42.55
CA TRP A 258 -25.42 -53.29 41.13
C TRP A 258 -24.19 -54.16 40.95
N THR A 259 -23.90 -54.48 39.69
CA THR A 259 -22.70 -55.23 39.34
C THR A 259 -22.16 -54.68 38.01
N ALA A 260 -20.87 -54.90 37.78
CA ALA A 260 -20.23 -54.40 36.58
C ALA A 260 -19.25 -55.38 35.93
N GLY A 261 -19.14 -56.59 36.45
CA GLY A 261 -18.22 -57.55 35.85
C GLY A 261 -16.80 -57.26 36.28
N ALA A 262 -15.88 -57.24 35.32
CA ALA A 262 -14.48 -56.98 35.59
C ALA A 262 -13.85 -56.32 34.39
N ALA A 263 -13.26 -55.14 34.59
CA ALA A 263 -12.61 -54.40 33.52
C ALA A 263 -11.52 -53.52 34.10
N ALA A 264 -10.58 -53.12 33.25
CA ALA A 264 -9.48 -52.26 33.67
C ALA A 264 -9.01 -51.45 32.47
N TYR A 265 -9.13 -50.13 32.55
CA TYR A 265 -8.72 -49.23 31.49
C TYR A 265 -7.65 -48.28 32.00
N TYR A 266 -6.72 -47.92 31.11
CA TYR A 266 -5.62 -47.03 31.43
C TYR A 266 -5.80 -45.72 30.70
N VAL A 267 -5.59 -44.61 31.40
CA VAL A 267 -5.71 -43.27 30.84
C VAL A 267 -4.34 -42.63 30.82
N GLY A 268 -3.81 -42.40 29.62
CA GLY A 268 -2.51 -41.78 29.47
C GLY A 268 -2.56 -40.58 28.55
N TYR A 269 -1.70 -39.62 28.83
CA TYR A 269 -1.61 -38.39 28.06
C TYR A 269 -0.38 -38.44 27.15
N LEU A 270 -0.59 -38.19 25.87
CA LEU A 270 0.49 -38.21 24.90
C LEU A 270 1.28 -36.90 24.97
N GLN A 271 2.61 -37.02 25.00
CA GLN A 271 3.49 -35.87 25.06
C GLN A 271 4.16 -35.62 23.72
N PRO A 272 4.41 -34.35 23.37
CA PRO A 272 5.06 -34.06 22.08
C PRO A 272 6.54 -34.43 22.09
N ARG A 273 6.84 -35.71 21.91
CA ARG A 273 8.21 -36.21 21.91
C ARG A 273 8.48 -36.93 20.60
N THR A 274 9.68 -36.73 20.06
CA THR A 274 10.08 -37.39 18.82
C THR A 274 10.44 -38.85 19.09
N PHE A 275 10.04 -39.71 18.16
CA PHE A 275 10.27 -41.15 18.30
C PHE A 275 10.85 -41.71 17.01
N LEU A 276 11.82 -42.61 17.15
CA LEU A 276 12.43 -43.30 16.03
C LEU A 276 11.79 -44.67 15.88
N LEU A 277 11.26 -44.96 14.70
CA LEU A 277 10.57 -46.21 14.42
C LEU A 277 11.42 -47.10 13.53
N LYS A 278 11.14 -48.39 13.57
CA LYS A 278 11.83 -49.39 12.77
C LYS A 278 10.84 -50.02 11.78
N TYR A 279 11.24 -50.08 10.52
CA TYR A 279 10.39 -50.62 9.46
C TYR A 279 11.09 -51.81 8.82
N ASN A 280 10.38 -52.94 8.78
CA ASN A 280 10.92 -54.17 8.19
C ASN A 280 10.53 -54.23 6.72
N GLU A 281 10.74 -55.40 6.09
CA GLU A 281 10.37 -55.57 4.70
C GLU A 281 8.85 -55.57 4.50
N ASN A 282 8.11 -56.00 5.52
CA ASN A 282 6.65 -55.98 5.43
C ASN A 282 6.12 -54.56 5.49
N GLY A 283 6.76 -53.71 6.29
CA GLY A 283 6.32 -52.34 6.45
C GLY A 283 5.63 -52.02 7.75
N THR A 284 5.65 -52.92 8.73
CA THR A 284 5.02 -52.67 10.01
C THR A 284 6.04 -52.15 11.02
N ILE A 285 5.52 -51.51 12.07
CA ILE A 285 6.37 -50.95 13.11
C ILE A 285 6.84 -52.07 14.03
N THR A 286 8.15 -52.15 14.23
CA THR A 286 8.75 -53.19 15.07
C THR A 286 9.27 -52.66 16.40
N ASP A 287 9.95 -51.52 16.40
CA ASP A 287 10.49 -50.95 17.63
C ASP A 287 10.32 -49.44 17.61
N ALA A 288 10.38 -48.85 18.80
CA ALA A 288 10.24 -47.41 18.98
C ALA A 288 11.31 -46.92 19.94
N VAL A 289 12.03 -45.87 19.54
CA VAL A 289 13.14 -45.33 20.32
C VAL A 289 12.89 -43.85 20.55
N ASP A 290 12.86 -43.45 21.82
CA ASP A 290 12.66 -42.06 22.20
C ASP A 290 13.97 -41.27 22.12
N CYS A 291 13.86 -39.95 22.21
CA CYS A 291 15.02 -39.07 22.25
C CYS A 291 15.00 -38.09 23.42
N ALA A 292 14.00 -38.16 24.31
CA ALA A 292 13.96 -37.28 25.47
C ALA A 292 13.70 -38.04 26.75
N LEU A 293 14.00 -39.34 26.79
CA LEU A 293 13.79 -40.16 27.97
C LEU A 293 15.09 -40.72 28.53
N ASP A 294 15.87 -41.40 27.70
CA ASP A 294 17.12 -42.02 28.15
C ASP A 294 18.27 -41.59 27.25
N PRO A 295 19.45 -41.36 27.82
CA PRO A 295 20.61 -41.02 26.98
C PRO A 295 21.04 -42.16 26.07
N LEU A 296 20.75 -43.40 26.42
CA LEU A 296 21.02 -44.51 25.51
C LEU A 296 20.07 -44.48 24.31
N SER A 297 18.80 -44.17 24.55
CA SER A 297 17.86 -44.02 23.44
C SER A 297 18.12 -42.74 22.67
N GLU A 298 18.69 -41.72 23.32
CA GLU A 298 19.06 -40.50 22.62
C GLU A 298 20.24 -40.71 21.69
N THR A 299 21.08 -41.72 21.96
CA THR A 299 22.22 -42.01 21.10
C THR A 299 21.77 -42.65 19.79
N LYS A 300 20.75 -43.51 19.85
CA LYS A 300 20.36 -44.28 18.68
C LYS A 300 19.53 -43.47 17.68
N CYS A 301 18.67 -42.56 18.14
CA CYS A 301 17.85 -41.81 17.20
C CYS A 301 18.61 -40.66 16.58
N THR A 302 19.52 -40.04 17.33
CA THR A 302 20.33 -38.97 16.77
C THR A 302 21.31 -39.48 15.74
N LEU A 303 21.86 -40.69 15.93
CA LEU A 303 22.71 -41.31 14.93
C LEU A 303 21.92 -42.03 13.85
N LYS A 304 20.62 -42.18 14.01
CA LYS A 304 19.75 -42.89 13.05
C LYS A 304 20.23 -44.32 12.83
N SER A 305 20.63 -44.98 13.91
CA SER A 305 21.09 -46.37 13.86
C SER A 305 20.63 -47.08 15.12
N PHE A 306 20.09 -48.29 14.96
CA PHE A 306 19.59 -49.06 16.09
C PHE A 306 20.69 -49.80 16.84
N THR A 307 21.94 -49.73 16.37
CA THR A 307 23.07 -50.32 17.07
C THR A 307 24.15 -49.26 17.25
N VAL A 308 24.82 -49.30 18.39
CA VAL A 308 25.85 -48.33 18.74
C VAL A 308 27.15 -49.06 19.02
N GLU A 309 28.23 -48.61 18.40
CA GLU A 309 29.55 -49.16 18.64
C GLU A 309 30.26 -48.34 19.71
N LYS A 310 31.53 -48.61 19.95
CA LYS A 310 32.30 -47.88 20.95
C LYS A 310 32.79 -46.55 20.37
N GLY A 311 32.74 -45.52 21.19
CA GLY A 311 33.17 -44.20 20.78
C GLY A 311 32.40 -43.13 21.52
N ILE A 312 32.73 -41.88 21.22
CA ILE A 312 32.10 -40.72 21.82
C ILE A 312 31.14 -40.11 20.81
N TYR A 313 30.05 -39.53 21.32
CA TYR A 313 29.04 -38.90 20.48
C TYR A 313 28.49 -37.66 21.17
N GLN A 314 27.82 -36.82 20.39
CA GLN A 314 27.21 -35.59 20.89
C GLN A 314 25.72 -35.64 20.56
N THR A 315 24.88 -35.57 21.58
CA THR A 315 23.43 -35.65 21.40
C THR A 315 22.80 -34.26 21.29
N SER A 316 22.97 -33.43 22.31
CA SER A 316 22.37 -32.10 22.34
C SER A 316 23.28 -31.18 23.15
N ASN A 317 22.74 -30.01 23.50
CA ASN A 317 23.47 -29.01 24.28
C ASN A 317 22.81 -28.83 25.65
N PHE A 318 23.55 -28.21 26.56
CA PHE A 318 23.09 -27.96 27.91
C PHE A 318 23.07 -26.45 28.14
N ARG A 319 21.87 -25.88 28.25
CA ARG A 319 21.68 -24.45 28.49
C ARG A 319 20.95 -24.25 29.79
N VAL A 320 21.54 -23.45 30.69
CA VAL A 320 20.95 -23.15 31.99
C VAL A 320 20.06 -21.92 31.84
N GLN A 321 18.77 -22.08 32.11
CA GLN A 321 17.82 -20.98 31.97
C GLN A 321 17.71 -20.22 33.28
N PRO A 322 17.86 -18.89 33.26
CA PRO A 322 17.71 -18.11 34.49
C PRO A 322 16.24 -18.01 34.89
N THR A 323 15.97 -18.23 36.17
CA THR A 323 14.61 -18.21 36.70
C THR A 323 14.23 -16.88 37.33
N GLU A 324 15.18 -15.96 37.47
CA GLU A 324 14.91 -14.65 38.04
C GLU A 324 15.54 -13.58 37.15
N SER A 325 15.03 -12.36 37.28
CA SER A 325 15.51 -11.23 36.49
C SER A 325 15.36 -9.96 37.31
N ILE A 326 16.43 -9.18 37.40
CA ILE A 326 16.46 -7.95 38.18
C ILE A 326 16.76 -6.78 37.25
N VAL A 327 16.05 -5.67 37.46
CA VAL A 327 16.24 -4.43 36.70
C VAL A 327 16.29 -3.29 37.71
N ARG A 328 17.47 -2.67 37.85
CA ARG A 328 17.68 -1.57 38.79
C ARG A 328 18.41 -0.45 38.06
N PHE A 329 17.65 0.47 37.49
CA PHE A 329 18.26 1.61 36.80
C PHE A 329 18.77 2.64 37.82
N PRO A 330 17.92 3.15 38.75
CA PRO A 330 18.47 4.05 39.78
C PRO A 330 18.91 3.27 41.01
N ASN A 331 19.46 3.93 42.03
CA ASN A 331 19.77 3.24 43.27
C ASN A 331 18.80 3.61 44.39
N ILE A 332 18.56 4.90 44.60
CA ILE A 332 17.56 5.42 45.53
C ILE A 332 16.88 6.60 44.87
N THR A 333 15.55 6.54 44.75
CA THR A 333 14.79 7.60 44.11
C THR A 333 14.71 8.81 45.05
N ASN A 334 15.39 9.89 44.68
CA ASN A 334 15.35 11.12 45.46
C ASN A 334 14.02 11.84 45.26
N LEU A 335 13.24 11.94 46.32
CA LEU A 335 11.92 12.58 46.25
C LEU A 335 12.06 14.09 46.28
N CYS A 336 11.50 14.75 45.28
CA CYS A 336 11.42 16.20 45.31
C CYS A 336 10.42 16.64 46.38
N PRO A 337 10.56 17.85 46.93
CA PRO A 337 9.70 18.25 48.05
C PRO A 337 8.24 18.39 47.66
N PHE A 338 7.42 17.44 48.11
CA PHE A 338 5.99 17.47 47.89
C PHE A 338 5.19 17.10 49.13
N GLY A 339 5.84 16.77 50.24
CA GLY A 339 5.14 16.50 51.47
C GLY A 339 4.56 17.73 52.12
N GLU A 340 5.03 18.92 51.73
CA GLU A 340 4.43 20.15 52.23
C GLU A 340 3.02 20.37 51.67
N VAL A 341 2.68 19.73 50.56
CA VAL A 341 1.32 19.78 50.06
C VAL A 341 0.39 18.96 50.95
N PHE A 342 0.86 17.81 51.41
CA PHE A 342 0.07 16.97 52.31
C PHE A 342 0.10 17.50 53.73
N ASN A 343 1.29 17.63 54.31
CA ASN A 343 1.47 18.08 55.67
C ASN A 343 1.94 19.54 55.66
N ALA A 344 1.03 20.45 56.02
CA ALA A 344 1.34 21.87 56.09
C ALA A 344 0.70 22.45 57.34
N THR A 345 0.86 23.77 57.52
CA THR A 345 0.25 24.45 58.64
C THR A 345 -1.24 24.70 58.40
N ARG A 346 -1.60 25.06 57.17
CA ARG A 346 -2.99 25.29 56.81
C ARG A 346 -3.15 25.06 55.32
N PHE A 347 -4.41 24.94 54.89
CA PHE A 347 -4.76 24.70 53.51
C PHE A 347 -5.52 25.89 52.94
N ALA A 348 -5.95 25.76 51.69
CA ALA A 348 -6.69 26.78 50.98
C ALA A 348 -8.17 26.37 50.86
N SER A 349 -8.94 27.22 50.18
CA SER A 349 -10.36 27.00 49.99
C SER A 349 -10.61 26.31 48.65
N VAL A 350 -11.89 26.19 48.28
CA VAL A 350 -12.26 25.56 47.02
C VAL A 350 -12.43 26.56 45.87
N TYR A 351 -12.71 27.83 46.17
CA TYR A 351 -12.77 28.83 45.12
C TYR A 351 -11.40 29.31 44.69
N ALA A 352 -10.38 29.15 45.54
CA ALA A 352 -8.99 29.44 45.19
C ALA A 352 -8.14 28.36 45.87
N TRP A 353 -7.88 27.28 45.14
CA TRP A 353 -7.16 26.13 45.68
C TRP A 353 -5.69 26.17 45.25
N ASN A 354 -4.89 25.36 45.93
CA ASN A 354 -3.46 25.28 45.64
C ASN A 354 -3.23 24.45 44.38
N ARG A 355 -2.41 24.98 43.48
CA ARG A 355 -2.06 24.31 42.23
C ARG A 355 -0.57 24.03 42.22
N LYS A 356 -0.21 22.74 42.13
CA LYS A 356 1.18 22.31 42.13
C LYS A 356 1.50 21.58 40.84
N ARG A 357 2.67 21.88 40.28
CA ARG A 357 3.17 21.22 39.09
C ARG A 357 4.44 20.46 39.43
N ILE A 358 4.51 19.21 38.97
CA ILE A 358 5.67 18.35 39.23
C ILE A 358 6.45 18.23 37.93
N SER A 359 7.60 18.88 37.86
CA SER A 359 8.44 18.85 36.68
C SER A 359 9.90 18.66 37.09
N ASN A 360 10.65 17.96 36.25
CA ASN A 360 12.06 17.65 36.49
C ASN A 360 12.25 16.95 37.85
N CYS A 361 11.38 15.99 38.12
CA CYS A 361 11.40 15.25 39.37
C CYS A 361 11.20 13.76 39.08
N VAL A 362 11.43 12.96 40.12
CA VAL A 362 11.16 11.53 40.08
C VAL A 362 10.56 11.12 41.42
N ALA A 363 9.57 10.24 41.39
CA ALA A 363 8.81 9.88 42.58
C ALA A 363 8.49 8.40 42.57
N ASP A 364 7.96 7.93 43.70
CA ASP A 364 7.56 6.54 43.87
C ASP A 364 6.17 6.51 44.48
N TYR A 365 5.22 5.91 43.78
CA TYR A 365 3.84 5.83 44.24
C TYR A 365 3.58 4.61 45.11
N SER A 366 4.63 3.94 45.59
CA SER A 366 4.45 2.78 46.45
C SER A 366 4.24 3.18 47.91
N VAL A 367 4.80 4.31 48.33
CA VAL A 367 4.62 4.79 49.70
C VAL A 367 3.28 5.50 49.89
N LEU A 368 2.60 5.86 48.81
CA LEU A 368 1.26 6.44 48.90
C LEU A 368 0.17 5.40 48.93
N TYR A 369 0.50 4.12 48.73
CA TYR A 369 -0.47 3.04 48.76
C TYR A 369 -0.44 2.23 50.05
N ASN A 370 0.73 2.05 50.64
CA ASN A 370 0.88 1.28 51.88
C ASN A 370 0.93 2.18 53.12
N SER A 371 0.28 3.34 53.07
CA SER A 371 0.26 4.23 54.22
C SER A 371 -0.74 3.80 55.27
N ALA A 372 -1.86 3.19 54.85
CA ALA A 372 -2.90 2.70 55.76
C ALA A 372 -3.43 3.82 56.64
N SER A 373 -3.59 5.01 56.07
CA SER A 373 -4.11 6.15 56.79
C SER A 373 -5.17 6.93 56.02
N PHE A 374 -5.44 6.56 54.77
CA PHE A 374 -6.43 7.27 53.96
C PHE A 374 -7.81 6.65 54.15
N SER A 375 -8.85 7.49 54.06
CA SER A 375 -10.20 7.01 54.25
C SER A 375 -10.74 6.36 52.98
N THR A 376 -10.83 7.11 51.89
CA THR A 376 -11.27 6.60 50.60
C THR A 376 -10.18 6.80 49.56
N PHE A 377 -10.16 5.90 48.58
CA PHE A 377 -9.12 5.93 47.55
C PHE A 377 -9.73 5.46 46.24
N LYS A 378 -9.92 6.40 45.30
CA LYS A 378 -10.43 6.09 43.98
C LYS A 378 -9.41 6.50 42.93
N CYS A 379 -9.24 5.67 41.91
CA CYS A 379 -8.22 5.92 40.89
C CYS A 379 -8.76 5.40 39.56
N TYR A 380 -9.37 6.29 38.79
CA TYR A 380 -9.96 5.94 37.51
C TYR A 380 -9.00 6.21 36.37
N GLY A 381 -9.21 5.50 35.26
CA GLY A 381 -8.38 5.61 34.08
C GLY A 381 -7.16 4.71 34.09
N VAL A 382 -6.68 4.30 35.26
CA VAL A 382 -5.53 3.43 35.39
C VAL A 382 -5.67 2.65 36.69
N SER A 383 -5.13 1.43 36.68
CA SER A 383 -5.21 0.59 37.87
C SER A 383 -4.35 1.18 38.98
N PRO A 384 -4.76 1.04 40.25
CA PRO A 384 -4.00 1.67 41.34
C PRO A 384 -2.64 1.05 41.58
N THR A 385 -2.37 -0.16 41.09
CA THR A 385 -1.11 -0.84 41.33
C THR A 385 -0.22 -0.92 40.10
N LYS A 386 -0.70 -0.47 38.94
CA LYS A 386 0.09 -0.50 37.70
C LYS A 386 0.10 0.88 37.07
N LEU A 387 0.36 1.91 37.87
CA LEU A 387 0.51 3.28 37.37
C LEU A 387 1.94 3.79 37.49
N ASN A 388 2.83 3.06 38.14
CA ASN A 388 4.22 3.50 38.28
C ASN A 388 5.08 3.09 37.10
N ASP A 389 4.72 1.99 36.42
CA ASP A 389 5.51 1.55 35.27
C ASP A 389 5.26 2.43 34.05
N LEU A 390 4.02 2.80 33.79
CA LEU A 390 3.71 3.69 32.68
C LEU A 390 4.11 5.12 33.02
N CYS A 391 4.77 5.78 32.07
CA CYS A 391 5.32 7.11 32.28
C CYS A 391 4.49 8.16 31.55
N PHE A 392 4.33 9.31 32.17
CA PHE A 392 3.55 10.42 31.63
C PHE A 392 4.45 11.65 31.49
N THR A 393 3.84 12.78 31.13
CA THR A 393 4.57 14.02 30.89
C THR A 393 4.54 14.95 32.10
N ASN A 394 3.35 15.32 32.56
CA ASN A 394 3.20 16.26 33.67
C ASN A 394 2.20 15.71 34.68
N VAL A 395 2.31 16.19 35.92
CA VAL A 395 1.41 15.81 37.00
C VAL A 395 0.83 17.08 37.60
N TYR A 396 -0.48 17.22 37.53
CA TYR A 396 -1.20 18.36 38.08
C TYR A 396 -1.91 17.93 39.35
N ALA A 397 -1.53 18.51 40.48
CA ALA A 397 -2.09 18.17 41.78
C ALA A 397 -2.76 19.39 42.39
N ASP A 398 -4.04 19.24 42.74
CA ASP A 398 -4.79 20.29 43.40
C ASP A 398 -5.24 19.81 44.78
N SER A 399 -5.17 20.69 45.77
CA SER A 399 -5.48 20.35 47.15
C SER A 399 -6.47 21.37 47.70
N PHE A 400 -7.56 20.87 48.29
CA PHE A 400 -8.54 21.71 48.96
C PHE A 400 -9.24 20.89 50.04
N VAL A 401 -10.16 21.52 50.74
CA VAL A 401 -10.90 20.87 51.82
C VAL A 401 -12.35 20.70 51.40
N ILE A 402 -12.99 19.66 51.93
CA ILE A 402 -14.38 19.35 51.62
C ILE A 402 -14.98 18.57 52.79
N ARG A 403 -16.30 18.59 52.88
CA ARG A 403 -16.99 17.91 53.96
C ARG A 403 -17.03 16.40 53.72
N GLY A 404 -17.51 15.67 54.72
CA GLY A 404 -17.56 14.21 54.62
C GLY A 404 -18.66 13.69 53.73
N ASP A 405 -19.75 14.46 53.56
CA ASP A 405 -20.86 14.05 52.73
C ASP A 405 -20.70 14.43 51.27
N GLU A 406 -19.64 15.17 50.93
CA GLU A 406 -19.40 15.61 49.56
C GLU A 406 -18.21 14.89 48.93
N VAL A 407 -17.64 13.90 49.61
CA VAL A 407 -16.52 13.15 49.04
C VAL A 407 -16.98 12.22 47.92
N ARG A 408 -18.28 11.90 47.86
CA ARG A 408 -18.83 11.11 46.77
C ARG A 408 -19.11 11.95 45.53
N GLN A 409 -19.04 13.28 45.64
CA GLN A 409 -19.31 14.15 44.50
C GLN A 409 -18.09 14.37 43.62
N ILE A 410 -16.90 13.95 44.06
CA ILE A 410 -15.68 14.10 43.24
C ILE A 410 -15.63 12.87 42.34
N ALA A 411 -16.36 12.94 41.23
CA ALA A 411 -16.43 11.86 40.27
C ALA A 411 -17.03 12.40 38.98
N PRO A 412 -16.63 11.89 37.82
CA PRO A 412 -17.19 12.37 36.56
C PRO A 412 -18.56 11.76 36.30
N GLY A 413 -19.55 12.60 36.03
CA GLY A 413 -20.85 12.13 35.60
C GLY A 413 -21.99 12.31 36.60
N GLN A 414 -21.97 13.40 37.36
CA GLN A 414 -23.07 13.71 38.25
C GLN A 414 -23.17 15.22 38.43
N THR A 415 -24.28 15.65 39.03
CA THR A 415 -24.57 17.06 39.26
C THR A 415 -24.79 17.29 40.74
N GLY A 416 -24.73 18.55 41.15
CA GLY A 416 -24.91 18.90 42.54
C GLY A 416 -24.71 20.37 42.83
N LYS A 417 -23.94 20.68 43.86
CA LYS A 417 -23.71 22.06 44.28
C LYS A 417 -22.23 22.45 44.27
N ILE A 418 -21.33 21.53 44.58
CA ILE A 418 -19.91 21.83 44.66
C ILE A 418 -19.17 21.42 43.39
N ALA A 419 -19.50 20.25 42.84
CA ALA A 419 -18.78 19.72 41.69
C ALA A 419 -19.12 20.43 40.38
N ASP A 420 -20.06 21.37 40.38
CA ASP A 420 -20.41 22.11 39.18
C ASP A 420 -20.16 23.60 39.27
N TYR A 421 -19.92 24.14 40.47
CA TYR A 421 -19.68 25.56 40.64
C TYR A 421 -18.26 25.89 41.08
N ASN A 422 -17.48 24.90 41.53
CA ASN A 422 -16.12 25.12 41.99
C ASN A 422 -15.09 24.37 41.16
N TYR A 423 -15.32 23.08 40.89
CA TYR A 423 -14.37 22.27 40.12
C TYR A 423 -15.15 21.22 39.36
N LYS A 424 -15.27 21.40 38.04
CA LYS A 424 -15.99 20.46 37.19
C LYS A 424 -15.07 19.34 36.74
N LEU A 425 -15.63 18.12 36.69
CA LEU A 425 -14.87 16.96 36.24
C LEU A 425 -15.29 16.61 34.82
N PRO A 426 -14.37 16.55 33.87
CA PRO A 426 -14.73 16.23 32.48
C PRO A 426 -14.95 14.73 32.32
N ASP A 427 -15.31 14.35 31.09
CA ASP A 427 -15.56 12.93 30.80
C ASP A 427 -14.25 12.17 30.71
N ASP A 428 -13.23 12.75 30.08
CA ASP A 428 -11.93 12.11 29.95
C ASP A 428 -11.05 12.52 31.13
N PHE A 429 -11.47 12.07 32.31
CA PHE A 429 -10.79 12.38 33.57
C PHE A 429 -10.05 11.14 34.04
N THR A 430 -8.74 11.12 33.84
CA THR A 430 -7.88 10.03 34.29
C THR A 430 -7.12 10.39 35.57
N GLY A 431 -7.74 11.20 36.43
CA GLY A 431 -7.11 11.58 37.68
C GLY A 431 -7.11 10.47 38.70
N CYS A 432 -6.59 10.78 39.88
CA CYS A 432 -6.50 9.80 40.96
C CYS A 432 -6.65 10.55 42.27
N VAL A 433 -7.81 10.41 42.90
CA VAL A 433 -8.18 11.19 44.07
C VAL A 433 -7.80 10.43 45.34
N ILE A 434 -7.23 11.16 46.31
CA ILE A 434 -6.85 10.61 47.61
C ILE A 434 -7.41 11.51 48.69
N ALA A 435 -8.18 10.93 49.61
CA ALA A 435 -8.79 11.68 50.70
C ALA A 435 -8.50 11.00 52.03
N TRP A 436 -8.39 11.81 53.08
CA TRP A 436 -8.14 11.31 54.41
C TRP A 436 -8.65 12.32 55.43
N ASN A 437 -8.78 11.88 56.67
CA ASN A 437 -9.34 12.69 57.74
C ASN A 437 -8.23 13.18 58.67
N SER A 438 -8.18 14.49 58.87
CA SER A 438 -7.23 15.15 59.78
C SER A 438 -7.95 16.17 60.64
N ASN A 439 -9.07 15.76 61.23
CA ASN A 439 -9.96 16.68 61.93
C ASN A 439 -9.30 17.35 63.14
N ASN A 440 -8.16 16.85 63.60
CA ASN A 440 -7.49 17.40 64.76
C ASN A 440 -6.55 18.55 64.43
N LEU A 441 -6.53 19.01 63.18
CA LEU A 441 -5.64 20.11 62.82
C LEU A 441 -6.36 21.25 62.13
N ASP A 442 -7.35 20.97 61.28
CA ASP A 442 -8.04 22.00 60.52
C ASP A 442 -9.35 22.44 61.17
N SER A 443 -9.51 22.17 62.47
CA SER A 443 -10.71 22.57 63.18
C SER A 443 -10.35 22.83 64.64
N LYS A 444 -11.16 23.67 65.29
CA LYS A 444 -10.95 24.03 66.68
C LYS A 444 -12.28 24.32 67.33
N VAL A 445 -12.24 24.52 68.64
CA VAL A 445 -13.45 24.82 69.41
C VAL A 445 -13.89 26.25 69.13
N GLY A 446 -15.18 26.51 69.29
CA GLY A 446 -15.75 27.81 69.05
C GLY A 446 -16.23 28.05 67.64
N GLY A 447 -15.82 27.24 66.67
CA GLY A 447 -16.25 27.39 65.31
C GLY A 447 -15.16 27.86 64.37
N ASN A 448 -14.63 26.92 63.58
CA ASN A 448 -13.58 27.23 62.61
C ASN A 448 -14.23 27.52 61.26
N TYR A 449 -14.22 28.79 60.86
CA TYR A 449 -14.87 29.23 59.62
C TYR A 449 -13.86 29.82 58.64
N ASN A 450 -12.60 29.40 58.73
CA ASN A 450 -11.56 30.02 57.92
C ASN A 450 -11.65 29.64 56.44
N TYR A 451 -12.22 28.49 56.12
CA TYR A 451 -12.34 28.05 54.73
C TYR A 451 -13.72 28.42 54.20
N LEU A 452 -13.77 28.75 52.91
CA LEU A 452 -14.97 29.26 52.26
C LEU A 452 -15.39 28.32 51.12
N TYR A 453 -16.57 28.59 50.57
CA TYR A 453 -17.04 27.87 49.39
C TYR A 453 -18.04 28.74 48.64
N ARG A 454 -18.19 28.46 47.35
CA ARG A 454 -19.13 29.17 46.49
C ARG A 454 -20.42 28.36 46.39
N LEU A 455 -21.55 29.05 46.56
CA LEU A 455 -22.86 28.41 46.52
C LEU A 455 -23.69 28.80 45.31
N PHE A 456 -23.62 30.05 44.87
CA PHE A 456 -24.42 30.52 43.74
C PHE A 456 -23.53 30.80 42.55
N ARG A 457 -24.10 30.62 41.36
CA ARG A 457 -23.40 30.87 40.11
C ARG A 457 -24.43 31.12 39.02
N LYS A 458 -24.02 31.91 38.02
CA LYS A 458 -24.95 32.27 36.94
C LYS A 458 -25.20 31.10 36.02
N SER A 459 -24.14 30.45 35.54
CA SER A 459 -24.26 29.34 34.62
C SER A 459 -23.16 28.32 34.92
N ASN A 460 -22.98 27.36 34.03
CA ASN A 460 -21.97 26.33 34.19
C ASN A 460 -20.60 26.87 33.82
N LEU A 461 -19.58 26.07 34.11
CA LEU A 461 -18.19 26.45 33.88
C LEU A 461 -17.42 25.31 33.24
N LYS A 462 -16.37 25.67 32.50
CA LYS A 462 -15.53 24.66 31.87
C LYS A 462 -14.69 23.94 32.93
N PRO A 463 -14.48 22.63 32.79
CA PRO A 463 -13.62 21.92 33.75
C PRO A 463 -12.20 22.45 33.73
N PHE A 464 -11.49 22.21 34.83
CA PHE A 464 -10.13 22.70 35.04
C PHE A 464 -10.06 24.22 34.89
N GLU A 465 -10.98 24.90 35.57
CA GLU A 465 -11.04 26.35 35.57
C GLU A 465 -11.38 26.84 36.98
N ARG A 466 -10.64 27.84 37.46
CA ARG A 466 -10.83 28.39 38.79
C ARG A 466 -11.72 29.62 38.73
N ASP A 467 -12.59 29.76 39.74
CA ASP A 467 -13.54 30.86 39.82
C ASP A 467 -13.31 31.60 41.13
N ILE A 468 -12.83 32.84 41.04
CA ILE A 468 -12.59 33.68 42.20
C ILE A 468 -13.46 34.93 42.18
N SER A 469 -14.53 34.91 41.40
CA SER A 469 -15.40 36.08 41.27
C SER A 469 -16.21 36.27 42.55
N THR A 470 -16.04 37.41 43.21
CA THR A 470 -16.75 37.75 44.42
C THR A 470 -17.95 38.67 44.17
N GLU A 471 -18.52 38.59 42.98
CA GLU A 471 -19.66 39.44 42.63
C GLU A 471 -20.94 38.85 43.20
N ILE A 472 -21.85 39.74 43.60
CA ILE A 472 -23.13 39.33 44.16
C ILE A 472 -24.03 38.80 43.05
N TYR A 473 -24.44 37.55 43.17
CA TYR A 473 -25.29 36.93 42.16
C TYR A 473 -26.71 37.51 42.26
N GLN A 474 -27.16 38.15 41.19
CA GLN A 474 -28.48 38.76 41.16
C GLN A 474 -29.52 37.71 40.82
N ALA A 475 -30.54 37.58 41.67
CA ALA A 475 -31.62 36.63 41.44
C ALA A 475 -32.80 37.27 40.72
N GLY A 476 -33.20 38.48 41.13
CA GLY A 476 -34.31 39.17 40.52
C GLY A 476 -33.92 39.85 39.23
N SER A 477 -34.73 40.84 38.85
CA SER A 477 -34.53 41.59 37.62
C SER A 477 -34.04 43.01 37.85
N THR A 478 -33.84 43.41 39.12
CA THR A 478 -33.38 44.77 39.40
C THR A 478 -31.99 44.76 40.00
N PRO A 479 -31.16 45.74 39.67
CA PRO A 479 -29.82 45.83 40.27
C PRO A 479 -29.87 46.28 41.72
N CYS A 480 -28.90 45.81 42.49
CA CYS A 480 -28.80 46.15 43.91
C CYS A 480 -27.62 47.05 44.25
N ASN A 481 -26.60 47.11 43.40
CA ASN A 481 -25.41 47.93 43.64
C ASN A 481 -24.71 47.55 44.94
N GLY A 482 -24.62 46.25 45.19
CA GLY A 482 -23.88 45.75 46.34
C GLY A 482 -24.53 46.03 47.68
N VAL A 483 -25.68 45.42 47.94
CA VAL A 483 -26.38 45.55 49.21
C VAL A 483 -27.01 44.21 49.56
N GLU A 484 -27.11 43.93 50.85
CA GLU A 484 -27.72 42.69 51.34
C GLU A 484 -29.22 42.81 51.47
N GLY A 485 -29.87 43.28 50.41
CA GLY A 485 -31.30 43.52 50.39
C GLY A 485 -32.06 42.36 49.78
N PHE A 486 -33.01 42.70 48.91
CA PHE A 486 -33.89 41.72 48.29
C PHE A 486 -33.37 41.34 46.90
N ASN A 487 -33.60 40.07 46.54
CA ASN A 487 -33.23 39.52 45.24
C ASN A 487 -31.73 39.61 44.96
N CYS A 488 -30.92 39.69 46.00
CA CYS A 488 -29.46 39.73 45.85
C CYS A 488 -28.82 39.02 47.02
N TYR A 489 -28.06 37.97 46.74
CA TYR A 489 -27.44 37.16 47.78
C TYR A 489 -25.97 36.93 47.44
N PHE A 490 -25.16 36.80 48.48
CA PHE A 490 -23.74 36.57 48.31
C PHE A 490 -23.49 35.10 48.00
N PRO A 491 -22.72 34.78 46.96
CA PRO A 491 -22.48 33.36 46.63
C PRO A 491 -21.52 32.68 47.58
N LEU A 492 -20.52 33.40 48.10
CA LEU A 492 -19.53 32.81 48.99
C LEU A 492 -20.09 32.73 50.40
N GLN A 493 -20.16 31.51 50.95
CA GLN A 493 -20.65 31.28 52.30
C GLN A 493 -19.60 30.52 53.11
N SER A 494 -19.79 30.52 54.42
CA SER A 494 -18.83 29.93 55.34
C SER A 494 -19.18 28.46 55.63
N TYR A 495 -18.20 27.76 56.19
CA TYR A 495 -18.36 26.35 56.55
C TYR A 495 -18.96 26.21 57.95
N GLY A 496 -19.10 24.96 58.38
CA GLY A 496 -19.56 24.64 59.71
C GLY A 496 -18.67 23.61 60.38
N PHE A 497 -17.37 23.70 60.14
CA PHE A 497 -16.44 22.70 60.65
C PHE A 497 -16.38 22.75 62.18
N GLN A 498 -16.63 21.62 62.81
CA GLN A 498 -16.53 21.48 64.27
C GLN A 498 -15.90 20.13 64.54
N PRO A 499 -14.90 20.06 65.42
CA PRO A 499 -14.22 18.77 65.67
C PRO A 499 -15.05 17.77 66.45
N THR A 500 -16.19 18.17 67.00
CA THR A 500 -17.03 17.28 67.78
C THR A 500 -18.18 16.68 66.96
N ASN A 501 -18.10 16.76 65.63
CA ASN A 501 -19.16 16.26 64.77
C ASN A 501 -19.03 14.75 64.60
N GLY A 502 -19.77 14.19 63.64
CA GLY A 502 -19.76 12.77 63.41
C GLY A 502 -18.70 12.33 62.41
N VAL A 503 -19.11 11.65 61.35
CA VAL A 503 -18.20 11.14 60.33
C VAL A 503 -18.49 11.76 58.96
N GLY A 504 -19.76 12.02 58.66
CA GLY A 504 -20.16 12.52 57.36
C GLY A 504 -20.13 14.02 57.18
N TYR A 505 -19.57 14.77 58.13
CA TYR A 505 -19.53 16.22 58.01
C TYR A 505 -18.21 16.80 58.50
N GLN A 506 -17.14 15.99 58.59
CA GLN A 506 -15.86 16.46 59.05
C GLN A 506 -15.02 17.00 57.89
N PRO A 507 -14.10 17.91 58.17
CA PRO A 507 -13.21 18.41 57.10
C PRO A 507 -12.27 17.33 56.58
N TYR A 508 -12.47 16.90 55.35
CA TYR A 508 -11.67 15.85 54.74
C TYR A 508 -10.66 16.49 53.78
N ARG A 509 -9.38 16.22 54.02
CA ARG A 509 -8.31 16.70 53.15
C ARG A 509 -8.29 15.85 51.89
N VAL A 510 -8.71 16.41 50.76
CA VAL A 510 -8.84 15.70 49.50
C VAL A 510 -7.85 16.29 48.50
N VAL A 511 -7.11 15.40 47.83
CA VAL A 511 -6.20 15.79 46.76
C VAL A 511 -6.46 14.91 45.56
N VAL A 512 -6.24 15.47 44.37
CA VAL A 512 -6.42 14.76 43.11
C VAL A 512 -5.13 14.87 42.31
N LEU A 513 -4.66 13.73 41.80
CA LEU A 513 -3.43 13.66 41.01
C LEU A 513 -3.80 13.30 39.58
N SER A 514 -3.73 14.28 38.68
CA SER A 514 -4.04 14.08 37.28
C SER A 514 -2.77 14.04 36.45
N PHE A 515 -2.83 13.34 35.32
CA PHE A 515 -1.70 13.17 34.43
C PHE A 515 -2.00 13.82 33.08
N GLU A 516 -0.94 14.22 32.39
CA GLU A 516 -1.04 14.87 31.09
C GLU A 516 -0.38 14.01 30.03
N LEU A 517 -0.97 14.01 28.83
CA LEU A 517 -0.48 13.23 27.70
C LEU A 517 -0.39 14.14 26.48
N LEU A 518 0.84 14.56 26.16
CA LEU A 518 1.10 15.42 25.00
C LEU A 518 2.30 14.86 24.23
N HIS A 519 2.71 15.59 23.20
CA HIS A 519 3.87 15.21 22.38
C HIS A 519 5.13 15.70 23.09
N ALA A 520 5.51 14.98 24.14
CA ALA A 520 6.69 15.32 24.93
C ALA A 520 7.23 14.06 25.56
N PRO A 521 8.55 13.98 25.78
CA PRO A 521 9.12 12.80 26.43
C PRO A 521 8.71 12.70 27.89
N ALA A 522 9.04 11.57 28.49
CA ALA A 522 8.72 11.34 29.89
C ALA A 522 9.57 12.22 30.79
N THR A 523 8.91 12.92 31.72
CA THR A 523 9.59 13.83 32.64
C THR A 523 9.60 13.30 34.06
N VAL A 524 8.41 13.09 34.62
CA VAL A 524 8.30 12.63 36.00
C VAL A 524 7.62 11.29 36.00
N CYS A 525 8.31 10.28 36.52
CA CYS A 525 7.76 8.94 36.47
C CYS A 525 8.54 8.01 37.39
N GLY A 526 7.84 7.09 38.02
CA GLY A 526 8.53 6.11 38.84
C GLY A 526 9.44 5.22 38.04
N PRO A 527 10.67 5.07 38.51
CA PRO A 527 11.65 4.28 37.75
C PRO A 527 11.62 2.83 38.15
N LYS A 528 12.76 2.17 38.07
CA LYS A 528 12.76 0.74 38.36
C LYS A 528 13.12 0.43 39.79
N LYS A 529 12.21 -0.24 40.49
CA LYS A 529 12.42 -0.56 41.89
C LYS A 529 13.73 -1.29 42.20
N SER A 530 14.44 -0.82 43.22
CA SER A 530 15.70 -1.45 43.60
C SER A 530 15.42 -2.78 44.28
N THR A 531 15.69 -3.88 43.59
CA THR A 531 15.46 -5.20 44.15
C THR A 531 16.67 -5.64 44.98
N ASN A 532 16.64 -6.88 45.45
CA ASN A 532 17.72 -7.42 46.28
C ASN A 532 18.91 -7.79 45.41
N LEU A 533 20.11 -7.42 45.86
CA LEU A 533 21.34 -7.73 45.15
C LEU A 533 21.74 -9.18 45.41
N VAL A 534 21.89 -9.95 44.35
CA VAL A 534 22.31 -11.35 44.45
C VAL A 534 23.54 -11.55 43.56
N LYS A 535 24.37 -12.52 43.94
CA LYS A 535 25.62 -12.77 43.24
C LYS A 535 25.89 -14.26 43.19
N ASN A 536 26.91 -14.62 42.39
CA ASN A 536 27.44 -15.98 42.30
C ASN A 536 26.41 -17.00 41.81
N LYS A 537 25.39 -16.56 41.08
CA LYS A 537 24.49 -17.44 40.36
C LYS A 537 24.30 -16.92 38.94
N CYS A 538 23.86 -17.81 38.05
CA CYS A 538 23.63 -17.44 36.65
C CYS A 538 22.33 -16.64 36.59
N VAL A 539 22.46 -15.32 36.66
CA VAL A 539 21.31 -14.43 36.76
C VAL A 539 21.22 -13.59 35.49
N ASN A 540 20.06 -12.97 35.31
CA ASN A 540 19.80 -12.08 34.18
C ASN A 540 19.59 -10.67 34.71
N PHE A 541 20.35 -9.72 34.19
CA PHE A 541 20.28 -8.33 34.62
C PHE A 541 20.17 -7.42 33.41
N ASN A 542 19.69 -6.20 33.66
CA ASN A 542 19.56 -5.17 32.63
C ASN A 542 20.08 -3.86 33.22
N PHE A 543 21.38 -3.60 33.05
CA PHE A 543 22.01 -2.41 33.60
C PHE A 543 22.12 -1.31 32.55
N ASN A 544 20.95 -0.90 32.05
CA ASN A 544 20.77 0.32 31.25
C ASN A 544 21.39 0.23 29.86
N GLY A 545 22.14 -0.83 29.57
CA GLY A 545 22.76 -0.93 28.26
C GLY A 545 22.77 -2.29 27.62
N LEU A 546 22.33 -3.32 28.35
CA LEU A 546 22.41 -4.68 27.84
C LEU A 546 21.58 -5.60 28.73
N THR A 547 21.17 -6.73 28.17
CA THR A 547 20.45 -7.79 28.88
C THR A 547 21.27 -9.07 28.74
N GLY A 548 22.16 -9.31 29.70
CA GLY A 548 23.05 -10.45 29.68
C GLY A 548 22.69 -11.45 30.76
N THR A 549 22.88 -12.73 30.46
CA THR A 549 22.60 -13.82 31.39
C THR A 549 23.92 -14.45 31.82
N GLY A 550 24.22 -14.40 33.10
CA GLY A 550 25.45 -14.99 33.61
C GLY A 550 25.58 -14.78 35.09
N VAL A 551 26.81 -14.90 35.57
CA VAL A 551 27.11 -14.77 37.00
C VAL A 551 27.76 -13.40 37.23
N LEU A 552 27.80 -13.01 38.51
CA LEU A 552 28.38 -11.73 38.93
C LEU A 552 29.44 -12.02 39.98
N THR A 553 30.68 -12.20 39.52
CA THR A 553 31.80 -12.49 40.42
C THR A 553 32.45 -11.18 40.87
N GLU A 554 33.04 -11.22 42.06
CA GLU A 554 33.72 -10.06 42.61
C GLU A 554 35.07 -9.88 41.94
N SER A 555 35.25 -8.76 41.25
CA SER A 555 36.50 -8.48 40.55
C SER A 555 37.51 -7.83 41.50
N ASN A 556 38.75 -7.74 41.03
CA ASN A 556 39.84 -7.17 41.81
C ASN A 556 40.39 -5.88 41.19
N LYS A 557 39.78 -5.39 40.12
CA LYS A 557 40.23 -4.19 39.44
C LYS A 557 39.21 -3.08 39.61
N LYS A 558 39.68 -1.88 39.95
CA LYS A 558 38.81 -0.72 40.13
C LYS A 558 38.81 0.10 38.85
N PHE A 559 37.62 0.53 38.43
CA PHE A 559 37.46 1.30 37.20
C PHE A 559 37.55 2.79 37.48
N LEU A 560 37.74 3.56 36.41
CA LEU A 560 37.73 5.01 36.53
C LEU A 560 36.29 5.50 36.73
N PRO A 561 36.11 6.57 37.52
CA PRO A 561 34.77 7.04 37.88
C PRO A 561 34.07 7.86 36.78
N PHE A 562 34.20 7.40 35.53
CA PHE A 562 33.48 8.01 34.43
C PHE A 562 32.91 6.99 33.45
N GLN A 563 33.15 5.69 33.65
CA GLN A 563 32.67 4.65 32.76
C GLN A 563 31.56 3.84 33.43
N GLN A 564 30.86 3.06 32.62
CA GLN A 564 29.78 2.21 33.11
C GLN A 564 29.95 0.75 32.71
N PHE A 565 30.48 0.48 31.52
CA PHE A 565 30.67 -0.88 31.03
C PHE A 565 32.16 -1.14 30.86
N GLY A 566 32.47 -2.35 30.40
CA GLY A 566 33.85 -2.73 30.15
C GLY A 566 33.99 -3.88 29.17
N ARG A 567 34.84 -3.70 28.17
CA ARG A 567 35.11 -4.72 27.17
C ARG A 567 36.38 -5.49 27.54
N ASP A 568 36.86 -6.32 26.63
CA ASP A 568 38.02 -7.15 26.88
C ASP A 568 38.78 -7.32 25.56
N ILE A 569 39.70 -8.28 25.52
CA ILE A 569 40.50 -8.50 24.31
C ILE A 569 39.64 -9.08 23.20
N ALA A 570 38.74 -10.01 23.53
CA ALA A 570 37.89 -10.67 22.55
C ALA A 570 36.65 -9.85 22.21
N ASP A 571 36.61 -8.57 22.58
CA ASP A 571 35.51 -7.67 22.25
C ASP A 571 34.18 -8.21 22.78
N THR A 572 34.10 -8.33 24.11
CA THR A 572 32.90 -8.80 24.77
C THR A 572 32.70 -8.01 26.06
N THR A 573 31.52 -7.42 26.21
CA THR A 573 31.19 -6.66 27.41
C THR A 573 30.98 -7.64 28.58
N ASP A 574 32.00 -7.78 29.42
CA ASP A 574 31.96 -8.72 30.53
C ASP A 574 32.26 -8.04 31.87
N ALA A 575 32.11 -6.72 31.94
CA ALA A 575 32.36 -5.99 33.18
C ALA A 575 31.48 -4.76 33.20
N VAL A 576 30.44 -4.79 34.04
CA VAL A 576 29.49 -3.70 34.16
C VAL A 576 29.49 -3.20 35.60
N ARG A 577 29.70 -1.90 35.77
CA ARG A 577 29.73 -1.30 37.10
C ARG A 577 28.31 -1.22 37.66
N ASP A 578 28.13 -1.70 38.87
CA ASP A 578 26.81 -1.65 39.51
C ASP A 578 26.54 -0.23 39.99
N PRO A 579 25.44 0.39 39.57
CA PRO A 579 25.14 1.77 40.01
C PRO A 579 24.61 1.88 41.43
N GLN A 580 24.54 0.77 42.17
CA GLN A 580 24.02 0.83 43.54
C GLN A 580 25.06 1.41 44.50
N THR A 581 26.25 0.80 44.56
CA THR A 581 27.31 1.28 45.43
C THR A 581 28.67 1.30 44.74
N LEU A 582 28.69 1.35 43.41
CA LEU A 582 29.92 1.37 42.62
C LEU A 582 30.76 0.11 42.90
N GLU A 583 30.14 -1.04 42.69
CA GLU A 583 30.77 -2.34 42.88
C GLU A 583 31.01 -2.96 41.51
N ILE A 584 32.28 -3.13 41.16
CA ILE A 584 32.65 -3.69 39.88
C ILE A 584 32.44 -5.20 39.91
N LEU A 585 31.69 -5.72 38.93
CA LEU A 585 31.39 -7.13 38.85
C LEU A 585 31.67 -7.63 37.44
N ASP A 586 32.14 -8.88 37.35
CA ASP A 586 32.45 -9.52 36.08
C ASP A 586 31.26 -10.36 35.61
N ILE A 587 31.21 -10.59 34.30
CA ILE A 587 30.14 -11.35 33.66
C ILE A 587 30.75 -12.59 33.04
N THR A 588 30.22 -13.76 33.42
CA THR A 588 30.65 -15.03 32.85
C THR A 588 29.37 -15.83 32.57
N PRO A 589 29.19 -16.31 31.34
CA PRO A 589 27.98 -17.09 31.03
C PRO A 589 27.98 -18.43 31.75
N CYS A 590 26.78 -18.95 31.97
CA CYS A 590 26.60 -20.21 32.66
C CYS A 590 26.39 -21.39 31.72
N SER A 591 26.03 -21.15 30.46
CA SER A 591 25.94 -22.18 29.44
C SER A 591 27.27 -22.23 28.68
N PHE A 592 28.03 -23.31 28.89
CA PHE A 592 29.29 -23.53 28.20
C PHE A 592 29.30 -24.92 27.59
N GLY A 593 29.24 -24.99 26.26
CA GLY A 593 29.31 -26.27 25.57
C GLY A 593 28.02 -27.05 25.57
N GLY A 594 28.12 -28.37 25.70
CA GLY A 594 26.94 -29.22 25.72
C GLY A 594 27.14 -30.51 26.49
N VAL A 595 26.34 -31.52 26.19
CA VAL A 595 26.41 -32.80 26.88
C VAL A 595 27.02 -33.84 25.95
N SER A 596 27.39 -34.98 26.53
CA SER A 596 27.99 -36.06 25.77
C SER A 596 27.62 -37.38 26.42
N VAL A 597 27.45 -38.41 25.59
CA VAL A 597 27.06 -39.74 26.04
C VAL A 597 28.22 -40.70 25.80
N ILE A 598 28.26 -41.76 26.59
CA ILE A 598 29.29 -42.79 26.49
C ILE A 598 28.60 -44.15 26.40
N THR A 599 28.83 -44.85 25.30
CA THR A 599 28.27 -46.17 25.08
C THR A 599 29.39 -47.19 24.92
N PRO A 600 29.40 -48.27 25.70
CA PRO A 600 30.48 -49.26 25.57
C PRO A 600 30.42 -50.08 24.29
N GLY A 601 29.26 -50.14 23.63
CA GLY A 601 29.11 -50.90 22.41
C GLY A 601 27.96 -51.89 22.50
N THR A 602 27.66 -52.47 21.34
CA THR A 602 26.58 -53.44 21.26
C THR A 602 26.99 -54.78 21.87
N ASN A 603 26.00 -55.48 22.41
CA ASN A 603 26.17 -56.79 23.06
C ASN A 603 27.18 -56.75 24.20
N THR A 604 27.38 -55.57 24.80
CA THR A 604 28.35 -55.42 25.89
C THR A 604 27.69 -54.96 27.19
N SER A 605 26.88 -53.90 27.14
CA SER A 605 26.29 -53.34 28.35
C SER A 605 24.95 -52.70 28.00
N ASN A 606 24.34 -52.07 29.01
CA ASN A 606 23.06 -51.39 28.84
C ASN A 606 23.02 -49.98 29.40
N GLN A 607 23.91 -49.63 30.34
CA GLN A 607 23.91 -48.31 30.95
C GLN A 607 24.88 -47.39 30.21
N VAL A 608 24.67 -46.09 30.37
CA VAL A 608 25.48 -45.06 29.74
C VAL A 608 25.96 -44.08 30.80
N ALA A 609 26.67 -43.05 30.36
CA ALA A 609 27.20 -42.02 31.25
C ALA A 609 27.03 -40.66 30.60
N VAL A 610 26.74 -39.65 31.42
CA VAL A 610 26.55 -38.28 30.95
C VAL A 610 27.84 -37.51 31.18
N LEU A 611 28.35 -36.90 30.12
CA LEU A 611 29.60 -36.15 30.17
C LEU A 611 29.34 -34.71 29.78
N TYR A 612 29.81 -33.77 30.61
CA TYR A 612 29.72 -32.34 30.33
C TYR A 612 31.02 -31.86 29.72
N GLN A 613 30.91 -30.96 28.73
CA GLN A 613 32.08 -30.46 28.04
C GLN A 613 32.83 -29.43 28.88
N ASP A 614 32.17 -28.31 29.18
CA ASP A 614 32.78 -27.23 29.97
C ASP A 614 31.82 -26.73 31.02
N VAL A 615 31.03 -27.63 31.60
CA VAL A 615 30.09 -27.28 32.66
C VAL A 615 30.58 -27.93 33.95
N ASN A 616 31.05 -27.11 34.87
CA ASN A 616 31.52 -27.64 36.15
C ASN A 616 30.34 -28.14 36.96
N CYS A 617 30.61 -29.04 37.88
CA CYS A 617 29.56 -29.63 38.70
C CYS A 617 29.56 -29.09 40.12
N ASN A 641 30.45 -42.65 41.03
CA ASN A 641 29.25 -41.85 40.76
C ASN A 641 29.62 -40.56 40.03
N VAL A 642 29.86 -39.50 40.79
CA VAL A 642 30.23 -38.20 40.25
C VAL A 642 31.73 -38.02 40.42
N PHE A 643 32.43 -37.80 39.32
CA PHE A 643 33.88 -37.58 39.32
C PHE A 643 34.19 -36.32 38.53
N GLN A 644 34.81 -35.35 39.19
CA GLN A 644 35.17 -34.09 38.55
C GLN A 644 36.45 -34.30 37.76
N THR A 645 36.30 -34.61 36.48
CA THR A 645 37.45 -34.81 35.60
C THR A 645 38.00 -33.46 35.14
N ARG A 646 39.17 -33.52 34.50
CA ARG A 646 39.81 -32.31 33.98
C ARG A 646 39.14 -31.81 32.71
N ALA A 647 38.33 -32.63 32.05
CA ALA A 647 37.64 -32.26 30.82
C ALA A 647 36.17 -31.92 31.05
N GLY A 648 35.79 -31.57 32.28
CA GLY A 648 34.40 -31.23 32.56
C GLY A 648 33.80 -32.04 33.70
N CYS A 649 32.74 -32.78 33.39
CA CYS A 649 32.04 -33.61 34.37
C CYS A 649 31.67 -34.93 33.74
N LEU A 650 32.14 -36.03 34.34
CA LEU A 650 31.66 -37.37 34.02
C LEU A 650 30.89 -37.90 35.24
N ILE A 651 29.59 -38.10 35.07
CA ILE A 651 28.75 -38.61 36.14
C ILE A 651 28.25 -40.00 35.74
N GLY A 652 27.87 -40.78 36.75
CA GLY A 652 27.41 -42.14 36.53
C GLY A 652 28.51 -43.16 36.36
N ALA A 653 29.75 -42.81 36.67
CA ALA A 653 30.86 -43.74 36.54
C ALA A 653 31.86 -43.49 37.66
N GLU A 654 32.16 -44.54 38.41
CA GLU A 654 33.10 -44.42 39.52
C GLU A 654 34.53 -44.33 39.00
N HIS A 655 35.42 -43.84 39.86
CA HIS A 655 36.83 -43.65 39.53
C HIS A 655 37.68 -44.69 40.25
N VAL A 656 38.67 -45.22 39.53
CA VAL A 656 39.61 -46.20 40.07
C VAL A 656 41.02 -45.72 39.79
N ASN A 657 41.93 -45.94 40.75
CA ASN A 657 43.30 -45.48 40.62
C ASN A 657 44.16 -46.37 39.73
N ASN A 658 43.66 -47.55 39.37
CA ASN A 658 44.42 -48.43 38.48
C ASN A 658 44.34 -47.93 37.04
N SER A 659 45.34 -48.30 36.25
CA SER A 659 45.46 -47.86 34.88
C SER A 659 45.52 -49.08 33.95
N TYR A 660 44.71 -49.05 32.90
CA TYR A 660 44.69 -50.11 31.89
C TYR A 660 44.64 -49.47 30.51
N GLU A 661 44.53 -50.31 29.49
CA GLU A 661 44.46 -49.85 28.10
C GLU A 661 43.04 -49.38 27.79
N CYS A 662 42.93 -48.20 27.19
CA CYS A 662 41.65 -47.56 26.93
C CYS A 662 41.06 -48.02 25.61
N ASP A 663 39.73 -47.85 25.51
CA ASP A 663 38.98 -48.08 24.28
C ASP A 663 38.24 -46.84 23.81
N ILE A 664 37.41 -46.25 24.67
CA ILE A 664 36.59 -45.09 24.31
C ILE A 664 37.35 -43.84 24.73
N PRO A 665 37.75 -42.97 23.80
CA PRO A 665 38.44 -41.73 24.18
C PRO A 665 37.47 -40.69 24.71
N ILE A 666 37.91 -39.96 25.74
CA ILE A 666 37.11 -38.89 26.34
C ILE A 666 37.83 -37.57 26.17
N GLY A 667 39.06 -37.49 26.67
CA GLY A 667 39.87 -36.29 26.58
C GLY A 667 40.61 -36.01 27.86
N ALA A 668 41.65 -35.18 27.75
CA ALA A 668 42.45 -34.74 28.90
C ALA A 668 43.11 -35.92 29.62
N GLY A 669 43.49 -36.94 28.86
CA GLY A 669 44.25 -38.05 29.40
C GLY A 669 43.48 -39.06 30.21
N ILE A 670 42.15 -38.95 30.26
CA ILE A 670 41.31 -39.87 31.03
C ILE A 670 40.21 -40.38 30.11
N CYS A 671 39.87 -41.66 30.26
CA CYS A 671 38.94 -42.35 29.38
C CYS A 671 37.68 -42.76 30.12
N ALA A 672 36.87 -43.60 29.47
CA ALA A 672 35.79 -44.32 30.09
C ALA A 672 35.75 -45.73 29.50
N SER A 673 35.77 -46.75 30.36
CA SER A 673 35.75 -48.13 29.91
C SER A 673 34.79 -48.92 30.79
N TYR A 674 34.63 -50.20 30.47
CA TYR A 674 33.70 -51.08 31.18
C TYR A 674 34.47 -52.33 31.61
N GLN A 675 34.89 -52.37 32.86
CA GLN A 675 35.63 -53.49 33.43
C GLN A 675 34.99 -53.89 34.76
N THR A 676 35.56 -54.90 35.40
CA THR A 676 35.06 -55.38 36.68
C THR A 676 35.49 -54.47 37.81
N SER A 689 29.22 -56.73 40.40
CA SER A 689 29.50 -57.19 39.05
C SER A 689 30.46 -56.23 38.34
N GLN A 690 30.16 -55.91 37.08
CA GLN A 690 30.97 -55.01 36.28
C GLN A 690 30.21 -53.72 36.03
N SER A 691 30.93 -52.59 36.14
CA SER A 691 30.34 -51.28 35.95
C SER A 691 31.29 -50.42 35.13
N ILE A 692 30.76 -49.31 34.62
CA ILE A 692 31.55 -48.38 33.81
C ILE A 692 32.47 -47.59 34.75
N ILE A 693 33.76 -47.66 34.49
CA ILE A 693 34.76 -46.98 35.32
C ILE A 693 35.54 -46.00 34.46
N ALA A 694 36.03 -44.94 35.11
CA ALA A 694 36.86 -43.93 34.46
C ALA A 694 38.22 -43.87 35.16
N TYR A 695 39.29 -43.98 34.38
CA TYR A 695 40.63 -44.00 34.95
C TYR A 695 41.61 -43.43 33.94
N THR A 696 42.80 -43.09 34.43
CA THR A 696 43.84 -42.52 33.58
C THR A 696 44.41 -43.61 32.67
N MET A 697 44.64 -43.25 31.41
CA MET A 697 45.11 -44.20 30.42
C MET A 697 46.57 -44.56 30.67
N SER A 698 46.94 -45.78 30.26
CA SER A 698 48.32 -46.22 30.30
C SER A 698 49.01 -45.88 28.98
N LEU A 699 50.16 -45.23 29.07
CA LEU A 699 50.89 -44.81 27.88
C LEU A 699 51.76 -45.92 27.31
N GLY A 700 51.79 -47.09 27.92
CA GLY A 700 52.57 -48.20 27.44
C GLY A 700 52.96 -49.12 28.57
N ALA A 701 53.69 -50.17 28.21
CA ALA A 701 54.16 -51.16 29.17
C ALA A 701 55.31 -50.55 29.98
N GLU A 702 55.08 -50.34 31.27
CA GLU A 702 56.08 -49.75 32.16
C GLU A 702 57.14 -50.81 32.45
N ASN A 703 58.24 -50.77 31.70
CA ASN A 703 59.34 -51.71 31.86
C ASN A 703 60.66 -50.95 31.83
N SER A 704 61.69 -51.58 32.39
CA SER A 704 63.02 -51.02 32.46
C SER A 704 63.94 -51.71 31.47
N VAL A 705 64.72 -50.93 30.73
CA VAL A 705 65.65 -51.45 29.73
C VAL A 705 67.06 -51.32 30.29
N ALA A 706 67.74 -52.45 30.44
CA ALA A 706 69.09 -52.47 30.98
C ALA A 706 70.06 -51.97 29.92
N TYR A 707 70.80 -50.91 30.24
CA TYR A 707 71.79 -50.33 29.35
C TYR A 707 73.18 -50.54 29.92
N SER A 708 74.11 -50.98 29.07
CA SER A 708 75.48 -51.19 29.51
C SER A 708 76.42 -50.91 28.35
N ASN A 709 77.67 -50.58 28.70
CA ASN A 709 78.72 -50.29 27.73
C ASN A 709 79.47 -51.53 27.27
N ASN A 710 79.20 -52.69 27.84
CA ASN A 710 79.85 -53.94 27.43
C ASN A 710 78.82 -55.06 27.35
N SER A 711 77.62 -54.75 26.88
CA SER A 711 76.56 -55.74 26.76
C SER A 711 75.74 -55.46 25.51
N ILE A 712 75.55 -56.49 24.69
CA ILE A 712 74.76 -56.40 23.47
C ILE A 712 73.73 -57.51 23.45
N ALA A 713 72.69 -57.30 22.65
CA ALA A 713 71.60 -58.26 22.52
C ALA A 713 71.42 -58.61 21.04
N ILE A 714 71.64 -59.87 20.71
CA ILE A 714 71.50 -60.37 19.35
C ILE A 714 70.33 -61.35 19.31
N PRO A 715 69.34 -61.15 18.46
CA PRO A 715 68.20 -62.08 18.40
C PRO A 715 68.58 -63.38 17.73
N THR A 716 68.03 -64.48 18.25
CA THR A 716 68.29 -65.82 17.73
C THR A 716 67.13 -66.41 16.95
N ASN A 717 65.93 -65.83 17.05
CA ASN A 717 64.76 -66.33 16.36
C ASN A 717 63.95 -65.15 15.84
N PHE A 718 62.95 -65.46 15.00
CA PHE A 718 62.12 -64.44 14.39
C PHE A 718 60.77 -65.04 14.02
N THR A 719 59.78 -64.17 13.91
CA THR A 719 58.43 -64.54 13.48
C THR A 719 58.07 -63.73 12.24
N ILE A 720 57.55 -64.43 11.23
CA ILE A 720 57.14 -63.79 9.98
C ILE A 720 55.69 -63.40 10.11
N SER A 721 55.42 -62.10 10.23
CA SER A 721 54.08 -61.57 10.37
C SER A 721 53.69 -60.78 9.12
N VAL A 722 52.39 -60.52 8.99
CA VAL A 722 51.83 -59.78 7.88
C VAL A 722 51.09 -58.56 8.43
N THR A 723 51.55 -57.38 8.03
CA THR A 723 50.92 -56.13 8.45
C THR A 723 49.93 -55.69 7.39
N THR A 724 48.65 -55.65 7.74
CA THR A 724 47.59 -55.28 6.81
C THR A 724 47.32 -53.78 6.91
N GLU A 725 47.62 -53.05 5.83
CA GLU A 725 47.39 -51.62 5.76
C GLU A 725 46.26 -51.34 4.79
N ILE A 726 45.33 -50.48 5.19
CA ILE A 726 44.15 -50.15 4.40
C ILE A 726 44.33 -48.74 3.86
N LEU A 727 44.36 -48.61 2.53
CA LEU A 727 44.54 -47.30 1.90
C LEU A 727 43.62 -47.17 0.69
N PRO A 728 42.67 -46.24 0.72
CA PRO A 728 41.77 -46.07 -0.42
C PRO A 728 42.43 -45.29 -1.54
N VAL A 729 41.97 -45.56 -2.77
CA VAL A 729 42.48 -44.90 -3.95
C VAL A 729 41.41 -44.20 -4.77
N SER A 730 40.14 -44.55 -4.60
CA SER A 730 39.06 -43.93 -5.36
C SER A 730 37.77 -44.02 -4.56
N MET A 731 36.72 -43.39 -5.08
CA MET A 731 35.41 -43.39 -4.44
C MET A 731 34.35 -43.34 -5.53
N THR A 732 33.11 -43.10 -5.13
CA THR A 732 32.00 -43.04 -6.07
C THR A 732 32.03 -41.74 -6.87
N LYS A 733 31.47 -41.79 -8.06
CA LYS A 733 31.41 -40.65 -8.97
C LYS A 733 29.98 -40.15 -9.05
N THR A 734 29.77 -38.89 -8.68
CA THR A 734 28.44 -38.27 -8.68
C THR A 734 28.48 -37.02 -9.53
N SER A 735 27.51 -36.89 -10.44
CA SER A 735 27.42 -35.75 -11.36
C SER A 735 26.10 -35.01 -11.08
N VAL A 736 26.21 -33.83 -10.47
CA VAL A 736 25.05 -33.05 -10.07
C VAL A 736 24.79 -31.94 -11.09
N ASP A 737 23.55 -31.85 -11.55
CA ASP A 737 23.11 -30.79 -12.45
C ASP A 737 22.41 -29.70 -11.63
N CYS A 738 22.44 -28.46 -12.12
CA CYS A 738 21.62 -27.44 -11.49
C CYS A 738 20.18 -27.43 -12.00
N THR A 739 19.97 -27.75 -13.27
CA THR A 739 18.66 -27.58 -13.89
C THR A 739 17.69 -28.68 -13.46
N MET A 740 18.20 -29.89 -13.23
CA MET A 740 17.37 -30.96 -12.68
C MET A 740 17.23 -30.86 -11.17
N TYR A 741 18.26 -30.40 -10.46
CA TYR A 741 18.20 -30.34 -9.00
C TYR A 741 17.49 -29.08 -8.51
N ILE A 742 17.74 -27.93 -9.14
CA ILE A 742 17.12 -26.69 -8.69
C ILE A 742 15.73 -26.54 -9.30
N CYS A 743 15.64 -26.55 -10.62
CA CYS A 743 14.37 -26.40 -11.32
C CYS A 743 13.67 -27.74 -11.46
N GLY A 744 12.34 -27.69 -11.47
CA GLY A 744 11.54 -28.90 -11.58
C GLY A 744 11.00 -29.15 -12.97
N ASP A 745 9.70 -28.90 -13.15
CA ASP A 745 9.02 -29.13 -14.43
C ASP A 745 8.25 -27.88 -14.83
N SER A 746 8.91 -26.73 -14.76
CA SER A 746 8.29 -25.46 -15.12
C SER A 746 9.28 -24.63 -15.91
N THR A 747 8.77 -23.59 -16.57
CA THR A 747 9.59 -22.69 -17.37
C THR A 747 9.94 -21.39 -16.64
N GLU A 748 9.28 -21.11 -15.51
CA GLU A 748 9.58 -19.90 -14.76
C GLU A 748 10.91 -19.99 -14.03
N CYS A 749 11.35 -21.21 -13.69
CA CYS A 749 12.63 -21.38 -13.02
C CYS A 749 13.80 -21.24 -13.99
N SER A 750 13.58 -21.53 -15.28
CA SER A 750 14.66 -21.40 -16.25
C SER A 750 14.98 -19.95 -16.58
N ASN A 751 14.04 -19.02 -16.36
CA ASN A 751 14.31 -17.62 -16.63
C ASN A 751 15.22 -17.02 -15.57
N LEU A 752 15.05 -17.42 -14.31
CA LEU A 752 15.90 -16.94 -13.24
C LEU A 752 17.24 -17.68 -13.17
N LEU A 753 17.34 -18.85 -13.80
CA LEU A 753 18.58 -19.59 -13.80
C LEU A 753 19.63 -19.01 -14.75
N LEU A 754 19.20 -18.16 -15.69
CA LEU A 754 20.17 -17.53 -16.58
C LEU A 754 21.01 -16.48 -15.87
N GLN A 755 20.47 -15.89 -14.81
CA GLN A 755 21.24 -14.94 -14.01
C GLN A 755 22.28 -15.64 -13.15
N TYR A 756 22.09 -16.92 -12.84
CA TYR A 756 23.04 -17.72 -12.08
C TYR A 756 23.71 -18.78 -12.95
N GLY A 757 23.80 -18.53 -14.26
CA GLY A 757 24.45 -19.49 -15.14
C GLY A 757 25.95 -19.52 -14.96
N SER A 758 26.55 -18.43 -14.48
CA SER A 758 27.98 -18.43 -14.22
C SER A 758 28.34 -19.30 -13.03
N PHE A 759 27.43 -19.44 -12.06
CA PHE A 759 27.69 -20.29 -10.92
C PHE A 759 27.64 -21.77 -11.29
N CYS A 760 26.81 -22.15 -12.26
CA CYS A 760 26.80 -23.53 -12.75
C CYS A 760 27.88 -23.82 -13.77
N THR A 761 28.48 -22.81 -14.40
CA THR A 761 29.67 -23.11 -15.20
C THR A 761 30.81 -23.49 -14.29
N GLN A 762 30.85 -22.93 -13.08
CA GLN A 762 31.88 -23.29 -12.12
C GLN A 762 31.59 -24.62 -11.43
N LEU A 763 30.32 -24.90 -11.13
CA LEU A 763 29.98 -26.15 -10.45
C LEU A 763 30.01 -27.35 -11.39
N ASN A 764 29.72 -27.14 -12.67
CA ASN A 764 29.79 -28.23 -13.63
C ASN A 764 31.23 -28.56 -13.98
N ARG A 765 32.09 -27.54 -14.07
CA ARG A 765 33.50 -27.79 -14.36
C ARG A 765 34.21 -28.39 -13.15
N ALA A 766 33.72 -28.10 -11.94
CA ALA A 766 34.33 -28.68 -10.75
C ALA A 766 33.96 -30.15 -10.59
N LEU A 767 32.71 -30.50 -10.90
CA LEU A 767 32.30 -31.90 -10.84
C LEU A 767 32.89 -32.69 -11.99
N THR A 768 33.19 -32.04 -13.12
CA THR A 768 33.88 -32.70 -14.21
C THR A 768 35.35 -32.92 -13.86
N GLY A 769 35.96 -31.98 -13.14
CA GLY A 769 37.32 -32.16 -12.68
C GLY A 769 37.48 -33.23 -11.64
N ILE A 770 36.40 -33.55 -10.91
CA ILE A 770 36.46 -34.64 -9.93
C ILE A 770 36.43 -35.99 -10.65
N ALA A 771 35.56 -36.13 -11.66
CA ALA A 771 35.40 -37.41 -12.33
C ALA A 771 36.66 -37.80 -13.11
N VAL A 772 37.39 -36.83 -13.64
CA VAL A 772 38.64 -37.17 -14.33
C VAL A 772 39.73 -37.51 -13.32
N GLU A 773 39.75 -36.81 -12.18
CA GLU A 773 40.73 -37.13 -11.14
C GLU A 773 40.41 -38.45 -10.47
N GLN A 774 39.13 -38.83 -10.39
CA GLN A 774 38.76 -40.11 -9.81
C GLN A 774 39.13 -41.26 -10.73
N ASP A 775 39.14 -41.03 -12.04
CA ASP A 775 39.54 -42.05 -13.00
C ASP A 775 41.03 -42.05 -13.27
N LYS A 776 41.74 -40.97 -12.93
CA LYS A 776 43.18 -40.89 -13.11
C LYS A 776 43.95 -41.50 -11.95
N ASN A 777 43.35 -41.56 -10.76
CA ASN A 777 44.03 -42.16 -9.62
C ASN A 777 44.13 -43.67 -9.73
N THR A 778 43.22 -44.31 -10.49
CA THR A 778 43.31 -45.75 -10.69
C THR A 778 44.44 -46.12 -11.63
N GLN A 779 44.72 -45.27 -12.63
CA GLN A 779 45.78 -45.52 -13.58
C GLN A 779 47.17 -45.26 -13.01
N GLU A 780 47.27 -44.63 -11.83
CA GLU A 780 48.55 -44.33 -11.21
C GLU A 780 48.97 -45.37 -10.18
N VAL A 781 48.04 -46.17 -9.66
CA VAL A 781 48.34 -47.17 -8.64
C VAL A 781 48.32 -48.58 -9.22
N PHE A 782 47.25 -48.95 -9.92
CA PHE A 782 47.12 -50.28 -10.47
C PHE A 782 47.78 -50.43 -11.83
N ALA A 783 47.78 -49.37 -12.64
CA ALA A 783 48.33 -49.43 -14.00
C ALA A 783 49.79 -48.98 -13.99
N GLN A 784 50.61 -49.71 -13.22
CA GLN A 784 52.04 -49.43 -13.16
C GLN A 784 52.78 -50.05 -14.34
N VAL A 785 52.31 -51.20 -14.83
CA VAL A 785 52.92 -51.86 -15.98
C VAL A 785 51.89 -51.95 -17.09
N LYS A 786 52.37 -52.18 -18.31
CA LYS A 786 51.53 -52.28 -19.48
C LYS A 786 51.50 -53.68 -20.07
N GLN A 787 51.81 -54.70 -19.26
CA GLN A 787 51.82 -56.08 -19.71
C GLN A 787 51.09 -56.95 -18.70
N ILE A 788 50.24 -57.84 -19.19
CA ILE A 788 49.49 -58.76 -18.34
C ILE A 788 50.32 -60.03 -18.17
N TYR A 789 50.70 -60.33 -16.94
CA TYR A 789 51.53 -61.49 -16.62
C TYR A 789 50.63 -62.67 -16.25
N LYS A 790 50.73 -63.75 -17.01
CA LYS A 790 49.92 -64.94 -16.75
C LYS A 790 50.48 -65.73 -15.58
N THR A 791 49.59 -66.39 -14.85
CA THR A 791 50.01 -67.20 -13.72
C THR A 791 50.63 -68.51 -14.20
N PRO A 792 51.76 -68.91 -13.63
CA PRO A 792 52.41 -70.15 -14.06
C PRO A 792 51.68 -71.36 -13.52
N PRO A 793 51.68 -72.47 -14.26
CA PRO A 793 51.00 -73.68 -13.77
C PRO A 793 51.74 -74.41 -12.67
N ILE A 794 53.03 -74.15 -12.49
CA ILE A 794 53.81 -74.81 -11.44
C ILE A 794 53.48 -74.14 -10.12
N LYS A 795 52.78 -74.87 -9.25
CA LYS A 795 52.39 -74.35 -7.94
C LYS A 795 53.39 -74.70 -6.85
N ASP A 796 54.48 -75.38 -7.18
CA ASP A 796 55.51 -75.74 -6.20
C ASP A 796 56.49 -74.59 -6.10
N PHE A 797 56.34 -73.77 -5.05
CA PHE A 797 57.19 -72.62 -4.82
C PHE A 797 58.19 -72.86 -3.70
N GLY A 798 58.43 -74.11 -3.33
CA GLY A 798 59.36 -74.42 -2.26
C GLY A 798 58.73 -74.54 -0.89
N GLY A 799 57.47 -74.97 -0.81
CA GLY A 799 56.79 -75.11 0.46
C GLY A 799 55.86 -73.97 0.82
N PHE A 800 55.74 -72.96 -0.05
CA PHE A 800 54.87 -71.82 0.21
C PHE A 800 53.50 -72.04 -0.38
N ASN A 801 52.47 -71.57 0.32
CA ASN A 801 51.08 -71.68 -0.12
C ASN A 801 50.68 -70.36 -0.77
N PHE A 802 50.45 -70.39 -2.08
CA PHE A 802 50.07 -69.20 -2.83
C PHE A 802 48.66 -69.31 -3.40
N SER A 803 47.86 -70.25 -2.91
CA SER A 803 46.50 -70.43 -3.39
C SER A 803 45.55 -69.35 -2.89
N GLN A 804 45.93 -68.63 -1.83
CA GLN A 804 45.07 -67.59 -1.30
C GLN A 804 45.20 -66.27 -2.07
N ILE A 805 46.35 -66.04 -2.68
CA ILE A 805 46.57 -64.82 -3.47
C ILE A 805 46.33 -65.03 -4.96
N LEU A 806 46.28 -66.28 -5.43
CA LEU A 806 46.04 -66.57 -6.83
C LEU A 806 44.57 -66.90 -7.08
N PRO A 807 44.02 -66.49 -8.23
CA PRO A 807 42.62 -66.79 -8.53
C PRO A 807 42.42 -68.28 -8.80
N ASP A 808 41.44 -68.87 -8.11
CA ASP A 808 41.15 -70.28 -8.29
C ASP A 808 40.26 -70.49 -9.51
N PRO A 809 40.46 -71.56 -10.28
CA PRO A 809 39.64 -71.80 -11.46
C PRO A 809 38.27 -72.41 -11.16
N SER A 810 37.93 -72.63 -9.89
CA SER A 810 36.63 -73.19 -9.56
C SER A 810 35.51 -72.18 -9.70
N LYS A 811 35.81 -70.89 -9.56
CA LYS A 811 34.82 -69.83 -9.70
C LYS A 811 35.03 -69.06 -11.00
N PRO A 812 33.96 -68.58 -11.62
CA PRO A 812 34.13 -67.81 -12.86
C PRO A 812 34.73 -66.43 -12.64
N SER A 813 34.63 -65.89 -11.44
CA SER A 813 35.19 -64.57 -11.15
C SER A 813 36.69 -64.66 -10.98
N LYS A 814 37.37 -63.54 -11.21
CA LYS A 814 38.81 -63.46 -11.11
C LYS A 814 39.30 -63.17 -9.69
N ARG A 815 38.39 -62.94 -8.76
CA ARG A 815 38.76 -62.66 -7.38
C ARG A 815 39.19 -63.94 -6.66
N SER A 816 40.17 -63.82 -5.79
CA SER A 816 40.62 -64.98 -5.02
C SER A 816 39.73 -65.15 -3.80
N PRO A 817 39.98 -66.20 -3.00
CA PRO A 817 39.19 -66.35 -1.77
C PRO A 817 39.27 -65.09 -0.92
N ILE A 818 40.47 -64.57 -0.74
CA ILE A 818 40.65 -63.37 0.06
C ILE A 818 39.90 -62.20 -0.56
N GLU A 819 40.21 -61.90 -1.82
CA GLU A 819 39.55 -60.79 -2.49
C GLU A 819 38.03 -60.93 -2.48
N ASP A 820 37.52 -62.17 -2.48
CA ASP A 820 36.07 -62.38 -2.38
C ASP A 820 35.58 -62.18 -0.96
N LEU A 821 36.44 -62.42 0.03
CA LEU A 821 36.05 -62.17 1.42
C LEU A 821 35.99 -60.68 1.72
N LEU A 822 36.78 -59.88 1.01
CA LEU A 822 36.76 -58.43 1.22
C LEU A 822 35.64 -57.74 0.45
N PHE A 823 35.12 -58.38 -0.60
CA PHE A 823 34.03 -57.77 -1.36
C PHE A 823 32.72 -57.80 -0.57
N ASN A 824 32.49 -58.87 0.18
CA ASN A 824 31.27 -59.00 0.99
C ASN A 824 31.44 -58.42 2.38
N LYS A 825 32.65 -58.04 2.78
CA LYS A 825 32.88 -57.48 4.10
C LYS A 825 32.44 -56.02 4.17
N VAL A 826 32.87 -55.21 3.22
CA VAL A 826 32.51 -53.80 3.16
C VAL A 826 31.31 -53.62 2.25
N THR A 827 30.38 -52.77 2.66
CA THR A 827 29.18 -52.51 1.88
C THR A 827 29.41 -51.39 0.87
N ALA A 852 15.49 -44.64 -4.25
CA ALA A 852 16.84 -44.64 -4.79
C ALA A 852 17.47 -43.25 -4.71
N GLN A 853 18.81 -43.21 -4.67
CA GLN A 853 19.51 -41.94 -4.59
C GLN A 853 19.53 -41.18 -5.91
N LYS A 854 19.26 -41.86 -7.03
CA LYS A 854 19.25 -41.23 -8.34
C LYS A 854 17.88 -40.69 -8.72
N PHE A 855 16.91 -40.73 -7.81
CA PHE A 855 15.57 -40.27 -8.12
C PHE A 855 15.45 -38.75 -8.16
N ASN A 856 16.35 -38.03 -7.48
CA ASN A 856 16.31 -36.58 -7.42
C ASN A 856 17.39 -35.95 -8.31
N GLY A 857 17.77 -36.62 -9.39
CA GLY A 857 18.81 -36.13 -10.26
C GLY A 857 20.23 -36.42 -9.80
N LEU A 858 20.39 -37.16 -8.71
CA LEU A 858 21.73 -37.48 -8.18
C LEU A 858 22.17 -38.83 -8.74
N THR A 859 22.43 -38.83 -10.05
CA THR A 859 22.87 -40.04 -10.74
C THR A 859 24.32 -40.35 -10.42
N VAL A 860 24.63 -41.64 -10.35
CA VAL A 860 25.97 -42.13 -10.06
C VAL A 860 26.58 -42.65 -11.36
N LEU A 861 27.68 -42.04 -11.78
CA LEU A 861 28.32 -42.46 -13.02
C LEU A 861 29.29 -43.62 -12.74
N PRO A 862 29.33 -44.60 -13.64
CA PRO A 862 30.25 -45.73 -13.45
C PRO A 862 31.68 -45.32 -13.76
N PRO A 863 32.66 -45.93 -13.10
CA PRO A 863 34.07 -45.59 -13.35
C PRO A 863 34.56 -46.17 -14.67
N LEU A 864 35.81 -45.85 -15.01
CA LEU A 864 36.39 -46.35 -16.24
C LEU A 864 36.72 -47.83 -16.15
N LEU A 865 37.26 -48.27 -15.01
CA LEU A 865 37.63 -49.66 -14.79
C LEU A 865 36.72 -50.26 -13.74
N THR A 866 36.13 -51.41 -14.06
CA THR A 866 35.21 -52.08 -13.15
C THR A 866 36.02 -52.92 -12.14
N ASP A 867 35.32 -53.69 -11.31
CA ASP A 867 35.98 -54.51 -10.31
C ASP A 867 36.69 -55.71 -10.92
N GLU A 868 36.30 -56.13 -12.12
CA GLU A 868 36.95 -57.27 -12.75
C GLU A 868 38.31 -56.90 -13.32
N MET A 869 38.45 -55.69 -13.84
CA MET A 869 39.73 -55.25 -14.39
C MET A 869 40.70 -54.85 -13.29
N ILE A 870 40.21 -54.39 -12.15
CA ILE A 870 41.08 -54.12 -11.02
C ILE A 870 41.60 -55.43 -10.43
N ALA A 871 40.75 -56.46 -10.40
CA ALA A 871 41.20 -57.78 -9.95
C ALA A 871 42.20 -58.39 -10.92
N GLN A 872 42.08 -58.06 -12.22
CA GLN A 872 43.05 -58.55 -13.19
C GLN A 872 44.37 -57.79 -13.07
N TYR A 873 44.34 -56.53 -12.63
CA TYR A 873 45.57 -55.77 -12.46
C TYR A 873 46.36 -56.28 -11.26
N THR A 874 45.67 -56.68 -10.19
CA THR A 874 46.36 -57.19 -9.02
C THR A 874 46.89 -58.60 -9.25
N SER A 875 46.19 -59.41 -10.04
CA SER A 875 46.70 -60.74 -10.35
C SER A 875 47.88 -60.66 -11.32
N ALA A 876 47.93 -59.63 -12.15
CA ALA A 876 49.08 -59.44 -13.04
C ALA A 876 50.30 -58.95 -12.27
N LEU A 877 50.10 -58.12 -11.25
CA LEU A 877 51.22 -57.68 -10.42
C LEU A 877 51.69 -58.78 -9.47
N LEU A 878 50.78 -59.65 -9.03
CA LEU A 878 51.17 -60.77 -8.18
C LEU A 878 51.88 -61.87 -8.96
N ALA A 879 51.56 -62.02 -10.25
CA ALA A 879 52.24 -63.02 -11.06
C ALA A 879 53.67 -62.60 -11.38
N GLY A 880 53.89 -61.30 -11.59
CA GLY A 880 55.23 -60.80 -11.84
C GLY A 880 56.10 -60.70 -10.61
N THR A 881 55.49 -60.60 -9.42
CA THR A 881 56.26 -60.53 -8.19
C THR A 881 56.81 -61.89 -7.79
N ILE A 882 56.03 -62.95 -7.99
CA ILE A 882 56.47 -64.30 -7.65
C ILE A 882 57.36 -64.92 -8.71
N THR A 883 57.49 -64.29 -9.87
CA THR A 883 58.30 -64.82 -10.95
C THR A 883 59.50 -63.96 -11.32
N SER A 884 59.42 -62.64 -11.11
CA SER A 884 60.52 -61.75 -11.44
C SER A 884 60.91 -60.90 -10.24
N GLY A 885 59.92 -60.54 -9.41
CA GLY A 885 60.19 -59.78 -8.20
C GLY A 885 60.18 -58.29 -8.40
N TRP A 886 61.23 -57.75 -9.03
CA TRP A 886 61.34 -56.31 -9.22
C TRP A 886 61.76 -55.89 -10.62
N THR A 887 62.18 -56.80 -11.49
CA THR A 887 62.62 -56.42 -12.82
C THR A 887 61.44 -56.16 -13.76
N PHE A 888 60.25 -56.64 -13.43
CA PHE A 888 59.08 -56.41 -14.27
C PHE A 888 58.50 -55.02 -14.11
N GLY A 889 58.80 -54.33 -13.01
CA GLY A 889 58.32 -52.98 -12.81
C GLY A 889 59.36 -51.94 -13.13
N ALA A 890 60.59 -52.37 -13.38
CA ALA A 890 61.68 -51.46 -13.70
C ALA A 890 62.39 -51.84 -14.99
N GLY A 891 61.75 -52.70 -15.80
CA GLY A 891 62.35 -53.14 -17.05
C GLY A 891 61.57 -54.34 -17.59
N PRO A 892 62.14 -55.07 -18.55
CA PRO A 892 61.48 -56.27 -19.08
C PRO A 892 61.36 -57.38 -18.06
N ALA A 893 60.57 -58.40 -18.34
CA ALA A 893 60.34 -59.47 -17.37
C ALA A 893 61.39 -60.56 -17.36
N LEU A 894 61.80 -61.00 -16.18
CA LEU A 894 62.76 -62.08 -16.04
C LEU A 894 62.14 -63.23 -15.25
N GLN A 895 62.94 -64.27 -15.03
CA GLN A 895 62.51 -65.46 -14.30
C GLN A 895 63.48 -65.71 -13.16
N ILE A 896 62.94 -65.93 -11.96
CA ILE A 896 63.74 -66.20 -10.78
C ILE A 896 62.90 -66.98 -9.78
N PRO A 897 63.44 -68.03 -9.16
CA PRO A 897 62.65 -68.78 -8.17
C PRO A 897 62.37 -67.95 -6.93
N PHE A 898 61.33 -68.34 -6.20
CA PHE A 898 60.94 -67.59 -5.01
C PHE A 898 62.00 -67.56 -3.91
N PRO A 899 62.56 -68.73 -3.55
CA PRO A 899 63.52 -68.70 -2.44
C PRO A 899 64.67 -67.78 -2.76
N MET A 900 65.23 -67.88 -3.96
CA MET A 900 66.31 -66.99 -4.36
C MET A 900 65.84 -65.56 -4.25
N GLN A 901 64.55 -65.34 -4.46
CA GLN A 901 63.99 -63.99 -4.39
C GLN A 901 63.93 -63.51 -2.94
N MET A 902 63.65 -64.41 -2.00
CA MET A 902 63.61 -64.02 -0.59
C MET A 902 65.01 -63.75 -0.05
N ALA A 903 66.04 -64.38 -0.63
CA ALA A 903 67.40 -64.16 -0.15
C ALA A 903 67.89 -62.76 -0.46
N TYR A 904 67.44 -62.17 -1.57
CA TYR A 904 67.83 -60.81 -1.91
C TYR A 904 67.08 -59.76 -1.10
N ARG A 905 65.88 -60.08 -0.62
CA ARG A 905 65.16 -59.16 0.24
C ARG A 905 65.73 -59.14 1.65
N PHE A 906 66.35 -60.23 2.08
CA PHE A 906 66.99 -60.27 3.39
C PHE A 906 68.30 -59.50 3.39
N ASN A 907 68.96 -59.38 2.24
CA ASN A 907 70.24 -58.66 2.17
C ASN A 907 70.05 -57.15 2.27
N GLY A 908 68.84 -56.65 2.01
CA GLY A 908 68.59 -55.23 2.10
C GLY A 908 68.36 -54.70 3.51
N ILE A 909 68.12 -55.59 4.47
CA ILE A 909 67.91 -55.19 5.86
C ILE A 909 69.08 -55.54 6.75
N GLY A 910 70.13 -56.17 6.20
CA GLY A 910 71.30 -56.51 6.97
C GLY A 910 71.45 -57.97 7.32
N VAL A 911 70.68 -58.87 6.70
CA VAL A 911 70.71 -60.30 6.99
C VAL A 911 71.38 -61.00 5.81
N THR A 912 72.44 -61.74 6.10
CA THR A 912 73.11 -62.53 5.07
C THR A 912 72.23 -63.71 4.66
N GLN A 913 72.42 -64.17 3.42
CA GLN A 913 71.52 -65.14 2.81
C GLN A 913 71.90 -66.59 3.08
N ASN A 914 72.76 -66.84 4.08
CA ASN A 914 73.11 -68.22 4.40
C ASN A 914 72.14 -68.88 5.37
N VAL A 915 71.42 -68.08 6.17
CA VAL A 915 70.49 -68.63 7.14
C VAL A 915 69.13 -68.97 6.55
N LEU A 916 68.85 -68.53 5.32
CA LEU A 916 67.56 -68.82 4.70
C LEU A 916 67.47 -70.28 4.28
N TYR A 917 68.56 -70.84 3.77
CA TYR A 917 68.59 -72.22 3.29
C TYR A 917 68.81 -73.23 4.40
N GLU A 918 68.85 -72.81 5.65
CA GLU A 918 69.04 -73.72 6.78
C GLU A 918 67.73 -74.11 7.46
N ASN A 919 66.73 -73.23 7.42
CA ASN A 919 65.42 -73.48 8.01
C ASN A 919 64.31 -73.10 7.04
N GLN A 920 64.47 -73.54 5.78
CA GLN A 920 63.49 -73.20 4.75
C GLN A 920 62.11 -73.77 5.06
N LYS A 921 62.05 -74.94 5.71
CA LYS A 921 60.76 -75.49 6.12
C LYS A 921 60.17 -74.74 7.30
N LEU A 922 60.99 -74.01 8.07
CA LEU A 922 60.49 -73.26 9.20
C LEU A 922 59.84 -71.95 8.76
N ILE A 923 60.49 -71.23 7.84
CA ILE A 923 59.94 -69.98 7.36
C ILE A 923 58.75 -70.22 6.44
N ALA A 924 58.74 -71.33 5.71
CA ALA A 924 57.59 -71.66 4.87
C ALA A 924 56.37 -72.01 5.70
N ASN A 925 56.57 -72.60 6.88
CA ASN A 925 55.46 -72.87 7.78
C ASN A 925 55.01 -71.61 8.51
N GLN A 926 55.94 -70.68 8.77
CA GLN A 926 55.57 -69.42 9.40
C GLN A 926 54.87 -68.49 8.40
N PHE A 927 55.16 -68.64 7.11
CA PHE A 927 54.47 -67.81 6.11
C PHE A 927 53.04 -68.29 5.89
N ASN A 928 52.82 -69.61 5.91
CA ASN A 928 51.48 -70.14 5.77
C ASN A 928 50.64 -69.88 7.02
N SER A 929 51.30 -69.80 8.18
CA SER A 929 50.59 -69.47 9.42
C SER A 929 50.23 -67.99 9.49
N ALA A 930 51.01 -67.13 8.83
CA ALA A 930 50.71 -65.71 8.80
C ALA A 930 49.54 -65.40 7.87
N ILE A 931 49.40 -66.16 6.78
CA ILE A 931 48.27 -65.96 5.88
C ILE A 931 46.98 -66.43 6.52
N GLY A 932 47.04 -67.54 7.27
CA GLY A 932 45.84 -68.03 7.92
C GLY A 932 45.39 -67.16 9.08
N LYS A 933 46.33 -66.43 9.69
CA LYS A 933 45.96 -65.52 10.77
C LYS A 933 45.31 -64.25 10.23
N ILE A 934 45.72 -63.80 9.04
CA ILE A 934 45.08 -62.64 8.43
C ILE A 934 43.70 -63.01 7.90
N GLN A 935 43.57 -64.22 7.33
CA GLN A 935 42.28 -64.65 6.80
C GLN A 935 41.28 -64.89 7.92
N ASP A 936 41.73 -65.34 9.08
CA ASP A 936 40.84 -65.54 10.22
C ASP A 936 40.48 -64.22 10.91
N SER A 937 41.33 -63.20 10.79
CA SER A 937 41.02 -61.91 11.40
C SER A 937 40.11 -61.08 10.51
N LEU A 938 40.29 -61.16 9.19
CA LEU A 938 39.45 -60.42 8.26
C LEU A 938 38.05 -61.00 8.12
N SER A 939 37.88 -62.29 8.45
CA SER A 939 36.57 -62.92 8.35
C SER A 939 35.66 -62.57 9.52
N SER A 940 36.19 -62.02 10.59
CA SER A 940 35.40 -61.66 11.76
C SER A 940 34.66 -60.34 11.52
N ALA A 944 34.39 -54.77 10.79
CA ALA A 944 34.56 -54.24 9.44
C ALA A 944 35.73 -53.28 9.37
N LEU A 945 36.15 -52.95 8.15
CA LEU A 945 37.27 -52.04 7.96
C LEU A 945 36.83 -50.60 8.23
N GLY A 946 37.82 -49.76 8.53
CA GLY A 946 37.56 -48.37 8.87
C GLY A 946 37.84 -47.41 7.74
N LYS A 947 38.96 -47.60 7.03
CA LYS A 947 39.34 -46.68 5.97
C LYS A 947 38.50 -46.89 4.71
N LEU A 948 37.91 -48.07 4.52
CA LEU A 948 37.06 -48.34 3.37
C LEU A 948 35.58 -48.14 3.68
N GLN A 949 35.25 -47.70 4.90
CA GLN A 949 33.86 -47.45 5.28
C GLN A 949 33.54 -45.99 5.53
N ASP A 950 34.52 -45.20 6.00
CA ASP A 950 34.27 -43.79 6.23
C ASP A 950 34.15 -43.02 4.92
N VAL A 951 34.78 -43.50 3.86
CA VAL A 951 34.64 -42.85 2.55
C VAL A 951 33.28 -43.14 1.92
N VAL A 952 32.60 -44.20 2.33
CA VAL A 952 31.27 -44.52 1.82
C VAL A 952 30.19 -43.92 2.70
N ASN A 953 30.40 -43.91 4.03
CA ASN A 953 29.40 -43.34 4.93
C ASN A 953 29.32 -41.84 4.80
N GLN A 954 30.44 -41.17 4.49
CA GLN A 954 30.40 -39.72 4.29
C GLN A 954 29.71 -39.36 2.99
N ASN A 955 29.85 -40.19 1.96
CA ASN A 955 29.15 -39.95 0.70
C ASN A 955 27.68 -40.31 0.78
N ALA A 956 27.33 -41.29 1.63
CA ALA A 956 25.92 -41.67 1.79
C ALA A 956 25.16 -40.63 2.60
N GLN A 957 25.80 -40.04 3.61
CA GLN A 957 25.14 -39.01 4.40
C GLN A 957 25.04 -37.69 3.62
N ALA A 958 25.99 -37.44 2.73
CA ALA A 958 25.94 -36.24 1.91
C ALA A 958 24.87 -36.33 0.83
N LEU A 959 24.64 -37.52 0.29
CA LEU A 959 23.57 -37.70 -0.68
C LEU A 959 22.20 -37.69 -0.01
N ASN A 960 22.12 -38.17 1.23
CA ASN A 960 20.87 -38.10 1.98
C ASN A 960 20.59 -36.71 2.50
N THR A 961 21.60 -35.85 2.57
CA THR A 961 21.39 -34.46 2.97
C THR A 961 20.80 -33.64 1.82
N LEU A 962 21.18 -33.93 0.58
CA LEU A 962 20.70 -33.15 -0.56
C LEU A 962 19.22 -33.38 -0.80
N VAL A 963 18.72 -34.58 -0.53
CA VAL A 963 17.28 -34.82 -0.67
C VAL A 963 16.52 -34.15 0.47
N LYS A 964 17.15 -34.02 1.64
CA LYS A 964 16.54 -33.29 2.74
C LYS A 964 16.53 -31.79 2.51
N GLN A 965 17.42 -31.29 1.65
CA GLN A 965 17.42 -29.86 1.34
C GLN A 965 16.21 -29.46 0.51
N LEU A 966 15.63 -30.41 -0.24
CA LEU A 966 14.42 -30.14 -1.01
C LEU A 966 13.17 -30.12 -0.15
N SER A 967 13.24 -30.61 1.08
CA SER A 967 12.10 -30.61 2.00
C SER A 967 12.06 -29.38 2.89
N SER A 968 12.99 -28.44 2.72
CA SER A 968 13.02 -27.21 3.50
C SER A 968 12.47 -26.06 2.67
N ASN A 969 12.11 -24.98 3.37
CA ASN A 969 11.53 -23.80 2.73
C ASN A 969 12.53 -22.67 2.52
N PHE A 970 13.66 -22.69 3.24
CA PHE A 970 14.66 -21.62 3.16
C PHE A 970 14.05 -20.26 3.49
N GLY A 971 13.17 -20.24 4.49
CA GLY A 971 12.53 -19.00 4.90
C GLY A 971 11.37 -18.58 4.03
N ALA A 972 10.60 -19.54 3.49
CA ALA A 972 9.47 -19.22 2.64
C ALA A 972 8.21 -19.90 3.15
N ILE A 973 7.13 -19.83 2.37
CA ILE A 973 5.86 -20.43 2.77
C ILE A 973 5.71 -21.87 2.29
N SER A 974 6.57 -22.33 1.38
CA SER A 974 6.50 -23.69 0.86
C SER A 974 7.91 -24.17 0.55
N SER A 975 8.02 -25.47 0.30
CA SER A 975 9.29 -26.10 -0.02
C SER A 975 9.54 -26.21 -1.53
N VAL A 976 8.61 -26.83 -2.25
CA VAL A 976 8.74 -26.99 -3.69
C VAL A 976 8.17 -25.76 -4.39
N LEU A 977 8.73 -25.44 -5.55
CA LEU A 977 8.29 -24.29 -6.33
C LEU A 977 6.99 -24.54 -7.07
N ASN A 978 6.54 -25.79 -7.17
CA ASN A 978 5.29 -26.09 -7.86
C ASN A 978 4.06 -25.83 -6.98
N ASP A 979 4.24 -25.73 -5.67
CA ASP A 979 3.11 -25.49 -4.78
C ASP A 979 2.72 -24.01 -4.76
N ILE A 980 3.70 -23.10 -4.78
CA ILE A 980 3.39 -21.68 -4.75
C ILE A 980 2.84 -21.17 -6.08
N LEU A 981 3.15 -21.85 -7.19
CA LEU A 981 2.63 -21.44 -8.48
C LEU A 981 1.17 -21.83 -8.68
N SER A 982 0.67 -22.81 -7.93
CA SER A 982 -0.72 -23.22 -8.05
C SER A 982 -1.66 -22.37 -7.21
N ARG A 983 -1.16 -21.77 -6.13
CA ARG A 983 -1.98 -20.93 -5.25
C ARG A 983 -1.76 -19.45 -5.47
N LEU A 984 -0.59 -19.05 -5.97
CA LEU A 984 -0.27 -17.64 -6.20
C LEU A 984 0.19 -17.46 -7.63
N ASP A 985 0.18 -16.20 -8.07
CA ASP A 985 0.65 -15.88 -9.41
C ASP A 985 2.16 -15.64 -9.42
N PRO A 986 2.82 -15.97 -10.53
CA PRO A 986 4.28 -15.82 -10.60
C PRO A 986 4.73 -14.38 -10.46
N PRO A 987 3.94 -13.38 -10.90
CA PRO A 987 4.31 -11.99 -10.56
C PRO A 987 4.31 -11.72 -9.07
N GLU A 988 3.53 -12.47 -8.29
CA GLU A 988 3.50 -12.28 -6.84
C GLU A 988 4.50 -13.17 -6.12
N ALA A 989 4.61 -14.43 -6.53
CA ALA A 989 5.50 -15.39 -5.88
C ALA A 989 6.90 -15.41 -6.50
N GLU A 990 7.32 -14.31 -7.12
CA GLU A 990 8.67 -14.27 -7.69
C GLU A 990 9.74 -14.19 -6.61
N VAL A 991 9.42 -13.59 -5.46
CA VAL A 991 10.39 -13.50 -4.38
C VAL A 991 10.56 -14.86 -3.71
N GLN A 992 9.50 -15.67 -3.65
CA GLN A 992 9.60 -17.00 -3.03
C GLN A 992 10.36 -17.97 -3.92
N ILE A 993 10.33 -17.78 -5.23
CA ILE A 993 11.11 -18.64 -6.12
C ILE A 993 12.59 -18.31 -6.04
N ASP A 994 12.91 -17.01 -5.97
CA ASP A 994 14.32 -16.60 -5.87
C ASP A 994 14.93 -17.01 -4.54
N ARG A 995 14.13 -17.08 -3.48
CA ARG A 995 14.65 -17.54 -2.19
C ARG A 995 14.91 -19.03 -2.20
N LEU A 996 14.15 -19.79 -2.99
CA LEU A 996 14.41 -21.23 -3.12
C LEU A 996 15.59 -21.52 -4.03
N ILE A 997 15.89 -20.60 -4.96
CA ILE A 997 17.03 -20.80 -5.86
C ILE A 997 18.34 -20.52 -5.14
N THR A 998 18.42 -19.39 -4.45
CA THR A 998 19.63 -19.06 -3.71
C THR A 998 19.79 -19.92 -2.46
N GLY A 999 18.71 -20.55 -2.00
CA GLY A 999 18.81 -21.49 -0.89
C GLY A 999 19.36 -22.82 -1.35
N ARG A 1000 19.00 -23.22 -2.57
CA ARG A 1000 19.57 -24.44 -3.14
C ARG A 1000 20.95 -24.21 -3.74
N LEU A 1001 21.25 -22.97 -4.14
CA LEU A 1001 22.59 -22.66 -4.65
C LEU A 1001 23.62 -22.68 -3.53
N GLN A 1002 23.22 -22.32 -2.30
CA GLN A 1002 24.14 -22.40 -1.19
C GLN A 1002 24.44 -23.84 -0.79
N SER A 1003 23.44 -24.72 -0.89
CA SER A 1003 23.68 -26.14 -0.62
C SER A 1003 24.46 -26.80 -1.75
N LEU A 1004 24.25 -26.35 -2.99
CA LEU A 1004 25.02 -26.90 -4.10
C LEU A 1004 26.48 -26.42 -4.06
N GLN A 1005 26.71 -25.19 -3.59
CA GLN A 1005 28.08 -24.72 -3.41
C GLN A 1005 28.75 -25.38 -2.21
N THR A 1006 27.97 -25.85 -1.23
CA THR A 1006 28.54 -26.55 -0.09
C THR A 1006 28.85 -28.00 -0.42
N TYR A 1007 27.98 -28.65 -1.22
CA TYR A 1007 28.20 -30.05 -1.57
C TYR A 1007 29.39 -30.20 -2.52
N VAL A 1008 29.60 -29.24 -3.42
CA VAL A 1008 30.76 -29.31 -4.31
C VAL A 1008 32.04 -29.04 -3.55
N THR A 1009 32.01 -28.07 -2.62
CA THR A 1009 33.19 -27.76 -1.83
C THR A 1009 33.54 -28.90 -0.88
N GLN A 1010 32.51 -29.56 -0.31
CA GLN A 1010 32.77 -30.70 0.56
C GLN A 1010 33.28 -31.91 -0.22
N GLN A 1011 32.88 -32.04 -1.49
CA GLN A 1011 33.37 -33.14 -2.30
C GLN A 1011 34.78 -32.88 -2.81
N LEU A 1012 35.17 -31.61 -2.95
CA LEU A 1012 36.52 -31.30 -3.41
C LEU A 1012 37.56 -31.56 -2.32
N ILE A 1013 37.19 -31.38 -1.05
CA ILE A 1013 38.10 -31.72 0.04
C ILE A 1013 38.23 -33.24 0.15
N ARG A 1014 37.13 -33.97 -0.06
CA ARG A 1014 37.20 -35.43 -0.08
C ARG A 1014 37.96 -35.93 -1.30
N ALA A 1015 37.90 -35.20 -2.41
CA ALA A 1015 38.69 -35.57 -3.58
C ALA A 1015 40.17 -35.27 -3.37
N ALA A 1016 40.49 -34.23 -2.59
CA ALA A 1016 41.88 -33.97 -2.25
C ALA A 1016 42.41 -34.99 -1.24
N GLU A 1017 41.54 -35.49 -0.37
CA GLU A 1017 41.95 -36.56 0.55
C GLU A 1017 42.12 -37.87 -0.19
N ILE A 1018 41.32 -38.12 -1.24
CA ILE A 1018 41.50 -39.31 -2.05
C ILE A 1018 42.77 -39.20 -2.88
N ARG A 1019 43.04 -38.02 -3.42
CA ARG A 1019 44.26 -37.82 -4.19
C ARG A 1019 45.49 -37.92 -3.31
N ALA A 1020 45.39 -37.47 -2.05
CA ALA A 1020 46.53 -37.59 -1.14
C ALA A 1020 46.75 -39.03 -0.71
N SER A 1021 45.70 -39.84 -0.66
CA SER A 1021 45.85 -41.25 -0.33
C SER A 1021 46.23 -42.08 -1.54
N ALA A 1022 45.79 -41.67 -2.73
CA ALA A 1022 46.17 -42.39 -3.94
C ALA A 1022 47.64 -42.15 -4.30
N ASN A 1023 48.15 -40.95 -4.05
CA ASN A 1023 49.57 -40.69 -4.27
C ASN A 1023 50.42 -41.37 -3.20
N LEU A 1024 49.87 -41.54 -1.99
CA LEU A 1024 50.59 -42.28 -0.96
C LEU A 1024 50.58 -43.78 -1.26
N ALA A 1025 49.48 -44.29 -1.83
CA ALA A 1025 49.43 -45.69 -2.20
C ALA A 1025 50.25 -45.96 -3.46
N ALA A 1026 50.41 -44.97 -4.32
CA ALA A 1026 51.25 -45.15 -5.51
C ALA A 1026 52.72 -45.19 -5.15
N THR A 1027 53.13 -44.44 -4.12
CA THR A 1027 54.51 -44.51 -3.66
C THR A 1027 54.80 -45.81 -2.94
N LYS A 1028 53.81 -46.34 -2.21
CA LYS A 1028 53.96 -47.63 -1.56
C LYS A 1028 53.90 -48.79 -2.54
N MET A 1029 53.22 -48.61 -3.69
CA MET A 1029 53.19 -49.65 -4.70
C MET A 1029 54.53 -49.77 -5.42
N SER A 1030 55.19 -48.63 -5.66
CA SER A 1030 56.46 -48.63 -6.37
C SER A 1030 57.65 -48.94 -5.46
N GLU A 1031 57.44 -49.00 -4.15
CA GLU A 1031 58.53 -49.27 -3.21
C GLU A 1031 58.33 -50.58 -2.45
N CYS A 1032 57.17 -50.77 -1.82
CA CYS A 1032 56.96 -51.99 -1.04
C CYS A 1032 56.61 -53.18 -1.92
N VAL A 1033 55.86 -52.95 -3.00
CA VAL A 1033 55.46 -54.02 -3.91
C VAL A 1033 56.50 -54.15 -5.01
N LEU A 1034 56.74 -53.06 -5.74
CA LEU A 1034 57.70 -53.05 -6.84
C LEU A 1034 59.11 -52.91 -6.26
N GLY A 1035 59.61 -54.03 -5.74
CA GLY A 1035 60.94 -54.07 -5.17
C GLY A 1035 60.93 -54.03 -3.66
N GLN A 1036 62.10 -53.72 -3.11
CA GLN A 1036 62.30 -53.63 -1.67
C GLN A 1036 62.53 -52.17 -1.29
N SER A 1037 61.72 -51.65 -0.37
CA SER A 1037 61.85 -50.27 0.08
C SER A 1037 62.99 -50.16 1.07
N LYS A 1038 63.95 -49.27 0.80
CA LYS A 1038 65.09 -49.08 1.69
C LYS A 1038 64.72 -48.31 2.95
N ARG A 1039 63.60 -47.59 2.93
CA ARG A 1039 63.17 -46.84 4.11
C ARG A 1039 62.59 -47.80 5.14
N VAL A 1040 63.23 -47.88 6.30
CA VAL A 1040 62.79 -48.77 7.37
C VAL A 1040 61.53 -48.19 8.02
N ASP A 1041 60.65 -49.09 8.47
CA ASP A 1041 59.41 -48.71 9.14
C ASP A 1041 58.51 -47.86 8.24
N PHE A 1042 58.52 -48.17 6.94
CA PHE A 1042 57.69 -47.47 5.97
C PHE A 1042 56.51 -48.31 5.49
N CYS A 1043 56.73 -49.58 5.19
CA CYS A 1043 55.68 -50.48 4.75
C CYS A 1043 55.01 -51.23 5.90
N GLY A 1044 55.24 -50.78 7.14
CA GLY A 1044 54.67 -51.45 8.29
C GLY A 1044 55.64 -51.57 9.44
N LYS A 1045 55.17 -52.07 10.58
CA LYS A 1045 56.00 -52.23 11.77
C LYS A 1045 56.90 -53.44 11.58
N GLY A 1046 58.19 -53.21 11.42
CA GLY A 1046 59.17 -54.27 11.22
C GLY A 1046 59.93 -54.09 9.92
N TYR A 1047 60.92 -54.98 9.74
CA TYR A 1047 61.75 -54.96 8.54
C TYR A 1047 60.95 -55.50 7.36
N HIS A 1048 60.71 -54.66 6.36
CA HIS A 1048 59.92 -55.04 5.21
C HIS A 1048 60.76 -55.85 4.23
N LEU A 1049 60.18 -56.95 3.73
CA LEU A 1049 60.82 -57.79 2.72
C LEU A 1049 60.10 -57.70 1.38
N MET A 1050 58.79 -57.95 1.37
CA MET A 1050 57.99 -57.85 0.15
C MET A 1050 56.54 -57.64 0.55
N SER A 1051 55.68 -57.48 -0.44
CA SER A 1051 54.27 -57.24 -0.21
C SER A 1051 53.44 -58.03 -1.22
N PHE A 1052 52.15 -58.16 -0.93
CA PHE A 1052 51.22 -58.87 -1.79
C PHE A 1052 49.93 -58.06 -1.89
N PRO A 1053 49.83 -57.19 -2.89
CA PRO A 1053 48.62 -56.35 -3.01
C PRO A 1053 47.45 -57.13 -3.58
N GLN A 1054 46.27 -56.87 -3.04
CA GLN A 1054 45.03 -57.47 -3.48
C GLN A 1054 44.05 -56.37 -3.89
N SER A 1055 42.92 -56.79 -4.46
CA SER A 1055 41.89 -55.86 -4.88
C SER A 1055 40.91 -55.59 -3.75
N ALA A 1056 40.39 -54.37 -3.73
CA ALA A 1056 39.42 -53.94 -2.73
C ALA A 1056 38.42 -52.99 -3.37
N PRO A 1057 37.16 -53.03 -2.95
CA PRO A 1057 36.16 -52.12 -3.50
C PRO A 1057 36.44 -50.68 -3.09
N HIS A 1058 36.69 -49.82 -4.07
CA HIS A 1058 37.00 -48.42 -3.85
C HIS A 1058 38.23 -48.25 -2.96
N GLY A 1059 39.25 -49.05 -3.22
CA GLY A 1059 40.48 -48.98 -2.45
C GLY A 1059 41.44 -50.08 -2.87
N VAL A 1060 42.47 -50.25 -2.05
CA VAL A 1060 43.49 -51.27 -2.29
C VAL A 1060 44.07 -51.67 -0.95
N VAL A 1061 44.43 -52.95 -0.83
CA VAL A 1061 45.00 -53.50 0.39
C VAL A 1061 46.40 -54.02 0.07
N PHE A 1062 47.23 -54.08 1.11
CA PHE A 1062 48.61 -54.54 0.99
C PHE A 1062 48.91 -55.54 2.10
N LEU A 1063 49.44 -56.69 1.72
CA LEU A 1063 49.83 -57.74 2.67
C LEU A 1063 51.35 -57.83 2.65
N HIS A 1064 51.99 -57.03 3.50
CA HIS A 1064 53.45 -56.99 3.55
C HIS A 1064 53.99 -58.21 4.31
N VAL A 1065 55.30 -58.41 4.18
CA VAL A 1065 56.00 -59.49 4.87
C VAL A 1065 57.02 -58.83 5.80
N THR A 1066 56.70 -58.76 7.09
CA THR A 1066 57.56 -58.11 8.06
C THR A 1066 58.55 -59.10 8.65
N TYR A 1067 59.58 -58.56 9.30
CA TYR A 1067 60.63 -59.35 9.93
C TYR A 1067 60.89 -58.79 11.33
N VAL A 1068 60.26 -59.39 12.33
CA VAL A 1068 60.39 -58.94 13.71
C VAL A 1068 61.02 -60.04 14.54
N PRO A 1069 61.87 -59.71 15.51
CA PRO A 1069 62.48 -60.74 16.36
C PRO A 1069 61.57 -61.14 17.50
N ALA A 1070 61.74 -62.39 17.95
CA ALA A 1070 60.96 -62.94 19.05
C ALA A 1070 61.83 -63.24 20.26
N GLN A 1071 62.88 -64.05 20.09
CA GLN A 1071 63.75 -64.43 21.19
C GLN A 1071 65.11 -63.77 21.03
N GLU A 1072 65.73 -63.41 22.15
CA GLU A 1072 67.03 -62.75 22.14
C GLU A 1072 67.75 -63.06 23.45
N LYS A 1073 69.08 -62.97 23.40
CA LYS A 1073 69.93 -63.19 24.56
C LYS A 1073 70.95 -62.08 24.67
N ASN A 1074 71.46 -61.90 25.88
CA ASN A 1074 72.44 -60.86 26.18
C ASN A 1074 73.84 -61.45 26.12
N PHE A 1075 74.74 -60.75 25.43
CA PHE A 1075 76.12 -61.20 25.28
C PHE A 1075 77.06 -60.02 25.50
N THR A 1076 78.28 -60.32 25.94
CA THR A 1076 79.28 -59.29 26.15
C THR A 1076 79.96 -58.97 24.81
N THR A 1077 79.94 -57.70 24.45
CA THR A 1077 80.48 -57.23 23.17
C THR A 1077 81.80 -56.50 23.37
N ALA A 1078 82.52 -56.32 22.27
CA ALA A 1078 83.79 -55.63 22.26
C ALA A 1078 83.91 -54.80 20.99
N PRO A 1079 84.40 -53.55 21.10
CA PRO A 1079 84.44 -52.68 19.90
C PRO A 1079 85.60 -53.01 18.97
N ALA A 1080 86.71 -53.46 19.52
CA ALA A 1080 87.92 -53.72 18.73
C ALA A 1080 88.69 -54.87 19.36
N ILE A 1081 89.72 -55.34 18.64
CA ILE A 1081 90.57 -56.41 19.10
C ILE A 1081 92.03 -56.00 18.88
N CYS A 1082 92.81 -55.98 19.96
CA CYS A 1082 94.26 -55.82 19.90
C CYS A 1082 94.89 -57.19 20.04
N HIS A 1083 95.57 -57.66 18.98
CA HIS A 1083 96.20 -58.96 18.96
C HIS A 1083 97.71 -58.88 19.15
N ASP A 1084 98.38 -58.02 18.37
CA ASP A 1084 99.83 -57.84 18.47
C ASP A 1084 100.21 -56.37 18.49
N GLY A 1085 99.25 -55.46 18.56
CA GLY A 1085 99.52 -54.04 18.59
C GLY A 1085 98.63 -53.26 17.64
N LYS A 1086 97.83 -53.97 16.86
CA LYS A 1086 96.91 -53.36 15.90
C LYS A 1086 95.48 -53.69 16.28
N ALA A 1087 94.58 -52.76 15.98
CA ALA A 1087 93.16 -52.92 16.29
C ALA A 1087 92.44 -53.56 15.11
N HIS A 1088 91.59 -54.54 15.40
CA HIS A 1088 90.80 -55.23 14.40
C HIS A 1088 89.35 -54.75 14.49
N PHE A 1089 88.81 -54.26 13.38
CA PHE A 1089 87.45 -53.76 13.33
C PHE A 1089 86.61 -54.60 12.37
N PRO A 1090 85.37 -54.91 12.73
CA PRO A 1090 84.52 -55.72 11.85
C PRO A 1090 83.97 -54.88 10.70
N ARG A 1091 83.38 -55.58 9.73
CA ARG A 1091 82.81 -54.97 8.55
C ARG A 1091 81.29 -54.96 8.54
N GLU A 1092 80.66 -56.09 8.88
CA GLU A 1092 79.20 -56.18 8.85
C GLU A 1092 78.65 -56.63 10.20
N GLY A 1093 79.40 -57.48 10.90
CA GLY A 1093 78.97 -58.03 12.17
C GLY A 1093 79.59 -57.31 13.36
N VAL A 1094 79.48 -57.94 14.52
CA VAL A 1094 80.02 -57.39 15.76
C VAL A 1094 80.53 -58.55 16.61
N PHE A 1095 81.60 -58.30 17.37
CA PHE A 1095 82.19 -59.34 18.19
C PHE A 1095 81.33 -59.58 19.42
N VAL A 1096 80.95 -60.84 19.65
CA VAL A 1096 80.14 -61.22 20.79
C VAL A 1096 80.89 -62.27 21.60
N SER A 1097 80.43 -62.48 22.83
CA SER A 1097 81.04 -63.43 23.74
C SER A 1097 80.01 -63.84 24.78
N ASN A 1098 79.93 -65.13 25.07
CA ASN A 1098 78.97 -65.66 26.03
C ASN A 1098 79.60 -66.04 27.36
N GLY A 1099 80.86 -65.66 27.58
CA GLY A 1099 81.49 -65.85 28.88
C GLY A 1099 82.92 -66.36 28.83
N THR A 1100 83.22 -67.23 27.87
CA THR A 1100 84.59 -67.72 27.70
C THR A 1100 85.07 -67.75 26.26
N HIS A 1101 84.19 -67.76 25.27
CA HIS A 1101 84.56 -67.82 23.86
C HIS A 1101 84.39 -66.45 23.23
N TRP A 1102 84.70 -66.38 21.93
CA TRP A 1102 84.58 -65.12 21.19
C TRP A 1102 84.18 -65.44 19.76
N PHE A 1103 83.01 -64.95 19.34
CA PHE A 1103 82.50 -65.14 17.99
C PHE A 1103 82.10 -63.78 17.42
N VAL A 1104 81.64 -63.79 16.18
CA VAL A 1104 81.18 -62.59 15.49
C VAL A 1104 79.84 -62.89 14.82
N THR A 1105 78.88 -62.00 15.00
CA THR A 1105 77.56 -62.14 14.41
C THR A 1105 77.01 -60.76 14.07
N GLN A 1106 76.01 -60.75 13.20
CA GLN A 1106 75.38 -59.50 12.80
C GLN A 1106 74.38 -59.04 13.86
N ARG A 1107 73.86 -57.83 13.67
CA ARG A 1107 72.92 -57.21 14.60
C ARG A 1107 71.47 -57.59 14.32
N ASN A 1108 71.23 -58.53 13.39
CA ASN A 1108 69.88 -58.95 13.06
C ASN A 1108 69.62 -60.42 13.30
N PHE A 1109 70.64 -61.27 13.35
CA PHE A 1109 70.46 -62.69 13.58
C PHE A 1109 71.72 -63.25 14.24
N TYR A 1110 71.53 -64.24 15.09
CA TYR A 1110 72.63 -64.87 15.83
C TYR A 1110 73.25 -65.95 14.96
N GLU A 1111 74.43 -65.68 14.41
CA GLU A 1111 75.18 -66.64 13.62
C GLU A 1111 76.62 -66.67 14.13
N PRO A 1112 76.98 -67.63 14.97
CA PRO A 1112 78.34 -67.67 15.52
C PRO A 1112 79.35 -68.10 14.46
N GLN A 1113 80.41 -67.31 14.32
CA GLN A 1113 81.47 -67.61 13.37
C GLN A 1113 82.82 -67.38 14.04
N ILE A 1114 83.83 -68.05 13.50
CA ILE A 1114 85.19 -67.93 14.03
C ILE A 1114 85.81 -66.63 13.53
N ILE A 1115 86.55 -65.96 14.42
CA ILE A 1115 87.20 -64.70 14.07
C ILE A 1115 88.29 -65.00 13.05
N THR A 1116 88.09 -64.56 11.82
CA THR A 1116 89.01 -64.81 10.71
C THR A 1116 89.54 -63.49 10.17
N THR A 1117 90.27 -63.56 9.07
CA THR A 1117 90.84 -62.38 8.44
C THR A 1117 89.93 -61.78 7.37
N ASP A 1118 89.10 -62.60 6.72
CA ASP A 1118 88.27 -62.13 5.62
C ASP A 1118 87.17 -61.19 6.07
N ASN A 1119 86.80 -61.21 7.36
CA ASN A 1119 85.72 -60.37 7.86
C ASN A 1119 86.23 -59.19 8.70
N THR A 1120 87.53 -59.10 8.95
CA THR A 1120 88.11 -58.02 9.74
C THR A 1120 89.19 -57.31 8.96
N PHE A 1121 89.60 -56.15 9.49
CA PHE A 1121 90.68 -55.38 8.88
C PHE A 1121 91.38 -54.58 9.98
N VAL A 1122 92.57 -54.08 9.65
CA VAL A 1122 93.40 -53.38 10.61
C VAL A 1122 93.55 -51.92 10.17
N SER A 1123 93.80 -51.04 11.14
CA SER A 1123 93.99 -49.63 10.86
C SER A 1123 94.68 -49.00 12.06
N GLY A 1124 95.93 -48.55 11.88
CA GLY A 1124 96.63 -47.92 12.96
C GLY A 1124 97.01 -48.91 14.05
N ASN A 1125 96.95 -48.45 15.29
CA ASN A 1125 97.24 -49.27 16.46
C ASN A 1125 95.98 -49.45 17.30
N CYS A 1126 96.09 -50.32 18.29
CA CYS A 1126 94.94 -50.60 19.16
C CYS A 1126 94.80 -49.57 20.26
N ASP A 1127 95.89 -48.87 20.62
CA ASP A 1127 95.83 -47.82 21.62
C ASP A 1127 95.13 -46.58 21.08
N VAL A 1128 93.89 -46.81 20.62
CA VAL A 1128 93.02 -45.73 20.16
C VAL A 1128 91.65 -45.76 20.82
N VAL A 1129 91.22 -46.91 21.34
CA VAL A 1129 89.90 -47.06 21.96
C VAL A 1129 90.07 -46.97 23.47
N ILE A 1130 89.13 -46.27 24.13
CA ILE A 1130 89.21 -46.12 25.58
C ILE A 1130 88.99 -47.46 26.27
N GLY A 1131 88.20 -48.35 25.68
CA GLY A 1131 87.98 -49.66 26.25
C GLY A 1131 88.21 -50.78 25.25
N ILE A 1132 89.20 -51.64 25.52
CA ILE A 1132 89.57 -52.72 24.63
C ILE A 1132 89.98 -53.94 25.45
N VAL A 1133 89.92 -55.10 24.81
CA VAL A 1133 90.31 -56.36 25.43
C VAL A 1133 91.29 -57.07 24.51
N ASN A 1134 91.88 -58.15 25.01
CA ASN A 1134 92.84 -58.95 24.26
C ASN A 1134 92.15 -60.18 23.71
N ASN A 1135 92.32 -60.44 22.41
CA ASN A 1135 91.72 -61.58 21.76
C ASN A 1135 92.62 -62.04 20.63
N THR A 1136 92.64 -63.36 20.41
CA THR A 1136 93.49 -63.95 19.40
C THR A 1136 92.74 -64.11 18.08
N VAL A 1137 93.50 -64.29 17.00
CA VAL A 1137 92.96 -64.46 15.66
C VAL A 1137 93.23 -65.89 15.20
N TYR A 1138 92.23 -66.49 14.57
CA TYR A 1138 92.39 -67.87 14.09
C TYR A 1138 93.42 -67.96 12.97
N ASP A 1139 93.58 -66.89 12.19
CA ASP A 1139 94.54 -66.82 11.09
C ASP A 1139 94.38 -68.00 10.13
N PRO A 1140 93.33 -68.01 9.31
CA PRO A 1140 93.10 -69.15 8.41
C PRO A 1140 94.03 -69.21 7.21
N LEU A 1141 95.11 -68.45 7.20
CA LEU A 1141 96.11 -68.50 6.15
C LEU A 1141 97.43 -69.13 6.59
N GLN A 1142 97.71 -69.15 7.90
CA GLN A 1142 98.99 -69.67 8.36
C GLN A 1142 99.11 -71.18 8.21
N PRO A 1143 98.14 -72.00 8.62
CA PRO A 1143 98.31 -73.47 8.51
C PRO A 1143 98.23 -74.00 7.09
N GLU A 1144 97.93 -73.15 6.10
CA GLU A 1144 97.84 -73.60 4.72
C GLU A 1144 99.16 -73.52 3.96
N LEU A 1145 100.08 -72.66 4.39
CA LEU A 1145 101.37 -72.53 3.74
C LEU A 1145 102.40 -73.53 4.23
N ASP A 1146 102.08 -74.31 5.26
CA ASP A 1146 103.01 -75.31 5.78
C ASP A 1146 103.08 -76.52 4.85
N GLN B 14 25.48 44.93 29.55
CA GLN B 14 25.90 46.01 28.67
C GLN B 14 27.37 45.88 28.29
N CYS B 15 27.73 46.46 27.15
CA CYS B 15 29.10 46.42 26.66
C CYS B 15 29.48 47.76 26.06
N VAL B 16 30.78 48.01 25.98
CA VAL B 16 31.31 49.23 25.39
C VAL B 16 32.20 48.85 24.21
N ASN B 17 32.53 49.85 23.41
CA ASN B 17 33.39 49.68 22.24
C ASN B 17 34.84 49.98 22.59
N LEU B 18 35.74 49.44 21.78
CA LEU B 18 37.17 49.63 21.97
C LEU B 18 37.69 50.71 21.02
N THR B 19 38.97 51.03 21.19
CA THR B 19 39.66 51.99 20.35
C THR B 19 40.72 51.27 19.51
N THR B 20 40.87 51.70 18.27
CA THR B 20 41.83 51.08 17.38
C THR B 20 43.26 51.34 17.88
N ARG B 21 44.09 50.30 17.83
CA ARG B 21 45.45 50.38 18.33
C ARG B 21 46.32 49.40 17.56
N THR B 22 47.61 49.40 17.87
CA THR B 22 48.55 48.50 17.25
C THR B 22 48.48 47.13 17.92
N GLN B 23 48.16 46.10 17.16
CA GLN B 23 48.05 44.74 17.65
C GLN B 23 49.15 43.87 17.05
N LEU B 24 49.14 42.59 17.39
CA LEU B 24 50.11 41.63 16.89
C LEU B 24 49.42 40.55 16.08
N PRO B 25 49.98 40.18 14.94
CA PRO B 25 49.35 39.13 14.11
C PRO B 25 49.58 37.76 14.71
N PRO B 26 48.65 36.83 14.51
CA PRO B 26 48.81 35.47 15.05
C PRO B 26 49.85 34.69 14.27
N ALA B 27 50.52 33.78 14.97
CA ALA B 27 51.56 32.94 14.39
C ALA B 27 51.04 31.52 14.23
N TYR B 28 51.83 30.70 13.53
CA TYR B 28 51.51 29.31 13.26
C TYR B 28 52.60 28.43 13.87
N THR B 29 52.21 27.54 14.77
CA THR B 29 53.12 26.62 15.43
C THR B 29 52.74 25.19 15.07
N ASN B 30 53.47 24.24 15.66
CA ASN B 30 53.27 22.81 15.40
C ASN B 30 52.90 22.11 16.70
N SER B 31 52.01 21.13 16.59
CA SER B 31 51.59 20.32 17.73
C SER B 31 52.44 19.06 17.82
N PHE B 32 52.53 18.52 19.04
CA PHE B 32 53.34 17.32 19.31
C PHE B 32 52.53 16.39 20.21
N THR B 33 51.81 15.45 19.58
CA THR B 33 51.03 14.42 20.27
C THR B 33 50.04 15.06 21.24
N ARG B 34 49.12 15.85 20.69
CA ARG B 34 48.09 16.51 21.46
C ARG B 34 46.73 16.26 20.83
N GLY B 35 45.70 16.23 21.67
CA GLY B 35 44.34 16.04 21.19
C GLY B 35 43.87 14.60 21.24
N VAL B 36 44.18 13.89 22.32
CA VAL B 36 43.76 12.51 22.52
C VAL B 36 42.86 12.46 23.74
N TYR B 37 41.67 11.90 23.57
CA TYR B 37 40.70 11.77 24.66
C TYR B 37 40.10 10.37 24.61
N TYR B 38 39.19 10.10 25.54
CA TYR B 38 38.52 8.81 25.60
C TYR B 38 37.39 8.77 24.58
N PRO B 39 37.43 7.86 23.60
CA PRO B 39 36.41 7.84 22.56
C PRO B 39 35.11 7.15 22.97
N ASP B 40 35.05 6.56 24.17
CA ASP B 40 33.87 5.84 24.61
C ASP B 40 33.82 5.85 26.13
N LYS B 41 32.76 5.26 26.68
CA LYS B 41 32.55 5.20 28.13
C LYS B 41 32.62 3.78 28.65
N VAL B 42 33.44 2.93 28.03
CA VAL B 42 33.64 1.56 28.46
C VAL B 42 35.10 1.37 28.82
N PHE B 43 35.39 0.26 29.48
CA PHE B 43 36.73 -0.05 29.94
C PHE B 43 37.44 -0.99 28.96
N ARG B 44 38.70 -0.70 28.69
CA ARG B 44 39.53 -1.51 27.81
C ARG B 44 40.89 -1.71 28.46
N SER B 45 41.41 -2.93 28.38
CA SER B 45 42.68 -3.25 29.00
C SER B 45 43.41 -4.30 28.16
N SER B 46 44.68 -4.03 27.84
CA SER B 46 45.53 -4.95 27.10
C SER B 46 44.93 -5.31 25.74
N VAL B 47 44.33 -4.33 25.08
CA VAL B 47 43.73 -4.52 23.76
C VAL B 47 44.07 -3.33 22.88
N LEU B 48 44.28 -3.59 21.60
CA LEU B 48 44.62 -2.57 20.61
C LEU B 48 43.42 -2.44 19.67
N HIS B 49 42.50 -1.55 20.02
CA HIS B 49 41.26 -1.34 19.27
C HIS B 49 41.26 0.04 18.62
N SER B 50 40.72 0.12 17.42
CA SER B 50 40.63 1.36 16.67
C SER B 50 39.17 1.77 16.47
N THR B 51 38.93 3.08 16.48
CA THR B 51 37.60 3.62 16.29
C THR B 51 37.67 4.82 15.35
N GLN B 52 36.51 5.26 14.88
CA GLN B 52 36.39 6.37 13.95
C GLN B 52 35.69 7.52 14.66
N ASP B 53 36.47 8.45 15.21
CA ASP B 53 35.94 9.61 15.91
C ASP B 53 36.73 10.84 15.49
N LEU B 54 36.32 12.00 16.01
CA LEU B 54 36.92 13.28 15.67
C LEU B 54 38.13 13.51 16.57
N PHE B 55 39.33 13.36 16.01
CA PHE B 55 40.57 13.56 16.73
C PHE B 55 41.44 14.57 15.99
N LEU B 56 42.60 14.89 16.59
CA LEU B 56 43.51 15.86 16.00
C LEU B 56 44.69 15.15 15.35
N PRO B 57 44.98 15.43 14.08
CA PRO B 57 46.14 14.80 13.45
C PRO B 57 47.44 15.35 14.01
N PHE B 58 48.40 14.45 14.22
CA PHE B 58 49.68 14.83 14.78
C PHE B 58 50.54 15.55 13.74
N PHE B 59 51.43 16.41 14.21
CA PHE B 59 52.36 17.17 13.37
C PHE B 59 51.62 17.99 12.32
N SER B 60 50.51 18.59 12.73
CA SER B 60 49.68 19.40 11.86
C SER B 60 49.87 20.88 12.17
N ASN B 61 49.45 21.72 11.23
CA ASN B 61 49.56 23.17 11.40
C ASN B 61 48.40 23.67 12.26
N VAL B 62 48.72 24.28 13.40
CA VAL B 62 47.73 24.79 14.33
C VAL B 62 47.99 26.28 14.53
N THR B 63 46.92 27.01 14.84
CA THR B 63 47.04 28.45 15.05
C THR B 63 47.52 28.75 16.47
N TRP B 64 48.04 29.96 16.65
CA TRP B 64 48.57 30.40 17.93
C TRP B 64 48.17 31.84 18.16
N PHE B 65 47.52 32.11 19.29
CA PHE B 65 47.09 33.44 19.66
C PHE B 65 47.69 33.81 21.02
N HIS B 66 48.18 35.03 21.13
CA HIS B 66 48.82 35.51 22.35
C HIS B 66 47.85 36.32 23.20
N ALA B 67 48.17 36.40 24.49
CA ALA B 67 47.37 37.18 25.42
C ALA B 67 48.21 37.99 26.39
N ILE B 68 49.52 38.10 26.16
CA ILE B 68 50.39 38.85 27.06
C ILE B 68 50.24 40.35 26.81
N HIS B 69 50.59 41.14 27.82
CA HIS B 69 50.51 42.60 27.72
C HIS B 69 51.80 43.19 27.13
N VAL B 70 52.93 42.91 27.76
CA VAL B 70 54.21 43.42 27.28
C VAL B 70 54.90 42.38 26.40
N THR B 76 52.94 45.55 21.88
CA THR B 76 52.31 45.49 23.20
C THR B 76 50.80 45.61 23.10
N LYS B 77 50.11 45.38 24.22
CA LYS B 77 48.65 45.45 24.29
C LYS B 77 48.01 44.48 23.30
N ARG B 78 48.29 43.20 23.50
CA ARG B 78 47.77 42.14 22.64
C ARG B 78 46.42 41.68 23.18
N PHE B 79 45.36 41.91 22.41
CA PHE B 79 44.01 41.49 22.79
C PHE B 79 43.25 41.17 21.50
N ASP B 80 43.22 39.89 21.14
CA ASP B 80 42.53 39.43 19.93
C ASP B 80 41.56 38.33 20.32
N ASN B 81 40.28 38.53 20.03
CA ASN B 81 39.24 37.54 20.28
C ASN B 81 38.28 37.52 19.09
N PRO B 82 38.66 36.84 18.01
CA PRO B 82 37.81 36.83 16.81
C PRO B 82 36.71 35.78 16.92
N VAL B 83 35.75 35.89 16.01
CA VAL B 83 34.62 34.97 15.96
C VAL B 83 35.00 33.86 15.00
N LEU B 84 35.53 32.76 15.55
CA LEU B 84 35.97 31.64 14.73
C LEU B 84 34.81 30.67 14.49
N PRO B 85 34.74 30.07 13.30
CA PRO B 85 33.65 29.12 13.02
C PRO B 85 33.85 27.82 13.78
N PHE B 86 32.79 27.34 14.41
CA PHE B 86 32.82 26.11 15.18
C PHE B 86 32.54 24.93 14.25
N ASN B 87 33.51 24.02 14.14
CA ASN B 87 33.39 22.85 13.31
C ASN B 87 33.01 21.64 14.16
N ASP B 88 32.99 20.45 13.55
CA ASP B 88 32.64 19.23 14.24
C ASP B 88 33.84 18.80 15.10
N GLY B 89 33.85 19.28 16.34
CA GLY B 89 34.93 18.96 17.26
C GLY B 89 36.09 19.93 17.18
N VAL B 90 36.43 20.55 18.31
CA VAL B 90 37.54 21.49 18.39
C VAL B 90 38.49 21.03 19.48
N TYR B 91 39.68 21.63 19.49
CA TYR B 91 40.72 21.35 20.48
C TYR B 91 41.22 22.67 21.02
N PHE B 92 40.90 22.98 22.28
CA PHE B 92 41.27 24.22 22.92
C PHE B 92 42.23 23.90 24.07
N ALA B 93 43.53 24.05 23.82
CA ALA B 93 44.56 23.80 24.82
C ALA B 93 45.12 25.14 25.30
N SER B 94 45.23 25.28 26.62
CA SER B 94 45.72 26.52 27.22
C SER B 94 46.67 26.19 28.36
N THR B 95 47.88 26.74 28.30
CA THR B 95 48.85 26.60 29.38
C THR B 95 48.58 27.67 30.44
N GLU B 96 47.47 27.48 31.15
CA GLU B 96 46.98 28.48 32.08
C GLU B 96 47.86 28.51 33.34
N LYS B 97 48.14 29.73 33.81
CA LYS B 97 48.93 29.93 35.02
C LYS B 97 48.14 30.64 36.11
N SER B 98 47.52 31.79 35.80
CA SER B 98 46.84 32.60 36.79
C SER B 98 45.33 32.70 36.53
N ASN B 99 44.78 31.81 35.69
CA ASN B 99 43.35 31.75 35.42
C ASN B 99 42.82 33.06 34.83
N ILE B 100 43.30 33.36 33.63
CA ILE B 100 42.85 34.57 32.92
C ILE B 100 41.57 34.31 32.13
N ILE B 101 41.55 33.24 31.32
CA ILE B 101 40.38 32.92 30.53
C ILE B 101 39.29 32.37 31.44
N ARG B 102 38.12 33.02 31.42
CA ARG B 102 37.02 32.65 32.32
C ARG B 102 36.10 31.62 31.69
N GLY B 103 35.50 31.95 30.55
CA GLY B 103 34.54 31.06 29.92
C GLY B 103 34.48 31.15 28.41
N TRP B 104 33.50 30.47 27.82
CA TRP B 104 33.34 30.45 26.37
C TRP B 104 31.88 30.64 26.01
N ILE B 105 31.63 31.20 24.84
CA ILE B 105 30.28 31.42 24.34
C ILE B 105 30.13 30.66 23.02
N PHE B 106 28.87 30.39 22.67
CA PHE B 106 28.54 29.69 21.44
C PHE B 106 27.31 30.33 20.81
N GLY B 107 27.13 30.07 19.52
CA GLY B 107 26.00 30.62 18.80
C GLY B 107 26.23 30.58 17.31
N THR B 108 25.26 31.11 16.57
CA THR B 108 25.31 31.17 15.13
C THR B 108 25.46 32.60 14.62
N THR B 109 24.56 33.51 15.04
CA THR B 109 24.61 34.90 14.62
C THR B 109 24.81 35.88 15.78
N LEU B 110 24.52 35.48 17.01
CA LEU B 110 24.73 36.30 18.20
C LEU B 110 23.97 37.62 18.12
N ASP B 111 22.65 37.49 17.91
CA ASP B 111 21.77 38.65 17.89
C ASP B 111 20.45 38.35 18.62
N SER B 112 20.49 37.46 19.62
CA SER B 112 19.31 37.03 20.36
C SER B 112 18.26 36.43 19.41
N LYS B 113 18.72 35.54 18.54
CA LYS B 113 17.85 34.85 17.59
C LYS B 113 17.90 33.34 17.71
N THR B 114 19.04 32.77 18.09
CA THR B 114 19.19 31.34 18.29
C THR B 114 19.40 31.04 19.76
N GLN B 115 19.65 29.77 20.07
CA GLN B 115 19.89 29.32 21.44
C GLN B 115 21.38 29.37 21.71
N SER B 116 21.86 30.52 22.19
CA SER B 116 23.27 30.69 22.49
C SER B 116 23.63 29.95 23.78
N LEU B 117 24.92 29.67 23.93
CA LEU B 117 25.45 28.99 25.10
C LEU B 117 26.34 29.93 25.89
N LEU B 118 26.41 29.70 27.19
CA LEU B 118 27.25 30.50 28.10
C LEU B 118 27.80 29.58 29.18
N ILE B 119 29.02 29.09 28.96
CA ILE B 119 29.69 28.25 29.95
C ILE B 119 30.84 29.05 30.55
N VAL B 120 30.58 29.73 31.66
CA VAL B 120 31.56 30.59 32.30
C VAL B 120 31.99 29.95 33.62
N ASN B 121 33.22 30.26 34.04
CA ASN B 121 33.80 29.76 35.28
C ASN B 121 34.14 30.97 36.15
N ASN B 122 33.20 31.36 37.01
CA ASN B 122 33.38 32.51 37.88
C ASN B 122 34.11 32.08 39.15
N ALA B 123 34.24 33.00 40.11
CA ALA B 123 34.92 32.72 41.37
C ALA B 123 34.01 32.04 42.40
N THR B 124 32.74 31.84 42.08
CA THR B 124 31.79 31.20 43.01
C THR B 124 31.36 29.84 42.51
N ASN B 125 30.85 29.74 41.29
CA ASN B 125 30.39 28.47 40.74
C ASN B 125 30.40 28.54 39.23
N VAL B 126 30.36 27.37 38.60
CA VAL B 126 30.31 27.27 37.15
C VAL B 126 28.87 27.39 36.69
N VAL B 127 28.62 28.30 35.76
CA VAL B 127 27.28 28.59 35.25
C VAL B 127 27.21 28.13 33.79
N ILE B 128 26.38 27.13 33.53
CA ILE B 128 26.13 26.64 32.18
C ILE B 128 24.68 26.97 31.87
N LYS B 129 24.47 28.09 31.16
CA LYS B 129 23.13 28.61 30.89
C LYS B 129 22.96 28.75 29.38
N VAL B 130 22.16 27.87 28.79
CA VAL B 130 21.85 27.90 27.37
C VAL B 130 20.55 28.69 27.21
N CYS B 131 20.68 29.94 26.79
CA CYS B 131 19.54 30.86 26.73
C CYS B 131 19.77 31.80 25.54
N GLU B 132 19.04 32.92 25.53
CA GLU B 132 19.05 33.84 24.39
C GLU B 132 19.62 35.19 24.78
N PHE B 133 20.76 35.17 25.49
CA PHE B 133 21.40 36.40 25.94
C PHE B 133 21.78 37.29 24.76
N GLN B 134 21.89 38.59 25.03
CA GLN B 134 22.27 39.58 24.03
C GLN B 134 23.78 39.71 24.03
N PHE B 135 24.45 38.94 23.17
CA PHE B 135 25.90 38.97 23.08
C PHE B 135 26.35 40.18 22.28
N CYS B 136 27.29 40.94 22.83
CA CYS B 136 27.78 42.16 22.22
C CYS B 136 28.93 41.83 21.26
N ASN B 137 29.60 42.86 20.77
CA ASN B 137 30.70 42.65 19.83
C ASN B 137 31.90 42.00 20.50
N ASP B 138 32.16 42.32 21.76
CA ASP B 138 33.31 41.78 22.48
C ASP B 138 33.02 41.75 23.98
N PRO B 139 32.43 40.66 24.47
CA PRO B 139 32.20 40.54 25.92
C PRO B 139 33.47 40.10 26.63
N PHE B 140 33.81 40.81 27.71
CA PHE B 140 35.02 40.53 28.47
C PHE B 140 34.76 40.77 29.94
N LEU B 141 35.49 40.04 30.78
CA LEU B 141 35.38 40.18 32.23
C LEU B 141 36.33 41.26 32.73
N GLY B 142 35.94 41.89 33.83
CA GLY B 142 36.73 42.97 34.40
C GLY B 142 37.08 42.75 35.86
N VAL B 143 38.36 42.82 36.19
CA VAL B 143 38.85 42.65 37.55
C VAL B 143 39.43 43.98 38.02
N TYR B 144 38.82 44.55 39.06
CA TYR B 144 39.26 45.82 39.62
C TYR B 144 40.02 45.57 40.93
N TYR B 145 41.07 46.34 41.13
CA TYR B 145 41.91 46.24 42.33
C TYR B 145 41.49 47.31 43.33
N HIS B 146 41.12 46.87 44.53
CA HIS B 146 40.70 47.80 45.56
C HIS B 146 41.90 48.42 46.26
N LYS B 147 41.69 49.60 46.83
CA LYS B 147 42.77 50.31 47.53
C LYS B 147 42.91 49.82 48.96
N ASN B 148 41.81 49.75 49.70
CA ASN B 148 41.86 49.32 51.09
C ASN B 148 42.01 47.81 51.22
N ASN B 149 41.59 47.05 50.22
CA ASN B 149 41.67 45.60 50.23
C ASN B 149 42.73 45.16 49.23
N LYS B 150 43.73 44.43 49.71
CA LYS B 150 44.83 43.95 48.86
C LYS B 150 44.45 42.59 48.25
N SER B 151 43.44 42.64 47.39
CA SER B 151 42.95 41.44 46.71
C SER B 151 42.28 41.85 45.41
N TRP B 152 42.39 40.99 44.41
CA TRP B 152 41.80 41.23 43.10
C TRP B 152 40.38 40.68 43.09
N MET B 153 39.40 41.56 42.92
CA MET B 153 37.99 41.18 42.90
C MET B 153 37.37 41.55 41.57
N GLU B 154 36.46 40.70 41.09
CA GLU B 154 35.77 40.94 39.84
C GLU B 154 34.55 41.83 40.07
N SER B 155 34.48 42.95 39.36
CA SER B 155 33.37 43.88 39.52
C SER B 155 32.67 44.19 38.19
N GLU B 156 33.41 44.25 37.09
CA GLU B 156 32.83 44.55 35.78
C GLU B 156 32.34 43.25 35.16
N PHE B 157 31.05 42.98 35.34
CA PHE B 157 30.42 41.77 34.79
C PHE B 157 29.70 42.15 33.51
N ARG B 158 30.46 42.24 32.43
CA ARG B 158 29.95 42.64 31.11
C ARG B 158 30.06 41.45 30.17
N VAL B 159 29.05 40.59 30.18
CA VAL B 159 28.96 39.45 29.29
C VAL B 159 27.75 39.52 28.37
N TYR B 160 26.62 39.99 28.87
CA TYR B 160 25.41 40.12 28.08
C TYR B 160 24.58 41.28 28.63
N SER B 161 23.54 41.64 27.87
CA SER B 161 22.66 42.75 28.23
C SER B 161 21.42 42.27 29.00
N SER B 162 20.63 41.40 28.40
CA SER B 162 19.40 40.92 29.04
C SER B 162 19.01 39.59 28.39
N ALA B 163 17.92 39.00 28.89
CA ALA B 163 17.39 37.76 28.36
C ALA B 163 15.89 37.73 28.65
N ASN B 164 15.12 37.17 27.72
CA ASN B 164 13.66 37.18 27.82
C ASN B 164 13.10 35.87 28.36
N ASN B 165 13.40 34.75 27.69
CA ASN B 165 12.84 33.47 28.10
C ASN B 165 13.70 32.36 27.54
N CYS B 166 13.97 31.37 28.39
CA CYS B 166 14.69 30.16 27.98
C CYS B 166 14.25 29.01 28.87
N THR B 167 14.70 27.81 28.52
CA THR B 167 14.28 26.60 29.20
C THR B 167 15.40 25.92 29.97
N PHE B 168 16.56 25.75 29.36
CA PHE B 168 17.65 25.00 29.98
C PHE B 168 18.42 25.88 30.97
N GLU B 169 18.69 25.32 32.14
CA GLU B 169 19.49 26.00 33.15
C GLU B 169 20.12 24.94 34.04
N TYR B 170 21.46 24.91 34.09
CA TYR B 170 22.17 23.90 34.84
C TYR B 170 23.33 24.54 35.59
N VAL B 171 23.58 24.04 36.80
CA VAL B 171 24.67 24.51 37.66
C VAL B 171 25.63 23.36 37.88
N SER B 172 26.91 23.58 37.58
CA SER B 172 27.92 22.56 37.71
C SER B 172 28.53 22.61 39.11
N GLN B 173 29.61 21.86 39.33
CA GLN B 173 30.25 21.84 40.63
C GLN B 173 31.04 23.13 40.85
N PRO B 174 31.14 23.58 42.11
CA PRO B 174 31.92 24.80 42.39
C PRO B 174 33.41 24.57 42.18
N PHE B 175 34.09 25.59 41.66
CA PHE B 175 35.52 25.53 41.41
C PHE B 175 36.15 26.85 41.82
N LEU B 176 37.24 26.76 42.58
CA LEU B 176 37.94 27.95 43.05
C LEU B 176 38.96 28.40 42.01
N MET B 177 39.04 29.72 41.81
CA MET B 177 39.94 30.31 40.84
C MET B 177 40.74 31.43 41.49
N ASP B 178 41.92 31.70 40.94
CA ASP B 178 42.78 32.78 41.40
C ASP B 178 42.59 33.99 40.48
N LEU B 179 42.37 35.16 41.09
CA LEU B 179 42.13 36.38 40.33
C LEU B 179 43.36 37.25 40.18
N GLU B 180 44.48 36.89 40.80
CA GLU B 180 45.70 37.68 40.70
C GLU B 180 46.47 37.28 39.46
N GLY B 181 46.81 38.26 38.63
CA GLY B 181 47.55 38.03 37.39
C GLY B 181 48.98 38.50 37.52
N LYS B 182 49.90 37.65 37.08
CA LYS B 182 51.33 37.92 37.13
C LYS B 182 51.91 37.87 35.71
N GLN B 183 53.23 38.08 35.62
CA GLN B 183 53.93 38.05 34.35
C GLN B 183 55.02 36.99 34.31
N GLY B 184 54.93 35.98 35.17
CA GLY B 184 55.91 34.92 35.24
C GLY B 184 55.61 33.80 34.27
N ASN B 185 56.35 32.70 34.44
CA ASN B 185 56.18 31.53 33.59
C ASN B 185 54.97 30.72 34.03
N PHE B 186 54.42 29.96 33.07
CA PHE B 186 53.24 29.15 33.34
C PHE B 186 53.62 27.89 34.11
N LYS B 187 52.68 27.40 34.92
CA LYS B 187 52.90 26.23 35.74
C LYS B 187 51.90 25.10 35.51
N ASN B 188 50.80 25.37 34.81
CA ASN B 188 49.78 24.36 34.56
C ASN B 188 49.38 24.40 33.08
N LEU B 189 48.67 23.35 32.66
CA LEU B 189 48.19 23.23 31.28
C LEU B 189 46.79 22.65 31.30
N ARG B 190 45.86 23.33 30.63
CA ARG B 190 44.47 22.91 30.58
C ARG B 190 44.04 22.73 29.14
N GLU B 191 43.41 21.58 28.85
CA GLU B 191 42.92 21.26 27.52
C GLU B 191 41.41 21.09 27.55
N PHE B 192 40.73 21.64 26.55
CA PHE B 192 39.29 21.59 26.44
C PHE B 192 38.90 21.13 25.05
N VAL B 193 37.99 20.17 24.96
CA VAL B 193 37.51 19.63 23.70
C VAL B 193 35.99 19.73 23.70
N PHE B 194 35.44 20.46 22.72
CA PHE B 194 33.99 20.65 22.59
C PHE B 194 33.53 19.97 21.30
N LYS B 195 32.64 19.00 21.44
CA LYS B 195 32.10 18.25 20.32
C LYS B 195 30.58 18.37 20.30
N ASN B 196 30.00 18.08 19.13
CA ASN B 196 28.55 18.17 18.96
C ASN B 196 28.13 17.07 17.98
N ILE B 197 27.63 15.96 18.53
CA ILE B 197 27.13 14.84 17.74
C ILE B 197 25.70 14.56 18.16
N ASP B 198 24.79 14.55 17.18
CA ASP B 198 23.37 14.30 17.41
C ASP B 198 22.78 15.29 18.42
N GLY B 199 23.30 16.51 18.43
CA GLY B 199 22.83 17.54 19.34
C GLY B 199 23.38 17.45 20.74
N TYR B 200 24.17 16.45 21.06
CA TYR B 200 24.73 16.29 22.39
C TYR B 200 26.07 17.00 22.50
N PHE B 201 26.26 17.74 23.59
CA PHE B 201 27.48 18.48 23.84
C PHE B 201 28.42 17.69 24.74
N LYS B 202 29.69 17.65 24.37
CA LYS B 202 30.71 16.92 25.12
C LYS B 202 31.80 17.87 25.56
N ILE B 203 32.25 17.70 26.81
CA ILE B 203 33.30 18.52 27.40
C ILE B 203 34.37 17.59 27.96
N TYR B 204 35.58 17.71 27.42
CA TYR B 204 36.73 16.90 27.86
C TYR B 204 37.77 17.84 28.45
N SER B 205 38.00 17.72 29.76
CA SER B 205 38.92 18.61 30.45
C SER B 205 39.74 17.83 31.47
N LYS B 206 41.04 18.16 31.54
CA LYS B 206 41.92 17.57 32.53
C LYS B 206 43.11 18.50 32.72
N HIS B 207 43.46 18.78 33.97
CA HIS B 207 44.58 19.66 34.29
C HIS B 207 45.87 18.86 34.38
N THR B 208 46.93 19.40 33.80
CA THR B 208 48.23 18.75 33.80
C THR B 208 49.34 19.76 34.07
N PRO B 209 50.13 19.56 35.12
CA PRO B 209 51.22 20.50 35.42
C PRO B 209 52.38 20.36 34.45
N ILE B 210 52.90 21.50 34.01
CA ILE B 210 54.04 21.56 33.11
C ILE B 210 54.77 22.87 33.33
N ASN B 211 56.05 22.88 32.97
CA ASN B 211 56.91 24.06 33.11
C ASN B 211 57.45 24.42 31.73
N LEU B 212 56.68 25.21 30.99
CA LEU B 212 57.09 25.64 29.65
C LEU B 212 56.29 26.87 29.27
N VAL B 213 56.83 27.64 28.33
CA VAL B 213 56.17 28.84 27.84
C VAL B 213 55.53 28.58 26.49
N ARG B 214 56.29 28.04 25.53
CA ARG B 214 55.78 27.72 24.21
C ARG B 214 56.41 26.41 23.75
N ASP B 215 56.03 25.98 22.55
CA ASP B 215 56.55 24.76 21.91
C ASP B 215 56.30 23.55 22.81
N LEU B 216 55.00 23.25 22.97
CA LEU B 216 54.47 22.19 23.83
C LEU B 216 55.28 20.90 23.70
N PRO B 217 55.51 20.20 24.81
CA PRO B 217 56.35 18.99 24.79
C PRO B 217 55.64 17.84 24.09
N GLN B 218 56.37 16.73 23.96
CA GLN B 218 55.87 15.52 23.32
C GLN B 218 55.25 14.54 24.31
N GLY B 219 54.81 15.03 25.47
CA GLY B 219 54.21 14.15 26.47
C GLY B 219 52.84 13.68 26.05
N PHE B 220 52.33 12.69 26.80
CA PHE B 220 51.03 12.11 26.55
C PHE B 220 50.15 12.27 27.79
N SER B 221 48.89 12.66 27.55
CA SER B 221 47.93 12.84 28.64
C SER B 221 46.53 12.70 28.06
N ALA B 222 45.72 11.84 28.67
CA ALA B 222 44.36 11.62 28.21
C ALA B 222 43.45 12.73 28.71
N LEU B 223 42.21 12.72 28.22
CA LEU B 223 41.19 13.70 28.61
C LEU B 223 39.93 12.96 29.00
N GLU B 224 39.47 13.20 30.24
CA GLU B 224 38.27 12.52 30.70
C GLU B 224 37.08 13.47 30.70
N PRO B 225 35.91 13.01 30.27
CA PRO B 225 34.72 13.86 30.29
C PRO B 225 34.11 13.92 31.69
N LEU B 226 33.32 14.98 31.90
CA LEU B 226 32.68 15.22 33.19
C LEU B 226 31.17 15.09 33.14
N VAL B 227 30.50 15.80 32.24
CA VAL B 227 29.05 15.76 32.14
C VAL B 227 28.63 15.97 30.69
N ASP B 228 27.69 15.17 30.23
CA ASP B 228 27.13 15.31 28.88
C ASP B 228 25.91 16.22 28.93
N LEU B 229 25.84 17.16 27.99
CA LEU B 229 24.76 18.13 27.94
C LEU B 229 23.86 17.87 26.75
N PRO B 230 22.67 17.29 26.94
CA PRO B 230 21.74 17.06 25.81
C PRO B 230 20.94 18.31 25.45
N ILE B 231 21.58 19.21 24.71
CA ILE B 231 20.95 20.47 24.32
C ILE B 231 20.15 20.31 23.03
N GLY B 232 20.63 19.50 22.10
CA GLY B 232 19.88 19.22 20.88
C GLY B 232 19.77 20.38 19.91
N ILE B 233 20.83 21.17 19.76
CA ILE B 233 20.85 22.29 18.83
C ILE B 233 22.14 22.22 18.02
N ASN B 234 22.21 23.08 17.01
CA ASN B 234 23.36 23.14 16.11
C ASN B 234 24.21 24.35 16.45
N ILE B 235 25.53 24.14 16.49
CA ILE B 235 26.49 25.21 16.77
C ILE B 235 27.44 25.30 15.59
N THR B 236 27.59 26.52 15.05
CA THR B 236 28.46 26.75 13.91
C THR B 236 29.55 27.78 14.18
N ARG B 237 29.43 28.58 15.24
CA ARG B 237 30.43 29.58 15.58
C ARG B 237 30.71 29.53 17.07
N PHE B 238 31.90 29.96 17.46
CA PHE B 238 32.31 29.98 18.85
C PHE B 238 33.34 31.08 19.07
N GLN B 239 33.43 31.52 20.32
CA GLN B 239 34.33 32.62 20.67
C GLN B 239 34.69 32.51 22.15
N THR B 240 35.95 32.75 22.46
CA THR B 240 36.45 32.68 23.83
C THR B 240 36.37 34.05 24.50
N LEU B 241 36.38 34.03 25.83
CA LEU B 241 36.29 35.23 26.64
C LEU B 241 37.60 35.45 27.39
N LEU B 242 38.06 36.69 27.41
CA LEU B 242 39.28 37.07 28.11
C LEU B 242 38.97 38.09 29.19
N ALA B 243 39.77 38.08 30.24
CA ALA B 243 39.61 38.97 31.38
C ALA B 243 40.82 39.86 31.53
N LEU B 244 40.58 41.12 31.89
CA LEU B 244 41.64 42.10 32.10
C LEU B 244 41.63 42.58 33.54
N HIS B 245 42.76 43.16 33.95
CA HIS B 245 42.93 43.67 35.30
C HIS B 245 42.98 45.20 35.28
N ARG B 246 42.53 45.81 36.37
CA ARG B 246 42.49 47.26 36.52
C ARG B 246 43.26 47.61 37.80
N SER B 247 44.54 47.92 37.66
CA SER B 247 45.39 48.28 38.77
C SER B 247 45.54 49.79 38.84
N TYR B 248 46.40 50.27 39.74
CA TYR B 248 46.64 51.70 39.89
C TYR B 248 47.55 52.27 38.81
N LEU B 249 48.22 51.42 38.02
CA LEU B 249 49.07 51.91 36.95
C LEU B 249 48.27 52.39 35.75
N THR B 250 47.08 51.79 35.52
CA THR B 250 46.19 52.19 34.44
C THR B 250 45.12 53.14 34.96
N PRO B 251 44.65 54.07 34.13
CA PRO B 251 43.59 55.00 34.58
C PRO B 251 42.27 54.32 34.87
N GLY B 252 42.03 53.12 34.35
CA GLY B 252 40.82 52.39 34.62
C GLY B 252 39.78 52.42 33.52
N ASP B 253 40.13 52.93 32.33
CA ASP B 253 39.21 52.98 31.21
C ASP B 253 39.57 51.89 30.20
N SER B 254 38.55 51.28 29.60
CA SER B 254 38.75 50.20 28.64
C SER B 254 38.82 50.74 27.21
N SER B 255 39.69 51.73 26.99
CA SER B 255 39.90 52.30 25.66
C SER B 255 41.30 52.04 25.14
N SER B 256 42.34 52.44 25.89
CA SER B 256 43.71 52.20 25.48
C SER B 256 44.64 51.73 26.59
N GLY B 257 44.24 51.85 27.85
CA GLY B 257 45.10 51.44 28.95
C GLY B 257 44.53 50.29 29.76
N TRP B 258 45.18 49.13 29.70
CA TRP B 258 44.72 47.94 30.41
C TRP B 258 45.89 46.98 30.55
N THR B 259 45.64 45.87 31.23
CA THR B 259 46.61 44.80 31.36
C THR B 259 45.87 43.46 31.37
N ALA B 260 46.54 42.42 30.88
CA ALA B 260 45.93 41.10 30.78
C ALA B 260 46.78 39.98 31.36
N GLY B 261 47.95 40.29 31.90
CA GLY B 261 48.79 39.24 32.47
C GLY B 261 49.56 38.52 31.39
N ALA B 262 49.51 37.19 31.42
CA ALA B 262 50.21 36.37 30.44
C ALA B 262 49.44 35.07 30.24
N ALA B 263 49.04 34.81 29.00
CA ALA B 263 48.32 33.59 28.68
C ALA B 263 48.57 33.23 27.22
N ALA B 264 48.32 31.96 26.90
CA ALA B 264 48.51 31.47 25.53
C ALA B 264 47.59 30.28 25.32
N TYR B 265 46.64 30.43 24.40
CA TYR B 265 45.66 29.38 24.09
C TYR B 265 45.80 28.96 22.65
N TYR B 266 45.62 27.66 22.39
CA TYR B 266 45.71 27.10 21.05
C TYR B 266 44.33 26.66 20.57
N VAL B 267 44.02 26.97 19.32
CA VAL B 267 42.74 26.65 18.71
C VAL B 267 42.99 25.68 17.57
N GLY B 268 42.49 24.46 17.70
CA GLY B 268 42.66 23.45 16.67
C GLY B 268 41.33 22.81 16.31
N TYR B 269 41.23 22.40 15.05
CA TYR B 269 40.04 21.77 14.51
C TYR B 269 40.25 20.26 14.42
N LEU B 270 39.35 19.50 15.02
CA LEU B 270 39.45 18.04 15.00
C LEU B 270 38.98 17.51 13.64
N GLN B 271 39.76 16.58 13.08
CA GLN B 271 39.45 15.99 11.79
C GLN B 271 38.94 14.56 11.97
N PRO B 272 38.01 14.11 11.14
CA PRO B 272 37.50 12.74 11.26
C PRO B 272 38.51 11.70 10.80
N ARG B 273 39.48 11.39 11.65
CA ARG B 273 40.53 10.42 11.35
C ARG B 273 40.52 9.31 12.39
N THR B 274 40.70 8.08 11.93
CA THR B 274 40.75 6.94 12.83
C THR B 274 42.08 6.88 13.56
N PHE B 275 42.02 6.51 14.83
CA PHE B 275 43.20 6.46 15.69
C PHE B 275 43.24 5.14 16.44
N LEU B 276 44.44 4.55 16.52
CA LEU B 276 44.66 3.33 17.29
C LEU B 276 45.11 3.71 18.70
N LEU B 277 44.37 3.25 19.70
CA LEU B 277 44.65 3.57 21.09
C LEU B 277 45.32 2.38 21.77
N LYS B 278 46.09 2.69 22.82
CA LYS B 278 46.78 1.69 23.62
C LYS B 278 46.20 1.68 25.03
N TYR B 279 45.96 0.48 25.56
CA TYR B 279 45.38 0.32 26.88
C TYR B 279 46.26 -0.60 27.71
N ASN B 280 46.67 -0.12 28.89
CA ASN B 280 47.51 -0.89 29.80
C ASN B 280 46.62 -1.67 30.77
N GLU B 281 47.24 -2.26 31.80
CA GLU B 281 46.46 -2.98 32.81
C GLU B 281 45.62 -2.04 33.65
N ASN B 282 46.06 -0.78 33.81
CA ASN B 282 45.28 0.18 34.58
C ASN B 282 44.06 0.65 33.81
N GLY B 283 44.14 0.69 32.49
CA GLY B 283 43.02 1.10 31.66
C GLY B 283 43.07 2.51 31.12
N THR B 284 44.22 3.18 31.21
CA THR B 284 44.37 4.53 30.71
C THR B 284 45.04 4.52 29.33
N ILE B 285 44.86 5.62 28.61
CA ILE B 285 45.44 5.76 27.27
C ILE B 285 46.92 6.06 27.40
N THR B 286 47.74 5.30 26.69
CA THR B 286 49.19 5.45 26.71
C THR B 286 49.76 6.01 25.42
N ASP B 287 49.31 5.51 24.27
CA ASP B 287 49.81 5.98 22.98
C ASP B 287 48.66 6.07 22.00
N ALA B 288 48.87 6.86 20.94
CA ALA B 288 47.89 7.05 19.88
C ALA B 288 48.58 6.96 18.54
N VAL B 289 48.01 6.16 17.63
CA VAL B 289 48.59 5.89 16.32
C VAL B 289 47.55 6.23 15.26
N ASP B 290 47.91 7.14 14.35
CA ASP B 290 47.03 7.53 13.26
C ASP B 290 47.11 6.54 12.11
N CYS B 291 46.16 6.64 11.18
CA CYS B 291 46.15 5.84 9.96
C CYS B 291 46.05 6.67 8.69
N ALA B 292 46.07 8.01 8.78
CA ALA B 292 46.02 8.83 7.58
C ALA B 292 47.06 9.94 7.61
N LEU B 293 48.13 9.78 8.38
CA LEU B 293 49.19 10.78 8.49
C LEU B 293 50.53 10.26 7.99
N ASP B 294 50.99 9.12 8.50
CA ASP B 294 52.28 8.57 8.14
C ASP B 294 52.13 7.11 7.71
N PRO B 295 52.85 6.68 6.69
CA PRO B 295 52.79 5.27 6.29
C PRO B 295 53.34 4.32 7.34
N LEU B 296 54.25 4.79 8.21
CA LEU B 296 54.71 3.96 9.32
C LEU B 296 53.59 3.75 10.34
N SER B 297 52.85 4.80 10.66
CA SER B 297 51.70 4.66 11.54
C SER B 297 50.54 3.95 10.86
N GLU B 298 50.44 4.03 9.54
CA GLU B 298 49.39 3.30 8.83
C GLU B 298 49.64 1.80 8.87
N THR B 299 50.89 1.37 8.98
CA THR B 299 51.18 -0.06 9.06
C THR B 299 50.82 -0.62 10.41
N LYS B 300 50.97 0.16 11.48
CA LYS B 300 50.76 -0.36 12.83
C LYS B 300 49.28 -0.52 13.15
N CYS B 301 48.43 0.40 12.71
CA CYS B 301 47.01 0.31 13.06
C CYS B 301 46.28 -0.69 12.15
N THR B 302 46.71 -0.82 10.90
CA THR B 302 46.09 -1.80 10.01
C THR B 302 46.43 -3.22 10.44
N LEU B 303 47.65 -3.45 10.93
CA LEU B 303 48.02 -4.75 11.47
C LEU B 303 47.60 -4.93 12.91
N LYS B 304 47.12 -3.87 13.57
CA LYS B 304 46.69 -3.91 14.97
C LYS B 304 47.82 -4.39 15.88
N SER B 305 49.03 -3.87 15.64
CA SER B 305 50.20 -4.20 16.44
C SER B 305 51.08 -2.97 16.55
N PHE B 306 51.58 -2.71 17.76
CA PHE B 306 52.42 -1.56 18.01
C PHE B 306 53.88 -1.79 17.63
N THR B 307 54.25 -3.00 17.22
CA THR B 307 55.59 -3.31 16.74
C THR B 307 55.49 -3.96 15.38
N VAL B 308 56.45 -3.64 14.50
CA VAL B 308 56.47 -4.13 13.13
C VAL B 308 57.79 -4.85 12.89
N GLU B 309 57.70 -6.06 12.36
CA GLU B 309 58.88 -6.83 11.99
C GLU B 309 59.22 -6.54 10.52
N LYS B 310 60.17 -7.29 9.97
CA LYS B 310 60.55 -7.10 8.58
C LYS B 310 59.58 -7.81 7.65
N GLY B 311 59.20 -7.12 6.58
CA GLY B 311 58.27 -7.67 5.62
C GLY B 311 57.50 -6.57 4.92
N ILE B 312 56.70 -6.98 3.95
CA ILE B 312 55.89 -6.07 3.14
C ILE B 312 54.43 -6.30 3.50
N TYR B 313 53.68 -5.20 3.67
CA TYR B 313 52.28 -5.27 4.02
C TYR B 313 51.47 -4.35 3.10
N GLN B 314 50.15 -4.54 3.11
CA GLN B 314 49.23 -3.75 2.30
C GLN B 314 48.33 -2.96 3.21
N THR B 315 48.37 -1.63 3.09
CA THR B 315 47.56 -0.76 3.93
C THR B 315 46.24 -0.38 3.26
N SER B 316 46.31 0.21 2.08
CA SER B 316 45.12 0.66 1.36
C SER B 316 45.40 0.56 -0.13
N ASN B 317 44.53 1.20 -0.93
CA ASN B 317 44.64 1.21 -2.38
C ASN B 317 44.84 2.62 -2.88
N PHE B 318 45.24 2.72 -4.15
CA PHE B 318 45.51 4.01 -4.80
C PHE B 318 44.55 4.15 -5.98
N ARG B 319 43.56 5.03 -5.85
CA ARG B 319 42.58 5.28 -6.88
C ARG B 319 42.72 6.72 -7.37
N VAL B 320 42.87 6.89 -8.68
CA VAL B 320 43.01 8.21 -9.28
C VAL B 320 41.63 8.73 -9.63
N GLN B 321 41.24 9.83 -8.99
CA GLN B 321 39.93 10.42 -9.25
C GLN B 321 39.98 11.28 -10.50
N PRO B 322 38.97 11.16 -11.38
CA PRO B 322 38.96 11.99 -12.61
C PRO B 322 38.59 13.43 -12.29
N THR B 323 39.36 14.37 -12.84
CA THR B 323 39.14 15.79 -12.62
C THR B 323 38.32 16.45 -13.73
N GLU B 324 38.16 15.79 -14.88
CA GLU B 324 37.40 16.33 -15.99
C GLU B 324 36.29 15.37 -16.38
N SER B 325 35.23 15.92 -16.98
CA SER B 325 34.09 15.12 -17.43
C SER B 325 33.55 15.75 -18.70
N ILE B 326 33.71 15.06 -19.82
CA ILE B 326 33.29 15.56 -21.13
C ILE B 326 32.14 14.71 -21.65
N VAL B 327 31.14 15.38 -22.22
CA VAL B 327 29.98 14.73 -22.83
C VAL B 327 29.75 15.38 -24.18
N ARG B 328 29.96 14.63 -25.26
CA ARG B 328 29.81 15.13 -26.62
C ARG B 328 29.08 14.08 -27.45
N PHE B 329 27.76 14.22 -27.56
CA PHE B 329 26.99 13.26 -28.35
C PHE B 329 27.16 13.54 -29.85
N PRO B 330 26.88 14.77 -30.35
CA PRO B 330 27.06 15.01 -31.78
C PRO B 330 28.42 15.60 -32.11
N ASN B 331 28.76 15.69 -33.40
CA ASN B 331 29.95 16.40 -33.82
C ASN B 331 29.67 17.90 -33.95
N ILE B 332 28.77 18.27 -34.86
CA ILE B 332 28.32 19.64 -35.03
C ILE B 332 26.80 19.59 -35.26
N THR B 333 26.06 20.35 -34.46
CA THR B 333 24.61 20.38 -34.58
C THR B 333 24.23 21.06 -35.89
N ASN B 334 23.75 20.29 -36.86
CA ASN B 334 23.33 20.85 -38.14
C ASN B 334 22.06 21.68 -37.95
N LEU B 335 22.16 22.97 -38.28
CA LEU B 335 21.06 23.90 -38.04
C LEU B 335 20.07 23.83 -39.19
N CYS B 336 18.85 23.36 -38.89
CA CYS B 336 17.79 23.42 -39.87
C CYS B 336 17.37 24.88 -40.09
N PRO B 337 16.80 25.20 -41.25
CA PRO B 337 16.47 26.61 -41.53
C PRO B 337 15.35 27.13 -40.64
N PHE B 338 15.71 27.95 -39.66
CA PHE B 338 14.73 28.60 -38.80
C PHE B 338 15.03 30.08 -38.58
N GLY B 339 16.24 30.54 -38.88
CA GLY B 339 16.56 31.95 -38.82
C GLY B 339 16.10 32.77 -39.99
N GLU B 340 15.50 32.13 -41.00
CA GLU B 340 14.96 32.85 -42.13
C GLU B 340 13.75 33.69 -41.74
N VAL B 341 13.05 33.32 -40.67
CA VAL B 341 11.98 34.16 -40.15
C VAL B 341 12.53 35.35 -39.36
N PHE B 342 13.80 35.27 -38.93
CA PHE B 342 14.43 36.39 -38.25
C PHE B 342 14.95 37.41 -39.25
N ASN B 343 15.66 36.95 -40.28
CA ASN B 343 16.20 37.80 -41.34
C ASN B 343 15.47 37.44 -42.64
N ALA B 344 14.47 38.22 -42.99
CA ALA B 344 13.68 38.01 -44.20
C ALA B 344 13.53 39.33 -44.93
N THR B 345 12.80 39.30 -46.05
CA THR B 345 12.56 40.50 -46.84
C THR B 345 11.55 41.41 -46.16
N ARG B 346 10.45 40.85 -45.64
CA ARG B 346 9.43 41.62 -44.95
C ARG B 346 8.76 40.74 -43.92
N PHE B 347 8.02 41.37 -43.01
CA PHE B 347 7.33 40.69 -41.93
C PHE B 347 5.82 40.78 -42.13
N ALA B 348 5.08 40.25 -41.16
CA ALA B 348 3.63 40.25 -41.16
C ALA B 348 3.11 41.16 -40.05
N SER B 349 1.79 41.27 -39.97
CA SER B 349 1.14 42.10 -38.97
C SER B 349 0.75 41.24 -37.77
N VAL B 350 0.02 41.85 -36.82
CA VAL B 350 -0.41 41.12 -35.63
C VAL B 350 -1.77 40.45 -35.79
N TYR B 351 -2.60 40.94 -36.72
CA TYR B 351 -3.87 40.27 -36.97
C TYR B 351 -3.69 38.97 -37.74
N ALA B 352 -2.60 38.83 -38.48
CA ALA B 352 -2.24 37.58 -39.16
C ALA B 352 -0.72 37.45 -39.05
N TRP B 353 -0.26 36.76 -38.02
CA TRP B 353 1.16 36.62 -37.74
C TRP B 353 1.68 35.29 -38.25
N ASN B 354 3.01 35.20 -38.37
CA ASN B 354 3.66 34.00 -38.88
C ASN B 354 3.73 32.94 -37.79
N ARG B 355 3.35 31.72 -38.14
CA ARG B 355 3.39 30.58 -37.23
C ARG B 355 4.28 29.51 -37.83
N LYS B 356 5.37 29.20 -37.14
CA LYS B 356 6.35 28.21 -37.58
C LYS B 356 6.40 27.05 -36.59
N ARG B 357 6.54 25.84 -37.11
CA ARG B 357 6.67 24.64 -36.31
C ARG B 357 8.00 23.98 -36.61
N ILE B 358 8.75 23.65 -35.56
CA ILE B 358 10.06 23.02 -35.68
C ILE B 358 9.89 21.55 -35.30
N SER B 359 10.02 20.66 -36.29
CA SER B 359 9.86 19.23 -36.07
C SER B 359 10.98 18.48 -36.79
N ASN B 360 11.45 17.41 -36.15
CA ASN B 360 12.50 16.55 -36.73
C ASN B 360 13.76 17.34 -37.03
N CYS B 361 14.15 18.20 -36.10
CA CYS B 361 15.34 19.02 -36.24
C CYS B 361 16.09 19.08 -34.91
N VAL B 362 17.32 19.58 -34.97
CA VAL B 362 18.15 19.80 -33.80
C VAL B 362 18.88 21.12 -33.97
N ALA B 363 19.05 21.86 -32.88
CA ALA B 363 19.68 23.17 -32.92
C ALA B 363 20.27 23.48 -31.55
N ASP B 364 20.83 24.67 -31.43
CA ASP B 364 21.44 25.15 -30.19
C ASP B 364 20.98 26.57 -29.92
N TYR B 365 20.60 26.84 -28.67
CA TYR B 365 20.14 28.16 -28.26
C TYR B 365 21.26 29.05 -27.74
N SER B 366 22.51 28.65 -27.93
CA SER B 366 23.64 29.46 -27.48
C SER B 366 23.98 30.58 -28.46
N VAL B 367 23.62 30.44 -29.73
CA VAL B 367 23.91 31.49 -30.70
C VAL B 367 22.93 32.64 -30.58
N LEU B 368 21.71 32.38 -30.14
CA LEU B 368 20.71 33.43 -29.94
C LEU B 368 20.86 34.14 -28.60
N TYR B 369 21.89 33.80 -27.82
CA TYR B 369 22.13 34.43 -26.53
C TYR B 369 23.36 35.34 -26.51
N ASN B 370 24.44 34.95 -27.19
CA ASN B 370 25.67 35.73 -27.25
C ASN B 370 25.76 36.57 -28.51
N SER B 371 24.62 36.98 -29.07
CA SER B 371 24.64 37.80 -30.28
C SER B 371 24.91 39.27 -29.96
N ALA B 372 24.51 39.74 -28.78
CA ALA B 372 24.73 41.12 -28.35
C ALA B 372 24.13 42.11 -29.33
N SER B 373 22.93 41.80 -29.84
CA SER B 373 22.23 42.67 -30.78
C SER B 373 20.76 42.87 -30.44
N PHE B 374 20.23 42.17 -29.44
CA PHE B 374 18.84 42.30 -29.08
C PHE B 374 18.65 43.41 -28.04
N SER B 375 17.48 44.05 -28.09
CA SER B 375 17.20 45.15 -27.16
C SER B 375 16.73 44.62 -25.81
N THR B 376 15.61 43.90 -25.80
CA THR B 376 15.06 43.32 -24.59
C THR B 376 15.01 41.80 -24.70
N PHE B 377 15.05 41.13 -23.56
CA PHE B 377 15.01 39.67 -23.53
C PHE B 377 14.27 39.24 -22.28
N LYS B 378 13.01 38.88 -22.44
CA LYS B 378 12.19 38.32 -21.36
C LYS B 378 11.89 36.86 -21.70
N CYS B 379 12.29 35.96 -20.81
CA CYS B 379 12.18 34.52 -21.09
C CYS B 379 11.76 33.84 -19.79
N TYR B 380 10.45 33.71 -19.60
CA TYR B 380 9.87 33.20 -18.38
C TYR B 380 9.62 31.70 -18.47
N GLY B 381 9.34 31.10 -17.31
CA GLY B 381 9.08 29.68 -17.22
C GLY B 381 10.31 28.80 -17.07
N VAL B 382 11.47 29.28 -17.56
CA VAL B 382 12.71 28.53 -17.48
C VAL B 382 13.85 29.53 -17.45
N SER B 383 14.97 29.14 -16.86
CA SER B 383 16.13 30.03 -16.78
C SER B 383 16.75 30.17 -18.17
N PRO B 384 17.30 31.34 -18.50
CA PRO B 384 17.79 31.56 -19.87
C PRO B 384 19.03 30.76 -20.22
N THR B 385 19.78 30.29 -19.23
CA THR B 385 21.02 29.55 -19.49
C THR B 385 20.89 28.05 -19.23
N LYS B 386 19.74 27.58 -18.76
CA LYS B 386 19.51 26.17 -18.46
C LYS B 386 18.24 25.69 -19.15
N LEU B 387 18.06 26.08 -20.41
CA LEU B 387 16.95 25.61 -21.22
C LEU B 387 17.37 24.66 -22.33
N ASN B 388 18.67 24.46 -22.54
CA ASN B 388 19.14 23.57 -23.59
C ASN B 388 19.17 22.11 -23.16
N ASP B 389 19.49 21.84 -21.89
CA ASP B 389 19.60 20.46 -21.44
C ASP B 389 18.23 19.80 -21.31
N LEU B 390 17.21 20.57 -20.92
CA LEU B 390 15.86 20.03 -20.83
C LEU B 390 15.25 19.96 -22.23
N CYS B 391 14.64 18.82 -22.55
CA CYS B 391 14.10 18.57 -23.87
C CYS B 391 12.56 18.64 -23.84
N PHE B 392 12.00 19.21 -24.89
CA PHE B 392 10.56 19.31 -25.08
C PHE B 392 10.19 18.63 -26.39
N THR B 393 8.91 18.74 -26.77
CA THR B 393 8.42 18.08 -27.97
C THR B 393 8.49 18.99 -29.20
N ASN B 394 7.82 20.14 -29.14
CA ASN B 394 7.73 21.02 -30.30
C ASN B 394 7.97 22.46 -29.86
N VAL B 395 8.39 23.28 -30.82
CA VAL B 395 8.67 24.69 -30.61
C VAL B 395 7.82 25.48 -31.59
N TYR B 396 6.97 26.36 -31.06
CA TYR B 396 6.10 27.20 -31.88
C TYR B 396 6.70 28.60 -31.97
N ALA B 397 6.96 29.06 -33.18
CA ALA B 397 7.56 30.37 -33.42
C ALA B 397 6.48 31.34 -33.88
N ASP B 398 6.20 32.36 -33.08
CA ASP B 398 5.18 33.35 -33.36
C ASP B 398 5.87 34.70 -33.52
N SER B 399 6.01 35.15 -34.77
CA SER B 399 6.73 36.37 -35.09
C SER B 399 5.77 37.44 -35.56
N PHE B 400 5.92 38.65 -35.03
CA PHE B 400 5.12 39.79 -35.44
C PHE B 400 5.90 41.07 -35.12
N VAL B 401 5.32 42.20 -35.51
CA VAL B 401 5.93 43.50 -35.26
C VAL B 401 5.06 44.28 -34.28
N ILE B 402 5.70 45.20 -33.56
CA ILE B 402 5.02 46.01 -32.56
C ILE B 402 5.86 47.26 -32.31
N ARG B 403 5.22 48.29 -31.76
CA ARG B 403 5.92 49.53 -31.45
C ARG B 403 6.78 49.36 -30.20
N GLY B 404 7.61 50.38 -29.94
CA GLY B 404 8.50 50.35 -28.80
C GLY B 404 7.84 50.57 -27.45
N ASP B 405 6.60 51.04 -27.44
CA ASP B 405 5.89 51.31 -26.19
C ASP B 405 4.97 50.18 -25.77
N GLU B 406 4.73 49.20 -26.63
CA GLU B 406 3.84 48.08 -26.33
C GLU B 406 4.61 46.80 -26.03
N VAL B 407 5.93 46.87 -25.90
CA VAL B 407 6.71 45.67 -25.56
C VAL B 407 6.56 45.31 -24.09
N ARG B 408 6.19 46.26 -23.24
CA ARG B 408 5.96 45.97 -21.83
C ARG B 408 4.65 45.24 -21.58
N GLN B 409 3.67 45.39 -22.48
CA GLN B 409 2.39 44.71 -22.34
C GLN B 409 2.44 43.26 -22.77
N ILE B 410 3.52 42.81 -23.39
CA ILE B 410 3.65 41.39 -23.80
C ILE B 410 4.25 40.66 -22.61
N ALA B 411 3.36 40.27 -21.69
CA ALA B 411 3.74 39.56 -20.48
C ALA B 411 2.52 38.89 -19.91
N PRO B 412 2.67 37.74 -19.24
CA PRO B 412 1.51 37.05 -18.69
C PRO B 412 0.86 37.80 -17.53
N GLY B 413 -0.36 38.28 -17.75
CA GLY B 413 -1.10 38.95 -16.70
C GLY B 413 -1.14 40.47 -16.81
N GLN B 414 -1.18 40.98 -18.04
CA GLN B 414 -1.24 42.40 -18.28
C GLN B 414 -2.48 42.75 -19.12
N THR B 415 -2.87 44.01 -19.04
CA THR B 415 -4.01 44.53 -19.79
C THR B 415 -3.54 45.55 -20.82
N GLY B 416 -4.50 46.14 -21.54
CA GLY B 416 -4.19 47.12 -22.54
C GLY B 416 -5.07 47.03 -23.76
N LYS B 417 -4.52 47.35 -24.93
CA LYS B 417 -5.25 47.30 -26.19
C LYS B 417 -4.72 46.28 -27.18
N ILE B 418 -3.43 45.97 -27.14
CA ILE B 418 -2.85 45.00 -28.06
C ILE B 418 -2.81 43.60 -27.45
N ALA B 419 -2.43 43.50 -26.17
CA ALA B 419 -2.34 42.20 -25.52
C ALA B 419 -3.69 41.58 -25.22
N ASP B 420 -4.78 42.34 -25.36
CA ASP B 420 -6.12 41.81 -25.11
C ASP B 420 -6.97 41.64 -26.36
N TYR B 421 -6.58 42.25 -27.47
CA TYR B 421 -7.35 42.17 -28.70
C TYR B 421 -6.63 41.48 -29.84
N ASN B 422 -5.32 41.26 -29.74
CA ASN B 422 -4.55 40.62 -30.80
C ASN B 422 -3.92 39.31 -30.36
N TYR B 423 -3.27 39.27 -29.20
CA TYR B 423 -2.61 38.06 -28.74
C TYR B 423 -2.65 38.05 -27.22
N LYS B 424 -3.51 37.18 -26.66
CA LYS B 424 -3.66 37.07 -25.21
C LYS B 424 -2.68 36.06 -24.67
N LEU B 425 -1.93 36.46 -23.63
CA LEU B 425 -0.96 35.56 -23.00
C LEU B 425 -1.59 34.87 -21.79
N PRO B 426 -1.51 33.55 -21.69
CA PRO B 426 -2.10 32.85 -20.55
C PRO B 426 -1.22 32.98 -19.31
N ASP B 427 -1.76 32.47 -18.20
CA ASP B 427 -1.03 32.53 -16.94
C ASP B 427 0.11 31.51 -16.91
N ASP B 428 -0.11 30.33 -17.48
CA ASP B 428 0.93 29.29 -17.54
C ASP B 428 1.72 29.39 -18.85
N PHE B 429 2.23 30.60 -19.09
CA PHE B 429 2.98 30.91 -20.30
C PHE B 429 4.47 30.71 -20.01
N THR B 430 5.02 29.62 -20.53
CA THR B 430 6.45 29.34 -20.41
C THR B 430 7.23 29.73 -21.64
N GLY B 431 6.75 30.70 -22.41
CA GLY B 431 7.40 31.13 -23.62
C GLY B 431 8.69 31.87 -23.34
N CYS B 432 9.35 32.26 -24.44
CA CYS B 432 10.66 32.91 -24.37
C CYS B 432 10.67 34.00 -25.43
N VAL B 433 10.58 35.26 -25.00
CA VAL B 433 10.36 36.40 -25.88
C VAL B 433 11.69 37.05 -26.21
N ILE B 434 11.92 37.31 -27.50
CA ILE B 434 13.13 37.97 -27.98
C ILE B 434 12.71 39.14 -28.86
N ALA B 435 13.18 40.34 -28.52
CA ALA B 435 12.83 41.55 -29.25
C ALA B 435 14.10 42.33 -29.60
N TRP B 436 14.08 42.97 -30.77
CA TRP B 436 15.21 43.77 -31.22
C TRP B 436 14.70 44.79 -32.24
N ASN B 437 15.54 45.80 -32.51
CA ASN B 437 15.18 46.89 -33.40
C ASN B 437 15.86 46.71 -34.75
N SER B 438 15.08 46.83 -35.82
CA SER B 438 15.56 46.76 -37.20
C SER B 438 14.94 47.87 -38.02
N ASN B 439 14.98 49.10 -37.48
CA ASN B 439 14.28 50.24 -38.08
C ASN B 439 14.82 50.63 -39.45
N ASN B 440 15.99 50.13 -39.85
CA ASN B 440 16.57 50.46 -41.14
C ASN B 440 16.09 49.58 -42.27
N LEU B 441 15.15 48.67 -42.01
CA LEU B 441 14.67 47.75 -43.04
C LEU B 441 13.16 47.82 -43.23
N ASP B 442 12.38 47.92 -42.15
CA ASP B 442 10.93 47.87 -42.22
C ASP B 442 10.29 49.26 -42.13
N SER B 443 11.02 50.30 -42.52
CA SER B 443 10.50 51.65 -42.50
C SER B 443 11.18 52.46 -43.59
N LYS B 444 10.45 53.45 -44.12
CA LYS B 444 10.95 54.28 -45.21
C LYS B 444 10.36 55.68 -45.08
N VAL B 445 10.93 56.61 -45.85
CA VAL B 445 10.46 57.98 -45.82
C VAL B 445 9.12 58.07 -46.55
N GLY B 446 8.32 59.06 -46.16
CA GLY B 446 7.00 59.26 -46.72
C GLY B 446 5.86 58.62 -45.95
N GLY B 447 6.17 57.69 -45.06
CA GLY B 447 5.14 57.03 -44.27
C GLY B 447 4.96 55.57 -44.64
N ASN B 448 5.51 54.68 -43.81
CA ASN B 448 5.39 53.24 -44.03
C ASN B 448 4.15 52.74 -43.31
N TYR B 449 3.10 52.46 -44.06
CA TYR B 449 1.82 52.02 -43.51
C TYR B 449 1.48 50.59 -43.95
N ASN B 450 2.51 49.76 -44.18
CA ASN B 450 2.29 48.41 -44.65
C ASN B 450 1.86 47.45 -43.54
N TYR B 451 2.11 47.79 -42.28
CA TYR B 451 1.76 46.93 -41.16
C TYR B 451 0.44 47.38 -40.55
N LEU B 452 -0.35 46.42 -40.09
CA LEU B 452 -1.68 46.67 -39.57
C LEU B 452 -1.79 46.15 -38.14
N TYR B 453 -2.80 46.65 -37.43
CA TYR B 453 -3.12 46.19 -36.09
C TYR B 453 -4.58 46.47 -35.80
N ARG B 454 -5.18 45.62 -34.97
CA ARG B 454 -6.58 45.73 -34.62
C ARG B 454 -6.77 46.59 -33.38
N LEU B 455 -7.84 47.39 -33.37
CA LEU B 455 -8.13 48.31 -32.27
C LEU B 455 -9.38 47.95 -31.49
N PHE B 456 -10.42 47.47 -32.16
CA PHE B 456 -11.72 47.23 -31.53
C PHE B 456 -12.07 45.75 -31.58
N ARG B 457 -12.80 45.30 -30.56
CA ARG B 457 -13.25 43.92 -30.47
C ARG B 457 -14.51 43.88 -29.61
N LYS B 458 -15.37 42.89 -29.89
CA LYS B 458 -16.64 42.79 -29.17
C LYS B 458 -16.45 42.27 -27.75
N SER B 459 -15.62 41.25 -27.56
CA SER B 459 -15.41 40.66 -26.25
C SER B 459 -14.00 40.08 -26.19
N ASN B 460 -13.73 39.31 -25.15
CA ASN B 460 -12.42 38.71 -24.94
C ASN B 460 -12.22 37.55 -25.91
N LEU B 461 -10.96 37.13 -26.05
CA LEU B 461 -10.58 36.04 -26.93
C LEU B 461 -9.72 35.03 -26.20
N LYS B 462 -9.82 33.77 -26.64
CA LYS B 462 -9.04 32.71 -26.03
C LYS B 462 -7.56 32.87 -26.39
N PRO B 463 -6.65 32.55 -25.46
CA PRO B 463 -5.22 32.63 -25.80
C PRO B 463 -4.85 31.66 -26.90
N PHE B 464 -3.76 32.01 -27.61
CA PHE B 464 -3.28 31.23 -28.75
C PHE B 464 -4.36 31.08 -29.81
N GLU B 465 -4.97 32.21 -30.18
CA GLU B 465 -6.02 32.25 -31.19
C GLU B 465 -5.83 33.47 -32.07
N ARG B 466 -5.90 33.27 -33.38
CA ARG B 466 -5.73 34.35 -34.35
C ARG B 466 -7.09 34.82 -34.84
N ASP B 467 -7.21 36.14 -35.04
CA ASP B 467 -8.46 36.76 -35.49
C ASP B 467 -8.17 37.58 -36.73
N ILE B 468 -8.83 37.22 -37.84
CA ILE B 468 -8.68 37.94 -39.10
C ILE B 468 -10.01 38.54 -39.55
N SER B 469 -10.94 38.74 -38.62
CA SER B 469 -12.26 39.26 -38.96
C SER B 469 -12.16 40.75 -39.28
N THR B 470 -12.50 41.11 -40.51
CA THR B 470 -12.52 42.50 -40.96
C THR B 470 -13.90 43.12 -40.85
N GLU B 471 -14.76 42.60 -39.97
CA GLU B 471 -16.11 43.10 -39.84
C GLU B 471 -16.13 44.39 -39.02
N ILE B 472 -17.00 45.31 -39.42
CA ILE B 472 -17.07 46.62 -38.77
C ILE B 472 -17.69 46.45 -37.39
N TYR B 473 -16.94 46.82 -36.35
CA TYR B 473 -17.40 46.63 -34.98
C TYR B 473 -18.53 47.60 -34.67
N GLN B 474 -19.68 47.06 -34.26
CA GLN B 474 -20.84 47.86 -33.91
C GLN B 474 -20.81 48.19 -32.42
N ALA B 475 -20.92 49.48 -32.11
CA ALA B 475 -20.89 49.94 -30.73
C ALA B 475 -22.27 50.19 -30.14
N GLY B 476 -23.23 50.60 -30.96
CA GLY B 476 -24.58 50.91 -30.51
C GLY B 476 -25.56 49.81 -30.86
N SER B 477 -26.78 50.22 -31.22
CA SER B 477 -27.85 49.30 -31.55
C SER B 477 -28.36 49.39 -32.98
N THR B 478 -27.93 50.40 -33.74
CA THR B 478 -28.45 50.47 -35.09
C THR B 478 -27.42 49.99 -36.11
N PRO B 479 -27.86 49.28 -37.14
CA PRO B 479 -26.92 48.80 -38.16
C PRO B 479 -26.53 49.89 -39.14
N CYS B 480 -25.30 49.80 -39.63
CA CYS B 480 -24.78 50.72 -40.63
C CYS B 480 -24.70 50.12 -42.03
N ASN B 481 -24.89 48.80 -42.16
CA ASN B 481 -24.78 48.10 -43.44
C ASN B 481 -23.38 48.28 -44.04
N GLY B 482 -22.38 48.30 -43.17
CA GLY B 482 -20.99 48.31 -43.62
C GLY B 482 -20.53 49.58 -44.32
N VAL B 483 -20.92 50.75 -43.81
CA VAL B 483 -20.48 52.01 -44.41
C VAL B 483 -19.69 52.82 -43.38
N GLU B 484 -19.14 53.94 -43.80
CA GLU B 484 -18.43 54.85 -42.91
C GLU B 484 -19.36 55.90 -42.32
N GLY B 485 -20.44 55.44 -41.71
CA GLY B 485 -21.50 56.31 -41.21
C GLY B 485 -21.34 56.61 -39.73
N PHE B 486 -22.46 56.57 -39.02
CA PHE B 486 -22.53 56.97 -37.62
C PHE B 486 -22.60 55.74 -36.72
N ASN B 487 -22.00 55.87 -35.53
CA ASN B 487 -22.11 54.89 -34.45
C ASN B 487 -21.51 53.53 -34.83
N CYS B 488 -20.50 53.54 -35.70
CA CYS B 488 -19.79 52.33 -36.07
C CYS B 488 -18.42 52.72 -36.63
N TYR B 489 -17.43 51.88 -36.37
CA TYR B 489 -16.06 52.17 -36.74
C TYR B 489 -15.35 50.90 -37.20
N PHE B 490 -14.34 51.08 -38.03
CA PHE B 490 -13.54 49.96 -38.51
C PHE B 490 -12.50 49.58 -37.46
N PRO B 491 -12.39 48.30 -37.09
CA PRO B 491 -11.43 47.92 -36.04
C PRO B 491 -9.98 47.86 -36.50
N LEU B 492 -9.73 47.75 -37.80
CA LEU B 492 -8.38 47.64 -38.31
C LEU B 492 -7.83 49.03 -38.64
N GLN B 493 -6.65 49.34 -38.10
CA GLN B 493 -6.02 50.63 -38.29
C GLN B 493 -4.55 50.44 -38.65
N SER B 494 -4.04 51.37 -39.46
CA SER B 494 -2.65 51.31 -39.89
C SER B 494 -1.72 51.87 -38.82
N TYR B 495 -0.44 51.52 -38.94
CA TYR B 495 0.56 51.95 -37.98
C TYR B 495 1.07 53.35 -38.33
N GLY B 496 2.07 53.82 -37.59
CA GLY B 496 2.67 55.12 -37.85
C GLY B 496 4.18 55.04 -37.92
N PHE B 497 4.70 53.96 -38.50
CA PHE B 497 6.13 53.72 -38.50
C PHE B 497 6.86 54.75 -39.34
N GLN B 498 7.99 55.24 -38.82
CA GLN B 498 8.81 56.24 -39.47
C GLN B 498 10.26 56.00 -39.06
N PRO B 499 11.21 56.05 -40.00
CA PRO B 499 12.62 55.80 -39.63
C PRO B 499 13.23 56.89 -38.77
N THR B 500 12.60 58.07 -38.67
CA THR B 500 13.11 59.16 -37.86
C THR B 500 12.44 59.21 -36.48
N ASN B 501 12.02 58.06 -35.97
CA ASN B 501 11.36 58.00 -34.67
C ASN B 501 12.41 57.98 -33.55
N GLY B 502 11.93 57.98 -32.31
CA GLY B 502 12.80 57.95 -31.15
C GLY B 502 13.17 56.55 -30.73
N VAL B 503 12.94 56.23 -29.46
CA VAL B 503 13.25 54.90 -28.93
C VAL B 503 12.02 54.17 -28.43
N GLY B 504 10.86 54.82 -28.32
CA GLY B 504 9.68 54.19 -27.76
C GLY B 504 8.56 53.96 -28.75
N TYR B 505 8.81 54.26 -30.04
CA TYR B 505 7.76 54.07 -31.05
C TYR B 505 8.31 53.47 -32.34
N GLN B 506 9.52 52.92 -32.33
CA GLN B 506 10.06 52.26 -33.51
C GLN B 506 9.43 50.89 -33.69
N PRO B 507 9.34 50.40 -34.94
CA PRO B 507 8.81 49.05 -35.16
C PRO B 507 9.77 47.99 -34.65
N TYR B 508 9.41 47.32 -33.56
CA TYR B 508 10.24 46.30 -32.94
C TYR B 508 9.78 44.92 -33.37
N ARG B 509 10.73 44.10 -33.84
CA ARG B 509 10.43 42.73 -34.24
C ARG B 509 10.43 41.84 -33.01
N VAL B 510 9.26 41.27 -32.69
CA VAL B 510 9.08 40.45 -31.49
C VAL B 510 8.70 39.05 -31.92
N VAL B 511 9.49 38.07 -31.50
CA VAL B 511 9.20 36.66 -31.76
C VAL B 511 8.84 35.99 -30.44
N VAL B 512 8.06 34.92 -30.55
CA VAL B 512 7.59 34.17 -29.38
C VAL B 512 7.92 32.70 -29.60
N LEU B 513 8.70 32.12 -28.69
CA LEU B 513 9.10 30.72 -28.76
C LEU B 513 8.45 29.98 -27.59
N SER B 514 7.37 29.25 -27.87
CA SER B 514 6.67 28.48 -26.88
C SER B 514 6.98 26.99 -27.05
N PHE B 515 6.88 26.25 -25.95
CA PHE B 515 7.19 24.83 -25.93
C PHE B 515 5.94 24.00 -25.69
N GLU B 516 5.98 22.76 -26.14
CA GLU B 516 4.85 21.84 -26.05
C GLU B 516 5.19 20.68 -25.12
N LEU B 517 4.26 20.34 -24.24
CA LEU B 517 4.46 19.32 -23.21
C LEU B 517 3.29 18.34 -23.23
N LEU B 518 3.42 17.29 -24.02
CA LEU B 518 2.42 16.22 -24.07
C LEU B 518 3.14 14.88 -24.01
N HIS B 519 2.36 13.80 -24.14
CA HIS B 519 2.90 12.44 -24.12
C HIS B 519 3.57 12.16 -25.47
N ALA B 520 4.82 12.60 -25.59
CA ALA B 520 5.58 12.41 -26.80
C ALA B 520 7.07 12.43 -26.46
N PRO B 521 7.89 11.67 -27.17
CA PRO B 521 9.33 11.68 -26.90
C PRO B 521 9.96 13.01 -27.32
N ALA B 522 11.24 13.14 -26.99
CA ALA B 522 11.99 14.35 -27.34
C ALA B 522 12.22 14.39 -28.84
N THR B 523 11.79 15.49 -29.48
CA THR B 523 11.94 15.66 -30.91
C THR B 523 12.97 16.72 -31.28
N VAL B 524 12.85 17.93 -30.73
CA VAL B 524 13.79 19.01 -31.01
C VAL B 524 14.22 19.63 -29.69
N CYS B 525 15.52 19.60 -29.42
CA CYS B 525 16.07 20.24 -28.21
C CYS B 525 17.58 20.50 -28.47
N GLY B 526 18.39 20.61 -27.41
CA GLY B 526 19.79 20.93 -27.61
C GLY B 526 20.77 19.91 -27.09
N PRO B 527 21.73 19.49 -27.96
CA PRO B 527 22.68 18.45 -27.55
C PRO B 527 23.85 18.95 -26.75
N LYS B 528 24.42 18.08 -25.92
CA LYS B 528 25.52 18.48 -25.07
C LYS B 528 26.61 19.10 -25.86
N LYS B 529 27.01 20.29 -25.46
CA LYS B 529 27.99 21.02 -26.26
C LYS B 529 29.30 20.30 -26.52
N SER B 530 29.89 20.56 -27.68
CA SER B 530 31.15 19.89 -28.05
C SER B 530 32.30 20.57 -27.30
N THR B 531 32.80 19.90 -26.27
CA THR B 531 33.90 20.42 -25.48
C THR B 531 35.24 20.12 -26.18
N ASN B 532 36.32 20.53 -25.55
CA ASN B 532 37.65 20.32 -26.10
C ASN B 532 38.08 18.86 -25.93
N LEU B 533 38.65 18.30 -26.98
CA LEU B 533 39.11 16.92 -26.94
C LEU B 533 40.44 16.82 -26.22
N VAL B 534 40.49 15.97 -25.19
CA VAL B 534 41.70 15.75 -24.41
C VAL B 534 42.12 14.29 -24.58
N LYS B 535 43.43 14.06 -24.51
CA LYS B 535 43.97 12.71 -24.69
C LYS B 535 45.14 12.51 -23.74
N ASN B 536 45.48 11.24 -23.52
CA ASN B 536 46.63 10.82 -22.72
C ASN B 536 46.52 11.28 -21.27
N LYS B 537 45.32 11.56 -20.79
CA LYS B 537 45.09 11.93 -19.39
C LYS B 537 43.91 11.14 -18.84
N CYS B 538 43.85 11.06 -17.52
CA CYS B 538 42.78 10.33 -16.83
C CYS B 538 41.53 11.20 -16.84
N VAL B 539 40.61 10.91 -17.75
CA VAL B 539 39.41 11.72 -17.94
C VAL B 539 38.21 10.80 -18.11
N ASN B 540 37.09 11.18 -17.49
CA ASN B 540 35.84 10.44 -17.62
C ASN B 540 35.05 10.97 -18.81
N PHE B 541 34.51 10.06 -19.61
CA PHE B 541 33.75 10.42 -20.79
C PHE B 541 32.46 9.62 -20.84
N ASN B 542 31.50 10.13 -21.61
CA ASN B 542 30.19 9.50 -21.79
C ASN B 542 29.87 9.52 -23.29
N PHE B 543 30.27 8.47 -24.00
CA PHE B 543 30.05 8.40 -25.44
C PHE B 543 28.81 7.56 -25.75
N ASN B 544 27.68 8.04 -25.24
CA ASN B 544 26.34 7.59 -25.63
C ASN B 544 26.01 6.17 -25.16
N GLY B 545 27.00 5.45 -24.61
CA GLY B 545 26.72 4.09 -24.20
C GLY B 545 27.36 3.64 -22.90
N LEU B 546 28.21 4.48 -22.31
CA LEU B 546 28.93 4.10 -21.11
C LEU B 546 29.58 5.33 -20.49
N THR B 547 29.86 5.25 -19.19
CA THR B 547 30.54 6.30 -18.44
C THR B 547 31.76 5.67 -17.77
N GLY B 548 32.87 5.63 -18.49
CA GLY B 548 34.10 5.03 -17.99
C GLY B 548 35.16 6.08 -17.74
N THR B 549 36.03 5.81 -16.76
CA THR B 549 37.12 6.71 -16.39
C THR B 549 38.44 6.07 -16.79
N GLY B 550 39.21 6.79 -17.60
CA GLY B 550 40.49 6.26 -18.05
C GLY B 550 41.18 7.25 -18.97
N VAL B 551 42.10 6.72 -19.77
CA VAL B 551 42.84 7.52 -20.73
C VAL B 551 42.40 7.15 -22.14
N LEU B 552 42.78 7.98 -23.10
CA LEU B 552 42.43 7.80 -24.51
C LEU B 552 43.71 7.78 -25.32
N THR B 553 44.23 6.59 -25.60
CA THR B 553 45.45 6.43 -26.37
C THR B 553 45.13 6.24 -27.85
N GLU B 554 46.06 6.67 -28.70
CA GLU B 554 45.89 6.55 -30.14
C GLU B 554 46.13 5.10 -30.56
N SER B 555 45.09 4.48 -31.12
CA SER B 555 45.19 3.10 -31.57
C SER B 555 45.73 3.03 -33.00
N ASN B 556 46.07 1.81 -33.42
CA ASN B 556 46.62 1.58 -34.75
C ASN B 556 45.70 0.73 -35.62
N LYS B 557 44.50 0.41 -35.15
CA LYS B 557 43.54 -0.39 -35.90
C LYS B 557 42.33 0.44 -36.29
N LYS B 558 41.89 0.31 -37.53
CA LYS B 558 40.74 1.02 -38.04
C LYS B 558 39.51 0.11 -38.00
N PHE B 559 38.40 0.65 -37.52
CA PHE B 559 37.17 -0.13 -37.39
C PHE B 559 36.32 0.00 -38.65
N LEU B 560 35.33 -0.89 -38.77
CA LEU B 560 34.39 -0.81 -39.86
C LEU B 560 33.42 0.35 -39.61
N PRO B 561 32.97 1.04 -40.68
CA PRO B 561 32.12 2.23 -40.54
C PRO B 561 30.66 1.93 -40.25
N PHE B 562 30.42 0.95 -39.38
CA PHE B 562 29.07 0.67 -38.91
C PHE B 562 28.99 0.38 -37.42
N GLN B 563 30.10 0.37 -36.71
CA GLN B 563 30.13 0.09 -35.28
C GLN B 563 30.46 1.36 -34.50
N GLN B 564 30.23 1.30 -33.20
CA GLN B 564 30.50 2.42 -32.30
C GLN B 564 31.40 2.04 -31.13
N PHE B 565 31.26 0.83 -30.59
CA PHE B 565 32.05 0.36 -29.47
C PHE B 565 32.93 -0.80 -29.90
N GLY B 566 33.70 -1.33 -28.96
CA GLY B 566 34.56 -2.46 -29.23
C GLY B 566 34.95 -3.25 -27.98
N ARG B 567 34.75 -4.55 -28.01
CA ARG B 567 35.10 -5.43 -26.91
C ARG B 567 36.46 -6.06 -27.16
N ASP B 568 36.83 -7.03 -26.33
CA ASP B 568 38.12 -7.69 -26.44
C ASP B 568 37.94 -9.14 -26.01
N ILE B 569 39.06 -9.83 -25.77
CA ILE B 569 39.01 -11.24 -25.39
C ILE B 569 38.41 -11.39 -23.99
N ALA B 570 38.78 -10.51 -23.07
CA ALA B 570 38.32 -10.57 -21.69
C ALA B 570 36.94 -9.95 -21.50
N ASP B 571 36.22 -9.68 -22.58
CA ASP B 571 34.85 -9.13 -22.52
C ASP B 571 34.83 -7.80 -21.75
N THR B 572 35.53 -6.82 -22.30
CA THR B 572 35.58 -5.49 -21.71
C THR B 572 35.58 -4.46 -22.82
N THR B 573 34.62 -3.53 -22.77
CA THR B 573 34.52 -2.47 -23.76
C THR B 573 35.64 -1.47 -23.52
N ASP B 574 36.70 -1.56 -24.32
CA ASP B 574 37.88 -0.71 -24.17
C ASP B 574 38.23 0.03 -25.46
N ALA B 575 37.32 0.08 -26.42
CA ALA B 575 37.58 0.76 -27.69
C ALA B 575 36.27 1.40 -28.15
N VAL B 576 36.18 2.73 -28.00
CA VAL B 576 35.00 3.49 -28.38
C VAL B 576 35.40 4.47 -29.47
N ARG B 577 34.67 4.45 -30.58
CA ARG B 577 34.94 5.36 -31.69
C ARG B 577 34.42 6.76 -31.35
N ASP B 578 35.29 7.74 -31.48
CA ASP B 578 34.91 9.14 -31.23
C ASP B 578 34.07 9.66 -32.38
N PRO B 579 32.84 10.10 -32.15
CA PRO B 579 32.00 10.60 -33.24
C PRO B 579 32.35 12.00 -33.72
N GLN B 580 33.44 12.60 -33.25
CA GLN B 580 33.83 13.93 -33.69
C GLN B 580 34.46 13.89 -35.08
N THR B 581 35.50 13.07 -35.24
CA THR B 581 36.19 12.96 -36.53
C THR B 581 36.47 11.51 -36.89
N LEU B 582 35.76 10.56 -36.27
CA LEU B 582 35.96 9.11 -36.50
C LEU B 582 37.40 8.71 -36.17
N GLU B 583 37.80 9.01 -34.94
CA GLU B 583 39.13 8.69 -34.42
C GLU B 583 38.99 7.57 -33.40
N ILE B 584 39.60 6.43 -33.69
CA ILE B 584 39.53 5.27 -32.81
C ILE B 584 40.48 5.48 -31.64
N LEU B 585 39.96 5.34 -30.42
CA LEU B 585 40.75 5.52 -29.21
C LEU B 585 40.53 4.34 -28.28
N ASP B 586 41.58 3.97 -27.55
CA ASP B 586 41.54 2.88 -26.60
C ASP B 586 41.29 3.40 -25.19
N ILE B 587 40.81 2.50 -24.33
CA ILE B 587 40.48 2.83 -22.95
C ILE B 587 41.38 2.03 -22.03
N THR B 588 42.10 2.71 -21.15
CA THR B 588 42.95 2.08 -20.15
C THR B 588 42.65 2.70 -18.79
N PRO B 589 42.33 1.90 -17.78
CA PRO B 589 41.99 2.47 -16.47
C PRO B 589 43.22 3.10 -15.81
N CYS B 590 42.95 3.88 -14.77
CA CYS B 590 43.98 4.62 -14.05
C CYS B 590 44.35 3.98 -12.72
N SER B 591 43.44 3.26 -12.08
CA SER B 591 43.68 2.62 -10.79
C SER B 591 44.06 1.16 -11.02
N PHE B 592 45.31 0.82 -10.76
CA PHE B 592 45.81 -0.55 -10.90
C PHE B 592 46.51 -0.94 -9.62
N GLY B 593 45.91 -1.86 -8.87
CA GLY B 593 46.52 -2.35 -7.64
C GLY B 593 46.35 -1.37 -6.48
N GLY B 594 47.32 -1.42 -5.56
CA GLY B 594 47.27 -0.57 -4.39
C GLY B 594 48.65 -0.07 -3.97
N VAL B 595 48.81 0.24 -2.70
CA VAL B 595 50.06 0.75 -2.16
C VAL B 595 50.64 -0.26 -1.19
N SER B 596 51.96 -0.19 -1.00
CA SER B 596 52.67 -1.07 -0.09
C SER B 596 53.69 -0.27 0.70
N VAL B 597 53.74 -0.52 2.01
CA VAL B 597 54.66 0.17 2.92
C VAL B 597 55.71 -0.83 3.36
N ILE B 598 56.97 -0.43 3.25
CA ILE B 598 58.11 -1.28 3.61
C ILE B 598 58.69 -0.79 4.93
N THR B 599 58.69 -1.68 5.93
CA THR B 599 59.26 -1.37 7.23
C THR B 599 60.47 -2.25 7.49
N PRO B 600 61.62 -1.67 7.83
CA PRO B 600 62.82 -2.50 8.07
C PRO B 600 62.74 -3.35 9.33
N GLY B 601 61.87 -3.02 10.26
CA GLY B 601 61.74 -3.76 11.50
C GLY B 601 61.89 -2.88 12.72
N THR B 602 61.60 -3.47 13.88
CA THR B 602 61.67 -2.76 15.15
C THR B 602 63.13 -2.61 15.59
N ASN B 603 63.39 -1.52 16.32
CA ASN B 603 64.70 -1.18 16.86
C ASN B 603 65.78 -1.10 15.77
N THR B 604 65.39 -0.86 14.52
CA THR B 604 66.35 -0.76 13.43
C THR B 604 66.32 0.60 12.75
N SER B 605 65.15 1.09 12.37
CA SER B 605 65.05 2.36 11.65
C SER B 605 63.74 3.05 12.04
N ASN B 606 63.48 4.19 11.39
CA ASN B 606 62.27 4.96 11.63
C ASN B 606 61.54 5.37 10.36
N GLN B 607 62.18 5.38 9.20
CA GLN B 607 61.55 5.77 7.95
C GLN B 607 61.05 4.54 7.20
N VAL B 608 60.13 4.79 6.26
CA VAL B 608 59.51 3.75 5.46
C VAL B 608 59.62 4.13 3.98
N ALA B 609 59.07 3.29 3.12
CA ALA B 609 59.09 3.51 1.68
C ALA B 609 57.72 3.20 1.10
N VAL B 610 57.30 4.01 0.14
CA VAL B 610 56.00 3.87 -0.52
C VAL B 610 56.22 3.11 -1.82
N LEU B 611 55.52 1.99 -1.99
CA LEU B 611 55.65 1.13 -3.16
C LEU B 611 54.31 1.02 -3.87
N TYR B 612 54.32 1.26 -5.18
CA TYR B 612 53.13 1.11 -6.00
C TYR B 612 53.15 -0.26 -6.68
N GLN B 613 51.98 -0.89 -6.79
CA GLN B 613 51.90 -2.23 -7.36
C GLN B 613 51.99 -2.19 -8.88
N ASP B 614 51.03 -1.52 -9.53
CA ASP B 614 50.99 -1.44 -10.99
C ASP B 614 50.66 -0.03 -11.44
N VAL B 615 51.21 0.97 -10.76
CA VAL B 615 50.99 2.38 -11.08
C VAL B 615 52.30 2.95 -11.59
N ASN B 616 52.28 3.44 -12.83
CA ASN B 616 53.47 4.03 -13.43
C ASN B 616 53.71 5.43 -12.88
N CYS B 617 54.97 5.81 -12.77
CA CYS B 617 55.35 7.11 -12.20
C CYS B 617 55.73 8.11 -13.28
N ASN B 641 66.08 8.23 -4.36
CA ASN B 641 64.76 8.86 -4.21
C ASN B 641 63.69 8.07 -4.95
N VAL B 642 63.48 8.41 -6.22
CA VAL B 642 62.48 7.75 -7.05
C VAL B 642 63.20 6.79 -7.99
N PHE B 643 62.82 5.52 -7.94
CA PHE B 643 63.41 4.49 -8.79
C PHE B 643 62.29 3.69 -9.43
N GLN B 644 62.23 3.70 -10.75
CA GLN B 644 61.21 2.98 -11.50
C GLN B 644 61.62 1.51 -11.58
N THR B 645 61.14 0.73 -10.61
CA THR B 645 61.44 -0.69 -10.58
C THR B 645 60.57 -1.44 -11.57
N ARG B 646 60.91 -2.71 -11.79
CA ARG B 646 60.13 -3.55 -12.71
C ARG B 646 58.81 -4.00 -12.11
N ALA B 647 58.64 -3.87 -10.80
CA ALA B 647 57.41 -4.27 -10.12
C ALA B 647 56.53 -3.08 -9.76
N GLY B 648 56.71 -1.94 -10.43
CA GLY B 648 55.90 -0.77 -10.16
C GLY B 648 56.71 0.49 -9.88
N CYS B 649 56.51 1.07 -8.69
CA CYS B 649 57.22 2.27 -8.28
C CYS B 649 57.63 2.13 -6.81
N LEU B 650 58.93 2.20 -6.55
CA LEU B 650 59.45 2.34 -5.19
C LEU B 650 60.06 3.73 -5.05
N ILE B 651 59.46 4.56 -4.21
CA ILE B 651 59.94 5.91 -3.97
C ILE B 651 60.44 6.01 -2.54
N GLY B 652 61.27 7.02 -2.29
CA GLY B 652 61.86 7.21 -0.98
C GLY B 652 63.04 6.33 -0.68
N ALA B 653 63.60 5.66 -1.68
CA ALA B 653 64.75 4.78 -1.48
C ALA B 653 65.66 4.87 -2.69
N GLU B 654 66.92 5.20 -2.47
CA GLU B 654 67.89 5.32 -3.54
C GLU B 654 68.30 3.93 -4.04
N HIS B 655 68.83 3.90 -5.26
CA HIS B 655 69.25 2.67 -5.91
C HIS B 655 70.77 2.59 -5.96
N VAL B 656 71.29 1.39 -5.70
CA VAL B 656 72.72 1.12 -5.74
C VAL B 656 72.97 -0.09 -6.62
N ASN B 657 74.06 -0.07 -7.37
CA ASN B 657 74.36 -1.16 -8.29
C ASN B 657 75.01 -2.36 -7.61
N ASN B 658 75.41 -2.23 -6.35
CA ASN B 658 75.96 -3.36 -5.63
C ASN B 658 74.85 -4.33 -5.22
N SER B 659 75.24 -5.59 -5.04
CA SER B 659 74.30 -6.66 -4.72
C SER B 659 74.71 -7.33 -3.43
N TYR B 660 73.75 -7.50 -2.53
CA TYR B 660 73.96 -8.18 -1.26
C TYR B 660 72.77 -9.11 -1.00
N GLU B 661 72.80 -9.80 0.14
CA GLU B 661 71.70 -10.67 0.53
C GLU B 661 70.55 -9.83 1.07
N CYS B 662 69.41 -9.89 0.41
CA CYS B 662 68.25 -9.10 0.79
C CYS B 662 67.40 -9.86 1.82
N ASP B 663 66.64 -9.10 2.60
CA ASP B 663 65.80 -9.64 3.65
C ASP B 663 64.31 -9.46 3.37
N ILE B 664 63.89 -8.24 3.06
CA ILE B 664 62.48 -7.94 2.81
C ILE B 664 62.20 -8.19 1.34
N PRO B 665 61.34 -9.15 1.00
CA PRO B 665 61.03 -9.41 -0.41
C PRO B 665 60.06 -8.37 -0.97
N ILE B 666 60.29 -7.99 -2.22
CA ILE B 666 59.44 -7.01 -2.90
C ILE B 666 58.81 -7.65 -4.12
N GLY B 667 59.63 -8.16 -5.02
CA GLY B 667 59.17 -8.81 -6.23
C GLY B 667 60.03 -8.44 -7.42
N ALA B 668 59.88 -9.22 -8.49
CA ALA B 668 60.60 -9.00 -9.75
C ALA B 668 62.11 -9.04 -9.58
N GLY B 669 62.59 -9.86 -8.65
CA GLY B 669 64.01 -10.07 -8.48
C GLY B 669 64.77 -8.95 -7.80
N ILE B 670 64.07 -7.96 -7.24
CA ILE B 670 64.70 -6.83 -6.55
C ILE B 670 64.08 -6.70 -5.17
N CYS B 671 64.92 -6.56 -4.16
CA CYS B 671 64.50 -6.43 -2.77
C CYS B 671 64.72 -4.99 -2.30
N ALA B 672 64.46 -4.78 -1.01
CA ALA B 672 64.71 -3.50 -0.35
C ALA B 672 65.27 -3.77 1.03
N SER B 673 66.42 -3.16 1.34
CA SER B 673 67.11 -3.40 2.60
C SER B 673 67.54 -2.06 3.19
N TYR B 674 68.18 -2.13 4.36
CA TYR B 674 68.64 -0.95 5.08
C TYR B 674 70.12 -1.15 5.41
N GLN B 675 71.00 -0.55 4.60
CA GLN B 675 72.44 -0.64 4.79
C GLN B 675 73.04 0.76 4.70
N THR B 676 74.35 0.83 4.87
CA THR B 676 75.06 2.11 4.82
C THR B 676 75.22 2.58 3.38
N SER B 689 74.77 8.77 6.75
CA SER B 689 74.59 7.61 7.62
C SER B 689 74.06 6.41 6.84
N GLN B 690 73.05 5.75 7.40
CA GLN B 690 72.42 4.60 6.78
C GLN B 690 71.01 4.94 6.31
N SER B 691 70.67 4.51 5.11
CA SER B 691 69.35 4.78 4.53
C SER B 691 68.83 3.52 3.86
N ILE B 692 67.54 3.53 3.57
CA ILE B 692 66.89 2.40 2.89
C ILE B 692 67.29 2.41 1.42
N ILE B 693 67.91 1.32 0.97
CA ILE B 693 68.38 1.21 -0.41
C ILE B 693 67.67 0.04 -1.08
N ALA B 694 67.52 0.14 -2.39
CA ALA B 694 66.90 -0.89 -3.22
C ALA B 694 67.90 -1.35 -4.26
N TYR B 695 68.16 -2.66 -4.30
CA TYR B 695 69.14 -3.21 -5.23
C TYR B 695 68.74 -4.63 -5.59
N THR B 696 69.34 -5.13 -6.67
CA THR B 696 69.06 -6.49 -7.11
C THR B 696 69.66 -7.49 -6.14
N MET B 697 68.88 -8.51 -5.79
CA MET B 697 69.32 -9.49 -4.83
C MET B 697 70.39 -10.41 -5.43
N SER B 698 71.25 -10.94 -4.56
CA SER B 698 72.28 -11.88 -4.97
C SER B 698 71.73 -13.30 -4.92
N LEU B 699 71.97 -14.07 -5.99
CA LEU B 699 71.48 -15.43 -6.08
C LEU B 699 72.40 -16.44 -5.41
N GLY B 700 73.53 -16.00 -4.86
CA GLY B 700 74.44 -16.90 -4.20
C GLY B 700 75.86 -16.37 -4.30
N ALA B 701 76.79 -17.15 -3.73
CA ALA B 701 78.20 -16.81 -3.74
C ALA B 701 78.77 -17.06 -5.13
N GLU B 702 79.15 -16.01 -5.82
CA GLU B 702 79.71 -16.12 -7.17
C GLU B 702 81.14 -16.64 -7.07
N ASN B 703 81.29 -17.96 -7.22
CA ASN B 703 82.59 -18.61 -7.16
C ASN B 703 82.73 -19.58 -8.31
N SER B 704 83.98 -19.92 -8.62
CA SER B 704 84.30 -20.85 -9.70
C SER B 704 84.74 -22.19 -9.13
N VAL B 705 84.24 -23.27 -9.74
CA VAL B 705 84.58 -24.62 -9.35
C VAL B 705 85.51 -25.20 -10.41
N ALA B 706 86.73 -25.54 -9.99
CA ALA B 706 87.72 -26.10 -10.90
C ALA B 706 87.38 -27.55 -11.22
N TYR B 707 87.12 -27.83 -12.50
CA TYR B 707 86.78 -29.17 -12.96
C TYR B 707 87.95 -29.74 -13.77
N SER B 708 88.30 -30.98 -13.50
CA SER B 708 89.37 -31.66 -14.23
C SER B 708 89.08 -33.15 -14.26
N ASN B 709 89.67 -33.82 -15.25
CA ASN B 709 89.47 -35.24 -15.45
C ASN B 709 90.43 -36.11 -14.64
N ASN B 710 91.41 -35.51 -13.98
CA ASN B 710 92.40 -36.24 -13.20
C ASN B 710 92.64 -35.57 -11.86
N SER B 711 91.57 -35.05 -11.26
CA SER B 711 91.67 -34.38 -9.96
C SER B 711 90.43 -34.70 -9.13
N ILE B 712 90.64 -35.14 -7.90
CA ILE B 712 89.54 -35.46 -6.99
C ILE B 712 89.78 -34.71 -5.68
N ALA B 713 88.69 -34.50 -4.94
CA ALA B 713 88.72 -33.79 -3.67
C ALA B 713 88.15 -34.69 -2.59
N ILE B 714 88.98 -35.10 -1.65
CA ILE B 714 88.59 -35.96 -0.54
C ILE B 714 88.66 -35.13 0.74
N PRO B 715 87.58 -35.04 1.51
CA PRO B 715 87.62 -34.26 2.75
C PRO B 715 88.39 -34.97 3.84
N THR B 716 89.17 -34.19 4.60
CA THR B 716 89.98 -34.72 5.68
C THR B 716 89.42 -34.42 7.07
N ASN B 717 88.45 -33.51 7.18
CA ASN B 717 87.83 -33.17 8.45
C ASN B 717 86.35 -32.99 8.25
N PHE B 718 85.63 -32.87 9.37
CA PHE B 718 84.18 -32.73 9.33
C PHE B 718 83.71 -31.97 10.56
N THR B 719 82.47 -31.47 10.49
CA THR B 719 81.85 -30.75 11.58
C THR B 719 80.47 -31.35 11.84
N ILE B 720 80.18 -31.65 13.10
CA ILE B 720 78.90 -32.24 13.48
C ILE B 720 77.95 -31.11 13.85
N SER B 721 76.94 -30.89 13.02
CA SER B 721 75.95 -29.85 13.22
C SER B 721 74.58 -30.47 13.46
N VAL B 722 73.66 -29.65 13.95
CA VAL B 722 72.30 -30.08 14.25
C VAL B 722 71.34 -29.18 13.47
N THR B 723 70.53 -29.78 12.62
CA THR B 723 69.55 -29.06 11.82
C THR B 723 68.19 -29.13 12.53
N THR B 724 67.68 -27.98 12.94
CA THR B 724 66.41 -27.90 13.66
C THR B 724 65.29 -27.65 12.65
N GLU B 725 64.42 -28.64 12.50
CA GLU B 725 63.27 -28.54 11.60
C GLU B 725 62.00 -28.43 12.44
N ILE B 726 61.13 -27.49 12.06
CA ILE B 726 59.90 -27.22 12.79
C ILE B 726 58.73 -27.74 11.97
N LEU B 727 57.99 -28.70 12.52
CA LEU B 727 56.86 -29.29 11.82
C LEU B 727 55.68 -29.49 12.77
N PRO B 728 54.56 -28.81 12.53
CA PRO B 728 53.41 -28.98 13.41
C PRO B 728 52.63 -30.25 13.11
N VAL B 729 51.97 -30.77 14.14
CA VAL B 729 51.18 -31.99 14.00
C VAL B 729 49.73 -31.80 14.42
N SER B 730 49.41 -30.79 15.22
CA SER B 730 48.04 -30.57 15.67
C SER B 730 47.85 -29.09 15.96
N MET B 731 46.60 -28.72 16.24
CA MET B 731 46.25 -27.34 16.56
C MET B 731 45.11 -27.35 17.57
N THR B 732 44.50 -26.19 17.79
CA THR B 732 43.40 -26.07 18.74
C THR B 732 42.12 -26.68 18.17
N LYS B 733 41.22 -27.06 19.07
CA LYS B 733 39.95 -27.66 18.72
C LYS B 733 38.83 -26.71 19.10
N THR B 734 38.10 -26.21 18.10
CA THR B 734 37.00 -25.28 18.29
C THR B 734 35.72 -25.92 17.79
N SER B 735 34.71 -25.98 18.66
CA SER B 735 33.41 -26.58 18.34
C SER B 735 32.35 -25.48 18.36
N VAL B 736 31.87 -25.10 17.17
CA VAL B 736 30.91 -24.01 17.02
C VAL B 736 29.52 -24.57 16.81
N ASP B 737 28.56 -24.10 17.60
CA ASP B 737 27.16 -24.45 17.47
C ASP B 737 26.45 -23.39 16.64
N CYS B 738 25.38 -23.79 15.94
CA CYS B 738 24.55 -22.79 15.28
C CYS B 738 23.57 -22.11 16.22
N THR B 739 23.02 -22.83 17.19
CA THR B 739 21.92 -22.33 18.00
C THR B 739 22.40 -21.34 19.04
N MET B 740 23.61 -21.52 19.55
CA MET B 740 24.20 -20.53 20.45
C MET B 740 24.81 -19.36 19.70
N TYR B 741 25.37 -19.61 18.50
CA TYR B 741 26.03 -18.53 17.77
C TYR B 741 25.04 -17.71 16.95
N ILE B 742 24.06 -18.35 16.32
CA ILE B 742 23.10 -17.62 15.50
C ILE B 742 21.98 -17.05 16.35
N CYS B 743 21.27 -17.92 17.07
CA CYS B 743 20.15 -17.51 17.91
C CYS B 743 20.66 -17.09 19.29
N GLY B 744 19.93 -16.16 19.90
CA GLY B 744 20.31 -15.66 21.21
C GLY B 744 19.50 -16.26 22.35
N ASP B 745 18.62 -15.44 22.93
CA ASP B 745 17.77 -15.84 24.06
C ASP B 745 16.31 -15.62 23.73
N SER B 746 15.90 -16.03 22.54
CA SER B 746 14.52 -15.87 22.09
C SER B 746 14.05 -17.16 21.43
N THR B 747 12.73 -17.27 21.25
CA THR B 747 12.12 -18.43 20.63
C THR B 747 11.77 -18.19 19.17
N GLU B 748 11.80 -16.94 18.71
CA GLU B 748 11.46 -16.66 17.31
C GLU B 748 12.58 -17.07 16.37
N CYS B 749 13.82 -17.11 16.84
CA CYS B 749 14.93 -17.55 16.01
C CYS B 749 14.95 -19.06 15.83
N SER B 750 14.41 -19.81 16.79
CA SER B 750 14.38 -21.27 16.68
C SER B 750 13.37 -21.75 15.65
N ASN B 751 12.37 -20.93 15.33
CA ASN B 751 11.39 -21.33 14.33
C ASN B 751 11.97 -21.24 12.91
N LEU B 752 12.79 -20.23 12.65
CA LEU B 752 13.41 -20.10 11.35
C LEU B 752 14.65 -20.99 11.19
N LEU B 753 15.20 -21.49 12.30
CA LEU B 753 16.36 -22.36 12.23
C LEU B 753 16.00 -23.77 11.79
N LEU B 754 14.72 -24.15 11.86
CA LEU B 754 14.32 -25.48 11.42
C LEU B 754 14.37 -25.59 9.89
N GLN B 755 14.23 -24.47 9.18
CA GLN B 755 14.36 -24.49 7.74
C GLN B 755 15.81 -24.61 7.30
N TYR B 756 16.76 -24.21 8.14
CA TYR B 756 18.18 -24.34 7.87
C TYR B 756 18.83 -25.41 8.73
N GLY B 757 18.05 -26.43 9.14
CA GLY B 757 18.60 -27.51 9.93
C GLY B 757 19.50 -28.45 9.16
N SER B 758 19.32 -28.54 7.84
CA SER B 758 20.19 -29.39 7.04
C SER B 758 21.58 -28.78 6.91
N PHE B 759 21.68 -27.44 6.99
CA PHE B 759 22.99 -26.80 6.92
C PHE B 759 23.79 -27.00 8.21
N CYS B 760 23.11 -27.10 9.36
CA CYS B 760 23.82 -27.39 10.60
C CYS B 760 24.13 -28.87 10.79
N THR B 761 23.40 -29.75 10.12
CA THR B 761 23.84 -31.14 10.15
C THR B 761 25.15 -31.29 9.41
N GLN B 762 25.38 -30.47 8.38
CA GLN B 762 26.63 -30.50 7.64
C GLN B 762 27.75 -29.80 8.40
N LEU B 763 27.44 -28.69 9.09
CA LEU B 763 28.47 -27.96 9.81
C LEU B 763 28.82 -28.63 11.14
N ASN B 764 27.88 -29.33 11.76
CA ASN B 764 28.19 -30.07 12.98
C ASN B 764 28.97 -31.34 12.66
N ARG B 765 28.65 -31.99 11.55
CA ARG B 765 29.40 -33.19 11.16
C ARG B 765 30.79 -32.84 10.65
N ALA B 766 30.96 -31.62 10.14
CA ALA B 766 32.29 -31.20 9.69
C ALA B 766 33.20 -30.88 10.87
N LEU B 767 32.65 -30.23 11.90
CA LEU B 767 33.45 -29.90 13.08
C LEU B 767 33.76 -31.12 13.93
N THR B 768 32.91 -32.16 13.88
CA THR B 768 33.22 -33.40 14.57
C THR B 768 34.32 -34.17 13.84
N GLY B 769 34.27 -34.17 12.50
CA GLY B 769 35.33 -34.78 11.72
C GLY B 769 36.66 -34.08 11.84
N ILE B 770 36.65 -32.80 12.20
CA ILE B 770 37.91 -32.08 12.46
C ILE B 770 38.49 -32.52 13.80
N ALA B 771 37.65 -32.64 14.82
CA ALA B 771 38.14 -32.96 16.16
C ALA B 771 38.70 -34.38 16.23
N VAL B 772 38.15 -35.32 15.46
CA VAL B 772 38.69 -36.67 15.46
C VAL B 772 39.99 -36.72 14.66
N GLU B 773 40.07 -35.97 13.57
CA GLU B 773 41.30 -35.91 12.80
C GLU B 773 42.40 -35.18 13.55
N GLN B 774 42.03 -34.19 14.38
CA GLN B 774 43.02 -33.51 15.19
C GLN B 774 43.54 -34.41 16.31
N ASP B 775 42.74 -35.37 16.75
CA ASP B 775 43.16 -36.33 17.76
C ASP B 775 43.86 -37.54 17.17
N LYS B 776 43.55 -37.89 15.92
CA LYS B 776 44.17 -39.04 15.27
C LYS B 776 45.58 -38.73 14.77
N ASN B 777 45.90 -37.45 14.53
CA ASN B 777 47.24 -37.11 14.07
C ASN B 777 48.27 -37.26 15.18
N THR B 778 47.85 -37.15 16.44
CA THR B 778 48.79 -37.33 17.55
C THR B 778 49.15 -38.79 17.74
N GLN B 779 48.21 -39.70 17.50
CA GLN B 779 48.47 -41.13 17.64
C GLN B 779 49.29 -41.71 16.50
N GLU B 780 49.49 -40.96 15.42
CA GLU B 780 50.27 -41.44 14.27
C GLU B 780 51.72 -40.99 14.30
N VAL B 781 52.06 -39.95 15.07
CA VAL B 781 53.41 -39.41 15.14
C VAL B 781 54.09 -39.80 16.45
N PHE B 782 53.45 -39.52 17.58
CA PHE B 782 54.03 -39.80 18.88
C PHE B 782 53.78 -41.23 19.36
N ALA B 783 52.64 -41.81 19.00
CA ALA B 783 52.29 -43.16 19.44
C ALA B 783 52.74 -44.20 18.42
N GLN B 784 54.05 -44.23 18.17
CA GLN B 784 54.62 -45.20 17.25
C GLN B 784 54.85 -46.55 17.93
N VAL B 785 55.17 -46.55 19.22
CA VAL B 785 55.36 -47.77 19.98
C VAL B 785 54.33 -47.83 21.09
N LYS B 786 54.13 -49.03 21.62
CA LYS B 786 53.16 -49.27 22.69
C LYS B 786 53.83 -49.64 24.02
N GLN B 787 55.09 -49.27 24.19
CA GLN B 787 55.83 -49.57 25.41
C GLN B 787 56.57 -48.31 25.87
N ILE B 788 56.50 -48.03 27.16
CA ILE B 788 57.18 -46.89 27.76
C ILE B 788 58.57 -47.34 28.19
N TYR B 789 59.60 -46.72 27.60
CA TYR B 789 60.98 -47.08 27.90
C TYR B 789 61.52 -46.16 28.99
N LYS B 790 61.95 -46.76 30.10
CA LYS B 790 62.48 -45.99 31.22
C LYS B 790 63.91 -45.55 30.93
N THR B 791 64.28 -44.40 31.49
CA THR B 791 65.62 -43.87 31.30
C THR B 791 66.61 -44.64 32.17
N PRO B 792 67.74 -45.06 31.63
CA PRO B 792 68.72 -45.80 32.42
C PRO B 792 69.46 -44.88 33.36
N PRO B 793 69.88 -45.37 34.54
CA PRO B 793 70.61 -44.51 35.48
C PRO B 793 72.04 -44.25 35.09
N ILE B 794 72.62 -45.05 34.19
CA ILE B 794 74.01 -44.87 33.76
C ILE B 794 74.04 -43.71 32.77
N LYS B 795 74.63 -42.59 33.19
CA LYS B 795 74.72 -41.40 32.35
C LYS B 795 76.03 -41.34 31.57
N ASP B 796 76.90 -42.34 31.72
CA ASP B 796 78.17 -42.38 31.00
C ASP B 796 77.94 -43.02 29.64
N PHE B 797 77.82 -42.19 28.60
CA PHE B 797 77.58 -42.65 27.24
C PHE B 797 78.83 -42.55 26.37
N GLY B 798 80.00 -42.44 26.98
CA GLY B 798 81.24 -42.33 26.23
C GLY B 798 81.68 -40.92 25.94
N GLY B 799 81.37 -39.96 26.82
CA GLY B 799 81.75 -38.58 26.62
C GLY B 799 80.66 -37.69 26.06
N PHE B 800 79.46 -38.22 25.83
CA PHE B 800 78.36 -37.45 25.29
C PHE B 800 77.49 -36.89 26.41
N ASN B 801 77.00 -35.67 26.21
CA ASN B 801 76.14 -34.99 27.18
C ASN B 801 74.69 -35.17 26.75
N PHE B 802 73.93 -35.96 27.52
CA PHE B 802 72.54 -36.24 27.21
C PHE B 802 71.59 -35.65 28.26
N SER B 803 72.08 -34.72 29.09
CA SER B 803 71.25 -34.11 30.11
C SER B 803 70.28 -33.09 29.54
N GLN B 804 70.52 -32.60 28.32
CA GLN B 804 69.62 -31.64 27.71
C GLN B 804 68.39 -32.28 27.10
N ILE B 805 68.50 -33.55 26.68
CA ILE B 805 67.37 -34.26 26.09
C ILE B 805 66.64 -35.14 27.11
N LEU B 806 67.25 -35.41 28.27
CA LEU B 806 66.62 -36.23 29.29
C LEU B 806 65.97 -35.36 30.36
N PRO B 807 64.84 -35.78 30.91
CA PRO B 807 64.17 -34.99 31.95
C PRO B 807 64.97 -35.02 33.25
N ASP B 808 65.22 -33.83 33.80
CA ASP B 808 65.96 -33.74 35.05
C ASP B 808 65.03 -33.95 36.24
N PRO B 809 65.51 -34.62 37.29
CA PRO B 809 64.66 -34.88 38.46
C PRO B 809 64.53 -33.69 39.41
N SER B 810 65.14 -32.55 39.09
CA SER B 810 65.04 -31.39 39.96
C SER B 810 63.67 -30.71 39.85
N LYS B 811 63.01 -30.84 38.70
CA LYS B 811 61.70 -30.25 38.48
C LYS B 811 60.62 -31.33 38.48
N PRO B 812 59.41 -31.02 38.97
CA PRO B 812 58.34 -32.03 38.95
C PRO B 812 57.80 -32.31 37.56
N SER B 813 57.98 -31.39 36.61
CA SER B 813 57.49 -31.61 35.26
C SER B 813 58.42 -32.56 34.50
N LYS B 814 57.86 -33.22 33.50
CA LYS B 814 58.60 -34.18 32.68
C LYS B 814 59.36 -33.52 31.54
N ARG B 815 59.20 -32.22 31.35
CA ARG B 815 59.89 -31.52 30.26
C ARG B 815 61.35 -31.30 30.62
N SER B 816 62.21 -31.40 29.62
CA SER B 816 63.64 -31.16 29.84
C SER B 816 63.92 -29.66 29.79
N PRO B 817 65.17 -29.26 30.02
CA PRO B 817 65.47 -27.83 29.90
C PRO B 817 65.07 -27.30 28.53
N ILE B 818 65.42 -28.04 27.49
CA ILE B 818 65.08 -27.62 26.13
C ILE B 818 63.57 -27.54 25.97
N GLU B 819 62.89 -28.64 26.24
CA GLU B 819 61.43 -28.66 26.10
C GLU B 819 60.77 -27.55 26.92
N ASP B 820 61.36 -27.20 28.06
CA ASP B 820 60.82 -26.10 28.87
C ASP B 820 61.16 -24.75 28.25
N LEU B 821 62.27 -24.66 27.52
CA LEU B 821 62.59 -23.41 26.83
C LEU B 821 61.67 -23.16 25.65
N LEU B 822 61.16 -24.23 25.03
CA LEU B 822 60.25 -24.09 23.90
C LEU B 822 58.82 -23.84 24.33
N PHE B 823 58.45 -24.21 25.56
CA PHE B 823 57.09 -23.98 26.03
C PHE B 823 56.84 -22.50 26.30
N ASN B 824 57.84 -21.79 26.81
CA ASN B 824 57.71 -20.37 27.08
C ASN B 824 58.10 -19.50 25.88
N LYS B 825 58.65 -20.09 24.82
CA LYS B 825 59.05 -19.32 23.66
C LYS B 825 57.85 -18.97 22.78
N VAL B 826 57.02 -19.97 22.48
CA VAL B 826 55.83 -19.78 21.65
C VAL B 826 54.63 -19.56 22.56
N THR B 827 53.77 -18.63 22.20
CA THR B 827 52.58 -18.32 22.98
C THR B 827 51.42 -19.22 22.57
N ALA B 852 36.98 -13.06 26.97
CA ALA B 852 37.42 -14.40 26.60
C ALA B 852 36.81 -14.81 25.26
N GLN B 853 37.49 -15.72 24.56
CA GLN B 853 37.02 -16.20 23.27
C GLN B 853 35.84 -17.15 23.38
N LYS B 854 35.61 -17.74 24.55
CA LYS B 854 34.51 -18.66 24.77
C LYS B 854 33.24 -17.97 25.23
N PHE B 855 33.22 -16.63 25.26
CA PHE B 855 32.04 -15.91 25.73
C PHE B 855 30.93 -15.88 24.69
N ASN B 856 31.28 -15.99 23.41
CA ASN B 856 30.31 -15.97 22.32
C ASN B 856 29.98 -17.36 21.80
N GLY B 857 30.06 -18.37 22.66
CA GLY B 857 29.78 -19.74 22.27
C GLY B 857 30.91 -20.45 21.55
N LEU B 858 32.08 -19.83 21.44
CA LEU B 858 33.23 -20.43 20.76
C LEU B 858 34.13 -21.12 21.79
N THR B 859 33.60 -22.20 22.35
CA THR B 859 34.32 -22.95 23.37
C THR B 859 35.43 -23.77 22.74
N VAL B 860 36.51 -23.94 23.48
CA VAL B 860 37.69 -24.69 23.03
C VAL B 860 37.72 -26.01 23.79
N LEU B 861 37.63 -27.11 23.05
CA LEU B 861 37.64 -28.43 23.67
C LEU B 861 39.08 -28.92 23.87
N PRO B 862 39.38 -29.53 25.00
CA PRO B 862 40.74 -30.03 25.24
C PRO B 862 40.98 -31.31 24.45
N PRO B 863 42.22 -31.56 24.06
CA PRO B 863 42.54 -32.77 23.29
C PRO B 863 42.57 -33.99 24.21
N LEU B 864 42.79 -35.16 23.59
CA LEU B 864 42.84 -36.40 24.35
C LEU B 864 44.14 -36.50 25.15
N LEU B 865 45.25 -36.08 24.56
CA LEU B 865 46.56 -36.15 25.20
C LEU B 865 47.03 -34.74 25.55
N THR B 866 47.37 -34.52 26.81
CA THR B 866 47.84 -33.22 27.27
C THR B 866 49.33 -33.08 26.99
N ASP B 867 49.92 -31.98 27.46
CA ASP B 867 51.35 -31.75 27.22
C ASP B 867 52.23 -32.67 28.04
N GLU B 868 51.71 -33.22 29.14
CA GLU B 868 52.51 -34.13 29.96
C GLU B 868 52.66 -35.49 29.30
N MET B 869 51.62 -35.96 28.61
CA MET B 869 51.69 -37.26 27.94
C MET B 869 52.47 -37.18 26.64
N ILE B 870 52.47 -36.03 25.97
CA ILE B 870 53.28 -35.86 24.77
C ILE B 870 54.76 -35.81 25.14
N ALA B 871 55.09 -35.13 26.25
CA ALA B 871 56.47 -35.12 26.72
C ALA B 871 56.89 -36.50 27.22
N GLN B 872 55.95 -37.29 27.73
CA GLN B 872 56.27 -38.66 28.12
C GLN B 872 56.49 -39.54 26.90
N TYR B 873 55.81 -39.25 25.78
CA TYR B 873 56.02 -40.01 24.57
C TYR B 873 57.39 -39.71 23.96
N THR B 874 57.83 -38.45 24.06
CA THR B 874 59.14 -38.09 23.53
C THR B 874 60.28 -38.63 24.39
N SER B 875 60.08 -38.70 25.70
CA SER B 875 61.10 -39.26 26.58
C SER B 875 61.18 -40.78 26.43
N ALA B 876 60.07 -41.42 26.08
CA ALA B 876 60.09 -42.86 25.84
C ALA B 876 60.76 -43.20 24.51
N LEU B 877 60.62 -42.35 23.51
CA LEU B 877 61.30 -42.56 22.24
C LEU B 877 62.78 -42.22 22.33
N LEU B 878 63.14 -41.24 23.18
CA LEU B 878 64.55 -40.90 23.35
C LEU B 878 65.28 -41.95 24.19
N ALA B 879 64.56 -42.64 25.08
CA ALA B 879 65.20 -43.68 25.87
C ALA B 879 65.50 -44.92 25.04
N GLY B 880 64.61 -45.25 24.10
CA GLY B 880 64.85 -46.38 23.23
C GLY B 880 65.82 -46.11 22.11
N THR B 881 66.04 -44.84 21.76
CA THR B 881 67.00 -44.50 20.72
C THR B 881 68.43 -44.59 21.23
N ILE B 882 68.66 -44.17 22.48
CA ILE B 882 70.01 -44.21 23.05
C ILE B 882 70.37 -45.58 23.59
N THR B 883 69.42 -46.52 23.65
CA THR B 883 69.66 -47.85 24.17
C THR B 883 69.48 -48.96 23.16
N SER B 884 68.64 -48.78 22.15
CA SER B 884 68.40 -49.80 21.14
C SER B 884 68.64 -49.25 19.74
N GLY B 885 68.32 -47.97 19.53
CA GLY B 885 68.54 -47.33 18.25
C GLY B 885 67.39 -47.49 17.28
N TRP B 886 67.24 -48.68 16.72
CA TRP B 886 66.20 -48.93 15.72
C TRP B 886 65.42 -50.23 15.94
N THR B 887 65.87 -51.11 16.83
CA THR B 887 65.17 -52.37 17.05
C THR B 887 63.90 -52.21 17.88
N PHE B 888 63.79 -51.13 18.65
CA PHE B 888 62.60 -50.90 19.46
C PHE B 888 61.41 -50.41 18.64
N GLY B 889 61.66 -49.85 17.46
CA GLY B 889 60.58 -49.38 16.61
C GLY B 889 60.21 -50.36 15.51
N ALA B 890 61.03 -51.41 15.36
CA ALA B 890 60.79 -52.43 14.34
C ALA B 890 60.77 -53.84 14.93
N GLY B 891 60.57 -53.93 16.24
CA GLY B 891 60.55 -55.22 16.92
C GLY B 891 60.81 -54.97 18.39
N PRO B 892 61.14 -56.01 19.15
CA PRO B 892 61.49 -55.80 20.56
C PRO B 892 62.77 -54.98 20.69
N ALA B 893 62.82 -54.09 21.66
CA ALA B 893 64.01 -53.27 21.88
C ALA B 893 65.18 -54.11 22.37
N LEU B 894 66.39 -53.73 21.99
CA LEU B 894 67.58 -54.45 22.44
C LEU B 894 68.52 -53.50 23.18
N GLN B 895 69.66 -54.01 23.62
CA GLN B 895 70.63 -53.16 24.30
C GLN B 895 71.88 -53.04 23.44
N ILE B 896 72.37 -51.82 23.29
CA ILE B 896 73.58 -51.56 22.50
C ILE B 896 74.18 -50.23 22.96
N PRO B 897 75.49 -50.16 23.17
CA PRO B 897 76.09 -48.89 23.58
C PRO B 897 76.01 -47.84 22.48
N PHE B 898 76.13 -46.57 22.88
CA PHE B 898 76.01 -45.48 21.92
C PHE B 898 77.07 -45.48 20.82
N PRO B 899 78.35 -45.58 21.19
CA PRO B 899 79.37 -45.50 20.14
C PRO B 899 79.13 -46.55 19.08
N MET B 900 78.87 -47.79 19.50
CA MET B 900 78.58 -48.85 18.56
C MET B 900 77.38 -48.46 17.72
N GLN B 901 76.46 -47.70 18.31
CA GLN B 901 75.26 -47.29 17.59
C GLN B 901 75.57 -46.19 16.59
N MET B 902 76.48 -45.27 16.95
CA MET B 902 76.86 -44.21 16.03
C MET B 902 77.69 -44.74 14.86
N ALA B 903 78.49 -45.80 15.09
CA ALA B 903 79.30 -46.36 14.02
C ALA B 903 78.46 -47.06 12.96
N TYR B 904 77.27 -47.55 13.32
CA TYR B 904 76.41 -48.19 12.34
C TYR B 904 75.69 -47.17 11.48
N ARG B 905 75.46 -45.96 11.99
CA ARG B 905 74.85 -44.91 11.19
C ARG B 905 75.84 -44.34 10.18
N PHE B 906 77.14 -44.42 10.48
CA PHE B 906 78.14 -43.95 9.54
C PHE B 906 78.30 -44.91 8.36
N ASN B 907 77.99 -46.19 8.56
CA ASN B 907 78.13 -47.17 7.49
C ASN B 907 77.03 -47.04 6.44
N GLY B 908 75.93 -46.36 6.77
CA GLY B 908 74.86 -46.19 5.80
C GLY B 908 75.07 -45.05 4.82
N ILE B 909 76.01 -44.15 5.10
CA ILE B 909 76.32 -43.03 4.23
C ILE B 909 77.62 -43.21 3.48
N GLY B 910 78.30 -44.34 3.65
CA GLY B 910 79.53 -44.61 2.95
C GLY B 910 80.80 -44.44 3.76
N VAL B 911 80.70 -44.23 5.07
CA VAL B 911 81.86 -44.04 5.92
C VAL B 911 82.13 -45.33 6.68
N THR B 912 83.33 -45.85 6.55
CA THR B 912 83.73 -47.03 7.31
C THR B 912 83.91 -46.67 8.78
N GLN B 913 83.73 -47.67 9.63
CA GLN B 913 83.59 -47.46 11.07
C GLN B 913 84.90 -47.52 11.84
N ASN B 914 86.05 -47.56 11.14
CA ASN B 914 87.32 -47.60 11.85
C ASN B 914 87.79 -46.23 12.32
N VAL B 915 87.35 -45.15 11.66
CA VAL B 915 87.77 -43.81 12.02
C VAL B 915 87.02 -43.24 13.21
N LEU B 916 85.92 -43.88 13.63
CA LEU B 916 85.16 -43.36 14.76
C LEU B 916 85.86 -43.64 16.09
N TYR B 917 86.61 -44.73 16.17
CA TYR B 917 87.32 -45.12 17.39
C TYR B 917 88.70 -44.48 17.50
N GLU B 918 89.05 -43.58 16.58
CA GLU B 918 90.34 -42.90 16.64
C GLU B 918 90.24 -41.48 17.17
N ASN B 919 89.07 -40.85 17.06
CA ASN B 919 88.85 -39.48 17.53
C ASN B 919 87.55 -39.41 18.33
N GLN B 920 87.38 -40.36 19.27
CA GLN B 920 86.16 -40.41 20.07
C GLN B 920 85.98 -39.14 20.90
N LYS B 921 87.08 -38.55 21.36
CA LYS B 921 86.98 -37.29 22.10
C LYS B 921 86.67 -36.11 21.19
N LEU B 922 86.92 -36.25 19.88
CA LEU B 922 86.62 -35.16 18.96
C LEU B 922 85.14 -35.15 18.58
N ILE B 923 84.54 -36.32 18.38
CA ILE B 923 83.11 -36.37 18.06
C ILE B 923 82.27 -36.05 19.28
N ALA B 924 82.73 -36.44 20.48
CA ALA B 924 81.99 -36.12 21.69
C ALA B 924 82.03 -34.63 22.00
N ASN B 925 83.15 -33.97 21.68
CA ASN B 925 83.24 -32.53 21.90
C ASN B 925 82.47 -31.75 20.84
N GLN B 926 82.43 -32.26 19.61
CA GLN B 926 81.66 -31.61 18.55
C GLN B 926 80.16 -31.79 18.73
N PHE B 927 79.75 -32.88 19.38
CA PHE B 927 78.32 -33.09 19.64
C PHE B 927 77.82 -32.20 20.76
N ASN B 928 78.65 -31.99 21.79
CA ASN B 928 78.23 -31.13 22.89
C ASN B 928 78.23 -29.66 22.49
N SER B 929 79.12 -29.27 21.56
CA SER B 929 79.12 -27.89 21.08
C SER B 929 77.94 -27.65 20.14
N ALA B 930 77.45 -28.69 19.46
CA ALA B 930 76.29 -28.53 18.60
C ALA B 930 75.00 -28.38 19.40
N ILE B 931 74.92 -29.03 20.57
CA ILE B 931 73.74 -28.87 21.41
C ILE B 931 73.73 -27.49 22.05
N GLY B 932 74.89 -26.99 22.45
CA GLY B 932 74.96 -25.66 23.05
C GLY B 932 74.71 -24.55 22.06
N LYS B 933 74.98 -24.79 20.78
CA LYS B 933 74.70 -23.78 19.77
C LYS B 933 73.22 -23.72 19.43
N ILE B 934 72.51 -24.85 19.51
CA ILE B 934 71.07 -24.85 19.30
C ILE B 934 70.36 -24.24 20.50
N GLN B 935 70.84 -24.53 21.71
CA GLN B 935 70.22 -23.99 22.91
C GLN B 935 70.43 -22.48 23.01
N ASP B 936 71.57 -21.98 22.52
CA ASP B 936 71.81 -20.54 22.52
C ASP B 936 71.07 -19.82 21.42
N SER B 937 70.72 -20.51 20.33
CA SER B 937 69.97 -19.89 19.25
C SER B 937 68.48 -19.88 19.54
N LEU B 938 67.96 -20.94 20.16
CA LEU B 938 66.55 -21.02 20.49
C LEU B 938 66.17 -20.12 21.67
N SER B 939 67.13 -19.74 22.51
CA SER B 939 66.84 -18.88 23.66
C SER B 939 66.72 -17.42 23.26
N SER B 940 67.17 -17.05 22.06
CA SER B 940 67.10 -15.66 21.61
C SER B 940 65.70 -15.33 21.13
N ALA B 944 61.29 -15.74 17.59
CA ALA B 944 60.33 -16.81 17.82
C ALA B 944 60.22 -17.72 16.60
N LEU B 945 59.61 -18.88 16.78
CA LEU B 945 59.45 -19.82 15.68
C LEU B 945 58.36 -19.35 14.72
N GLY B 946 58.45 -19.83 13.48
CA GLY B 946 57.51 -19.43 12.46
C GLY B 946 56.41 -20.44 12.20
N LYS B 947 56.77 -21.72 12.12
CA LYS B 947 55.78 -22.75 11.82
C LYS B 947 54.86 -23.03 13.01
N LEU B 948 55.29 -22.74 14.23
CA LEU B 948 54.46 -22.93 15.42
C LEU B 948 53.73 -21.67 15.83
N GLN B 949 53.86 -20.58 15.07
CA GLN B 949 53.18 -19.33 15.37
C GLN B 949 52.12 -18.95 14.34
N ASP B 950 52.30 -19.34 13.08
CA ASP B 950 51.31 -19.01 12.05
C ASP B 950 50.05 -19.85 12.22
N VAL B 951 50.17 -21.05 12.80
CA VAL B 951 48.99 -21.88 13.05
C VAL B 951 48.18 -21.36 14.23
N VAL B 952 48.80 -20.57 15.10
CA VAL B 952 48.08 -19.99 16.24
C VAL B 952 47.54 -18.61 15.90
N ASN B 953 48.29 -17.83 15.12
CA ASN B 953 47.83 -16.49 14.75
C ASN B 953 46.67 -16.55 13.76
N GLN B 954 46.64 -17.57 12.91
CA GLN B 954 45.52 -17.71 11.98
C GLN B 954 44.26 -18.15 12.70
N ASN B 955 44.39 -18.96 13.76
CA ASN B 955 43.24 -19.36 14.54
C ASN B 955 42.76 -18.25 15.48
N ALA B 956 43.68 -17.39 15.92
CA ALA B 956 43.30 -16.28 16.78
C ALA B 956 42.59 -15.19 16.00
N GLN B 957 43.01 -14.94 14.76
CA GLN B 957 42.34 -13.94 13.93
C GLN B 957 41.00 -14.44 13.42
N ALA B 958 40.85 -15.77 13.27
CA ALA B 958 39.58 -16.32 12.83
C ALA B 958 38.54 -16.29 13.95
N LEU B 959 38.97 -16.51 15.19
CA LEU B 959 38.06 -16.42 16.32
C LEU B 959 37.67 -14.97 16.62
N ASN B 960 38.59 -14.03 16.40
CA ASN B 960 38.29 -12.62 16.59
C ASN B 960 37.43 -12.07 15.46
N THR B 961 37.41 -12.75 14.29
CA THR B 961 36.55 -12.30 13.20
C THR B 961 35.10 -12.70 13.47
N LEU B 962 34.88 -13.85 14.11
CA LEU B 962 33.52 -14.31 14.36
C LEU B 962 32.78 -13.42 15.36
N VAL B 963 33.50 -12.84 16.32
CA VAL B 963 32.87 -11.91 17.24
C VAL B 963 32.59 -10.58 16.54
N LYS B 964 33.41 -10.23 15.55
CA LYS B 964 33.15 -9.03 14.75
C LYS B 964 31.98 -9.23 13.80
N GLN B 965 31.65 -10.47 13.45
CA GLN B 965 30.49 -10.72 12.59
C GLN B 965 29.20 -10.44 13.33
N LEU B 966 29.20 -10.56 14.66
CA LEU B 966 28.01 -10.27 15.45
C LEU B 966 27.77 -8.77 15.63
N SER B 967 28.75 -7.94 15.30
CA SER B 967 28.63 -6.49 15.42
C SER B 967 28.20 -5.84 14.10
N SER B 968 27.87 -6.64 13.09
CA SER B 968 27.45 -6.13 11.79
C SER B 968 25.94 -6.34 11.63
N ASN B 969 25.36 -5.60 10.69
CA ASN B 969 23.92 -5.67 10.44
C ASN B 969 23.56 -6.51 9.22
N PHE B 970 24.52 -6.79 8.34
CA PHE B 970 24.27 -7.55 7.11
C PHE B 970 23.18 -6.91 6.27
N GLY B 971 23.21 -5.58 6.19
CA GLY B 971 22.21 -4.86 5.42
C GLY B 971 20.89 -4.65 6.12
N ALA B 972 20.92 -4.49 7.44
CA ALA B 972 19.69 -4.29 8.21
C ALA B 972 19.79 -3.03 9.07
N ILE B 973 18.79 -2.83 9.94
CA ILE B 973 18.77 -1.64 10.80
C ILE B 973 19.47 -1.88 12.14
N SER B 974 19.73 -3.13 12.51
CA SER B 974 20.40 -3.43 13.76
C SER B 974 21.29 -4.65 13.57
N SER B 975 22.15 -4.89 14.55
CA SER B 975 23.07 -6.02 14.53
C SER B 975 22.53 -7.23 15.28
N VAL B 976 22.12 -7.05 16.52
CA VAL B 976 21.57 -8.13 17.33
C VAL B 976 20.07 -8.24 17.07
N LEU B 977 19.56 -9.46 17.11
CA LEU B 977 18.13 -9.70 16.87
C LEU B 977 17.25 -9.29 18.04
N ASN B 978 17.83 -9.06 19.22
CA ASN B 978 17.05 -8.64 20.37
C ASN B 978 16.68 -7.16 20.32
N ASP B 979 17.36 -6.36 19.48
CA ASP B 979 17.06 -4.95 19.39
C ASP B 979 15.83 -4.68 18.53
N ILE B 980 15.69 -5.40 17.42
CA ILE B 980 14.55 -5.18 16.53
C ILE B 980 13.25 -5.77 17.11
N LEU B 981 13.35 -6.73 18.03
CA LEU B 981 12.15 -7.29 18.64
C LEU B 981 11.58 -6.40 19.73
N SER B 982 12.36 -5.47 20.27
CA SER B 982 11.88 -4.57 21.31
C SER B 982 11.23 -3.32 20.73
N ARG B 983 11.60 -2.92 19.51
CA ARG B 983 11.04 -1.74 18.88
C ARG B 983 10.00 -2.06 17.82
N LEU B 984 10.08 -3.24 17.21
CA LEU B 984 9.14 -3.64 16.17
C LEU B 984 8.52 -4.99 16.53
N ASP B 985 7.41 -5.31 15.85
CA ASP B 985 6.75 -6.58 16.08
C ASP B 985 7.36 -7.67 15.19
N PRO B 986 7.38 -8.90 15.66
CA PRO B 986 8.00 -10.00 14.89
C PRO B 986 7.31 -10.25 13.56
N PRO B 987 5.99 -10.02 13.43
CA PRO B 987 5.41 -10.06 12.08
C PRO B 987 5.98 -9.02 11.13
N GLU B 988 6.50 -7.90 11.66
CA GLU B 988 7.08 -6.86 10.82
C GLU B 988 8.58 -7.05 10.62
N ALA B 989 9.29 -7.42 11.69
CA ALA B 989 10.74 -7.59 11.64
C ALA B 989 11.16 -9.00 11.25
N GLU B 990 10.30 -9.75 10.56
CA GLU B 990 10.65 -11.10 10.16
C GLU B 990 11.68 -11.09 9.02
N VAL B 991 11.68 -10.04 8.20
CA VAL B 991 12.65 -9.95 7.12
C VAL B 991 14.03 -9.59 7.64
N GLN B 992 14.10 -8.81 8.73
CA GLN B 992 15.39 -8.44 9.30
C GLN B 992 16.02 -9.59 10.07
N ILE B 993 15.21 -10.50 10.60
CA ILE B 993 15.76 -11.67 11.30
C ILE B 993 16.33 -12.67 10.29
N ASP B 994 15.64 -12.86 9.17
CA ASP B 994 16.15 -13.78 8.15
C ASP B 994 17.42 -13.27 7.49
N ARG B 995 17.58 -11.95 7.41
CA ARG B 995 18.83 -11.40 6.88
C ARG B 995 19.98 -11.58 7.84
N LEU B 996 19.70 -11.62 9.15
CA LEU B 996 20.74 -11.87 10.13
C LEU B 996 21.08 -13.35 10.23
N ILE B 997 20.11 -14.22 9.96
CA ILE B 997 20.37 -15.66 10.00
C ILE B 997 21.16 -16.08 8.76
N THR B 998 20.72 -15.64 7.58
CA THR B 998 21.46 -15.95 6.36
C THR B 998 22.79 -15.22 6.30
N GLY B 999 22.88 -14.07 6.98
CA GLY B 999 24.16 -13.37 7.06
C GLY B 999 25.15 -14.07 7.96
N ARG B 1000 24.66 -14.70 9.03
CA ARG B 1000 25.53 -15.47 9.92
C ARG B 1000 25.78 -16.88 9.39
N LEU B 1001 24.88 -17.40 8.54
CA LEU B 1001 25.11 -18.72 7.95
C LEU B 1001 26.24 -18.67 6.92
N GLN B 1002 26.39 -17.54 6.22
CA GLN B 1002 27.50 -17.41 5.28
C GLN B 1002 28.83 -17.31 5.99
N SER B 1003 28.88 -16.65 7.15
CA SER B 1003 30.11 -16.58 7.92
C SER B 1003 30.41 -17.92 8.60
N LEU B 1004 29.38 -18.66 8.99
CA LEU B 1004 29.60 -19.98 9.57
C LEU B 1004 30.05 -20.99 8.51
N GLN B 1005 29.57 -20.84 7.27
CA GLN B 1005 30.04 -21.69 6.19
C GLN B 1005 31.45 -21.31 5.74
N THR B 1006 31.86 -20.06 5.97
CA THR B 1006 33.20 -19.64 5.62
C THR B 1006 34.22 -20.08 6.68
N TYR B 1007 33.84 -20.02 7.95
CA TYR B 1007 34.76 -20.41 9.01
C TYR B 1007 35.01 -21.91 9.02
N VAL B 1008 33.98 -22.71 8.69
CA VAL B 1008 34.16 -24.15 8.64
C VAL B 1008 35.00 -24.54 7.42
N THR B 1009 34.77 -23.88 6.29
CA THR B 1009 35.56 -24.16 5.09
C THR B 1009 37.01 -23.71 5.27
N GLN B 1010 37.23 -22.59 5.95
CA GLN B 1010 38.59 -22.14 6.21
C GLN B 1010 39.31 -23.04 7.21
N GLN B 1011 38.56 -23.64 8.15
CA GLN B 1011 39.17 -24.55 9.10
C GLN B 1011 39.45 -25.92 8.49
N LEU B 1012 38.71 -26.29 7.45
CA LEU B 1012 38.96 -27.58 6.80
C LEU B 1012 40.22 -27.55 5.95
N ILE B 1013 40.54 -26.39 5.37
CA ILE B 1013 41.81 -26.26 4.64
C ILE B 1013 42.98 -26.25 5.61
N ARG B 1014 42.80 -25.62 6.77
CA ARG B 1014 43.84 -25.66 7.80
C ARG B 1014 43.97 -27.05 8.41
N ALA B 1015 42.87 -27.80 8.47
CA ALA B 1015 42.94 -29.19 8.93
C ALA B 1015 43.61 -30.08 7.89
N ALA B 1016 43.44 -29.78 6.61
CA ALA B 1016 44.14 -30.52 5.58
C ALA B 1016 45.62 -30.18 5.54
N GLU B 1017 45.96 -28.94 5.89
CA GLU B 1017 47.37 -28.56 6.00
C GLU B 1017 48.01 -29.18 7.23
N ILE B 1018 47.24 -29.34 8.32
CA ILE B 1018 47.75 -30.03 9.49
C ILE B 1018 47.93 -31.52 9.21
N ARG B 1019 46.96 -32.12 8.50
CA ARG B 1019 47.06 -33.53 8.16
C ARG B 1019 48.22 -33.78 7.20
N ALA B 1020 48.48 -32.83 6.29
CA ALA B 1020 49.61 -32.98 5.37
C ALA B 1020 50.94 -32.82 6.08
N SER B 1021 50.98 -32.02 7.15
CA SER B 1021 52.21 -31.87 7.93
C SER B 1021 52.37 -32.99 8.95
N ALA B 1022 51.26 -33.53 9.46
CA ALA B 1022 51.36 -34.64 10.41
C ALA B 1022 51.77 -35.93 9.70
N ASN B 1023 51.31 -36.13 8.47
CA ASN B 1023 51.76 -37.30 7.70
C ASN B 1023 53.21 -37.13 7.25
N LEU B 1024 53.65 -35.90 7.03
CA LEU B 1024 55.05 -35.67 6.70
C LEU B 1024 55.93 -35.85 7.93
N ALA B 1025 55.43 -35.47 9.11
CA ALA B 1025 56.17 -35.67 10.35
C ALA B 1025 56.16 -37.14 10.78
N ALA B 1026 55.11 -37.88 10.43
CA ALA B 1026 55.09 -39.31 10.75
C ALA B 1026 56.06 -40.09 9.88
N THR B 1027 56.27 -39.67 8.63
CA THR B 1027 57.26 -40.32 7.79
C THR B 1027 58.67 -39.98 8.23
N LYS B 1028 58.88 -38.76 8.73
CA LYS B 1028 60.20 -38.38 9.24
C LYS B 1028 60.48 -39.03 10.60
N MET B 1029 59.42 -39.35 11.36
CA MET B 1029 59.62 -40.03 12.63
C MET B 1029 60.02 -41.49 12.43
N SER B 1030 59.44 -42.14 11.42
CA SER B 1030 59.73 -43.54 11.14
C SER B 1030 61.02 -43.74 10.35
N GLU B 1031 61.61 -42.68 9.83
CA GLU B 1031 62.84 -42.78 9.04
C GLU B 1031 64.03 -42.09 9.69
N CYS B 1032 63.90 -40.82 10.07
CA CYS B 1032 65.01 -40.11 10.67
C CYS B 1032 65.22 -40.48 12.13
N VAL B 1033 64.12 -40.68 12.87
CA VAL B 1033 64.21 -41.03 14.28
C VAL B 1033 64.28 -42.54 14.42
N LEU B 1034 63.28 -43.25 13.87
CA LEU B 1034 63.22 -44.71 13.95
C LEU B 1034 64.14 -45.30 12.89
N GLY B 1035 65.43 -45.30 13.19
CA GLY B 1035 66.43 -45.84 12.31
C GLY B 1035 67.16 -44.77 11.52
N GLN B 1036 67.82 -45.22 10.45
CA GLN B 1036 68.58 -44.34 9.57
C GLN B 1036 67.88 -44.26 8.23
N SER B 1037 67.58 -43.04 7.79
CA SER B 1037 66.90 -42.83 6.52
C SER B 1037 67.91 -42.93 5.39
N LYS B 1038 67.66 -43.83 4.43
CA LYS B 1038 68.55 -44.01 3.30
C LYS B 1038 68.47 -42.88 2.28
N ARG B 1039 67.39 -42.09 2.33
CA ARG B 1039 67.23 -40.97 1.41
C ARG B 1039 68.13 -39.82 1.84
N VAL B 1040 69.09 -39.45 0.99
CA VAL B 1040 70.02 -38.37 1.31
C VAL B 1040 69.31 -37.04 1.19
N ASP B 1041 69.71 -36.09 2.03
CA ASP B 1041 69.15 -34.74 2.04
C ASP B 1041 67.65 -34.74 2.32
N PHE B 1042 67.20 -35.66 3.17
CA PHE B 1042 65.79 -35.76 3.55
C PHE B 1042 65.52 -35.23 4.95
N CYS B 1043 66.36 -35.58 5.92
CA CYS B 1043 66.22 -35.12 7.29
C CYS B 1043 66.99 -33.84 7.57
N GLY B 1044 67.41 -33.13 6.52
CA GLY B 1044 68.16 -31.90 6.70
C GLY B 1044 69.33 -31.77 5.74
N LYS B 1045 70.00 -30.62 5.75
CA LYS B 1045 71.14 -30.38 4.88
C LYS B 1045 72.34 -31.14 5.42
N GLY B 1046 72.77 -32.17 4.72
CA GLY B 1046 73.90 -32.99 5.11
C GLY B 1046 73.52 -34.45 5.25
N TYR B 1047 74.54 -35.26 5.51
CA TYR B 1047 74.35 -36.70 5.69
C TYR B 1047 73.73 -36.96 7.05
N HIS B 1048 72.52 -37.52 7.04
CA HIS B 1048 71.79 -37.78 8.29
C HIS B 1048 72.30 -39.05 8.95
N LEU B 1049 72.48 -38.99 10.27
CA LEU B 1049 72.89 -40.13 11.07
C LEU B 1049 71.79 -40.57 12.03
N MET B 1050 71.29 -39.66 12.85
CA MET B 1050 70.19 -39.94 13.77
C MET B 1050 69.51 -38.64 14.12
N SER B 1051 68.45 -38.72 14.92
CA SER B 1051 67.67 -37.55 15.32
C SER B 1051 67.30 -37.67 16.78
N PHE B 1052 66.88 -36.53 17.35
CA PHE B 1052 66.46 -36.46 18.75
C PHE B 1052 65.19 -35.64 18.82
N PRO B 1053 64.02 -36.28 18.76
CA PRO B 1053 62.77 -35.53 18.81
C PRO B 1053 62.42 -35.09 20.22
N GLN B 1054 61.90 -33.87 20.33
CA GLN B 1054 61.47 -33.30 21.60
C GLN B 1054 60.00 -32.93 21.54
N SER B 1055 59.46 -32.51 22.68
CA SER B 1055 58.06 -32.10 22.76
C SER B 1055 57.92 -30.62 22.43
N ALA B 1056 56.79 -30.28 21.80
CA ALA B 1056 56.52 -28.92 21.41
C ALA B 1056 55.02 -28.66 21.53
N PRO B 1057 54.63 -27.44 21.92
CA PRO B 1057 53.19 -27.12 22.02
C PRO B 1057 52.56 -27.05 20.64
N HIS B 1058 51.57 -27.91 20.40
CA HIS B 1058 50.87 -27.99 19.11
C HIS B 1058 51.84 -28.24 17.96
N GLY B 1059 52.78 -29.14 18.17
CA GLY B 1059 53.75 -29.46 17.14
C GLY B 1059 54.80 -30.42 17.68
N VAL B 1060 55.86 -30.57 16.89
CA VAL B 1060 56.97 -31.45 17.25
C VAL B 1060 58.23 -30.91 16.60
N VAL B 1061 59.36 -31.06 17.30
CA VAL B 1061 60.65 -30.59 16.80
C VAL B 1061 61.56 -31.80 16.65
N PHE B 1062 62.55 -31.65 15.76
CA PHE B 1062 63.52 -32.71 15.48
C PHE B 1062 64.92 -32.13 15.50
N LEU B 1063 65.81 -32.77 16.26
CA LEU B 1063 67.21 -32.37 16.37
C LEU B 1063 68.05 -33.47 15.70
N HIS B 1064 68.26 -33.33 14.40
CA HIS B 1064 69.01 -34.32 13.65
C HIS B 1064 70.52 -34.15 13.89
N VAL B 1065 71.27 -35.16 13.48
CA VAL B 1065 72.72 -35.16 13.57
C VAL B 1065 73.25 -35.25 12.14
N THR B 1066 73.65 -34.11 11.59
CA THR B 1066 74.14 -34.06 10.22
C THR B 1066 75.64 -34.32 10.17
N TYR B 1067 76.12 -34.60 8.96
CA TYR B 1067 77.53 -34.90 8.71
C TYR B 1067 77.97 -34.10 7.48
N VAL B 1068 78.55 -32.93 7.72
CA VAL B 1068 78.99 -32.06 6.63
C VAL B 1068 80.52 -31.91 6.69
N PRO B 1069 81.21 -31.84 5.55
CA PRO B 1069 82.66 -31.67 5.58
C PRO B 1069 83.05 -30.22 5.81
N ALA B 1070 84.23 -30.05 6.41
CA ALA B 1070 84.78 -28.73 6.70
C ALA B 1070 86.04 -28.42 5.91
N GLN B 1071 87.04 -29.28 5.96
CA GLN B 1071 88.29 -29.10 5.25
C GLN B 1071 88.44 -30.18 4.17
N GLU B 1072 89.09 -29.79 3.07
CA GLU B 1072 89.29 -30.72 1.96
C GLU B 1072 90.54 -30.31 1.19
N LYS B 1073 91.12 -31.28 0.50
CA LYS B 1073 92.31 -31.07 -0.32
C LYS B 1073 92.11 -31.71 -1.69
N ASN B 1074 92.92 -31.27 -2.65
CA ASN B 1074 92.86 -31.76 -4.01
C ASN B 1074 93.95 -32.79 -4.24
N PHE B 1075 93.58 -33.94 -4.81
CA PHE B 1075 94.50 -35.02 -5.10
C PHE B 1075 94.26 -35.55 -6.50
N THR B 1076 95.33 -36.09 -7.09
CA THR B 1076 95.23 -36.68 -8.42
C THR B 1076 94.68 -38.10 -8.33
N THR B 1077 93.60 -38.36 -9.07
CA THR B 1077 92.92 -39.65 -9.04
C THR B 1077 93.22 -40.45 -10.30
N ALA B 1078 92.89 -41.74 -10.24
CA ALA B 1078 93.06 -42.66 -11.36
C ALA B 1078 91.89 -43.63 -11.38
N PRO B 1079 91.33 -43.91 -12.56
CA PRO B 1079 90.16 -44.79 -12.62
C PRO B 1079 90.52 -46.26 -12.48
N ALA B 1080 91.72 -46.64 -12.91
CA ALA B 1080 92.14 -48.04 -12.85
C ALA B 1080 93.65 -48.09 -12.64
N ILE B 1081 94.14 -49.30 -12.40
CA ILE B 1081 95.56 -49.55 -12.15
C ILE B 1081 96.02 -50.64 -13.10
N CYS B 1082 97.04 -50.32 -13.91
CA CYS B 1082 97.62 -51.27 -14.84
C CYS B 1082 98.95 -51.76 -14.27
N HIS B 1083 99.01 -53.05 -13.93
CA HIS B 1083 100.18 -53.63 -13.29
C HIS B 1083 100.93 -54.59 -14.21
N ASP B 1084 100.25 -55.60 -14.75
CA ASP B 1084 100.89 -56.59 -15.61
C ASP B 1084 100.08 -56.89 -16.86
N GLY B 1085 99.00 -56.17 -17.11
CA GLY B 1085 98.17 -56.42 -18.27
C GLY B 1085 96.69 -56.47 -17.95
N LYS B 1086 96.37 -56.47 -16.66
CA LYS B 1086 94.99 -56.50 -16.19
C LYS B 1086 94.69 -55.22 -15.42
N ALA B 1087 93.44 -54.78 -15.50
CA ALA B 1087 93.00 -53.56 -14.85
C ALA B 1087 92.46 -53.85 -13.46
N HIS B 1088 92.86 -53.02 -12.49
CA HIS B 1088 92.42 -53.16 -11.11
C HIS B 1088 91.38 -52.09 -10.80
N PHE B 1089 90.22 -52.50 -10.32
CA PHE B 1089 89.15 -51.58 -9.99
C PHE B 1089 88.80 -51.65 -8.51
N PRO B 1090 88.57 -50.51 -7.86
CA PRO B 1090 88.25 -50.51 -6.43
C PRO B 1090 86.81 -50.94 -6.19
N ARG B 1091 86.51 -51.19 -4.92
CA ARG B 1091 85.19 -51.62 -4.49
C ARG B 1091 84.41 -50.55 -3.75
N GLU B 1092 85.05 -49.84 -2.81
CA GLU B 1092 84.35 -48.83 -2.03
C GLU B 1092 85.07 -47.49 -2.11
N GLY B 1093 86.39 -47.51 -2.20
CA GLY B 1093 87.20 -46.32 -2.24
C GLY B 1093 87.61 -45.94 -3.65
N VAL B 1094 88.59 -45.03 -3.72
CA VAL B 1094 89.11 -44.55 -4.99
C VAL B 1094 90.60 -44.29 -4.83
N PHE B 1095 91.35 -44.54 -5.91
CA PHE B 1095 92.80 -44.36 -5.87
C PHE B 1095 93.15 -42.87 -5.90
N VAL B 1096 93.93 -42.44 -4.92
CA VAL B 1096 94.36 -41.05 -4.81
C VAL B 1096 95.88 -40.99 -4.83
N SER B 1097 96.39 -39.78 -5.08
CA SER B 1097 97.82 -39.54 -5.15
C SER B 1097 98.09 -38.06 -4.89
N ASN B 1098 99.09 -37.79 -4.06
CA ASN B 1098 99.44 -36.42 -3.70
C ASN B 1098 100.70 -35.92 -4.39
N GLY B 1099 101.19 -36.65 -5.40
CA GLY B 1099 102.29 -36.17 -6.21
C GLY B 1099 103.36 -37.20 -6.51
N THR B 1100 103.63 -38.09 -5.56
CA THR B 1100 104.59 -39.17 -5.79
C THR B 1100 104.14 -40.53 -5.28
N HIS B 1101 103.19 -40.61 -4.35
CA HIS B 1101 102.73 -41.86 -3.78
C HIS B 1101 101.36 -42.22 -4.35
N TRP B 1102 100.82 -43.34 -3.90
CA TRP B 1102 99.51 -43.80 -4.36
C TRP B 1102 98.82 -44.52 -3.21
N PHE B 1103 97.65 -44.01 -2.82
CA PHE B 1103 96.85 -44.60 -1.75
C PHE B 1103 95.42 -44.75 -2.24
N VAL B 1104 94.56 -45.27 -1.36
CA VAL B 1104 93.15 -45.47 -1.66
C VAL B 1104 92.33 -44.98 -0.47
N THR B 1105 91.25 -44.26 -0.75
CA THR B 1105 90.37 -43.75 0.30
C THR B 1105 88.97 -43.57 -0.27
N GLN B 1106 87.99 -43.48 0.63
CA GLN B 1106 86.61 -43.32 0.23
C GLN B 1106 86.34 -41.86 -0.15
N ARG B 1107 85.15 -41.62 -0.69
CA ARG B 1107 84.73 -40.30 -1.12
C ARG B 1107 84.11 -39.47 -0.01
N ASN B 1108 84.15 -39.96 1.24
CA ASN B 1108 83.57 -39.25 2.37
C ASN B 1108 84.58 -38.87 3.45
N PHE B 1109 85.71 -39.58 3.53
CA PHE B 1109 86.72 -39.27 4.53
C PHE B 1109 88.09 -39.68 4.00
N TYR B 1110 89.11 -38.93 4.40
CA TYR B 1110 90.48 -39.17 3.94
C TYR B 1110 91.13 -40.20 4.87
N GLU B 1111 91.31 -41.42 4.36
CA GLU B 1111 91.97 -42.49 5.09
C GLU B 1111 92.98 -43.16 4.16
N PRO B 1112 94.25 -42.80 4.25
CA PRO B 1112 95.24 -43.39 3.34
C PRO B 1112 95.52 -44.85 3.68
N GLN B 1113 95.44 -45.70 2.66
CA GLN B 1113 95.70 -47.13 2.83
C GLN B 1113 96.56 -47.62 1.67
N ILE B 1114 97.30 -48.70 1.92
CA ILE B 1114 98.17 -49.27 0.91
C ILE B 1114 97.33 -50.07 -0.08
N ILE B 1115 97.71 -49.99 -1.36
CA ILE B 1115 97.00 -50.71 -2.42
C ILE B 1115 97.25 -52.20 -2.21
N THR B 1116 96.22 -52.93 -1.79
CA THR B 1116 96.32 -54.35 -1.50
C THR B 1116 95.38 -55.13 -2.42
N THR B 1117 95.26 -56.43 -2.16
CA THR B 1117 94.41 -57.30 -2.96
C THR B 1117 92.99 -57.41 -2.40
N ASP B 1118 92.83 -57.25 -1.09
CA ASP B 1118 91.52 -57.43 -0.46
C ASP B 1118 90.52 -56.36 -0.84
N ASN B 1119 90.98 -55.20 -1.32
CA ASN B 1119 90.10 -54.10 -1.67
C ASN B 1119 89.96 -53.90 -3.18
N THR B 1120 90.70 -54.64 -3.99
CA THR B 1120 90.66 -54.51 -5.43
C THR B 1120 90.34 -55.85 -6.08
N PHE B 1121 90.00 -55.80 -7.37
CA PHE B 1121 89.72 -56.99 -8.14
C PHE B 1121 90.08 -56.73 -9.60
N VAL B 1122 90.18 -57.80 -10.37
CA VAL B 1122 90.57 -57.72 -11.77
C VAL B 1122 89.41 -58.15 -12.64
N SER B 1123 89.36 -57.61 -13.86
CA SER B 1123 88.32 -57.94 -14.81
C SER B 1123 88.79 -57.54 -16.20
N GLY B 1124 88.91 -58.51 -17.10
CA GLY B 1124 89.33 -58.22 -18.45
C GLY B 1124 90.82 -57.92 -18.54
N ASN B 1125 91.18 -57.06 -19.48
CA ASN B 1125 92.56 -56.67 -19.73
C ASN B 1125 92.75 -55.20 -19.37
N CYS B 1126 93.96 -54.70 -19.63
CA CYS B 1126 94.30 -53.34 -19.25
C CYS B 1126 93.81 -52.32 -20.28
N ASP B 1127 93.81 -52.68 -21.56
CA ASP B 1127 93.48 -51.73 -22.63
C ASP B 1127 91.97 -51.62 -22.82
N VAL B 1128 91.31 -51.09 -21.78
CA VAL B 1128 89.88 -50.82 -21.83
C VAL B 1128 89.54 -49.39 -21.46
N VAL B 1129 90.38 -48.69 -20.70
CA VAL B 1129 90.12 -47.32 -20.28
C VAL B 1129 90.86 -46.37 -21.20
N ILE B 1130 90.23 -45.25 -21.55
CA ILE B 1130 90.87 -44.28 -22.43
C ILE B 1130 92.05 -43.61 -21.73
N GLY B 1131 91.98 -43.45 -20.41
CA GLY B 1131 93.08 -42.88 -19.66
C GLY B 1131 93.48 -43.73 -18.48
N ILE B 1132 94.72 -44.24 -18.48
CA ILE B 1132 95.20 -45.13 -17.43
C ILE B 1132 96.66 -44.82 -17.16
N VAL B 1133 97.11 -45.22 -15.97
CA VAL B 1133 98.50 -45.03 -15.54
C VAL B 1133 99.03 -46.37 -15.04
N ASN B 1134 100.34 -46.42 -14.83
CA ASN B 1134 101.02 -47.62 -14.34
C ASN B 1134 101.25 -47.49 -12.84
N ASN B 1135 100.85 -48.53 -12.10
CA ASN B 1135 101.01 -48.54 -10.66
C ASN B 1135 101.23 -49.98 -10.19
N THR B 1136 102.02 -50.12 -9.13
CA THR B 1136 102.36 -51.44 -8.60
C THR B 1136 101.43 -51.82 -7.45
N VAL B 1137 101.39 -53.11 -7.16
CA VAL B 1137 100.56 -53.67 -6.10
C VAL B 1137 101.47 -54.14 -4.97
N TYR B 1138 101.05 -53.89 -3.73
CA TYR B 1138 101.84 -54.30 -2.58
C TYR B 1138 101.90 -55.82 -2.45
N ASP B 1139 100.86 -56.51 -2.91
CA ASP B 1139 100.77 -57.98 -2.88
C ASP B 1139 101.01 -58.51 -1.48
N PRO B 1140 100.06 -58.35 -0.55
CA PRO B 1140 100.27 -58.80 0.83
C PRO B 1140 100.21 -60.30 1.03
N LEU B 1141 100.24 -61.10 -0.04
CA LEU B 1141 100.28 -62.54 0.05
C LEU B 1141 101.62 -63.14 -0.33
N GLN B 1142 102.41 -62.44 -1.15
CA GLN B 1142 103.69 -62.98 -1.59
C GLN B 1142 104.71 -63.13 -0.46
N PRO B 1143 104.94 -62.14 0.39
CA PRO B 1143 105.98 -62.30 1.43
C PRO B 1143 105.62 -63.26 2.54
N GLU B 1144 104.39 -63.79 2.56
CA GLU B 1144 103.99 -64.72 3.62
C GLU B 1144 104.22 -66.18 3.25
N LEU B 1145 104.29 -66.50 1.96
CA LEU B 1145 104.50 -67.88 1.53
C LEU B 1145 105.98 -68.27 1.53
N ASP B 1146 106.89 -67.32 1.73
CA ASP B 1146 108.32 -67.62 1.75
C ASP B 1146 108.69 -68.35 3.05
N GLN C 14 -3.21 2.14 -59.21
CA GLN C 14 -4.18 1.20 -59.77
C GLN C 14 -3.50 -0.11 -60.18
N CYS C 15 -4.27 -1.19 -60.21
CA CYS C 15 -3.76 -2.49 -60.58
C CYS C 15 -4.79 -3.21 -61.45
N VAL C 16 -4.30 -4.21 -62.19
CA VAL C 16 -5.15 -5.03 -63.05
C VAL C 16 -5.06 -6.48 -62.59
N ASN C 17 -5.94 -7.31 -63.14
CA ASN C 17 -5.99 -8.72 -62.81
C ASN C 17 -5.31 -9.54 -63.90
N LEU C 18 -4.86 -10.73 -63.51
CA LEU C 18 -4.18 -11.65 -64.42
C LEU C 18 -5.15 -12.71 -64.93
N THR C 19 -4.68 -13.48 -65.90
CA THR C 19 -5.45 -14.58 -66.47
C THR C 19 -4.84 -15.90 -66.03
N THR C 20 -5.69 -16.91 -65.85
CA THR C 20 -5.21 -18.22 -65.41
C THR C 20 -4.37 -18.86 -66.52
N ARG C 21 -3.17 -19.29 -66.17
CA ARG C 21 -2.23 -19.88 -67.12
C ARG C 21 -1.49 -21.02 -66.44
N THR C 22 -0.66 -21.71 -67.21
CA THR C 22 0.14 -22.82 -66.70
C THR C 22 1.38 -22.27 -66.02
N GLN C 23 1.56 -22.61 -64.74
CA GLN C 23 2.71 -22.18 -63.96
C GLN C 23 3.56 -23.38 -63.59
N LEU C 24 4.62 -23.12 -62.81
CA LEU C 24 5.52 -24.16 -62.35
C LEU C 24 5.51 -24.23 -60.83
N PRO C 25 5.48 -25.42 -60.25
CA PRO C 25 5.46 -25.54 -58.79
C PRO C 25 6.83 -25.25 -58.22
N PRO C 26 6.90 -24.72 -56.99
CA PRO C 26 8.20 -24.45 -56.38
C PRO C 26 8.89 -25.72 -55.91
N ALA C 27 10.21 -25.69 -55.94
CA ALA C 27 11.05 -26.82 -55.54
C ALA C 27 11.70 -26.54 -54.19
N TYR C 28 12.31 -27.58 -53.64
CA TYR C 28 12.98 -27.51 -52.35
C TYR C 28 14.46 -27.85 -52.55
N THR C 29 15.33 -26.91 -52.16
CA THR C 29 16.77 -27.08 -52.26
C THR C 29 17.39 -27.03 -50.88
N ASN C 30 18.71 -27.12 -50.83
CA ASN C 30 19.47 -27.13 -49.58
C ASN C 30 20.43 -25.95 -49.54
N SER C 31 20.59 -25.38 -48.35
CA SER C 31 21.51 -24.27 -48.15
C SER C 31 22.88 -24.78 -47.70
N PHE C 32 23.90 -23.97 -47.95
CA PHE C 32 25.28 -24.34 -47.62
C PHE C 32 25.96 -23.11 -47.01
N THR C 33 25.93 -23.04 -45.67
CA THR C 33 26.57 -21.97 -44.91
C THR C 33 26.12 -20.59 -45.37
N ARG C 34 24.81 -20.35 -45.22
CA ARG C 34 24.21 -19.08 -45.60
C ARG C 34 23.36 -18.55 -44.46
N GLY C 35 23.28 -17.23 -44.35
CA GLY C 35 22.48 -16.59 -43.33
C GLY C 35 23.26 -16.21 -42.08
N VAL C 36 24.45 -15.64 -42.26
CA VAL C 36 25.30 -15.20 -41.15
C VAL C 36 25.52 -13.71 -41.29
N TYR C 37 25.15 -12.95 -40.27
CA TYR C 37 25.30 -11.50 -40.24
C TYR C 37 25.96 -11.09 -38.93
N TYR C 38 26.13 -9.79 -38.76
CA TYR C 38 26.71 -9.25 -37.54
C TYR C 38 25.66 -9.19 -36.44
N PRO C 39 25.83 -9.91 -35.33
CA PRO C 39 24.81 -9.91 -34.27
C PRO C 39 24.89 -8.74 -33.30
N ASP C 40 25.81 -7.81 -33.51
CA ASP C 40 25.97 -6.67 -32.62
C ASP C 40 26.57 -5.51 -33.40
N LYS C 41 26.73 -4.37 -32.72
CA LYS C 41 27.32 -3.17 -33.30
C LYS C 41 28.63 -2.81 -32.59
N VAL C 42 29.32 -3.81 -32.06
CA VAL C 42 30.59 -3.62 -31.38
C VAL C 42 31.67 -4.38 -32.12
N PHE C 43 32.92 -4.09 -31.79
CA PHE C 43 34.07 -4.71 -32.43
C PHE C 43 34.59 -5.87 -31.57
N ARG C 44 34.92 -6.97 -32.24
CA ARG C 44 35.49 -8.14 -31.60
C ARG C 44 36.66 -8.65 -32.44
N SER C 45 37.72 -9.08 -31.76
CA SER C 45 38.91 -9.54 -32.45
C SER C 45 39.57 -10.65 -31.64
N SER C 46 39.82 -11.79 -32.31
CA SER C 46 40.53 -12.92 -31.72
C SER C 46 39.81 -13.45 -30.47
N VAL C 47 38.48 -13.47 -30.52
CA VAL C 47 37.67 -13.97 -29.42
C VAL C 47 36.54 -14.82 -29.98
N LEU C 48 36.28 -15.95 -29.33
CA LEU C 48 35.23 -16.88 -29.74
C LEU C 48 34.04 -16.70 -28.80
N HIS C 49 33.14 -15.80 -29.17
CA HIS C 49 31.98 -15.46 -28.35
C HIS C 49 30.71 -15.94 -29.02
N SER C 50 29.76 -16.40 -28.20
CA SER C 50 28.48 -16.90 -28.68
C SER C 50 27.35 -16.01 -28.15
N THR C 51 26.30 -15.88 -28.96
CA THR C 51 25.14 -15.08 -28.61
C THR C 51 23.88 -15.82 -29.04
N GLN C 52 22.73 -15.29 -28.62
CA GLN C 52 21.43 -15.88 -28.92
C GLN C 52 20.66 -14.89 -29.79
N ASP C 53 20.69 -15.11 -31.10
CA ASP C 53 20.01 -14.25 -32.06
C ASP C 53 19.28 -15.12 -33.07
N LEU C 54 18.56 -14.48 -33.98
CA LEU C 54 17.79 -15.17 -35.00
C LEU C 54 18.69 -15.41 -36.21
N PHE C 55 19.14 -16.65 -36.38
CA PHE C 55 20.01 -17.04 -37.48
C PHE C 55 19.37 -18.19 -38.25
N LEU C 56 20.03 -18.58 -39.35
CA LEU C 56 19.54 -19.66 -40.20
C LEU C 56 20.32 -20.93 -39.92
N PRO C 57 19.64 -22.04 -39.62
CA PRO C 57 20.35 -23.31 -39.40
C PRO C 57 20.94 -23.84 -40.70
N PHE C 58 22.15 -24.35 -40.62
CA PHE C 58 22.83 -24.88 -41.79
C PHE C 58 22.27 -26.24 -42.19
N PHE C 59 22.37 -26.54 -43.49
CA PHE C 59 21.90 -27.81 -44.05
C PHE C 59 20.42 -28.03 -43.76
N SER C 60 19.63 -26.97 -43.87
CA SER C 60 18.19 -27.01 -43.63
C SER C 60 17.43 -26.96 -44.95
N ASN C 61 16.16 -27.34 -44.88
CA ASN C 61 15.29 -27.33 -46.06
C ASN C 61 14.78 -25.91 -46.30
N VAL C 62 15.10 -25.35 -47.45
CA VAL C 62 14.68 -24.00 -47.82
C VAL C 62 13.90 -24.07 -49.11
N THR C 63 12.98 -23.11 -49.29
CA THR C 63 12.15 -23.07 -50.48
C THR C 63 12.91 -22.41 -51.63
N TRP C 64 12.43 -22.69 -52.84
CA TRP C 64 13.04 -22.15 -54.06
C TRP C 64 11.94 -21.73 -55.02
N PHE C 65 11.99 -20.48 -55.46
CA PHE C 65 11.03 -19.92 -56.40
C PHE C 65 11.77 -19.40 -57.63
N HIS C 66 11.25 -19.72 -58.81
CA HIS C 66 11.86 -19.32 -60.06
C HIS C 66 11.22 -18.05 -60.60
N ALA C 67 11.97 -17.36 -61.47
CA ALA C 67 11.48 -16.15 -62.11
C ALA C 67 11.85 -16.07 -63.58
N ILE C 68 12.31 -17.16 -64.18
CA ILE C 68 12.70 -17.15 -65.58
C ILE C 68 11.45 -17.24 -66.46
N HIS C 69 11.59 -16.78 -67.71
CA HIS C 69 10.49 -16.81 -68.66
C HIS C 69 10.44 -18.15 -69.41
N VAL C 70 11.53 -18.51 -70.08
CA VAL C 70 11.59 -19.76 -70.83
C VAL C 70 12.20 -20.86 -69.97
N THR C 76 6.80 -22.73 -69.04
CA THR C 76 7.17 -21.36 -69.36
C THR C 76 6.24 -20.37 -68.65
N LYS C 77 6.59 -19.08 -68.70
CA LYS C 77 5.82 -18.00 -68.09
C LYS C 77 5.66 -18.23 -66.59
N ARG C 78 6.80 -18.26 -65.89
CA ARG C 78 6.83 -18.49 -64.46
C ARG C 78 6.71 -17.15 -63.74
N PHE C 79 5.60 -16.95 -63.02
CA PHE C 79 5.38 -15.73 -62.26
C PHE C 79 4.56 -16.09 -61.03
N ASP C 80 5.24 -16.30 -59.90
CA ASP C 80 4.60 -16.65 -58.64
C ASP C 80 5.00 -15.63 -57.58
N ASN C 81 4.00 -15.03 -56.94
CA ASN C 81 4.22 -14.05 -55.88
C ASN C 81 3.19 -14.28 -54.78
N PRO C 82 3.43 -15.27 -53.91
CA PRO C 82 2.47 -15.55 -52.85
C PRO C 82 2.65 -14.63 -51.66
N VAL C 83 1.62 -14.59 -50.81
CA VAL C 83 1.63 -13.78 -49.60
C VAL C 83 2.12 -14.69 -48.48
N LEU C 84 3.45 -14.71 -48.28
CA LEU C 84 4.03 -15.57 -47.26
C LEU C 84 3.98 -14.89 -45.90
N PRO C 85 3.77 -15.65 -44.83
CA PRO C 85 3.74 -15.04 -43.48
C PRO C 85 5.13 -14.62 -43.03
N PHE C 86 5.21 -13.42 -42.47
CA PHE C 86 6.47 -12.87 -41.99
C PHE C 86 6.69 -13.31 -40.54
N ASN C 87 7.76 -14.05 -40.30
CA ASN C 87 8.10 -14.53 -38.98
C ASN C 87 9.17 -13.63 -38.36
N ASP C 88 9.67 -14.01 -37.19
CA ASP C 88 10.70 -13.25 -36.49
C ASP C 88 12.04 -13.49 -37.19
N GLY C 89 12.34 -12.64 -38.17
CA GLY C 89 13.58 -12.75 -38.92
C GLY C 89 13.48 -13.65 -40.12
N VAL C 90 13.78 -13.10 -41.30
CA VAL C 90 13.74 -13.86 -42.55
C VAL C 90 15.11 -13.76 -43.22
N TYR C 91 15.30 -14.59 -44.25
CA TYR C 91 16.53 -14.61 -45.04
C TYR C 91 16.16 -14.61 -46.50
N PHE C 92 16.40 -13.49 -47.18
CA PHE C 92 16.06 -13.32 -48.59
C PHE C 92 17.37 -13.18 -49.38
N ALA C 93 17.80 -14.28 -49.99
CA ALA C 93 19.00 -14.31 -50.81
C ALA C 93 18.61 -14.42 -52.27
N SER C 94 19.20 -13.57 -53.11
CA SER C 94 18.90 -13.54 -54.54
C SER C 94 20.18 -13.37 -55.33
N THR C 95 20.42 -14.29 -56.27
CA THR C 95 21.58 -14.19 -57.17
C THR C 95 21.22 -13.27 -58.34
N GLU C 96 21.13 -11.98 -58.02
CA GLU C 96 20.66 -10.99 -58.98
C GLU C 96 21.70 -10.73 -60.05
N LYS C 97 21.24 -10.62 -61.30
CA LYS C 97 22.10 -10.33 -62.44
C LYS C 97 21.76 -9.01 -63.11
N SER C 98 20.49 -8.79 -63.47
CA SER C 98 20.08 -7.60 -64.20
C SER C 98 19.09 -6.75 -63.43
N ASN C 99 19.00 -6.94 -62.11
CA ASN C 99 18.16 -6.12 -61.23
C ASN C 99 16.68 -6.21 -61.62
N ILE C 100 16.12 -7.41 -61.48
CA ILE C 100 14.71 -7.63 -61.78
C ILE C 100 13.83 -7.26 -60.58
N ILE C 101 14.16 -7.79 -59.40
CA ILE C 101 13.38 -7.51 -58.21
C ILE C 101 13.64 -6.08 -57.76
N ARG C 102 12.57 -5.29 -57.66
CA ARG C 102 12.69 -3.87 -57.32
C ARG C 102 12.62 -3.63 -55.81
N GLY C 103 11.51 -4.02 -55.19
CA GLY C 103 11.32 -3.77 -53.78
C GLY C 103 10.47 -4.81 -53.07
N TRP C 104 10.13 -4.54 -51.81
CA TRP C 104 9.33 -5.45 -51.00
C TRP C 104 8.28 -4.66 -50.24
N ILE C 105 7.16 -5.33 -49.94
CA ILE C 105 6.07 -4.72 -49.18
C ILE C 105 5.87 -5.53 -47.91
N PHE C 106 5.22 -4.89 -46.93
CA PHE C 106 4.93 -5.51 -45.65
C PHE C 106 3.55 -5.10 -45.19
N GLY C 107 2.99 -5.87 -44.27
CA GLY C 107 1.68 -5.59 -43.74
C GLY C 107 1.08 -6.82 -43.08
N THR C 108 -0.17 -6.67 -42.65
CA THR C 108 -0.91 -7.73 -42.00
C THR C 108 -2.10 -8.19 -42.83
N THR C 109 -2.98 -7.26 -43.23
CA THR C 109 -4.14 -7.59 -44.04
C THR C 109 -4.14 -6.95 -45.42
N LEU C 110 -3.39 -5.85 -45.62
CA LEU C 110 -3.25 -5.19 -46.91
C LEU C 110 -4.60 -4.73 -47.47
N ASP C 111 -5.31 -3.95 -46.65
CA ASP C 111 -6.57 -3.35 -47.05
C ASP C 111 -6.69 -1.91 -46.59
N SER C 112 -5.55 -1.22 -46.47
CA SER C 112 -5.49 0.15 -45.97
C SER C 112 -6.10 0.24 -44.56
N LYS C 113 -5.70 -0.67 -43.70
CA LYS C 113 -6.15 -0.71 -42.30
C LYS C 113 -5.02 -0.62 -41.30
N THR C 114 -3.85 -1.16 -41.60
CA THR C 114 -2.68 -1.11 -40.74
C THR C 114 -1.61 -0.22 -41.39
N GLN C 115 -0.45 -0.16 -40.74
CA GLN C 115 0.68 0.63 -41.22
C GLN C 115 1.56 -0.25 -42.10
N SER C 116 1.27 -0.25 -43.40
CA SER C 116 2.03 -1.06 -44.34
C SER C 116 3.38 -0.40 -44.63
N LEU C 117 4.31 -1.21 -45.14
CA LEU C 117 5.64 -0.76 -45.49
C LEU C 117 5.84 -0.81 -46.99
N LEU C 118 6.66 0.10 -47.52
CA LEU C 118 6.97 0.16 -48.94
C LEU C 118 8.43 0.53 -49.09
N ILE C 119 9.29 -0.47 -49.22
CA ILE C 119 10.72 -0.25 -49.44
C ILE C 119 11.06 -0.64 -50.86
N VAL C 120 11.01 0.33 -51.78
CA VAL C 120 11.25 0.09 -53.19
C VAL C 120 12.58 0.70 -53.58
N ASN C 121 13.21 0.12 -54.61
CA ASN C 121 14.48 0.59 -55.15
C ASN C 121 14.26 0.94 -56.62
N ASN C 122 13.94 2.20 -56.88
CA ASN C 122 13.69 2.67 -58.23
C ASN C 122 15.00 3.05 -58.90
N ALA C 123 14.92 3.62 -60.10
CA ALA C 123 16.10 4.03 -60.85
C ALA C 123 16.62 5.40 -60.45
N THR C 124 15.95 6.09 -59.53
CA THR C 124 16.37 7.41 -59.09
C THR C 124 16.85 7.41 -57.65
N ASN C 125 16.03 6.91 -56.72
CA ASN C 125 16.40 6.88 -55.32
C ASN C 125 15.59 5.81 -54.61
N VAL C 126 16.09 5.40 -53.44
CA VAL C 126 15.41 4.40 -52.62
C VAL C 126 14.34 5.10 -51.80
N VAL C 127 13.11 4.61 -51.87
CA VAL C 127 11.96 5.19 -51.19
C VAL C 127 11.51 4.24 -50.10
N ILE C 128 11.68 4.64 -48.84
CA ILE C 128 11.20 3.86 -47.70
C ILE C 128 10.05 4.62 -47.05
N LYS C 129 8.82 4.27 -47.43
CA LYS C 129 7.62 4.97 -46.98
C LYS C 129 6.70 3.98 -46.29
N VAL C 130 6.64 4.07 -44.96
CA VAL C 130 5.79 3.20 -44.14
C VAL C 130 4.47 3.95 -43.97
N CYS C 131 3.48 3.61 -44.78
CA CYS C 131 2.24 4.37 -44.85
C CYS C 131 1.07 3.42 -45.04
N GLU C 132 -0.08 3.97 -45.46
CA GLU C 132 -1.32 3.21 -45.58
C GLU C 132 -1.76 3.08 -47.03
N PHE C 133 -0.82 2.78 -47.91
CA PHE C 133 -1.14 2.65 -49.34
C PHE C 133 -2.15 1.53 -49.57
N GLN C 134 -2.87 1.64 -50.68
CA GLN C 134 -3.87 0.64 -51.07
C GLN C 134 -3.18 -0.43 -51.90
N PHE C 135 -2.76 -1.50 -51.23
CA PHE C 135 -2.08 -2.60 -51.90
C PHE C 135 -3.09 -3.50 -52.60
N CYS C 136 -2.83 -3.82 -53.87
CA CYS C 136 -3.73 -4.62 -54.67
C CYS C 136 -3.41 -6.10 -54.50
N ASN C 137 -4.01 -6.95 -55.33
CA ASN C 137 -3.78 -8.39 -55.23
C ASN C 137 -2.38 -8.77 -55.68
N ASP C 138 -1.82 -8.04 -56.66
CA ASP C 138 -0.49 -8.36 -57.18
C ASP C 138 0.15 -7.09 -57.76
N PRO C 139 0.84 -6.32 -56.92
CA PRO C 139 1.54 -5.14 -57.43
C PRO C 139 2.86 -5.53 -58.10
N PHE C 140 3.07 -5.03 -59.31
CA PHE C 140 4.26 -5.35 -60.08
C PHE C 140 4.71 -4.12 -60.85
N LEU C 141 6.00 -4.05 -61.13
CA LEU C 141 6.57 -2.95 -61.89
C LEU C 141 6.55 -3.28 -63.38
N GLY C 142 6.51 -2.22 -64.20
CA GLY C 142 6.46 -2.39 -65.63
C GLY C 142 7.51 -1.60 -66.38
N VAL C 143 8.28 -2.27 -67.22
CA VAL C 143 9.33 -1.64 -68.00
C VAL C 143 8.94 -1.73 -69.48
N TYR C 144 8.78 -0.58 -70.12
CA TYR C 144 8.41 -0.51 -71.53
C TYR C 144 9.61 -0.13 -72.37
N TYR C 145 9.73 -0.75 -73.54
CA TYR C 145 10.83 -0.50 -74.46
C TYR C 145 10.37 0.49 -75.53
N HIS C 146 11.08 1.62 -75.64
CA HIS C 146 10.74 2.63 -76.63
C HIS C 146 11.28 2.26 -78.00
N LYS C 147 10.63 2.78 -79.04
CA LYS C 147 11.05 2.50 -80.41
C LYS C 147 12.19 3.42 -80.84
N ASN C 148 12.02 4.73 -80.62
CA ASN C 148 13.05 5.69 -81.04
C ASN C 148 14.24 5.69 -80.09
N ASN C 149 14.05 5.31 -78.84
CA ASN C 149 15.11 5.27 -77.84
C ASN C 149 15.45 3.82 -77.54
N LYS C 150 16.72 3.46 -77.72
CA LYS C 150 17.19 2.10 -77.48
C LYS C 150 17.63 1.96 -76.02
N SER C 151 16.64 2.06 -75.13
CA SER C 151 16.87 1.94 -73.71
C SER C 151 15.59 1.50 -73.02
N TRP C 152 15.75 0.72 -71.96
CA TRP C 152 14.61 0.22 -71.19
C TRP C 152 14.26 1.22 -70.10
N MET C 153 13.06 1.78 -70.17
CA MET C 153 12.58 2.78 -69.22
C MET C 153 11.34 2.26 -68.51
N GLU C 154 11.23 2.59 -67.22
CA GLU C 154 10.08 2.18 -66.43
C GLU C 154 8.96 3.20 -66.59
N SER C 155 7.79 2.73 -67.01
CA SER C 155 6.63 3.60 -67.23
C SER C 155 5.40 3.15 -66.45
N GLU C 156 5.20 1.83 -66.30
CA GLU C 156 4.04 1.31 -65.59
C GLU C 156 4.38 1.23 -64.11
N PHE C 157 4.02 2.29 -63.37
CA PHE C 157 4.27 2.37 -61.93
C PHE C 157 2.97 2.00 -61.21
N ARG C 158 2.75 0.68 -61.08
CA ARG C 158 1.54 0.14 -60.46
C ARG C 158 1.94 -0.60 -59.19
N VAL C 159 2.04 0.16 -58.09
CA VAL C 159 2.33 -0.41 -56.79
C VAL C 159 1.19 -0.20 -55.81
N TYR C 160 0.50 0.94 -55.88
CA TYR C 160 -0.62 1.22 -55.00
C TYR C 160 -1.58 2.18 -55.71
N SER C 161 -2.75 2.35 -55.11
CA SER C 161 -3.78 3.22 -55.66
C SER C 161 -3.73 4.63 -55.08
N SER C 162 -3.90 4.75 -53.76
CA SER C 162 -3.93 6.05 -53.10
C SER C 162 -3.44 5.90 -51.66
N ALA C 163 -3.34 7.03 -50.97
CA ALA C 163 -2.96 7.06 -49.56
C ALA C 163 -3.56 8.31 -48.94
N ASN C 164 -4.11 8.16 -47.73
CA ASN C 164 -4.88 9.24 -47.11
C ASN C 164 -4.03 10.11 -46.19
N ASN C 165 -3.37 9.51 -45.21
CA ASN C 165 -2.64 10.27 -44.21
C ASN C 165 -1.53 9.40 -43.62
N CYS C 166 -0.38 10.00 -43.38
CA CYS C 166 0.80 9.28 -42.92
C CYS C 166 1.61 10.17 -42.00
N THR C 167 2.64 9.59 -41.40
CA THR C 167 3.58 10.33 -40.56
C THR C 167 5.04 10.02 -40.89
N PHE C 168 5.35 8.78 -41.25
CA PHE C 168 6.73 8.36 -41.49
C PHE C 168 7.05 8.47 -42.98
N GLU C 169 8.18 9.11 -43.28
CA GLU C 169 8.66 9.22 -44.66
C GLU C 169 10.15 9.45 -44.62
N TYR C 170 10.92 8.54 -45.20
CA TYR C 170 12.37 8.60 -45.17
C TYR C 170 12.93 8.28 -46.54
N VAL C 171 13.95 9.03 -46.96
CA VAL C 171 14.62 8.83 -48.23
C VAL C 171 16.03 8.33 -47.95
N SER C 172 16.38 7.18 -48.54
CA SER C 172 17.68 6.57 -48.35
C SER C 172 18.66 7.14 -49.37
N GLN C 173 19.85 6.54 -49.45
CA GLN C 173 20.86 7.01 -50.39
C GLN C 173 20.50 6.60 -51.81
N PRO C 174 20.90 7.38 -52.80
CA PRO C 174 20.59 7.01 -54.19
C PRO C 174 21.40 5.80 -54.63
N PHE C 175 20.79 4.96 -55.46
CA PHE C 175 21.42 3.76 -55.97
C PHE C 175 21.03 3.58 -57.43
N LEU C 176 22.03 3.37 -58.29
CA LEU C 176 21.78 3.19 -59.71
C LEU C 176 21.47 1.72 -60.00
N MET C 177 20.59 1.50 -60.97
CA MET C 177 20.15 0.16 -61.35
C MET C 177 20.12 0.03 -62.86
N ASP C 178 20.23 -1.21 -63.33
CA ASP C 178 20.15 -1.53 -64.75
C ASP C 178 18.75 -2.06 -65.06
N LEU C 179 18.12 -1.52 -66.10
CA LEU C 179 16.77 -1.88 -66.47
C LEU C 179 16.72 -2.88 -67.63
N GLU C 180 17.85 -3.23 -68.22
CA GLU C 180 17.90 -4.17 -69.32
C GLU C 180 17.96 -5.59 -68.78
N GLY C 181 17.04 -6.44 -69.24
CA GLY C 181 16.96 -7.82 -68.81
C GLY C 181 17.45 -8.77 -69.90
N LYS C 182 18.29 -9.71 -69.51
CA LYS C 182 18.86 -10.70 -70.41
C LYS C 182 18.49 -12.10 -69.95
N GLN C 183 18.99 -13.10 -70.66
CA GLN C 183 18.72 -14.51 -70.36
C GLN C 183 20.01 -15.28 -70.10
N GLY C 184 21.09 -14.59 -69.76
CA GLY C 184 22.37 -15.23 -69.50
C GLY C 184 22.50 -15.68 -68.06
N ASN C 185 23.73 -16.05 -67.70
CA ASN C 185 24.03 -16.50 -66.36
C ASN C 185 24.18 -15.32 -65.42
N PHE C 186 23.95 -15.58 -64.13
CA PHE C 186 24.04 -14.55 -63.12
C PHE C 186 25.50 -14.24 -62.79
N LYS C 187 25.74 -13.00 -62.37
CA LYS C 187 27.09 -12.54 -62.05
C LYS C 187 27.23 -11.98 -60.64
N ASN C 188 26.14 -11.70 -59.95
CA ASN C 188 26.18 -11.15 -58.60
C ASN C 188 25.22 -11.91 -57.70
N LEU C 189 25.36 -11.68 -56.39
CA LEU C 189 24.52 -12.31 -55.40
C LEU C 189 24.22 -11.30 -54.30
N ARG C 190 22.93 -11.12 -54.01
CA ARG C 190 22.48 -10.16 -53.01
C ARG C 190 21.65 -10.87 -51.95
N GLU C 191 21.99 -10.64 -50.68
CA GLU C 191 21.28 -11.22 -49.56
C GLU C 191 20.64 -10.13 -48.73
N PHE C 192 19.41 -10.37 -48.30
CA PHE C 192 18.65 -9.41 -47.50
C PHE C 192 18.06 -10.11 -46.29
N VAL C 193 18.25 -9.51 -45.12
CA VAL C 193 17.74 -10.05 -43.86
C VAL C 193 16.88 -8.98 -43.21
N PHE C 194 15.61 -9.31 -42.99
CA PHE C 194 14.65 -8.39 -42.37
C PHE C 194 14.24 -8.96 -41.01
N LYS C 195 14.52 -8.21 -39.95
CA LYS C 195 14.20 -8.61 -38.59
C LYS C 195 13.31 -7.56 -37.93
N ASN C 196 12.65 -7.95 -36.85
CA ASN C 196 11.77 -7.05 -36.12
C ASN C 196 11.85 -7.41 -34.64
N ILE C 197 12.61 -6.63 -33.88
CA ILE C 197 12.74 -6.80 -32.44
C ILE C 197 12.35 -5.49 -31.77
N ASP C 198 11.41 -5.58 -30.82
CA ASP C 198 10.91 -4.42 -30.08
C ASP C 198 10.40 -3.32 -31.00
N GLY C 199 9.84 -3.71 -32.15
CA GLY C 199 9.34 -2.76 -33.12
C GLY C 199 10.39 -2.16 -34.05
N TYR C 200 11.67 -2.43 -33.82
CA TYR C 200 12.73 -1.87 -34.65
C TYR C 200 12.97 -2.76 -35.85
N PHE C 201 13.13 -2.13 -37.02
CA PHE C 201 13.36 -2.85 -38.27
C PHE C 201 14.84 -2.86 -38.58
N LYS C 202 15.36 -4.02 -38.99
CA LYS C 202 16.77 -4.20 -39.32
C LYS C 202 16.90 -4.67 -40.75
N ILE C 203 17.83 -4.08 -41.49
CA ILE C 203 18.09 -4.42 -42.88
C ILE C 203 19.56 -4.77 -43.01
N TYR C 204 19.84 -6.02 -43.41
CA TYR C 204 21.21 -6.49 -43.61
C TYR C 204 21.40 -6.81 -45.08
N SER C 205 22.17 -5.98 -45.78
CA SER C 205 22.40 -6.13 -47.20
C SER C 205 23.89 -6.14 -47.49
N LYS C 206 24.30 -7.02 -48.41
CA LYS C 206 25.70 -7.11 -48.81
C LYS C 206 25.77 -7.75 -50.19
N HIS C 207 26.55 -7.15 -51.08
CA HIS C 207 26.70 -7.63 -52.44
C HIS C 207 27.97 -8.48 -52.55
N THR C 208 27.85 -9.62 -53.22
CA THR C 208 28.98 -10.53 -53.39
C THR C 208 28.96 -11.13 -54.79
N PRO C 209 30.02 -10.93 -55.57
CA PRO C 209 30.05 -11.50 -56.93
C PRO C 209 30.26 -13.00 -56.91
N ILE C 210 29.52 -13.69 -57.79
CA ILE C 210 29.63 -15.13 -57.94
C ILE C 210 29.21 -15.51 -59.35
N ASN C 211 29.68 -16.67 -59.80
CA ASN C 211 29.36 -17.18 -61.14
C ASN C 211 28.71 -18.55 -60.97
N LEU C 212 27.39 -18.55 -60.80
CA LEU C 212 26.65 -19.79 -60.62
C LEU C 212 25.17 -19.53 -60.90
N VAL C 213 24.45 -20.59 -61.23
CA VAL C 213 23.03 -20.51 -61.51
C VAL C 213 22.24 -20.98 -60.29
N ARG C 214 22.47 -22.23 -59.88
CA ARG C 214 21.81 -22.82 -58.73
C ARG C 214 22.85 -23.55 -57.89
N ASP C 215 22.38 -24.18 -56.81
CA ASP C 215 23.22 -24.96 -55.89
C ASP C 215 24.34 -24.09 -55.32
N LEU C 216 23.91 -23.08 -54.54
CA LEU C 216 24.75 -22.06 -53.94
C LEU C 216 26.03 -22.65 -53.34
N PRO C 217 27.16 -21.97 -53.49
CA PRO C 217 28.43 -22.52 -53.02
C PRO C 217 28.53 -22.50 -51.50
N GLN C 218 29.60 -23.13 -51.01
CA GLN C 218 29.87 -23.22 -49.58
C GLN C 218 30.75 -22.06 -49.07
N GLY C 219 30.83 -20.97 -49.83
CA GLY C 219 31.64 -19.85 -49.41
C GLY C 219 31.02 -19.10 -48.23
N PHE C 220 31.83 -18.23 -47.64
CA PHE C 220 31.43 -17.44 -46.47
C PHE C 220 31.46 -15.96 -46.83
N SER C 221 30.43 -15.23 -46.38
CA SER C 221 30.36 -13.80 -46.62
C SER C 221 29.47 -13.18 -45.55
N ALA C 222 29.97 -12.14 -44.89
CA ALA C 222 29.23 -11.47 -43.84
C ALA C 222 28.22 -10.50 -44.42
N LEU C 223 27.26 -10.11 -43.58
CA LEU C 223 26.21 -9.17 -43.96
C LEU C 223 26.26 -7.98 -43.00
N GLU C 224 26.38 -6.77 -43.57
CA GLU C 224 26.49 -5.57 -42.77
C GLU C 224 25.21 -4.74 -42.84
N PRO C 225 24.72 -4.21 -41.72
CA PRO C 225 23.54 -3.36 -41.76
C PRO C 225 23.89 -1.94 -42.18
N LEU C 226 22.87 -1.21 -42.64
CA LEU C 226 23.03 0.15 -43.14
C LEU C 226 22.33 1.17 -42.25
N VAL C 227 21.04 1.01 -42.01
CA VAL C 227 20.26 1.99 -41.26
C VAL C 227 19.19 1.27 -40.45
N ASP C 228 19.08 1.59 -39.17
CA ASP C 228 18.01 1.07 -38.33
C ASP C 228 16.78 1.97 -38.45
N LEU C 229 15.61 1.36 -38.63
CA LEU C 229 14.38 2.10 -38.83
C LEU C 229 13.44 1.89 -37.64
N PRO C 230 13.39 2.82 -36.68
CA PRO C 230 12.52 2.68 -35.49
C PRO C 230 11.08 3.17 -35.69
N ILE C 231 10.26 2.32 -36.31
CA ILE C 231 8.84 2.62 -36.49
C ILE C 231 8.07 2.19 -35.26
N GLY C 232 8.14 0.90 -34.94
CA GLY C 232 7.47 0.39 -33.75
C GLY C 232 6.10 -0.18 -34.01
N ILE C 233 5.99 -1.08 -34.99
CA ILE C 233 4.75 -1.76 -35.32
C ILE C 233 5.02 -3.26 -35.43
N ASN C 234 3.95 -4.01 -35.65
CA ASN C 234 4.02 -5.46 -35.77
C ASN C 234 3.82 -5.87 -37.23
N ILE C 235 4.67 -6.76 -37.72
CA ILE C 235 4.60 -7.27 -39.09
C ILE C 235 4.44 -8.77 -39.03
N THR C 236 3.41 -9.28 -39.71
CA THR C 236 3.13 -10.71 -39.74
C THR C 236 3.08 -11.30 -41.15
N ARG C 237 3.05 -10.47 -42.19
CA ARG C 237 3.03 -10.96 -43.56
C ARG C 237 3.97 -10.10 -44.40
N PHE C 238 4.45 -10.69 -45.49
CA PHE C 238 5.36 -9.99 -46.40
C PHE C 238 5.19 -10.58 -47.79
N GLN C 239 5.59 -9.79 -48.79
CA GLN C 239 5.48 -10.19 -50.18
C GLN C 239 6.49 -9.42 -51.01
N THR C 240 7.11 -10.12 -51.96
CA THR C 240 8.12 -9.52 -52.83
C THR C 240 7.48 -9.01 -54.11
N LEU C 241 8.18 -8.09 -54.78
CA LEU C 241 7.72 -7.48 -56.01
C LEU C 241 8.62 -7.88 -57.17
N LEU C 242 8.02 -8.17 -58.32
CA LEU C 242 8.75 -8.54 -59.52
C LEU C 242 8.41 -7.57 -60.64
N ALA C 243 9.38 -7.36 -61.53
CA ALA C 243 9.24 -6.45 -62.65
C ALA C 243 9.31 -7.21 -63.96
N LEU C 244 8.48 -6.81 -64.92
CA LEU C 244 8.45 -7.43 -66.24
C LEU C 244 8.84 -6.42 -67.31
N HIS C 245 9.21 -6.93 -68.47
CA HIS C 245 9.62 -6.13 -69.60
C HIS C 245 8.58 -6.21 -70.72
N ARG C 246 8.44 -5.12 -71.46
CA ARG C 246 7.50 -5.02 -72.57
C ARG C 246 8.28 -4.66 -73.83
N SER C 247 8.71 -5.68 -74.57
CA SER C 247 9.46 -5.50 -75.80
C SER C 247 8.50 -5.56 -76.99
N TYR C 248 9.06 -5.59 -78.20
CA TYR C 248 8.26 -5.66 -79.42
C TYR C 248 7.79 -7.07 -79.72
N LEU C 249 8.34 -8.09 -79.06
CA LEU C 249 7.89 -9.46 -79.29
C LEU C 249 6.54 -9.72 -78.65
N THR C 250 6.23 -9.06 -77.53
CA THR C 250 4.95 -9.18 -76.85
C THR C 250 4.00 -8.06 -77.28
N PRO C 251 2.69 -8.33 -77.30
CA PRO C 251 1.75 -7.26 -77.68
C PRO C 251 1.68 -6.12 -76.69
N GLY C 252 2.11 -6.32 -75.46
CA GLY C 252 2.11 -5.27 -74.46
C GLY C 252 0.99 -5.32 -73.44
N ASP C 253 0.23 -6.41 -73.40
CA ASP C 253 -0.85 -6.57 -72.43
C ASP C 253 -0.41 -7.50 -71.32
N SER C 254 -0.82 -7.18 -70.09
CA SER C 254 -0.46 -7.97 -68.92
C SER C 254 -1.50 -9.04 -68.62
N SER C 255 -1.84 -9.85 -69.64
CA SER C 255 -2.78 -10.95 -69.47
C SER C 255 -2.11 -12.29 -69.70
N SER C 256 -1.50 -12.51 -70.86
CA SER C 256 -0.81 -13.76 -71.14
C SER C 256 0.55 -13.60 -71.80
N GLY C 257 0.89 -12.43 -72.33
CA GLY C 257 2.16 -12.24 -73.00
C GLY C 257 3.07 -11.25 -72.30
N TRP C 258 4.18 -11.74 -71.75
CA TRP C 258 5.12 -10.90 -71.04
C TRP C 258 6.47 -11.62 -70.98
N THR C 259 7.46 -10.96 -70.38
CA THR C 259 8.76 -11.55 -70.15
C THR C 259 9.34 -10.97 -68.86
N ALA C 260 10.17 -11.77 -68.19
CA ALA C 260 10.73 -11.38 -66.91
C ALA C 260 12.24 -11.58 -66.82
N GLY C 261 12.89 -12.02 -67.89
CA GLY C 261 14.33 -12.22 -67.83
C GLY C 261 14.67 -13.51 -67.12
N ALA C 262 15.58 -13.43 -66.15
CA ALA C 262 16.00 -14.61 -65.39
C ALA C 262 16.41 -14.16 -64.00
N ALA C 263 15.78 -14.75 -62.98
CA ALA C 263 16.09 -14.43 -61.60
C ALA C 263 15.74 -15.63 -60.73
N ALA C 264 16.34 -15.66 -59.53
CA ALA C 264 16.10 -16.75 -58.59
C ALA C 264 16.34 -16.22 -57.18
N TYR C 265 15.29 -16.20 -56.37
CA TYR C 265 15.37 -15.74 -54.99
C TYR C 265 15.00 -16.85 -54.03
N TYR C 266 15.65 -16.86 -52.87
CA TYR C 266 15.43 -17.87 -51.84
C TYR C 266 14.77 -17.22 -50.63
N VAL C 267 13.75 -17.88 -50.08
CA VAL C 267 13.01 -17.39 -48.93
C VAL C 267 13.25 -18.36 -47.78
N GLY C 268 13.94 -17.89 -46.74
CA GLY C 268 14.22 -18.70 -45.59
C GLY C 268 13.79 -18.02 -44.31
N TYR C 269 13.40 -18.84 -43.33
CA TYR C 269 12.95 -18.36 -42.04
C TYR C 269 14.04 -18.56 -41.00
N LEU C 270 14.41 -17.48 -40.33
CA LEU C 270 15.44 -17.53 -39.30
C LEU C 270 14.89 -18.14 -38.02
N GLN C 271 15.64 -19.09 -37.45
CA GLN C 271 15.23 -19.76 -36.22
C GLN C 271 16.05 -19.25 -35.03
N PRO C 272 15.45 -19.17 -33.85
CA PRO C 272 16.19 -18.70 -32.67
C PRO C 272 17.20 -19.74 -32.18
N ARG C 273 18.35 -19.83 -32.85
CA ARG C 273 19.39 -20.77 -32.50
C ARG C 273 20.69 -20.02 -32.20
N THR C 274 21.40 -20.48 -31.18
CA THR C 274 22.67 -19.86 -30.80
C THR C 274 23.77 -20.29 -31.76
N PHE C 275 24.63 -19.34 -32.11
CA PHE C 275 25.71 -19.57 -33.06
C PHE C 275 27.03 -19.09 -32.47
N LEU C 276 28.10 -19.82 -32.78
CA LEU C 276 29.44 -19.43 -32.36
C LEU C 276 30.07 -18.57 -33.45
N LEU C 277 30.49 -17.36 -33.09
CA LEU C 277 31.05 -16.42 -34.04
C LEU C 277 32.57 -16.44 -33.97
N LYS C 278 33.20 -16.19 -35.11
CA LYS C 278 34.65 -16.15 -35.23
C LYS C 278 35.08 -14.76 -35.67
N TYR C 279 36.16 -14.26 -35.07
CA TYR C 279 36.67 -12.93 -35.37
C TYR C 279 38.18 -13.00 -35.54
N ASN C 280 38.67 -12.48 -36.66
CA ASN C 280 40.10 -12.45 -36.95
C ASN C 280 40.69 -11.14 -36.44
N GLU C 281 41.93 -10.85 -36.82
CA GLU C 281 42.57 -9.61 -36.41
C GLU C 281 41.91 -8.40 -37.09
N ASN C 282 41.38 -8.58 -38.29
CA ASN C 282 40.70 -7.47 -38.97
C ASN C 282 39.33 -7.20 -38.37
N GLY C 283 38.68 -8.21 -37.81
CA GLY C 283 37.40 -8.03 -37.17
C GLY C 283 36.20 -8.46 -37.98
N THR C 284 36.39 -9.11 -39.13
CA THR C 284 35.30 -9.59 -39.95
C THR C 284 34.92 -11.02 -39.56
N ILE C 285 33.71 -11.40 -39.93
CA ILE C 285 33.20 -12.75 -39.63
C ILE C 285 33.83 -13.73 -40.60
N THR C 286 34.38 -14.82 -40.05
CA THR C 286 35.05 -15.84 -40.84
C THR C 286 34.31 -17.17 -40.85
N ASP C 287 33.86 -17.65 -39.69
CA ASP C 287 33.17 -18.92 -39.59
C ASP C 287 32.02 -18.80 -38.59
N ALA C 288 31.05 -19.72 -38.71
CA ALA C 288 29.90 -19.77 -37.83
C ALA C 288 29.62 -21.21 -37.46
N VAL C 289 29.47 -21.48 -36.16
CA VAL C 289 29.27 -22.82 -35.65
C VAL C 289 27.98 -22.86 -34.85
N ASP C 290 27.06 -23.74 -35.25
CA ASP C 290 25.78 -23.90 -34.56
C ASP C 290 25.94 -24.77 -33.31
N CYS C 291 24.91 -24.75 -32.47
CA CYS C 291 24.87 -25.60 -31.28
C CYS C 291 23.61 -26.44 -31.17
N ALA C 292 22.73 -26.43 -32.17
CA ALA C 292 21.53 -27.24 -32.13
C ALA C 292 21.30 -27.96 -33.45
N LEU C 293 22.36 -28.20 -34.21
CA LEU C 293 22.27 -28.89 -35.50
C LEU C 293 23.06 -30.19 -35.52
N ASP C 294 24.35 -30.15 -35.17
CA ASP C 294 25.20 -31.31 -35.20
C ASP C 294 25.93 -31.47 -33.87
N PRO C 295 26.10 -32.72 -33.40
CA PRO C 295 26.86 -32.93 -32.16
C PRO C 295 28.33 -32.55 -32.28
N LEU C 296 28.89 -32.58 -33.50
CA LEU C 296 30.26 -32.09 -33.67
C LEU C 296 30.33 -30.58 -33.52
N SER C 297 29.35 -29.87 -34.08
CA SER C 297 29.28 -28.43 -33.89
C SER C 297 28.85 -28.06 -32.48
N GLU C 298 28.10 -28.93 -31.79
CA GLU C 298 27.75 -28.67 -30.41
C GLU C 298 28.95 -28.81 -29.49
N THR C 299 29.95 -29.59 -29.90
CA THR C 299 31.15 -29.75 -29.08
C THR C 299 32.02 -28.50 -29.11
N LYS C 300 32.09 -27.84 -30.27
CA LYS C 300 33.00 -26.71 -30.43
C LYS C 300 32.50 -25.42 -29.78
N CYS C 301 31.20 -25.15 -29.81
CA CYS C 301 30.71 -23.91 -29.23
C CYS C 301 30.59 -24.01 -27.71
N THR C 302 30.24 -25.20 -27.20
CA THR C 302 30.16 -25.37 -25.76
C THR C 302 31.53 -25.31 -25.10
N LEU C 303 32.57 -25.81 -25.78
CA LEU C 303 33.93 -25.68 -25.29
C LEU C 303 34.57 -24.34 -25.66
N LYS C 304 33.91 -23.56 -26.52
CA LYS C 304 34.42 -22.26 -26.97
C LYS C 304 35.80 -22.40 -27.62
N SER C 305 35.95 -23.43 -28.46
CA SER C 305 37.18 -23.68 -29.17
C SER C 305 36.85 -24.26 -30.54
N PHE C 306 37.53 -23.78 -31.57
CA PHE C 306 37.28 -24.23 -32.93
C PHE C 306 37.99 -25.54 -33.25
N THR C 307 38.82 -26.06 -32.36
CA THR C 307 39.48 -27.34 -32.53
C THR C 307 39.19 -28.22 -31.32
N VAL C 308 39.03 -29.52 -31.58
CA VAL C 308 38.69 -30.49 -30.56
C VAL C 308 39.74 -31.59 -30.56
N GLU C 309 40.29 -31.88 -29.38
CA GLU C 309 41.26 -32.96 -29.23
C GLU C 309 40.52 -34.24 -28.81
N LYS C 310 41.26 -35.29 -28.50
CA LYS C 310 40.66 -36.55 -28.08
C LYS C 310 40.26 -36.50 -26.62
N GLY C 311 39.09 -37.03 -26.31
CA GLY C 311 38.58 -37.04 -24.96
C GLY C 311 37.07 -37.06 -24.96
N ILE C 312 36.51 -37.11 -23.76
CA ILE C 312 35.06 -37.12 -23.56
C ILE C 312 34.61 -35.74 -23.09
N TYR C 313 33.39 -35.37 -23.47
CA TYR C 313 32.83 -34.09 -23.12
C TYR C 313 31.34 -34.24 -22.84
N GLN C 314 30.75 -33.19 -22.26
CA GLN C 314 29.33 -33.16 -21.95
C GLN C 314 28.74 -31.88 -22.54
N THR C 315 27.77 -32.04 -23.46
CA THR C 315 27.17 -30.89 -24.13
C THR C 315 25.90 -30.42 -23.43
N SER C 316 24.91 -31.30 -23.29
CA SER C 316 23.63 -30.95 -22.69
C SER C 316 23.05 -32.20 -22.03
N ASN C 317 21.77 -32.10 -21.65
CA ASN C 317 21.06 -33.18 -20.99
C ASN C 317 19.94 -33.70 -21.89
N PHE C 318 19.42 -34.88 -21.52
CA PHE C 318 18.35 -35.53 -22.25
C PHE C 318 17.17 -35.73 -21.31
N ARG C 319 16.12 -34.93 -21.49
CA ARG C 319 14.91 -34.99 -20.67
C ARG C 319 13.74 -35.47 -21.52
N VAL C 320 13.06 -36.50 -21.04
CA VAL C 320 11.91 -37.06 -21.74
C VAL C 320 10.66 -36.32 -21.28
N GLN C 321 9.99 -35.66 -22.23
CA GLN C 321 8.78 -34.91 -21.92
C GLN C 321 7.55 -35.79 -22.09
N PRO C 322 6.69 -35.90 -21.08
CA PRO C 322 5.47 -36.69 -21.25
C PRO C 322 4.44 -35.96 -22.11
N THR C 323 3.81 -36.72 -23.01
CA THR C 323 2.84 -36.16 -23.94
C THR C 323 1.39 -36.39 -23.51
N GLU C 324 1.17 -37.16 -22.45
CA GLU C 324 -0.18 -37.40 -21.93
C GLU C 324 -0.18 -37.24 -20.42
N SER C 325 -1.35 -36.93 -19.88
CA SER C 325 -1.54 -36.73 -18.45
C SER C 325 -2.90 -37.26 -18.04
N ILE C 326 -2.94 -38.03 -16.96
CA ILE C 326 -4.16 -38.64 -16.46
C ILE C 326 -4.43 -38.14 -15.05
N VAL C 327 -5.70 -37.91 -14.74
CA VAL C 327 -6.14 -37.49 -13.42
C VAL C 327 -7.33 -38.36 -13.04
N ARG C 328 -7.14 -39.25 -12.07
CA ARG C 328 -8.17 -40.18 -11.62
C ARG C 328 -8.20 -40.18 -10.10
N PHE C 329 -9.04 -39.33 -9.51
CA PHE C 329 -9.16 -39.30 -8.06
C PHE C 329 -9.99 -40.47 -7.56
N PRO C 330 -11.25 -40.66 -8.01
CA PRO C 330 -12.01 -41.81 -7.54
C PRO C 330 -11.87 -43.03 -8.45
N ASN C 331 -12.46 -44.16 -8.05
CA ASN C 331 -12.55 -45.31 -8.93
C ASN C 331 -13.75 -45.17 -9.87
N ILE C 332 -14.95 -45.12 -9.31
CA ILE C 332 -16.18 -44.88 -10.05
C ILE C 332 -17.04 -43.92 -9.24
N THR C 333 -17.47 -42.82 -9.85
CA THR C 333 -18.30 -41.83 -9.16
C THR C 333 -19.66 -42.44 -8.88
N ASN C 334 -19.89 -42.83 -7.63
CA ASN C 334 -21.15 -43.46 -7.23
C ASN C 334 -22.25 -42.41 -7.17
N LEU C 335 -23.10 -42.39 -8.21
CA LEU C 335 -24.19 -41.43 -8.25
C LEU C 335 -25.29 -41.84 -7.29
N CYS C 336 -25.77 -40.88 -6.51
CA CYS C 336 -26.90 -41.13 -5.63
C CYS C 336 -28.16 -41.37 -6.46
N PRO C 337 -29.12 -42.15 -5.94
CA PRO C 337 -30.33 -42.44 -6.71
C PRO C 337 -31.14 -41.19 -7.02
N PHE C 338 -31.19 -40.81 -8.30
CA PHE C 338 -31.91 -39.61 -8.72
C PHE C 338 -32.77 -39.85 -9.95
N GLY C 339 -32.97 -41.11 -10.36
CA GLY C 339 -33.81 -41.41 -11.50
C GLY C 339 -35.30 -41.20 -11.26
N GLU C 340 -35.71 -41.02 -10.01
CA GLU C 340 -37.12 -40.82 -9.71
C GLU C 340 -37.60 -39.43 -10.10
N VAL C 341 -36.71 -38.45 -10.22
CA VAL C 341 -37.10 -37.12 -10.67
C VAL C 341 -37.17 -37.02 -12.18
N PHE C 342 -36.58 -37.98 -12.91
CA PHE C 342 -36.66 -38.03 -14.36
C PHE C 342 -37.67 -39.06 -14.84
N ASN C 343 -37.55 -40.30 -14.39
CA ASN C 343 -38.44 -41.38 -14.76
C ASN C 343 -39.23 -41.81 -13.53
N ALA C 344 -40.52 -41.46 -13.49
CA ALA C 344 -41.40 -41.82 -12.40
C ALA C 344 -42.75 -42.22 -12.96
N THR C 345 -43.68 -42.55 -12.07
CA THR C 345 -45.02 -42.92 -12.50
C THR C 345 -45.83 -41.69 -12.90
N ARG C 346 -45.70 -40.60 -12.15
CA ARG C 346 -46.39 -39.36 -12.46
C ARG C 346 -45.63 -38.20 -11.84
N PHE C 347 -45.90 -37.00 -12.35
CA PHE C 347 -45.27 -35.78 -11.88
C PHE C 347 -46.33 -34.86 -11.27
N ALA C 348 -45.90 -33.66 -10.86
CA ALA C 348 -46.76 -32.69 -10.22
C ALA C 348 -47.12 -31.58 -11.20
N SER C 349 -47.87 -30.59 -10.69
CA SER C 349 -48.32 -29.46 -11.48
C SER C 349 -47.36 -28.29 -11.31
N VAL C 350 -47.75 -27.12 -11.83
CA VAL C 350 -46.90 -25.94 -11.77
C VAL C 350 -47.19 -25.05 -10.56
N TYR C 351 -48.40 -25.12 -10.00
CA TYR C 351 -48.70 -24.35 -8.80
C TYR C 351 -48.10 -24.99 -7.56
N ALA C 352 -47.80 -26.29 -7.60
CA ALA C 352 -47.08 -26.99 -6.53
C ALA C 352 -46.16 -27.99 -7.22
N TRP C 353 -44.94 -27.56 -7.50
CA TRP C 353 -43.97 -28.36 -8.25
C TRP C 353 -43.02 -29.09 -7.32
N ASN C 354 -42.34 -30.09 -7.87
CA ASN C 354 -41.42 -30.90 -7.10
C ASN C 354 -40.11 -30.15 -6.87
N ARG C 355 -39.70 -30.04 -5.61
CA ARG C 355 -38.47 -29.38 -5.23
C ARG C 355 -37.52 -30.40 -4.63
N LYS C 356 -36.43 -30.68 -5.34
CA LYS C 356 -35.43 -31.66 -4.91
C LYS C 356 -34.11 -30.96 -4.60
N ARG C 357 -33.49 -31.35 -3.49
CA ARG C 357 -32.20 -30.82 -3.07
C ARG C 357 -31.16 -31.92 -3.17
N ILE C 358 -30.02 -31.61 -3.79
CA ILE C 358 -28.92 -32.54 -3.95
C ILE C 358 -27.78 -32.07 -3.06
N SER C 359 -27.42 -32.90 -2.08
CA SER C 359 -26.36 -32.56 -1.13
C SER C 359 -25.59 -33.82 -0.77
N ASN C 360 -24.27 -33.66 -0.60
CA ASN C 360 -23.39 -34.77 -0.24
C ASN C 360 -23.49 -35.92 -1.24
N CYS C 361 -23.49 -35.57 -2.54
CA CYS C 361 -23.59 -36.56 -3.60
C CYS C 361 -22.77 -36.11 -4.79
N VAL C 362 -21.95 -37.01 -5.32
CA VAL C 362 -21.18 -36.74 -6.52
C VAL C 362 -22.08 -36.95 -7.74
N ALA C 363 -22.02 -36.03 -8.69
CA ALA C 363 -22.87 -36.05 -9.87
C ALA C 363 -22.03 -36.03 -11.13
N ASP C 364 -22.59 -36.61 -12.20
CA ASP C 364 -21.95 -36.63 -13.51
C ASP C 364 -22.94 -36.10 -14.53
N TYR C 365 -22.60 -34.97 -15.15
CA TYR C 365 -23.45 -34.34 -16.14
C TYR C 365 -23.11 -34.74 -17.57
N SER C 366 -22.24 -35.74 -17.74
CA SER C 366 -21.92 -36.23 -19.07
C SER C 366 -22.96 -37.21 -19.61
N VAL C 367 -23.69 -37.89 -18.72
CA VAL C 367 -24.74 -38.79 -19.17
C VAL C 367 -25.99 -38.01 -19.58
N LEU C 368 -26.22 -36.85 -18.98
CA LEU C 368 -27.35 -36.01 -19.35
C LEU C 368 -27.11 -35.20 -20.62
N TYR C 369 -25.93 -35.31 -21.22
CA TYR C 369 -25.59 -34.59 -22.44
C TYR C 369 -25.56 -35.48 -23.68
N ASN C 370 -25.07 -36.71 -23.54
CA ASN C 370 -24.98 -37.64 -24.67
C ASN C 370 -26.16 -38.61 -24.71
N SER C 371 -27.32 -38.20 -24.17
CA SER C 371 -28.49 -39.06 -24.19
C SER C 371 -29.19 -39.05 -25.55
N ALA C 372 -29.15 -37.92 -26.25
CA ALA C 372 -29.76 -37.78 -27.58
C ALA C 372 -31.25 -38.11 -27.54
N SER C 373 -31.93 -37.66 -26.48
CA SER C 373 -33.36 -37.88 -26.33
C SER C 373 -34.12 -36.63 -25.91
N PHE C 374 -33.45 -35.54 -25.62
CA PHE C 374 -34.11 -34.31 -25.21
C PHE C 374 -34.44 -33.45 -26.42
N SER C 375 -35.57 -32.74 -26.33
CA SER C 375 -36.01 -31.89 -27.43
C SER C 375 -35.25 -30.57 -27.44
N THR C 376 -35.36 -29.79 -26.37
CA THR C 376 -34.69 -28.51 -26.25
C THR C 376 -33.70 -28.57 -25.09
N PHE C 377 -32.69 -27.70 -25.15
CA PHE C 377 -31.65 -27.66 -24.12
C PHE C 377 -31.13 -26.22 -24.03
N LYS C 378 -31.60 -25.49 -23.04
CA LYS C 378 -31.14 -24.13 -22.75
C LYS C 378 -30.41 -24.15 -21.42
N CYS C 379 -29.16 -23.68 -21.42
CA CYS C 379 -28.32 -23.72 -20.22
C CYS C 379 -27.49 -22.43 -20.22
N TYR C 380 -27.99 -21.42 -19.52
CA TYR C 380 -27.36 -20.10 -19.50
C TYR C 380 -26.40 -19.98 -18.31
N GLY C 381 -25.59 -18.93 -18.35
CA GLY C 381 -24.63 -18.66 -17.28
C GLY C 381 -23.34 -19.43 -17.36
N VAL C 382 -23.42 -20.76 -17.45
CA VAL C 382 -22.24 -21.61 -17.58
C VAL C 382 -22.35 -22.37 -18.89
N SER C 383 -21.20 -22.58 -19.52
CA SER C 383 -21.18 -23.30 -20.79
C SER C 383 -21.59 -24.75 -20.58
N PRO C 384 -22.29 -25.37 -21.54
CA PRO C 384 -22.79 -26.73 -21.32
C PRO C 384 -21.69 -27.78 -21.27
N THR C 385 -20.50 -27.49 -21.78
CA THR C 385 -19.42 -28.47 -21.84
C THR C 385 -18.32 -28.23 -20.82
N LYS C 386 -18.41 -27.16 -20.03
CA LYS C 386 -17.40 -26.84 -19.02
C LYS C 386 -18.05 -26.54 -17.69
N LEU C 387 -19.02 -27.37 -17.29
CA LEU C 387 -19.67 -27.24 -15.99
C LEU C 387 -19.39 -28.40 -15.06
N ASN C 388 -18.61 -29.40 -15.50
CA ASN C 388 -18.27 -30.53 -14.66
C ASN C 388 -17.04 -30.27 -13.81
N ASP C 389 -16.10 -29.45 -14.29
CA ASP C 389 -14.92 -29.13 -13.51
C ASP C 389 -15.23 -28.11 -12.41
N LEU C 390 -15.77 -26.95 -12.80
CA LEU C 390 -16.16 -25.94 -11.83
C LEU C 390 -17.42 -26.37 -11.12
N CYS C 391 -17.45 -26.21 -9.79
CA CYS C 391 -18.49 -26.77 -8.96
C CYS C 391 -19.11 -25.70 -8.08
N PHE C 392 -20.28 -26.01 -7.52
CA PHE C 392 -20.94 -25.12 -6.58
C PHE C 392 -21.40 -25.90 -5.34
N THR C 393 -22.11 -25.22 -4.44
CA THR C 393 -22.45 -25.81 -3.14
C THR C 393 -23.66 -26.73 -3.25
N ASN C 394 -24.81 -26.19 -3.65
CA ASN C 394 -26.05 -26.93 -3.68
C ASN C 394 -26.66 -26.89 -5.08
N VAL C 395 -27.49 -27.89 -5.38
CA VAL C 395 -28.19 -28.00 -6.65
C VAL C 395 -29.67 -28.17 -6.35
N TYR C 396 -30.49 -27.22 -6.80
CA TYR C 396 -31.93 -27.26 -6.61
C TYR C 396 -32.59 -27.78 -7.87
N ALA C 397 -33.36 -28.86 -7.74
CA ALA C 397 -34.04 -29.50 -8.86
C ALA C 397 -35.53 -29.15 -8.80
N ASP C 398 -35.98 -28.35 -9.77
CA ASP C 398 -37.38 -27.96 -9.88
C ASP C 398 -37.94 -28.60 -11.15
N SER C 399 -38.88 -29.53 -10.96
CA SER C 399 -39.45 -30.30 -12.06
C SER C 399 -40.94 -30.02 -12.17
N PHE C 400 -41.42 -29.75 -13.38
CA PHE C 400 -42.84 -29.54 -13.64
C PHE C 400 -43.11 -29.85 -15.11
N VAL C 401 -44.38 -29.80 -15.47
CA VAL C 401 -44.80 -30.05 -16.84
C VAL C 401 -45.31 -28.75 -17.44
N ILE C 402 -45.24 -28.67 -18.77
CA ILE C 402 -45.65 -27.48 -19.51
C ILE C 402 -45.98 -27.89 -20.94
N ARG C 403 -46.73 -27.04 -21.64
CA ARG C 403 -47.12 -27.31 -23.00
C ARG C 403 -45.95 -27.03 -23.96
N GLY C 404 -46.15 -27.43 -25.22
CA GLY C 404 -45.11 -27.25 -26.22
C GLY C 404 -44.93 -25.82 -26.68
N ASP C 405 -45.96 -24.99 -26.55
CA ASP C 405 -45.90 -23.59 -26.97
C ASP C 405 -45.42 -22.66 -25.86
N GLU C 406 -45.23 -23.17 -24.65
CA GLU C 406 -44.79 -22.36 -23.52
C GLU C 406 -43.35 -22.64 -23.12
N VAL C 407 -42.61 -23.42 -23.92
CA VAL C 407 -41.22 -23.70 -23.59
C VAL C 407 -40.30 -22.51 -23.89
N ARG C 408 -40.75 -21.58 -24.75
CA ARG C 408 -39.97 -20.38 -25.02
C ARG C 408 -40.17 -19.30 -23.96
N GLN C 409 -41.20 -19.43 -23.11
CA GLN C 409 -41.44 -18.46 -22.07
C GLN C 409 -40.52 -18.64 -20.86
N ILE C 410 -39.89 -19.81 -20.72
CA ILE C 410 -39.02 -20.07 -19.59
C ILE C 410 -37.63 -19.52 -19.91
N ALA C 411 -37.41 -18.25 -19.61
CA ALA C 411 -36.15 -17.58 -19.88
C ALA C 411 -36.11 -16.30 -19.06
N PRO C 412 -34.93 -15.84 -18.64
CA PRO C 412 -34.86 -14.60 -17.85
C PRO C 412 -35.24 -13.37 -18.67
N GLY C 413 -36.36 -12.75 -18.32
CA GLY C 413 -36.78 -11.53 -18.99
C GLY C 413 -37.90 -11.73 -20.00
N GLN C 414 -38.88 -12.55 -19.66
CA GLN C 414 -40.02 -12.81 -20.53
C GLN C 414 -41.32 -12.43 -19.81
N THR C 415 -42.35 -12.18 -20.61
CA THR C 415 -43.66 -11.78 -20.12
C THR C 415 -44.72 -12.65 -20.78
N GLY C 416 -45.82 -12.85 -20.06
CA GLY C 416 -46.89 -13.70 -20.56
C GLY C 416 -47.93 -14.04 -19.52
N LYS C 417 -48.26 -15.33 -19.40
CA LYS C 417 -49.29 -15.80 -18.48
C LYS C 417 -48.80 -16.84 -17.49
N ILE C 418 -47.84 -17.67 -17.86
CA ILE C 418 -47.38 -18.75 -16.99
C ILE C 418 -46.19 -18.33 -16.14
N ALA C 419 -45.21 -17.66 -16.76
CA ALA C 419 -43.96 -17.37 -16.06
C ALA C 419 -44.13 -16.29 -15.00
N ASP C 420 -45.07 -15.37 -15.19
CA ASP C 420 -45.24 -14.26 -14.26
C ASP C 420 -46.17 -14.59 -13.09
N TYR C 421 -46.89 -15.72 -13.15
CA TYR C 421 -47.82 -16.09 -12.11
C TYR C 421 -47.49 -17.39 -11.38
N ASN C 422 -46.61 -18.23 -11.94
CA ASN C 422 -46.29 -19.51 -11.34
C ASN C 422 -44.83 -19.61 -10.92
N TYR C 423 -43.89 -19.32 -11.82
CA TYR C 423 -42.47 -19.43 -11.52
C TYR C 423 -41.74 -18.33 -12.27
N LYS C 424 -41.32 -17.29 -11.56
CA LYS C 424 -40.63 -16.16 -12.16
C LYS C 424 -39.13 -16.41 -12.22
N LEU C 425 -38.52 -16.00 -13.33
CA LEU C 425 -37.08 -16.14 -13.52
C LEU C 425 -36.39 -14.81 -13.27
N PRO C 426 -35.41 -14.77 -12.38
CA PRO C 426 -34.71 -13.50 -12.09
C PRO C 426 -33.70 -13.18 -13.19
N ASP C 427 -33.07 -12.01 -13.05
CA ASP C 427 -32.07 -11.60 -14.03
C ASP C 427 -30.78 -12.39 -13.87
N ASP C 428 -30.39 -12.67 -12.63
CA ASP C 428 -29.20 -13.47 -12.34
C ASP C 428 -29.57 -14.94 -12.19
N PHE C 429 -30.16 -15.49 -13.25
CA PHE C 429 -30.61 -16.88 -13.29
C PHE C 429 -29.54 -17.71 -13.98
N THR C 430 -28.77 -18.45 -13.18
CA THR C 430 -27.73 -19.33 -13.70
C THR C 430 -28.19 -20.78 -13.78
N GLY C 431 -29.48 -21.00 -14.09
CA GLY C 431 -30.02 -22.33 -14.16
C GLY C 431 -29.63 -23.06 -15.44
N CYS C 432 -30.19 -24.27 -15.58
CA CYS C 432 -29.88 -25.11 -16.73
C CYS C 432 -31.14 -25.91 -17.05
N VAL C 433 -31.84 -25.53 -18.11
CA VAL C 433 -33.16 -26.07 -18.42
C VAL C 433 -33.00 -27.24 -19.38
N ILE C 434 -33.62 -28.37 -19.04
CA ILE C 434 -33.62 -29.57 -19.87
C ILE C 434 -35.07 -30.00 -20.06
N ALA C 435 -35.50 -30.11 -21.32
CA ALA C 435 -36.87 -30.48 -21.65
C ALA C 435 -36.86 -31.62 -22.67
N TRP C 436 -37.89 -32.46 -22.60
CA TRP C 436 -38.05 -33.56 -23.53
C TRP C 436 -39.52 -33.91 -23.66
N ASN C 437 -39.84 -34.68 -24.71
CA ASN C 437 -41.22 -35.03 -25.01
C ASN C 437 -41.57 -36.37 -24.35
N SER C 438 -42.70 -36.39 -23.65
CA SER C 438 -43.20 -37.58 -22.97
C SER C 438 -44.69 -37.75 -23.22
N ASN C 439 -45.09 -37.61 -24.49
CA ASN C 439 -46.50 -37.67 -24.84
C ASN C 439 -47.09 -39.06 -24.66
N ASN C 440 -46.27 -40.11 -24.73
CA ASN C 440 -46.77 -41.48 -24.66
C ASN C 440 -47.12 -41.92 -23.24
N LEU C 441 -46.77 -41.14 -22.22
CA LEU C 441 -47.03 -41.54 -20.85
C LEU C 441 -47.80 -40.48 -20.09
N ASP C 442 -47.60 -39.21 -20.45
CA ASP C 442 -48.25 -38.09 -19.78
C ASP C 442 -49.61 -37.75 -20.36
N SER C 443 -50.18 -38.62 -21.20
CA SER C 443 -51.48 -38.36 -21.80
C SER C 443 -52.16 -39.67 -22.14
N LYS C 444 -53.49 -39.64 -22.18
CA LYS C 444 -54.28 -40.83 -22.47
C LYS C 444 -55.53 -40.40 -23.23
N VAL C 445 -56.23 -41.39 -23.76
CA VAL C 445 -57.47 -41.13 -24.51
C VAL C 445 -58.58 -40.76 -23.54
N GLY C 446 -59.54 -39.97 -24.03
CA GLY C 446 -60.64 -39.52 -23.23
C GLY C 446 -60.43 -38.16 -22.57
N GLY C 447 -59.19 -37.70 -22.49
CA GLY C 447 -58.90 -36.42 -21.88
C GLY C 447 -58.15 -36.53 -20.56
N ASN C 448 -56.84 -36.28 -20.60
CA ASN C 448 -56.00 -36.33 -19.41
C ASN C 448 -55.93 -34.93 -18.81
N TYR C 449 -56.70 -34.71 -17.74
CA TYR C 449 -56.77 -33.41 -17.08
C TYR C 449 -56.26 -33.48 -15.64
N ASN C 450 -55.32 -34.38 -15.37
CA ASN C 450 -54.85 -34.58 -14.00
C ASN C 450 -53.95 -33.44 -13.52
N TYR C 451 -53.34 -32.69 -14.42
CA TYR C 451 -52.46 -31.59 -14.06
C TYR C 451 -53.22 -30.27 -14.13
N LEU C 452 -52.83 -29.32 -13.27
CA LEU C 452 -53.50 -28.04 -13.16
C LEU C 452 -52.50 -26.92 -13.37
N TYR C 453 -53.02 -25.69 -13.47
CA TYR C 453 -52.19 -24.51 -13.61
C TYR C 453 -52.98 -23.30 -13.11
N ARG C 454 -52.25 -22.22 -12.84
CA ARG C 454 -52.84 -20.97 -12.37
C ARG C 454 -52.89 -19.98 -13.53
N LEU C 455 -54.04 -19.32 -13.69
CA LEU C 455 -54.26 -18.38 -14.77
C LEU C 455 -54.42 -16.94 -14.31
N PHE C 456 -55.13 -16.70 -13.22
CA PHE C 456 -55.40 -15.36 -12.73
C PHE C 456 -54.63 -15.09 -11.44
N ARG C 457 -54.27 -13.82 -11.25
CA ARG C 457 -53.54 -13.40 -10.06
C ARG C 457 -53.78 -11.91 -9.86
N LYS C 458 -53.66 -11.47 -8.59
CA LYS C 458 -53.89 -10.07 -8.28
C LYS C 458 -52.74 -9.20 -8.75
N SER C 459 -51.51 -9.56 -8.37
CA SER C 459 -50.33 -8.77 -8.73
C SER C 459 -49.19 -9.73 -9.03
N ASN C 460 -47.99 -9.18 -9.17
CA ASN C 460 -46.81 -9.96 -9.48
C ASN C 460 -46.24 -10.60 -8.22
N LEU C 461 -45.47 -11.67 -8.42
CA LEU C 461 -44.88 -12.43 -7.32
C LEU C 461 -43.36 -12.38 -7.40
N LYS C 462 -42.72 -12.90 -6.36
CA LYS C 462 -41.27 -12.96 -6.29
C LYS C 462 -40.75 -14.21 -7.01
N PRO C 463 -39.54 -14.15 -7.56
CA PRO C 463 -38.95 -15.36 -8.14
C PRO C 463 -38.66 -16.40 -7.08
N PHE C 464 -38.66 -17.67 -7.51
CA PHE C 464 -38.45 -18.81 -6.62
C PHE C 464 -39.47 -18.83 -5.47
N GLU C 465 -40.74 -18.65 -5.83
CA GLU C 465 -41.83 -18.62 -4.87
C GLU C 465 -42.96 -19.50 -5.37
N ARG C 466 -43.49 -20.34 -4.48
CA ARG C 466 -44.59 -21.24 -4.80
C ARG C 466 -45.91 -20.63 -4.38
N ASP C 467 -46.91 -20.74 -5.25
CA ASP C 467 -48.23 -20.18 -5.02
C ASP C 467 -49.26 -21.30 -5.07
N ILE C 468 -49.85 -21.63 -3.92
CA ILE C 468 -50.86 -22.66 -3.81
C ILE C 468 -52.20 -22.12 -3.33
N SER C 469 -52.36 -20.79 -3.35
CA SER C 469 -53.60 -20.18 -2.86
C SER C 469 -54.73 -20.45 -3.85
N THR C 470 -55.80 -21.09 -3.36
CA THR C 470 -56.97 -21.41 -4.17
C THR C 470 -58.10 -20.40 -3.97
N GLU C 471 -57.77 -19.16 -3.66
CA GLU C 471 -58.78 -18.12 -3.46
C GLU C 471 -59.32 -17.65 -4.80
N ILE C 472 -60.60 -17.33 -4.84
CA ILE C 472 -61.25 -16.86 -6.06
C ILE C 472 -60.82 -15.43 -6.33
N TYR C 473 -60.20 -15.20 -7.48
CA TYR C 473 -59.73 -13.87 -7.85
C TYR C 473 -60.92 -12.99 -8.22
N GLN C 474 -61.13 -11.93 -7.45
CA GLN C 474 -62.23 -11.01 -7.71
C GLN C 474 -61.84 -10.01 -8.79
N ALA C 475 -62.69 -9.87 -9.80
CA ALA C 475 -62.44 -8.94 -10.90
C ALA C 475 -63.05 -7.57 -10.62
N GLY C 476 -64.31 -7.53 -10.24
CA GLY C 476 -65.00 -6.29 -9.96
C GLY C 476 -64.80 -5.81 -8.54
N SER C 477 -65.74 -4.98 -8.07
CA SER C 477 -65.69 -4.42 -6.74
C SER C 477 -66.74 -5.03 -5.81
N THR C 478 -67.46 -6.06 -6.26
CA THR C 478 -68.50 -6.69 -5.46
C THR C 478 -68.02 -8.06 -5.00
N PRO C 479 -67.99 -8.33 -3.69
CA PRO C 479 -67.58 -9.65 -3.22
C PRO C 479 -68.64 -10.70 -3.50
N CYS C 480 -68.18 -11.92 -3.79
CA CYS C 480 -69.06 -13.03 -4.10
C CYS C 480 -69.17 -14.05 -2.96
N ASN C 481 -68.29 -13.98 -1.97
CA ASN C 481 -68.28 -14.92 -0.84
C ASN C 481 -68.09 -16.36 -1.31
N GLY C 482 -67.23 -16.54 -2.29
CA GLY C 482 -66.82 -17.87 -2.71
C GLY C 482 -67.84 -18.66 -3.51
N VAL C 483 -68.37 -18.06 -4.58
CA VAL C 483 -69.27 -18.74 -5.50
C VAL C 483 -68.78 -18.49 -6.93
N GLU C 484 -69.52 -19.02 -7.89
CA GLU C 484 -69.24 -18.85 -9.31
C GLU C 484 -70.34 -17.97 -9.89
N GLY C 485 -70.14 -16.66 -9.81
CA GLY C 485 -71.12 -15.71 -10.32
C GLY C 485 -70.52 -14.69 -11.26
N PHE C 486 -70.82 -13.42 -11.03
CA PHE C 486 -70.32 -12.33 -11.86
C PHE C 486 -69.09 -11.70 -11.21
N ASN C 487 -68.11 -11.33 -12.04
CA ASN C 487 -66.88 -10.68 -11.60
C ASN C 487 -66.12 -11.51 -10.58
N CYS C 488 -66.25 -12.84 -10.65
CA CYS C 488 -65.55 -13.75 -9.75
C CYS C 488 -65.22 -15.01 -10.54
N TYR C 489 -63.93 -15.26 -10.78
CA TYR C 489 -63.49 -16.39 -11.57
C TYR C 489 -62.43 -17.17 -10.82
N PHE C 490 -62.39 -18.48 -11.08
CA PHE C 490 -61.40 -19.35 -10.44
C PHE C 490 -60.09 -19.29 -11.21
N PRO C 491 -58.95 -19.06 -10.53
CA PRO C 491 -57.68 -18.94 -11.23
C PRO C 491 -57.14 -20.27 -11.72
N LEU C 492 -57.47 -21.35 -11.02
CA LEU C 492 -56.98 -22.68 -11.37
C LEU C 492 -57.88 -23.32 -12.41
N GLN C 493 -57.31 -23.62 -13.58
CA GLN C 493 -58.04 -24.25 -14.67
C GLN C 493 -57.30 -25.51 -15.12
N SER C 494 -57.97 -26.30 -15.94
CA SER C 494 -57.44 -27.58 -16.37
C SER C 494 -56.65 -27.45 -17.67
N TYR C 495 -55.95 -28.53 -18.02
CA TYR C 495 -55.15 -28.59 -19.23
C TYR C 495 -55.98 -29.14 -20.39
N GLY C 496 -55.34 -29.31 -21.55
CA GLY C 496 -55.98 -29.89 -22.71
C GLY C 496 -55.15 -30.99 -23.33
N PHE C 497 -54.48 -31.78 -22.49
CA PHE C 497 -53.54 -32.78 -22.97
C PHE C 497 -54.27 -33.91 -23.68
N GLN C 498 -53.84 -34.22 -24.91
CA GLN C 498 -54.39 -35.31 -25.70
C GLN C 498 -53.23 -35.93 -26.47
N PRO C 499 -53.15 -37.27 -26.52
CA PRO C 499 -52.03 -37.92 -27.22
C PRO C 499 -52.12 -37.84 -28.73
N THR C 500 -53.21 -37.34 -29.29
CA THR C 500 -53.39 -37.21 -30.73
C THR C 500 -53.10 -35.81 -31.24
N ASN C 501 -52.44 -34.98 -30.44
CA ASN C 501 -52.16 -33.60 -30.82
C ASN C 501 -50.95 -33.55 -31.75
N GLY C 502 -50.50 -32.33 -32.06
CA GLY C 502 -49.39 -32.14 -32.97
C GLY C 502 -48.04 -32.10 -32.29
N VAL C 503 -47.29 -31.02 -32.51
CA VAL C 503 -45.98 -30.85 -31.90
C VAL C 503 -45.88 -29.62 -31.01
N GLY C 504 -46.82 -28.68 -31.08
CA GLY C 504 -46.74 -27.44 -30.33
C GLY C 504 -47.56 -27.40 -29.06
N TYR C 505 -48.24 -28.48 -28.69
CA TYR C 505 -49.05 -28.49 -27.48
C TYR C 505 -48.90 -29.81 -26.73
N GLN C 506 -47.71 -30.42 -26.79
CA GLN C 506 -47.46 -31.69 -26.11
C GLN C 506 -47.02 -31.46 -24.67
N PRO C 507 -47.27 -32.43 -23.79
CA PRO C 507 -46.75 -32.33 -22.42
C PRO C 507 -45.24 -32.47 -22.37
N TYR C 508 -44.54 -31.39 -22.08
CA TYR C 508 -43.08 -31.36 -22.04
C TYR C 508 -42.63 -31.31 -20.59
N ARG C 509 -41.87 -32.32 -20.17
CA ARG C 509 -41.34 -32.36 -18.81
C ARG C 509 -40.10 -31.47 -18.74
N VAL C 510 -40.20 -30.39 -17.97
CA VAL C 510 -39.13 -29.40 -17.86
C VAL C 510 -38.55 -29.47 -16.45
N VAL C 511 -37.25 -29.73 -16.35
CA VAL C 511 -36.54 -29.72 -15.08
C VAL C 511 -35.66 -28.49 -15.04
N VAL C 512 -35.50 -27.93 -13.84
CA VAL C 512 -34.71 -26.73 -13.62
C VAL C 512 -33.64 -27.05 -12.59
N LEU C 513 -32.37 -26.91 -12.98
CA LEU C 513 -31.23 -27.18 -12.11
C LEU C 513 -30.52 -25.85 -11.85
N SER C 514 -30.79 -25.27 -10.69
CA SER C 514 -30.18 -24.00 -10.28
C SER C 514 -29.08 -24.25 -9.27
N PHE C 515 -28.13 -23.33 -9.21
CA PHE C 515 -26.99 -23.42 -8.31
C PHE C 515 -27.00 -22.28 -7.31
N GLU C 516 -26.43 -22.52 -6.14
CA GLU C 516 -26.37 -21.56 -5.07
C GLU C 516 -24.94 -21.05 -4.89
N LEU C 517 -24.83 -19.80 -4.43
CA LEU C 517 -23.53 -19.15 -4.22
C LEU C 517 -23.50 -18.57 -2.81
N LEU C 518 -22.85 -19.29 -1.88
CA LEU C 518 -22.69 -18.81 -0.53
C LEU C 518 -21.43 -19.41 0.07
N HIS C 519 -21.08 -18.96 1.26
CA HIS C 519 -19.83 -19.36 1.93
C HIS C 519 -20.03 -20.77 2.50
N ALA C 520 -19.63 -21.76 1.71
CA ALA C 520 -19.68 -23.16 2.15
C ALA C 520 -18.74 -23.97 1.27
N PRO C 521 -18.12 -25.02 1.80
CA PRO C 521 -17.28 -25.87 0.97
C PRO C 521 -18.11 -26.64 -0.06
N ALA C 522 -17.43 -27.07 -1.12
CA ALA C 522 -18.08 -27.78 -2.22
C ALA C 522 -18.38 -29.20 -1.78
N THR C 523 -19.66 -29.49 -1.55
CA THR C 523 -20.06 -30.84 -1.16
C THR C 523 -20.40 -31.66 -2.39
N VAL C 524 -21.11 -31.05 -3.33
CA VAL C 524 -21.45 -31.73 -4.57
C VAL C 524 -20.53 -31.28 -5.68
N CYS C 525 -19.76 -32.22 -6.23
CA CYS C 525 -18.80 -31.88 -7.28
C CYS C 525 -18.54 -33.06 -8.19
N GLY C 526 -17.96 -32.80 -9.36
CA GLY C 526 -17.66 -33.88 -10.29
C GLY C 526 -16.18 -33.97 -10.61
N PRO C 527 -15.46 -34.81 -9.86
CA PRO C 527 -14.02 -34.99 -10.10
C PRO C 527 -13.75 -35.80 -11.36
N LYS C 528 -12.61 -35.59 -11.99
CA LYS C 528 -12.26 -36.34 -13.19
C LYS C 528 -12.49 -37.82 -12.97
N LYS C 529 -13.20 -38.47 -13.89
CA LYS C 529 -13.51 -39.87 -13.72
C LYS C 529 -12.33 -40.73 -14.21
N SER C 530 -12.55 -42.03 -14.32
CA SER C 530 -11.49 -42.97 -14.68
C SER C 530 -11.23 -42.92 -16.18
N THR C 531 -10.01 -42.57 -16.56
CA THR C 531 -9.60 -42.56 -17.95
C THR C 531 -8.98 -43.91 -18.32
N ASN C 532 -8.36 -43.98 -19.50
CA ASN C 532 -7.73 -45.21 -19.95
C ASN C 532 -6.44 -45.45 -19.19
N LEU C 533 -6.35 -46.59 -18.51
CA LEU C 533 -5.18 -46.93 -17.72
C LEU C 533 -4.06 -47.43 -18.62
N VAL C 534 -2.90 -46.78 -18.56
CA VAL C 534 -1.73 -47.16 -19.33
C VAL C 534 -0.56 -47.35 -18.37
N LYS C 535 0.38 -48.21 -18.76
CA LYS C 535 1.51 -48.54 -17.91
C LYS C 535 2.77 -48.70 -18.76
N ASN C 536 3.90 -48.81 -18.06
CA ASN C 536 5.20 -49.11 -18.65
C ASN C 536 5.68 -48.03 -19.64
N LYS C 537 5.22 -46.79 -19.48
CA LYS C 537 5.75 -45.66 -20.21
C LYS C 537 5.99 -44.49 -19.26
N CYS C 538 6.82 -43.55 -19.68
CA CYS C 538 7.07 -42.33 -18.92
C CYS C 538 5.83 -41.46 -19.01
N VAL C 539 4.97 -41.54 -18.01
CA VAL C 539 3.69 -40.84 -18.01
C VAL C 539 3.66 -39.85 -16.85
N ASN C 540 2.59 -39.06 -16.80
CA ASN C 540 2.37 -38.08 -15.75
C ASN C 540 1.01 -38.33 -15.12
N PHE C 541 0.97 -38.43 -13.80
CA PHE C 541 -0.26 -38.71 -13.07
C PHE C 541 -0.38 -37.77 -11.88
N ASN C 542 -1.62 -37.59 -11.41
CA ASN C 542 -1.94 -36.77 -10.25
C ASN C 542 -2.86 -37.57 -9.33
N PHE C 543 -2.27 -38.35 -8.43
CA PHE C 543 -3.04 -39.20 -7.52
C PHE C 543 -3.23 -38.53 -6.17
N ASN C 544 -3.89 -37.37 -6.21
CA ASN C 544 -4.45 -36.70 -5.04
C ASN C 544 -3.39 -36.11 -4.10
N GLY C 545 -2.12 -36.42 -4.34
CA GLY C 545 -1.08 -35.91 -3.45
C GLY C 545 0.19 -35.44 -4.10
N LEU C 546 0.33 -35.66 -5.41
CA LEU C 546 1.57 -35.32 -6.09
C LEU C 546 1.34 -35.36 -7.60
N THR C 547 2.23 -34.68 -8.32
CA THR C 547 2.22 -34.66 -9.79
C THR C 547 3.64 -35.03 -10.24
N GLY C 548 3.89 -36.33 -10.40
CA GLY C 548 5.20 -36.83 -10.77
C GLY C 548 5.19 -37.41 -12.17
N THR C 549 6.33 -37.31 -12.85
CA THR C 549 6.50 -37.82 -14.20
C THR C 549 7.40 -39.04 -14.16
N GLY C 550 6.89 -40.17 -14.63
CA GLY C 550 7.68 -41.39 -14.64
C GLY C 550 6.87 -42.55 -15.18
N VAL C 551 7.33 -43.76 -14.87
CA VAL C 551 6.70 -44.97 -15.35
C VAL C 551 5.96 -45.64 -14.18
N LEU C 552 5.14 -46.63 -14.52
CA LEU C 552 4.33 -47.37 -13.54
C LEU C 552 4.60 -48.85 -13.75
N THR C 553 5.57 -49.39 -13.01
CA THR C 553 5.91 -50.81 -13.09
C THR C 553 5.12 -51.60 -12.07
N GLU C 554 4.86 -52.87 -12.40
CA GLU C 554 4.12 -53.76 -11.51
C GLU C 554 5.02 -54.22 -10.38
N SER C 555 4.69 -53.84 -9.15
CA SER C 555 5.48 -54.22 -7.99
C SER C 555 5.08 -55.61 -7.50
N ASN C 556 5.88 -56.13 -6.56
CA ASN C 556 5.65 -57.46 -5.99
C ASN C 556 5.32 -57.41 -4.50
N LYS C 557 5.16 -56.22 -3.93
CA LYS C 557 4.86 -56.05 -2.52
C LYS C 557 3.46 -55.49 -2.36
N LYS C 558 2.68 -56.07 -1.44
CA LYS C 558 1.33 -55.62 -1.15
C LYS C 558 1.36 -54.70 0.06
N PHE C 559 0.64 -53.58 -0.03
CA PHE C 559 0.62 -52.59 1.04
C PHE C 559 -0.53 -52.88 2.00
N LEU C 560 -0.45 -52.25 3.17
CA LEU C 560 -1.54 -52.34 4.14
C LEU C 560 -2.73 -51.51 3.66
N PRO C 561 -3.97 -51.96 3.94
CA PRO C 561 -5.17 -51.30 3.41
C PRO C 561 -5.57 -50.03 4.18
N PHE C 562 -4.57 -49.22 4.54
CA PHE C 562 -4.84 -47.92 5.14
C PHE C 562 -3.94 -46.81 4.62
N GLN C 563 -3.00 -47.11 3.73
CA GLN C 563 -2.07 -46.13 3.18
C GLN C 563 -2.40 -45.84 1.73
N GLN C 564 -1.82 -44.76 1.22
CA GLN C 564 -2.00 -44.34 -0.16
C GLN C 564 -0.69 -44.14 -0.91
N PHE C 565 0.34 -43.67 -0.24
CA PHE C 565 1.64 -43.41 -0.84
C PHE C 565 2.69 -44.31 -0.19
N GLY C 566 3.94 -44.16 -0.66
CA GLY C 566 5.04 -44.93 -0.11
C GLY C 566 6.39 -44.31 -0.36
N ARG C 567 7.19 -44.17 0.70
CA ARG C 567 8.53 -43.62 0.61
C ARG C 567 9.54 -44.75 0.54
N ASP C 568 10.82 -44.41 0.66
CA ASP C 568 11.90 -45.39 0.57
C ASP C 568 13.02 -44.94 1.50
N ILE C 569 14.19 -45.56 1.35
CA ILE C 569 15.32 -45.22 2.21
C ILE C 569 15.89 -43.84 1.86
N ALA C 570 15.79 -43.44 0.59
CA ALA C 570 16.30 -42.16 0.14
C ALA C 570 15.28 -41.03 0.28
N ASP C 571 14.18 -41.27 1.00
CA ASP C 571 13.14 -40.27 1.24
C ASP C 571 12.58 -39.72 -0.08
N THR C 572 11.99 -40.62 -0.86
CA THR C 572 11.38 -40.27 -2.14
C THR C 572 10.11 -41.07 -2.32
N THR C 573 9.01 -40.37 -2.64
CA THR C 573 7.72 -41.01 -2.87
C THR C 573 7.75 -41.69 -4.23
N ASP C 574 8.01 -43.00 -4.24
CA ASP C 574 8.12 -43.77 -5.47
C ASP C 574 7.16 -44.95 -5.51
N ALA C 575 6.12 -44.93 -4.69
CA ALA C 575 5.14 -46.01 -4.66
C ALA C 575 3.79 -45.43 -4.26
N VAL C 576 2.88 -45.32 -5.22
CA VAL C 576 1.55 -44.77 -5.00
C VAL C 576 0.52 -45.84 -5.34
N ARG C 577 -0.35 -46.13 -4.38
CA ARG C 577 -1.40 -47.13 -4.59
C ARG C 577 -2.48 -46.58 -5.51
N ASP C 578 -2.81 -47.32 -6.55
CA ASP C 578 -3.87 -46.91 -7.47
C ASP C 578 -5.23 -47.12 -6.83
N PRO C 579 -6.07 -46.09 -6.71
CA PRO C 579 -7.38 -46.25 -6.08
C PRO C 579 -8.43 -46.92 -6.96
N GLN C 580 -8.07 -47.40 -8.14
CA GLN C 580 -9.04 -48.04 -9.03
C GLN C 580 -9.36 -49.46 -8.55
N THR C 581 -8.33 -50.31 -8.46
CA THR C 581 -8.51 -51.69 -8.04
C THR C 581 -7.46 -52.10 -7.01
N LEU C 582 -6.87 -51.15 -6.30
CA LEU C 582 -5.83 -51.39 -5.29
C LEU C 582 -4.65 -52.13 -5.91
N GLU C 583 -4.08 -51.51 -6.95
CA GLU C 583 -2.92 -52.05 -7.65
C GLU C 583 -1.70 -51.21 -7.30
N ILE C 584 -0.74 -51.83 -6.62
CA ILE C 584 0.47 -51.14 -6.19
C ILE C 584 1.40 -50.98 -7.38
N LEU C 585 1.82 -49.75 -7.66
CA LEU C 585 2.70 -49.45 -8.77
C LEU C 585 3.87 -48.61 -8.28
N ASP C 586 5.04 -48.86 -8.85
CA ASP C 586 6.26 -48.13 -8.51
C ASP C 586 6.47 -46.98 -9.48
N ILE C 587 7.22 -45.98 -9.02
CA ILE C 587 7.51 -44.78 -9.80
C ILE C 587 9.01 -44.74 -10.09
N THR C 588 9.37 -44.70 -11.37
CA THR C 588 10.74 -44.56 -11.80
C THR C 588 10.81 -43.46 -12.85
N PRO C 589 11.65 -42.46 -12.67
CA PRO C 589 11.72 -41.36 -13.65
C PRO C 589 12.28 -41.84 -14.98
N CYS C 590 11.98 -41.04 -16.01
CA CYS C 590 12.41 -41.33 -17.37
C CYS C 590 13.61 -40.52 -17.82
N SER C 591 13.89 -39.40 -17.14
CA SER C 591 15.09 -38.60 -17.41
C SER C 591 16.17 -38.98 -16.41
N PHE C 592 17.22 -39.66 -16.90
CA PHE C 592 18.37 -40.04 -16.10
C PHE C 592 19.64 -39.59 -16.79
N GLY C 593 20.33 -38.62 -16.22
CA GLY C 593 21.61 -38.19 -16.75
C GLY C 593 21.48 -37.27 -17.95
N GLY C 594 22.40 -37.42 -18.90
CA GLY C 594 22.41 -36.60 -20.09
C GLY C 594 23.06 -37.28 -21.28
N VAL C 595 23.51 -36.50 -22.26
CA VAL C 595 24.11 -37.03 -23.46
C VAL C 595 25.61 -36.77 -23.44
N SER C 596 26.32 -37.39 -24.37
CA SER C 596 27.76 -37.23 -24.48
C SER C 596 28.18 -37.41 -25.93
N VAL C 597 29.14 -36.59 -26.37
CA VAL C 597 29.64 -36.61 -27.73
C VAL C 597 31.09 -37.07 -27.72
N ILE C 598 31.41 -38.00 -28.62
CA ILE C 598 32.76 -38.56 -28.74
C ILE C 598 33.40 -37.99 -30.00
N THR C 599 34.53 -37.31 -29.84
CA THR C 599 35.27 -36.75 -30.95
C THR C 599 36.65 -37.39 -31.03
N PRO C 600 37.04 -37.96 -32.18
CA PRO C 600 38.35 -38.61 -32.26
C PRO C 600 39.52 -37.65 -32.25
N GLY C 601 39.30 -36.37 -32.54
CA GLY C 601 40.35 -35.38 -32.55
C GLY C 601 40.43 -34.64 -33.88
N THR C 602 41.26 -33.61 -33.88
CA THR C 602 41.44 -32.79 -35.06
C THR C 602 42.31 -33.48 -36.09
N ASN C 603 42.05 -33.19 -37.37
CA ASN C 603 42.76 -33.75 -38.51
C ASN C 603 42.72 -35.28 -38.54
N THR C 604 41.71 -35.88 -37.92
CA THR C 604 41.58 -37.34 -37.88
C THR C 604 40.30 -37.83 -38.53
N SER C 605 39.15 -37.26 -38.17
CA SER C 605 37.87 -37.72 -38.68
C SER C 605 36.91 -36.55 -38.74
N ASN C 606 35.65 -36.85 -39.09
CA ASN C 606 34.60 -35.86 -39.17
C ASN C 606 33.30 -36.25 -38.47
N GLN C 607 33.05 -37.53 -38.26
CA GLN C 607 31.83 -37.99 -37.62
C GLN C 607 32.03 -38.14 -36.11
N VAL C 608 30.92 -38.14 -35.38
CA VAL C 608 30.91 -38.25 -33.93
C VAL C 608 29.95 -39.37 -33.54
N ALA C 609 29.80 -39.56 -32.23
CA ALA C 609 28.92 -40.57 -31.68
C ALA C 609 28.18 -40.01 -30.47
N VAL C 610 26.92 -40.41 -30.31
CA VAL C 610 26.08 -39.95 -29.21
C VAL C 610 26.08 -41.03 -28.13
N LEU C 611 26.43 -40.65 -26.91
CA LEU C 611 26.51 -41.56 -25.78
C LEU C 611 25.54 -41.12 -24.70
N TYR C 612 24.70 -42.05 -24.25
CA TYR C 612 23.78 -41.78 -23.14
C TYR C 612 24.40 -42.25 -21.83
N GLN C 613 24.17 -41.48 -20.77
CA GLN C 613 24.75 -41.79 -19.48
C GLN C 613 24.01 -42.92 -18.78
N ASP C 614 22.73 -42.72 -18.50
CA ASP C 614 21.91 -43.72 -17.81
C ASP C 614 20.54 -43.82 -18.46
N VAL C 615 20.49 -43.75 -19.78
CA VAL C 615 19.25 -43.84 -20.54
C VAL C 615 19.27 -45.16 -21.32
N ASN C 616 18.30 -46.02 -21.05
CA ASN C 616 18.20 -47.30 -21.75
C ASN C 616 17.63 -47.10 -23.14
N CYS C 617 18.07 -47.93 -24.08
CA CYS C 617 17.64 -47.82 -25.47
C CYS C 617 16.57 -48.85 -25.81
N ASN C 641 26.32 -49.85 -35.34
CA ASN C 641 25.28 -48.84 -35.24
C ASN C 641 24.90 -48.59 -33.79
N VAL C 642 23.91 -49.33 -33.30
CA VAL C 642 23.43 -49.20 -31.93
C VAL C 642 23.99 -50.36 -31.12
N PHE C 643 24.70 -50.04 -30.04
CA PHE C 643 25.30 -51.04 -29.15
C PHE C 643 24.94 -50.69 -27.72
N GLN C 644 24.23 -51.61 -27.05
CA GLN C 644 23.83 -51.41 -25.66
C GLN C 644 25.03 -51.72 -24.76
N THR C 645 25.79 -50.69 -24.44
CA THR C 645 26.95 -50.84 -23.58
C THR C 645 26.53 -50.91 -22.11
N ARG C 646 27.48 -51.30 -21.26
CA ARG C 646 27.21 -51.39 -19.83
C ARG C 646 27.13 -50.02 -19.16
N ALA C 647 27.62 -48.97 -19.83
CA ALA C 647 27.60 -47.61 -19.29
C ALA C 647 26.50 -46.76 -19.89
N GLY C 648 25.46 -47.37 -20.45
CA GLY C 648 24.37 -46.62 -21.05
C GLY C 648 24.06 -47.02 -22.48
N CYS C 649 24.18 -46.07 -23.41
CA CYS C 649 23.92 -46.30 -24.82
C CYS C 649 24.96 -45.57 -25.64
N LEU C 650 25.67 -46.29 -26.50
CA LEU C 650 26.52 -45.71 -27.53
C LEU C 650 25.93 -46.04 -28.90
N ILE C 651 25.49 -45.02 -29.61
CA ILE C 651 24.91 -45.19 -30.94
C ILE C 651 25.84 -44.54 -31.97
N GLY C 652 25.71 -45.00 -33.21
CA GLY C 652 26.55 -44.49 -34.28
C GLY C 652 27.92 -45.11 -34.37
N ALA C 653 28.16 -46.21 -33.66
CA ALA C 653 29.47 -46.87 -33.67
C ALA C 653 29.26 -48.37 -33.56
N GLU C 654 29.81 -49.11 -34.53
CA GLU C 654 29.69 -50.55 -34.53
C GLU C 654 30.61 -51.17 -33.48
N HIS C 655 30.29 -52.41 -33.11
CA HIS C 655 31.05 -53.14 -32.09
C HIS C 655 31.86 -54.24 -32.75
N VAL C 656 33.10 -54.41 -32.27
CA VAL C 656 34.00 -55.44 -32.76
C VAL C 656 34.53 -56.23 -31.57
N ASN C 657 34.69 -57.54 -31.75
CA ASN C 657 35.14 -58.40 -30.66
C ASN C 657 36.65 -58.33 -30.42
N ASN C 658 37.41 -57.73 -31.33
CA ASN C 658 38.84 -57.58 -31.14
C ASN C 658 39.13 -56.50 -30.10
N SER C 659 40.28 -56.61 -29.46
CA SER C 659 40.69 -55.71 -28.39
C SER C 659 42.01 -55.06 -28.74
N TYR C 660 42.07 -53.74 -28.62
CA TYR C 660 43.29 -52.97 -28.86
C TYR C 660 43.44 -51.92 -27.76
N GLU C 661 44.51 -51.15 -27.85
CA GLU C 661 44.75 -50.07 -26.89
C GLU C 661 43.85 -48.90 -27.22
N CYS C 662 42.98 -48.53 -26.29
CA CYS C 662 42.02 -47.45 -26.50
C CYS C 662 42.61 -46.11 -26.09
N ASP C 663 42.06 -45.05 -26.68
CA ASP C 663 42.53 -43.69 -26.43
C ASP C 663 41.50 -42.83 -25.70
N ILE C 664 40.27 -42.80 -26.18
CA ILE C 664 39.21 -41.98 -25.60
C ILE C 664 38.52 -42.81 -24.52
N PRO C 665 38.58 -42.40 -23.26
CA PRO C 665 37.89 -43.17 -22.21
C PRO C 665 36.39 -42.92 -22.21
N ILE C 666 35.63 -43.97 -21.97
CA ILE C 666 34.17 -43.88 -21.92
C ILE C 666 33.69 -44.30 -20.55
N GLY C 667 34.04 -45.49 -20.13
CA GLY C 667 33.65 -46.01 -18.82
C GLY C 667 33.23 -47.46 -18.92
N ALA C 668 33.20 -48.12 -17.75
CA ALA C 668 32.74 -49.50 -17.62
C ALA C 668 33.60 -50.46 -18.46
N GLY C 669 34.89 -50.16 -18.56
CA GLY C 669 35.83 -51.05 -19.21
C GLY C 669 35.78 -51.09 -20.72
N ILE C 670 35.00 -50.21 -21.34
CA ILE C 670 34.89 -50.17 -22.80
C ILE C 670 35.21 -48.75 -23.27
N CYS C 671 36.02 -48.65 -24.32
CA CYS C 671 36.45 -47.37 -24.88
C CYS C 671 35.82 -47.17 -26.25
N ALA C 672 36.21 -46.08 -26.91
CA ALA C 672 35.79 -45.77 -28.26
C ALA C 672 36.99 -45.23 -29.03
N SER C 673 37.25 -45.79 -30.20
CA SER C 673 38.41 -45.41 -31.00
C SER C 673 38.00 -45.33 -32.46
N TYR C 674 38.95 -44.96 -33.32
CA TYR C 674 38.73 -44.82 -34.75
C TYR C 674 39.80 -45.65 -35.48
N GLN C 675 39.43 -46.86 -35.90
CA GLN C 675 40.33 -47.75 -36.60
C GLN C 675 39.64 -48.28 -37.86
N THR C 676 40.36 -49.09 -38.61
CA THR C 676 39.83 -49.67 -39.85
C THR C 676 38.87 -50.80 -39.54
N SER C 689 36.02 -48.29 -45.54
CA SER C 689 37.14 -47.49 -45.04
C SER C 689 37.29 -47.65 -43.53
N GLN C 690 37.52 -46.53 -42.85
CA GLN C 690 37.68 -46.50 -41.41
C GLN C 690 36.49 -45.83 -40.76
N SER C 691 36.00 -46.42 -39.66
CA SER C 691 34.85 -45.89 -38.94
C SER C 691 35.12 -45.97 -37.45
N ILE C 692 34.30 -45.26 -36.68
CA ILE C 692 34.42 -45.25 -35.23
C ILE C 692 33.88 -46.57 -34.68
N ILE C 693 34.72 -47.30 -33.96
CA ILE C 693 34.36 -48.60 -33.42
C ILE C 693 34.46 -48.55 -31.90
N ALA C 694 33.64 -49.38 -31.24
CA ALA C 694 33.64 -49.50 -29.79
C ALA C 694 33.97 -50.94 -29.42
N TYR C 695 34.98 -51.12 -28.57
CA TYR C 695 35.41 -52.45 -28.19
C TYR C 695 35.99 -52.40 -26.77
N THR C 696 36.12 -53.58 -26.17
CA THR C 696 36.70 -53.68 -24.84
C THR C 696 38.20 -53.41 -24.90
N MET C 697 38.70 -52.57 -24.00
CA MET C 697 40.11 -52.20 -24.00
C MET C 697 40.97 -53.36 -23.52
N SER C 698 42.22 -53.36 -23.98
CA SER C 698 43.20 -54.37 -23.58
C SER C 698 43.89 -53.92 -22.30
N LEU C 699 44.01 -54.85 -21.34
CA LEU C 699 44.66 -54.55 -20.07
C LEU C 699 46.18 -54.71 -20.13
N GLY C 700 46.72 -55.11 -21.26
CA GLY C 700 48.16 -55.28 -21.39
C GLY C 700 48.48 -56.35 -22.40
N ALA C 701 49.78 -56.58 -22.59
CA ALA C 701 50.26 -57.58 -23.52
C ALA C 701 50.06 -58.97 -22.91
N GLU C 702 49.17 -59.76 -23.51
CA GLU C 702 48.88 -61.10 -23.02
C GLU C 702 50.04 -62.03 -23.38
N ASN C 703 50.94 -62.24 -22.43
CA ASN C 703 52.11 -63.09 -22.61
C ASN C 703 52.27 -64.00 -21.40
N SER C 704 52.99 -65.09 -21.59
CA SER C 704 53.24 -66.07 -20.55
C SER C 704 54.69 -65.97 -20.08
N VAL C 705 54.87 -66.03 -18.77
CA VAL C 705 56.20 -65.96 -18.15
C VAL C 705 56.55 -67.35 -17.64
N ALA C 706 57.63 -67.92 -18.18
CA ALA C 706 58.07 -69.25 -17.77
C ALA C 706 58.72 -69.19 -16.40
N TYR C 707 58.16 -69.94 -15.44
CA TYR C 707 58.67 -70.00 -14.09
C TYR C 707 59.24 -71.39 -13.82
N SER C 708 60.45 -71.43 -13.25
CA SER C 708 61.10 -72.68 -12.92
C SER C 708 61.97 -72.49 -11.69
N ASN C 709 62.22 -73.59 -10.99
CA ASN C 709 63.02 -73.56 -9.77
C ASN C 709 64.51 -73.67 -10.03
N ASN C 710 64.93 -73.88 -11.27
CA ASN C 710 66.35 -74.00 -11.61
C ASN C 710 66.66 -73.23 -12.89
N SER C 711 66.06 -72.05 -13.03
CA SER C 711 66.28 -71.21 -14.21
C SER C 711 66.29 -69.75 -13.79
N ILE C 712 67.33 -69.02 -14.20
CA ILE C 712 67.47 -67.61 -13.91
C ILE C 712 67.72 -66.86 -15.22
N ALA C 713 67.38 -65.57 -15.22
CA ALA C 713 67.54 -64.72 -16.38
C ALA C 713 68.41 -63.53 -15.99
N ILE C 714 69.59 -63.43 -16.58
CA ILE C 714 70.54 -62.35 -16.31
C ILE C 714 70.64 -61.49 -17.57
N PRO C 715 70.39 -60.19 -17.47
CA PRO C 715 70.49 -59.34 -18.67
C PRO C 715 71.93 -59.09 -19.08
N THR C 716 72.16 -59.06 -20.39
CA THR C 716 73.49 -58.85 -20.94
C THR C 716 73.68 -57.47 -21.57
N ASN C 717 72.59 -56.75 -21.85
CA ASN C 717 72.68 -55.42 -22.45
C ASN C 717 71.68 -54.50 -21.77
N PHE C 718 71.78 -53.21 -22.08
CA PHE C 718 70.92 -52.22 -21.47
C PHE C 718 70.83 -51.01 -22.39
N THR C 719 69.77 -50.22 -22.19
CA THR C 719 69.57 -48.97 -22.92
C THR C 719 69.40 -47.84 -21.91
N ILE C 720 70.14 -46.76 -22.14
CA ILE C 720 70.08 -45.58 -21.27
C ILE C 720 68.97 -44.67 -21.80
N SER C 721 67.88 -44.56 -21.05
CA SER C 721 66.74 -43.76 -21.44
C SER C 721 66.57 -42.60 -20.46
N VAL C 722 65.75 -41.63 -20.87
CA VAL C 722 65.48 -40.44 -20.08
C VAL C 722 63.98 -40.35 -19.88
N THR C 723 63.54 -40.38 -18.62
CA THR C 723 62.14 -40.27 -18.26
C THR C 723 61.82 -38.82 -17.91
N THR C 724 60.95 -38.20 -18.71
CA THR C 724 60.59 -36.79 -18.51
C THR C 724 59.33 -36.72 -17.64
N GLU C 725 59.49 -36.14 -16.45
CA GLU C 725 58.38 -35.96 -15.52
C GLU C 725 58.06 -34.47 -15.40
N ILE C 726 56.78 -34.13 -15.50
CA ILE C 726 56.31 -32.75 -15.44
C ILE C 726 55.66 -32.53 -14.08
N LEU C 727 56.20 -31.61 -13.30
CA LEU C 727 55.66 -31.30 -11.99
C LEU C 727 55.68 -29.79 -11.75
N PRO C 728 54.52 -29.16 -11.60
CA PRO C 728 54.49 -27.72 -11.36
C PRO C 728 54.82 -27.37 -9.92
N VAL C 729 55.36 -26.17 -9.75
CA VAL C 729 55.73 -25.68 -8.43
C VAL C 729 55.06 -24.36 -8.06
N SER C 730 54.59 -23.58 -9.04
CA SER C 730 53.95 -22.31 -8.75
C SER C 730 52.96 -22.00 -9.88
N MET C 731 52.22 -20.90 -9.69
CA MET C 731 51.23 -20.46 -10.67
C MET C 731 51.18 -18.94 -10.63
N THR C 732 50.16 -18.38 -11.29
CA THR C 732 49.99 -16.94 -11.33
C THR C 732 49.46 -16.41 -9.99
N LYS C 733 49.71 -15.13 -9.75
CA LYS C 733 49.28 -14.46 -8.54
C LYS C 733 48.24 -13.42 -8.89
N THR C 734 47.04 -13.55 -8.31
CA THR C 734 45.92 -12.65 -8.56
C THR C 734 45.43 -12.10 -7.24
N SER C 735 45.40 -10.77 -7.10
CA SER C 735 44.94 -10.09 -5.90
C SER C 735 43.65 -9.35 -6.21
N VAL C 736 42.54 -9.85 -5.66
CA VAL C 736 41.21 -9.28 -5.93
C VAL C 736 40.77 -8.45 -4.74
N ASP C 737 40.34 -7.22 -5.01
CA ASP C 737 39.78 -6.31 -4.01
C ASP C 737 38.26 -6.44 -4.03
N CYS C 738 37.64 -6.16 -2.88
CA CYS C 738 36.17 -6.06 -2.88
C CYS C 738 35.68 -4.71 -3.37
N THR C 739 36.38 -3.63 -3.07
CA THR C 739 35.87 -2.28 -3.32
C THR C 739 35.95 -1.91 -4.79
N MET C 740 36.97 -2.40 -5.50
CA MET C 740 37.05 -2.20 -6.94
C MET C 740 36.17 -3.18 -7.69
N TYR C 741 36.04 -4.42 -7.19
CA TYR C 741 35.27 -5.43 -7.90
C TYR C 741 33.77 -5.33 -7.62
N ILE C 742 33.39 -5.06 -6.37
CA ILE C 742 31.98 -4.98 -6.03
C ILE C 742 31.44 -3.58 -6.33
N CYS C 743 32.04 -2.56 -5.71
CA CYS C 743 31.59 -1.18 -5.90
C CYS C 743 32.25 -0.58 -7.12
N GLY C 744 31.53 0.36 -7.75
CA GLY C 744 32.03 1.02 -8.95
C GLY C 744 32.60 2.40 -8.68
N ASP C 745 31.89 3.43 -9.12
CA ASP C 745 32.32 4.81 -8.99
C ASP C 745 31.24 5.64 -8.29
N SER C 746 30.70 5.11 -7.20
CA SER C 746 29.67 5.78 -6.45
C SER C 746 29.98 5.68 -4.96
N THR C 747 29.24 6.45 -4.16
CA THR C 747 29.40 6.46 -2.72
C THR C 747 28.33 5.66 -1.99
N GLU C 748 27.23 5.31 -2.67
CA GLU C 748 26.18 4.54 -2.02
C GLU C 748 26.58 3.09 -1.79
N CYS C 749 27.50 2.56 -2.60
CA CYS C 749 27.96 1.20 -2.41
C CYS C 749 28.91 1.07 -1.23
N SER C 750 29.65 2.15 -0.92
CA SER C 750 30.58 2.11 0.20
C SER C 750 29.88 2.10 1.55
N ASN C 751 28.63 2.57 1.61
CA ASN C 751 27.90 2.56 2.87
C ASN C 751 27.45 1.16 3.24
N LEU C 752 27.03 0.37 2.25
CA LEU C 752 26.62 -1.01 2.50
C LEU C 752 27.80 -1.97 2.63
N LEU C 753 28.98 -1.57 2.17
CA LEU C 753 30.16 -2.42 2.28
C LEU C 753 30.73 -2.45 3.68
N LEU C 754 30.37 -1.49 4.54
CA LEU C 754 30.85 -1.52 5.92
C LEU C 754 30.19 -2.62 6.72
N GLN C 755 28.97 -3.03 6.33
CA GLN C 755 28.33 -4.15 7.00
C GLN C 755 28.94 -5.49 6.61
N TYR C 756 29.60 -5.55 5.45
CA TYR C 756 30.30 -6.75 5.00
C TYR C 756 31.80 -6.58 5.02
N GLY C 757 32.30 -5.71 5.90
CA GLY C 757 33.73 -5.50 6.01
C GLY C 757 34.47 -6.66 6.65
N SER C 758 33.80 -7.45 7.48
CA SER C 758 34.43 -8.62 8.07
C SER C 758 34.66 -9.72 7.03
N PHE C 759 33.83 -9.76 5.99
CA PHE C 759 34.01 -10.75 4.93
C PHE C 759 35.21 -10.42 4.05
N CYS C 760 35.52 -9.13 3.86
CA CYS C 760 36.72 -8.77 3.11
C CYS C 760 37.99 -8.83 3.95
N THR C 761 37.88 -8.77 5.28
CA THR C 761 39.07 -9.02 6.07
C THR C 761 39.48 -10.48 5.92
N GLN C 762 38.52 -11.38 5.73
CA GLN C 762 38.83 -12.78 5.51
C GLN C 762 39.29 -13.05 4.08
N LEU C 763 38.69 -12.39 3.09
CA LEU C 763 39.08 -12.62 1.71
C LEU C 763 40.39 -11.93 1.35
N ASN C 764 40.71 -10.81 2.00
CA ASN C 764 41.99 -10.17 1.76
C ASN C 764 43.12 -10.91 2.46
N ARG C 765 42.86 -11.45 3.65
CA ARG C 765 43.88 -12.23 4.34
C ARG C 765 44.09 -13.59 3.67
N ALA C 766 43.08 -14.11 2.97
CA ALA C 766 43.24 -15.37 2.27
C ALA C 766 44.06 -15.18 0.99
N LEU C 767 43.84 -14.07 0.28
CA LEU C 767 44.60 -13.81 -0.93
C LEU C 767 46.04 -13.39 -0.64
N THR C 768 46.30 -12.82 0.53
CA THR C 768 47.68 -12.52 0.92
C THR C 768 48.41 -13.80 1.34
N GLY C 769 47.69 -14.72 1.99
CA GLY C 769 48.28 -16.02 2.31
C GLY C 769 48.57 -16.88 1.11
N ILE C 770 47.87 -16.65 0.00
CA ILE C 770 48.18 -17.36 -1.24
C ILE C 770 49.46 -16.79 -1.86
N ALA C 771 49.60 -15.47 -1.86
CA ALA C 771 50.75 -14.85 -2.52
C ALA C 771 52.05 -15.15 -1.79
N VAL C 772 52.03 -15.27 -0.47
CA VAL C 772 53.23 -15.63 0.26
C VAL C 772 53.57 -17.10 0.06
N GLU C 773 52.54 -17.96 0.00
CA GLU C 773 52.78 -19.38 -0.26
C GLU C 773 53.24 -19.61 -1.69
N GLN C 774 52.80 -18.77 -2.63
CA GLN C 774 53.25 -18.91 -4.02
C GLN C 774 54.72 -18.48 -4.16
N ASP C 775 55.16 -17.52 -3.36
CA ASP C 775 56.55 -17.08 -3.37
C ASP C 775 57.45 -17.96 -2.49
N LYS C 776 56.87 -18.71 -1.56
CA LYS C 776 57.63 -19.60 -0.70
C LYS C 776 57.89 -20.96 -1.32
N ASN C 777 57.05 -21.39 -2.27
CA ASN C 777 57.27 -22.67 -2.92
C ASN C 777 58.46 -22.64 -3.87
N THR C 778 58.82 -21.46 -4.39
CA THR C 778 59.98 -21.37 -5.26
C THR C 778 61.29 -21.46 -4.46
N GLN C 779 61.31 -20.94 -3.24
CA GLN C 779 62.49 -20.98 -2.40
C GLN C 779 62.74 -22.35 -1.80
N GLU C 780 61.79 -23.28 -1.90
CA GLU C 780 61.95 -24.62 -1.35
C GLU C 780 62.43 -25.64 -2.38
N VAL C 781 62.24 -25.38 -3.66
CA VAL C 781 62.61 -26.29 -4.73
C VAL C 781 63.87 -25.81 -5.46
N PHE C 782 63.88 -24.56 -5.92
CA PHE C 782 65.02 -24.06 -6.67
C PHE C 782 66.12 -23.54 -5.76
N ALA C 783 65.77 -22.98 -4.60
CA ALA C 783 66.75 -22.40 -3.69
C ALA C 783 67.19 -23.43 -2.64
N GLN C 784 67.76 -24.53 -3.13
CA GLN C 784 68.27 -25.56 -2.25
C GLN C 784 69.66 -25.22 -1.72
N VAL C 785 70.47 -24.53 -2.51
CA VAL C 785 71.81 -24.11 -2.10
C VAL C 785 71.88 -22.60 -2.13
N LYS C 786 72.88 -22.05 -1.44
CA LYS C 786 73.09 -20.62 -1.34
C LYS C 786 74.37 -20.17 -2.05
N GLN C 787 74.84 -20.95 -3.01
CA GLN C 787 76.05 -20.62 -3.75
C GLN C 787 75.81 -20.84 -5.24
N ILE C 788 76.25 -19.88 -6.04
CA ILE C 788 76.12 -19.96 -7.50
C ILE C 788 77.36 -20.64 -8.05
N TYR C 789 77.17 -21.78 -8.71
CA TYR C 789 78.27 -22.56 -9.26
C TYR C 789 78.45 -22.18 -10.73
N LYS C 790 79.65 -21.72 -11.07
CA LYS C 790 79.93 -21.28 -12.43
C LYS C 790 80.21 -22.48 -13.34
N THR C 791 79.90 -22.32 -14.61
CA THR C 791 80.13 -23.39 -15.57
C THR C 791 81.62 -23.47 -15.92
N PRO C 792 82.24 -24.64 -15.80
CA PRO C 792 83.65 -24.75 -16.14
C PRO C 792 83.86 -24.67 -17.64
N PRO C 793 84.98 -24.12 -18.11
CA PRO C 793 85.20 -24.01 -19.56
C PRO C 793 85.57 -25.32 -20.22
N ILE C 794 86.00 -26.33 -19.46
CA ILE C 794 86.38 -27.62 -20.03
C ILE C 794 85.10 -28.37 -20.38
N LYS C 795 84.82 -28.52 -21.67
CA LYS C 795 83.64 -29.21 -22.15
C LYS C 795 83.89 -30.69 -22.43
N ASP C 796 85.10 -31.18 -22.20
CA ASP C 796 85.44 -32.59 -22.43
C ASP C 796 85.06 -33.37 -21.19
N PHE C 797 83.90 -34.02 -21.21
CA PHE C 797 83.41 -34.81 -20.09
C PHE C 797 83.54 -36.30 -20.34
N GLY C 798 84.39 -36.71 -21.28
CA GLY C 798 84.57 -38.12 -21.57
C GLY C 798 83.67 -38.67 -22.65
N GLY C 799 83.29 -37.84 -23.63
CA GLY C 799 82.42 -38.26 -24.70
C GLY C 799 80.96 -37.90 -24.54
N PHE C 800 80.60 -37.21 -23.47
CA PHE C 800 79.22 -36.82 -23.22
C PHE C 800 78.95 -35.43 -23.78
N ASN C 801 77.74 -35.24 -24.31
CA ASN C 801 77.32 -33.96 -24.87
C ASN C 801 76.48 -33.24 -23.82
N PHE C 802 77.01 -32.15 -23.27
CA PHE C 802 76.33 -31.36 -22.25
C PHE C 802 75.96 -29.98 -22.74
N SER C 803 75.98 -29.76 -24.07
CA SER C 803 75.64 -28.46 -24.62
C SER C 803 74.13 -28.19 -24.61
N GLN C 804 73.32 -29.23 -24.45
CA GLN C 804 71.87 -29.04 -24.42
C GLN C 804 71.38 -28.59 -23.05
N ILE C 805 72.11 -28.94 -21.99
CA ILE C 805 71.72 -28.52 -20.63
C ILE C 805 72.47 -27.27 -20.17
N LEU C 806 73.56 -26.90 -20.84
CA LEU C 806 74.32 -25.71 -20.47
C LEU C 806 73.92 -24.52 -21.33
N PRO C 807 73.89 -23.32 -20.76
CA PRO C 807 73.52 -22.14 -21.55
C PRO C 807 74.60 -21.79 -22.57
N ASP C 808 74.18 -21.59 -23.81
CA ASP C 808 75.12 -21.22 -24.86
C ASP C 808 75.39 -19.72 -24.84
N PRO C 809 76.63 -19.30 -25.12
CA PRO C 809 76.95 -17.87 -25.11
C PRO C 809 76.53 -17.12 -26.36
N SER C 810 75.90 -17.79 -27.32
CA SER C 810 75.46 -17.12 -28.55
C SER C 810 74.24 -16.24 -28.31
N LYS C 811 73.41 -16.59 -27.32
CA LYS C 811 72.22 -15.83 -27.01
C LYS C 811 72.41 -15.06 -25.71
N PRO C 812 71.81 -13.86 -25.60
CA PRO C 812 71.95 -13.09 -24.34
C PRO C 812 71.18 -13.69 -23.18
N SER C 813 70.16 -14.50 -23.45
CA SER C 813 69.38 -15.12 -22.38
C SER C 813 70.14 -16.28 -21.76
N LYS C 814 69.81 -16.59 -20.51
CA LYS C 814 70.45 -17.66 -19.78
C LYS C 814 69.81 -19.02 -20.04
N ARG C 815 68.73 -19.08 -20.81
CA ARG C 815 68.06 -20.33 -21.09
C ARG C 815 68.83 -21.13 -22.14
N SER C 816 68.85 -22.44 -21.98
CA SER C 816 69.53 -23.30 -22.95
C SER C 816 68.59 -23.57 -24.12
N PRO C 817 69.08 -24.31 -25.13
CA PRO C 817 68.17 -24.64 -26.24
C PRO C 817 66.92 -25.34 -25.72
N ILE C 818 67.09 -26.31 -24.83
CA ILE C 818 65.94 -27.03 -24.28
C ILE C 818 65.02 -26.07 -23.55
N GLU C 819 65.57 -25.35 -22.58
CA GLU C 819 64.76 -24.41 -21.81
C GLU C 819 64.06 -23.39 -22.71
N ASP C 820 64.70 -22.99 -23.81
CA ASP C 820 64.06 -22.09 -24.75
C ASP C 820 62.99 -22.79 -25.57
N LEU C 821 63.12 -24.10 -25.79
CA LEU C 821 62.09 -24.84 -26.50
C LEU C 821 60.86 -25.04 -25.64
N LEU C 822 61.03 -25.09 -24.31
CA LEU C 822 59.89 -25.25 -23.41
C LEU C 822 59.19 -23.93 -23.12
N PHE C 823 59.87 -22.80 -23.32
CA PHE C 823 59.25 -21.50 -23.06
C PHE C 823 58.21 -21.18 -24.13
N ASN C 824 58.49 -21.50 -25.38
CA ASN C 824 57.57 -21.25 -26.48
C ASN C 824 56.57 -22.39 -26.69
N LYS C 825 56.75 -23.51 -26.00
CA LYS C 825 55.82 -24.64 -26.16
C LYS C 825 54.54 -24.41 -25.39
N VAL C 826 54.65 -24.00 -24.13
CA VAL C 826 53.50 -23.74 -23.27
C VAL C 826 53.18 -22.26 -23.31
N THR C 827 51.89 -21.93 -23.37
CA THR C 827 51.45 -20.54 -23.42
C THR C 827 51.26 -19.98 -22.01
N ALA C 852 41.72 -6.77 -21.69
CA ALA C 852 42.68 -7.31 -20.75
C ALA C 852 41.99 -7.82 -19.49
N GLN C 853 42.64 -8.77 -18.81
CA GLN C 853 42.07 -9.35 -17.60
C GLN C 853 42.18 -8.41 -16.40
N LYS C 854 43.06 -7.42 -16.45
CA LYS C 854 43.24 -6.47 -15.36
C LYS C 854 42.33 -5.26 -15.47
N PHE C 855 41.41 -5.25 -16.44
CA PHE C 855 40.52 -4.10 -16.62
C PHE C 855 39.40 -4.06 -15.59
N ASN C 856 39.04 -5.20 -14.99
CA ASN C 856 37.97 -5.27 -14.01
C ASN C 856 38.52 -5.39 -12.58
N GLY C 857 39.69 -4.82 -12.32
CA GLY C 857 40.30 -4.89 -11.02
C GLY C 857 41.03 -6.18 -10.69
N LEU C 858 41.11 -7.10 -11.65
CA LEU C 858 41.80 -8.38 -11.43
C LEU C 858 43.25 -8.25 -11.90
N THR C 859 44.02 -7.49 -11.11
CA THR C 859 45.42 -7.26 -11.42
C THR C 859 46.25 -8.50 -11.10
N VAL C 860 47.27 -8.73 -11.93
CA VAL C 860 48.17 -9.86 -11.77
C VAL C 860 49.50 -9.35 -11.22
N LEU C 861 49.83 -9.77 -9.99
CA LEU C 861 51.07 -9.33 -9.37
C LEU C 861 52.25 -10.18 -9.85
N PRO C 862 53.41 -9.55 -10.09
CA PRO C 862 54.56 -10.34 -10.52
C PRO C 862 55.14 -11.12 -9.36
N PRO C 863 55.76 -12.27 -9.62
CA PRO C 863 56.33 -13.08 -8.54
C PRO C 863 57.63 -12.46 -8.03
N LEU C 864 58.20 -13.09 -7.00
CA LEU C 864 59.43 -12.60 -6.41
C LEU C 864 60.62 -12.86 -7.33
N LEU C 865 60.67 -14.05 -7.93
CA LEU C 865 61.76 -14.44 -8.82
C LEU C 865 61.23 -14.55 -10.25
N THR C 866 61.91 -13.89 -11.18
CA THR C 866 61.50 -13.90 -12.57
C THR C 866 62.04 -15.17 -13.25
N ASP C 867 61.80 -15.27 -14.57
CA ASP C 867 62.24 -16.43 -15.32
C ASP C 867 63.75 -16.45 -15.52
N GLU C 868 64.41 -15.29 -15.42
CA GLU C 868 65.87 -15.26 -15.59
C GLU C 868 66.57 -15.84 -14.36
N MET C 869 66.03 -15.58 -13.17
CA MET C 869 66.63 -16.12 -11.96
C MET C 869 66.31 -17.60 -11.75
N ILE C 870 65.20 -18.07 -12.31
CA ILE C 870 64.90 -19.50 -12.26
C ILE C 870 65.86 -20.26 -13.18
N ALA C 871 66.17 -19.69 -14.35
CA ALA C 871 67.14 -20.31 -15.25
C ALA C 871 68.54 -20.27 -14.65
N GLN C 872 68.85 -19.25 -13.83
CA GLN C 872 70.14 -19.19 -13.18
C GLN C 872 70.23 -20.19 -12.03
N TYR C 873 69.10 -20.50 -11.39
CA TYR C 873 69.11 -21.48 -10.30
C TYR C 873 69.30 -22.89 -10.83
N THR C 874 68.72 -23.20 -11.98
CA THR C 874 68.89 -24.53 -12.56
C THR C 874 70.27 -24.71 -13.16
N SER C 875 70.87 -23.65 -13.71
CA SER C 875 72.22 -23.75 -14.23
C SER C 875 73.24 -23.86 -13.11
N ALA C 876 72.93 -23.29 -11.93
CA ALA C 876 73.82 -23.45 -10.79
C ALA C 876 73.74 -24.86 -10.22
N LEU C 877 72.56 -25.48 -10.25
CA LEU C 877 72.43 -26.86 -9.81
C LEU C 877 73.00 -27.84 -10.82
N LEU C 878 72.93 -27.50 -12.12
CA LEU C 878 73.50 -28.37 -13.13
C LEU C 878 75.02 -28.29 -13.15
N ALA C 879 75.58 -27.14 -12.77
CA ALA C 879 77.03 -27.00 -12.72
C ALA C 879 77.61 -27.78 -11.54
N GLY C 880 76.91 -27.81 -10.41
CA GLY C 880 77.37 -28.57 -9.27
C GLY C 880 77.14 -30.06 -9.37
N THR C 881 76.21 -30.49 -10.24
CA THR C 881 75.97 -31.92 -10.43
C THR C 881 77.03 -32.55 -11.32
N ILE C 882 77.48 -31.83 -12.34
CA ILE C 882 78.50 -32.35 -13.25
C ILE C 882 79.92 -32.20 -12.71
N THR C 883 80.10 -31.46 -11.61
CA THR C 883 81.41 -31.24 -11.03
C THR C 883 81.56 -31.82 -9.64
N SER C 884 80.48 -31.93 -8.87
CA SER C 884 80.54 -32.50 -7.53
C SER C 884 79.56 -33.65 -7.33
N GLY C 885 78.40 -33.59 -7.97
CA GLY C 885 77.43 -34.68 -7.89
C GLY C 885 76.46 -34.56 -6.73
N TRP C 886 76.94 -34.81 -5.50
CA TRP C 886 76.08 -34.78 -4.33
C TRP C 886 76.69 -34.06 -3.14
N THR C 887 77.98 -33.73 -3.16
CA THR C 887 78.60 -33.06 -2.03
C THR C 887 78.26 -31.58 -1.95
N PHE C 888 77.83 -30.97 -3.06
CA PHE C 888 77.48 -29.56 -3.05
C PHE C 888 76.11 -29.30 -2.43
N GLY C 889 75.25 -30.31 -2.36
CA GLY C 889 73.95 -30.15 -1.75
C GLY C 889 73.89 -30.66 -0.33
N ALA C 890 74.95 -31.32 0.12
CA ALA C 890 75.02 -31.87 1.47
C ALA C 890 76.29 -31.43 2.20
N GLY C 891 76.91 -30.36 1.71
CA GLY C 891 78.14 -29.86 2.32
C GLY C 891 78.85 -29.00 1.28
N PRO C 892 80.13 -28.69 1.52
CA PRO C 892 80.87 -27.95 0.49
C PRO C 892 81.03 -28.77 -0.78
N ALA C 893 80.92 -28.13 -1.93
CA ALA C 893 81.07 -28.83 -3.21
C ALA C 893 82.49 -29.30 -3.41
N LEU C 894 82.66 -30.42 -4.11
CA LEU C 894 84.00 -30.94 -4.39
C LEU C 894 84.20 -31.09 -5.89
N GLN C 895 85.38 -31.55 -6.30
CA GLN C 895 85.63 -31.75 -7.71
C GLN C 895 85.78 -33.25 -7.98
N ILE C 896 85.09 -33.74 -9.00
CA ILE C 896 85.13 -35.15 -9.37
C ILE C 896 84.77 -35.28 -10.84
N PRO C 897 85.50 -36.08 -11.63
CA PRO C 897 85.16 -36.25 -13.04
C PRO C 897 83.83 -36.98 -13.20
N PHE C 898 83.20 -36.78 -14.35
CA PHE C 898 81.89 -37.38 -14.61
C PHE C 898 81.88 -38.91 -14.60
N PRO C 899 82.81 -39.55 -15.33
CA PRO C 899 82.73 -41.02 -15.38
C PRO C 899 82.82 -41.59 -13.98
N MET C 900 83.76 -41.11 -13.18
CA MET C 900 83.86 -41.58 -11.81
C MET C 900 82.56 -41.33 -11.09
N GLN C 901 81.87 -40.25 -11.46
CA GLN C 901 80.62 -39.92 -10.80
C GLN C 901 79.50 -40.86 -11.23
N MET C 902 79.49 -41.25 -12.51
CA MET C 902 78.48 -42.19 -12.99
C MET C 902 78.69 -43.59 -12.42
N ALA C 903 79.95 -43.97 -12.17
CA ALA C 903 80.22 -45.31 -11.65
C ALA C 903 79.73 -45.46 -10.21
N TYR C 904 79.64 -44.36 -9.46
CA TYR C 904 79.14 -44.43 -8.10
C TYR C 904 77.62 -44.55 -8.05
N ARG C 905 76.93 -44.03 -9.06
CA ARG C 905 75.48 -44.20 -9.12
C ARG C 905 75.11 -45.64 -9.50
N PHE C 906 75.99 -46.33 -10.22
CA PHE C 906 75.72 -47.72 -10.56
C PHE C 906 75.89 -48.64 -9.36
N ASN C 907 76.73 -48.25 -8.39
CA ASN C 907 76.96 -49.07 -7.21
C ASN C 907 75.78 -49.04 -6.25
N GLY C 908 74.90 -48.05 -6.37
CA GLY C 908 73.73 -47.96 -5.51
C GLY C 908 72.55 -48.82 -5.93
N ILE C 909 72.56 -49.32 -7.16
CA ILE C 909 71.49 -50.17 -7.67
C ILE C 909 71.91 -51.63 -7.79
N GLY C 910 73.14 -51.96 -7.41
CA GLY C 910 73.61 -53.33 -7.47
C GLY C 910 74.52 -53.67 -8.63
N VAL C 911 75.04 -52.67 -9.34
CA VAL C 911 75.91 -52.88 -10.49
C VAL C 911 77.34 -52.53 -10.09
N THR C 912 78.26 -53.47 -10.27
CA THR C 912 79.66 -53.21 -10.01
C THR C 912 80.23 -52.26 -11.06
N GLN C 913 81.22 -51.47 -10.65
CA GLN C 913 81.71 -50.36 -11.46
C GLN C 913 82.82 -50.76 -12.43
N ASN C 914 83.10 -52.05 -12.59
CA ASN C 914 84.13 -52.47 -13.52
C ASN C 914 83.64 -52.50 -14.97
N VAL C 915 82.34 -52.67 -15.19
CA VAL C 915 81.80 -52.73 -16.55
C VAL C 915 81.64 -51.37 -17.19
N LEU C 916 81.71 -50.28 -16.41
CA LEU C 916 81.55 -48.95 -16.98
C LEU C 916 82.78 -48.52 -17.76
N TYR C 917 83.97 -48.97 -17.37
CA TYR C 917 85.21 -48.61 -18.03
C TYR C 917 85.56 -49.53 -19.19
N GLU C 918 84.65 -50.41 -19.59
CA GLU C 918 84.88 -51.30 -20.72
C GLU C 918 84.10 -50.89 -21.97
N ASN C 919 83.01 -50.16 -21.82
CA ASN C 919 82.19 -49.69 -22.93
C ASN C 919 81.86 -48.21 -22.77
N GLN C 920 82.90 -47.41 -22.46
CA GLN C 920 82.69 -45.98 -22.24
C GLN C 920 82.14 -45.29 -23.48
N LYS C 921 82.53 -45.75 -24.67
CA LYS C 921 81.97 -45.18 -25.89
C LYS C 921 80.54 -45.64 -26.15
N LEU C 922 80.11 -46.72 -25.52
CA LEU C 922 78.74 -47.19 -25.68
C LEU C 922 77.78 -46.40 -24.80
N ILE C 923 78.18 -46.10 -23.57
CA ILE C 923 77.32 -45.32 -22.67
C ILE C 923 77.28 -43.86 -23.11
N ALA C 924 78.37 -43.34 -23.65
CA ALA C 924 78.38 -41.96 -24.14
C ALA C 924 77.53 -41.80 -25.38
N ASN C 925 77.48 -42.82 -26.24
CA ASN C 925 76.64 -42.76 -27.42
C ASN C 925 75.17 -42.99 -27.08
N GLN C 926 74.88 -43.81 -26.06
CA GLN C 926 73.50 -44.02 -25.65
C GLN C 926 72.95 -42.84 -24.88
N PHE C 927 73.82 -42.06 -24.22
CA PHE C 927 73.35 -40.88 -23.52
C PHE C 927 73.04 -39.74 -24.48
N ASN C 928 73.84 -39.59 -25.54
CA ASN C 928 73.58 -38.54 -26.52
C ASN C 928 72.37 -38.85 -27.38
N SER C 929 72.08 -40.14 -27.60
CA SER C 929 70.88 -40.50 -28.35
C SER C 929 69.63 -40.33 -27.51
N ALA C 930 69.74 -40.46 -26.19
CA ALA C 930 68.60 -40.26 -25.31
C ALA C 930 68.24 -38.78 -25.19
N ILE C 931 69.23 -37.89 -25.26
CA ILE C 931 68.94 -36.46 -25.22
C ILE C 931 68.30 -36.03 -26.53
N GLY C 932 68.76 -36.56 -27.66
CA GLY C 932 68.17 -36.22 -28.94
C GLY C 932 66.77 -36.76 -29.14
N LYS C 933 66.43 -37.87 -28.46
CA LYS C 933 65.07 -38.39 -28.54
C LYS C 933 64.10 -37.58 -27.71
N ILE C 934 64.56 -37.00 -26.60
CA ILE C 934 63.71 -36.13 -25.79
C ILE C 934 63.51 -34.79 -26.50
N GLN C 935 64.58 -34.26 -27.10
CA GLN C 935 64.47 -32.98 -27.80
C GLN C 935 63.59 -33.09 -29.03
N ASP C 936 63.59 -34.24 -29.71
CA ASP C 936 62.72 -34.44 -30.86
C ASP C 936 61.28 -34.71 -30.46
N SER C 937 61.04 -35.23 -29.26
CA SER C 937 59.68 -35.48 -28.81
C SER C 937 59.04 -34.21 -28.24
N LEU C 938 59.82 -33.38 -27.54
CA LEU C 938 59.30 -32.15 -26.98
C LEU C 938 59.08 -31.07 -28.03
N SER C 939 59.74 -31.16 -29.19
CA SER C 939 59.55 -30.18 -30.24
C SER C 939 58.28 -30.39 -31.04
N SER C 940 57.65 -31.56 -30.91
CA SER C 940 56.42 -31.85 -31.65
C SER C 940 55.22 -31.19 -30.97
N ALA C 944 51.48 -30.57 -26.82
CA ALA C 944 51.84 -29.71 -25.69
C ALA C 944 51.76 -30.50 -24.38
N LEU C 945 52.33 -29.93 -23.32
CA LEU C 945 52.32 -30.56 -22.02
C LEU C 945 50.94 -30.45 -21.38
N GLY C 946 50.68 -31.34 -20.42
CA GLY C 946 49.40 -31.37 -19.74
C GLY C 946 49.45 -30.80 -18.34
N LYS C 947 50.54 -31.07 -17.61
CA LYS C 947 50.65 -30.58 -16.24
C LYS C 947 50.94 -29.10 -16.17
N LEU C 948 51.57 -28.54 -17.21
CA LEU C 948 51.87 -27.12 -17.26
C LEU C 948 50.81 -26.32 -18.01
N GLN C 949 49.76 -26.97 -18.49
CA GLN C 949 48.68 -26.28 -19.20
C GLN C 949 47.36 -26.31 -18.45
N ASP C 950 47.12 -27.32 -17.62
CA ASP C 950 45.88 -27.38 -16.86
C ASP C 950 45.86 -26.36 -15.74
N VAL C 951 47.03 -26.00 -15.22
CA VAL C 951 47.10 -24.97 -14.18
C VAL C 951 46.91 -23.57 -14.75
N VAL C 952 47.11 -23.39 -16.05
CA VAL C 952 46.90 -22.10 -16.69
C VAL C 952 45.50 -21.98 -17.24
N ASN C 953 44.96 -23.07 -17.81
CA ASN C 953 43.61 -23.03 -18.36
C ASN C 953 42.56 -22.92 -17.26
N GLN C 954 42.83 -23.49 -16.08
CA GLN C 954 41.89 -23.36 -14.97
C GLN C 954 41.91 -21.95 -14.39
N ASN C 955 43.06 -21.27 -14.45
CA ASN C 955 43.12 -19.89 -13.99
C ASN C 955 42.58 -18.92 -15.03
N ALA C 956 42.69 -19.26 -16.31
CA ALA C 956 42.15 -18.40 -17.35
C ALA C 956 40.63 -18.45 -17.41
N GLN C 957 40.06 -19.64 -17.18
CA GLN C 957 38.60 -19.76 -17.15
C GLN C 957 38.00 -19.18 -15.88
N ALA C 958 38.77 -19.16 -14.78
CA ALA C 958 38.28 -18.56 -13.55
C ALA C 958 38.28 -17.04 -13.63
N LEU C 959 39.27 -16.46 -14.32
CA LEU C 959 39.28 -15.01 -14.50
C LEU C 959 38.25 -14.55 -15.51
N ASN C 960 37.97 -15.38 -16.52
CA ASN C 960 36.92 -15.05 -17.49
C ASN C 960 35.53 -15.25 -16.91
N THR C 961 35.39 -16.04 -15.84
CA THR C 961 34.10 -16.19 -15.19
C THR C 961 33.76 -14.99 -14.33
N LEU C 962 34.77 -14.35 -13.73
CA LEU C 962 34.50 -13.21 -12.86
C LEU C 962 34.02 -12.01 -13.64
N VAL C 963 34.47 -11.84 -14.89
CA VAL C 963 33.97 -10.76 -15.71
C VAL C 963 32.55 -11.07 -16.20
N LYS C 964 32.21 -12.36 -16.33
CA LYS C 964 30.86 -12.75 -16.68
C LYS C 964 29.90 -12.59 -15.51
N GLN C 965 30.41 -12.57 -14.27
CA GLN C 965 29.54 -12.36 -13.12
C GLN C 965 29.04 -10.92 -13.05
N LEU C 966 29.79 -9.98 -13.62
CA LEU C 966 29.36 -8.59 -13.69
C LEU C 966 28.29 -8.35 -14.75
N SER C 967 28.08 -9.29 -15.64
CA SER C 967 27.06 -9.18 -16.68
C SER C 967 25.73 -9.80 -16.29
N SER C 968 25.62 -10.33 -15.07
CA SER C 968 24.39 -10.91 -14.57
C SER C 968 23.70 -9.94 -13.61
N ASN C 969 22.41 -10.21 -13.37
CA ASN C 969 21.61 -9.36 -12.51
C ASN C 969 21.39 -9.94 -11.11
N PHE C 970 21.64 -11.23 -10.92
CA PHE C 970 21.42 -11.90 -9.63
C PHE C 970 19.98 -11.73 -9.15
N GLY C 971 19.03 -11.83 -10.08
CA GLY C 971 17.63 -11.69 -9.73
C GLY C 971 17.16 -10.26 -9.61
N ALA C 972 17.71 -9.34 -10.40
CA ALA C 972 17.32 -7.93 -10.33
C ALA C 972 16.91 -7.42 -11.71
N ILE C 973 16.69 -6.11 -11.82
CA ILE C 973 16.27 -5.52 -13.09
C ILE C 973 17.45 -5.06 -13.94
N SER C 974 18.65 -4.94 -13.35
CA SER C 974 19.82 -4.50 -14.08
C SER C 974 21.04 -5.25 -13.55
N SER C 975 22.14 -5.14 -14.29
CA SER C 975 23.38 -5.80 -13.93
C SER C 975 24.31 -4.89 -13.12
N VAL C 976 24.61 -3.72 -13.64
CA VAL C 976 25.49 -2.78 -12.97
C VAL C 976 24.66 -1.90 -12.04
N LEU C 977 25.27 -1.46 -10.95
CA LEU C 977 24.59 -0.62 -9.98
C LEU C 977 24.43 0.82 -10.44
N ASN C 978 25.15 1.23 -11.48
CA ASN C 978 25.02 2.59 -12.00
C ASN C 978 23.80 2.78 -12.87
N ASP C 979 23.19 1.70 -13.35
CA ASP C 979 22.00 1.82 -14.19
C ASP C 979 20.75 2.07 -13.36
N ILE C 980 20.62 1.39 -12.22
CA ILE C 980 19.44 1.57 -11.39
C ILE C 980 19.44 2.89 -10.65
N LEU C 981 20.61 3.51 -10.45
CA LEU C 981 20.69 4.79 -9.77
C LEU C 981 20.31 5.96 -10.67
N SER C 982 20.38 5.78 -11.99
CA SER C 982 20.02 6.83 -12.93
C SER C 982 18.53 6.87 -13.23
N ARG C 983 17.83 5.74 -13.07
CA ARG C 983 16.40 5.67 -13.33
C ARG C 983 15.56 5.67 -12.06
N LEU C 984 16.11 5.22 -10.94
CA LEU C 984 15.39 5.14 -9.67
C LEU C 984 16.20 5.85 -8.59
N ASP C 985 15.51 6.16 -7.49
CA ASP C 985 16.17 6.80 -6.35
C ASP C 985 16.79 5.76 -5.43
N PRO C 986 17.91 6.10 -4.79
CA PRO C 986 18.60 5.13 -3.92
C PRO C 986 17.74 4.68 -2.75
N PRO C 987 16.85 5.52 -2.21
CA PRO C 987 15.90 4.98 -1.22
C PRO C 987 14.99 3.89 -1.77
N GLU C 988 14.72 3.90 -3.07
CA GLU C 988 13.87 2.87 -3.68
C GLU C 988 14.68 1.68 -4.15
N ALA C 989 15.85 1.92 -4.77
CA ALA C 989 16.68 0.85 -5.32
C ALA C 989 17.70 0.32 -4.31
N GLU C 990 17.43 0.44 -3.01
CA GLU C 990 18.35 -0.08 -2.02
C GLU C 990 18.32 -1.60 -1.97
N VAL C 991 17.19 -2.21 -2.33
CA VAL C 991 17.09 -3.67 -2.33
C VAL C 991 17.87 -4.25 -3.50
N GLN C 992 17.82 -3.58 -4.66
CA GLN C 992 18.52 -4.09 -5.83
C GLN C 992 20.03 -3.96 -5.69
N ILE C 993 20.49 -2.98 -4.91
CA ILE C 993 21.93 -2.85 -4.67
C ILE C 993 22.42 -3.93 -3.73
N ASP C 994 21.64 -4.24 -2.70
CA ASP C 994 22.04 -5.29 -1.75
C ASP C 994 22.02 -6.67 -2.41
N ARG C 995 21.15 -6.87 -3.40
CA ARG C 995 21.14 -8.14 -4.11
C ARG C 995 22.36 -8.28 -5.03
N LEU C 996 22.88 -7.16 -5.53
CA LEU C 996 24.09 -7.20 -6.34
C LEU C 996 25.35 -7.33 -5.49
N ILE C 997 25.31 -6.83 -4.25
CA ILE C 997 26.46 -6.97 -3.36
C ILE C 997 26.55 -8.39 -2.81
N THR C 998 25.42 -8.92 -2.34
CA THR C 998 25.40 -10.30 -1.86
C THR C 998 25.56 -11.29 -3.00
N GLY C 999 25.15 -10.92 -4.21
CA GLY C 999 25.36 -11.77 -5.36
C GLY C 999 26.81 -11.82 -5.79
N ARG C 1000 27.53 -10.71 -5.64
CA ARG C 1000 28.96 -10.68 -5.93
C ARG C 1000 29.80 -11.20 -4.77
N LEU C 1001 29.28 -11.15 -3.55
CA LEU C 1001 30.01 -11.71 -2.41
C LEU C 1001 30.04 -13.24 -2.46
N GLN C 1002 29.00 -13.86 -3.01
CA GLN C 1002 29.00 -15.31 -3.17
C GLN C 1002 29.98 -15.76 -4.23
N SER C 1003 30.15 -14.97 -5.30
CA SER C 1003 31.13 -15.31 -6.31
C SER C 1003 32.55 -15.02 -5.84
N LEU C 1004 32.72 -14.00 -5.00
CA LEU C 1004 34.04 -13.73 -4.44
C LEU C 1004 34.44 -14.77 -3.41
N GLN C 1005 33.47 -15.30 -2.66
CA GLN C 1005 33.74 -16.40 -1.75
C GLN C 1005 33.98 -17.71 -2.49
N THR C 1006 33.45 -17.84 -3.70
CA THR C 1006 33.68 -19.04 -4.50
C THR C 1006 35.03 -19.01 -5.18
N TYR C 1007 35.44 -17.85 -5.69
CA TYR C 1007 36.72 -17.74 -6.39
C TYR C 1007 37.88 -17.88 -5.42
N VAL C 1008 37.75 -17.38 -4.19
CA VAL C 1008 38.80 -17.52 -3.20
C VAL C 1008 38.90 -18.97 -2.74
N THR C 1009 37.75 -19.62 -2.52
CA THR C 1009 37.77 -21.02 -2.09
C THR C 1009 38.30 -21.93 -3.20
N GLN C 1010 37.96 -21.62 -4.45
CA GLN C 1010 38.48 -22.42 -5.57
C GLN C 1010 39.98 -22.20 -5.76
N GLN C 1011 40.47 -21.00 -5.45
CA GLN C 1011 41.90 -20.74 -5.57
C GLN C 1011 42.69 -21.35 -4.41
N LEU C 1012 42.05 -21.55 -3.26
CA LEU C 1012 42.73 -22.15 -2.12
C LEU C 1012 42.94 -23.65 -2.32
N ILE C 1013 42.02 -24.32 -3.03
CA ILE C 1013 42.22 -25.73 -3.35
C ILE C 1013 43.30 -25.87 -4.41
N ARG C 1014 43.35 -24.95 -5.36
CA ARG C 1014 44.43 -24.95 -6.36
C ARG C 1014 45.76 -24.59 -5.72
N ALA C 1015 45.74 -23.76 -4.68
CA ALA C 1015 46.98 -23.46 -3.95
C ALA C 1015 47.43 -24.65 -3.11
N ALA C 1016 46.48 -25.44 -2.60
CA ALA C 1016 46.85 -26.66 -1.88
C ALA C 1016 47.36 -27.73 -2.83
N GLU C 1017 46.85 -27.75 -4.06
CA GLU C 1017 47.37 -28.68 -5.06
C GLU C 1017 48.75 -28.24 -5.54
N ILE C 1018 49.01 -26.93 -5.60
CA ILE C 1018 50.33 -26.44 -5.94
C ILE C 1018 51.31 -26.73 -4.81
N ARG C 1019 50.88 -26.53 -3.56
CA ARG C 1019 51.74 -26.83 -2.42
C ARG C 1019 52.04 -28.32 -2.31
N ALA C 1020 51.06 -29.16 -2.67
CA ALA C 1020 51.28 -30.60 -2.63
C ALA C 1020 52.21 -31.05 -3.75
N SER C 1021 52.21 -30.34 -4.88
CA SER C 1021 53.13 -30.67 -5.96
C SER C 1021 54.50 -30.04 -5.75
N ALA C 1022 54.56 -28.89 -5.09
CA ALA C 1022 55.85 -28.27 -4.81
C ALA C 1022 56.60 -29.03 -3.73
N ASN C 1023 55.89 -29.57 -2.74
CA ASN C 1023 56.55 -30.40 -1.73
C ASN C 1023 56.96 -31.75 -2.32
N LEU C 1024 56.22 -32.24 -3.31
CA LEU C 1024 56.61 -33.48 -3.99
C LEU C 1024 57.82 -33.24 -4.89
N ALA C 1025 57.88 -32.06 -5.53
CA ALA C 1025 59.04 -31.72 -6.36
C ALA C 1025 60.25 -31.37 -5.51
N ALA C 1026 60.05 -30.87 -4.29
CA ALA C 1026 61.17 -30.59 -3.41
C ALA C 1026 61.80 -31.88 -2.87
N THR C 1027 60.98 -32.92 -2.65
CA THR C 1027 61.53 -34.20 -2.22
C THR C 1027 62.24 -34.90 -3.37
N LYS C 1028 61.76 -34.72 -4.61
CA LYS C 1028 62.44 -35.28 -5.77
C LYS C 1028 63.69 -34.51 -6.13
N MET C 1029 63.77 -33.23 -5.77
CA MET C 1029 64.99 -32.46 -6.02
C MET C 1029 66.09 -32.87 -5.06
N SER C 1030 65.74 -33.16 -3.81
CA SER C 1030 66.73 -33.54 -2.81
C SER C 1030 67.13 -35.01 -2.88
N GLU C 1031 66.44 -35.82 -3.68
CA GLU C 1031 66.73 -37.24 -3.79
C GLU C 1031 67.19 -37.63 -5.19
N CYS C 1032 66.43 -37.29 -6.22
CA CYS C 1032 66.82 -37.67 -7.57
C CYS C 1032 67.92 -36.77 -8.12
N VAL C 1033 67.87 -35.48 -7.83
CA VAL C 1033 68.88 -34.54 -8.30
C VAL C 1033 70.03 -34.43 -7.31
N LEU C 1034 69.73 -34.12 -6.05
CA LEU C 1034 70.75 -33.97 -5.02
C LEU C 1034 71.11 -35.36 -4.48
N GLY C 1035 71.90 -36.08 -5.28
CA GLY C 1035 72.33 -37.41 -4.91
C GLY C 1035 71.59 -38.51 -5.65
N GLN C 1036 71.70 -39.72 -5.11
CA GLN C 1036 71.06 -40.89 -5.68
C GLN C 1036 69.96 -41.35 -4.72
N SER C 1037 68.74 -41.47 -5.26
CA SER C 1037 67.60 -41.90 -4.46
C SER C 1037 67.63 -43.42 -4.31
N LYS C 1038 67.63 -43.89 -3.06
CA LYS C 1038 67.66 -45.33 -2.80
C LYS C 1038 66.32 -45.99 -3.05
N ARG C 1039 65.24 -45.22 -3.12
CA ARG C 1039 63.92 -45.76 -3.40
C ARG C 1039 63.80 -46.10 -4.88
N VAL C 1040 63.62 -47.37 -5.19
CA VAL C 1040 63.51 -47.82 -6.58
C VAL C 1040 62.15 -47.42 -7.13
N ASP C 1041 62.11 -47.17 -8.43
CA ASP C 1041 60.87 -46.79 -9.14
C ASP C 1041 60.25 -45.52 -8.55
N PHE C 1042 61.09 -44.59 -8.11
CA PHE C 1042 60.63 -43.32 -7.56
C PHE C 1042 60.85 -42.14 -8.49
N CYS C 1043 62.02 -42.05 -9.12
CA CYS C 1043 62.32 -40.98 -10.07
C CYS C 1043 61.96 -41.36 -11.50
N GLY C 1044 61.16 -42.41 -11.70
CA GLY C 1044 60.78 -42.84 -13.03
C GLY C 1044 60.81 -44.34 -13.19
N LYS C 1045 60.38 -44.83 -14.34
CA LYS C 1045 60.35 -46.27 -14.62
C LYS C 1045 61.77 -46.73 -14.93
N GLY C 1046 62.35 -47.51 -14.02
CA GLY C 1046 63.70 -48.03 -14.18
C GLY C 1046 64.60 -47.62 -13.03
N TYR C 1047 65.81 -48.15 -13.07
CA TYR C 1047 66.81 -47.86 -12.04
C TYR C 1047 67.35 -46.46 -12.23
N HIS C 1048 67.08 -45.57 -11.26
CA HIS C 1048 67.51 -44.19 -11.36
C HIS C 1048 68.98 -44.05 -10.99
N LEU C 1049 69.70 -43.27 -11.81
CA LEU C 1049 71.11 -42.97 -11.56
C LEU C 1049 71.32 -41.51 -11.19
N MET C 1050 70.85 -40.59 -12.03
CA MET C 1050 70.95 -39.16 -11.75
C MET C 1050 69.87 -38.45 -12.56
N SER C 1051 69.77 -37.14 -12.37
CA SER C 1051 68.76 -36.34 -13.05
C SER C 1051 69.38 -35.02 -13.50
N PHE C 1052 68.69 -34.34 -14.41
CA PHE C 1052 69.12 -33.05 -14.92
C PHE C 1052 67.92 -32.11 -14.95
N PRO C 1053 67.73 -31.31 -13.90
CA PRO C 1053 66.56 -30.43 -13.85
C PRO C 1053 66.76 -29.19 -14.72
N GLN C 1054 65.68 -28.80 -15.40
CA GLN C 1054 65.67 -27.63 -16.25
C GLN C 1054 64.57 -26.67 -15.80
N SER C 1055 64.66 -25.44 -16.28
CA SER C 1055 63.68 -24.42 -15.93
C SER C 1055 62.44 -24.53 -16.80
N ALA C 1056 61.29 -24.27 -16.20
CA ALA C 1056 60.01 -24.32 -16.89
C ALA C 1056 59.14 -23.16 -16.43
N PRO C 1057 58.32 -22.60 -17.32
CA PRO C 1057 57.42 -21.51 -16.91
C PRO C 1057 56.33 -22.02 -15.98
N HIS C 1058 56.30 -21.48 -14.77
CA HIS C 1058 55.33 -21.87 -13.74
C HIS C 1058 55.41 -23.36 -13.45
N GLY C 1059 56.64 -23.87 -13.35
CA GLY C 1059 56.84 -25.27 -13.05
C GLY C 1059 58.30 -25.63 -13.15
N VAL C 1060 58.56 -26.93 -13.15
CA VAL C 1060 59.91 -27.47 -13.25
C VAL C 1060 59.84 -28.85 -13.90
N VAL C 1061 60.89 -29.18 -14.66
CA VAL C 1061 60.98 -30.47 -15.33
C VAL C 1061 62.24 -31.17 -14.87
N PHE C 1062 62.24 -32.50 -15.00
CA PHE C 1062 63.35 -33.34 -14.58
C PHE C 1062 63.68 -34.33 -15.68
N LEU C 1063 64.96 -34.40 -16.04
CA LEU C 1063 65.46 -35.32 -17.06
C LEU C 1063 66.33 -36.36 -16.34
N HIS C 1064 65.68 -37.43 -15.89
CA HIS C 1064 66.37 -38.48 -15.16
C HIS C 1064 67.16 -39.38 -16.12
N VAL C 1065 68.03 -40.20 -15.53
CA VAL C 1065 68.84 -41.16 -16.28
C VAL C 1065 68.44 -42.54 -15.75
N THR C 1066 67.62 -43.26 -16.52
CA THR C 1066 67.15 -44.57 -16.10
C THR C 1066 68.06 -45.68 -16.62
N TYR C 1067 67.93 -46.85 -16.02
CA TYR C 1067 68.73 -48.03 -16.37
C TYR C 1067 67.77 -49.21 -16.54
N VAL C 1068 67.40 -49.48 -17.79
CA VAL C 1068 66.48 -50.58 -18.10
C VAL C 1068 67.19 -51.61 -18.97
N PRO C 1069 66.92 -52.90 -18.78
CA PRO C 1069 67.56 -53.92 -19.62
C PRO C 1069 66.83 -54.10 -20.94
N ALA C 1070 67.60 -54.52 -21.96
CA ALA C 1070 67.06 -54.76 -23.28
C ALA C 1070 67.13 -56.23 -23.68
N GLN C 1071 68.31 -56.84 -23.61
CA GLN C 1071 68.49 -58.23 -23.97
C GLN C 1071 68.78 -59.07 -22.73
N GLU C 1072 68.33 -60.33 -22.77
CA GLU C 1072 68.52 -61.23 -21.65
C GLU C 1072 68.52 -62.66 -22.16
N LYS C 1073 69.14 -63.54 -21.38
CA LYS C 1073 69.23 -64.96 -21.71
C LYS C 1073 68.89 -65.77 -20.46
N ASN C 1074 68.44 -67.01 -20.69
CA ASN C 1074 68.06 -67.92 -19.63
C ASN C 1074 69.22 -68.85 -19.30
N PHE C 1075 69.52 -69.00 -18.02
CA PHE C 1075 70.61 -69.86 -17.56
C PHE C 1075 70.14 -70.68 -16.36
N THR C 1076 70.75 -71.85 -16.19
CA THR C 1076 70.46 -72.71 -15.06
C THR C 1076 71.25 -72.24 -13.84
N THR C 1077 70.55 -71.98 -12.74
CA THR C 1077 71.15 -71.46 -11.52
C THR C 1077 71.20 -72.52 -10.45
N ALA C 1078 71.96 -72.23 -9.39
CA ALA C 1078 72.11 -73.11 -8.24
C ALA C 1078 72.17 -72.26 -6.97
N PRO C 1079 71.47 -72.66 -5.91
CA PRO C 1079 71.45 -71.84 -4.69
C PRO C 1079 72.73 -71.95 -3.89
N ALA C 1080 73.41 -73.09 -3.96
CA ALA C 1080 74.62 -73.31 -3.19
C ALA C 1080 75.55 -74.23 -3.98
N ILE C 1081 76.76 -74.40 -3.46
CA ILE C 1081 77.79 -75.22 -4.09
C ILE C 1081 78.30 -76.21 -3.04
N CYS C 1082 78.20 -77.50 -3.35
CA CYS C 1082 78.68 -78.56 -2.49
C CYS C 1082 80.01 -79.08 -3.06
N HIS C 1083 81.10 -78.86 -2.33
CA HIS C 1083 82.42 -79.23 -2.78
C HIS C 1083 83.02 -80.39 -1.99
N ASP C 1084 83.09 -80.27 -0.66
CA ASP C 1084 83.67 -81.30 0.18
C ASP C 1084 82.81 -81.62 1.40
N GLY C 1085 81.62 -81.04 1.51
CA GLY C 1085 80.77 -81.28 2.66
C GLY C 1085 80.23 -80.00 3.26
N LYS C 1086 80.69 -78.87 2.75
CA LYS C 1086 80.25 -77.56 3.19
C LYS C 1086 79.58 -76.81 2.04
N ALA C 1087 78.59 -75.99 2.38
CA ALA C 1087 77.85 -75.23 1.38
C ALA C 1087 78.48 -73.87 1.17
N HIS C 1088 78.59 -73.47 -0.09
CA HIS C 1088 79.17 -72.18 -0.47
C HIS C 1088 78.04 -71.26 -0.90
N PHE C 1089 77.96 -70.09 -0.27
CA PHE C 1089 76.93 -69.11 -0.58
C PHE C 1089 77.55 -67.84 -1.12
N PRO C 1090 76.97 -67.24 -2.15
CA PRO C 1090 77.53 -66.00 -2.71
C PRO C 1090 77.19 -64.80 -1.83
N ARG C 1091 77.84 -63.69 -2.14
CA ARG C 1091 77.67 -62.44 -1.41
C ARG C 1091 76.90 -61.38 -2.18
N GLU C 1092 77.20 -61.20 -3.46
CA GLU C 1092 76.54 -60.17 -4.26
C GLU C 1092 75.96 -60.75 -5.54
N GLY C 1093 76.59 -61.80 -6.07
CA GLY C 1093 76.16 -62.41 -7.31
C GLY C 1093 75.38 -63.70 -7.09
N VAL C 1094 75.23 -64.46 -8.17
CA VAL C 1094 74.52 -65.74 -8.14
C VAL C 1094 75.21 -66.67 -9.12
N PHE C 1095 75.25 -67.96 -8.77
CA PHE C 1095 75.90 -68.96 -9.61
C PHE C 1095 75.05 -69.24 -10.84
N VAL C 1096 75.65 -69.07 -12.02
CA VAL C 1096 74.95 -69.30 -13.28
C VAL C 1096 75.69 -70.39 -14.06
N SER C 1097 75.00 -70.95 -15.05
CA SER C 1097 75.56 -72.02 -15.87
C SER C 1097 74.78 -72.08 -17.18
N ASN C 1098 75.50 -72.21 -18.29
CA ASN C 1098 74.87 -72.27 -19.61
C ASN C 1098 74.85 -73.69 -20.18
N GLY C 1099 75.15 -74.70 -19.37
CA GLY C 1099 74.99 -76.08 -19.80
C GLY C 1099 76.13 -77.00 -19.43
N THR C 1100 77.36 -76.50 -19.45
CA THR C 1100 78.51 -77.30 -19.05
C THR C 1100 79.50 -76.60 -18.13
N HIS C 1101 79.51 -75.27 -18.08
CA HIS C 1101 80.43 -74.51 -17.24
C HIS C 1101 79.69 -73.97 -16.03
N TRP C 1102 80.41 -73.22 -15.19
CA TRP C 1102 79.82 -72.63 -13.99
C TRP C 1102 80.51 -71.30 -13.72
N PHE C 1103 79.73 -70.22 -13.72
CA PHE C 1103 80.22 -68.88 -13.45
C PHE C 1103 79.33 -68.22 -12.41
N VAL C 1104 79.66 -66.98 -12.07
CA VAL C 1104 78.91 -66.19 -11.10
C VAL C 1104 78.77 -64.77 -11.63
N THR C 1105 77.56 -64.22 -11.52
CA THR C 1105 77.30 -62.86 -11.96
C THR C 1105 76.17 -62.27 -11.14
N GLN C 1106 76.04 -60.95 -11.18
CA GLN C 1106 75.00 -60.26 -10.44
C GLN C 1106 73.66 -60.37 -11.17
N ARG C 1107 72.62 -59.90 -10.50
CA ARG C 1107 71.26 -59.94 -11.03
C ARG C 1107 70.92 -58.73 -11.88
N ASN C 1108 71.90 -57.87 -12.17
CA ASN C 1108 71.67 -56.68 -12.98
C ASN C 1108 72.48 -56.64 -14.26
N PHE C 1109 73.58 -57.37 -14.36
CA PHE C 1109 74.39 -57.39 -15.57
C PHE C 1109 75.11 -58.72 -15.66
N TYR C 1110 75.35 -59.18 -16.89
CA TYR C 1110 76.00 -60.45 -17.14
C TYR C 1110 77.51 -60.24 -17.17
N GLU C 1111 78.19 -60.70 -16.12
CA GLU C 1111 79.64 -60.64 -16.03
C GLU C 1111 80.16 -61.99 -15.56
N PRO C 1112 80.61 -62.84 -16.48
CA PRO C 1112 81.07 -64.18 -16.08
C PRO C 1112 82.40 -64.10 -15.34
N GLN C 1113 82.45 -64.74 -14.17
CA GLN C 1113 83.66 -64.79 -13.36
C GLN C 1113 83.87 -66.20 -12.84
N ILE C 1114 85.12 -66.53 -12.55
CA ILE C 1114 85.47 -67.85 -12.06
C ILE C 1114 85.10 -67.95 -10.58
N ILE C 1115 84.59 -69.11 -10.17
CA ILE C 1115 84.20 -69.34 -8.78
C ILE C 1115 85.47 -69.34 -7.93
N THR C 1116 85.63 -68.30 -7.11
CA THR C 1116 86.81 -68.13 -6.28
C THR C 1116 86.40 -68.13 -4.81
N THR C 1117 87.36 -67.81 -3.94
CA THR C 1117 87.12 -67.79 -2.50
C THR C 1117 86.74 -66.40 -2.00
N ASP C 1118 87.19 -65.35 -2.68
CA ASP C 1118 86.95 -63.99 -2.21
C ASP C 1118 85.50 -63.57 -2.34
N ASN C 1119 84.72 -64.22 -3.19
CA ASN C 1119 83.33 -63.87 -3.41
C ASN C 1119 82.34 -64.79 -2.72
N THR C 1120 82.81 -65.89 -2.13
CA THR C 1120 81.96 -66.86 -1.46
C THR C 1120 82.41 -67.05 -0.01
N PHE C 1121 81.58 -67.76 0.75
CA PHE C 1121 81.90 -68.08 2.13
C PHE C 1121 81.25 -69.41 2.48
N VAL C 1122 81.64 -69.95 3.64
CA VAL C 1122 81.14 -71.24 4.10
C VAL C 1122 80.40 -71.05 5.42
N SER C 1123 79.38 -71.88 5.62
CA SER C 1123 78.57 -71.81 6.83
C SER C 1123 77.83 -73.13 7.00
N GLY C 1124 78.13 -73.84 8.08
CA GLY C 1124 77.45 -75.10 8.34
C GLY C 1124 77.96 -76.23 7.46
N ASN C 1125 77.06 -77.14 7.11
CA ASN C 1125 77.36 -78.30 6.29
C ASN C 1125 76.61 -78.21 4.96
N CYS C 1126 76.75 -79.26 4.16
CA CYS C 1126 76.16 -79.26 2.82
C CYS C 1126 74.70 -79.70 2.83
N ASP C 1127 74.34 -80.63 3.71
CA ASP C 1127 73.00 -81.22 3.70
C ASP C 1127 72.03 -80.32 4.47
N VAL C 1128 71.82 -79.13 3.92
CA VAL C 1128 70.84 -78.19 4.44
C VAL C 1128 69.86 -77.69 3.40
N VAL C 1129 70.18 -77.73 2.11
CA VAL C 1129 69.31 -77.26 1.04
C VAL C 1129 68.58 -78.46 0.44
N ILE C 1130 67.31 -78.26 0.10
CA ILE C 1130 66.53 -79.35 -0.49
C ILE C 1130 67.03 -79.68 -1.89
N GLY C 1131 67.55 -78.68 -2.61
CA GLY C 1131 68.10 -78.92 -3.93
C GLY C 1131 69.49 -78.34 -4.09
N ILE C 1132 70.48 -79.20 -4.33
CA ILE C 1132 71.87 -78.78 -4.45
C ILE C 1132 72.56 -79.64 -5.50
N VAL C 1133 73.66 -79.11 -6.04
CA VAL C 1133 74.47 -79.80 -7.04
C VAL C 1133 75.92 -79.79 -6.58
N ASN C 1134 76.74 -80.57 -7.28
CA ASN C 1134 78.16 -80.68 -6.98
C ASN C 1134 78.95 -79.78 -7.93
N ASN C 1135 79.83 -78.96 -7.36
CA ASN C 1135 80.65 -78.05 -8.16
C ASN C 1135 81.98 -77.85 -7.46
N THR C 1136 83.02 -77.66 -8.27
CA THR C 1136 84.38 -77.50 -7.76
C THR C 1136 84.73 -76.02 -7.61
N VAL C 1137 85.77 -75.77 -6.82
CA VAL C 1137 86.26 -74.42 -6.55
C VAL C 1137 87.62 -74.25 -7.20
N TYR C 1138 87.85 -73.07 -7.80
CA TYR C 1138 89.12 -72.82 -8.46
C TYR C 1138 90.27 -72.73 -7.46
N ASP C 1139 89.97 -72.31 -6.22
CA ASP C 1139 90.95 -72.21 -5.15
C ASP C 1139 92.17 -71.39 -5.56
N PRO C 1140 92.03 -70.07 -5.68
CA PRO C 1140 93.16 -69.24 -6.13
C PRO C 1140 94.26 -69.05 -5.10
N LEU C 1141 94.27 -69.82 -4.01
CA LEU C 1141 95.32 -69.75 -3.01
C LEU C 1141 96.22 -70.98 -3.03
N GLN C 1142 95.77 -72.11 -3.57
CA GLN C 1142 96.57 -73.32 -3.54
C GLN C 1142 97.77 -73.27 -4.48
N PRO C 1143 97.64 -72.89 -5.76
CA PRO C 1143 98.81 -72.89 -6.65
C PRO C 1143 99.82 -71.80 -6.37
N GLU C 1144 99.55 -70.90 -5.42
CA GLU C 1144 100.48 -69.83 -5.10
C GLU C 1144 101.47 -70.20 -4.00
N LEU C 1145 101.13 -71.16 -3.13
CA LEU C 1145 102.00 -71.58 -2.05
C LEU C 1145 103.02 -72.63 -2.48
N ASP C 1146 102.92 -73.15 -3.70
CA ASP C 1146 103.86 -74.15 -4.19
C ASP C 1146 105.21 -73.51 -4.53
N THR D 2 -38.76 35.53 36.70
CA THR D 2 -39.25 34.19 37.01
C THR D 2 -39.26 33.96 38.52
N ILE D 3 -39.72 32.77 38.93
CA ILE D 3 -39.85 32.46 40.35
C ILE D 3 -39.16 31.16 40.75
N GLU D 4 -38.85 30.26 39.81
CA GLU D 4 -38.32 28.95 40.20
C GLU D 4 -36.87 29.04 40.65
N GLU D 5 -36.03 29.80 39.93
CA GLU D 5 -34.63 29.92 40.31
C GLU D 5 -34.40 30.97 41.39
N GLN D 6 -35.34 31.90 41.57
CA GLN D 6 -35.22 32.89 42.63
C GLN D 6 -35.56 32.30 44.00
N ALA D 7 -36.52 31.38 44.06
CA ALA D 7 -36.89 30.76 45.32
C ALA D 7 -35.86 29.74 45.78
N LYS D 8 -35.04 29.20 44.87
CA LYS D 8 -34.03 28.22 45.27
C LYS D 8 -32.90 28.89 46.03
N THR D 9 -32.50 30.10 45.62
CA THR D 9 -31.45 30.82 46.33
C THR D 9 -31.93 31.35 47.68
N PHE D 10 -33.24 31.48 47.88
CA PHE D 10 -33.75 31.95 49.16
C PHE D 10 -33.89 30.82 50.16
N LEU D 11 -34.16 29.60 49.71
CA LEU D 11 -34.37 28.48 50.63
C LEU D 11 -33.06 27.93 51.15
N ASP D 12 -32.06 27.76 50.29
CA ASP D 12 -30.79 27.18 50.72
C ASP D 12 -29.95 28.14 51.55
N LYS D 13 -30.19 29.45 51.43
CA LYS D 13 -29.52 30.40 52.31
C LYS D 13 -29.98 30.22 53.75
N PHE D 14 -31.26 29.91 53.95
CA PHE D 14 -31.76 29.56 55.27
C PHE D 14 -31.30 28.17 55.70
N ASN D 15 -31.00 27.29 54.74
CA ASN D 15 -30.52 25.96 55.08
C ASN D 15 -29.08 25.98 55.59
N HIS D 16 -28.26 26.90 55.07
CA HIS D 16 -26.86 26.99 55.46
C HIS D 16 -26.61 27.97 56.59
N GLU D 17 -27.62 28.76 56.98
CA GLU D 17 -27.51 29.68 58.10
C GLU D 17 -28.15 29.16 59.37
N ALA D 18 -29.31 28.51 59.26
CA ALA D 18 -29.96 27.96 60.44
C ALA D 18 -29.24 26.72 60.97
N GLU D 19 -28.39 26.08 60.16
CA GLU D 19 -27.61 24.95 60.63
C GLU D 19 -26.51 25.38 61.59
N ASP D 20 -26.06 26.64 61.49
CA ASP D 20 -25.08 27.18 62.43
C ASP D 20 -25.74 27.89 63.59
N LEU D 21 -26.93 28.45 63.40
CA LEU D 21 -27.64 29.09 64.50
C LEU D 21 -28.21 28.06 65.48
N PHE D 22 -28.70 26.94 64.96
CA PHE D 22 -29.19 25.86 65.82
C PHE D 22 -28.05 25.06 66.42
N TYR D 23 -26.84 25.14 65.85
CA TYR D 23 -25.69 24.44 66.41
C TYR D 23 -25.17 25.13 67.66
N GLN D 24 -25.12 26.47 67.64
CA GLN D 24 -24.61 27.21 68.78
C GLN D 24 -25.64 27.33 69.89
N SER D 25 -26.94 27.38 69.54
CA SER D 25 -27.97 27.44 70.58
C SER D 25 -28.12 26.11 71.29
N SER D 26 -27.95 25.00 70.57
CA SER D 26 -27.95 23.69 71.22
C SER D 26 -26.66 23.44 71.98
N LEU D 27 -25.56 24.09 71.58
CA LEU D 27 -24.33 23.99 72.35
C LEU D 27 -24.43 24.75 73.67
N ALA D 28 -25.19 25.85 73.69
CA ALA D 28 -25.39 26.58 74.94
C ALA D 28 -26.30 25.82 75.89
N SER D 29 -27.20 25.00 75.36
CA SER D 29 -28.05 24.16 76.20
C SER D 29 -27.35 22.89 76.65
N TRP D 30 -26.27 22.50 75.97
CA TRP D 30 -25.52 21.31 76.39
C TRP D 30 -24.68 21.60 77.62
N ASN D 31 -23.98 22.74 77.65
CA ASN D 31 -23.21 23.13 78.82
C ASN D 31 -24.07 23.66 79.95
N TYR D 32 -25.32 24.03 79.67
CA TYR D 32 -26.22 24.49 80.71
C TYR D 32 -26.71 23.34 81.58
N ASN D 33 -26.92 22.17 80.98
CA ASN D 33 -27.40 21.00 81.70
C ASN D 33 -26.28 20.24 82.40
N THR D 34 -25.02 20.51 82.07
CA THR D 34 -23.88 19.77 82.62
C THR D 34 -23.31 20.44 83.86
N ASN D 35 -22.84 21.67 83.73
CA ASN D 35 -22.25 22.42 84.85
C ASN D 35 -23.03 23.73 84.99
N ILE D 36 -23.86 23.81 86.04
CA ILE D 36 -24.80 24.91 86.21
C ILE D 36 -24.06 26.09 86.80
N THR D 37 -23.72 27.06 85.94
CA THR D 37 -23.03 28.28 86.32
C THR D 37 -23.97 29.47 86.16
N GLU D 38 -23.42 30.68 86.33
CA GLU D 38 -24.15 31.91 86.06
C GLU D 38 -23.89 32.45 84.66
N GLU D 39 -22.87 31.95 83.97
CA GLU D 39 -22.54 32.44 82.63
C GLU D 39 -23.13 31.57 81.52
N ASN D 40 -23.47 30.32 81.81
CA ASN D 40 -24.04 29.46 80.77
C ASN D 40 -25.47 29.84 80.43
N VAL D 41 -26.18 30.46 81.38
CA VAL D 41 -27.53 30.94 81.10
C VAL D 41 -27.52 32.21 80.25
N GLN D 42 -26.40 32.92 80.22
CA GLN D 42 -26.29 34.09 79.34
C GLN D 42 -26.05 33.67 77.90
N ASN D 43 -25.41 32.52 77.68
CA ASN D 43 -25.24 32.02 76.32
C ASN D 43 -26.55 31.50 75.75
N MET D 44 -27.44 30.99 76.60
CA MET D 44 -28.73 30.51 76.14
C MET D 44 -29.68 31.67 75.84
N ASN D 45 -29.61 32.75 76.61
CA ASN D 45 -30.44 33.92 76.34
C ASN D 45 -29.94 34.71 75.13
N ASN D 46 -28.63 34.70 74.89
CA ASN D 46 -28.10 35.41 73.72
C ASN D 46 -28.39 34.64 72.44
N ALA D 47 -28.18 33.33 72.45
CA ALA D 47 -28.49 32.51 71.28
C ALA D 47 -29.98 32.25 71.12
N GLY D 48 -30.76 32.37 72.19
CA GLY D 48 -32.19 32.19 72.12
C GLY D 48 -32.90 33.41 71.56
N ASP D 49 -32.39 34.60 71.91
CA ASP D 49 -32.97 35.83 71.38
C ASP D 49 -32.56 36.06 69.92
N LYS D 50 -31.32 35.71 69.57
CA LYS D 50 -30.88 35.88 68.19
C LYS D 50 -31.54 34.88 67.26
N TRP D 51 -31.94 33.71 67.79
CA TRP D 51 -32.68 32.75 66.97
C TRP D 51 -34.10 33.21 66.74
N SER D 52 -34.72 33.83 67.74
CA SER D 52 -36.07 34.35 67.58
C SER D 52 -36.08 35.62 66.73
N ALA D 53 -35.00 36.41 66.78
CA ALA D 53 -34.91 37.60 65.95
C ALA D 53 -34.65 37.27 64.48
N PHE D 54 -34.00 36.13 64.22
CA PHE D 54 -33.76 35.72 62.84
C PHE D 54 -35.00 35.09 62.20
N LEU D 55 -35.89 34.52 63.01
CA LEU D 55 -37.11 33.93 62.48
C LEU D 55 -38.12 35.01 62.12
N LYS D 56 -38.20 36.08 62.91
CA LYS D 56 -39.12 37.16 62.62
C LYS D 56 -38.60 38.09 61.53
N GLU D 57 -37.31 38.05 61.24
CA GLU D 57 -36.76 38.87 60.16
C GLU D 57 -36.96 38.20 58.81
N GLN D 58 -36.76 36.88 58.73
CA GLN D 58 -36.97 36.15 57.49
C GLN D 58 -38.45 35.96 57.16
N SER D 59 -39.33 36.05 58.16
CA SER D 59 -40.76 35.91 57.90
C SER D 59 -41.32 37.16 57.23
N THR D 60 -40.82 38.34 57.59
CA THR D 60 -41.28 39.57 56.95
C THR D 60 -40.73 39.69 55.52
N LEU D 61 -39.58 39.06 55.24
CA LEU D 61 -39.03 39.08 53.90
C LEU D 61 -39.75 38.11 52.97
N ALA D 62 -40.19 36.97 53.49
CA ALA D 62 -40.89 35.98 52.68
C ALA D 62 -42.34 36.35 52.38
N GLN D 63 -42.87 37.39 53.03
CA GLN D 63 -44.25 37.80 52.78
C GLN D 63 -44.40 38.52 51.44
N MET D 64 -43.30 39.04 50.88
CA MET D 64 -43.39 39.73 49.60
C MET D 64 -43.53 38.73 48.44
N TYR D 65 -43.03 37.51 48.61
CA TYR D 65 -43.10 36.51 47.56
C TYR D 65 -44.51 35.96 47.45
N PRO D 66 -45.02 35.78 46.23
CA PRO D 66 -46.37 35.23 46.05
C PRO D 66 -46.38 33.72 46.30
N LEU D 67 -47.57 33.14 46.18
CA LEU D 67 -47.75 31.73 46.55
C LEU D 67 -48.44 30.93 45.45
N GLN D 68 -49.25 31.59 44.63
CA GLN D 68 -50.15 30.90 43.69
C GLN D 68 -49.58 30.83 42.28
N GLU D 69 -48.26 30.68 42.15
CA GLU D 69 -47.63 30.57 40.83
C GLU D 69 -46.68 29.40 40.70
N ILE D 70 -46.42 28.64 41.76
CA ILE D 70 -45.51 27.49 41.73
C ILE D 70 -46.32 26.23 41.91
N GLN D 71 -46.04 25.22 41.09
CA GLN D 71 -46.74 23.95 41.12
C GLN D 71 -45.95 22.83 41.80
N ASN D 72 -44.73 23.09 42.23
CA ASN D 72 -43.92 22.07 42.89
C ASN D 72 -44.39 21.87 44.32
N LEU D 73 -44.27 20.63 44.79
CA LEU D 73 -44.79 20.25 46.10
C LEU D 73 -43.79 20.45 47.23
N THR D 74 -42.49 20.32 46.96
CA THR D 74 -41.49 20.42 48.00
C THR D 74 -41.21 21.85 48.44
N VAL D 75 -41.63 22.85 47.66
CA VAL D 75 -41.37 24.24 47.99
C VAL D 75 -42.59 24.84 48.68
N LYS D 76 -43.78 24.32 48.34
CA LYS D 76 -45.00 24.87 48.92
C LYS D 76 -45.18 24.45 50.37
N LEU D 77 -44.78 23.22 50.71
CA LEU D 77 -44.94 22.75 52.08
C LEU D 77 -43.93 23.42 53.02
N GLN D 78 -42.78 23.86 52.50
CA GLN D 78 -41.78 24.51 53.31
C GLN D 78 -41.93 26.02 53.34
N LEU D 79 -42.64 26.60 52.36
CA LEU D 79 -42.90 28.04 52.41
C LEU D 79 -43.92 28.39 53.49
N GLN D 80 -44.83 27.47 53.80
CA GLN D 80 -45.76 27.70 54.90
C GLN D 80 -45.10 27.54 56.25
N ALA D 81 -44.02 26.74 56.31
CA ALA D 81 -43.29 26.59 57.56
C ALA D 81 -42.40 27.80 57.85
N LEU D 82 -41.90 28.46 56.81
CA LEU D 82 -41.10 29.66 57.00
C LEU D 82 -41.96 30.90 57.25
N GLN D 83 -43.21 30.89 56.80
CA GLN D 83 -44.12 32.00 57.04
C GLN D 83 -44.96 31.74 58.29
N GLN D 84 -44.25 31.59 59.41
CA GLN D 84 -44.85 31.32 60.72
C GLN D 84 -44.37 32.43 61.66
N ASN D 85 -45.10 33.54 61.69
CA ASN D 85 -44.70 34.68 62.49
C ASN D 85 -44.94 34.43 63.97
N GLY D 86 -46.13 33.95 64.33
CA GLY D 86 -46.44 33.68 65.71
C GLY D 86 -46.63 34.92 66.56
N SER D 87 -45.66 35.22 67.41
CA SER D 87 -45.77 36.35 68.33
C SER D 87 -45.46 37.69 67.69
N SER D 88 -44.94 37.71 66.47
CA SER D 88 -44.58 38.96 65.79
C SER D 88 -45.72 39.54 64.96
N VAL D 89 -46.92 38.95 65.04
CA VAL D 89 -48.05 39.47 64.28
C VAL D 89 -48.68 40.67 64.99
N LEU D 90 -48.44 40.84 66.28
CA LEU D 90 -48.99 41.94 67.05
C LEU D 90 -47.96 43.06 67.17
N SER D 91 -48.29 44.07 67.96
CA SER D 91 -47.41 45.23 68.12
C SER D 91 -46.31 44.92 69.14
N GLU D 92 -45.53 45.94 69.50
CA GLU D 92 -44.43 45.73 70.43
C GLU D 92 -44.88 45.58 71.86
N ASP D 93 -46.11 46.04 72.19
CA ASP D 93 -46.61 45.91 73.55
C ASP D 93 -47.13 44.51 73.84
N LYS D 94 -47.83 43.90 72.89
CA LYS D 94 -48.37 42.57 73.09
C LYS D 94 -47.36 41.46 72.82
N SER D 95 -46.26 41.77 72.13
CA SER D 95 -45.25 40.76 71.87
C SER D 95 -44.42 40.45 73.12
N LYS D 96 -44.12 41.49 73.92
CA LYS D 96 -43.39 41.28 75.16
C LYS D 96 -44.28 40.83 76.30
N ARG D 97 -45.59 41.04 76.19
CA ARG D 97 -46.49 40.74 77.30
C ARG D 97 -46.67 39.24 77.48
N LEU D 98 -46.69 38.48 76.37
CA LEU D 98 -46.80 37.04 76.48
C LEU D 98 -45.48 36.36 76.84
N ASN D 99 -44.35 37.06 76.66
CA ASN D 99 -43.08 36.51 77.12
C ASN D 99 -42.95 36.56 78.63
N THR D 100 -43.53 37.58 79.27
CA THR D 100 -43.45 37.67 80.73
C THR D 100 -44.38 36.66 81.40
N ILE D 101 -45.57 36.45 80.82
CA ILE D 101 -46.50 35.47 81.39
C ILE D 101 -46.08 34.05 81.10
N LEU D 102 -45.22 33.84 80.09
CA LEU D 102 -44.68 32.51 79.84
C LEU D 102 -43.52 32.20 80.78
N ASN D 103 -42.72 33.22 81.12
CA ASN D 103 -41.69 33.03 82.13
C ASN D 103 -42.30 32.96 83.53
N THR D 104 -43.43 33.63 83.75
CA THR D 104 -44.12 33.52 85.03
C THR D 104 -44.79 32.16 85.17
N MET D 105 -45.28 31.61 84.06
CA MET D 105 -45.87 30.27 84.09
C MET D 105 -44.81 29.20 84.33
N SER D 106 -43.60 29.41 83.85
CA SER D 106 -42.54 28.41 83.98
C SER D 106 -41.82 28.47 85.32
N THR D 107 -42.02 29.52 86.12
CA THR D 107 -41.32 29.63 87.40
C THR D 107 -42.19 29.13 88.55
N ILE D 108 -43.50 29.39 88.52
CA ILE D 108 -44.37 28.97 89.60
C ILE D 108 -44.66 27.47 89.49
N TYR D 109 -44.83 26.96 88.28
CA TYR D 109 -45.08 25.54 88.10
C TYR D 109 -43.84 24.70 88.35
N SER D 110 -42.65 25.30 88.28
CA SER D 110 -41.43 24.54 88.52
C SER D 110 -41.26 24.24 90.01
N THR D 111 -41.27 25.27 90.85
CA THR D 111 -41.07 25.10 92.29
C THR D 111 -42.41 25.02 93.02
N GLY D 112 -43.22 24.06 92.59
CA GLY D 112 -44.50 23.80 93.23
C GLY D 112 -44.33 23.30 94.65
N LYS D 113 -44.76 24.08 95.63
CA LYS D 113 -44.52 23.78 97.05
C LYS D 113 -45.83 23.87 97.82
N VAL D 114 -46.48 22.72 97.99
CA VAL D 114 -47.65 22.59 98.86
C VAL D 114 -47.28 21.67 100.01
N CYS D 115 -47.54 22.10 101.24
CA CYS D 115 -47.10 21.35 102.40
C CYS D 115 -48.12 21.50 103.52
N ASN D 116 -47.71 21.17 104.74
CA ASN D 116 -48.59 20.91 105.87
C ASN D 116 -49.15 22.20 106.44
N PRO D 117 -50.41 22.20 106.88
CA PRO D 117 -50.92 23.31 107.71
C PRO D 117 -50.56 23.19 109.17
N ASP D 118 -50.06 22.03 109.62
CA ASP D 118 -49.69 21.85 111.02
C ASP D 118 -48.41 22.59 111.37
N ASN D 119 -47.45 22.67 110.43
CA ASN D 119 -46.21 23.37 110.66
C ASN D 119 -45.73 23.99 109.34
N PRO D 120 -45.27 25.24 109.36
CA PRO D 120 -44.82 25.90 108.13
C PRO D 120 -43.37 25.69 107.76
N GLN D 121 -42.69 24.68 108.34
CA GLN D 121 -41.28 24.46 108.10
C GLN D 121 -41.02 23.22 107.26
N GLU D 122 -41.51 22.06 107.69
CA GLU D 122 -41.24 20.80 106.99
C GLU D 122 -42.11 20.74 105.75
N CYS D 123 -41.56 21.14 104.61
CA CYS D 123 -42.28 21.16 103.35
C CYS D 123 -41.46 20.47 102.27
N LEU D 124 -42.17 19.87 101.32
CA LEU D 124 -41.55 19.09 100.26
C LEU D 124 -41.88 19.68 98.89
N LEU D 125 -41.02 19.41 97.92
CA LEU D 125 -41.14 19.98 96.58
C LEU D 125 -42.10 19.14 95.74
N LEU D 126 -42.19 19.45 94.45
CA LEU D 126 -43.10 18.75 93.55
C LEU D 126 -42.41 17.58 92.85
N GLU D 127 -41.34 17.86 92.11
CA GLU D 127 -40.62 16.85 91.36
C GLU D 127 -39.18 16.76 91.86
N PRO D 128 -38.71 15.61 92.33
CA PRO D 128 -39.51 14.39 92.45
C PRO D 128 -40.13 14.21 93.84
N GLY D 129 -40.70 15.28 94.38
CA GLY D 129 -41.26 15.24 95.71
C GLY D 129 -42.66 14.66 95.77
N LEU D 130 -43.60 15.25 95.03
CA LEU D 130 -44.98 14.78 95.03
C LEU D 130 -45.20 13.58 94.12
N ASN D 131 -44.19 13.17 93.35
CA ASN D 131 -44.36 12.01 92.49
C ASN D 131 -44.09 10.70 93.22
N GLU D 132 -43.27 10.74 94.28
CA GLU D 132 -42.94 9.53 95.02
C GLU D 132 -43.93 9.24 96.14
N ILE D 133 -44.51 10.27 96.77
CA ILE D 133 -45.48 10.04 97.83
C ILE D 133 -46.81 9.58 97.27
N MET D 134 -47.21 10.09 96.09
CA MET D 134 -48.44 9.64 95.47
C MET D 134 -48.32 8.26 94.85
N ALA D 135 -47.10 7.82 94.55
CA ALA D 135 -46.91 6.49 93.98
C ALA D 135 -46.93 5.42 95.07
N ASN D 136 -46.28 5.69 96.20
CA ASN D 136 -46.27 4.75 97.34
C ASN D 136 -47.23 5.29 98.38
N SER D 137 -48.51 4.90 98.26
CA SER D 137 -49.55 5.35 99.18
C SER D 137 -50.62 4.27 99.26
N LEU D 138 -51.02 3.93 100.48
CA LEU D 138 -52.02 2.90 100.71
C LEU D 138 -53.19 3.38 101.58
N ASP D 139 -53.20 4.64 101.99
CA ASP D 139 -54.26 5.17 102.83
C ASP D 139 -55.20 6.05 102.01
N TYR D 140 -56.48 6.04 102.38
CA TYR D 140 -57.47 6.86 101.69
C TYR D 140 -57.45 8.30 102.17
N ASN D 141 -57.19 8.52 103.46
CA ASN D 141 -57.14 9.88 103.98
C ASN D 141 -55.88 10.63 103.57
N GLU D 142 -54.80 9.92 103.23
CA GLU D 142 -53.57 10.58 102.81
C GLU D 142 -53.69 11.13 101.39
N ARG D 143 -54.28 10.34 100.48
CA ARG D 143 -54.46 10.79 99.11
C ARG D 143 -55.57 11.81 98.97
N LEU D 144 -56.56 11.79 99.88
CA LEU D 144 -57.61 12.80 99.84
C LEU D 144 -57.08 14.15 100.26
N TRP D 145 -56.21 14.19 101.27
CA TRP D 145 -55.61 15.46 101.68
C TRP D 145 -54.56 15.94 100.69
N ALA D 146 -53.83 15.02 100.06
CA ALA D 146 -52.81 15.41 99.10
C ALA D 146 -53.39 15.95 97.81
N TRP D 147 -54.64 15.61 97.49
CA TRP D 147 -55.28 16.12 96.29
C TRP D 147 -56.03 17.43 96.53
N GLU D 148 -56.57 17.62 97.73
CA GLU D 148 -57.29 18.85 98.03
C GLU D 148 -56.34 20.01 98.31
N SER D 149 -55.24 19.74 99.00
CA SER D 149 -54.28 20.81 99.30
C SER D 149 -53.49 21.23 98.08
N TRP D 150 -53.28 20.29 97.14
CA TRP D 150 -52.48 20.61 95.95
C TRP D 150 -53.17 21.64 95.07
N ARG D 151 -54.50 21.62 95.02
CA ARG D 151 -55.27 22.59 94.26
C ARG D 151 -55.89 23.67 95.14
N SER D 152 -55.32 23.91 96.32
CA SER D 152 -55.87 24.86 97.28
C SER D 152 -55.19 26.22 97.21
N GLU D 153 -53.85 26.26 97.31
CA GLU D 153 -53.13 27.52 97.34
C GLU D 153 -52.73 27.99 95.95
N VAL D 154 -52.35 27.07 95.05
CA VAL D 154 -51.94 27.45 93.71
C VAL D 154 -53.11 27.70 92.78
N GLY D 155 -54.31 27.27 93.16
CA GLY D 155 -55.49 27.47 92.32
C GLY D 155 -56.07 28.87 92.36
N LYS D 156 -55.66 29.69 93.32
CA LYS D 156 -56.18 31.05 93.43
C LYS D 156 -55.41 32.01 92.52
N GLN D 157 -54.09 31.88 92.47
CA GLN D 157 -53.26 32.83 91.74
C GLN D 157 -53.18 32.52 90.25
N LEU D 158 -53.27 31.24 89.87
CA LEU D 158 -53.09 30.86 88.47
C LEU D 158 -54.32 31.13 87.63
N ARG D 159 -55.50 31.29 88.24
CA ARG D 159 -56.72 31.52 87.49
C ARG D 159 -56.76 32.90 86.82
N PRO D 160 -56.44 34.00 87.53
CA PRO D 160 -56.46 35.31 86.85
C PRO D 160 -55.37 35.46 85.80
N LEU D 161 -54.36 34.60 85.78
CA LEU D 161 -53.34 34.63 84.74
C LEU D 161 -53.68 33.69 83.60
N TYR D 162 -54.38 32.59 83.87
CA TYR D 162 -54.82 31.70 82.79
C TYR D 162 -55.99 32.29 82.03
N GLU D 163 -56.82 33.10 82.70
CA GLU D 163 -57.90 33.79 82.01
C GLU D 163 -57.37 34.88 81.08
N GLU D 164 -56.14 35.36 81.33
CA GLU D 164 -55.50 36.30 80.43
C GLU D 164 -54.73 35.60 79.33
N TYR D 165 -54.27 34.37 79.56
CA TYR D 165 -53.52 33.63 78.54
C TYR D 165 -54.40 33.18 77.39
N VAL D 166 -55.71 33.08 77.59
CA VAL D 166 -56.59 32.65 76.50
C VAL D 166 -56.94 33.80 75.56
N VAL D 167 -56.87 35.04 76.04
CA VAL D 167 -57.24 36.16 75.16
C VAL D 167 -56.09 36.53 74.24
N LEU D 168 -54.84 36.34 74.69
CA LEU D 168 -53.70 36.62 73.83
C LEU D 168 -53.52 35.54 72.77
N LYS D 169 -53.94 34.31 73.07
CA LYS D 169 -53.84 33.24 72.08
C LYS D 169 -54.95 33.32 71.04
N ASN D 170 -56.12 33.82 71.42
CA ASN D 170 -57.20 34.01 70.45
C ASN D 170 -56.98 35.23 69.58
N GLU D 171 -56.36 36.28 70.13
CA GLU D 171 -56.05 37.46 69.35
C GLU D 171 -54.86 37.24 68.41
N MET D 172 -53.98 36.30 68.74
CA MET D 172 -52.87 35.99 67.84
C MET D 172 -53.34 35.24 66.61
N ALA D 173 -54.29 34.32 66.79
CA ALA D 173 -54.85 33.58 65.66
C ALA D 173 -55.84 34.41 64.86
N ARG D 174 -56.45 35.43 65.47
CA ARG D 174 -57.34 36.30 64.72
C ARG D 174 -56.58 37.16 63.73
N ALA D 175 -55.38 37.61 64.10
CA ALA D 175 -54.53 38.36 63.20
C ALA D 175 -53.73 37.47 62.26
N ASN D 176 -53.73 36.15 62.50
CA ASN D 176 -53.06 35.19 61.63
C ASN D 176 -54.00 34.60 60.59
N HIS D 177 -55.10 35.29 60.29
CA HIS D 177 -56.09 34.83 59.31
C HIS D 177 -56.68 33.47 59.69
N TYR D 178 -57.06 33.34 60.96
CA TYR D 178 -57.73 32.17 61.48
C TYR D 178 -58.90 32.59 62.34
N GLU D 179 -59.74 31.63 62.72
CA GLU D 179 -60.91 31.92 63.55
C GLU D 179 -60.52 32.01 65.02
N ASP D 180 -59.94 30.95 65.56
CA ASP D 180 -59.54 30.89 66.96
C ASP D 180 -58.23 30.13 67.07
N TYR D 181 -57.77 29.94 68.31
CA TYR D 181 -56.52 29.24 68.54
C TYR D 181 -56.62 27.74 68.29
N GLY D 182 -57.84 27.19 68.31
CA GLY D 182 -58.00 25.77 68.03
C GLY D 182 -57.75 25.42 66.59
N ASP D 183 -57.99 26.37 65.67
CA ASP D 183 -57.72 26.14 64.26
C ASP D 183 -56.23 26.20 63.94
N TYR D 184 -55.43 26.85 64.79
CA TYR D 184 -53.98 26.86 64.58
C TYR D 184 -53.37 25.49 64.82
N TRP D 185 -53.94 24.72 65.74
CA TRP D 185 -53.48 23.35 65.96
C TRP D 185 -54.00 22.40 64.88
N ARG D 186 -55.23 22.64 64.39
CA ARG D 186 -55.77 21.84 63.31
C ARG D 186 -55.19 22.21 61.95
N GLY D 187 -54.68 23.44 61.80
CA GLY D 187 -54.06 23.85 60.55
C GLY D 187 -52.69 23.24 60.32
N ASP D 188 -52.04 22.76 61.38
CA ASP D 188 -50.74 22.12 61.23
C ASP D 188 -50.88 20.75 60.58
N TYR D 189 -51.98 20.05 60.84
CA TYR D 189 -52.23 18.73 60.26
C TYR D 189 -52.78 18.80 58.85
N GLU D 190 -53.07 20.00 58.34
CA GLU D 190 -53.64 20.14 57.00
C GLU D 190 -52.54 20.04 55.95
N VAL D 191 -52.89 19.45 54.81
CA VAL D 191 -51.98 19.30 53.69
C VAL D 191 -52.55 20.07 52.50
N ASN D 192 -51.67 20.35 51.53
CA ASN D 192 -52.06 21.09 50.35
C ASN D 192 -51.08 20.79 49.23
N GLY D 193 -51.60 20.67 48.01
CA GLY D 193 -50.77 20.41 46.86
C GLY D 193 -51.11 19.10 46.15
N VAL D 194 -51.43 18.07 46.92
CA VAL D 194 -51.78 16.77 46.37
C VAL D 194 -53.29 16.68 46.22
N ASP D 195 -53.73 15.89 45.25
CA ASP D 195 -55.15 15.70 44.96
C ASP D 195 -55.60 14.33 45.43
N GLY D 196 -56.82 14.26 45.96
CA GLY D 196 -57.36 13.01 46.45
C GLY D 196 -56.92 12.60 47.83
N TYR D 197 -56.09 13.40 48.50
CA TYR D 197 -55.60 13.09 49.84
C TYR D 197 -55.69 14.30 50.75
N ASP D 198 -56.68 15.16 50.53
CA ASP D 198 -56.84 16.35 51.34
C ASP D 198 -57.40 16.00 52.72
N TYR D 199 -57.01 16.80 53.71
CA TYR D 199 -57.45 16.61 55.09
C TYR D 199 -57.87 17.98 55.64
N SER D 200 -59.18 18.20 55.76
CA SER D 200 -59.71 19.46 56.25
C SER D 200 -59.88 19.42 57.75
N ARG D 201 -60.46 20.47 58.33
CA ARG D 201 -60.70 20.53 59.76
C ARG D 201 -62.06 19.96 60.16
N GLY D 202 -63.02 19.93 59.23
CA GLY D 202 -64.31 19.34 59.54
C GLY D 202 -64.25 17.84 59.66
N GLN D 203 -63.29 17.20 58.98
CA GLN D 203 -63.10 15.76 59.07
C GLN D 203 -62.19 15.35 60.23
N LEU D 204 -61.47 16.30 60.82
CA LEU D 204 -60.65 15.98 61.98
C LEU D 204 -61.51 15.72 63.21
N ILE D 205 -62.65 16.41 63.33
CA ILE D 205 -63.59 16.12 64.41
C ILE D 205 -64.48 14.94 64.08
N GLU D 206 -64.59 14.56 62.80
CA GLU D 206 -65.47 13.48 62.42
C GLU D 206 -64.87 12.12 62.73
N ASP D 207 -63.60 11.91 62.38
CA ASP D 207 -62.98 10.61 62.57
C ASP D 207 -62.62 10.35 64.02
N VAL D 208 -62.39 11.40 64.81
CA VAL D 208 -62.08 11.21 66.23
C VAL D 208 -63.32 10.78 67.00
N GLU D 209 -64.47 11.40 66.68
CA GLU D 209 -65.73 10.96 67.29
C GLU D 209 -66.16 9.60 66.77
N HIS D 210 -65.69 9.20 65.59
CA HIS D 210 -66.09 7.91 65.02
C HIS D 210 -65.38 6.75 65.71
N THR D 211 -64.09 6.91 66.02
CA THR D 211 -63.33 5.86 66.68
C THR D 211 -63.59 5.79 68.18
N PHE D 212 -64.18 6.84 68.76
CA PHE D 212 -64.45 6.83 70.20
C PHE D 212 -65.65 5.96 70.56
N GLU D 213 -66.50 5.61 69.59
CA GLU D 213 -67.68 4.82 69.86
C GLU D 213 -67.38 3.33 69.99
N GLU D 214 -66.15 2.89 69.70
CA GLU D 214 -65.76 1.50 69.89
C GLU D 214 -64.68 1.31 70.93
N ILE D 215 -63.91 2.35 71.27
CA ILE D 215 -62.94 2.22 72.34
C ILE D 215 -63.60 2.39 73.70
N LYS D 216 -64.68 3.17 73.78
CA LYS D 216 -65.40 3.39 75.02
C LYS D 216 -66.04 2.11 75.55
N PRO D 217 -66.58 1.22 74.68
CA PRO D 217 -66.96 -0.11 75.19
C PRO D 217 -65.81 -0.89 75.78
N LEU D 218 -64.60 -0.73 75.24
CA LEU D 218 -63.43 -1.33 75.88
C LEU D 218 -63.05 -0.58 77.15
N TYR D 219 -63.27 0.73 77.18
CA TYR D 219 -62.90 1.52 78.34
C TYR D 219 -63.86 1.31 79.51
N GLU D 220 -65.16 1.19 79.23
CA GLU D 220 -66.12 0.94 80.29
C GLU D 220 -66.07 -0.49 80.81
N HIS D 221 -65.44 -1.42 80.09
CA HIS D 221 -65.29 -2.77 80.59
C HIS D 221 -64.11 -2.87 81.56
N LEU D 222 -63.02 -2.16 81.28
CA LEU D 222 -61.91 -2.11 82.23
C LEU D 222 -62.18 -1.16 83.39
N HIS D 223 -63.09 -0.19 83.22
CA HIS D 223 -63.47 0.66 84.33
C HIS D 223 -64.27 -0.11 85.37
N ALA D 224 -65.07 -1.09 84.94
CA ALA D 224 -65.75 -1.97 85.88
C ALA D 224 -64.84 -3.05 86.43
N TYR D 225 -63.70 -3.30 85.78
CA TYR D 225 -62.75 -4.27 86.30
C TYR D 225 -61.99 -3.70 87.51
N VAL D 226 -61.51 -2.46 87.40
CA VAL D 226 -60.88 -1.82 88.54
C VAL D 226 -61.89 -1.44 89.60
N ARG D 227 -63.16 -1.25 89.24
CA ARG D 227 -64.19 -1.00 90.24
C ARG D 227 -64.50 -2.26 91.02
N ALA D 228 -64.38 -3.43 90.40
CA ALA D 228 -64.54 -4.70 91.10
C ALA D 228 -63.32 -5.08 91.93
N LYS D 229 -62.18 -4.40 91.71
CA LYS D 229 -60.97 -4.65 92.49
C LYS D 229 -60.81 -3.68 93.66
N LEU D 230 -61.34 -2.47 93.54
CA LEU D 230 -61.24 -1.48 94.61
C LEU D 230 -62.31 -1.67 95.69
N MET D 231 -63.32 -2.50 95.47
CA MET D 231 -64.34 -2.70 96.49
C MET D 231 -63.84 -3.56 97.65
N ASN D 232 -62.99 -4.54 97.37
CA ASN D 232 -62.51 -5.43 98.42
C ASN D 232 -61.41 -4.79 99.25
N ALA D 233 -60.68 -3.83 98.68
CA ALA D 233 -59.66 -3.12 99.45
C ALA D 233 -60.27 -2.02 100.31
N TYR D 234 -61.23 -1.28 99.77
CA TYR D 234 -61.89 -0.20 100.49
C TYR D 234 -63.40 -0.41 100.41
N PRO D 235 -63.97 -1.20 101.33
CA PRO D 235 -65.43 -1.44 101.28
C PRO D 235 -66.26 -0.26 101.75
N SER D 236 -65.68 0.66 102.52
CA SER D 236 -66.41 1.79 103.06
C SER D 236 -66.09 3.09 102.34
N TYR D 237 -65.42 3.04 101.20
CA TYR D 237 -65.05 4.26 100.48
C TYR D 237 -65.43 4.19 99.01
N ILE D 238 -65.49 2.99 98.44
CA ILE D 238 -65.78 2.79 97.02
C ILE D 238 -66.99 1.88 96.90
N SER D 239 -68.00 2.36 96.17
CA SER D 239 -69.23 1.62 95.90
C SER D 239 -69.38 1.38 94.40
N PRO D 240 -69.86 0.19 93.99
CA PRO D 240 -69.96 -0.17 92.57
C PRO D 240 -71.22 0.34 91.88
N ILE D 241 -71.54 1.62 92.10
CA ILE D 241 -72.67 2.28 91.47
C ILE D 241 -72.25 3.56 90.76
N GLY D 242 -71.43 4.38 91.42
CA GLY D 242 -71.03 5.65 90.86
C GLY D 242 -69.77 5.59 90.02
N CYS D 243 -68.87 6.55 90.23
CA CYS D 243 -67.64 6.67 89.47
C CYS D 243 -66.43 6.54 90.39
N LEU D 244 -65.24 6.55 89.78
CA LEU D 244 -63.99 6.42 90.50
C LEU D 244 -63.52 7.80 90.99
N PRO D 245 -62.96 7.89 92.20
CA PRO D 245 -62.56 9.20 92.73
C PRO D 245 -61.43 9.81 91.94
N ALA D 246 -61.21 11.11 92.17
CA ALA D 246 -60.19 11.85 91.44
C ALA D 246 -58.79 11.58 91.99
N HIS D 247 -58.67 11.31 93.28
CA HIS D 247 -57.37 11.07 93.90
C HIS D 247 -56.92 9.63 93.81
N LEU D 248 -57.73 8.75 93.22
CA LEU D 248 -57.39 7.34 93.07
C LEU D 248 -57.01 6.98 91.64
N LEU D 249 -56.39 7.93 90.93
CA LEU D 249 -55.95 7.73 89.56
C LEU D 249 -54.48 7.38 89.45
N GLY D 250 -53.88 6.90 90.53
CA GLY D 250 -52.46 6.57 90.54
C GLY D 250 -51.58 7.78 90.76
N ASP D 251 -51.49 8.64 89.76
CA ASP D 251 -50.73 9.88 89.84
C ASP D 251 -51.65 11.02 90.22
N MET D 252 -51.12 12.25 90.17
CA MET D 252 -51.92 13.43 90.53
C MET D 252 -52.81 13.85 89.37
N TRP D 253 -52.26 13.90 88.16
CA TRP D 253 -53.01 14.33 86.98
C TRP D 253 -53.80 13.19 86.33
N GLY D 254 -53.56 11.95 86.75
CA GLY D 254 -54.26 10.82 86.15
C GLY D 254 -53.78 10.43 84.78
N ARG D 255 -52.53 10.72 84.44
CA ARG D 255 -52.01 10.39 83.11
C ARG D 255 -51.63 8.92 83.03
N PHE D 256 -50.72 8.47 83.90
CA PHE D 256 -50.25 7.08 83.91
C PHE D 256 -50.95 6.33 85.03
N TRP D 257 -51.57 5.20 84.69
CA TRP D 257 -52.29 4.37 85.65
C TRP D 257 -51.50 3.15 86.10
N THR D 258 -50.18 3.19 86.01
CA THR D 258 -49.34 2.06 86.37
C THR D 258 -49.07 1.97 87.86
N ASN D 259 -49.55 2.92 88.66
CA ASN D 259 -49.32 2.87 90.10
C ASN D 259 -50.21 1.84 90.78
N LEU D 260 -51.38 1.56 90.20
CA LEU D 260 -52.31 0.58 90.76
C LEU D 260 -52.08 -0.83 90.25
N TYR D 261 -50.94 -1.08 89.61
CA TYR D 261 -50.65 -2.42 89.09
C TYR D 261 -50.35 -3.40 90.22
N SER D 262 -49.72 -2.94 91.30
CA SER D 262 -49.38 -3.81 92.41
C SER D 262 -50.58 -4.14 93.29
N LEU D 263 -51.63 -3.32 93.25
CA LEU D 263 -52.81 -3.54 94.07
C LEU D 263 -53.99 -4.11 93.28
N THR D 264 -53.87 -4.23 91.97
CA THR D 264 -54.90 -4.83 91.12
C THR D 264 -54.38 -6.09 90.44
N VAL D 265 -53.63 -6.91 91.18
CA VAL D 265 -53.08 -8.14 90.64
C VAL D 265 -54.19 -9.19 90.60
N PRO D 266 -54.52 -9.73 89.41
CA PRO D 266 -55.58 -10.73 89.33
C PRO D 266 -55.10 -12.12 89.72
N PHE D 267 -53.81 -12.38 89.52
CA PHE D 267 -53.22 -13.69 89.83
C PHE D 267 -51.88 -13.44 90.52
N GLY D 268 -51.87 -13.56 91.85
CA GLY D 268 -50.66 -13.37 92.62
C GLY D 268 -49.81 -14.60 92.83
N GLN D 269 -50.27 -15.77 92.36
CA GLN D 269 -49.50 -16.99 92.51
C GLN D 269 -48.44 -17.18 91.44
N LYS D 270 -48.50 -16.42 90.35
CA LYS D 270 -47.53 -16.53 89.27
C LYS D 270 -46.59 -15.34 89.29
N PRO D 271 -45.28 -15.56 89.29
CA PRO D 271 -44.34 -14.43 89.30
C PRO D 271 -44.23 -13.78 87.93
N ASN D 272 -44.15 -12.46 87.94
CA ASN D 272 -44.02 -11.70 86.71
C ASN D 272 -42.56 -11.67 86.26
N ILE D 273 -42.36 -11.24 85.01
CA ILE D 273 -41.02 -11.13 84.46
C ILE D 273 -40.33 -9.90 85.05
N ASP D 274 -39.00 -9.96 85.13
CA ASP D 274 -38.23 -8.87 85.71
C ASP D 274 -36.81 -8.92 85.17
N VAL D 275 -36.18 -7.75 85.10
CA VAL D 275 -34.80 -7.63 84.63
C VAL D 275 -33.84 -7.23 85.73
N THR D 276 -34.35 -6.71 86.86
CA THR D 276 -33.46 -6.27 87.93
C THR D 276 -32.76 -7.45 88.60
N ASP D 277 -33.46 -8.57 88.75
CA ASP D 277 -32.85 -9.74 89.38
C ASP D 277 -31.77 -10.37 88.50
N ALA D 278 -31.79 -10.12 87.19
CA ALA D 278 -30.81 -10.67 86.28
C ALA D 278 -29.65 -9.73 86.00
N MET D 279 -29.71 -8.49 86.46
CA MET D 279 -28.67 -7.50 86.21
C MET D 279 -27.70 -7.33 87.37
N VAL D 280 -27.99 -7.91 88.54
CA VAL D 280 -27.09 -7.75 89.68
C VAL D 280 -25.93 -8.73 89.61
N ASP D 281 -26.14 -9.91 89.03
CA ASP D 281 -25.08 -10.90 88.89
C ASP D 281 -24.21 -10.66 87.66
N GLN D 282 -24.51 -9.64 86.87
CA GLN D 282 -23.74 -9.32 85.67
C GLN D 282 -23.08 -7.95 85.73
N ALA D 283 -23.42 -7.11 86.70
CA ALA D 283 -22.96 -5.73 86.79
C ALA D 283 -23.27 -4.98 85.49
N TRP D 284 -24.56 -4.92 85.18
CA TRP D 284 -25.03 -4.31 83.95
C TRP D 284 -24.83 -2.80 84.00
N ASP D 285 -23.92 -2.28 83.19
CA ASP D 285 -23.61 -0.86 83.15
C ASP D 285 -24.32 -0.22 81.95
N ALA D 286 -24.17 1.11 81.83
CA ALA D 286 -24.81 1.83 80.75
C ALA D 286 -24.17 1.55 79.40
N GLN D 287 -22.90 1.14 79.37
CA GLN D 287 -22.24 0.84 78.10
C GLN D 287 -22.76 -0.47 77.52
N ARG D 288 -23.11 -1.44 78.38
CA ARG D 288 -23.72 -2.68 77.90
C ARG D 288 -25.14 -2.47 77.42
N ILE D 289 -25.82 -1.43 77.91
CA ILE D 289 -27.17 -1.13 77.47
C ILE D 289 -27.17 -0.67 76.01
N PHE D 290 -26.27 0.27 75.68
CA PHE D 290 -26.21 0.81 74.33
C PHE D 290 -25.54 -0.16 73.35
N LYS D 291 -24.80 -1.15 73.84
CA LYS D 291 -24.12 -2.09 72.96
C LYS D 291 -25.02 -3.23 72.51
N GLU D 292 -25.76 -3.84 73.43
CA GLU D 292 -26.68 -4.91 73.05
C GLU D 292 -27.88 -4.37 72.28
N ALA D 293 -28.27 -3.12 72.53
CA ALA D 293 -29.35 -2.52 71.77
C ALA D 293 -28.90 -2.15 70.37
N GLU D 294 -27.61 -1.83 70.19
CA GLU D 294 -27.09 -1.55 68.86
C GLU D 294 -26.97 -2.81 68.03
N LYS D 295 -26.73 -3.96 68.67
CA LYS D 295 -26.69 -5.23 67.95
C LYS D 295 -28.08 -5.69 67.52
N PHE D 296 -29.12 -5.25 68.21
CA PHE D 296 -30.49 -5.59 67.82
C PHE D 296 -30.94 -4.78 66.61
N PHE D 297 -30.44 -3.56 66.44
CA PHE D 297 -30.87 -2.72 65.33
C PHE D 297 -30.17 -3.08 64.03
N VAL D 298 -28.94 -3.58 64.10
CA VAL D 298 -28.21 -3.90 62.87
C VAL D 298 -28.66 -5.23 62.30
N SER D 299 -29.19 -6.13 63.12
CA SER D 299 -29.60 -7.45 62.66
C SER D 299 -30.96 -7.42 61.96
N VAL D 300 -31.65 -6.28 61.94
CA VAL D 300 -32.95 -6.17 61.29
C VAL D 300 -32.90 -5.36 60.00
N GLY D 301 -31.81 -4.65 59.73
CA GLY D 301 -31.67 -3.85 58.53
C GLY D 301 -31.41 -2.38 58.76
N LEU D 302 -31.50 -1.90 60.00
CA LEU D 302 -31.21 -0.50 60.28
C LEU D 302 -29.70 -0.26 60.28
N PRO D 303 -29.26 0.91 59.82
CA PRO D 303 -27.83 1.19 59.80
C PRO D 303 -27.28 1.41 61.20
N ASN D 304 -25.95 1.47 61.28
CA ASN D 304 -25.27 1.68 62.55
C ASN D 304 -25.35 3.14 62.97
N MET D 305 -24.87 3.42 64.18
CA MET D 305 -24.72 4.78 64.67
C MET D 305 -23.28 5.22 64.49
N THR D 306 -23.09 6.50 64.18
CA THR D 306 -21.76 7.01 63.86
C THR D 306 -20.90 7.10 65.11
N GLN D 307 -19.62 7.40 64.89
CA GLN D 307 -18.67 7.51 66.00
C GLN D 307 -18.85 8.80 66.80
N GLY D 308 -19.60 9.76 66.28
CA GLY D 308 -19.83 11.00 67.01
C GLY D 308 -20.78 10.87 68.19
N PHE D 309 -21.46 9.74 68.33
CA PHE D 309 -22.37 9.55 69.45
C PHE D 309 -21.63 9.16 70.72
N TRP D 310 -20.59 8.34 70.60
CA TRP D 310 -19.84 7.88 71.76
C TRP D 310 -18.81 8.89 72.26
N GLU D 311 -18.59 9.99 71.53
CA GLU D 311 -17.60 10.97 71.95
C GLU D 311 -18.16 11.89 73.03
N ASN D 312 -19.33 12.47 72.79
CA ASN D 312 -19.95 13.45 73.69
C ASN D 312 -21.34 12.94 74.08
N SER D 313 -21.40 12.14 75.13
CA SER D 313 -22.65 11.59 75.63
C SER D 313 -22.53 11.35 77.12
N MET D 314 -23.60 11.66 77.85
CA MET D 314 -23.62 11.49 79.30
C MET D 314 -23.90 10.03 79.63
N LEU D 315 -22.95 9.39 80.32
CA LEU D 315 -23.06 7.99 80.71
C LEU D 315 -23.47 7.84 82.18
N THR D 316 -22.75 8.50 83.08
CA THR D 316 -23.06 8.43 84.50
C THR D 316 -22.64 9.74 85.16
N ASP D 317 -23.17 9.97 86.36
CA ASP D 317 -22.86 11.18 87.12
C ASP D 317 -21.58 10.96 87.90
N PRO D 318 -20.51 11.73 87.66
CA PRO D 318 -19.27 11.54 88.40
C PRO D 318 -19.35 12.06 89.82
N GLY D 319 -20.01 11.31 90.70
CA GLY D 319 -20.13 11.72 92.08
C GLY D 319 -21.16 12.83 92.27
N ASN D 320 -20.98 13.61 93.34
CA ASN D 320 -21.87 14.70 93.67
C ASN D 320 -21.17 16.05 93.60
N VAL D 321 -20.18 16.17 92.71
CA VAL D 321 -19.45 17.43 92.58
C VAL D 321 -20.25 18.45 91.79
N GLN D 322 -20.87 18.03 90.69
CA GLN D 322 -21.69 18.90 89.86
C GLN D 322 -23.14 18.45 89.89
N LYS D 323 -24.05 19.41 89.71
CA LYS D 323 -25.48 19.13 89.73
C LYS D 323 -25.99 18.97 88.30
N ALA D 324 -26.67 17.86 88.03
CA ALA D 324 -27.17 17.53 86.70
C ALA D 324 -28.61 17.06 86.83
N VAL D 325 -29.55 17.82 86.28
CA VAL D 325 -30.97 17.48 86.33
C VAL D 325 -31.26 16.40 85.28
N CYS D 326 -32.25 15.56 85.58
CA CYS D 326 -32.63 14.44 84.72
C CYS D 326 -33.93 14.77 84.01
N HIS D 327 -33.88 14.85 82.69
CA HIS D 327 -35.06 14.91 81.85
C HIS D 327 -34.66 14.24 80.54
N PRO D 328 -35.36 13.19 80.13
CA PRO D 328 -35.00 12.51 78.87
C PRO D 328 -35.47 13.27 77.64
N THR D 329 -34.53 13.80 76.86
CA THR D 329 -34.87 14.54 75.65
C THR D 329 -33.75 14.40 74.63
N ALA D 330 -34.08 14.66 73.38
CA ALA D 330 -33.14 14.58 72.27
C ALA D 330 -32.78 15.98 71.78
N TRP D 331 -31.59 16.09 71.19
CA TRP D 331 -31.08 17.36 70.68
C TRP D 331 -30.50 17.13 69.29
N ASP D 332 -31.15 17.73 68.28
CA ASP D 332 -30.70 17.62 66.90
C ASP D 332 -29.73 18.77 66.63
N LEU D 333 -28.44 18.51 66.83
CA LEU D 333 -27.43 19.55 66.64
C LEU D 333 -27.18 19.85 65.17
N GLY D 334 -27.23 18.83 64.32
CA GLY D 334 -26.99 19.01 62.91
C GLY D 334 -25.58 18.61 62.51
N LYS D 335 -25.40 18.39 61.20
CA LYS D 335 -24.11 17.98 60.62
C LYS D 335 -23.61 16.69 61.26
N GLY D 336 -24.51 15.72 61.41
CA GLY D 336 -24.13 14.43 61.94
C GLY D 336 -23.83 14.41 63.42
N ASP D 337 -24.26 15.41 64.16
CA ASP D 337 -24.03 15.50 65.60
C ASP D 337 -25.31 15.11 66.32
N PHE D 338 -25.24 14.07 67.14
CA PHE D 338 -26.39 13.57 67.89
C PHE D 338 -25.97 13.31 69.33
N ARG D 339 -26.63 13.97 70.27
CA ARG D 339 -26.35 13.80 71.69
C ARG D 339 -27.59 13.28 72.40
N ILE D 340 -27.38 12.80 73.63
CA ILE D 340 -28.44 12.27 74.46
C ILE D 340 -28.11 12.59 75.91
N LEU D 341 -29.16 12.64 76.74
CA LEU D 341 -29.02 12.93 78.17
C LEU D 341 -29.74 11.83 78.94
N MET D 342 -28.98 10.95 79.58
CA MET D 342 -29.54 9.84 80.34
C MET D 342 -28.78 9.70 81.65
N CYS D 343 -29.52 9.68 82.76
CA CYS D 343 -28.96 9.43 84.09
C CYS D 343 -29.38 8.03 84.50
N THR D 344 -28.57 7.04 84.11
CA THR D 344 -28.93 5.63 84.24
C THR D 344 -28.96 5.19 85.69
N LYS D 345 -29.97 4.39 86.04
CA LYS D 345 -30.08 3.77 87.35
C LYS D 345 -30.47 2.31 87.16
N VAL D 346 -30.17 1.50 88.18
CA VAL D 346 -30.47 0.06 88.12
C VAL D 346 -31.90 -0.10 88.65
N THR D 347 -32.87 0.14 87.76
CA THR D 347 -34.28 0.02 88.08
C THR D 347 -35.02 -0.72 86.97
N MET D 348 -36.35 -0.74 87.04
CA MET D 348 -37.18 -1.38 86.02
C MET D 348 -37.66 -0.41 84.96
N ASP D 349 -37.97 0.84 85.34
CA ASP D 349 -38.46 1.82 84.37
C ASP D 349 -37.34 2.44 83.54
N ASP D 350 -36.09 2.33 83.98
CA ASP D 350 -34.98 2.88 83.22
C ASP D 350 -34.66 2.04 81.99
N PHE D 351 -35.02 0.75 82.00
CA PHE D 351 -34.75 -0.10 80.84
C PHE D 351 -35.71 0.20 79.69
N LEU D 352 -36.95 0.60 80.00
CA LEU D 352 -37.91 0.89 78.96
C LEU D 352 -37.61 2.23 78.27
N THR D 353 -37.12 3.21 79.03
CA THR D 353 -36.77 4.50 78.44
C THR D 353 -35.39 4.51 77.81
N ALA D 354 -34.57 3.48 78.06
CA ALA D 354 -33.27 3.40 77.41
C ALA D 354 -33.39 2.99 75.95
N HIS D 355 -34.44 2.25 75.60
CA HIS D 355 -34.69 1.88 74.22
C HIS D 355 -35.69 2.80 73.53
N HIS D 356 -36.52 3.50 74.30
CA HIS D 356 -37.45 4.45 73.71
C HIS D 356 -36.70 5.64 73.16
N GLU D 357 -35.97 6.34 74.02
CA GLU D 357 -35.22 7.51 73.59
C GLU D 357 -34.12 7.16 72.60
N MET D 358 -33.67 5.90 72.58
CA MET D 358 -32.69 5.48 71.59
C MET D 358 -33.31 5.42 70.19
N GLY D 359 -34.61 5.14 70.11
CA GLY D 359 -35.29 5.18 68.83
C GLY D 359 -35.44 6.56 68.24
N HIS D 360 -35.37 7.57 69.09
CA HIS D 360 -35.43 8.95 68.62
C HIS D 360 -34.16 9.24 67.82
N ILE D 361 -33.01 8.74 68.30
CA ILE D 361 -31.75 8.96 67.61
C ILE D 361 -31.71 8.20 66.29
N GLN D 362 -32.33 7.01 66.26
CA GLN D 362 -32.40 6.26 65.01
C GLN D 362 -33.30 6.96 63.98
N TYR D 363 -34.33 7.65 64.46
CA TYR D 363 -35.15 8.47 63.58
C TYR D 363 -34.50 9.79 63.21
N ASP D 364 -33.57 10.27 64.05
CA ASP D 364 -32.85 11.49 63.74
C ASP D 364 -31.75 11.26 62.71
N MET D 365 -31.24 10.04 62.60
CA MET D 365 -30.20 9.71 61.63
C MET D 365 -30.76 9.35 60.27
N ALA D 366 -32.08 9.39 60.08
CA ALA D 366 -32.67 9.06 58.78
C ALA D 366 -32.42 10.17 57.77
N TYR D 367 -32.70 11.42 58.17
CA TYR D 367 -32.48 12.57 57.29
C TYR D 367 -31.10 13.18 57.51
N ALA D 368 -30.07 12.35 57.40
CA ALA D 368 -28.71 12.83 57.63
C ALA D 368 -28.19 13.64 56.45
N ALA D 369 -28.55 13.28 55.22
CA ALA D 369 -28.13 13.99 54.03
C ALA D 369 -29.14 15.05 53.59
N GLN D 370 -30.04 15.45 54.49
CA GLN D 370 -31.08 16.40 54.15
C GLN D 370 -30.86 17.73 54.87
N PRO D 371 -31.23 18.85 54.25
CA PRO D 371 -31.00 20.17 54.86
C PRO D 371 -31.93 20.45 56.03
N PHE D 372 -31.84 21.66 56.57
CA PHE D 372 -32.66 22.05 57.72
C PHE D 372 -34.14 22.12 57.39
N LEU D 373 -34.52 22.29 56.13
CA LEU D 373 -35.92 22.44 55.73
C LEU D 373 -36.60 21.11 55.41
N LEU D 374 -36.06 19.99 55.90
CA LEU D 374 -36.69 18.68 55.72
C LEU D 374 -36.73 17.94 57.05
N ARG D 375 -37.20 18.64 58.09
CA ARG D 375 -37.33 18.06 59.42
C ARG D 375 -38.60 17.22 59.51
N ASN D 376 -39.01 16.86 60.72
CA ASN D 376 -40.21 16.07 60.91
C ASN D 376 -41.42 16.76 60.28
N GLY D 377 -42.40 15.95 59.88
CA GLY D 377 -43.52 16.44 59.09
C GLY D 377 -44.57 17.21 59.85
N ALA D 378 -45.84 17.05 59.45
CA ALA D 378 -46.91 17.84 60.03
C ALA D 378 -47.25 17.43 61.45
N ASN D 379 -46.89 16.23 61.87
CA ASN D 379 -47.17 15.74 63.22
C ASN D 379 -45.86 15.32 63.89
N GLU D 380 -45.73 15.66 65.16
CA GLU D 380 -44.56 15.29 65.95
C GLU D 380 -44.75 13.97 66.67
N GLY D 381 -45.82 13.23 66.36
CA GLY D 381 -46.03 11.92 66.95
C GLY D 381 -45.29 10.79 66.27
N PHE D 382 -44.63 11.06 65.14
CA PHE D 382 -43.85 10.03 64.47
C PHE D 382 -42.57 9.69 65.23
N HIS D 383 -42.07 10.61 66.07
CA HIS D 383 -40.89 10.32 66.85
C HIS D 383 -41.19 9.33 67.98
N GLU D 384 -42.33 9.50 68.63
CA GLU D 384 -42.70 8.62 69.74
C GLU D 384 -43.22 7.28 69.23
N ALA D 385 -43.76 7.26 68.02
CA ALA D 385 -44.35 6.02 67.49
C ALA D 385 -43.27 5.02 67.09
N VAL D 386 -42.26 5.47 66.35
CA VAL D 386 -41.20 4.58 65.91
C VAL D 386 -40.16 4.31 66.98
N GLY D 387 -40.23 4.99 68.13
CA GLY D 387 -39.27 4.80 69.19
C GLY D 387 -39.74 3.82 70.25
N GLU D 388 -41.05 3.63 70.36
CA GLU D 388 -41.62 2.73 71.35
C GLU D 388 -42.01 1.38 70.78
N ILE D 389 -41.99 1.21 69.45
CA ILE D 389 -42.28 -0.09 68.87
C ILE D 389 -41.11 -1.05 69.07
N MET D 390 -39.89 -0.53 69.17
CA MET D 390 -38.73 -1.36 69.46
C MET D 390 -38.58 -1.65 70.95
N SER D 391 -39.13 -0.79 71.81
CA SER D 391 -39.12 -1.07 73.24
C SER D 391 -40.11 -2.16 73.60
N LEU D 392 -41.26 -2.21 72.91
CA LEU D 392 -42.20 -3.29 73.13
C LEU D 392 -41.67 -4.61 72.58
N SER D 393 -40.88 -4.56 71.51
CA SER D 393 -40.25 -5.77 70.97
C SER D 393 -39.09 -6.24 71.83
N ALA D 394 -38.56 -5.38 72.71
CA ALA D 394 -37.49 -5.75 73.61
C ALA D 394 -37.98 -6.13 75.00
N ALA D 395 -39.25 -5.87 75.32
CA ALA D 395 -39.81 -6.22 76.61
C ALA D 395 -40.54 -7.56 76.60
N THR D 396 -40.68 -8.20 75.44
CA THR D 396 -41.32 -9.49 75.37
C THR D 396 -40.39 -10.58 75.90
N PRO D 397 -40.94 -11.62 76.53
CA PRO D 397 -40.09 -12.70 77.04
C PRO D 397 -39.38 -13.49 75.95
N LYS D 398 -39.83 -13.40 74.70
CA LYS D 398 -39.17 -14.13 73.62
C LYS D 398 -37.85 -13.48 73.23
N HIS D 399 -37.77 -12.15 73.29
CA HIS D 399 -36.53 -11.46 72.95
C HIS D 399 -35.50 -11.60 74.08
N LEU D 400 -35.95 -11.62 75.33
CA LEU D 400 -35.04 -11.76 76.45
C LEU D 400 -34.51 -13.18 76.59
N LYS D 401 -35.24 -14.17 76.08
CA LYS D 401 -34.77 -15.55 76.16
C LYS D 401 -33.76 -15.88 75.08
N SER D 402 -33.97 -15.36 73.86
CA SER D 402 -33.04 -15.61 72.77
C SER D 402 -31.75 -14.82 72.89
N ILE D 403 -31.75 -13.73 73.66
CA ILE D 403 -30.54 -12.92 73.83
C ILE D 403 -29.62 -13.48 74.89
N GLY D 404 -30.08 -14.42 75.71
CA GLY D 404 -29.25 -15.02 76.72
C GLY D 404 -29.37 -14.45 78.11
N LEU D 405 -30.48 -13.78 78.43
CA LEU D 405 -30.69 -13.19 79.75
C LEU D 405 -31.83 -13.83 80.52
N LEU D 406 -32.96 -14.08 79.89
CA LEU D 406 -34.09 -14.70 80.56
C LEU D 406 -33.89 -16.22 80.65
N SER D 407 -34.35 -16.79 81.76
CA SER D 407 -34.22 -18.22 81.97
C SER D 407 -35.23 -18.98 81.12
N PRO D 408 -34.85 -20.11 80.54
CA PRO D 408 -35.77 -20.86 79.67
C PRO D 408 -36.82 -21.67 80.42
N ASP D 409 -36.74 -21.75 81.75
CA ASP D 409 -37.73 -22.53 82.49
C ASP D 409 -39.06 -21.82 82.62
N PHE D 410 -39.09 -20.50 82.39
CA PHE D 410 -40.34 -19.74 82.50
C PHE D 410 -41.21 -20.04 81.29
N GLN D 411 -42.29 -20.77 81.51
CA GLN D 411 -43.23 -21.12 80.45
C GLN D 411 -44.27 -20.02 80.27
N GLU D 412 -44.97 -20.07 79.14
CA GLU D 412 -46.01 -19.10 78.79
C GLU D 412 -47.35 -19.83 78.79
N ASP D 413 -47.98 -19.90 79.96
CA ASP D 413 -49.27 -20.54 80.11
C ASP D 413 -50.38 -19.51 79.94
N ASN D 414 -51.61 -19.88 80.28
CA ASN D 414 -52.78 -19.02 80.13
C ASN D 414 -53.01 -18.11 81.34
N GLU D 415 -51.98 -17.90 82.16
CA GLU D 415 -52.08 -17.03 83.32
C GLU D 415 -51.04 -15.92 83.35
N THR D 416 -49.90 -16.10 82.69
CA THR D 416 -48.85 -15.09 82.67
C THR D 416 -48.86 -14.25 81.40
N GLU D 417 -49.64 -14.63 80.38
CA GLU D 417 -49.73 -13.85 79.16
C GLU D 417 -50.81 -12.77 79.22
N ILE D 418 -51.83 -12.95 80.06
CA ILE D 418 -52.87 -11.94 80.20
C ILE D 418 -52.38 -10.79 81.07
N ASN D 419 -51.47 -11.06 82.00
CA ASN D 419 -50.93 -10.00 82.85
C ASN D 419 -50.07 -9.02 82.07
N PHE D 420 -49.50 -9.45 80.95
CA PHE D 420 -48.72 -8.54 80.11
C PHE D 420 -49.60 -7.62 79.29
N LEU D 421 -50.84 -8.04 79.00
CA LEU D 421 -51.75 -7.19 78.24
C LEU D 421 -52.36 -6.10 79.10
N LEU D 422 -52.73 -6.43 80.34
CA LEU D 422 -53.31 -5.44 81.24
C LEU D 422 -52.26 -4.47 81.78
N LYS D 423 -50.99 -4.84 81.74
CA LYS D 423 -49.94 -3.93 82.19
C LYS D 423 -49.74 -2.79 81.20
N GLN D 424 -49.81 -3.08 79.90
CA GLN D 424 -49.65 -2.05 78.88
C GLN D 424 -50.90 -1.20 78.70
N ALA D 425 -52.05 -1.67 79.19
CA ALA D 425 -53.30 -0.93 79.04
C ALA D 425 -53.41 0.24 80.02
N LEU D 426 -52.56 0.28 81.05
CA LEU D 426 -52.62 1.38 82.00
C LEU D 426 -51.96 2.65 81.46
N THR D 427 -51.08 2.51 80.46
CA THR D 427 -50.37 3.65 79.89
C THR D 427 -50.83 4.01 78.49
N ILE D 428 -51.53 3.10 77.80
CA ILE D 428 -51.93 3.30 76.41
C ILE D 428 -53.44 3.45 76.27
N VAL D 429 -54.19 2.49 76.82
CA VAL D 429 -55.65 2.54 76.71
C VAL D 429 -56.24 3.55 77.69
N GLY D 430 -55.62 3.70 78.86
CA GLY D 430 -56.17 4.59 79.88
C GLY D 430 -56.08 6.06 79.54
N THR D 431 -55.22 6.44 78.60
CA THR D 431 -55.07 7.83 78.19
C THR D 431 -55.92 8.19 76.97
N LEU D 432 -56.62 7.21 76.38
CA LEU D 432 -57.44 7.46 75.21
C LEU D 432 -58.71 8.26 75.55
N PRO D 433 -59.43 7.93 76.63
CA PRO D 433 -60.56 8.78 77.02
C PRO D 433 -60.13 10.11 77.62
N PHE D 434 -58.93 10.19 78.19
CA PHE D 434 -58.46 11.47 78.72
C PHE D 434 -58.08 12.44 77.60
N THR D 435 -57.70 11.92 76.43
CA THR D 435 -57.34 12.79 75.32
C THR D 435 -58.57 13.45 74.71
N TYR D 436 -59.69 12.72 74.64
CA TYR D 436 -60.91 13.28 74.09
C TYR D 436 -61.51 14.35 75.01
N MET D 437 -61.29 14.23 76.32
CA MET D 437 -61.87 15.19 77.25
C MET D 437 -61.03 16.46 77.37
N LEU D 438 -59.70 16.32 77.31
CA LEU D 438 -58.84 17.49 77.45
C LEU D 438 -58.83 18.35 76.19
N GLU D 439 -58.94 17.72 75.01
CA GLU D 439 -58.84 18.47 73.77
C GLU D 439 -60.17 19.11 73.39
N LYS D 440 -61.28 18.41 73.58
CA LYS D 440 -62.57 18.97 73.21
C LYS D 440 -63.00 20.11 74.13
N TRP D 441 -62.52 20.12 75.38
CA TRP D 441 -62.79 21.25 76.26
C TRP D 441 -62.04 22.50 75.82
N ARG D 442 -60.83 22.33 75.30
CA ARG D 442 -60.06 23.46 74.81
C ARG D 442 -60.46 23.87 73.40
N TRP D 443 -61.02 22.96 72.61
CA TRP D 443 -61.44 23.30 71.26
C TRP D 443 -62.70 24.14 71.23
N MET D 444 -63.48 24.15 72.32
CA MET D 444 -64.70 24.93 72.39
C MET D 444 -64.56 26.20 73.20
N VAL D 445 -63.52 26.31 74.04
CA VAL D 445 -63.31 27.52 74.82
C VAL D 445 -62.56 28.59 74.04
N PHE D 446 -61.89 28.21 72.94
CA PHE D 446 -61.16 29.18 72.15
C PHE D 446 -62.10 29.98 71.22
N LYS D 447 -63.24 29.40 70.87
CA LYS D 447 -64.19 30.09 70.00
C LYS D 447 -64.91 31.20 70.76
N GLY D 448 -65.61 30.85 71.85
CA GLY D 448 -66.26 31.85 72.67
C GLY D 448 -67.77 31.67 72.79
N GLU D 449 -68.25 30.44 72.62
CA GLU D 449 -69.67 30.15 72.80
C GLU D 449 -70.04 29.83 74.24
N ILE D 450 -69.06 29.75 75.13
CA ILE D 450 -69.28 29.48 76.55
C ILE D 450 -68.77 30.67 77.34
N PRO D 451 -69.55 31.23 78.26
CA PRO D 451 -69.10 32.42 79.00
C PRO D 451 -68.02 32.08 80.02
N LYS D 452 -67.53 33.14 80.67
CA LYS D 452 -66.46 32.97 81.65
C LYS D 452 -66.95 32.34 82.94
N ASP D 453 -68.26 32.42 83.22
CA ASP D 453 -68.82 31.84 84.44
C ASP D 453 -69.27 30.40 84.25
N GLN D 454 -69.01 29.80 83.09
CA GLN D 454 -69.42 28.43 82.81
C GLN D 454 -68.25 27.57 82.36
N TRP D 455 -67.02 28.00 82.62
CA TRP D 455 -65.85 27.22 82.21
C TRP D 455 -65.62 26.04 83.14
N MET D 456 -65.87 26.22 84.43
CA MET D 456 -65.65 25.14 85.39
C MET D 456 -66.83 24.18 85.46
N LYS D 457 -68.06 24.69 85.29
CA LYS D 457 -69.23 23.82 85.36
C LYS D 457 -69.30 22.90 84.15
N LYS D 458 -68.88 23.39 82.98
CA LYS D 458 -68.77 22.55 81.80
C LYS D 458 -67.57 21.61 81.87
N TRP D 459 -66.59 21.92 82.70
CA TRP D 459 -65.43 21.05 82.85
C TRP D 459 -65.77 19.81 83.67
N TRP D 460 -66.54 19.98 84.75
CA TRP D 460 -66.91 18.86 85.61
C TRP D 460 -68.05 18.02 85.03
N GLU D 461 -68.81 18.57 84.07
CA GLU D 461 -69.93 17.84 83.51
C GLU D 461 -69.48 16.77 82.52
N MET D 462 -68.39 17.01 81.79
CA MET D 462 -67.88 16.05 80.83
C MET D 462 -66.94 15.03 81.46
N LYS D 463 -66.54 15.23 82.71
CA LYS D 463 -65.66 14.28 83.39
C LYS D 463 -66.42 13.10 83.99
N ARG D 464 -67.75 13.10 83.92
CA ARG D 464 -68.54 11.99 84.42
C ARG D 464 -69.11 11.13 83.32
N GLU D 465 -69.11 11.60 82.08
CA GLU D 465 -69.65 10.86 80.94
C GLU D 465 -68.58 10.38 79.97
N ILE D 466 -67.44 11.05 79.90
CA ILE D 466 -66.37 10.68 78.98
C ILE D 466 -65.37 9.78 79.68
N VAL D 467 -64.74 10.29 80.74
CA VAL D 467 -63.79 9.50 81.49
C VAL D 467 -64.45 8.79 82.68
N GLY D 468 -65.50 9.37 83.25
CA GLY D 468 -66.23 8.73 84.33
C GLY D 468 -65.53 8.81 85.67
N VAL D 469 -65.29 10.01 86.16
CA VAL D 469 -64.70 10.22 87.47
C VAL D 469 -65.69 10.97 88.34
N VAL D 470 -65.49 10.86 89.66
CA VAL D 470 -66.35 11.51 90.63
C VAL D 470 -65.49 12.39 91.53
N GLU D 471 -66.10 13.41 92.11
CA GLU D 471 -65.41 14.40 92.89
C GLU D 471 -65.92 14.40 94.33
N PRO D 472 -65.04 14.38 95.33
CA PRO D 472 -65.51 14.35 96.72
C PRO D 472 -65.98 15.71 97.20
N VAL D 473 -65.39 16.78 96.69
CA VAL D 473 -65.73 18.14 97.09
C VAL D 473 -66.05 18.93 95.83
N PRO D 474 -67.22 19.56 95.73
CA PRO D 474 -67.53 20.37 94.55
C PRO D 474 -66.73 21.66 94.54
N HIS D 475 -66.22 22.03 93.36
CA HIS D 475 -65.39 23.21 93.18
C HIS D 475 -66.15 24.24 92.37
N ASP D 476 -65.97 25.51 92.73
CA ASP D 476 -66.60 26.62 92.02
C ASP D 476 -65.67 27.11 90.91
N GLU D 477 -65.99 28.25 90.31
CA GLU D 477 -65.24 28.76 89.17
C GLU D 477 -63.92 29.42 89.56
N THR D 478 -63.64 29.54 90.86
CA THR D 478 -62.40 30.20 91.29
C THR D 478 -61.19 29.28 91.23
N TYR D 479 -61.39 27.98 91.00
CA TYR D 479 -60.28 27.05 90.87
C TYR D 479 -59.80 26.99 89.43
N CYS D 480 -58.54 26.56 89.27
CA CYS D 480 -57.92 26.40 87.96
C CYS D 480 -57.29 25.01 87.92
N ASP D 481 -58.10 24.01 87.56
CA ASP D 481 -57.67 22.61 87.56
C ASP D 481 -56.88 22.22 86.31
N PRO D 482 -57.36 22.48 85.08
CA PRO D 482 -56.70 21.91 83.91
C PRO D 482 -55.44 22.61 83.45
N ALA D 483 -54.98 23.64 84.17
CA ALA D 483 -53.74 24.34 83.83
C ALA D 483 -52.56 23.88 84.68
N SER D 484 -52.58 22.62 85.12
CA SER D 484 -51.49 22.05 85.91
C SER D 484 -50.80 20.91 85.16
N LEU D 485 -50.89 20.89 83.84
CA LEU D 485 -50.27 19.86 83.02
C LEU D 485 -48.97 20.37 82.42
N PHE D 486 -48.12 19.42 81.99
CA PHE D 486 -46.83 19.78 81.44
C PHE D 486 -46.94 20.40 80.05
N HIS D 487 -48.00 20.07 79.31
CA HIS D 487 -48.13 20.54 77.94
C HIS D 487 -48.90 21.85 77.83
N VAL D 488 -49.78 22.15 78.78
CA VAL D 488 -50.50 23.41 78.75
C VAL D 488 -49.69 24.53 79.37
N SER D 489 -48.69 24.21 80.20
CA SER D 489 -47.89 25.22 80.88
C SER D 489 -46.82 25.82 79.99
N ASN D 490 -46.48 25.18 78.86
CA ASN D 490 -45.42 25.66 77.99
C ASN D 490 -45.87 25.78 76.54
N ASP D 491 -47.19 25.84 76.31
CA ASP D 491 -47.76 25.95 74.97
C ASP D 491 -47.29 24.82 74.06
N TYR D 492 -47.58 23.60 74.50
CA TYR D 492 -47.26 22.40 73.75
C TYR D 492 -48.51 21.84 73.08
N SER D 493 -48.30 20.94 72.13
CA SER D 493 -49.39 20.33 71.38
C SER D 493 -49.92 19.12 72.13
N PHE D 494 -51.20 18.80 71.88
CA PHE D 494 -51.85 17.67 72.51
C PHE D 494 -52.47 16.70 71.51
N ILE D 495 -52.50 17.03 70.21
CA ILE D 495 -52.97 16.09 69.22
C ILE D 495 -51.98 14.97 69.02
N ARG D 496 -50.70 15.22 69.32
CA ARG D 496 -49.66 14.21 69.13
C ARG D 496 -49.83 13.00 70.04
N TYR D 497 -50.53 13.15 71.17
CA TYR D 497 -50.70 12.03 72.08
C TYR D 497 -51.74 11.03 71.57
N TYR D 498 -52.78 11.50 70.88
CA TYR D 498 -53.74 10.58 70.28
C TYR D 498 -53.21 9.93 69.01
N THR D 499 -52.21 10.53 68.37
CA THR D 499 -51.61 9.92 67.19
C THR D 499 -50.54 8.90 67.56
N ARG D 500 -49.78 9.16 68.62
CA ARG D 500 -48.74 8.22 69.04
C ARG D 500 -49.32 6.96 69.67
N THR D 501 -50.59 7.00 70.10
CA THR D 501 -51.25 5.82 70.65
C THR D 501 -51.89 4.95 69.58
N LEU D 502 -52.25 5.53 68.42
CA LEU D 502 -52.82 4.78 67.32
C LEU D 502 -51.78 4.38 66.28
N TYR D 503 -50.64 5.05 66.22
CA TYR D 503 -49.57 4.68 65.30
C TYR D 503 -48.63 3.64 65.87
N GLN D 504 -48.57 3.50 67.20
CA GLN D 504 -47.67 2.54 67.82
C GLN D 504 -48.16 1.11 67.63
N PHE D 505 -49.44 0.91 67.34
CA PHE D 505 -49.97 -0.42 67.09
C PHE D 505 -50.13 -0.72 65.60
N GLN D 506 -50.27 0.30 64.76
CA GLN D 506 -50.26 0.08 63.32
C GLN D 506 -48.87 -0.28 62.83
N PHE D 507 -47.82 0.21 63.51
CA PHE D 507 -46.46 -0.16 63.17
C PHE D 507 -46.06 -1.51 63.73
N GLN D 508 -46.71 -1.96 64.82
CA GLN D 508 -46.39 -3.25 65.42
C GLN D 508 -46.93 -4.41 64.59
N GLU D 509 -47.93 -4.18 63.74
CA GLU D 509 -48.50 -5.22 62.91
C GLU D 509 -47.98 -5.20 61.48
N ALA D 510 -47.45 -4.06 61.02
CA ALA D 510 -46.96 -3.93 59.65
C ALA D 510 -45.51 -4.36 59.48
N LEU D 511 -44.80 -4.67 60.57
CA LEU D 511 -43.40 -5.06 60.48
C LEU D 511 -43.19 -6.56 60.51
N CYS D 512 -44.15 -7.33 61.03
CA CYS D 512 -44.06 -8.79 61.02
C CYS D 512 -45.17 -9.44 60.21
N GLN D 513 -45.87 -8.68 59.38
CA GLN D 513 -46.86 -9.27 58.47
C GLN D 513 -46.18 -9.88 57.25
N ALA D 514 -45.03 -9.33 56.85
CA ALA D 514 -44.24 -9.90 55.77
C ALA D 514 -43.14 -10.82 56.28
N ALA D 515 -43.00 -10.97 57.59
CA ALA D 515 -42.03 -11.86 58.21
C ALA D 515 -42.62 -13.22 58.55
N LYS D 516 -43.59 -13.67 57.75
CA LYS D 516 -44.27 -14.96 57.92
C LYS D 516 -44.61 -15.25 59.40
N HIS D 517 -45.04 -14.22 60.11
CA HIS D 517 -45.50 -14.36 61.49
C HIS D 517 -47.02 -14.20 61.49
N GLU D 518 -47.72 -15.32 61.33
CA GLU D 518 -49.19 -15.33 61.31
C GLU D 518 -49.80 -15.63 62.66
N GLY D 519 -49.05 -15.46 63.75
CA GLY D 519 -49.55 -15.73 65.07
C GLY D 519 -50.26 -14.53 65.66
N PRO D 520 -50.36 -14.49 66.99
CA PRO D 520 -51.00 -13.36 67.66
C PRO D 520 -50.14 -12.10 67.57
N LEU D 521 -50.78 -10.97 67.83
CA LEU D 521 -50.09 -9.68 67.75
C LEU D 521 -49.25 -9.40 68.99
N HIS D 522 -49.59 -9.97 70.14
CA HIS D 522 -48.80 -9.77 71.35
C HIS D 522 -47.56 -10.65 71.40
N LYS D 523 -47.38 -11.55 70.43
CA LYS D 523 -46.19 -12.37 70.34
C LYS D 523 -45.36 -12.04 69.10
N CYS D 524 -45.67 -10.94 68.42
CA CYS D 524 -44.89 -10.54 67.24
C CYS D 524 -43.53 -10.01 67.65
N ASP D 525 -42.52 -10.33 66.82
CA ASP D 525 -41.17 -9.87 67.06
C ASP D 525 -40.47 -9.69 65.72
N ILE D 526 -39.51 -8.78 65.68
CA ILE D 526 -38.85 -8.39 64.44
C ILE D 526 -37.43 -8.92 64.38
N SER D 527 -37.11 -9.95 65.15
CA SER D 527 -35.78 -10.54 65.14
C SER D 527 -35.57 -11.39 63.89
N ASN D 528 -34.38 -11.28 63.31
CA ASN D 528 -33.97 -12.07 62.15
C ASN D 528 -34.92 -11.84 60.97
N SER D 529 -35.05 -10.57 60.58
CA SER D 529 -35.88 -10.18 59.44
C SER D 529 -35.23 -8.96 58.80
N THR D 530 -34.43 -9.19 57.76
CA THR D 530 -33.76 -8.13 57.04
C THR D 530 -34.62 -7.52 55.95
N GLU D 531 -35.66 -8.22 55.49
CA GLU D 531 -36.55 -7.66 54.47
C GLU D 531 -37.54 -6.68 55.07
N ALA D 532 -37.88 -6.83 56.35
CA ALA D 532 -38.80 -5.88 56.99
C ALA D 532 -38.12 -4.55 57.29
N GLY D 533 -36.79 -4.56 57.48
CA GLY D 533 -36.07 -3.33 57.74
C GLY D 533 -35.87 -2.45 56.52
N GLN D 534 -35.98 -3.01 55.32
CA GLN D 534 -35.80 -2.21 54.12
C GLN D 534 -37.05 -1.40 53.79
N LYS D 535 -38.23 -2.01 53.96
CA LYS D 535 -39.48 -1.30 53.70
C LYS D 535 -39.78 -0.27 54.79
N LEU D 536 -39.24 -0.45 55.99
CA LEU D 536 -39.45 0.51 57.06
C LEU D 536 -38.53 1.72 56.91
N PHE D 537 -37.25 1.49 56.59
CA PHE D 537 -36.30 2.59 56.46
C PHE D 537 -36.55 3.44 55.23
N ASN D 538 -37.36 2.96 54.28
CA ASN D 538 -37.61 3.71 53.06
C ASN D 538 -38.46 4.95 53.28
N MET D 539 -39.23 5.00 54.36
CA MET D 539 -40.10 6.13 54.63
C MET D 539 -39.71 6.94 55.86
N LEU D 540 -38.62 6.57 56.54
CA LEU D 540 -38.11 7.38 57.64
C LEU D 540 -37.33 8.58 57.15
N ARG D 541 -36.76 8.52 55.95
CA ARG D 541 -35.97 9.61 55.39
C ARG D 541 -36.81 10.58 54.57
N LEU D 542 -38.13 10.49 54.66
CA LEU D 542 -39.00 11.40 53.90
C LEU D 542 -39.05 12.78 54.55
N GLY D 543 -39.48 12.84 55.81
CA GLY D 543 -39.56 14.09 56.53
C GLY D 543 -40.80 14.89 56.21
N LYS D 544 -40.63 16.11 55.71
CA LYS D 544 -41.74 16.97 55.36
C LYS D 544 -41.97 17.06 53.86
N SER D 545 -41.31 16.20 53.08
CA SER D 545 -41.53 16.20 51.63
C SER D 545 -42.84 15.51 51.26
N GLU D 546 -43.17 14.42 51.95
CA GLU D 546 -44.40 13.68 51.71
C GLU D 546 -45.34 13.82 52.90
N PRO D 547 -46.64 14.00 52.66
CA PRO D 547 -47.59 14.09 53.76
C PRO D 547 -47.70 12.77 54.51
N TRP D 548 -48.36 12.83 55.68
CA TRP D 548 -48.49 11.65 56.51
C TRP D 548 -49.49 10.65 55.93
N THR D 549 -50.46 11.13 55.16
CA THR D 549 -51.46 10.24 54.57
C THR D 549 -50.91 9.46 53.37
N LEU D 550 -49.78 9.88 52.82
CA LEU D 550 -49.15 9.14 51.73
C LEU D 550 -48.05 8.20 52.21
N ALA D 551 -47.51 8.41 53.41
CA ALA D 551 -46.45 7.54 53.91
C ALA D 551 -47.00 6.23 54.45
N LEU D 552 -48.14 6.26 55.13
CA LEU D 552 -48.75 5.07 55.70
C LEU D 552 -49.60 4.30 54.70
N GLU D 553 -49.69 4.78 53.45
CA GLU D 553 -50.45 4.05 52.43
C GLU D 553 -49.71 2.80 51.99
N ASN D 554 -48.38 2.87 51.91
CA ASN D 554 -47.55 1.74 51.52
C ASN D 554 -47.08 0.91 52.72
N VAL D 555 -47.53 1.25 53.93
CA VAL D 555 -47.13 0.54 55.14
C VAL D 555 -48.27 -0.31 55.68
N VAL D 556 -49.41 0.31 56.00
CA VAL D 556 -50.56 -0.40 56.53
C VAL D 556 -51.71 -0.49 55.54
N GLY D 557 -51.66 0.23 54.44
CA GLY D 557 -52.71 0.17 53.44
C GLY D 557 -53.98 0.90 53.84
N ALA D 558 -53.86 2.06 54.47
CA ALA D 558 -55.02 2.83 54.88
C ALA D 558 -54.70 4.31 54.77
N LYS D 559 -55.70 5.10 54.36
CA LYS D 559 -55.50 6.54 54.23
C LYS D 559 -55.61 7.24 55.58
N ASN D 560 -56.59 6.86 56.41
CA ASN D 560 -56.78 7.42 57.73
C ASN D 560 -56.46 6.37 58.79
N MET D 561 -56.36 6.84 60.02
CA MET D 561 -56.02 5.96 61.14
C MET D 561 -57.25 5.18 61.60
N ASN D 562 -57.01 3.96 62.04
CA ASN D 562 -58.06 3.09 62.55
C ASN D 562 -57.54 2.33 63.76
N VAL D 563 -58.47 1.81 64.56
CA VAL D 563 -58.14 1.08 65.77
C VAL D 563 -58.27 -0.43 65.58
N ARG D 564 -58.18 -0.90 64.34
CA ARG D 564 -58.27 -2.33 64.06
C ARG D 564 -57.10 -3.10 64.65
N PRO D 565 -55.86 -2.59 64.57
CA PRO D 565 -54.78 -3.23 65.35
C PRO D 565 -54.96 -3.10 66.85
N LEU D 566 -55.64 -2.04 67.31
CA LEU D 566 -55.93 -1.90 68.73
C LEU D 566 -56.96 -2.92 69.19
N LEU D 567 -57.90 -3.29 68.32
CA LEU D 567 -58.90 -4.29 68.65
C LEU D 567 -58.36 -5.72 68.53
N ASN D 568 -57.24 -5.91 67.82
CA ASN D 568 -56.66 -7.24 67.64
C ASN D 568 -55.49 -7.51 68.55
N TYR D 569 -54.84 -6.46 69.10
CA TYR D 569 -53.73 -6.68 70.01
C TYR D 569 -54.22 -7.17 71.37
N PHE D 570 -55.37 -6.68 71.82
CA PHE D 570 -55.96 -7.07 73.09
C PHE D 570 -57.09 -8.08 72.91
N GLU D 571 -56.99 -8.95 71.90
CA GLU D 571 -58.02 -9.95 71.65
C GLU D 571 -58.05 -11.00 72.76
N PRO D 572 -56.90 -11.49 73.25
CA PRO D 572 -56.94 -12.30 74.47
C PRO D 572 -57.41 -11.52 75.69
N LEU D 573 -57.17 -10.20 75.71
CA LEU D 573 -57.68 -9.38 76.81
C LEU D 573 -59.18 -9.14 76.67
N PHE D 574 -59.69 -9.10 75.43
CA PHE D 574 -61.12 -8.91 75.23
C PHE D 574 -61.92 -10.16 75.62
N THR D 575 -61.31 -11.34 75.52
CA THR D 575 -61.96 -12.56 75.97
C THR D 575 -61.81 -12.77 77.48
N TRP D 576 -60.88 -12.05 78.12
CA TRP D 576 -60.70 -12.16 79.56
C TRP D 576 -61.58 -11.20 80.35
N LEU D 577 -62.02 -10.10 79.74
CA LEU D 577 -62.89 -9.16 80.42
C LEU D 577 -64.37 -9.55 80.35
N LYS D 578 -64.75 -10.41 79.40
CA LYS D 578 -66.14 -10.78 79.24
C LYS D 578 -66.55 -11.98 80.09
N ASP D 579 -65.61 -12.84 80.48
CA ASP D 579 -65.94 -14.02 81.28
C ASP D 579 -65.83 -13.77 82.77
N GLN D 580 -65.31 -12.62 83.19
CA GLN D 580 -65.15 -12.32 84.61
C GLN D 580 -66.23 -11.39 85.15
N ASN D 581 -66.90 -10.63 84.29
CA ASN D 581 -67.91 -9.66 84.71
C ASN D 581 -69.30 -10.25 84.58
N LYS D 582 -69.62 -11.16 85.50
CA LYS D 582 -70.95 -11.75 85.55
C LYS D 582 -71.86 -11.09 86.59
N ASN D 583 -71.29 -10.58 87.68
CA ASN D 583 -72.07 -10.01 88.76
C ASN D 583 -71.81 -8.53 89.00
N SER D 584 -70.85 -7.92 88.33
CA SER D 584 -70.55 -6.51 88.48
C SER D 584 -71.26 -5.71 87.40
N PHE D 585 -71.75 -4.54 87.77
CA PHE D 585 -72.47 -3.68 86.83
C PHE D 585 -71.49 -2.92 85.97
N VAL D 586 -71.75 -2.89 84.67
CA VAL D 586 -70.92 -2.18 83.70
C VAL D 586 -71.53 -0.81 83.45
N GLY D 587 -70.68 0.20 83.35
CA GLY D 587 -71.12 1.57 83.15
C GLY D 587 -70.93 2.41 84.41
N TRP D 588 -71.58 3.57 84.40
CA TRP D 588 -71.51 4.49 85.52
C TRP D 588 -72.77 5.34 85.56
N SER D 589 -72.92 6.08 86.65
CA SER D 589 -74.05 6.97 86.85
C SER D 589 -73.55 8.40 87.03
N THR D 590 -74.28 9.35 86.45
CA THR D 590 -73.89 10.76 86.50
C THR D 590 -74.40 11.48 87.73
N ASP D 591 -75.48 10.99 88.35
CA ASP D 591 -76.08 11.63 89.51
C ASP D 591 -75.55 11.10 90.84
N TRP D 592 -74.47 10.32 90.82
CA TRP D 592 -73.90 9.77 92.03
C TRP D 592 -72.80 10.68 92.56
N SER D 593 -72.79 10.88 93.88
CA SER D 593 -71.81 11.73 94.53
C SER D 593 -71.58 11.21 95.94
N PRO D 594 -70.33 11.21 96.43
CA PRO D 594 -70.07 10.71 97.79
C PRO D 594 -70.47 11.68 98.88
N TYR D 595 -70.61 12.96 98.58
CA TYR D 595 -70.99 13.96 99.57
C TYR D 595 -72.50 14.05 99.77
N ALA D 596 -73.28 13.31 98.99
CA ALA D 596 -74.73 13.32 99.12
C ALA D 596 -75.25 12.22 100.04
N ASP D 597 -74.39 11.29 100.46
CA ASP D 597 -74.81 10.22 101.36
C ASP D 597 -74.88 10.70 102.80
N VAL E 2 -14.36 54.53 43.35
CA VAL E 2 -14.32 55.43 44.49
C VAL E 2 -12.87 55.66 44.94
N GLN E 3 -12.70 56.30 46.09
CA GLN E 3 -11.39 56.63 46.61
C GLN E 3 -11.30 56.20 48.07
N LEU E 4 -10.13 55.67 48.45
CA LEU E 4 -9.86 55.25 49.81
C LEU E 4 -8.86 56.21 50.44
N VAL E 5 -9.24 56.80 51.57
CA VAL E 5 -8.40 57.76 52.28
C VAL E 5 -7.89 57.11 53.56
N GLU E 6 -6.60 57.25 53.81
CA GLU E 6 -5.95 56.67 54.99
C GLU E 6 -5.42 57.79 55.88
N SER E 7 -4.86 57.40 57.03
CA SER E 7 -4.30 58.35 57.96
C SER E 7 -2.92 58.81 57.48
N GLY E 8 -2.39 59.81 58.17
CA GLY E 8 -1.09 60.35 57.82
C GLY E 8 0.07 59.64 58.48
N ALA E 9 1.10 60.39 58.87
CA ALA E 9 2.26 59.80 59.52
C ALA E 9 1.96 59.48 60.97
N GLU E 10 2.60 58.43 61.48
CA GLU E 10 2.40 57.99 62.85
C GLU E 10 3.66 57.31 63.34
N VAL E 11 4.05 57.61 64.58
CA VAL E 11 5.22 57.02 65.21
C VAL E 11 4.80 56.40 66.53
N LYS E 12 5.50 55.34 66.93
CA LYS E 12 5.20 54.62 68.16
C LYS E 12 6.51 54.18 68.79
N LYS E 13 6.41 53.30 69.81
CA LYS E 13 7.55 52.79 70.56
C LYS E 13 7.90 51.37 70.12
N PRO E 14 9.16 50.97 70.27
CA PRO E 14 9.54 49.60 69.89
C PRO E 14 9.03 48.58 70.89
N GLY E 15 7.78 48.16 70.72
CA GLY E 15 7.15 47.23 71.65
C GLY E 15 5.75 47.65 72.04
N SER E 16 5.22 48.66 71.36
CA SER E 16 3.87 49.16 71.57
C SER E 16 2.97 48.72 70.42
N SER E 17 1.71 49.14 70.47
CA SER E 17 0.72 48.80 69.47
C SER E 17 0.41 50.02 68.62
N VAL E 18 0.18 49.79 67.32
CA VAL E 18 -0.16 50.84 66.37
C VAL E 18 -1.62 50.69 66.00
N LYS E 19 -2.31 51.83 65.86
CA LYS E 19 -3.74 51.86 65.57
C LYS E 19 -3.98 52.81 64.40
N VAL E 20 -4.05 52.26 63.19
CA VAL E 20 -4.37 53.03 62.00
C VAL E 20 -5.73 52.60 61.49
N SER E 21 -6.25 53.35 60.52
CA SER E 21 -7.59 53.14 60.00
C SER E 21 -7.58 53.12 58.49
N CYS E 22 -8.72 52.74 57.92
CA CYS E 22 -8.94 52.76 56.47
C CYS E 22 -10.37 53.25 56.22
N LYS E 23 -10.50 54.48 55.72
CA LYS E 23 -11.79 55.06 55.43
C LYS E 23 -12.11 54.94 53.94
N ALA E 24 -13.40 54.79 53.64
CA ALA E 24 -13.87 54.64 52.27
C ALA E 24 -14.84 55.77 51.96
N SER E 25 -14.69 56.38 50.79
CA SER E 25 -15.54 57.48 50.35
C SER E 25 -16.60 56.93 49.41
N GLY E 26 -17.83 56.86 49.88
CA GLY E 26 -18.94 56.38 49.07
C GLY E 26 -19.30 54.93 49.41
N GLY E 27 -19.41 54.10 48.37
CA GLY E 27 -19.81 52.73 48.55
C GLY E 27 -18.78 51.72 48.06
N THR E 28 -19.27 50.63 47.47
CA THR E 28 -18.46 49.50 46.96
C THR E 28 -17.29 49.18 47.90
N PHE E 29 -17.61 49.09 49.18
CA PHE E 29 -16.61 48.69 50.19
C PHE E 29 -17.13 47.49 50.97
N SER E 30 -18.45 47.36 51.08
CA SER E 30 -19.09 46.27 51.79
C SER E 30 -19.46 45.11 50.88
N SER E 31 -18.84 45.01 49.70
CA SER E 31 -19.12 43.94 48.76
C SER E 31 -17.88 43.22 48.24
N TYR E 32 -16.71 43.84 48.29
CA TYR E 32 -15.48 43.23 47.79
C TYR E 32 -14.47 43.07 48.92
N ALA E 33 -13.50 42.20 48.70
CA ALA E 33 -12.49 41.92 49.71
C ALA E 33 -11.49 43.07 49.82
N ILE E 34 -10.98 43.28 51.03
CA ILE E 34 -10.01 44.33 51.32
C ILE E 34 -8.77 43.67 51.91
N SER E 35 -7.62 43.94 51.31
CA SER E 35 -6.35 43.42 51.77
C SER E 35 -5.41 44.56 52.15
N TRP E 36 -4.25 44.20 52.68
CA TRP E 36 -3.25 45.18 53.11
C TRP E 36 -1.91 44.82 52.48
N VAL E 37 -1.39 45.73 51.67
CA VAL E 37 -0.10 45.55 51.00
C VAL E 37 0.88 46.56 51.56
N ARG E 38 2.05 46.08 51.98
CA ARG E 38 3.09 46.92 52.55
C ARG E 38 4.22 47.11 51.54
N GLN E 39 5.06 48.10 51.81
CA GLN E 39 6.19 48.42 50.95
C GLN E 39 7.28 49.08 51.77
N ALA E 40 8.50 48.54 51.70
CA ALA E 40 9.62 49.07 52.44
C ALA E 40 10.78 49.38 51.50
N PRO E 41 11.48 50.50 51.72
CA PRO E 41 12.62 50.85 50.87
C PRO E 41 13.80 49.91 51.12
N GLY E 42 14.20 49.18 50.09
CA GLY E 42 15.31 48.25 50.22
C GLY E 42 14.95 46.86 49.73
N GLN E 43 13.70 46.44 49.94
CA GLN E 43 13.25 45.13 49.51
C GLN E 43 11.99 45.25 48.66
N GLY E 44 11.37 44.11 48.34
CA GLY E 44 10.18 44.10 47.53
C GLY E 44 8.93 44.43 48.34
N LEU E 45 7.79 44.17 47.73
CA LEU E 45 6.49 44.41 48.35
C LEU E 45 5.95 43.10 48.92
N GLU E 46 5.55 43.12 50.18
CA GLU E 46 5.00 41.96 50.85
C GLU E 46 3.47 42.08 50.95
N TRP E 47 2.85 40.97 51.36
CA TRP E 47 1.39 40.90 51.49
C TRP E 47 1.06 40.22 52.80
N MET E 48 0.41 40.95 53.71
CA MET E 48 0.09 40.40 55.02
C MET E 48 -1.12 39.48 54.96
N GLY E 49 -2.26 40.01 54.54
CA GLY E 49 -3.46 39.19 54.45
C GLY E 49 -4.60 39.99 53.87
N GLY E 50 -5.70 39.28 53.63
CA GLY E 50 -6.91 39.91 53.11
C GLY E 50 -8.12 39.52 53.93
N ILE E 51 -8.99 40.50 54.15
CA ILE E 51 -10.17 40.33 55.00
C ILE E 51 -11.41 40.58 54.16
N ILE E 52 -12.38 39.68 54.26
CA ILE E 52 -13.68 39.86 53.62
C ILE E 52 -14.59 40.59 54.61
N PRO E 53 -15.29 41.64 54.18
CA PRO E 53 -16.11 42.42 55.13
C PRO E 53 -17.51 41.86 55.33
N ILE E 54 -17.99 41.05 54.39
CA ILE E 54 -19.35 40.55 54.47
C ILE E 54 -19.46 39.47 55.55
N LEU E 55 -18.65 38.43 55.46
CA LEU E 55 -18.70 37.34 56.42
C LEU E 55 -17.75 37.54 57.60
N GLY E 56 -16.75 38.41 57.46
CA GLY E 56 -15.82 38.66 58.55
C GLY E 56 -14.89 37.49 58.80
N ILE E 57 -14.25 37.00 57.74
CA ILE E 57 -13.35 35.85 57.80
C ILE E 57 -11.94 36.34 57.51
N ALA E 58 -11.00 35.99 58.39
CA ALA E 58 -9.61 36.38 58.21
C ALA E 58 -8.88 35.41 57.30
N ASN E 59 -7.93 35.94 56.54
CA ASN E 59 -7.13 35.12 55.62
C ASN E 59 -5.75 35.77 55.53
N TYR E 60 -4.81 35.24 56.32
CA TYR E 60 -3.45 35.75 56.35
C TYR E 60 -2.54 34.81 55.56
N ALA E 61 -1.24 35.06 55.62
CA ALA E 61 -0.23 34.24 54.95
C ALA E 61 0.55 33.45 56.00
N GLN E 62 1.31 32.46 55.51
CA GLN E 62 2.09 31.62 56.40
C GLN E 62 3.41 32.27 56.80
N LYS E 63 3.84 33.31 56.10
CA LYS E 63 5.07 34.01 56.46
C LYS E 63 4.88 34.95 57.65
N PHE E 64 3.66 35.40 57.91
CA PHE E 64 3.36 36.25 59.04
C PHE E 64 2.70 35.42 60.14
N GLN E 65 3.22 35.51 61.35
CA GLN E 65 2.71 34.73 62.47
C GLN E 65 1.49 35.44 63.06
N GLY E 66 0.98 34.90 64.17
CA GLY E 66 -0.20 35.46 64.81
C GLY E 66 0.10 36.66 65.68
N ARG E 67 0.42 37.79 65.06
CA ARG E 67 0.71 39.02 65.79
C ARG E 67 -0.05 40.24 65.26
N VAL E 68 -0.71 40.14 64.13
CA VAL E 68 -1.47 41.25 63.54
C VAL E 68 -2.90 40.80 63.33
N THR E 69 -3.85 41.67 63.68
CA THR E 69 -5.27 41.39 63.53
C THR E 69 -5.93 42.56 62.80
N ILE E 70 -6.76 42.24 61.81
CA ILE E 70 -7.47 43.24 61.01
C ILE E 70 -8.95 43.00 61.18
N THR E 71 -9.68 44.04 61.59
CA THR E 71 -11.11 43.99 61.78
C THR E 71 -11.82 44.89 60.78
N ALA E 72 -13.13 44.71 60.67
CA ALA E 72 -13.95 45.48 59.74
C ALA E 72 -15.20 45.96 60.46
N ASP E 73 -15.88 46.92 59.84
CA ASP E 73 -17.09 47.50 60.39
C ASP E 73 -18.10 47.71 59.27
N LYS E 74 -19.37 47.44 59.57
CA LYS E 74 -20.45 47.59 58.60
C LYS E 74 -21.32 48.81 58.84
N SER E 75 -21.22 49.43 60.02
CA SER E 75 -22.03 50.60 60.32
C SER E 75 -21.49 51.85 59.64
N THR E 76 -20.17 52.03 59.64
CA THR E 76 -19.54 53.18 59.02
C THR E 76 -18.62 52.83 57.87
N SER E 77 -18.50 51.55 57.52
CA SER E 77 -17.71 51.09 56.38
C SER E 77 -16.24 51.52 56.53
N THR E 78 -15.64 51.07 57.63
CA THR E 78 -14.23 51.37 57.92
C THR E 78 -13.52 50.09 58.33
N ALA E 79 -12.19 50.12 58.23
CA ALA E 79 -11.34 49.00 58.61
C ALA E 79 -10.22 49.49 59.53
N TYR E 80 -9.89 48.67 60.52
CA TYR E 80 -8.85 49.01 61.49
C TYR E 80 -7.73 47.98 61.42
N MET E 81 -6.53 48.42 61.79
CA MET E 81 -5.34 47.57 61.79
C MET E 81 -4.66 47.67 63.15
N GLU E 82 -4.43 46.51 63.77
CA GLU E 82 -3.77 46.44 65.07
C GLU E 82 -2.54 45.55 64.96
N LEU E 83 -1.40 46.07 65.41
CA LEU E 83 -0.14 45.32 65.37
C LEU E 83 0.70 45.71 66.57
N SER E 84 1.03 44.74 67.41
CA SER E 84 1.82 44.96 68.61
C SER E 84 3.18 44.28 68.46
N SER E 85 4.01 44.47 69.49
CA SER E 85 5.37 43.94 69.54
C SER E 85 6.15 44.29 68.27
N LEU E 86 6.31 45.58 68.05
CA LEU E 86 7.01 46.07 66.86
C LEU E 86 8.50 45.76 66.95
N ARG E 87 9.14 45.63 65.79
CA ARG E 87 10.55 45.34 65.69
C ARG E 87 11.27 46.49 64.97
N SER E 88 12.56 46.30 64.69
CA SER E 88 13.37 47.33 64.07
C SER E 88 13.20 47.42 62.57
N GLU E 89 12.53 46.44 61.94
CA GLU E 89 12.32 46.44 60.50
C GLU E 89 10.88 46.74 60.12
N ASP E 90 10.14 47.43 60.98
CA ASP E 90 8.75 47.78 60.71
C ASP E 90 8.62 49.18 60.09
N THR E 91 9.73 49.82 59.74
CA THR E 91 9.72 51.15 59.13
C THR E 91 9.33 51.00 57.67
N ALA E 92 8.02 51.00 57.42
CA ALA E 92 7.49 50.85 56.07
C ALA E 92 6.17 51.61 55.97
N VAL E 93 5.49 51.45 54.84
CA VAL E 93 4.21 52.11 54.59
C VAL E 93 3.21 51.05 54.17
N TYR E 94 1.98 51.15 54.68
CA TYR E 94 0.91 50.22 54.37
C TYR E 94 -0.11 50.87 53.45
N TYR E 95 -0.79 50.05 52.66
CA TYR E 95 -1.78 50.51 51.70
C TYR E 95 -3.06 49.71 51.86
N CYS E 96 -4.20 50.40 51.77
CA CYS E 96 -5.51 49.78 51.86
C CYS E 96 -6.00 49.51 50.44
N ALA E 97 -5.95 48.25 50.02
CA ALA E 97 -6.24 47.86 48.65
C ALA E 97 -7.59 47.15 48.55
N ARG E 98 -8.10 47.10 47.32
CA ARG E 98 -9.37 46.45 47.01
C ARG E 98 -9.13 45.35 45.98
N GLU E 99 -9.91 44.27 46.10
CA GLU E 99 -9.80 43.12 45.22
C GLU E 99 -11.08 42.95 44.43
N ASN E 100 -10.95 42.63 43.15
CA ASN E 100 -12.09 42.39 42.26
C ASN E 100 -11.83 41.09 41.51
N GLY E 101 -12.48 40.01 41.94
CA GLY E 101 -12.28 38.73 41.31
C GLY E 101 -12.98 38.63 39.97
N TYR E 102 -12.56 37.64 39.19
CA TYR E 102 -13.10 37.41 37.86
C TYR E 102 -13.06 35.90 37.59
N SER E 103 -13.35 35.53 36.34
CA SER E 103 -13.34 34.14 35.91
C SER E 103 -12.30 33.94 34.82
N GLY E 104 -11.76 32.74 34.76
CA GLY E 104 -10.75 32.41 33.77
C GLY E 104 -9.86 31.29 34.27
N TYR E 105 -8.91 30.91 33.42
CA TYR E 105 -8.00 29.82 33.77
C TYR E 105 -6.99 30.25 34.83
N GLY E 106 -6.61 31.52 34.84
CA GLY E 106 -5.68 32.02 35.83
C GLY E 106 -6.32 32.26 37.18
N ALA E 107 -7.29 33.18 37.23
CA ALA E 107 -8.04 33.52 38.44
C ALA E 107 -7.10 33.91 39.58
N ALA E 108 -6.36 34.99 39.34
CA ALA E 108 -5.42 35.53 40.33
C ALA E 108 -6.00 36.80 40.95
N ALA E 109 -5.59 37.07 42.19
CA ALA E 109 -6.07 38.23 42.91
C ALA E 109 -5.33 39.47 42.44
N ASN E 110 -6.06 40.45 41.92
CA ASN E 110 -5.50 41.70 41.44
C ASN E 110 -5.93 42.85 42.34
N PHE E 111 -5.13 43.91 42.35
CA PHE E 111 -5.38 45.10 43.16
C PHE E 111 -5.68 46.25 42.20
N ASP E 112 -6.96 46.45 41.89
CA ASP E 112 -7.35 47.52 40.97
C ASP E 112 -7.44 48.86 41.67
N LEU E 113 -7.91 48.87 42.92
CA LEU E 113 -8.06 50.10 43.70
C LEU E 113 -7.14 50.04 44.91
N TRP E 114 -6.39 51.12 45.11
CA TRP E 114 -5.45 51.23 46.22
C TRP E 114 -5.87 52.38 47.13
N GLY E 115 -5.10 52.56 48.20
CA GLY E 115 -5.33 53.62 49.16
C GLY E 115 -4.36 54.77 49.01
N ARG E 116 -4.23 55.55 50.07
CA ARG E 116 -3.32 56.70 50.08
C ARG E 116 -1.94 56.32 50.64
N GLY E 117 -1.91 55.79 51.85
CA GLY E 117 -0.66 55.39 52.47
C GLY E 117 -0.49 55.88 53.89
N THR E 118 0.07 55.04 54.75
CA THR E 118 0.28 55.37 56.16
C THR E 118 1.75 55.12 56.49
N LEU E 119 2.51 56.20 56.66
CA LEU E 119 3.93 56.10 57.00
C LEU E 119 4.06 55.76 58.48
N VAL E 120 4.37 54.50 58.77
CA VAL E 120 4.51 54.01 60.13
C VAL E 120 5.98 53.68 60.34
N THR E 121 6.71 54.58 60.99
CA THR E 121 8.11 54.38 61.33
C THR E 121 8.27 54.25 62.83
N VAL E 122 9.26 53.48 63.24
CA VAL E 122 9.54 53.24 64.66
C VAL E 122 11.03 53.11 64.87
N SER E 123 11.53 53.70 65.95
CA SER E 123 12.94 53.63 66.31
C SER E 123 13.07 54.09 67.76
N SER E 124 14.32 54.28 68.20
CA SER E 124 14.60 54.83 69.52
C SER E 124 14.62 56.36 69.43
N ALA E 125 15.07 57.03 70.49
CA ALA E 125 15.16 58.49 70.53
C ALA E 125 13.80 59.13 70.27
N SER E 126 12.89 58.88 71.20
CA SER E 126 11.49 59.27 71.05
C SER E 126 11.35 60.79 71.20
N THR E 127 10.11 61.27 71.24
CA THR E 127 9.85 62.70 71.21
C THR E 127 10.32 63.37 72.49
N LYS E 128 11.10 64.44 72.34
CA LYS E 128 11.58 65.23 73.46
C LYS E 128 11.52 66.70 73.06
N GLY E 129 12.05 67.56 73.92
CA GLY E 129 12.07 68.98 73.66
C GLY E 129 13.18 69.38 72.70
N PRO E 130 12.81 70.03 71.59
CA PRO E 130 13.81 70.44 70.61
C PRO E 130 14.59 71.66 71.07
N SER E 131 15.81 71.79 70.55
CA SER E 131 16.70 72.89 70.88
C SER E 131 17.18 73.53 69.59
N VAL E 132 16.88 74.82 69.42
CA VAL E 132 17.30 75.58 68.25
C VAL E 132 18.44 76.51 68.63
N PHE E 133 19.39 76.68 67.71
CA PHE E 133 20.55 77.51 67.94
C PHE E 133 20.68 78.51 66.80
N PRO E 134 20.83 79.80 67.09
CA PRO E 134 21.00 80.79 66.01
C PRO E 134 22.40 80.75 65.43
N LEU E 135 22.51 81.28 64.21
CA LEU E 135 23.76 81.29 63.47
C LEU E 135 24.00 82.69 62.92
N ALA E 136 25.18 83.24 63.20
CA ALA E 136 25.51 84.59 62.80
C ALA E 136 26.77 84.63 61.95
N PRO E 137 26.81 85.47 60.91
CA PRO E 137 28.01 85.58 60.11
C PRO E 137 29.07 86.45 60.77
N SER E 138 30.31 86.27 60.33
CA SER E 138 31.45 86.99 60.86
C SER E 138 32.00 87.96 59.81
N SER E 139 33.08 88.64 60.17
CA SER E 139 33.67 89.62 59.26
C SER E 139 34.44 88.94 58.12
N LYS E 140 34.94 87.73 58.36
CA LYS E 140 35.67 87.01 57.32
C LYS E 140 34.73 86.23 56.40
N SER E 141 33.59 85.77 56.92
CA SER E 141 32.65 85.00 56.12
C SER E 141 31.90 85.87 55.11
N THR E 142 31.91 87.19 55.28
CA THR E 142 31.21 88.11 54.39
C THR E 142 32.25 89.00 53.72
N SER E 143 32.50 88.75 52.43
CA SER E 143 33.46 89.54 51.66
C SER E 143 32.80 90.54 50.73
N GLY E 144 31.57 90.26 50.28
CA GLY E 144 30.87 91.17 49.41
C GLY E 144 29.66 91.81 50.07
N GLY E 145 28.57 91.95 49.31
CA GLY E 145 27.36 92.54 49.84
C GLY E 145 26.27 91.53 50.10
N THR E 146 26.66 90.30 50.44
CA THR E 146 25.71 89.22 50.71
C THR E 146 26.24 88.39 51.87
N ALA E 147 25.42 88.24 52.91
CA ALA E 147 25.78 87.47 54.09
C ALA E 147 24.83 86.28 54.24
N ALA E 148 25.35 85.19 54.80
CA ALA E 148 24.60 83.97 55.00
C ALA E 148 24.40 83.73 56.50
N LEU E 149 23.16 83.50 56.90
CA LEU E 149 22.84 83.23 58.29
C LEU E 149 21.51 82.48 58.35
N GLY E 150 21.24 81.90 59.51
CA GLY E 150 20.00 81.15 59.68
C GLY E 150 19.88 80.59 61.07
N CYS E 151 19.09 79.53 61.19
CA CYS E 151 18.84 78.87 62.47
CA CYS E 151 18.84 78.87 62.47
C CYS E 151 18.98 77.37 62.28
N LEU E 152 19.64 76.72 63.25
CA LEU E 152 19.88 75.29 63.22
C LEU E 152 19.00 74.60 64.25
N VAL E 153 18.34 73.52 63.85
CA VAL E 153 17.44 72.76 64.71
C VAL E 153 18.11 71.44 65.04
N LYS E 154 18.30 71.19 66.34
CA LYS E 154 18.93 69.98 66.83
C LYS E 154 18.01 69.27 67.81
N ASP E 155 18.21 67.96 67.93
CA ASP E 155 17.50 67.08 68.87
C ASP E 155 15.99 67.33 68.86
N TYR E 156 15.41 67.15 67.68
CA TYR E 156 13.98 67.26 67.48
C TYR E 156 13.40 65.93 67.01
N PHE E 157 12.14 65.68 67.38
CA PHE E 157 11.45 64.44 67.04
C PHE E 157 9.97 64.62 67.31
N PRO E 158 9.08 64.10 66.46
CA PRO E 158 9.36 63.42 65.19
C PRO E 158 9.11 64.29 63.96
N GLU E 159 9.20 63.68 62.78
CA GLU E 159 8.88 64.34 61.53
C GLU E 159 7.37 64.41 61.33
N PRO E 160 6.87 65.39 60.56
CA PRO E 160 7.61 66.47 59.90
C PRO E 160 7.56 67.79 60.67
N VAL E 161 8.65 68.56 60.60
CA VAL E 161 8.75 69.86 61.24
C VAL E 161 9.06 70.90 60.18
N THR E 162 8.31 72.00 60.20
CA THR E 162 8.49 73.10 59.26
C THR E 162 9.18 74.28 59.94
N VAL E 163 9.80 75.12 59.11
CA VAL E 163 10.52 76.30 59.58
C VAL E 163 10.01 77.51 58.81
N SER E 164 9.53 78.51 59.53
CA SER E 164 9.01 79.74 58.94
C SER E 164 9.93 80.90 59.25
N TRP E 165 9.98 81.87 58.34
CA TRP E 165 10.81 83.06 58.47
C TRP E 165 9.89 84.28 58.55
N ASN E 166 9.86 84.92 59.72
CA ASN E 166 9.04 86.12 59.95
C ASN E 166 7.57 85.84 59.68
N SER E 167 7.10 84.68 60.14
CA SER E 167 5.70 84.26 59.97
C SER E 167 5.31 84.23 58.49
N GLY E 168 6.23 83.75 57.65
CA GLY E 168 5.96 83.63 56.23
C GLY E 168 6.16 84.90 55.43
N ALA E 169 6.78 85.92 56.00
CA ALA E 169 7.00 87.17 55.28
C ALA E 169 8.21 87.12 54.36
N LEU E 170 9.07 86.12 54.49
CA LEU E 170 10.26 85.97 53.67
C LEU E 170 10.05 84.79 52.73
N THR E 171 10.10 85.05 51.42
CA THR E 171 9.92 84.03 50.41
C THR E 171 11.13 83.85 49.50
N SER E 172 11.74 84.94 49.04
CA SER E 172 12.89 84.86 48.16
C SER E 172 14.16 84.63 48.97
N GLY E 173 14.87 83.56 48.65
CA GLY E 173 16.14 83.25 49.30
C GLY E 173 16.08 82.27 50.44
N VAL E 174 14.96 81.57 50.63
CA VAL E 174 14.83 80.60 51.70
C VAL E 174 15.17 79.21 51.17
N HIS E 175 15.77 78.39 52.02
CA HIS E 175 16.15 77.03 51.65
C HIS E 175 16.04 76.14 52.87
N THR E 176 15.24 75.09 52.79
CA THR E 176 15.02 74.16 53.89
C THR E 176 15.76 72.87 53.60
N PHE E 177 16.67 72.49 54.51
CA PHE E 177 17.45 71.27 54.36
C PHE E 177 16.73 70.10 55.03
N PRO E 178 16.81 68.90 54.44
CA PRO E 178 16.12 67.74 55.00
C PRO E 178 16.84 67.22 56.24
N ALA E 179 16.32 66.12 56.78
CA ALA E 179 16.86 65.51 57.98
C ALA E 179 17.86 64.41 57.60
N VAL E 180 18.46 63.80 58.62
CA VAL E 180 19.43 62.73 58.42
C VAL E 180 19.42 61.83 59.65
N LEU E 181 19.57 60.52 59.42
CA LEU E 181 19.66 59.58 60.53
C LEU E 181 20.98 59.73 61.26
N GLN E 182 20.95 59.61 62.58
CA GLN E 182 22.12 59.70 63.43
C GLN E 182 22.44 58.34 64.02
N SER E 183 23.55 58.28 64.76
CA SER E 183 23.93 57.03 65.42
C SER E 183 23.01 56.74 66.61
N SER E 184 22.42 57.78 67.20
CA SER E 184 21.47 57.63 68.29
C SER E 184 20.03 57.49 67.82
N GLY E 185 19.79 57.60 66.52
CA GLY E 185 18.43 57.53 66.00
C GLY E 185 17.70 58.85 65.99
N LEU E 186 18.40 59.95 65.74
CA LEU E 186 17.84 61.29 65.82
C LEU E 186 18.10 62.01 64.51
N TYR E 187 17.56 63.23 64.38
CA TYR E 187 17.61 63.98 63.13
C TYR E 187 18.12 65.39 63.39
N SER E 188 18.47 66.08 62.30
CA SER E 188 18.96 67.45 62.37
C SER E 188 18.78 68.09 60.99
N LEU E 189 18.26 69.31 60.97
CA LEU E 189 18.01 70.04 59.74
C LEU E 189 18.68 71.42 59.80
N SER E 190 18.63 72.15 58.69
CA SER E 190 19.20 73.48 58.61
C SER E 190 18.33 74.36 57.72
N SER E 191 18.44 75.68 57.93
CA SER E 191 17.67 76.65 57.15
C SER E 191 18.45 77.95 57.13
N VAL E 192 18.97 78.33 55.97
CA VAL E 192 19.77 79.54 55.81
C VAL E 192 19.12 80.42 54.75
N VAL E 193 19.39 81.72 54.85
CA VAL E 193 18.89 82.72 53.92
C VAL E 193 20.04 83.60 53.46
N THR E 194 19.77 84.40 52.42
CA THR E 194 20.75 85.32 51.85
C THR E 194 20.14 86.72 51.83
N VAL E 195 20.74 87.63 52.59
CA VAL E 195 20.25 89.00 52.69
C VAL E 195 21.41 89.97 52.44
N PRO E 196 21.14 91.17 51.92
CA PRO E 196 22.23 92.14 51.75
C PRO E 196 22.77 92.61 53.09
N SER E 197 24.03 93.06 53.07
CA SER E 197 24.72 93.45 54.29
C SER E 197 24.22 94.76 54.87
N SER E 198 23.49 95.57 54.10
CA SER E 198 22.98 96.84 54.59
C SER E 198 21.77 96.69 55.48
N SER E 199 21.15 95.51 55.54
CA SER E 199 19.95 95.27 56.32
C SER E 199 20.21 94.49 57.60
N LEU E 200 21.48 94.29 57.98
CA LEU E 200 21.80 93.57 59.20
C LEU E 200 21.69 94.44 60.44
N GLY E 201 21.66 95.76 60.29
CA GLY E 201 21.61 96.65 61.44
C GLY E 201 20.27 97.34 61.62
N THR E 202 19.34 97.13 60.69
CA THR E 202 18.03 97.76 60.76
C THR E 202 16.88 96.76 60.89
N GLN E 203 16.88 95.70 60.07
CA GLN E 203 15.81 94.71 60.08
C GLN E 203 16.33 93.41 60.67
N THR E 204 15.55 92.82 61.58
CA THR E 204 15.93 91.61 62.28
C THR E 204 15.32 90.38 61.61
N TYR E 205 15.99 89.23 61.81
CA TYR E 205 15.55 87.95 61.28
C TYR E 205 15.30 87.01 62.44
N ILE E 206 14.09 86.48 62.53
CA ILE E 206 13.66 85.65 63.65
C ILE E 206 13.06 84.36 63.09
N CYS E 207 13.55 83.23 63.60
CA CYS E 207 13.06 81.93 63.16
CA CYS E 207 13.07 81.91 63.17
C CYS E 207 11.96 81.42 64.08
N ASN E 208 10.92 80.84 63.47
CA ASN E 208 9.78 80.29 64.19
C ASN E 208 9.61 78.83 63.78
N VAL E 209 9.70 77.93 64.76
CA VAL E 209 9.62 76.49 64.52
C VAL E 209 8.28 75.99 65.04
N ASN E 210 7.58 75.20 64.23
CA ASN E 210 6.30 74.62 64.59
C ASN E 210 6.43 73.11 64.61
N HIS E 211 6.22 72.51 65.77
CA HIS E 211 6.31 71.06 65.97
C HIS E 211 4.96 70.60 66.51
N LYS E 212 4.04 70.28 65.61
CA LYS E 212 2.66 69.94 65.97
C LYS E 212 2.51 68.63 66.74
N PRO E 213 3.37 67.62 66.59
CA PRO E 213 3.21 66.42 67.44
C PRO E 213 3.61 66.66 68.89
N SER E 214 4.55 67.55 69.16
CA SER E 214 4.96 67.85 70.53
C SER E 214 4.38 69.14 71.07
N ASN E 215 3.77 69.97 70.20
CA ASN E 215 3.13 71.22 70.61
C ASN E 215 4.13 72.16 71.31
N THR E 216 5.28 72.35 70.67
CA THR E 216 6.31 73.26 71.15
C THR E 216 6.62 74.29 70.07
N LYS E 217 6.52 75.57 70.44
CA LYS E 217 6.82 76.67 69.53
C LYS E 217 7.86 77.56 70.20
N VAL E 218 9.12 77.44 69.77
CA VAL E 218 10.22 78.20 70.33
C VAL E 218 10.51 79.38 69.42
N ASP E 219 10.56 80.58 69.99
CA ASP E 219 10.79 81.81 69.25
C ASP E 219 12.10 82.41 69.76
N LYS E 220 13.15 82.29 68.96
CA LYS E 220 14.49 82.71 69.36
C LYS E 220 14.95 83.91 68.56
N LYS E 221 15.92 84.62 69.11
CA LYS E 221 16.46 85.84 68.52
C LYS E 221 17.79 85.54 67.83
N VAL E 222 18.04 86.24 66.73
CA VAL E 222 19.29 86.11 65.97
C VAL E 222 19.99 87.46 65.99
N GLU E 223 21.24 87.46 66.45
CA GLU E 223 22.04 88.67 66.52
C GLU E 223 23.43 88.42 65.95
N PRO E 224 24.01 89.40 65.26
CA PRO E 224 25.36 89.22 64.72
C PRO E 224 26.41 89.26 65.82
N LYS E 225 27.48 88.51 65.58
CA LYS E 225 28.58 88.46 66.54
C LYS E 225 29.36 89.77 66.54
N SER E 226 29.89 90.12 67.71
CA SER E 226 30.62 91.36 67.88
C SER E 226 32.13 91.21 67.80
N CYS E 227 32.66 90.01 68.06
CA CYS E 227 34.10 89.84 68.04
C CYS E 227 34.64 89.66 66.62
N ASP E 228 33.84 89.15 65.71
CA ASP E 228 34.25 89.03 64.31
C ASP E 228 33.08 89.26 63.37
N SER F 2 11.90 37.08 47.00
CA SER F 2 11.92 35.72 47.52
C SER F 2 11.96 34.70 46.39
N VAL F 3 10.77 34.20 46.01
CA VAL F 3 10.68 33.22 44.92
C VAL F 3 10.71 33.87 43.56
N LEU F 4 10.51 35.18 43.47
CA LEU F 4 10.49 35.90 42.21
C LEU F 4 11.70 36.83 42.16
N THR F 5 12.51 36.68 41.13
CA THR F 5 13.70 37.50 40.93
C THR F 5 13.51 38.42 39.73
N GLN F 6 14.21 39.55 39.76
CA GLN F 6 14.10 40.55 38.72
C GLN F 6 15.47 41.21 38.53
N PRO F 7 15.76 41.71 37.32
CA PRO F 7 17.02 42.41 37.12
C PRO F 7 17.05 43.72 37.89
N PRO F 8 18.22 44.16 38.34
CA PRO F 8 18.27 45.38 39.15
C PRO F 8 18.10 46.66 38.33
N SER F 9 18.54 46.64 37.08
CA SER F 9 18.47 47.82 36.23
C SER F 9 18.48 47.41 34.77
N VAL F 10 17.87 48.24 33.92
CA VAL F 10 17.81 48.01 32.49
C VAL F 10 18.02 49.35 31.77
N SER F 11 18.74 49.30 30.66
CA SER F 11 19.02 50.48 29.86
C SER F 11 18.13 50.51 28.62
N GLY F 12 17.83 51.72 28.16
CA GLY F 12 17.00 51.89 26.99
C GLY F 12 17.21 53.25 26.35
N ALA F 13 16.67 53.39 25.16
CA ALA F 13 16.74 54.64 24.41
C ALA F 13 15.35 55.21 24.16
N PRO F 14 15.21 56.53 24.15
CA PRO F 14 13.88 57.12 23.95
C PRO F 14 13.40 57.03 22.51
N GLY F 15 12.77 55.92 22.16
CA GLY F 15 12.23 55.74 20.82
C GLY F 15 12.30 54.32 20.30
N GLN F 16 12.99 53.44 21.01
CA GLN F 16 13.06 52.02 20.65
C GLN F 16 12.22 51.21 21.64
N ARG F 17 12.20 49.90 21.40
CA ARG F 17 11.39 48.98 22.20
C ARG F 17 12.20 48.48 23.39
N VAL F 18 11.63 48.61 24.59
CA VAL F 18 12.27 48.17 25.83
C VAL F 18 11.44 47.04 26.40
N THR F 19 12.06 45.88 26.58
CA THR F 19 11.38 44.69 27.07
C THR F 19 11.98 44.30 28.42
N ILE F 20 11.14 43.68 29.25
CA ILE F 20 11.55 43.20 30.56
C ILE F 20 11.05 41.76 30.74
N SER F 21 11.78 41.00 31.54
CA SER F 21 11.52 39.58 31.72
C SER F 21 11.34 39.28 33.19
N CYS F 22 10.43 38.35 33.47
CA CYS F 22 10.08 38.00 34.84
C CYS F 22 10.15 36.48 34.98
N THR F 23 11.02 36.01 35.87
CA THR F 23 11.26 34.59 36.06
C THR F 23 10.92 34.20 37.49
N GLY F 24 10.25 33.06 37.63
CA GLY F 24 9.91 32.54 38.94
C GLY F 24 10.08 31.04 39.05
N SER F 25 9.06 30.35 39.53
CA SER F 25 9.07 28.90 39.65
C SER F 25 7.93 28.32 38.81
N SER F 26 7.75 27.01 38.90
CA SER F 26 6.70 26.31 38.15
C SER F 26 5.43 26.10 38.96
N SER F 27 5.29 26.80 40.09
CA SER F 27 4.11 26.66 40.94
C SER F 27 3.33 27.95 41.14
N ASN F 28 3.90 29.10 40.78
CA ASN F 28 3.25 30.40 40.95
C ASN F 28 2.95 31.10 39.64
N ILE F 29 3.90 31.10 38.71
CA ILE F 29 3.72 31.71 37.40
C ILE F 29 3.55 30.68 36.31
N GLY F 30 4.30 29.58 36.35
CA GLY F 30 4.20 28.54 35.37
C GLY F 30 3.09 27.54 35.58
N ALA F 31 2.40 27.60 36.73
CA ALA F 31 1.33 26.65 37.00
C ALA F 31 0.06 26.97 36.22
N GLY F 32 -0.18 28.24 35.91
CA GLY F 32 -1.37 28.63 35.17
C GLY F 32 -2.00 29.91 35.69
N TYR F 33 -1.46 30.45 36.78
CA TYR F 33 -1.99 31.68 37.34
C TYR F 33 -1.63 32.87 36.47
N ASP F 34 -2.52 33.87 36.47
CA ASP F 34 -2.28 35.09 35.73
C ASP F 34 -1.30 35.99 36.48
N VAL F 35 -0.63 36.85 35.73
CA VAL F 35 0.35 37.78 36.28
C VAL F 35 -0.22 39.18 36.25
N HIS F 36 0.25 40.02 37.17
CA HIS F 36 -0.18 41.41 37.28
C HIS F 36 1.04 42.30 37.42
N TRP F 37 1.11 43.34 36.59
CA TRP F 37 2.21 44.27 36.58
C TRP F 37 1.76 45.60 37.20
N TYR F 38 2.62 46.18 38.04
CA TYR F 38 2.33 47.43 38.71
C TYR F 38 3.48 48.41 38.51
N GLN F 39 3.20 49.69 38.73
CA GLN F 39 4.18 50.76 38.60
C GLN F 39 4.27 51.49 39.93
N GLN F 40 5.47 51.54 40.49
CA GLN F 40 5.72 52.13 41.80
C GLN F 40 6.43 53.47 41.60
N LEU F 41 5.64 54.53 41.56
CA LEU F 41 6.20 55.87 41.41
C LEU F 41 6.64 56.40 42.78
N PRO F 42 7.87 56.89 42.91
CA PRO F 42 8.34 57.40 44.21
C PRO F 42 7.72 58.74 44.59
N GLY F 43 6.54 58.69 45.20
CA GLY F 43 5.85 59.90 45.60
C GLY F 43 4.34 59.84 45.46
N THR F 44 3.83 58.72 44.97
CA THR F 44 2.39 58.52 44.88
C THR F 44 2.10 57.02 45.05
N ALA F 45 0.81 56.71 45.19
CA ALA F 45 0.41 55.32 45.39
C ALA F 45 0.40 54.58 44.06
N PRO F 46 0.77 53.30 44.04
CA PRO F 46 0.74 52.53 42.79
C PRO F 46 -0.69 52.23 42.37
N LYS F 47 -0.88 52.13 41.07
CA LYS F 47 -2.17 51.84 40.47
C LYS F 47 -2.10 50.57 39.64
N LEU F 48 -3.22 50.19 39.04
CA LEU F 48 -3.31 49.00 38.21
C LEU F 48 -3.00 49.36 36.77
N LEU F 49 -2.15 48.57 36.13
CA LEU F 49 -1.77 48.78 34.74
C LEU F 49 -2.40 47.78 33.80
N ILE F 50 -2.23 46.48 34.05
CA ILE F 50 -2.78 45.43 33.21
C ILE F 50 -2.97 44.18 34.06
N TYR F 51 -4.13 43.54 33.89
CA TYR F 51 -4.47 42.32 34.62
C TYR F 51 -4.78 41.22 33.62
N GLY F 52 -4.22 40.03 33.85
CA GLY F 52 -4.44 38.89 32.99
C GLY F 52 -3.71 38.91 31.66
N ASN F 53 -2.98 39.99 31.37
CA ASN F 53 -2.21 40.14 30.13
C ASN F 53 -3.08 40.03 28.88
N SER F 54 -4.39 40.21 29.02
CA SER F 54 -5.29 40.17 27.89
C SER F 54 -6.30 41.30 27.83
N ASN F 55 -6.60 41.97 28.94
CA ASN F 55 -7.57 43.05 28.97
C ASN F 55 -6.86 44.38 29.23
N ARG F 56 -7.61 45.47 29.00
CA ARG F 56 -7.08 46.81 29.18
C ARG F 56 -7.99 47.60 30.13
N PRO F 57 -7.49 48.03 31.28
CA PRO F 57 -8.33 48.83 32.19
C PRO F 57 -8.55 50.24 31.64
N SER F 58 -9.41 50.97 32.33
CA SER F 58 -9.74 52.34 31.94
C SER F 58 -8.73 53.31 32.51
N GLY F 59 -8.18 54.16 31.64
CA GLY F 59 -7.21 55.17 32.04
C GLY F 59 -5.77 54.82 31.75
N VAL F 60 -5.49 53.67 31.16
CA VAL F 60 -4.13 53.26 30.84
C VAL F 60 -3.90 53.33 29.34
N PRO F 61 -2.76 53.82 28.87
CA PRO F 61 -2.49 53.82 27.43
C PRO F 61 -2.31 52.41 26.90
N ASP F 62 -2.39 52.30 25.57
CA ASP F 62 -2.28 51.02 24.88
C ASP F 62 -0.84 50.67 24.52
N ARG F 63 0.14 51.45 24.99
CA ARG F 63 1.53 51.18 24.66
C ARG F 63 2.12 50.03 25.46
N PHE F 64 1.48 49.65 26.56
CA PHE F 64 1.96 48.52 27.37
C PHE F 64 1.43 47.22 26.80
N SER F 65 2.31 46.24 26.64
CA SER F 65 1.97 44.93 26.10
C SER F 65 2.48 43.86 27.05
N GLY F 66 1.58 43.00 27.50
CA GLY F 66 1.94 41.91 28.41
C GLY F 66 1.67 40.56 27.76
N SER F 67 2.59 39.62 27.99
CA SER F 67 2.46 38.28 27.43
C SER F 67 3.09 37.29 28.39
N LYS F 68 2.68 36.03 28.27
CA LYS F 68 3.19 34.94 29.09
C LYS F 68 3.74 33.86 28.16
N SER F 69 5.06 33.71 28.14
CA SER F 69 5.73 32.71 27.30
C SER F 69 6.15 31.55 28.20
N GLY F 70 5.23 30.61 28.40
CA GLY F 70 5.50 29.45 29.23
C GLY F 70 5.54 29.76 30.71
N THR F 71 6.74 29.69 31.30
CA THR F 71 6.92 29.90 32.73
C THR F 71 7.35 31.34 33.05
N SER F 72 7.54 32.18 32.04
CA SER F 72 8.01 33.54 32.25
C SER F 72 7.06 34.51 31.59
N ALA F 73 6.89 35.68 32.21
CA ALA F 73 6.07 36.76 31.70
C ALA F 73 6.97 37.87 31.16
N SER F 74 6.44 38.63 30.20
CA SER F 74 7.19 39.69 29.55
C SER F 74 6.34 40.94 29.44
N LEU F 75 7.00 42.08 29.55
CA LEU F 75 6.36 43.39 29.39
C LEU F 75 7.18 44.20 28.39
N ALA F 76 6.54 44.67 27.33
CA ALA F 76 7.20 45.42 26.28
C ALA F 76 6.52 46.77 26.13
N ILE F 77 7.32 47.83 26.01
CA ILE F 77 6.82 49.18 25.82
C ILE F 77 7.45 49.76 24.55
N THR F 78 6.79 50.80 24.03
CA THR F 78 7.23 51.47 22.81
C THR F 78 7.24 52.97 23.08
N GLY F 79 8.44 53.55 23.12
CA GLY F 79 8.58 54.97 23.37
C GLY F 79 8.73 55.31 24.83
N LEU F 80 9.77 56.06 25.17
CA LEU F 80 10.05 56.46 26.56
C LEU F 80 9.63 57.91 26.73
N GLN F 81 8.57 58.14 27.49
CA GLN F 81 8.06 59.47 27.76
C GLN F 81 8.68 60.01 29.05
N ALA F 82 8.13 61.12 29.56
CA ALA F 82 8.66 61.78 30.74
C ALA F 82 7.96 61.36 32.03
N GLU F 83 7.42 60.14 32.08
CA GLU F 83 6.77 59.63 33.28
C GLU F 83 7.19 58.20 33.61
N ASP F 84 8.21 57.67 32.95
CA ASP F 84 8.66 56.30 33.14
C ASP F 84 9.80 56.21 34.15
N GLU F 85 9.87 57.14 35.08
CA GLU F 85 10.89 57.12 36.14
C GLU F 85 10.33 56.47 37.40
N ALA F 86 9.98 55.19 37.27
CA ALA F 86 9.39 54.42 38.36
C ALA F 86 9.94 53.00 38.30
N ASP F 87 9.35 52.12 39.10
CA ASP F 87 9.77 50.73 39.20
C ASP F 87 8.65 49.81 38.73
N TYR F 88 9.03 48.73 38.06
CA TYR F 88 8.10 47.72 37.58
C TYR F 88 8.29 46.43 38.38
N TYR F 89 7.19 45.84 38.83
CA TYR F 89 7.21 44.66 39.69
C TYR F 89 6.41 43.53 39.05
N CYS F 90 6.68 42.31 39.50
CA CYS F 90 5.87 41.14 39.20
C CYS F 90 5.02 40.82 40.41
N GLN F 91 3.72 40.64 40.21
CA GLN F 91 2.83 40.10 41.23
C GLN F 91 2.16 38.85 40.65
N SER F 92 2.29 37.74 41.37
CA SER F 92 1.67 36.49 40.95
C SER F 92 1.30 35.70 42.19
N TYR F 93 0.23 34.92 42.07
CA TYR F 93 -0.28 34.14 43.21
C TYR F 93 0.58 32.90 43.41
N ASP F 94 1.20 32.79 44.58
CA ASP F 94 2.05 31.66 44.91
C ASP F 94 1.28 30.72 45.85
N SER F 95 1.32 29.43 45.54
CA SER F 95 0.65 28.44 46.37
C SER F 95 1.51 27.94 47.51
N SER F 96 2.84 27.95 47.34
CA SER F 96 3.72 27.55 48.43
C SER F 96 3.75 28.60 49.54
N LEU F 97 3.53 29.86 49.19
CA LEU F 97 3.45 30.94 50.17
C LEU F 97 2.02 31.19 50.63
N SER F 98 1.03 30.61 49.95
CA SER F 98 -0.39 30.77 50.30
C SER F 98 -0.80 32.25 50.26
N GLY F 99 -0.54 32.86 49.11
CA GLY F 99 -0.88 34.26 48.93
C GLY F 99 -0.13 34.84 47.75
N SER F 100 -0.31 36.16 47.58
CA SER F 100 0.34 36.88 46.51
C SER F 100 1.70 37.40 46.97
N VAL F 101 2.70 37.28 46.11
CA VAL F 101 4.05 37.72 46.40
C VAL F 101 4.54 38.60 45.25
N PHE F 102 5.25 39.67 45.59
CA PHE F 102 5.75 40.59 44.58
C PHE F 102 7.18 40.22 44.19
N GLY F 103 7.70 40.94 43.20
CA GLY F 103 9.01 40.68 42.65
C GLY F 103 10.09 41.58 43.25
N GLY F 104 11.17 41.75 42.50
CA GLY F 104 12.28 42.56 42.95
C GLY F 104 12.14 44.02 42.59
N GLY F 105 11.91 44.32 41.31
CA GLY F 105 11.75 45.68 40.88
C GLY F 105 12.93 46.21 40.08
N THR F 106 12.66 46.80 38.93
CA THR F 106 13.69 47.37 38.06
C THR F 106 13.57 48.88 38.02
N LYS F 107 14.70 49.56 38.01
CA LYS F 107 14.74 51.01 37.90
C LYS F 107 15.03 51.41 36.47
N LEU F 108 14.24 52.33 35.93
CA LEU F 108 14.31 52.72 34.53
C LEU F 108 14.78 54.17 34.45
N THR F 109 16.10 54.35 34.38
CA THR F 109 16.69 55.67 34.18
C THR F 109 18.02 55.49 33.46
N VAL F 110 18.31 56.38 32.51
CA VAL F 110 19.60 56.33 31.82
C VAL F 110 20.54 57.32 32.47
N LEU F 111 20.71 58.49 31.86
CA LEU F 111 21.57 59.53 32.43
C LEU F 111 20.99 60.91 32.18
N GLY F 112 20.90 61.72 33.22
CA GLY F 112 20.35 63.06 33.06
C GLY F 112 20.92 64.10 34.02
N GLN F 113 22.13 63.86 34.51
CA GLN F 113 22.73 64.76 35.49
C GLN F 113 24.03 65.37 35.00
N PRO F 114 23.98 66.62 34.52
CA PRO F 114 25.19 67.32 34.07
C PRO F 114 26.06 67.75 35.23
N LYS F 115 27.26 68.25 34.94
CA LYS F 115 28.18 68.67 35.98
C LYS F 115 28.09 70.17 36.26
N ALA F 116 28.90 70.65 37.21
CA ALA F 116 28.89 72.07 37.56
C ALA F 116 30.04 72.32 38.53
N ALA F 117 30.04 73.51 39.12
CA ALA F 117 31.08 73.90 40.08
C ALA F 117 30.45 74.10 41.45
N PRO F 118 30.94 73.43 42.49
CA PRO F 118 30.33 73.55 43.81
C PRO F 118 30.88 74.75 44.58
N SER F 119 30.18 75.09 45.67
CA SER F 119 30.60 76.16 46.56
C SER F 119 30.23 75.77 47.98
N VAL F 120 31.23 75.70 48.86
CA VAL F 120 31.03 75.23 50.21
C VAL F 120 31.11 76.41 51.18
N THR F 121 30.49 76.23 52.35
CA THR F 121 30.51 77.24 53.41
C THR F 121 30.72 76.52 54.74
N LEU F 122 31.75 76.91 55.48
CA LEU F 122 32.05 76.34 56.78
C LEU F 122 31.66 77.33 57.87
N PHE F 123 30.86 76.89 58.82
CA PHE F 123 30.35 77.73 59.89
C PHE F 123 30.73 77.14 61.24
N PRO F 124 31.44 77.88 62.09
CA PRO F 124 31.79 77.36 63.42
C PRO F 124 30.59 77.45 64.35
N PRO F 125 30.56 76.63 65.40
CA PRO F 125 29.46 76.72 66.37
C PRO F 125 29.51 78.03 67.15
N SER F 126 28.33 78.47 67.59
CA SER F 126 28.20 79.73 68.29
C SER F 126 28.50 79.54 69.78
N SER F 127 28.36 80.62 70.54
CA SER F 127 28.71 80.60 71.96
C SER F 127 27.63 79.93 72.81
N GLU F 128 26.37 80.00 72.38
CA GLU F 128 25.28 79.41 73.15
C GLU F 128 25.22 77.90 73.02
N GLU F 129 25.84 77.34 71.99
CA GLU F 129 25.83 75.89 71.78
C GLU F 129 26.91 75.19 72.61
N LEU F 130 27.86 75.94 73.15
CA LEU F 130 29.01 75.31 73.83
C LEU F 130 28.66 74.81 75.23
N GLN F 131 27.69 75.44 75.90
CA GLN F 131 27.30 75.02 77.24
C GLN F 131 26.32 73.86 77.25
N ALA F 132 25.93 73.35 76.09
CA ALA F 132 25.02 72.22 75.99
C ALA F 132 25.74 70.88 75.97
N ASN F 133 27.03 70.85 76.33
CA ASN F 133 27.82 69.63 76.40
C ASN F 133 27.86 68.91 75.05
N LYS F 134 27.88 69.66 73.95
CA LYS F 134 27.96 69.08 72.62
C LYS F 134 28.52 70.13 71.67
N ALA F 135 28.98 69.65 70.51
CA ALA F 135 29.53 70.52 69.47
C ALA F 135 29.10 69.98 68.12
N THR F 136 28.34 70.78 67.37
CA THR F 136 27.83 70.39 66.06
C THR F 136 28.56 71.21 64.99
N LEU F 137 29.56 70.61 64.37
CA LEU F 137 30.32 71.27 63.30
C LEU F 137 29.58 71.05 61.98
N VAL F 138 29.02 72.11 61.42
CA VAL F 138 28.23 72.03 60.20
C VAL F 138 29.09 72.47 59.03
N CYS F 139 28.79 71.91 57.85
CA CYS F 139 29.53 72.24 56.63
C CYS F 139 28.53 72.22 55.47
N LEU F 140 28.07 73.39 55.07
CA LEU F 140 27.01 73.52 54.07
C LEU F 140 27.60 73.59 52.67
N ILE F 141 27.04 72.81 51.75
CA ILE F 141 27.41 72.84 50.34
C ILE F 141 26.18 73.21 49.54
N SER F 142 26.35 74.13 48.58
CA SER F 142 25.21 74.62 47.80
C SER F 142 25.67 74.98 46.40
N ASP F 143 24.70 75.10 45.51
CA ASP F 143 24.92 75.51 44.12
C ASP F 143 25.89 74.57 43.40
N PHE F 144 25.47 73.31 43.29
CA PHE F 144 26.25 72.29 42.60
C PHE F 144 25.33 71.36 41.84
N TYR F 145 25.91 70.61 40.91
CA TYR F 145 25.17 69.67 40.09
C TYR F 145 26.10 68.60 39.54
N PRO F 146 25.79 67.31 39.73
CA PRO F 146 24.60 66.83 40.45
C PRO F 146 24.83 66.67 41.95
N GLY F 147 23.91 66.02 42.63
CA GLY F 147 24.01 65.84 44.07
C GLY F 147 24.74 64.59 44.50
N ALA F 148 26.01 64.48 44.14
CA ALA F 148 26.86 63.34 44.54
C ALA F 148 28.18 63.92 45.03
N VAL F 149 28.26 64.21 46.33
CA VAL F 149 29.44 64.82 46.94
C VAL F 149 29.93 63.91 48.05
N THR F 150 31.23 63.61 48.04
CA THR F 150 31.85 62.83 49.10
C THR F 150 32.43 63.78 50.14
N VAL F 151 31.96 63.67 51.38
CA VAL F 151 32.33 64.57 52.47
C VAL F 151 33.34 63.87 53.37
N ALA F 152 34.45 64.56 53.64
CA ALA F 152 35.48 64.08 54.55
C ALA F 152 35.88 65.19 55.51
N TRP F 153 36.36 64.80 56.68
CA TRP F 153 36.75 65.74 57.72
C TRP F 153 38.20 65.49 58.14
N LYS F 154 38.85 66.56 58.59
CA LYS F 154 40.23 66.49 59.06
C LYS F 154 40.45 67.53 60.14
N ALA F 155 41.45 67.27 60.99
CA ALA F 155 41.81 68.16 62.09
C ALA F 155 43.29 68.51 62.03
N ASP F 156 43.82 68.65 60.81
CA ASP F 156 45.20 69.03 60.49
C ASP F 156 46.21 67.97 60.90
N SER F 157 45.80 66.88 61.56
CA SER F 157 46.72 65.82 61.92
C SER F 157 46.20 64.41 61.65
N SER F 158 44.89 64.22 61.44
CA SER F 158 44.33 62.90 61.20
C SER F 158 42.91 63.06 60.69
N PRO F 159 42.44 62.20 59.79
CA PRO F 159 41.06 62.30 59.33
C PRO F 159 40.09 61.84 60.41
N VAL F 160 38.92 62.48 60.45
CA VAL F 160 37.90 62.19 61.44
C VAL F 160 36.95 61.15 60.86
N LYS F 161 36.95 59.96 61.45
CA LYS F 161 36.10 58.86 61.00
C LYS F 161 35.03 58.53 62.05
N ALA F 162 34.55 59.55 62.77
CA ALA F 162 33.55 59.37 63.81
C ALA F 162 32.62 60.57 63.83
N GLY F 163 31.32 60.30 63.85
CA GLY F 163 30.34 61.36 63.85
C GLY F 163 30.08 62.00 62.49
N VAL F 164 30.59 61.40 61.41
CA VAL F 164 30.43 61.95 60.07
C VAL F 164 29.06 61.57 59.54
N GLU F 165 28.35 62.54 58.97
CA GLU F 165 27.03 62.31 58.41
C GLU F 165 26.88 63.10 57.11
N THR F 166 26.20 62.52 56.14
CA THR F 166 25.88 63.18 54.89
C THR F 166 24.39 63.04 54.61
N THR F 167 23.75 64.15 54.27
CA THR F 167 22.34 64.18 53.91
C THR F 167 22.19 64.11 52.40
N THR F 168 20.99 63.72 51.97
CA THR F 168 20.75 63.68 50.53
C THR F 168 20.42 65.08 50.02
N PRO F 169 20.87 65.43 48.82
CA PRO F 169 20.58 66.76 48.28
C PRO F 169 19.20 66.81 47.63
N SER F 170 18.54 67.95 47.78
CA SER F 170 17.25 68.19 47.18
C SER F 170 17.36 69.27 46.10
N LYS F 171 16.37 69.28 45.21
CA LYS F 171 16.35 70.23 44.11
C LYS F 171 15.94 71.62 44.60
N GLN F 172 16.68 72.63 44.17
CA GLN F 172 16.38 74.01 44.53
C GLN F 172 15.38 74.59 43.54
N SER F 173 15.16 75.91 43.60
CA SER F 173 14.24 76.56 42.68
C SER F 173 14.90 76.87 41.33
N ASN F 174 16.23 77.01 41.29
CA ASN F 174 16.96 77.27 40.06
C ASN F 174 17.70 76.04 39.55
N ASN F 175 17.13 74.85 39.75
CA ASN F 175 17.67 73.59 39.23
C ASN F 175 19.07 73.32 39.75
N LYS F 176 19.26 73.50 41.05
CA LYS F 176 20.52 73.17 41.72
C LYS F 176 20.24 72.27 42.92
N TYR F 177 21.33 71.85 43.58
CA TYR F 177 21.24 70.98 44.73
C TYR F 177 21.97 71.61 45.91
N ALA F 178 21.59 71.18 47.11
CA ALA F 178 22.19 71.70 48.34
C ALA F 178 22.12 70.61 49.41
N ALA F 179 23.16 70.56 50.25
CA ALA F 179 23.22 69.58 51.31
C ALA F 179 24.03 70.15 52.46
N SER F 180 24.05 69.41 53.58
CA SER F 180 24.77 69.82 54.77
C SER F 180 25.34 68.59 55.46
N SER F 181 26.46 68.79 56.15
CA SER F 181 27.13 67.72 56.89
C SER F 181 27.39 68.18 58.31
N TYR F 182 27.02 67.35 59.29
CA TYR F 182 27.23 67.63 60.69
C TYR F 182 28.37 66.79 61.24
N LEU F 183 28.95 67.26 62.34
CA LEU F 183 29.99 66.53 63.06
C LEU F 183 29.71 66.64 64.55
N SER F 184 29.28 65.54 65.15
CA SER F 184 28.91 65.54 66.56
C SER F 184 30.18 65.42 67.41
N LEU F 185 30.51 66.49 68.13
CA LEU F 185 31.70 66.54 68.97
C LEU F 185 31.35 67.13 70.32
N THR F 186 32.36 67.21 71.19
CA THR F 186 32.18 67.79 72.52
C THR F 186 33.06 69.03 72.67
N PRO F 187 32.61 70.03 73.44
CA PRO F 187 33.40 71.27 73.59
C PRO F 187 34.68 71.10 74.39
N GLU F 188 34.89 69.95 75.04
CA GLU F 188 36.12 69.77 75.82
C GLU F 188 37.34 69.65 74.91
N GLN F 189 37.20 68.98 73.78
CA GLN F 189 38.27 68.83 72.80
C GLN F 189 38.18 69.82 71.64
N TRP F 190 37.16 70.66 71.62
CA TRP F 190 37.00 71.62 70.53
C TRP F 190 38.03 72.74 70.62
N LYS F 191 38.41 73.13 71.83
CA LYS F 191 39.39 74.19 72.03
C LYS F 191 40.82 73.68 72.07
N SER F 192 41.02 72.36 72.21
CA SER F 192 42.37 71.82 72.29
C SER F 192 43.04 71.75 70.92
N HIS F 193 42.28 71.38 69.89
CA HIS F 193 42.82 71.33 68.54
C HIS F 193 42.93 72.73 67.95
N ARG F 194 43.79 72.86 66.95
CA ARG F 194 44.12 74.18 66.41
C ARG F 194 43.09 74.66 65.42
N SER F 195 42.58 73.77 64.56
CA SER F 195 41.63 74.17 63.54
C SER F 195 40.81 72.96 63.11
N TYR F 196 39.78 73.22 62.31
CA TYR F 196 38.91 72.18 61.78
C TYR F 196 38.54 72.53 60.35
N SER F 197 38.29 71.51 59.53
CA SER F 197 37.98 71.72 58.13
C SER F 197 37.18 70.55 57.61
N CYS F 198 36.37 70.82 56.58
CA CYS F 198 35.63 69.80 55.86
C CYS F 198 36.09 69.81 54.40
N GLN F 199 36.65 68.70 53.95
CA GLN F 199 37.17 68.56 52.59
C GLN F 199 36.22 67.71 51.77
N VAL F 200 35.80 68.24 50.61
CA VAL F 200 34.89 67.53 49.71
C VAL F 200 35.51 67.52 48.32
N THR F 201 34.99 66.65 47.47
CA THR F 201 35.46 66.50 46.10
C THR F 201 34.27 66.44 45.16
N HIS F 202 34.48 66.90 43.93
CA HIS F 202 33.44 66.85 42.90
C HIS F 202 34.17 66.84 41.55
N GLU F 203 34.15 65.68 40.90
CA GLU F 203 34.85 65.43 39.63
C GLU F 203 36.31 65.92 39.69
N GLY F 204 36.94 65.67 40.85
CA GLY F 204 38.31 66.06 41.08
C GLY F 204 38.50 67.42 41.68
N SER F 205 37.50 68.29 41.62
CA SER F 205 37.60 69.64 42.17
C SER F 205 37.50 69.56 43.69
N THR F 206 38.59 69.90 44.38
CA THR F 206 38.65 69.86 45.83
C THR F 206 38.72 71.28 46.37
N VAL F 207 37.69 71.69 47.10
CA VAL F 207 37.63 72.99 47.74
C VAL F 207 37.78 72.81 49.25
N GLU F 208 38.69 73.57 49.85
CA GLU F 208 39.01 73.45 51.27
C GLU F 208 38.80 74.79 51.96
N LYS F 209 38.11 74.77 53.09
CA LYS F 209 37.88 75.95 53.90
C LYS F 209 38.09 75.59 55.37
N THR F 210 38.81 76.46 56.08
CA THR F 210 39.17 76.22 57.47
C THR F 210 38.74 77.40 58.33
N VAL F 211 38.55 77.11 59.62
CA VAL F 211 38.22 78.14 60.61
C VAL F 211 39.19 78.00 61.77
N ALA F 212 39.14 78.97 62.68
CA ALA F 212 40.00 78.97 63.86
C ALA F 212 39.19 79.35 65.08
N PRO F 213 39.15 78.50 66.11
CA PRO F 213 38.38 78.85 67.32
C PRO F 213 39.06 79.90 68.19
N THR F 214 40.37 80.05 68.10
CA THR F 214 41.08 81.04 68.90
C THR F 214 41.69 82.12 68.01
N VAL G 2 -67.43 -22.90 9.26
CA VAL G 2 -68.52 -23.86 9.15
C VAL G 2 -68.11 -25.20 9.75
N GLN G 3 -69.04 -26.16 9.75
CA GLN G 3 -68.81 -27.48 10.31
C GLN G 3 -69.03 -28.54 9.25
N LEU G 4 -68.35 -29.67 9.40
CA LEU G 4 -68.49 -30.81 8.51
C LEU G 4 -68.90 -32.03 9.33
N VAL G 5 -70.02 -32.64 8.97
CA VAL G 5 -70.53 -33.81 9.66
C VAL G 5 -70.31 -35.04 8.78
N GLU G 6 -70.13 -36.18 9.43
CA GLU G 6 -69.92 -37.46 8.76
C GLU G 6 -70.91 -38.49 9.30
N SER G 7 -70.79 -39.72 8.82
CA SER G 7 -71.65 -40.80 9.26
C SER G 7 -71.08 -41.44 10.51
N GLY G 8 -71.79 -42.45 11.03
CA GLY G 8 -71.38 -43.15 12.23
C GLY G 8 -70.46 -44.32 11.94
N ALA G 9 -70.55 -45.34 12.78
CA ALA G 9 -69.73 -46.53 12.63
C ALA G 9 -70.28 -47.43 11.54
N GLU G 10 -69.39 -48.06 10.78
CA GLU G 10 -69.77 -48.94 9.69
C GLU G 10 -68.89 -50.17 9.68
N VAL G 11 -69.51 -51.33 9.45
CA VAL G 11 -68.81 -52.60 9.34
C VAL G 11 -69.15 -53.22 7.99
N LYS G 12 -68.18 -53.92 7.41
CA LYS G 12 -68.35 -54.50 6.08
C LYS G 12 -67.63 -55.83 6.03
N LYS G 13 -67.47 -56.37 4.81
CA LYS G 13 -66.84 -57.65 4.53
C LYS G 13 -65.49 -57.43 3.88
N PRO G 14 -64.51 -58.31 4.15
CA PRO G 14 -63.20 -58.18 3.50
C PRO G 14 -63.25 -58.59 2.03
N GLY G 15 -63.61 -57.64 1.16
CA GLY G 15 -63.81 -57.94 -0.25
C GLY G 15 -65.12 -57.42 -0.79
N SER G 16 -65.72 -56.47 -0.08
CA SER G 16 -66.92 -55.78 -0.52
C SER G 16 -66.61 -54.29 -0.68
N SER G 17 -67.65 -53.50 -0.94
CA SER G 17 -67.51 -52.06 -1.12
C SER G 17 -68.17 -51.32 0.05
N VAL G 18 -67.66 -50.14 0.32
CA VAL G 18 -68.16 -49.30 1.40
C VAL G 18 -68.80 -48.05 0.81
N LYS G 19 -69.43 -47.25 1.68
CA LYS G 19 -70.08 -46.02 1.26
C LYS G 19 -69.95 -45.01 2.40
N VAL G 20 -68.98 -44.11 2.29
CA VAL G 20 -68.73 -43.08 3.29
C VAL G 20 -69.06 -41.73 2.66
N SER G 21 -69.87 -40.93 3.36
CA SER G 21 -70.30 -39.62 2.89
C SER G 21 -69.68 -38.52 3.74
N CYS G 22 -69.63 -37.32 3.17
CA CYS G 22 -69.09 -36.15 3.85
C CYS G 22 -70.00 -34.97 3.54
N LYS G 23 -70.76 -34.52 4.54
CA LYS G 23 -71.68 -33.41 4.39
C LYS G 23 -71.11 -32.17 5.07
N ALA G 24 -71.35 -31.01 4.46
CA ALA G 24 -70.89 -29.73 4.98
C ALA G 24 -72.08 -28.90 5.42
N SER G 25 -71.97 -28.29 6.60
CA SER G 25 -73.04 -27.46 7.15
C SER G 25 -72.81 -26.03 6.69
N GLY G 26 -73.60 -25.58 5.72
CA GLY G 26 -73.51 -24.23 5.20
C GLY G 26 -72.87 -24.20 3.82
N GLY G 27 -71.91 -23.30 3.63
CA GLY G 27 -71.26 -23.14 2.35
C GLY G 27 -69.76 -23.34 2.38
N THR G 28 -69.04 -22.50 1.63
CA THR G 28 -67.57 -22.51 1.55
C THR G 28 -67.01 -23.93 1.40
N PHE G 29 -67.68 -24.74 0.59
CA PHE G 29 -67.27 -26.11 0.31
C PHE G 29 -66.91 -26.34 -1.15
N SER G 30 -67.58 -25.67 -2.07
CA SER G 30 -67.31 -25.82 -3.50
C SER G 30 -66.29 -24.82 -4.02
N SER G 31 -65.58 -24.12 -3.13
CA SER G 31 -64.57 -23.14 -3.52
C SER G 31 -63.16 -23.51 -3.06
N TYR G 32 -63.01 -24.49 -2.18
CA TYR G 32 -61.71 -24.92 -1.69
C TYR G 32 -61.60 -26.43 -1.79
N ALA G 33 -60.37 -26.92 -1.89
CA ALA G 33 -60.11 -28.34 -2.05
C ALA G 33 -60.35 -29.08 -0.74
N ILE G 34 -60.70 -30.35 -0.86
CA ILE G 34 -60.92 -31.23 0.28
C ILE G 34 -59.91 -32.38 0.20
N SER G 35 -59.82 -33.12 1.30
CA SER G 35 -58.89 -34.25 1.38
C SER G 35 -59.49 -35.32 2.29
N TRP G 36 -58.78 -36.44 2.40
CA TRP G 36 -59.22 -37.55 3.25
C TRP G 36 -58.00 -38.06 4.01
N VAL G 37 -57.97 -37.83 5.31
CA VAL G 37 -56.86 -38.25 6.18
C VAL G 37 -57.34 -39.37 7.08
N ARG G 38 -56.58 -40.47 7.11
CA ARG G 38 -56.91 -41.62 7.93
C ARG G 38 -55.99 -41.68 9.15
N GLN G 39 -56.41 -42.46 10.14
CA GLN G 39 -55.66 -42.60 11.38
C GLN G 39 -55.94 -43.96 11.98
N ALA G 40 -54.90 -44.76 12.16
CA ALA G 40 -55.03 -46.10 12.71
C ALA G 40 -54.20 -46.24 13.98
N PRO G 41 -54.72 -46.91 15.01
CA PRO G 41 -53.94 -47.11 16.25
C PRO G 41 -52.80 -48.08 16.01
N GLY G 42 -51.58 -47.61 16.22
CA GLY G 42 -50.39 -48.43 16.03
C GLY G 42 -49.35 -47.77 15.17
N GLN G 43 -49.79 -47.00 14.18
CA GLN G 43 -48.87 -46.29 13.29
C GLN G 43 -49.28 -44.83 13.13
N GLY G 44 -48.62 -44.12 12.23
CA GLY G 44 -48.92 -42.72 12.00
C GLY G 44 -50.15 -42.51 11.15
N LEU G 45 -50.32 -41.27 10.72
CA LEU G 45 -51.46 -40.86 9.89
C LEU G 45 -51.03 -40.81 8.42
N GLU G 46 -51.86 -41.36 7.55
CA GLU G 46 -51.61 -41.39 6.12
C GLU G 46 -52.52 -40.40 5.41
N TRP G 47 -52.21 -40.16 4.14
CA TRP G 47 -52.97 -39.23 3.30
C TRP G 47 -53.25 -39.91 1.96
N MET G 48 -54.53 -40.18 1.68
CA MET G 48 -54.90 -40.87 0.46
C MET G 48 -54.80 -39.94 -0.75
N GLY G 49 -55.58 -38.87 -0.75
CA GLY G 49 -55.54 -37.94 -1.87
C GLY G 49 -56.43 -36.73 -1.59
N GLY G 50 -56.38 -35.80 -2.52
CA GLY G 50 -57.19 -34.58 -2.42
C GLY G 50 -57.98 -34.36 -3.69
N ILE G 51 -59.23 -33.91 -3.51
CA ILE G 51 -60.16 -33.70 -4.61
C ILE G 51 -60.59 -32.25 -4.62
N ILE G 52 -60.56 -31.62 -5.78
CA ILE G 52 -61.09 -30.28 -5.97
C ILE G 52 -62.55 -30.39 -6.40
N PRO G 53 -63.49 -29.71 -5.74
CA PRO G 53 -64.91 -29.92 -6.05
C PRO G 53 -65.43 -29.03 -7.16
N ILE G 54 -64.74 -27.92 -7.45
CA ILE G 54 -65.23 -27.00 -8.47
C ILE G 54 -64.92 -27.50 -9.87
N LEU G 55 -63.75 -28.12 -10.05
CA LEU G 55 -63.37 -28.66 -11.35
C LEU G 55 -63.55 -30.16 -11.46
N GLY G 56 -63.58 -30.89 -10.34
CA GLY G 56 -63.75 -32.32 -10.37
C GLY G 56 -62.54 -33.06 -10.91
N ILE G 57 -61.36 -32.73 -10.39
CA ILE G 57 -60.11 -33.33 -10.83
C ILE G 57 -59.52 -34.12 -9.66
N ALA G 58 -59.23 -35.39 -9.90
CA ALA G 58 -58.68 -36.26 -8.87
C ALA G 58 -57.18 -36.04 -8.73
N ASN G 59 -56.70 -36.18 -7.49
CA ASN G 59 -55.28 -36.05 -7.20
C ASN G 59 -54.97 -36.97 -6.02
N TYR G 60 -54.47 -38.16 -6.32
CA TYR G 60 -54.14 -39.16 -5.32
C TYR G 60 -52.63 -39.17 -5.07
N ALA G 61 -52.18 -40.12 -4.27
CA ALA G 61 -50.76 -40.30 -3.97
C ALA G 61 -50.23 -41.55 -4.66
N GLN G 62 -48.90 -41.67 -4.69
CA GLN G 62 -48.27 -42.80 -5.34
C GLN G 62 -48.21 -44.04 -4.44
N LYS G 63 -48.38 -43.87 -3.13
CA LYS G 63 -48.37 -45.02 -2.23
C LYS G 63 -49.67 -45.80 -2.31
N PHE G 64 -50.78 -45.14 -2.63
CA PHE G 64 -52.08 -45.79 -2.79
C PHE G 64 -52.32 -46.06 -4.27
N GLN G 65 -52.66 -47.30 -4.60
CA GLN G 65 -52.89 -47.69 -5.98
C GLN G 65 -54.30 -47.29 -6.41
N GLY G 66 -54.66 -47.69 -7.64
CA GLY G 66 -55.96 -47.35 -8.18
C GLY G 66 -57.07 -48.25 -7.70
N ARG G 67 -57.46 -48.09 -6.43
CA ARG G 67 -58.53 -48.88 -5.84
C ARG G 67 -59.59 -48.05 -5.13
N VAL G 68 -59.36 -46.76 -4.90
CA VAL G 68 -60.32 -45.89 -4.24
C VAL G 68 -60.81 -44.86 -5.25
N THR G 69 -62.03 -44.37 -5.02
CA THR G 69 -62.62 -43.34 -5.86
C THR G 69 -63.43 -42.39 -4.99
N ILE G 70 -63.16 -41.09 -5.13
CA ILE G 70 -63.85 -40.04 -4.39
C ILE G 70 -64.59 -39.18 -5.39
N THR G 71 -65.90 -39.01 -5.17
CA THR G 71 -66.75 -38.23 -6.06
C THR G 71 -67.44 -37.14 -5.25
N ALA G 72 -67.28 -35.90 -5.69
CA ALA G 72 -67.95 -34.75 -5.08
C ALA G 72 -69.16 -34.33 -5.89
N ASP G 73 -70.06 -33.61 -5.25
CA ASP G 73 -71.29 -33.15 -5.87
C ASP G 73 -71.45 -31.65 -5.66
N LYS G 74 -72.02 -30.98 -6.66
CA LYS G 74 -72.18 -29.53 -6.64
C LYS G 74 -73.56 -29.08 -6.18
N SER G 75 -74.60 -29.89 -6.43
CA SER G 75 -75.96 -29.47 -6.09
C SER G 75 -76.19 -29.49 -4.59
N THR G 76 -75.98 -30.63 -3.94
CA THR G 76 -76.17 -30.76 -2.51
C THR G 76 -74.88 -30.53 -1.72
N SER G 77 -73.75 -30.33 -2.40
CA SER G 77 -72.49 -29.94 -1.77
C SER G 77 -72.01 -30.99 -0.76
N THR G 78 -72.07 -32.26 -1.15
CA THR G 78 -71.53 -33.35 -0.36
C THR G 78 -70.40 -34.04 -1.11
N ALA G 79 -69.79 -35.03 -0.45
CA ALA G 79 -68.70 -35.80 -1.03
C ALA G 79 -68.84 -37.25 -0.60
N TYR G 80 -68.69 -38.17 -1.55
CA TYR G 80 -68.83 -39.59 -1.30
C TYR G 80 -67.47 -40.28 -1.38
N MET G 81 -67.31 -41.33 -0.59
CA MET G 81 -66.07 -42.11 -0.55
C MET G 81 -66.40 -43.58 -0.75
N GLU G 82 -65.76 -44.19 -1.76
CA GLU G 82 -65.95 -45.60 -2.07
C GLU G 82 -64.61 -46.31 -1.98
N LEU G 83 -64.61 -47.52 -1.43
CA LEU G 83 -63.40 -48.31 -1.27
C LEU G 83 -63.77 -49.78 -1.34
N SER G 84 -63.24 -50.48 -2.33
CA SER G 84 -63.52 -51.90 -2.53
C SER G 84 -62.28 -52.72 -2.20
N SER G 85 -62.48 -54.04 -2.15
CA SER G 85 -61.41 -55.01 -1.84
C SER G 85 -60.75 -54.68 -0.50
N LEU G 86 -61.56 -54.74 0.57
CA LEU G 86 -61.06 -54.43 1.90
C LEU G 86 -60.07 -55.48 2.37
N ARG G 87 -59.10 -55.03 3.16
CA ARG G 87 -58.05 -55.90 3.69
C ARG G 87 -58.12 -55.87 5.23
N SER G 88 -57.14 -56.52 5.86
CA SER G 88 -57.08 -56.59 7.31
C SER G 88 -56.57 -55.32 7.96
N GLU G 89 -55.99 -54.40 7.18
CA GLU G 89 -55.48 -53.14 7.69
C GLU G 89 -56.44 -51.98 7.45
N ASP G 90 -57.70 -52.28 7.12
CA ASP G 90 -58.69 -51.23 6.86
C ASP G 90 -59.37 -50.74 8.14
N THR G 91 -59.10 -51.37 9.28
CA THR G 91 -59.73 -50.97 10.54
C THR G 91 -59.13 -49.67 11.06
N ALA G 92 -59.65 -48.54 10.61
CA ALA G 92 -59.19 -47.24 11.04
C ALA G 92 -60.36 -46.26 10.99
N VAL G 93 -60.05 -44.97 11.08
CA VAL G 93 -61.05 -43.91 11.03
C VAL G 93 -60.61 -42.89 9.99
N TYR G 94 -61.56 -42.40 9.20
CA TYR G 94 -61.31 -41.42 8.16
C TYR G 94 -61.88 -40.07 8.55
N TYR G 95 -61.28 -39.01 8.01
CA TYR G 95 -61.70 -37.64 8.29
C TYR G 95 -61.85 -36.87 7.00
N CYS G 96 -62.85 -36.00 6.95
CA CYS G 96 -63.11 -35.15 5.79
C CYS G 96 -62.55 -33.77 6.09
N ALA G 97 -61.37 -33.48 5.55
CA ALA G 97 -60.66 -32.24 5.82
C ALA G 97 -60.87 -31.25 4.68
N ARG G 98 -60.34 -30.04 4.88
CA ARG G 98 -60.42 -28.96 3.91
C ARG G 98 -59.04 -28.38 3.67
N GLU G 99 -58.77 -28.01 2.42
CA GLU G 99 -57.48 -27.45 2.02
C GLU G 99 -57.63 -25.96 1.77
N ASN G 100 -56.79 -25.16 2.42
CA ASN G 100 -56.81 -23.70 2.26
C ASN G 100 -55.38 -23.25 1.98
N GLY G 101 -55.07 -23.02 0.70
CA GLY G 101 -53.75 -22.60 0.31
C GLY G 101 -53.47 -21.14 0.64
N TYR G 102 -52.20 -20.77 0.51
CA TYR G 102 -51.76 -19.41 0.78
C TYR G 102 -50.55 -19.11 -0.10
N SER G 103 -49.87 -18.00 0.18
CA SER G 103 -48.71 -17.57 -0.57
C SER G 103 -47.50 -17.50 0.34
N GLY G 104 -46.33 -17.76 -0.23
CA GLY G 104 -45.10 -17.73 0.53
C GLY G 104 -44.05 -18.61 -0.11
N TYR G 105 -42.90 -18.67 0.57
CA TYR G 105 -41.79 -19.47 0.06
C TYR G 105 -42.05 -20.96 0.24
N GLY G 106 -42.70 -21.35 1.34
CA GLY G 106 -42.99 -22.74 1.58
C GLY G 106 -44.16 -23.26 0.79
N ALA G 107 -45.35 -22.70 1.05
CA ALA G 107 -46.59 -23.06 0.34
C ALA G 107 -46.87 -24.56 0.46
N ALA G 108 -47.06 -25.00 1.70
CA ALA G 108 -47.35 -26.39 1.99
C ALA G 108 -48.85 -26.60 2.20
N ALA G 109 -49.29 -27.84 1.99
CA ALA G 109 -50.70 -28.16 2.13
C ALA G 109 -51.10 -28.20 3.61
N ASN G 110 -52.15 -27.47 3.94
CA ASN G 110 -52.64 -27.39 5.31
C ASN G 110 -54.08 -27.87 5.40
N PHE G 111 -54.42 -28.46 6.53
CA PHE G 111 -55.77 -28.93 6.83
C PHE G 111 -56.27 -28.14 8.03
N ASP G 112 -56.88 -26.98 7.77
CA ASP G 112 -57.34 -26.12 8.85
C ASP G 112 -58.64 -26.62 9.47
N LEU G 113 -59.59 -27.07 8.63
CA LEU G 113 -60.88 -27.53 9.09
C LEU G 113 -60.99 -29.04 8.89
N TRP G 114 -61.52 -29.72 9.90
CA TRP G 114 -61.65 -31.18 9.89
C TRP G 114 -63.11 -31.58 10.07
N GLY G 115 -63.36 -32.88 9.95
CA GLY G 115 -64.68 -33.44 10.10
C GLY G 115 -64.88 -34.10 11.45
N ARG G 116 -65.86 -35.00 11.50
CA ARG G 116 -66.17 -35.72 12.73
C ARG G 116 -65.39 -37.03 12.84
N GLY G 117 -65.54 -37.91 11.84
CA GLY G 117 -64.84 -39.17 11.85
C GLY G 117 -65.74 -40.36 11.59
N THR G 118 -65.32 -41.23 10.67
CA THR G 118 -66.08 -42.43 10.30
C THR G 118 -65.22 -43.65 10.64
N LEU G 119 -65.54 -44.31 11.75
CA LEU G 119 -64.81 -45.50 12.19
C LEU G 119 -65.29 -46.70 11.39
N VAL G 120 -64.45 -47.19 10.49
CA VAL G 120 -64.78 -48.33 9.63
C VAL G 120 -63.86 -49.48 10.01
N THR G 121 -64.44 -50.50 10.65
CA THR G 121 -63.72 -51.71 11.00
C THR G 121 -64.25 -52.88 10.16
N VAL G 122 -63.37 -53.84 9.90
CA VAL G 122 -63.72 -54.99 9.07
C VAL G 122 -62.97 -56.22 9.58
N SER G 123 -63.67 -57.35 9.59
CA SER G 123 -63.10 -58.63 9.97
C SER G 123 -64.05 -59.73 9.52
N SER G 124 -63.78 -60.96 9.96
CA SER G 124 -64.65 -62.10 9.70
C SER G 124 -65.68 -62.19 10.82
N ALA G 125 -66.42 -63.31 10.86
CA ALA G 125 -67.39 -63.60 11.92
C ALA G 125 -68.45 -62.49 12.00
N SER G 126 -69.24 -62.42 10.94
CA SER G 126 -70.17 -61.31 10.74
C SER G 126 -71.34 -61.41 11.73
N THR G 127 -72.33 -60.54 11.53
CA THR G 127 -73.42 -60.36 12.47
C THR G 127 -74.27 -61.62 12.58
N LYS G 128 -74.81 -61.84 13.78
CA LYS G 128 -75.67 -62.97 14.09
C LYS G 128 -76.37 -62.69 15.42
N GLY G 129 -77.58 -63.23 15.56
CA GLY G 129 -78.36 -63.04 16.76
C GLY G 129 -77.67 -63.55 18.00
N PRO G 130 -77.52 -62.70 19.01
CA PRO G 130 -76.77 -63.07 20.21
C PRO G 130 -77.58 -63.97 21.12
N SER G 131 -76.88 -64.53 22.12
CA SER G 131 -77.47 -65.39 23.13
C SER G 131 -77.08 -64.88 24.51
N VAL G 132 -78.05 -64.75 25.39
CA VAL G 132 -77.85 -64.21 26.73
C VAL G 132 -77.84 -65.35 27.74
N PHE G 133 -77.03 -65.21 28.77
CA PHE G 133 -76.93 -66.20 29.84
C PHE G 133 -77.11 -65.51 31.18
N PRO G 134 -78.20 -65.76 31.89
CA PRO G 134 -78.36 -65.17 33.23
C PRO G 134 -77.53 -65.88 34.28
N LEU G 135 -77.02 -65.09 35.23
CA LEU G 135 -76.20 -65.59 36.31
C LEU G 135 -76.86 -65.32 37.65
N ALA G 136 -76.58 -66.18 38.62
CA ALA G 136 -77.15 -66.07 39.95
C ALA G 136 -76.06 -66.27 41.01
N PRO G 137 -76.11 -65.52 42.10
CA PRO G 137 -75.12 -65.71 43.16
C PRO G 137 -75.40 -66.96 43.96
N SER G 138 -74.32 -67.60 44.41
CA SER G 138 -74.42 -68.83 45.18
C SER G 138 -74.50 -68.52 46.68
N SER G 139 -74.71 -69.57 47.48
CA SER G 139 -74.80 -69.40 48.92
C SER G 139 -73.45 -69.17 49.58
N LYS G 140 -72.36 -69.60 48.96
CA LYS G 140 -71.03 -69.41 49.51
C LYS G 140 -70.37 -68.12 49.06
N SER G 141 -70.83 -67.54 47.95
CA SER G 141 -70.26 -66.29 47.44
C SER G 141 -70.76 -65.06 48.18
N THR G 142 -71.69 -65.22 49.12
CA THR G 142 -72.25 -64.11 49.88
C THR G 142 -71.95 -64.31 51.35
N SER G 143 -71.36 -63.29 51.97
CA SER G 143 -71.07 -63.31 53.40
C SER G 143 -71.68 -62.13 54.16
N GLY G 144 -72.02 -61.04 53.49
CA GLY G 144 -72.62 -59.90 54.15
C GLY G 144 -74.06 -59.68 53.77
N GLY G 145 -74.46 -58.42 53.60
CA GLY G 145 -75.83 -58.10 53.25
C GLY G 145 -76.02 -57.66 51.81
N THR G 146 -75.08 -58.03 50.94
CA THR G 146 -75.13 -57.66 49.54
C THR G 146 -74.88 -58.89 48.68
N ALA G 147 -75.14 -58.75 47.38
CA ALA G 147 -74.94 -59.84 46.43
C ALA G 147 -74.69 -59.25 45.05
N ALA G 148 -74.23 -60.11 44.13
CA ALA G 148 -73.90 -59.70 42.78
C ALA G 148 -74.62 -60.61 41.79
N LEU G 149 -75.28 -60.00 40.80
CA LEU G 149 -75.96 -60.75 39.75
C LEU G 149 -76.01 -59.88 38.51
N GLY G 150 -75.91 -60.52 37.34
CA GLY G 150 -75.93 -59.79 36.10
C GLY G 150 -76.31 -60.67 34.93
N CYS G 151 -76.04 -60.15 33.73
CA CYS G 151 -76.34 -60.87 32.49
CA CYS G 151 -76.35 -60.84 32.48
C CYS G 151 -75.13 -60.80 31.57
N LEU G 152 -74.89 -61.89 30.85
CA LEU G 152 -73.75 -62.00 29.95
C LEU G 152 -74.24 -62.02 28.50
N VAL G 153 -73.55 -61.27 27.65
CA VAL G 153 -73.85 -61.19 26.23
C VAL G 153 -72.68 -61.83 25.49
N LYS G 154 -72.91 -63.00 24.91
CA LYS G 154 -71.88 -63.74 24.20
C LYS G 154 -72.28 -63.92 22.74
N ASP G 155 -71.27 -63.92 21.87
CA ASP G 155 -71.44 -64.13 20.43
C ASP G 155 -72.39 -63.09 19.83
N TYR G 156 -71.95 -61.83 19.88
CA TYR G 156 -72.71 -60.72 19.33
C TYR G 156 -71.81 -59.92 18.38
N PHE G 157 -72.46 -59.22 17.45
CA PHE G 157 -71.76 -58.42 16.45
C PHE G 157 -72.77 -57.49 15.79
N PRO G 158 -72.41 -56.24 15.49
CA PRO G 158 -71.15 -55.58 15.81
C PRO G 158 -71.28 -54.59 16.97
N GLU G 159 -70.22 -53.83 17.23
CA GLU G 159 -70.26 -52.78 18.23
C GLU G 159 -71.05 -51.58 17.69
N PRO G 160 -71.68 -50.78 18.58
CA PRO G 160 -71.78 -50.98 20.03
C PRO G 160 -73.11 -51.56 20.48
N VAL G 161 -73.22 -51.90 21.76
CA VAL G 161 -74.46 -52.41 22.34
C VAL G 161 -74.71 -51.66 23.66
N THR G 162 -75.93 -51.16 23.83
CA THR G 162 -76.33 -50.47 25.06
C THR G 162 -77.25 -51.39 25.86
N VAL G 163 -76.92 -51.58 27.14
CA VAL G 163 -77.69 -52.42 28.02
C VAL G 163 -78.50 -51.54 28.97
N SER G 164 -79.51 -52.15 29.59
CA SER G 164 -80.40 -51.45 30.51
C SER G 164 -80.82 -52.40 31.61
N TRP G 165 -81.22 -51.81 32.75
CA TRP G 165 -81.70 -52.56 33.90
C TRP G 165 -83.08 -52.05 34.26
N ASN G 166 -84.10 -52.91 34.10
CA ASN G 166 -85.50 -52.54 34.33
C ASN G 166 -85.90 -51.34 33.47
N SER G 167 -85.44 -51.34 32.22
CA SER G 167 -85.73 -50.26 31.26
C SER G 167 -85.26 -48.90 31.80
N GLY G 168 -84.11 -48.90 32.46
CA GLY G 168 -83.55 -47.67 32.99
C GLY G 168 -84.09 -47.23 34.33
N ALA G 169 -84.66 -48.14 35.11
CA ALA G 169 -85.23 -47.79 36.41
C ALA G 169 -84.20 -47.85 37.54
N LEU G 170 -83.16 -48.67 37.38
CA LEU G 170 -82.12 -48.81 38.39
C LEU G 170 -80.80 -48.31 37.82
N THR G 171 -80.24 -47.27 38.44
CA THR G 171 -78.99 -46.67 37.97
C THR G 171 -77.89 -46.66 39.02
N SER G 172 -78.20 -46.99 40.27
CA SER G 172 -77.17 -47.02 41.31
C SER G 172 -76.44 -48.36 41.27
N GLY G 173 -75.12 -48.32 41.14
CA GLY G 173 -74.33 -49.52 41.08
C GLY G 173 -74.25 -50.18 39.72
N VAL G 174 -74.57 -49.47 38.65
CA VAL G 174 -74.52 -50.03 37.30
C VAL G 174 -73.12 -49.78 36.73
N HIS G 175 -72.49 -50.84 36.24
CA HIS G 175 -71.18 -50.74 35.61
C HIS G 175 -71.19 -51.58 34.34
N THR G 176 -70.75 -50.99 33.23
CA THR G 176 -70.66 -51.67 31.95
C THR G 176 -69.20 -51.99 31.65
N PHE G 177 -68.97 -53.16 31.06
CA PHE G 177 -67.62 -53.60 30.75
C PHE G 177 -67.35 -53.49 29.25
N PRO G 178 -66.14 -53.14 28.86
CA PRO G 178 -65.83 -53.00 27.43
C PRO G 178 -65.76 -54.36 26.74
N ALA G 179 -65.67 -54.31 25.42
CA ALA G 179 -65.57 -55.52 24.61
C ALA G 179 -64.10 -55.88 24.41
N VAL G 180 -63.87 -56.98 23.69
CA VAL G 180 -62.52 -57.47 23.43
C VAL G 180 -62.52 -58.21 22.10
N LEU G 181 -61.39 -58.14 21.40
CA LEU G 181 -61.25 -58.78 20.10
C LEU G 181 -60.99 -60.27 20.31
N GLN G 182 -61.98 -61.10 19.98
CA GLN G 182 -61.83 -62.54 20.11
C GLN G 182 -60.92 -63.08 19.01
N SER G 183 -60.42 -64.30 19.24
CA SER G 183 -59.58 -64.95 18.23
C SER G 183 -60.40 -65.40 17.02
N SER G 184 -61.68 -65.70 17.23
CA SER G 184 -62.57 -66.09 16.14
C SER G 184 -63.21 -64.89 15.44
N GLY G 185 -63.21 -63.73 16.08
CA GLY G 185 -63.77 -62.54 15.47
C GLY G 185 -65.07 -62.08 16.11
N LEU G 186 -65.20 -62.30 17.42
CA LEU G 186 -66.38 -61.91 18.18
C LEU G 186 -65.99 -60.90 19.25
N TYR G 187 -66.98 -60.55 20.09
CA TYR G 187 -66.78 -59.64 21.21
C TYR G 187 -67.52 -60.20 22.41
N SER G 188 -67.26 -59.61 23.58
CA SER G 188 -67.89 -60.05 24.81
C SER G 188 -67.82 -58.95 25.85
N LEU G 189 -68.95 -58.65 26.48
CA LEU G 189 -69.01 -57.67 27.55
C LEU G 189 -69.86 -58.25 28.69
N SER G 190 -69.90 -57.50 29.79
CA SER G 190 -70.68 -57.91 30.96
C SER G 190 -71.23 -56.68 31.65
N SER G 191 -72.24 -56.90 32.50
CA SER G 191 -72.86 -55.81 33.25
C SER G 191 -73.45 -56.41 34.53
N VAL G 192 -72.76 -56.22 35.64
CA VAL G 192 -73.19 -56.74 36.94
C VAL G 192 -73.47 -55.55 37.86
N VAL G 193 -74.46 -55.71 38.73
CA VAL G 193 -74.85 -54.69 39.69
C VAL G 193 -74.76 -55.26 41.10
N THR G 194 -74.94 -54.38 42.08
CA THR G 194 -74.88 -54.75 43.50
C THR G 194 -76.31 -54.75 44.05
N VAL G 195 -76.78 -55.91 44.45
CA VAL G 195 -78.14 -56.10 44.96
C VAL G 195 -78.03 -56.55 46.41
N PRO G 196 -78.75 -55.92 47.34
CA PRO G 196 -78.76 -56.40 48.72
C PRO G 196 -79.47 -57.74 48.84
N SER G 197 -79.14 -58.46 49.90
CA SER G 197 -79.63 -59.84 50.07
C SER G 197 -81.10 -59.91 50.45
N SER G 198 -81.69 -58.82 50.94
CA SER G 198 -83.10 -58.82 51.33
C SER G 198 -84.05 -58.61 50.16
N SER G 199 -83.53 -58.46 48.94
CA SER G 199 -84.35 -58.17 47.77
C SER G 199 -84.18 -59.21 46.67
N LEU G 200 -83.85 -60.45 47.04
CA LEU G 200 -83.71 -61.53 46.06
C LEU G 200 -84.98 -62.31 45.82
N GLY G 201 -86.01 -62.12 46.65
CA GLY G 201 -87.21 -62.93 46.53
C GLY G 201 -88.50 -62.16 46.37
N THR G 202 -88.42 -60.83 46.31
CA THR G 202 -89.60 -59.98 46.19
C THR G 202 -89.71 -59.31 44.82
N GLN G 203 -88.70 -58.54 44.44
CA GLN G 203 -88.67 -57.89 43.13
C GLN G 203 -87.63 -58.54 42.24
N THR G 204 -87.89 -58.51 40.94
CA THR G 204 -87.02 -59.11 39.95
C THR G 204 -86.28 -58.05 39.13
N TYR G 205 -85.27 -58.49 38.40
CA TYR G 205 -84.41 -57.61 37.61
C TYR G 205 -84.30 -58.17 36.20
N ILE G 206 -84.49 -57.31 35.20
CA ILE G 206 -84.55 -57.70 33.80
C ILE G 206 -83.44 -56.99 33.03
N CYS G 207 -82.63 -57.77 32.32
CA CYS G 207 -81.57 -57.20 31.48
CA CYS G 207 -81.57 -57.23 31.48
C CYS G 207 -82.08 -57.04 30.06
N ASN G 208 -81.99 -55.81 29.54
CA ASN G 208 -82.43 -55.48 28.19
C ASN G 208 -81.22 -55.19 27.33
N VAL G 209 -81.10 -55.93 26.23
CA VAL G 209 -80.02 -55.73 25.26
C VAL G 209 -80.60 -55.08 24.02
N ASN G 210 -79.79 -54.26 23.35
CA ASN G 210 -80.20 -53.55 22.14
C ASN G 210 -79.11 -53.70 21.11
N HIS G 211 -79.47 -54.20 19.92
CA HIS G 211 -78.55 -54.38 18.81
C HIS G 211 -79.19 -53.74 17.58
N LYS G 212 -78.95 -52.44 17.41
CA LYS G 212 -79.56 -51.68 16.32
C LYS G 212 -79.10 -52.10 14.91
N PRO G 213 -77.89 -52.66 14.71
CA PRO G 213 -77.58 -53.15 13.36
C PRO G 213 -78.33 -54.43 13.00
N SER G 214 -78.58 -55.30 13.98
CA SER G 214 -79.29 -56.55 13.73
C SER G 214 -80.76 -56.49 14.11
N ASN G 215 -81.19 -55.44 14.81
CA ASN G 215 -82.60 -55.22 15.16
C ASN G 215 -83.15 -56.38 15.99
N THR G 216 -82.41 -56.76 17.02
CA THR G 216 -82.84 -57.78 17.96
C THR G 216 -82.96 -57.20 19.36
N LYS G 217 -83.90 -57.74 20.13
CA LYS G 217 -84.13 -57.29 21.50
C LYS G 217 -84.57 -58.50 22.31
N VAL G 218 -83.73 -58.94 23.24
CA VAL G 218 -83.97 -60.12 24.05
C VAL G 218 -84.08 -59.69 25.50
N ASP G 219 -85.19 -60.01 26.15
CA ASP G 219 -85.41 -59.73 27.57
C ASP G 219 -85.29 -61.04 28.33
N LYS G 220 -84.25 -61.15 29.15
CA LYS G 220 -83.94 -62.37 29.89
C LYS G 220 -84.22 -62.18 31.37
N LYS G 221 -84.78 -63.22 31.99
CA LYS G 221 -85.11 -63.20 33.41
C LYS G 221 -84.08 -64.00 34.19
N VAL G 222 -83.74 -63.52 35.38
CA VAL G 222 -82.75 -64.16 36.26
C VAL G 222 -83.48 -64.85 37.40
N GLU G 223 -83.02 -66.04 37.76
CA GLU G 223 -83.61 -66.81 38.83
C GLU G 223 -82.53 -67.29 39.78
N PRO G 224 -82.77 -67.23 41.09
CA PRO G 224 -81.79 -67.75 42.05
C PRO G 224 -81.68 -69.25 41.97
N LYS G 225 -80.48 -69.75 42.22
CA LYS G 225 -80.22 -71.18 42.15
C LYS G 225 -80.77 -71.89 43.38
N SER G 226 -81.37 -73.06 43.15
CA SER G 226 -81.94 -73.84 44.24
C SER G 226 -80.94 -74.80 44.89
N CYS G 227 -79.81 -75.05 44.23
CA CYS G 227 -78.80 -75.94 44.80
C CYS G 227 -77.95 -75.21 45.83
N ASP G 228 -77.28 -74.13 45.42
CA ASP G 228 -76.44 -73.35 46.32
C ASP G 228 -76.45 -71.88 45.94
N SER H 2 -42.72 -43.21 8.24
CA SER H 2 -41.98 -43.55 7.03
C SER H 2 -40.70 -42.73 6.93
N VAL H 3 -40.77 -41.61 6.20
CA VAL H 3 -39.62 -40.74 6.03
C VAL H 3 -39.43 -39.80 7.21
N LEU H 4 -40.44 -39.65 8.06
CA LEU H 4 -40.37 -38.76 9.21
C LEU H 4 -40.40 -39.61 10.48
N THR H 5 -39.38 -39.43 11.32
CA THR H 5 -39.27 -40.14 12.58
C THR H 5 -39.47 -39.19 13.75
N GLN H 6 -39.94 -39.74 14.87
CA GLN H 6 -40.24 -38.95 16.05
C GLN H 6 -39.92 -39.78 17.28
N PRO H 7 -39.56 -39.15 18.41
CA PRO H 7 -39.32 -39.91 19.62
C PRO H 7 -40.61 -40.52 20.14
N PRO H 8 -40.53 -41.69 20.80
CA PRO H 8 -41.76 -42.35 21.25
C PRO H 8 -42.38 -41.68 22.47
N SER H 9 -41.54 -41.05 23.31
CA SER H 9 -42.03 -40.43 24.53
C SER H 9 -41.07 -39.32 24.94
N VAL H 10 -41.60 -38.36 25.70
CA VAL H 10 -40.82 -37.24 26.21
C VAL H 10 -41.32 -36.91 27.62
N SER H 11 -40.39 -36.67 28.53
CA SER H 11 -40.72 -36.35 29.91
C SER H 11 -40.58 -34.84 30.14
N GLY H 12 -41.40 -34.32 31.06
CA GLY H 12 -41.38 -32.91 31.38
C GLY H 12 -41.94 -32.65 32.76
N ALA H 13 -41.80 -31.41 33.21
CA ALA H 13 -42.28 -30.98 34.50
C ALA H 13 -43.34 -29.90 34.35
N PRO H 14 -44.34 -29.87 35.23
CA PRO H 14 -45.40 -28.85 35.12
C PRO H 14 -44.92 -27.49 35.58
N GLY H 15 -44.30 -26.73 34.67
CA GLY H 15 -43.80 -25.41 35.00
C GLY H 15 -42.50 -25.04 34.33
N GLN H 16 -41.87 -26.01 33.66
CA GLN H 16 -40.64 -25.81 32.92
C GLN H 16 -40.94 -25.80 31.43
N ARG H 17 -39.89 -25.59 30.63
CA ARG H 17 -40.01 -25.58 29.18
C ARG H 17 -39.73 -26.97 28.63
N VAL H 18 -40.66 -27.47 27.83
CA VAL H 18 -40.56 -28.79 27.21
C VAL H 18 -40.51 -28.59 25.70
N THR H 19 -39.44 -29.09 25.07
CA THR H 19 -39.24 -28.94 23.64
C THR H 19 -39.26 -30.32 22.97
N ILE H 20 -39.54 -30.30 21.67
CA ILE H 20 -39.54 -31.51 20.84
C ILE H 20 -38.93 -31.16 19.49
N SER H 21 -38.43 -32.20 18.81
CA SER H 21 -37.76 -32.02 17.53
C SER H 21 -38.38 -32.94 16.49
N CYS H 22 -38.36 -32.49 15.24
CA CYS H 22 -38.85 -33.24 14.09
C CYS H 22 -37.72 -33.36 13.08
N THR H 23 -37.33 -34.59 12.77
CA THR H 23 -36.22 -34.86 11.86
C THR H 23 -36.72 -35.66 10.67
N GLY H 24 -36.34 -35.24 9.47
CA GLY H 24 -36.73 -35.94 8.26
C GLY H 24 -35.60 -36.04 7.26
N SER H 25 -35.86 -35.65 6.02
CA SER H 25 -34.87 -35.67 4.95
C SER H 25 -34.66 -34.25 4.43
N SER H 26 -33.85 -34.13 3.38
CA SER H 26 -33.54 -32.84 2.77
C SER H 26 -34.43 -32.53 1.58
N SER H 27 -35.54 -33.26 1.42
CA SER H 27 -36.45 -33.06 0.29
C SER H 27 -37.87 -32.70 0.70
N ASN H 28 -38.23 -32.89 1.97
CA ASN H 28 -39.58 -32.61 2.44
C ASN H 28 -39.62 -31.48 3.48
N ILE H 29 -38.70 -31.47 4.43
CA ILE H 29 -38.63 -30.44 5.46
C ILE H 29 -37.47 -29.49 5.22
N GLY H 30 -36.31 -30.01 4.80
CA GLY H 30 -35.16 -29.18 4.53
C GLY H 30 -35.12 -28.53 3.17
N ALA H 31 -36.05 -28.89 2.28
CA ALA H 31 -36.06 -28.30 0.94
C ALA H 31 -36.58 -26.87 0.94
N GLY H 32 -37.47 -26.53 1.86
CA GLY H 32 -38.02 -25.19 1.92
C GLY H 32 -39.49 -25.16 2.23
N TYR H 33 -40.11 -26.34 2.31
CA TYR H 33 -41.53 -26.42 2.59
C TYR H 33 -41.81 -26.10 4.06
N ASP H 34 -42.98 -25.52 4.31
CA ASP H 34 -43.39 -25.20 5.66
C ASP H 34 -43.88 -26.45 6.38
N VAL H 35 -43.81 -26.41 7.71
CA VAL H 35 -44.22 -27.52 8.56
C VAL H 35 -45.52 -27.15 9.26
N HIS H 36 -46.30 -28.18 9.60
CA HIS H 36 -47.57 -28.00 10.29
C HIS H 36 -47.64 -28.99 11.44
N TRP H 37 -47.96 -28.48 12.63
CA TRP H 37 -48.07 -29.29 13.83
C TRP H 37 -49.53 -29.47 14.21
N TYR H 38 -49.90 -30.68 14.61
CA TYR H 38 -51.26 -31.02 14.98
C TYR H 38 -51.27 -31.71 16.33
N GLN H 39 -52.44 -31.71 16.96
CA GLN H 39 -52.65 -32.35 18.26
C GLN H 39 -53.73 -33.39 18.13
N GLN H 40 -53.42 -34.64 18.46
CA GLN H 40 -54.32 -35.77 18.32
C GLN H 40 -54.82 -36.17 19.70
N LEU H 41 -55.97 -35.63 20.08
CA LEU H 41 -56.57 -35.97 21.36
C LEU H 41 -57.37 -37.27 21.23
N PRO H 42 -57.15 -38.24 22.12
CA PRO H 42 -57.88 -39.51 22.02
C PRO H 42 -59.33 -39.40 22.43
N GLY H 43 -60.20 -39.01 21.50
CA GLY H 43 -61.61 -38.87 21.80
C GLY H 43 -62.29 -37.72 21.08
N THR H 44 -61.52 -36.97 20.29
CA THR H 44 -62.09 -35.92 19.47
C THR H 44 -61.24 -35.77 18.21
N ALA H 45 -61.73 -34.95 17.27
CA ALA H 45 -61.03 -34.76 16.01
C ALA H 45 -59.89 -33.77 16.19
N PRO H 46 -58.76 -33.98 15.50
CA PRO H 46 -57.65 -33.04 15.60
C PRO H 46 -57.97 -31.73 14.90
N LYS H 47 -57.39 -30.65 15.41
CA LYS H 47 -57.58 -29.31 14.89
C LYS H 47 -56.23 -28.72 14.47
N LEU H 48 -56.28 -27.50 13.95
CA LEU H 48 -55.09 -26.79 13.52
C LEU H 48 -54.52 -25.97 14.66
N LEU H 49 -53.21 -26.08 14.88
CA LEU H 49 -52.52 -25.36 15.94
C LEU H 49 -51.68 -24.21 15.41
N ILE H 50 -50.78 -24.47 14.46
CA ILE H 50 -49.92 -23.44 13.90
C ILE H 50 -49.50 -23.86 12.50
N TYR H 51 -49.56 -22.92 11.56
CA TYR H 51 -49.18 -23.17 10.18
C TYR H 51 -48.11 -22.18 9.76
N GLY H 52 -47.06 -22.68 9.11
CA GLY H 52 -45.97 -21.86 8.65
C GLY H 52 -44.99 -21.43 9.73
N ASN H 53 -45.25 -21.76 11.00
CA ASN H 53 -44.39 -21.42 12.13
C ASN H 53 -44.19 -19.91 12.28
N SER H 54 -45.08 -19.11 11.69
CA SER H 54 -44.98 -17.66 11.79
C SER H 54 -46.30 -16.97 12.12
N ASN H 55 -47.45 -17.58 11.86
CA ASN H 55 -48.75 -16.97 12.09
C ASN H 55 -49.46 -17.71 13.23
N ARG H 56 -50.46 -17.04 13.79
CA ARG H 56 -51.25 -17.60 14.89
C ARG H 56 -52.72 -17.67 14.49
N PRO H 57 -53.31 -18.85 14.40
CA PRO H 57 -54.73 -18.95 14.07
C PRO H 57 -55.62 -18.47 15.21
N SER H 58 -56.91 -18.40 14.92
CA SER H 58 -57.87 -17.93 15.90
C SER H 58 -58.31 -19.08 16.80
N GLY H 59 -58.24 -18.87 18.12
CA GLY H 59 -58.65 -19.86 19.08
C GLY H 59 -57.54 -20.66 19.71
N VAL H 60 -56.28 -20.39 19.35
CA VAL H 60 -55.14 -21.12 19.89
C VAL H 60 -54.35 -20.19 20.81
N PRO H 61 -53.91 -20.67 21.98
CA PRO H 61 -53.11 -19.81 22.86
C PRO H 61 -51.75 -19.51 22.26
N ASP H 62 -51.10 -18.49 22.84
CA ASP H 62 -49.81 -18.02 22.37
C ASP H 62 -48.64 -18.75 23.04
N ARG H 63 -48.92 -19.80 23.81
CA ARG H 63 -47.86 -20.53 24.49
C ARG H 63 -47.09 -21.46 23.58
N PHE H 64 -47.65 -21.80 22.41
CA PHE H 64 -46.98 -22.67 21.46
C PHE H 64 -46.04 -21.84 20.59
N SER H 65 -44.80 -22.33 20.43
CA SER H 65 -43.79 -21.65 19.64
C SER H 65 -43.20 -22.64 18.64
N GLY H 66 -43.25 -22.28 17.36
CA GLY H 66 -42.71 -23.13 16.31
C GLY H 66 -41.58 -22.45 15.57
N SER H 67 -40.54 -23.21 15.27
CA SER H 67 -39.38 -22.69 14.56
C SER H 67 -38.77 -23.78 13.70
N LYS H 68 -38.01 -23.36 12.69
CA LYS H 68 -37.34 -24.27 11.76
C LYS H 68 -35.85 -23.94 11.78
N SER H 69 -35.06 -24.86 12.33
CA SER H 69 -33.60 -24.71 12.40
C SER H 69 -32.99 -25.57 11.31
N GLY H 70 -32.89 -25.01 10.12
CA GLY H 70 -32.31 -25.73 8.99
C GLY H 70 -33.19 -26.83 8.46
N THR H 71 -32.79 -28.08 8.69
CA THR H 71 -33.52 -29.25 8.20
C THR H 71 -34.44 -29.83 9.26
N SER H 72 -34.47 -29.26 10.47
CA SER H 72 -35.29 -29.79 11.55
C SER H 72 -36.19 -28.70 12.10
N ALA H 73 -37.40 -29.10 12.49
CA ALA H 73 -38.38 -28.21 13.09
C ALA H 73 -38.48 -28.48 14.60
N SER H 74 -38.84 -27.46 15.35
CA SER H 74 -38.92 -27.55 16.80
C SER H 74 -40.21 -26.94 17.29
N LEU H 75 -40.74 -27.51 18.38
CA LEU H 75 -41.94 -27.01 19.03
C LEU H 75 -41.64 -26.88 20.52
N ALA H 76 -41.84 -25.68 21.05
CA ALA H 76 -41.55 -25.39 22.45
C ALA H 76 -42.81 -24.87 23.14
N ILE H 77 -43.08 -25.39 24.33
CA ILE H 77 -44.22 -24.97 25.13
C ILE H 77 -43.73 -24.52 26.49
N THR H 78 -44.56 -23.72 27.16
CA THR H 78 -44.25 -23.19 28.48
C THR H 78 -45.45 -23.44 29.40
N GLY H 79 -45.27 -24.33 30.38
CA GLY H 79 -46.33 -24.66 31.31
C GLY H 79 -47.18 -25.83 30.85
N LEU H 80 -47.34 -26.82 31.72
CA LEU H 80 -48.12 -28.02 31.41
C LEU H 80 -49.47 -27.91 32.12
N GLN H 81 -50.53 -27.72 31.35
CA GLN H 81 -51.88 -27.61 31.89
C GLN H 81 -52.54 -28.99 31.90
N ALA H 82 -53.86 -29.02 32.12
CA ALA H 82 -54.61 -30.26 32.22
C ALA H 82 -55.27 -30.68 30.92
N GLU H 83 -54.70 -30.29 29.77
CA GLU H 83 -55.22 -30.68 28.48
C GLU H 83 -54.13 -31.14 27.52
N ASP H 84 -52.91 -31.36 28.01
CA ASP H 84 -51.79 -31.76 27.17
C ASP H 84 -51.59 -33.28 27.15
N GLU H 85 -52.67 -34.04 27.37
CA GLU H 85 -52.61 -35.50 27.31
C GLU H 85 -53.03 -35.99 25.92
N ALA H 86 -52.23 -35.60 24.93
CA ALA H 86 -52.50 -35.96 23.54
C ALA H 86 -51.16 -36.25 22.86
N ASP H 87 -51.22 -36.40 21.54
CA ASP H 87 -50.03 -36.71 20.74
C ASP H 87 -49.75 -35.55 19.78
N TYR H 88 -48.47 -35.27 19.57
CA TYR H 88 -48.03 -34.23 18.66
C TYR H 88 -47.40 -34.88 17.43
N TYR H 89 -47.83 -34.44 16.24
CA TYR H 89 -47.37 -35.01 14.99
C TYR H 89 -46.67 -33.94 14.15
N CYS H 90 -45.73 -34.38 13.33
CA CYS H 90 -45.00 -33.51 12.43
C CYS H 90 -45.42 -33.81 11.00
N GLN H 91 -46.01 -32.82 10.33
CA GLN H 91 -46.53 -32.97 8.98
C GLN H 91 -45.81 -32.01 8.05
N SER H 92 -45.32 -32.54 6.93
CA SER H 92 -44.64 -31.73 5.92
C SER H 92 -44.93 -32.33 4.55
N TYR H 93 -44.91 -31.48 3.53
CA TYR H 93 -45.17 -31.91 2.17
C TYR H 93 -43.94 -32.61 1.61
N ASP H 94 -44.08 -33.87 1.25
CA ASP H 94 -42.99 -34.68 0.70
C ASP H 94 -43.15 -34.79 -0.81
N SER H 95 -42.07 -34.52 -1.54
CA SER H 95 -42.10 -34.60 -2.99
C SER H 95 -41.81 -36.00 -3.51
N SER H 96 -41.02 -36.79 -2.77
CA SER H 96 -40.78 -38.17 -3.18
C SER H 96 -42.02 -39.03 -3.02
N LEU H 97 -42.89 -38.69 -2.07
CA LEU H 97 -44.15 -39.38 -1.88
C LEU H 97 -45.30 -38.72 -2.64
N SER H 98 -45.07 -37.53 -3.20
CA SER H 98 -46.09 -36.80 -3.96
C SER H 98 -47.34 -36.55 -3.11
N GLY H 99 -47.12 -35.93 -1.96
CA GLY H 99 -48.20 -35.62 -1.06
C GLY H 99 -47.68 -35.32 0.33
N SER H 100 -48.63 -35.12 1.24
CA SER H 100 -48.32 -34.81 2.63
C SER H 100 -48.20 -36.11 3.43
N VAL H 101 -47.21 -36.15 4.31
CA VAL H 101 -46.95 -37.31 5.16
C VAL H 101 -46.77 -36.83 6.60
N PHE H 102 -47.35 -37.57 7.54
CA PHE H 102 -47.27 -37.22 8.94
C PHE H 102 -46.06 -37.90 9.58
N GLY H 103 -45.85 -37.63 10.87
CA GLY H 103 -44.74 -38.18 11.62
C GLY H 103 -45.13 -39.40 12.42
N GLY H 104 -44.35 -39.66 13.46
CA GLY H 104 -44.60 -40.80 14.33
C GLY H 104 -45.56 -40.49 15.46
N GLY H 105 -45.27 -39.44 16.22
CA GLY H 105 -46.14 -39.05 17.33
C GLY H 105 -45.54 -39.35 18.69
N THR H 106 -45.57 -38.35 19.57
CA THR H 106 -45.03 -38.47 20.92
C THR H 106 -46.18 -38.41 21.93
N LYS H 107 -46.09 -39.21 22.98
CA LYS H 107 -47.06 -39.22 24.06
C LYS H 107 -46.51 -38.40 25.22
N LEU H 108 -47.34 -37.49 25.74
CA LEU H 108 -46.92 -36.55 26.79
C LEU H 108 -47.69 -36.87 28.07
N THR H 109 -47.18 -37.82 28.85
CA THR H 109 -47.88 -38.21 30.07
C THR H 109 -47.00 -39.02 31.01
N VAL H 110 -47.46 -39.19 32.25
CA VAL H 110 -46.71 -39.98 33.22
C VAL H 110 -47.65 -41.00 33.83
N LEU H 111 -47.10 -41.92 34.61
CA LEU H 111 -47.93 -42.93 35.25
C LEU H 111 -49.08 -42.26 35.98
N GLY H 112 -48.75 -41.37 36.91
CA GLY H 112 -49.78 -40.65 37.64
C GLY H 112 -50.92 -41.54 38.09
N GLN H 113 -50.58 -42.71 38.61
CA GLN H 113 -51.60 -43.66 39.05
C GLN H 113 -51.26 -44.25 40.41
N PRO H 114 -51.97 -43.82 41.46
CA PRO H 114 -51.74 -44.36 42.80
C PRO H 114 -52.11 -45.83 42.90
N LYS H 115 -51.54 -46.53 43.88
CA LYS H 115 -51.85 -47.93 44.06
C LYS H 115 -53.08 -48.12 44.95
N ALA H 116 -53.54 -49.36 45.06
CA ALA H 116 -54.71 -49.65 45.89
C ALA H 116 -54.76 -51.15 46.13
N ALA H 117 -55.89 -51.61 46.66
CA ALA H 117 -56.09 -53.04 46.95
C ALA H 117 -57.18 -53.59 46.06
N PRO H 118 -56.92 -54.64 45.28
CA PRO H 118 -57.95 -55.17 44.37
C PRO H 118 -58.88 -56.15 45.08
N SER H 119 -59.98 -56.46 44.40
CA SER H 119 -60.95 -57.43 44.90
C SER H 119 -61.52 -58.17 43.70
N VAL H 120 -61.36 -59.50 43.69
CA VAL H 120 -61.76 -60.32 42.56
C VAL H 120 -63.02 -61.11 42.91
N THR H 121 -63.74 -61.50 41.87
CA THR H 121 -64.94 -62.31 42.02
C THR H 121 -64.95 -63.37 40.93
N LEU H 122 -65.06 -64.64 41.33
CA LEU H 122 -65.10 -65.76 40.40
C LEU H 122 -66.52 -66.31 40.33
N PHE H 123 -67.05 -66.40 39.12
CA PHE H 123 -68.42 -66.86 38.90
C PHE H 123 -68.41 -68.08 37.99
N PRO H 124 -68.97 -69.22 38.41
CA PRO H 124 -69.03 -70.38 37.53
C PRO H 124 -70.16 -70.22 36.51
N PRO H 125 -70.08 -70.92 35.39
CA PRO H 125 -71.16 -70.85 34.40
C PRO H 125 -72.45 -71.47 34.92
N SER H 126 -73.56 -71.00 34.38
CA SER H 126 -74.88 -71.46 34.80
C SER H 126 -75.26 -72.75 34.07
N SER H 127 -76.46 -73.24 34.35
CA SER H 127 -76.91 -74.51 33.78
C SER H 127 -77.37 -74.37 32.33
N GLU H 128 -77.92 -73.22 31.95
CA GLU H 128 -78.40 -73.02 30.59
C GLU H 128 -77.26 -72.85 29.59
N GLU H 129 -76.07 -72.47 30.07
CA GLU H 129 -74.94 -72.23 29.19
C GLU H 129 -74.23 -73.52 28.81
N LEU H 130 -74.48 -74.61 29.52
CA LEU H 130 -73.76 -75.86 29.28
C LEU H 130 -74.26 -76.59 28.04
N GLN H 131 -75.53 -76.41 27.66
CA GLN H 131 -76.08 -77.07 26.49
C GLN H 131 -75.77 -76.33 25.20
N ALA H 132 -75.05 -75.21 25.26
CA ALA H 132 -74.67 -74.46 24.08
C ALA H 132 -73.33 -74.92 23.50
N ASN H 133 -72.83 -76.07 23.94
CA ASN H 133 -71.56 -76.64 23.45
C ASN H 133 -70.39 -75.68 23.67
N LYS H 134 -70.42 -74.92 24.76
CA LYS H 134 -69.34 -74.00 25.09
C LYS H 134 -69.35 -73.74 26.59
N ALA H 135 -68.23 -73.22 27.08
CA ALA H 135 -68.07 -72.88 28.49
C ALA H 135 -67.29 -71.59 28.60
N THR H 136 -67.91 -70.56 29.18
CA THR H 136 -67.30 -69.24 29.33
C THR H 136 -67.03 -69.03 30.82
N LEU H 137 -65.79 -69.24 31.23
CA LEU H 137 -65.38 -69.03 32.62
C LEU H 137 -64.99 -67.57 32.79
N VAL H 138 -65.77 -66.83 33.57
CA VAL H 138 -65.54 -65.40 33.78
C VAL H 138 -64.80 -65.20 35.10
N CYS H 139 -64.07 -64.09 35.19
CA CYS H 139 -63.33 -63.74 36.40
C CYS H 139 -63.30 -62.21 36.48
N LEU H 140 -64.21 -61.64 37.25
CA LEU H 140 -64.38 -60.19 37.30
C LEU H 140 -63.53 -59.59 38.42
N ILE H 141 -62.79 -58.53 38.09
CA ILE H 141 -61.99 -57.78 39.04
C ILE H 141 -62.51 -56.36 39.11
N SER H 142 -62.64 -55.82 40.31
CA SER H 142 -63.21 -54.49 40.48
C SER H 142 -62.59 -53.82 41.70
N ASP H 143 -62.75 -52.50 41.76
CA ASP H 143 -62.29 -51.68 42.88
C ASP H 143 -60.78 -51.81 43.08
N PHE H 144 -60.03 -51.38 42.06
CA PHE H 144 -58.58 -51.41 42.10
C PHE H 144 -58.03 -50.18 41.39
N TYR H 145 -56.76 -49.89 41.64
CA TYR H 145 -56.09 -48.74 41.06
C TYR H 145 -54.58 -48.97 41.05
N PRO H 146 -53.90 -48.84 39.90
CA PRO H 146 -54.50 -48.50 38.61
C PRO H 146 -54.97 -49.74 37.84
N GLY H 147 -55.29 -49.56 36.56
CA GLY H 147 -55.78 -50.66 35.75
C GLY H 147 -54.71 -51.42 35.01
N ALA H 148 -53.79 -52.05 35.76
CA ALA H 148 -52.73 -52.88 35.19
C ALA H 148 -52.68 -54.17 35.99
N VAL H 149 -53.46 -55.17 35.56
CA VAL H 149 -53.57 -56.46 36.24
C VAL H 149 -53.19 -57.55 35.27
N THR H 150 -52.29 -58.45 35.69
CA THR H 150 -51.92 -59.61 34.90
C THR H 150 -52.78 -60.79 35.32
N VAL H 151 -53.51 -61.35 34.36
CA VAL H 151 -54.47 -62.42 34.62
C VAL H 151 -53.86 -63.75 34.18
N ALA H 152 -53.91 -64.74 35.07
CA ALA H 152 -53.45 -66.09 34.77
C ALA H 152 -54.49 -67.09 35.24
N TRP H 153 -54.51 -68.25 34.61
CA TRP H 153 -55.46 -69.31 34.91
C TRP H 153 -54.73 -70.60 35.24
N LYS H 154 -55.37 -71.42 36.07
CA LYS H 154 -54.81 -72.71 36.48
C LYS H 154 -55.95 -73.69 36.73
N ALA H 155 -55.64 -74.97 36.61
CA ALA H 155 -56.60 -76.05 36.83
C ALA H 155 -56.06 -77.05 37.85
N ASP H 156 -55.33 -76.56 38.84
CA ASP H 156 -54.74 -77.31 39.95
C ASP H 156 -53.65 -78.27 39.51
N SER H 157 -53.39 -78.40 38.21
CA SER H 157 -52.31 -79.28 37.74
C SER H 157 -51.44 -78.67 36.65
N SER H 158 -51.87 -77.59 35.98
CA SER H 158 -51.10 -76.98 34.91
C SER H 158 -51.70 -75.63 34.59
N PRO H 159 -50.89 -74.62 34.22
CA PRO H 159 -51.46 -73.32 33.85
C PRO H 159 -52.12 -73.39 32.49
N VAL H 160 -53.16 -72.58 32.32
CA VAL H 160 -53.94 -72.56 31.08
C VAL H 160 -53.38 -71.47 30.18
N LYS H 161 -52.88 -71.86 29.02
CA LYS H 161 -52.33 -70.94 28.03
C LYS H 161 -53.14 -70.94 26.75
N ALA H 162 -54.45 -71.15 26.86
CA ALA H 162 -55.34 -71.20 25.70
C ALA H 162 -56.69 -70.60 26.09
N GLY H 163 -57.19 -69.71 25.25
CA GLY H 163 -58.46 -69.06 25.51
C GLY H 163 -58.42 -67.94 26.53
N VAL H 164 -57.23 -67.50 26.92
CA VAL H 164 -57.10 -66.43 27.91
C VAL H 164 -57.26 -65.09 27.22
N GLU H 165 -58.09 -64.22 27.80
CA GLU H 165 -58.32 -62.89 27.27
C GLU H 165 -58.41 -61.89 28.41
N THR H 166 -57.87 -60.70 28.19
CA THR H 166 -57.92 -59.61 29.16
C THR H 166 -58.46 -58.37 28.48
N THR H 167 -59.43 -57.72 29.11
CA THR H 167 -60.00 -56.48 28.60
C THR H 167 -59.37 -55.28 29.29
N THR H 168 -59.50 -54.12 28.65
CA THR H 168 -58.92 -52.92 29.25
C THR H 168 -59.86 -52.37 30.32
N PRO H 169 -59.32 -51.88 31.43
CA PRO H 169 -60.19 -51.34 32.48
C PRO H 169 -60.62 -49.90 32.19
N SER H 170 -61.84 -49.58 32.57
CA SER H 170 -62.40 -48.26 32.40
C SER H 170 -62.62 -47.60 33.76
N LYS H 171 -62.74 -46.28 33.75
CA LYS H 171 -62.92 -45.52 34.98
C LYS H 171 -64.36 -45.64 35.47
N GLN H 172 -64.51 -45.88 36.77
CA GLN H 172 -65.82 -45.98 37.38
C GLN H 172 -66.29 -44.59 37.81
N SER H 173 -67.38 -44.53 38.58
CA SER H 173 -67.87 -43.27 39.09
C SER H 173 -67.12 -42.79 40.34
N ASN H 174 -66.50 -43.72 41.07
CA ASN H 174 -65.74 -43.39 42.27
C ASN H 174 -64.23 -43.42 42.03
N ASN H 175 -63.79 -43.06 40.82
CA ASN H 175 -62.38 -43.03 40.46
C ASN H 175 -61.70 -44.37 40.66
N LYS H 176 -62.37 -45.44 40.25
CA LYS H 176 -61.85 -46.79 40.33
C LYS H 176 -61.86 -47.43 38.94
N TYR H 177 -61.30 -48.64 38.87
CA TYR H 177 -61.22 -49.40 37.63
C TYR H 177 -61.85 -50.76 37.82
N ALA H 178 -62.29 -51.36 36.71
CA ALA H 178 -62.90 -52.67 36.73
C ALA H 178 -62.68 -53.34 35.37
N ALA H 179 -62.49 -54.65 35.40
CA ALA H 179 -62.26 -55.42 34.18
C ALA H 179 -62.78 -56.84 34.40
N SER H 180 -62.78 -57.61 33.31
CA SER H 180 -63.23 -58.99 33.35
C SER H 180 -62.40 -59.83 32.38
N SER H 181 -62.22 -61.09 32.73
CA SER H 181 -61.44 -62.02 31.92
C SER H 181 -62.28 -63.24 31.61
N TYR H 182 -62.33 -63.62 30.34
CA TYR H 182 -63.10 -64.78 29.89
C TYR H 182 -62.16 -65.94 29.58
N LEU H 183 -62.73 -67.15 29.63
CA LEU H 183 -62.01 -68.36 29.27
C LEU H 183 -62.96 -69.22 28.44
N SER H 184 -62.64 -69.41 27.17
CA SER H 184 -63.48 -70.20 26.27
C SER H 184 -63.11 -71.66 26.40
N LEU H 185 -64.02 -72.47 26.95
CA LEU H 185 -63.82 -73.89 27.11
C LEU H 185 -65.07 -74.63 26.63
N THR H 186 -65.03 -75.96 26.74
CA THR H 186 -66.17 -76.80 26.37
C THR H 186 -66.70 -77.54 27.61
N PRO H 187 -68.00 -77.85 27.62
CA PRO H 187 -68.57 -78.57 28.79
C PRO H 187 -68.12 -80.02 28.91
N GLU H 188 -67.48 -80.59 27.89
CA GLU H 188 -67.09 -81.99 27.96
C GLU H 188 -65.97 -82.20 28.97
N GLN H 189 -65.00 -81.29 29.00
CA GLN H 189 -63.89 -81.36 29.94
C GLN H 189 -64.10 -80.48 31.18
N TRP H 190 -65.22 -79.76 31.25
CA TRP H 190 -65.47 -78.88 32.39
C TRP H 190 -65.78 -79.68 33.65
N LYS H 191 -66.45 -80.82 33.51
CA LYS H 191 -66.79 -81.68 34.64
C LYS H 191 -65.71 -82.70 34.96
N SER H 192 -64.73 -82.89 34.07
CA SER H 192 -63.69 -83.89 34.32
C SER H 192 -62.67 -83.39 35.33
N HIS H 193 -62.29 -82.12 35.25
CA HIS H 193 -61.35 -81.55 36.20
C HIS H 193 -62.04 -81.25 37.52
N ARG H 194 -61.23 -81.14 38.58
CA ARG H 194 -61.76 -81.01 39.93
C ARG H 194 -62.18 -79.58 40.24
N SER H 195 -61.40 -78.58 39.82
CA SER H 195 -61.69 -77.20 40.16
C SER H 195 -61.04 -76.29 39.13
N TYR H 196 -61.38 -75.01 39.21
CA TYR H 196 -60.84 -73.98 38.34
C TYR H 196 -60.63 -72.70 39.14
N SER H 197 -59.64 -71.91 38.74
CA SER H 197 -59.31 -70.69 39.46
C SER H 197 -58.62 -69.71 38.51
N CYS H 198 -58.76 -68.42 38.83
CA CYS H 198 -58.08 -67.36 38.12
C CYS H 198 -57.17 -66.63 39.10
N GLN H 199 -55.87 -66.64 38.84
CA GLN H 199 -54.88 -66.04 39.71
C GLN H 199 -54.37 -64.75 39.09
N VAL H 200 -54.41 -63.66 39.86
CA VAL H 200 -53.96 -62.36 39.40
C VAL H 200 -52.99 -61.79 40.44
N THR H 201 -52.29 -60.74 40.05
CA THR H 201 -51.34 -60.06 40.93
C THR H 201 -51.46 -58.55 40.74
N HIS H 202 -51.10 -57.82 41.79
CA HIS H 202 -51.11 -56.35 41.74
C HIS H 202 -50.09 -55.86 42.76
N GLU H 203 -48.91 -55.49 42.28
CA GLU H 203 -47.80 -55.06 43.13
C GLU H 203 -47.47 -56.13 44.18
N GLY H 204 -47.42 -57.38 43.75
CA GLY H 204 -47.10 -58.49 44.61
C GLY H 204 -48.29 -59.11 45.32
N SER H 205 -49.41 -58.39 45.42
CA SER H 205 -50.59 -58.90 46.11
C SER H 205 -51.29 -59.91 45.21
N THR H 206 -51.31 -61.18 45.64
CA THR H 206 -51.92 -62.26 44.89
C THR H 206 -53.15 -62.75 45.63
N VAL H 207 -54.32 -62.57 45.02
CA VAL H 207 -55.59 -63.03 45.56
C VAL H 207 -56.07 -64.21 44.73
N GLU H 208 -56.43 -65.30 45.40
CA GLU H 208 -56.82 -66.54 44.74
C GLU H 208 -58.21 -66.94 45.21
N LYS H 209 -59.08 -67.27 44.26
CA LYS H 209 -60.43 -67.74 44.55
C LYS H 209 -60.74 -68.92 43.65
N THR H 210 -61.33 -69.96 44.22
CA THR H 210 -61.63 -71.20 43.51
C THR H 210 -63.09 -71.55 43.67
N VAL H 211 -63.61 -72.31 42.71
CA VAL H 211 -64.96 -72.83 42.75
C VAL H 211 -64.91 -74.35 42.55
N ALA H 212 -66.07 -74.99 42.73
CA ALA H 212 -66.16 -76.43 42.55
C ALA H 212 -67.42 -76.77 41.76
N PRO H 213 -67.28 -77.44 40.62
CA PRO H 213 -68.48 -77.79 39.83
C PRO H 213 -69.29 -78.93 40.44
N THR H 214 -68.69 -79.79 41.25
CA THR H 214 -69.41 -80.89 41.87
C THR H 214 -69.45 -80.74 43.38
N THR I 2 -63.10 0.80 -13.38
CA THR I 2 -62.26 0.18 -14.40
C THR I 2 -62.91 -1.09 -14.95
N ILE I 3 -62.72 -1.31 -16.25
CA ILE I 3 -63.30 -2.48 -16.92
C ILE I 3 -62.22 -3.15 -17.77
N GLU I 4 -61.05 -2.52 -17.85
CA GLU I 4 -60.01 -3.00 -18.76
C GLU I 4 -59.45 -4.34 -18.30
N GLU I 5 -58.98 -4.41 -17.05
CA GLU I 5 -58.46 -5.67 -16.54
C GLU I 5 -59.55 -6.64 -16.12
N GLN I 6 -60.80 -6.16 -15.96
CA GLN I 6 -61.91 -7.07 -15.67
C GLN I 6 -62.32 -7.86 -16.91
N ALA I 7 -62.21 -7.26 -18.09
CA ALA I 7 -62.52 -7.96 -19.34
C ALA I 7 -61.38 -8.87 -19.79
N LYS I 8 -60.15 -8.63 -19.30
CA LYS I 8 -59.04 -9.51 -19.65
C LYS I 8 -59.17 -10.87 -18.99
N THR I 9 -59.78 -10.93 -17.81
CA THR I 9 -60.07 -12.19 -17.13
C THR I 9 -61.40 -12.79 -17.57
N PHE I 10 -62.16 -12.10 -18.41
CA PHE I 10 -63.45 -12.58 -18.89
C PHE I 10 -63.36 -13.24 -20.27
N LEU I 11 -62.40 -12.84 -21.10
CA LEU I 11 -62.29 -13.39 -22.44
C LEU I 11 -61.40 -14.63 -22.52
N ASP I 12 -60.36 -14.69 -21.71
CA ASP I 12 -59.47 -15.86 -21.74
C ASP I 12 -60.11 -17.09 -21.10
N LYS I 13 -61.11 -16.90 -20.24
CA LYS I 13 -61.87 -18.04 -19.76
C LYS I 13 -62.67 -18.69 -20.89
N PHE I 14 -63.16 -17.88 -21.83
CA PHE I 14 -63.78 -18.42 -23.03
C PHE I 14 -62.75 -19.02 -23.99
N ASN I 15 -61.50 -18.57 -23.90
CA ASN I 15 -60.45 -19.11 -24.77
C ASN I 15 -60.07 -20.53 -24.36
N HIS I 16 -59.95 -20.77 -23.06
CA HIS I 16 -59.53 -22.08 -22.56
C HIS I 16 -60.66 -23.07 -22.45
N GLU I 17 -61.91 -22.61 -22.40
CA GLU I 17 -63.05 -23.52 -22.33
C GLU I 17 -63.56 -23.92 -23.71
N ALA I 18 -63.62 -22.98 -24.65
CA ALA I 18 -64.07 -23.31 -26.00
C ALA I 18 -63.02 -24.09 -26.78
N GLU I 19 -61.74 -23.99 -26.39
CA GLU I 19 -60.72 -24.81 -27.02
C GLU I 19 -60.85 -26.28 -26.63
N ASP I 20 -61.45 -26.57 -25.48
CA ASP I 20 -61.74 -27.93 -25.06
C ASP I 20 -63.16 -28.36 -25.40
N LEU I 21 -64.09 -27.40 -25.51
CA LEU I 21 -65.46 -27.74 -25.89
C LEU I 21 -65.56 -28.05 -27.38
N PHE I 22 -64.86 -27.27 -28.21
CA PHE I 22 -64.78 -27.58 -29.64
C PHE I 22 -63.85 -28.76 -29.92
N TYR I 23 -63.01 -29.13 -28.95
CA TYR I 23 -62.18 -30.32 -29.11
C TYR I 23 -63.01 -31.59 -29.06
N GLN I 24 -63.86 -31.72 -28.04
CA GLN I 24 -64.65 -32.93 -27.86
C GLN I 24 -65.83 -33.00 -28.83
N SER I 25 -66.38 -31.86 -29.24
CA SER I 25 -67.49 -31.87 -30.18
C SER I 25 -67.02 -32.23 -31.57
N SER I 26 -65.82 -31.79 -31.96
CA SER I 26 -65.26 -32.16 -33.25
C SER I 26 -64.65 -33.56 -33.24
N LEU I 27 -64.39 -34.11 -32.05
CA LEU I 27 -63.95 -35.50 -31.97
C LEU I 27 -65.10 -36.46 -32.28
N ALA I 28 -66.33 -36.10 -31.93
CA ALA I 28 -67.48 -36.92 -32.27
C ALA I 28 -67.82 -36.85 -33.75
N SER I 29 -67.38 -35.80 -34.44
CA SER I 29 -67.59 -35.69 -35.88
C SER I 29 -66.50 -36.38 -36.68
N TRP I 30 -65.35 -36.67 -36.06
CA TRP I 30 -64.28 -37.40 -36.74
C TRP I 30 -64.63 -38.87 -36.87
N ASN I 31 -65.09 -39.49 -35.78
CA ASN I 31 -65.49 -40.89 -35.81
C ASN I 31 -66.91 -41.08 -36.34
N TYR I 32 -67.64 -39.99 -36.61
CA TYR I 32 -68.95 -40.11 -37.23
C TYR I 32 -68.84 -40.59 -38.67
N ASN I 33 -67.75 -40.22 -39.36
CA ASN I 33 -67.51 -40.69 -40.72
C ASN I 33 -66.74 -41.99 -40.78
N THR I 34 -66.07 -42.39 -39.68
CA THR I 34 -65.30 -43.62 -39.68
C THR I 34 -66.21 -44.84 -39.65
N ASN I 35 -67.04 -44.95 -38.62
CA ASN I 35 -67.97 -46.06 -38.46
C ASN I 35 -69.36 -45.52 -38.20
N ILE I 36 -70.32 -45.88 -39.06
CA ILE I 36 -71.70 -45.44 -38.90
C ILE I 36 -72.34 -46.34 -37.85
N THR I 37 -72.37 -45.88 -36.60
CA THR I 37 -72.93 -46.63 -35.48
C THR I 37 -73.96 -45.79 -34.77
N GLU I 38 -74.99 -46.46 -34.23
CA GLU I 38 -76.05 -45.76 -33.52
C GLU I 38 -75.59 -45.17 -32.20
N GLU I 39 -74.48 -45.65 -31.66
CA GLU I 39 -73.95 -45.12 -30.40
C GLU I 39 -73.06 -43.90 -30.61
N ASN I 40 -72.69 -43.59 -31.85
CA ASN I 40 -71.86 -42.43 -32.14
C ASN I 40 -72.67 -41.19 -32.50
N VAL I 41 -73.89 -41.35 -33.01
CA VAL I 41 -74.74 -40.21 -33.28
C VAL I 41 -75.25 -39.58 -31.99
N GLN I 42 -75.30 -40.36 -30.90
CA GLN I 42 -75.67 -39.79 -29.60
C GLN I 42 -74.52 -38.98 -29.02
N ASN I 43 -73.28 -39.29 -29.39
CA ASN I 43 -72.15 -38.48 -28.96
C ASN I 43 -72.17 -37.11 -29.62
N MET I 44 -72.63 -37.03 -30.87
CA MET I 44 -72.80 -35.74 -31.52
C MET I 44 -74.03 -35.00 -31.01
N ASN I 45 -75.00 -35.72 -30.43
CA ASN I 45 -76.16 -35.08 -29.84
C ASN I 45 -75.84 -34.44 -28.50
N ASN I 46 -75.04 -35.12 -27.67
CA ASN I 46 -74.67 -34.57 -26.37
C ASN I 46 -73.64 -33.46 -26.50
N ALA I 47 -72.62 -33.66 -27.32
CA ALA I 47 -71.60 -32.64 -27.52
C ALA I 47 -72.08 -31.50 -28.41
N GLY I 48 -73.13 -31.72 -29.20
CA GLY I 48 -73.67 -30.68 -30.04
C GLY I 48 -74.65 -29.79 -29.30
N ASP I 49 -75.38 -30.37 -28.36
CA ASP I 49 -76.32 -29.59 -27.55
C ASP I 49 -75.60 -28.81 -26.46
N LYS I 50 -74.57 -29.40 -25.85
CA LYS I 50 -73.83 -28.69 -24.82
C LYS I 50 -73.01 -27.55 -25.40
N TRP I 51 -72.56 -27.68 -26.65
CA TRP I 51 -71.88 -26.57 -27.31
C TRP I 51 -72.85 -25.45 -27.65
N SER I 52 -74.08 -25.80 -28.03
CA SER I 52 -75.09 -24.80 -28.31
C SER I 52 -75.64 -24.16 -27.05
N ALA I 53 -75.67 -24.91 -25.94
CA ALA I 53 -76.13 -24.36 -24.67
C ALA I 53 -75.08 -23.49 -23.99
N PHE I 54 -73.81 -23.66 -24.35
CA PHE I 54 -72.75 -22.84 -23.76
C PHE I 54 -72.73 -21.43 -24.35
N LEU I 55 -73.15 -21.27 -25.60
CA LEU I 55 -73.14 -19.95 -26.21
C LEU I 55 -74.35 -19.13 -25.75
N LYS I 56 -75.48 -19.79 -25.51
CA LYS I 56 -76.68 -19.11 -25.05
C LYS I 56 -76.61 -18.72 -23.58
N GLU I 57 -75.70 -19.33 -22.81
CA GLU I 57 -75.54 -19.02 -21.40
C GLU I 57 -74.40 -18.06 -21.13
N GLN I 58 -73.57 -17.78 -22.12
CA GLN I 58 -72.47 -16.83 -21.98
C GLN I 58 -72.76 -15.48 -22.62
N SER I 59 -73.74 -15.41 -23.52
CA SER I 59 -74.08 -14.16 -24.19
C SER I 59 -75.06 -13.31 -23.39
N THR I 60 -75.95 -13.94 -22.63
CA THR I 60 -76.89 -13.18 -21.82
C THR I 60 -76.20 -12.55 -20.62
N LEU I 61 -75.14 -13.18 -20.11
CA LEU I 61 -74.39 -12.61 -19.00
C LEU I 61 -73.47 -11.48 -19.48
N ALA I 62 -73.04 -11.52 -20.74
CA ALA I 62 -72.18 -10.49 -21.29
C ALA I 62 -72.93 -9.23 -21.69
N GLN I 63 -74.26 -9.27 -21.70
CA GLN I 63 -75.05 -8.09 -22.05
C GLN I 63 -75.09 -7.04 -20.94
N MET I 64 -74.67 -7.40 -19.72
CA MET I 64 -74.64 -6.42 -18.64
C MET I 64 -73.51 -5.42 -18.81
N TYR I 65 -72.43 -5.82 -19.50
CA TYR I 65 -71.31 -4.92 -19.72
C TYR I 65 -71.66 -3.89 -20.80
N PRO I 66 -71.24 -2.65 -20.62
CA PRO I 66 -71.50 -1.61 -21.63
C PRO I 66 -70.60 -1.81 -22.85
N LEU I 67 -70.77 -0.93 -23.84
CA LEU I 67 -70.08 -1.07 -25.10
C LEU I 67 -69.37 0.20 -25.56
N GLN I 68 -69.55 1.32 -24.84
CA GLN I 68 -68.97 2.59 -25.27
C GLN I 68 -68.01 3.14 -24.23
N GLU I 69 -67.12 2.29 -23.72
CA GLU I 69 -66.17 2.72 -22.69
C GLU I 69 -64.74 2.26 -22.93
N ILE I 70 -64.49 1.32 -23.85
CA ILE I 70 -63.15 0.80 -24.10
C ILE I 70 -62.69 1.30 -25.47
N GLN I 71 -61.45 1.80 -25.52
CA GLN I 71 -60.88 2.33 -26.76
C GLN I 71 -59.99 1.32 -27.48
N ASN I 72 -59.76 0.15 -26.90
CA ASN I 72 -58.92 -0.85 -27.54
C ASN I 72 -59.67 -1.52 -28.68
N LEU I 73 -58.95 -1.76 -29.78
CA LEU I 73 -59.57 -2.29 -30.99
C LEU I 73 -59.67 -3.82 -31.00
N THR I 74 -58.75 -4.51 -30.33
CA THR I 74 -58.76 -5.97 -30.35
C THR I 74 -59.85 -6.57 -29.47
N VAL I 75 -60.42 -5.80 -28.55
CA VAL I 75 -61.51 -6.29 -27.71
C VAL I 75 -62.88 -5.87 -28.23
N LYS I 76 -62.95 -4.84 -29.08
CA LYS I 76 -64.24 -4.40 -29.59
C LYS I 76 -64.77 -5.36 -30.64
N LEU I 77 -63.89 -5.93 -31.47
CA LEU I 77 -64.34 -6.84 -32.52
C LEU I 77 -64.67 -8.22 -31.98
N GLN I 78 -63.92 -8.69 -30.99
CA GLN I 78 -64.19 -10.00 -30.41
C GLN I 78 -65.39 -10.00 -29.47
N LEU I 79 -65.84 -8.82 -29.02
CA LEU I 79 -67.04 -8.74 -28.20
C LEU I 79 -68.30 -8.75 -29.06
N GLN I 80 -68.22 -8.22 -30.29
CA GLN I 80 -69.37 -8.27 -31.19
C GLN I 80 -69.62 -9.68 -31.70
N ALA I 81 -68.57 -10.49 -31.84
CA ALA I 81 -68.73 -11.88 -32.25
C ALA I 81 -69.14 -12.78 -31.10
N LEU I 82 -68.91 -12.35 -29.85
CA LEU I 82 -69.32 -13.14 -28.71
C LEU I 82 -70.79 -12.92 -28.38
N GLN I 83 -71.25 -11.67 -28.47
CA GLN I 83 -72.66 -11.34 -28.22
C GLN I 83 -73.45 -11.56 -29.51
N GLN I 84 -73.69 -12.84 -29.80
CA GLN I 84 -74.43 -13.25 -31.01
C GLN I 84 -75.41 -14.34 -30.58
N ASN I 85 -76.62 -13.92 -30.19
CA ASN I 85 -77.62 -14.86 -29.71
C ASN I 85 -78.22 -15.67 -30.85
N GLY I 86 -78.61 -15.00 -31.93
CA GLY I 86 -79.22 -15.69 -33.05
C GLY I 86 -80.65 -16.11 -32.79
N SER I 87 -80.88 -17.40 -32.60
CA SER I 87 -82.21 -17.94 -32.36
C SER I 87 -82.61 -17.92 -30.89
N SER I 88 -81.82 -17.27 -30.03
CA SER I 88 -82.12 -17.20 -28.61
C SER I 88 -82.75 -15.88 -28.20
N VAL I 89 -83.01 -14.98 -29.14
CA VAL I 89 -83.66 -13.72 -28.80
C VAL I 89 -85.14 -13.92 -28.52
N LEU I 90 -85.70 -15.05 -28.95
CA LEU I 90 -87.10 -15.36 -28.79
C LEU I 90 -87.30 -16.32 -27.62
N SER I 91 -88.52 -16.80 -27.44
CA SER I 91 -88.84 -17.66 -26.31
C SER I 91 -88.43 -19.10 -26.60
N GLU I 92 -88.75 -20.00 -25.67
CA GLU I 92 -88.42 -21.41 -25.83
C GLU I 92 -89.33 -22.10 -26.85
N ASP I 93 -90.52 -21.56 -27.09
CA ASP I 93 -91.44 -22.15 -28.06
C ASP I 93 -91.03 -21.84 -29.49
N LYS I 94 -90.35 -20.71 -29.73
CA LYS I 94 -89.92 -20.35 -31.07
C LYS I 94 -88.49 -20.81 -31.37
N SER I 95 -87.72 -21.15 -30.34
CA SER I 95 -86.38 -21.67 -30.58
C SER I 95 -86.41 -23.09 -31.14
N LYS I 96 -87.39 -23.89 -30.73
CA LYS I 96 -87.56 -25.24 -31.28
C LYS I 96 -88.26 -25.23 -32.63
N ARG I 97 -88.88 -24.11 -33.01
CA ARG I 97 -89.56 -24.04 -34.31
C ARG I 97 -88.56 -24.04 -35.45
N LEU I 98 -87.43 -23.33 -35.28
CA LEU I 98 -86.39 -23.32 -36.29
C LEU I 98 -85.58 -24.61 -36.31
N ASN I 99 -85.40 -25.24 -35.16
CA ASN I 99 -84.65 -26.50 -35.10
C ASN I 99 -85.45 -27.67 -35.66
N THR I 100 -86.77 -27.56 -35.68
CA THR I 100 -87.59 -28.62 -36.27
C THR I 100 -87.64 -28.49 -37.78
N ILE I 101 -87.74 -27.27 -38.30
CA ILE I 101 -87.80 -27.09 -39.75
C ILE I 101 -86.42 -27.17 -40.38
N LEU I 102 -85.34 -27.03 -39.59
CA LEU I 102 -84.00 -27.17 -40.15
C LEU I 102 -83.67 -28.63 -40.43
N ASN I 103 -84.03 -29.52 -39.50
CA ASN I 103 -83.83 -30.95 -39.73
C ASN I 103 -84.84 -31.52 -40.70
N THR I 104 -85.98 -30.85 -40.89
CA THR I 104 -86.98 -31.31 -41.85
C THR I 104 -86.52 -31.07 -43.28
N MET I 105 -86.00 -29.88 -43.57
CA MET I 105 -85.48 -29.61 -44.90
C MET I 105 -84.17 -30.35 -45.17
N SER I 106 -83.47 -30.78 -44.12
CA SER I 106 -82.20 -31.48 -44.29
C SER I 106 -82.39 -32.95 -44.63
N THR I 107 -83.53 -33.55 -44.28
CA THR I 107 -83.77 -34.94 -44.60
C THR I 107 -84.43 -35.13 -45.97
N ILE I 108 -85.17 -34.13 -46.45
CA ILE I 108 -85.73 -34.21 -47.80
C ILE I 108 -84.65 -33.94 -48.84
N TYR I 109 -83.78 -32.97 -48.58
CA TYR I 109 -82.75 -32.64 -49.55
C TYR I 109 -81.66 -33.71 -49.62
N SER I 110 -81.42 -34.41 -48.51
CA SER I 110 -80.44 -35.49 -48.51
C SER I 110 -81.00 -36.74 -49.17
N THR I 111 -82.20 -37.15 -48.76
CA THR I 111 -82.88 -38.29 -49.36
C THR I 111 -83.77 -37.86 -50.52
N GLY I 112 -83.17 -37.13 -51.46
CA GLY I 112 -83.93 -36.67 -52.62
C GLY I 112 -84.05 -37.79 -53.64
N LYS I 113 -85.27 -37.97 -54.16
CA LYS I 113 -85.54 -39.04 -55.10
C LYS I 113 -86.47 -38.53 -56.19
N VAL I 114 -86.05 -38.70 -57.45
CA VAL I 114 -86.89 -38.47 -58.61
C VAL I 114 -87.10 -39.82 -59.28
N CYS I 115 -88.36 -40.22 -59.42
CA CYS I 115 -88.68 -41.57 -59.87
C CYS I 115 -89.43 -41.50 -61.20
N ASN I 116 -89.36 -42.60 -61.95
CA ASN I 116 -89.90 -42.65 -63.30
C ASN I 116 -91.43 -42.72 -63.28
N PRO I 117 -92.08 -42.10 -64.27
CA PRO I 117 -93.53 -42.27 -64.40
C PRO I 117 -93.94 -43.57 -65.07
N ASP I 118 -92.99 -44.27 -65.71
CA ASP I 118 -93.31 -45.54 -66.36
C ASP I 118 -93.37 -46.70 -65.36
N ASN I 119 -92.52 -46.67 -64.33
CA ASN I 119 -92.52 -47.69 -63.31
C ASN I 119 -92.24 -47.08 -61.93
N PRO I 120 -92.86 -47.60 -60.89
CA PRO I 120 -92.60 -47.11 -59.52
C PRO I 120 -91.53 -47.88 -58.75
N GLN I 121 -90.76 -48.74 -59.41
CA GLN I 121 -89.78 -49.59 -58.75
C GLN I 121 -88.34 -49.17 -59.08
N GLU I 122 -87.99 -49.11 -60.36
CA GLU I 122 -86.61 -48.89 -60.78
C GLU I 122 -86.40 -47.40 -61.03
N CYS I 123 -85.75 -46.73 -60.08
CA CYS I 123 -85.35 -45.34 -60.23
C CYS I 123 -84.22 -45.07 -59.23
N LEU I 124 -83.57 -43.91 -59.40
CA LEU I 124 -82.29 -43.66 -58.76
C LEU I 124 -82.36 -42.45 -57.84
N LEU I 125 -81.38 -42.37 -56.94
CA LEU I 125 -81.33 -41.35 -55.91
C LEU I 125 -80.76 -40.05 -56.47
N LEU I 126 -80.44 -39.11 -55.59
CA LEU I 126 -79.93 -37.80 -55.98
C LEU I 126 -78.42 -37.79 -56.14
N GLU I 127 -77.68 -38.11 -55.08
CA GLU I 127 -76.23 -38.07 -55.13
C GLU I 127 -75.64 -39.42 -54.78
N PRO I 128 -74.56 -39.85 -55.48
CA PRO I 128 -73.99 -39.12 -56.61
C PRO I 128 -74.57 -39.59 -57.95
N GLY I 129 -75.89 -39.76 -57.99
CA GLY I 129 -76.54 -40.28 -59.19
C GLY I 129 -76.96 -39.21 -60.18
N LEU I 130 -77.62 -38.15 -59.70
CA LEU I 130 -78.09 -37.09 -60.58
C LEU I 130 -76.95 -36.28 -61.17
N ASN I 131 -75.80 -36.22 -60.49
CA ASN I 131 -74.63 -35.51 -61.00
C ASN I 131 -73.91 -36.28 -62.10
N GLU I 132 -74.22 -37.56 -62.28
CA GLU I 132 -73.59 -38.37 -63.32
C GLU I 132 -74.44 -38.51 -64.57
N ILE I 133 -75.76 -38.58 -64.43
CA ILE I 133 -76.63 -38.67 -65.60
C ILE I 133 -76.70 -37.33 -66.33
N MET I 134 -76.64 -36.22 -65.60
CA MET I 134 -76.61 -34.90 -66.21
C MET I 134 -75.25 -34.56 -66.82
N ALA I 135 -74.18 -35.20 -66.34
CA ALA I 135 -72.85 -34.92 -66.87
C ALA I 135 -72.67 -35.56 -68.25
N ASN I 136 -72.99 -36.85 -68.37
CA ASN I 136 -72.86 -37.58 -69.63
C ASN I 136 -74.25 -37.69 -70.25
N SER I 137 -74.62 -36.67 -71.01
CA SER I 137 -75.93 -36.65 -71.68
C SER I 137 -75.80 -35.85 -72.96
N LEU I 138 -76.08 -36.50 -74.10
CA LEU I 138 -75.99 -35.85 -75.41
C LEU I 138 -77.35 -35.75 -76.09
N ASP I 139 -78.44 -35.81 -75.32
CA ASP I 139 -79.78 -35.72 -75.86
C ASP I 139 -80.51 -34.54 -75.26
N TYR I 140 -81.57 -34.11 -75.94
CA TYR I 140 -82.33 -32.93 -75.56
C TYR I 140 -83.51 -33.27 -74.64
N ASN I 141 -84.34 -34.23 -75.05
CA ASN I 141 -85.56 -34.53 -74.30
C ASN I 141 -85.29 -35.27 -73.01
N GLU I 142 -84.11 -35.86 -72.84
CA GLU I 142 -83.79 -36.54 -71.59
C GLU I 142 -83.50 -35.55 -70.47
N ARG I 143 -82.72 -34.51 -70.76
CA ARG I 143 -82.46 -33.47 -69.76
C ARG I 143 -83.67 -32.57 -69.55
N LEU I 144 -84.57 -32.49 -70.53
CA LEU I 144 -85.79 -31.71 -70.35
C LEU I 144 -86.75 -32.41 -69.41
N TRP I 145 -86.85 -33.73 -69.49
CA TRP I 145 -87.70 -34.48 -68.57
C TRP I 145 -87.09 -34.51 -67.18
N ALA I 146 -85.76 -34.57 -67.08
CA ALA I 146 -85.10 -34.60 -65.78
C ALA I 146 -85.18 -33.26 -65.07
N TRP I 147 -85.37 -32.16 -65.80
CA TRP I 147 -85.49 -30.86 -65.17
C TRP I 147 -86.92 -30.58 -64.70
N GLU I 148 -87.92 -31.10 -65.43
CA GLU I 148 -89.31 -30.89 -65.03
C GLU I 148 -89.69 -31.80 -63.86
N SER I 149 -89.23 -33.05 -63.87
CA SER I 149 -89.57 -34.00 -62.82
C SER I 149 -88.79 -33.77 -61.54
N TRP I 150 -87.70 -33.01 -61.58
CA TRP I 150 -86.94 -32.74 -60.37
C TRP I 150 -87.67 -31.74 -59.47
N ARG I 151 -88.33 -30.75 -60.07
CA ARG I 151 -89.12 -29.77 -59.33
C ARG I 151 -90.62 -30.03 -59.44
N SER I 152 -91.02 -31.27 -59.73
CA SER I 152 -92.42 -31.62 -59.86
C SER I 152 -93.02 -32.09 -58.54
N GLU I 153 -92.29 -32.92 -57.80
CA GLU I 153 -92.75 -33.39 -56.50
C GLU I 153 -91.94 -32.84 -55.34
N VAL I 154 -90.81 -32.17 -55.59
CA VAL I 154 -90.02 -31.59 -54.53
C VAL I 154 -90.42 -30.14 -54.27
N GLY I 155 -90.67 -29.37 -55.33
CA GLY I 155 -91.08 -27.99 -55.17
C GLY I 155 -92.49 -27.82 -54.65
N LYS I 156 -93.32 -28.86 -54.74
CA LYS I 156 -94.68 -28.78 -54.24
C LYS I 156 -94.75 -28.91 -52.73
N GLN I 157 -93.93 -29.78 -52.14
CA GLN I 157 -93.95 -29.95 -50.69
C GLN I 157 -93.16 -28.86 -49.98
N LEU I 158 -92.07 -28.39 -50.61
CA LEU I 158 -91.21 -27.38 -50.00
C LEU I 158 -91.74 -25.96 -50.19
N ARG I 159 -92.89 -25.78 -50.86
CA ARG I 159 -93.40 -24.43 -51.04
C ARG I 159 -93.99 -23.84 -49.76
N PRO I 160 -94.86 -24.53 -49.03
CA PRO I 160 -95.31 -23.97 -47.74
C PRO I 160 -94.27 -24.07 -46.65
N LEU I 161 -93.31 -24.99 -46.77
CA LEU I 161 -92.26 -25.11 -45.76
C LEU I 161 -91.23 -24.01 -45.87
N TYR I 162 -90.99 -23.49 -47.08
CA TYR I 162 -90.08 -22.37 -47.27
C TYR I 162 -90.70 -21.03 -46.91
N GLU I 163 -92.04 -20.93 -46.94
CA GLU I 163 -92.69 -19.68 -46.60
C GLU I 163 -92.57 -19.38 -45.10
N GLU I 164 -92.75 -20.41 -44.27
CA GLU I 164 -92.57 -20.26 -42.83
C GLU I 164 -91.11 -20.24 -42.42
N TYR I 165 -90.19 -20.56 -43.34
CA TYR I 165 -88.77 -20.56 -43.01
C TYR I 165 -88.18 -19.16 -43.09
N VAL I 166 -88.74 -18.28 -43.92
CA VAL I 166 -88.21 -16.94 -44.07
C VAL I 166 -88.89 -15.91 -43.17
N VAL I 167 -90.14 -16.17 -42.77
CA VAL I 167 -90.82 -15.22 -41.89
C VAL I 167 -90.33 -15.35 -40.46
N LEU I 168 -89.81 -16.51 -40.08
CA LEU I 168 -89.25 -16.66 -38.73
C LEU I 168 -87.89 -15.98 -38.63
N LYS I 169 -87.12 -15.96 -39.71
CA LYS I 169 -85.85 -15.26 -39.70
C LYS I 169 -86.03 -13.75 -39.71
N ASN I 170 -87.11 -13.27 -40.32
CA ASN I 170 -87.40 -11.83 -40.29
C ASN I 170 -87.83 -11.38 -38.91
N GLU I 171 -88.53 -12.23 -38.16
CA GLU I 171 -88.91 -11.91 -36.80
C GLU I 171 -87.76 -12.03 -35.82
N MET I 172 -86.72 -12.81 -36.17
CA MET I 172 -85.55 -12.91 -35.31
C MET I 172 -84.68 -11.66 -35.39
N ALA I 173 -84.51 -11.11 -36.60
CA ALA I 173 -83.66 -9.93 -36.77
C ALA I 173 -84.34 -8.66 -36.27
N ARG I 174 -85.67 -8.60 -36.31
CA ARG I 174 -86.38 -7.42 -35.81
C ARG I 174 -86.28 -7.30 -34.30
N ALA I 175 -86.11 -8.41 -33.60
CA ALA I 175 -85.88 -8.39 -32.16
C ALA I 175 -84.40 -8.35 -31.79
N ASN I 176 -83.51 -8.59 -32.76
CA ASN I 176 -82.06 -8.53 -32.55
C ASN I 176 -81.48 -7.21 -33.01
N HIS I 177 -82.28 -6.14 -32.98
CA HIS I 177 -81.84 -4.79 -33.39
C HIS I 177 -81.36 -4.78 -34.84
N TYR I 178 -82.23 -5.25 -35.73
CA TYR I 178 -81.97 -5.20 -37.16
C TYR I 178 -83.29 -5.01 -37.89
N GLU I 179 -83.18 -4.61 -39.17
CA GLU I 179 -84.38 -4.41 -39.97
C GLU I 179 -84.94 -5.73 -40.48
N ASP I 180 -84.12 -6.51 -41.17
CA ASP I 180 -84.52 -7.82 -41.68
C ASP I 180 -83.33 -8.76 -41.62
N TYR I 181 -83.48 -9.96 -42.16
CA TYR I 181 -82.38 -10.92 -42.21
C TYR I 181 -81.34 -10.56 -43.26
N GLY I 182 -81.68 -9.69 -44.22
CA GLY I 182 -80.71 -9.24 -45.18
C GLY I 182 -79.65 -8.34 -44.59
N ASP I 183 -80.02 -7.56 -43.57
CA ASP I 183 -79.04 -6.74 -42.86
C ASP I 183 -78.18 -7.55 -41.91
N TYR I 184 -78.63 -8.74 -41.51
CA TYR I 184 -77.79 -9.61 -40.70
C TYR I 184 -76.62 -10.17 -41.50
N TRP I 185 -76.81 -10.39 -42.80
CA TRP I 185 -75.69 -10.79 -43.65
C TRP I 185 -74.78 -9.61 -43.97
N ARG I 186 -75.34 -8.41 -44.12
CA ARG I 186 -74.53 -7.23 -44.35
C ARG I 186 -73.91 -6.70 -43.06
N GLY I 187 -74.45 -7.07 -41.90
CA GLY I 187 -73.87 -6.67 -40.63
C GLY I 187 -72.65 -7.46 -40.22
N ASP I 188 -72.30 -8.50 -40.97
CA ASP I 188 -71.11 -9.28 -40.70
C ASP I 188 -69.88 -8.75 -41.43
N TYR I 189 -70.08 -8.09 -42.56
CA TYR I 189 -68.98 -7.54 -43.36
C TYR I 189 -68.53 -6.16 -42.89
N GLU I 190 -69.30 -5.51 -42.02
CA GLU I 190 -68.96 -4.17 -41.56
C GLU I 190 -67.94 -4.23 -40.43
N VAL I 191 -67.13 -3.17 -40.34
CA VAL I 191 -66.11 -3.05 -39.31
C VAL I 191 -66.41 -1.82 -38.47
N ASN I 192 -65.75 -1.75 -37.32
CA ASN I 192 -65.93 -0.63 -36.39
C ASN I 192 -64.69 -0.48 -35.53
N GLY I 193 -64.29 0.77 -35.28
CA GLY I 193 -63.14 1.03 -34.46
C GLY I 193 -62.06 1.84 -35.15
N VAL I 194 -61.85 1.58 -36.43
CA VAL I 194 -60.84 2.28 -37.23
C VAL I 194 -61.50 3.41 -38.01
N ASP I 195 -60.83 4.55 -38.07
CA ASP I 195 -61.35 5.71 -38.78
C ASP I 195 -60.81 5.73 -40.21
N GLY I 196 -61.65 6.19 -41.13
CA GLY I 196 -61.27 6.25 -42.53
C GLY I 196 -61.37 4.94 -43.27
N TYR I 197 -61.82 3.87 -42.63
CA TYR I 197 -61.94 2.56 -43.26
C TYR I 197 -63.27 1.90 -42.94
N ASP I 198 -64.32 2.70 -42.80
CA ASP I 198 -65.64 2.16 -42.47
C ASP I 198 -66.30 1.56 -43.70
N TYR I 199 -67.17 0.57 -43.46
CA TYR I 199 -67.92 -0.10 -44.51
C TYR I 199 -69.38 -0.15 -44.09
N SER I 200 -70.24 0.61 -44.79
CA SER I 200 -71.65 0.68 -44.45
C SER I 200 -72.43 -0.31 -45.29
N ARG I 201 -73.76 -0.30 -45.17
CA ARG I 201 -74.61 -1.19 -45.93
C ARG I 201 -75.07 -0.58 -47.25
N GLY I 202 -75.20 0.76 -47.31
CA GLY I 202 -75.53 1.41 -48.55
C GLY I 202 -74.41 1.43 -49.56
N GLN I 203 -73.16 1.24 -49.10
CA GLN I 203 -72.02 1.16 -50.00
C GLN I 203 -71.81 -0.24 -50.53
N LEU I 204 -72.36 -1.26 -49.86
CA LEU I 204 -72.21 -2.62 -50.34
C LEU I 204 -73.04 -2.88 -51.59
N ILE I 205 -74.19 -2.21 -51.71
CA ILE I 205 -75.00 -2.33 -52.92
C ILE I 205 -74.47 -1.45 -54.04
N GLU I 206 -73.61 -0.48 -53.74
CA GLU I 206 -73.09 0.42 -54.76
C GLU I 206 -71.92 -0.20 -55.51
N ASP I 207 -70.95 -0.75 -54.79
CA ASP I 207 -69.77 -1.33 -55.43
C ASP I 207 -70.08 -2.68 -56.08
N VAL I 208 -71.15 -3.35 -55.68
CA VAL I 208 -71.54 -4.60 -56.34
C VAL I 208 -72.28 -4.33 -57.64
N GLU I 209 -72.80 -3.12 -57.84
CA GLU I 209 -73.47 -2.74 -59.07
C GLU I 209 -72.56 -1.99 -60.03
N HIS I 210 -71.59 -1.23 -59.52
CA HIS I 210 -70.65 -0.55 -60.40
C HIS I 210 -69.70 -1.53 -61.08
N THR I 211 -69.39 -2.64 -60.42
CA THR I 211 -68.56 -3.67 -61.01
C THR I 211 -69.34 -4.68 -61.84
N PHE I 212 -70.66 -4.74 -61.65
CA PHE I 212 -71.47 -5.64 -62.47
C PHE I 212 -71.78 -5.04 -63.83
N GLU I 213 -71.85 -3.71 -63.94
CA GLU I 213 -72.08 -3.07 -65.22
C GLU I 213 -70.84 -3.14 -66.12
N GLU I 214 -69.66 -3.34 -65.54
CA GLU I 214 -68.45 -3.52 -66.34
C GLU I 214 -68.25 -4.97 -66.75
N ILE I 215 -68.69 -5.92 -65.91
CA ILE I 215 -68.55 -7.34 -66.22
C ILE I 215 -69.61 -7.83 -67.20
N LYS I 216 -70.63 -7.04 -67.47
CA LYS I 216 -71.72 -7.44 -68.36
C LYS I 216 -71.26 -7.50 -69.82
N PRO I 217 -70.43 -6.57 -70.30
CA PRO I 217 -69.88 -6.73 -71.66
C PRO I 217 -69.08 -8.01 -71.84
N LEU I 218 -68.36 -8.46 -70.81
CA LEU I 218 -67.64 -9.73 -70.92
C LEU I 218 -68.60 -10.92 -70.87
N TYR I 219 -69.74 -10.77 -70.19
CA TYR I 219 -70.73 -11.83 -70.18
C TYR I 219 -71.44 -11.95 -71.52
N GLU I 220 -71.60 -10.83 -72.23
CA GLU I 220 -72.25 -10.86 -73.54
C GLU I 220 -71.39 -11.54 -74.59
N HIS I 221 -70.07 -11.58 -74.39
CA HIS I 221 -69.18 -12.25 -75.33
C HIS I 221 -69.26 -13.76 -75.19
N LEU I 222 -69.22 -14.27 -73.95
CA LEU I 222 -69.26 -15.70 -73.72
C LEU I 222 -70.67 -16.26 -73.89
N HIS I 223 -71.70 -15.45 -73.68
CA HIS I 223 -73.05 -15.91 -73.92
C HIS I 223 -73.34 -16.09 -75.40
N ALA I 224 -72.73 -15.26 -76.25
CA ALA I 224 -72.84 -15.46 -77.70
C ALA I 224 -71.88 -16.50 -78.22
N TYR I 225 -70.86 -16.87 -77.42
CA TYR I 225 -69.94 -17.92 -77.83
C TYR I 225 -70.58 -19.31 -77.69
N VAL I 226 -71.20 -19.57 -76.54
CA VAL I 226 -71.91 -20.84 -76.36
C VAL I 226 -73.20 -20.87 -77.18
N ARG I 227 -73.73 -19.73 -77.58
CA ARG I 227 -74.89 -19.70 -78.45
C ARG I 227 -74.52 -20.15 -79.87
N ALA I 228 -73.28 -19.87 -80.29
CA ALA I 228 -72.82 -20.29 -81.61
C ALA I 228 -72.35 -21.74 -81.64
N LYS I 229 -72.00 -22.30 -80.48
CA LYS I 229 -71.56 -23.69 -80.42
C LYS I 229 -72.70 -24.67 -80.22
N LEU I 230 -73.88 -24.19 -79.80
CA LEU I 230 -75.06 -25.03 -79.65
C LEU I 230 -76.03 -24.91 -80.81
N MET I 231 -75.67 -24.17 -81.86
CA MET I 231 -76.53 -24.15 -83.04
C MET I 231 -76.31 -25.37 -83.91
N ASN I 232 -75.04 -25.72 -84.16
CA ASN I 232 -74.74 -26.83 -85.05
C ASN I 232 -75.02 -28.18 -84.42
N ALA I 233 -74.95 -28.27 -83.09
CA ALA I 233 -75.26 -29.53 -82.41
C ALA I 233 -76.78 -29.75 -82.32
N TYR I 234 -77.54 -28.68 -82.10
CA TYR I 234 -79.00 -28.76 -81.99
C TYR I 234 -79.60 -27.69 -82.89
N PRO I 235 -79.76 -27.97 -84.19
CA PRO I 235 -80.33 -26.97 -85.10
C PRO I 235 -81.84 -26.82 -84.97
N SER I 236 -82.54 -27.83 -84.49
CA SER I 236 -83.99 -27.80 -84.36
C SER I 236 -84.45 -27.39 -82.95
N TYR I 237 -83.52 -26.98 -82.10
CA TYR I 237 -83.85 -26.59 -80.73
C TYR I 237 -83.26 -25.27 -80.28
N ILE I 238 -82.21 -24.77 -80.92
CA ILE I 238 -81.52 -23.55 -80.50
C ILE I 238 -81.49 -22.58 -81.67
N SER I 239 -82.05 -21.38 -81.46
CA SER I 239 -82.04 -20.31 -82.43
C SER I 239 -81.32 -19.09 -81.87
N PRO I 240 -80.53 -18.37 -82.70
CA PRO I 240 -79.70 -17.26 -82.21
C PRO I 240 -80.45 -15.94 -82.02
N ILE I 241 -81.66 -16.02 -81.50
CA ILE I 241 -82.44 -14.83 -81.19
C ILE I 241 -82.82 -14.85 -79.71
N GLY I 242 -82.90 -16.04 -79.13
CA GLY I 242 -83.32 -16.24 -77.76
C GLY I 242 -82.16 -16.35 -76.80
N CYS I 243 -82.37 -17.13 -75.74
CA CYS I 243 -81.38 -17.34 -74.70
C CYS I 243 -81.14 -18.84 -74.52
N LEU I 244 -80.25 -19.17 -73.59
CA LEU I 244 -79.96 -20.56 -73.31
C LEU I 244 -81.07 -21.17 -72.45
N PRO I 245 -81.38 -22.44 -72.67
CA PRO I 245 -82.39 -23.11 -71.83
C PRO I 245 -81.86 -23.36 -70.42
N ALA I 246 -82.80 -23.68 -69.53
CA ALA I 246 -82.43 -23.91 -68.13
C ALA I 246 -81.82 -25.29 -67.91
N HIS I 247 -82.25 -26.28 -68.69
CA HIS I 247 -81.75 -27.64 -68.55
C HIS I 247 -80.47 -27.90 -69.33
N LEU I 248 -79.98 -26.93 -70.08
CA LEU I 248 -78.75 -27.06 -70.86
C LEU I 248 -77.62 -26.22 -70.27
N LEU I 249 -77.58 -26.12 -68.94
CA LEU I 249 -76.56 -25.34 -68.24
C LEU I 249 -75.51 -26.23 -67.58
N GLY I 250 -75.24 -27.40 -68.16
CA GLY I 250 -74.25 -28.30 -67.62
C GLY I 250 -74.79 -29.15 -66.48
N ASP I 251 -74.98 -28.55 -65.32
CA ASP I 251 -75.50 -29.23 -64.15
C ASP I 251 -76.98 -28.90 -63.97
N MET I 252 -77.57 -29.37 -62.88
CA MET I 252 -78.98 -29.10 -62.60
C MET I 252 -79.19 -27.66 -62.14
N TRP I 253 -78.39 -27.21 -61.16
CA TRP I 253 -78.52 -25.85 -60.66
C TRP I 253 -77.76 -24.83 -61.50
N GLY I 254 -76.91 -25.27 -62.42
CA GLY I 254 -76.16 -24.34 -63.24
C GLY I 254 -75.02 -23.66 -62.54
N ARG I 255 -74.44 -24.29 -61.50
CA ARG I 255 -73.34 -23.68 -60.77
C ARG I 255 -72.03 -23.77 -61.56
N PHE I 256 -71.66 -24.99 -61.96
CA PHE I 256 -70.43 -25.23 -62.70
C PHE I 256 -70.78 -25.53 -64.15
N TRP I 257 -70.26 -24.72 -65.07
CA TRP I 257 -70.49 -24.89 -66.49
C TRP I 257 -69.37 -25.67 -67.17
N THR I 258 -68.63 -26.48 -66.42
CA THR I 258 -67.53 -27.26 -66.98
C THR I 258 -67.99 -28.54 -67.66
N ASN I 259 -69.29 -28.87 -67.59
CA ASN I 259 -69.77 -30.08 -68.24
C ASN I 259 -69.87 -29.92 -69.76
N LEU I 260 -70.10 -28.69 -70.23
CA LEU I 260 -70.21 -28.42 -71.66
C LEU I 260 -68.86 -28.08 -72.29
N TYR I 261 -67.76 -28.53 -71.69
CA TYR I 261 -66.44 -28.22 -72.23
C TYR I 261 -66.11 -29.08 -73.45
N SER I 262 -66.38 -30.39 -73.36
CA SER I 262 -66.06 -31.29 -74.47
C SER I 262 -67.01 -31.13 -75.65
N LEU I 263 -68.19 -30.55 -75.43
CA LEU I 263 -69.14 -30.39 -76.52
C LEU I 263 -68.87 -29.12 -77.33
N THR I 264 -68.30 -28.09 -76.70
CA THR I 264 -68.13 -26.80 -77.36
C THR I 264 -66.66 -26.44 -77.53
N VAL I 265 -65.84 -27.40 -77.94
CA VAL I 265 -64.41 -27.14 -78.11
C VAL I 265 -64.21 -26.24 -79.33
N PRO I 266 -63.30 -25.27 -79.26
CA PRO I 266 -63.05 -24.43 -80.44
C PRO I 266 -62.02 -25.06 -81.39
N PHE I 267 -61.13 -25.89 -80.85
CA PHE I 267 -60.08 -26.53 -81.62
C PHE I 267 -60.02 -28.00 -81.24
N GLY I 268 -60.38 -28.88 -82.17
CA GLY I 268 -60.35 -30.31 -81.96
C GLY I 268 -59.13 -31.02 -82.50
N GLN I 269 -58.19 -30.30 -83.13
CA GLN I 269 -57.02 -30.93 -83.72
C GLN I 269 -55.87 -31.06 -82.74
N LYS I 270 -55.78 -30.16 -81.75
CA LYS I 270 -54.68 -30.16 -80.78
C LYS I 270 -55.09 -30.91 -79.52
N PRO I 271 -54.20 -31.70 -78.93
CA PRO I 271 -54.52 -32.36 -77.67
C PRO I 271 -54.39 -31.39 -76.49
N ASN I 272 -55.33 -31.50 -75.55
CA ASN I 272 -55.29 -30.70 -74.35
C ASN I 272 -54.33 -31.32 -73.33
N ILE I 273 -54.17 -30.67 -72.18
CA ILE I 273 -53.30 -31.21 -71.15
C ILE I 273 -53.98 -32.40 -70.47
N ASP I 274 -53.16 -33.26 -69.87
CA ASP I 274 -53.66 -34.47 -69.23
C ASP I 274 -52.74 -34.85 -68.09
N VAL I 275 -53.33 -35.35 -67.00
CA VAL I 275 -52.61 -35.69 -65.78
C VAL I 275 -52.73 -37.17 -65.44
N THR I 276 -53.91 -37.76 -65.62
CA THR I 276 -54.15 -39.12 -65.15
C THR I 276 -53.39 -40.15 -65.98
N ASP I 277 -53.34 -39.97 -67.30
CA ASP I 277 -52.67 -40.94 -68.15
C ASP I 277 -51.16 -40.94 -67.95
N ALA I 278 -50.60 -39.88 -67.38
CA ALA I 278 -49.17 -39.82 -67.07
C ALA I 278 -48.84 -40.38 -65.70
N MET I 279 -49.84 -40.78 -64.93
CA MET I 279 -49.63 -41.36 -63.60
C MET I 279 -49.98 -42.84 -63.53
N VAL I 280 -50.34 -43.46 -64.65
CA VAL I 280 -50.66 -44.88 -64.65
C VAL I 280 -49.43 -45.77 -64.85
N ASP I 281 -48.33 -45.22 -65.35
CA ASP I 281 -47.13 -46.00 -65.60
C ASP I 281 -46.33 -46.26 -64.32
N GLN I 282 -46.55 -45.47 -63.27
CA GLN I 282 -45.81 -45.62 -62.03
C GLN I 282 -46.70 -46.02 -60.86
N ALA I 283 -48.03 -45.99 -61.02
CA ALA I 283 -48.98 -46.31 -59.96
C ALA I 283 -48.77 -45.39 -58.75
N TRP I 284 -48.97 -44.10 -59.01
CA TRP I 284 -48.79 -43.09 -57.97
C TRP I 284 -49.82 -43.28 -56.86
N ASP I 285 -49.42 -42.91 -55.65
CA ASP I 285 -50.27 -43.03 -54.46
C ASP I 285 -50.59 -41.65 -53.91
N ALA I 286 -51.58 -41.60 -53.02
CA ALA I 286 -51.98 -40.34 -52.43
C ALA I 286 -50.91 -39.79 -51.49
N GLN I 287 -50.09 -40.67 -50.92
CA GLN I 287 -49.00 -40.20 -50.05
C GLN I 287 -47.90 -39.51 -50.84
N ARG I 288 -47.74 -39.85 -52.12
CA ARG I 288 -46.72 -39.22 -52.94
C ARG I 288 -47.13 -37.82 -53.37
N ILE I 289 -48.41 -37.62 -53.68
CA ILE I 289 -48.87 -36.30 -54.08
C ILE I 289 -48.85 -35.33 -52.91
N PHE I 290 -49.09 -35.84 -51.69
CA PHE I 290 -49.00 -34.99 -50.51
C PHE I 290 -47.56 -34.66 -50.14
N LYS I 291 -46.59 -35.44 -50.63
CA LYS I 291 -45.19 -35.15 -50.37
C LYS I 291 -44.66 -34.06 -51.29
N GLU I 292 -45.01 -34.12 -52.58
CA GLU I 292 -44.57 -33.10 -53.51
C GLU I 292 -45.29 -31.78 -53.29
N ALA I 293 -46.52 -31.83 -52.75
CA ALA I 293 -47.23 -30.60 -52.42
C ALA I 293 -46.64 -29.92 -51.20
N GLU I 294 -46.14 -30.70 -50.24
CA GLU I 294 -45.49 -30.12 -49.08
C GLU I 294 -44.10 -29.59 -49.44
N LYS I 295 -43.42 -30.23 -50.39
CA LYS I 295 -42.14 -29.71 -50.87
C LYS I 295 -42.31 -28.47 -51.73
N PHE I 296 -43.51 -28.25 -52.27
CA PHE I 296 -43.78 -27.03 -53.03
C PHE I 296 -44.02 -25.83 -52.12
N PHE I 297 -44.52 -26.06 -50.90
CA PHE I 297 -44.82 -24.96 -49.99
C PHE I 297 -43.59 -24.49 -49.23
N VAL I 298 -42.58 -25.35 -49.06
CA VAL I 298 -41.39 -24.96 -48.34
C VAL I 298 -40.45 -24.12 -49.19
N SER I 299 -40.49 -24.27 -50.52
CA SER I 299 -39.59 -23.56 -51.40
C SER I 299 -40.03 -22.12 -51.67
N VAL I 300 -41.23 -21.73 -51.25
CA VAL I 300 -41.72 -20.38 -51.48
C VAL I 300 -41.59 -19.58 -50.20
N GLY I 301 -41.64 -20.26 -49.06
CA GLY I 301 -41.51 -19.59 -47.78
C GLY I 301 -42.49 -20.05 -46.74
N LEU I 302 -43.50 -20.82 -47.16
CA LEU I 302 -44.49 -21.33 -46.22
C LEU I 302 -43.86 -22.45 -45.38
N PRO I 303 -44.17 -22.51 -44.09
CA PRO I 303 -43.58 -23.54 -43.23
C PRO I 303 -44.15 -24.91 -43.53
N ASN I 304 -43.40 -25.93 -43.11
CA ASN I 304 -43.82 -27.30 -43.32
C ASN I 304 -44.90 -27.70 -42.32
N MET I 305 -45.44 -28.90 -42.50
CA MET I 305 -46.47 -29.43 -41.62
C MET I 305 -45.84 -30.18 -40.45
N THR I 306 -46.60 -30.28 -39.36
CA THR I 306 -46.13 -30.95 -38.17
C THR I 306 -46.33 -32.46 -38.29
N GLN I 307 -45.95 -33.20 -37.25
CA GLN I 307 -46.11 -34.65 -37.25
C GLN I 307 -47.55 -35.09 -36.98
N GLY I 308 -48.39 -34.19 -36.48
CA GLY I 308 -49.78 -34.52 -36.22
C GLY I 308 -50.66 -34.62 -37.45
N PHE I 309 -50.20 -34.09 -38.59
CA PHE I 309 -50.99 -34.15 -39.81
C PHE I 309 -50.94 -35.53 -40.45
N TRP I 310 -49.85 -36.28 -40.24
CA TRP I 310 -49.71 -37.61 -40.82
C TRP I 310 -50.09 -38.73 -39.86
N GLU I 311 -50.35 -38.42 -38.59
CA GLU I 311 -50.70 -39.46 -37.63
C GLU I 311 -52.13 -39.92 -37.80
N ASN I 312 -53.08 -38.99 -37.77
CA ASN I 312 -54.51 -39.29 -37.88
C ASN I 312 -55.09 -38.56 -39.09
N SER I 313 -55.02 -39.22 -40.25
CA SER I 313 -55.52 -38.64 -41.48
C SER I 313 -56.01 -39.77 -42.39
N MET I 314 -57.12 -39.53 -43.07
CA MET I 314 -57.70 -40.53 -43.97
C MET I 314 -56.95 -40.51 -45.30
N LEU I 315 -56.37 -41.65 -45.66
CA LEU I 315 -55.63 -41.80 -46.91
C LEU I 315 -56.40 -42.58 -47.97
N THR I 316 -56.86 -43.78 -47.63
CA THR I 316 -57.60 -44.62 -48.57
C THR I 316 -58.64 -45.41 -47.78
N ASP I 317 -59.64 -45.90 -48.49
CA ASP I 317 -60.69 -46.71 -47.88
C ASP I 317 -60.25 -48.17 -47.83
N PRO I 318 -60.12 -48.77 -46.64
CA PRO I 318 -59.68 -50.17 -46.57
C PRO I 318 -60.76 -51.14 -47.00
N GLY I 319 -60.99 -51.25 -48.31
CA GLY I 319 -61.98 -52.18 -48.80
C GLY I 319 -63.40 -51.66 -48.62
N ASN I 320 -64.34 -52.60 -48.50
CA ASN I 320 -65.75 -52.28 -48.32
C ASN I 320 -66.26 -52.72 -46.95
N VAL I 321 -65.39 -52.75 -45.96
CA VAL I 321 -65.80 -53.16 -44.62
C VAL I 321 -66.50 -52.03 -43.87
N GLN I 322 -66.30 -50.78 -44.29
CA GLN I 322 -66.93 -49.63 -43.67
C GLN I 322 -67.29 -48.61 -44.75
N LYS I 323 -68.34 -47.83 -44.47
CA LYS I 323 -68.83 -46.82 -45.39
C LYS I 323 -68.43 -45.44 -44.90
N ALA I 324 -67.84 -44.64 -45.78
CA ALA I 324 -67.42 -43.29 -45.47
C ALA I 324 -67.98 -42.34 -46.51
N VAL I 325 -68.48 -41.19 -46.06
CA VAL I 325 -69.04 -40.19 -46.97
C VAL I 325 -67.89 -39.53 -47.73
N CYS I 326 -67.91 -39.66 -49.06
CA CYS I 326 -66.88 -39.12 -49.94
C CYS I 326 -67.15 -37.62 -50.09
N HIS I 327 -66.63 -36.83 -49.15
CA HIS I 327 -66.83 -35.39 -49.11
C HIS I 327 -65.61 -34.69 -48.53
N PRO I 328 -64.98 -33.78 -49.29
CA PRO I 328 -63.80 -33.06 -48.78
C PRO I 328 -64.20 -31.94 -47.84
N THR I 329 -63.69 -31.98 -46.62
CA THR I 329 -63.93 -30.92 -45.64
C THR I 329 -62.80 -30.91 -44.63
N ALA I 330 -62.69 -29.78 -43.92
CA ALA I 330 -61.67 -29.59 -42.90
C ALA I 330 -62.32 -29.47 -41.53
N TRP I 331 -61.54 -29.81 -40.49
CA TRP I 331 -62.02 -29.76 -39.11
C TRP I 331 -60.91 -29.25 -38.22
N ASP I 332 -61.14 -28.10 -37.59
CA ASP I 332 -60.18 -27.52 -36.66
C ASP I 332 -60.31 -28.22 -35.31
N LEU I 333 -59.43 -29.20 -35.06
CA LEU I 333 -59.46 -29.91 -33.79
C LEU I 333 -59.01 -29.03 -32.64
N GLY I 334 -58.01 -28.18 -32.86
CA GLY I 334 -57.54 -27.27 -31.86
C GLY I 334 -56.21 -27.69 -31.26
N LYS I 335 -55.51 -26.71 -30.68
CA LYS I 335 -54.21 -26.91 -30.04
C LYS I 335 -53.19 -27.49 -31.01
N GLY I 336 -53.08 -26.86 -32.18
CA GLY I 336 -52.12 -27.29 -33.16
C GLY I 336 -52.49 -28.53 -33.95
N ASP I 337 -53.78 -28.84 -34.03
CA ASP I 337 -54.26 -30.03 -34.73
C ASP I 337 -55.01 -29.63 -35.98
N PHE I 338 -54.68 -30.27 -37.10
CA PHE I 338 -55.36 -30.06 -38.36
C PHE I 338 -55.64 -31.43 -38.98
N ARG I 339 -56.90 -31.83 -39.01
CA ARG I 339 -57.32 -33.08 -39.60
C ARG I 339 -57.97 -32.82 -40.96
N ILE I 340 -58.06 -33.88 -41.76
CA ILE I 340 -58.68 -33.80 -43.09
C ILE I 340 -59.33 -35.14 -43.40
N LEU I 341 -60.32 -35.09 -44.29
CA LEU I 341 -60.99 -36.28 -44.80
C LEU I 341 -61.17 -36.07 -46.30
N MET I 342 -60.45 -36.84 -47.10
CA MET I 342 -60.43 -36.57 -48.54
C MET I 342 -60.57 -37.86 -49.33
N CYS I 343 -61.31 -37.76 -50.43
CA CYS I 343 -61.60 -38.90 -51.28
C CYS I 343 -60.52 -38.99 -52.36
N THR I 344 -60.01 -40.20 -52.58
CA THR I 344 -58.87 -40.41 -53.46
C THR I 344 -59.21 -41.45 -54.51
N LYS I 345 -59.21 -41.03 -55.78
CA LYS I 345 -59.45 -41.92 -56.91
C LYS I 345 -58.52 -41.54 -58.05
N VAL I 346 -58.47 -42.39 -59.08
CA VAL I 346 -57.69 -42.10 -60.29
C VAL I 346 -58.62 -41.37 -61.25
N THR I 347 -58.76 -40.07 -61.02
CA THR I 347 -59.60 -39.20 -61.86
C THR I 347 -58.83 -37.90 -62.10
N MET I 348 -59.55 -36.89 -62.59
CA MET I 348 -58.97 -35.58 -62.85
C MET I 348 -59.53 -34.48 -61.96
N ASP I 349 -60.79 -34.59 -61.53
CA ASP I 349 -61.42 -33.52 -60.75
C ASP I 349 -60.91 -33.46 -59.32
N ASP I 350 -60.44 -34.57 -58.77
CA ASP I 350 -59.93 -34.57 -57.39
C ASP I 350 -58.49 -34.09 -57.30
N PHE I 351 -57.77 -34.02 -58.42
CA PHE I 351 -56.41 -33.49 -58.40
C PHE I 351 -56.41 -31.97 -58.29
N LEU I 352 -57.47 -31.31 -58.75
CA LEU I 352 -57.56 -29.86 -58.63
C LEU I 352 -57.87 -29.45 -57.19
N THR I 353 -58.70 -30.22 -56.50
CA THR I 353 -59.04 -29.95 -55.10
C THR I 353 -58.05 -30.57 -54.12
N ALA I 354 -57.04 -31.28 -54.63
CA ALA I 354 -56.04 -31.86 -53.73
C ALA I 354 -55.16 -30.77 -53.10
N HIS I 355 -54.79 -29.77 -53.91
CA HIS I 355 -54.06 -28.63 -53.38
C HIS I 355 -54.98 -27.56 -52.80
N HIS I 356 -56.28 -27.68 -53.04
CA HIS I 356 -57.23 -26.71 -52.53
C HIS I 356 -57.46 -26.93 -51.03
N GLU I 357 -57.57 -28.18 -50.61
CA GLU I 357 -57.78 -28.48 -49.19
C GLU I 357 -56.50 -28.29 -48.40
N MET I 358 -55.34 -28.44 -49.03
CA MET I 358 -54.08 -28.19 -48.33
C MET I 358 -53.87 -26.70 -48.09
N GLY I 359 -54.43 -25.84 -48.94
CA GLY I 359 -54.40 -24.42 -48.67
C GLY I 359 -55.30 -24.03 -47.51
N HIS I 360 -56.28 -24.85 -47.21
CA HIS I 360 -57.11 -24.58 -46.05
C HIS I 360 -56.35 -24.94 -44.80
N ILE I 361 -55.57 -26.01 -44.87
CA ILE I 361 -54.74 -26.40 -43.73
C ILE I 361 -53.58 -25.43 -43.55
N GLN I 362 -53.01 -24.95 -44.66
CA GLN I 362 -51.94 -23.97 -44.56
C GLN I 362 -52.45 -22.63 -44.03
N TYR I 363 -53.70 -22.30 -44.31
CA TYR I 363 -54.31 -21.12 -43.70
C TYR I 363 -54.61 -21.36 -42.23
N ASP I 364 -54.92 -22.61 -41.86
CA ASP I 364 -55.10 -22.95 -40.46
C ASP I 364 -53.79 -23.00 -39.70
N MET I 365 -52.68 -23.18 -40.41
CA MET I 365 -51.36 -23.22 -39.76
C MET I 365 -50.95 -21.83 -39.26
N ALA I 366 -51.51 -20.77 -39.84
CA ALA I 366 -51.03 -19.42 -39.53
C ALA I 366 -51.36 -19.03 -38.10
N TYR I 367 -52.64 -19.13 -37.71
CA TYR I 367 -53.05 -18.72 -36.36
C TYR I 367 -53.02 -19.90 -35.39
N ALA I 368 -51.87 -20.56 -35.30
CA ALA I 368 -51.71 -21.68 -34.37
C ALA I 368 -51.50 -21.19 -32.95
N ALA I 369 -50.71 -20.12 -32.78
CA ALA I 369 -50.45 -19.54 -31.47
C ALA I 369 -51.47 -18.47 -31.09
N GLN I 370 -52.59 -18.40 -31.80
CA GLN I 370 -53.64 -17.42 -31.57
C GLN I 370 -54.82 -18.06 -30.84
N PRO I 371 -55.47 -17.32 -29.94
CA PRO I 371 -56.56 -17.91 -29.14
C PRO I 371 -57.81 -18.18 -29.94
N PHE I 372 -58.87 -18.65 -29.27
CA PHE I 372 -60.12 -18.98 -29.94
C PHE I 372 -60.89 -17.74 -30.37
N LEU I 373 -60.70 -16.61 -29.69
CA LEU I 373 -61.39 -15.37 -30.04
C LEU I 373 -60.66 -14.57 -31.12
N LEU I 374 -59.63 -15.15 -31.74
CA LEU I 374 -58.91 -14.49 -32.81
C LEU I 374 -58.96 -15.33 -34.08
N ARG I 375 -60.15 -15.84 -34.40
CA ARG I 375 -60.35 -16.70 -35.57
C ARG I 375 -60.46 -15.86 -36.84
N ASN I 376 -60.92 -16.47 -37.93
CA ASN I 376 -61.04 -15.79 -39.21
C ASN I 376 -61.90 -14.53 -39.08
N GLY I 377 -61.68 -13.59 -39.98
CA GLY I 377 -62.27 -12.27 -39.87
C GLY I 377 -63.73 -12.17 -40.27
N ALA I 378 -64.08 -11.08 -40.93
CA ALA I 378 -65.48 -10.74 -41.22
C ALA I 378 -66.06 -11.50 -42.39
N ASN I 379 -65.29 -12.37 -43.05
CA ASN I 379 -65.79 -13.10 -44.20
C ASN I 379 -65.07 -14.43 -44.32
N GLU I 380 -65.75 -15.39 -44.94
CA GLU I 380 -65.17 -16.70 -45.23
C GLU I 380 -64.48 -16.75 -46.58
N GLY I 381 -64.38 -15.61 -47.27
CA GLY I 381 -63.75 -15.55 -48.58
C GLY I 381 -62.25 -15.55 -48.58
N PHE I 382 -61.61 -15.66 -47.42
CA PHE I 382 -60.15 -15.71 -47.33
C PHE I 382 -59.61 -17.13 -47.20
N HIS I 383 -60.48 -18.12 -46.94
CA HIS I 383 -60.02 -19.49 -46.78
C HIS I 383 -59.78 -20.15 -48.13
N GLU I 384 -60.80 -20.19 -48.98
CA GLU I 384 -60.69 -20.83 -50.28
C GLU I 384 -59.99 -19.97 -51.33
N ALA I 385 -59.75 -18.68 -51.03
CA ALA I 385 -59.04 -17.84 -51.97
C ALA I 385 -57.55 -18.12 -51.96
N VAL I 386 -56.97 -18.32 -50.78
CA VAL I 386 -55.55 -18.65 -50.68
C VAL I 386 -55.26 -20.11 -50.98
N GLY I 387 -56.28 -20.95 -51.07
CA GLY I 387 -56.09 -22.34 -51.39
C GLY I 387 -56.27 -22.63 -52.87
N GLU I 388 -56.88 -21.69 -53.59
CA GLU I 388 -57.08 -21.82 -55.03
C GLU I 388 -56.00 -21.14 -55.86
N ILE I 389 -55.26 -20.20 -55.27
CA ILE I 389 -54.17 -19.56 -56.01
C ILE I 389 -53.00 -20.52 -56.16
N MET I 390 -52.84 -21.46 -55.23
CA MET I 390 -51.82 -22.48 -55.35
C MET I 390 -52.27 -23.67 -56.18
N SER I 391 -53.57 -23.95 -56.22
CA SER I 391 -54.07 -25.01 -57.08
C SER I 391 -54.07 -24.58 -58.54
N LEU I 392 -54.29 -23.30 -58.82
CA LEU I 392 -54.19 -22.81 -60.19
C LEU I 392 -52.74 -22.78 -60.67
N SER I 393 -51.80 -22.47 -59.78
CA SER I 393 -50.39 -22.51 -60.15
C SER I 393 -49.89 -23.93 -60.33
N ALA I 394 -50.51 -24.90 -59.65
CA ALA I 394 -50.12 -26.29 -59.80
C ALA I 394 -50.60 -26.88 -61.12
N ALA I 395 -51.67 -26.33 -61.69
CA ALA I 395 -52.18 -26.79 -62.98
C ALA I 395 -51.52 -26.09 -64.15
N THR I 396 -50.57 -25.20 -63.90
CA THR I 396 -49.88 -24.51 -64.99
C THR I 396 -48.93 -25.47 -65.69
N PRO I 397 -48.91 -25.49 -67.03
CA PRO I 397 -47.96 -26.36 -67.74
C PRO I 397 -46.51 -25.97 -67.50
N LYS I 398 -46.23 -24.72 -67.13
CA LYS I 398 -44.86 -24.33 -66.81
C LYS I 398 -44.40 -24.96 -65.50
N HIS I 399 -45.30 -25.08 -64.53
CA HIS I 399 -44.96 -25.73 -63.26
C HIS I 399 -44.86 -27.24 -63.43
N LEU I 400 -45.64 -27.82 -64.34
CA LEU I 400 -45.62 -29.26 -64.53
C LEU I 400 -44.35 -29.75 -65.22
N LYS I 401 -43.64 -28.87 -65.93
CA LYS I 401 -42.42 -29.27 -66.63
C LYS I 401 -41.17 -29.13 -65.77
N SER I 402 -41.19 -28.25 -64.77
CA SER I 402 -40.02 -28.07 -63.92
C SER I 402 -39.85 -29.23 -62.94
N ILE I 403 -40.96 -29.83 -62.49
CA ILE I 403 -40.87 -30.94 -61.55
C ILE I 403 -40.58 -32.25 -62.26
N GLY I 404 -41.07 -32.41 -63.50
CA GLY I 404 -40.70 -33.56 -64.30
C GLY I 404 -41.79 -34.56 -64.61
N LEU I 405 -43.02 -34.09 -64.79
CA LEU I 405 -44.11 -34.95 -65.28
C LEU I 405 -44.51 -34.65 -66.72
N LEU I 406 -44.64 -33.37 -67.08
CA LEU I 406 -45.03 -33.01 -68.44
C LEU I 406 -43.82 -33.09 -69.37
N SER I 407 -44.05 -33.62 -70.57
CA SER I 407 -42.97 -33.76 -71.54
C SER I 407 -42.61 -32.40 -72.11
N PRO I 408 -41.33 -32.14 -72.38
CA PRO I 408 -40.93 -30.85 -72.96
C PRO I 408 -41.29 -30.69 -74.43
N ASP I 409 -41.81 -31.73 -75.08
CA ASP I 409 -42.19 -31.62 -76.48
C ASP I 409 -43.47 -30.82 -76.67
N PHE I 410 -44.28 -30.68 -75.62
CA PHE I 410 -45.51 -29.90 -75.69
C PHE I 410 -45.15 -28.42 -75.72
N GLN I 411 -45.16 -27.84 -76.91
CA GLN I 411 -44.80 -26.44 -77.08
C GLN I 411 -45.98 -25.53 -76.73
N GLU I 412 -45.73 -24.22 -76.78
CA GLU I 412 -46.72 -23.19 -76.42
C GLU I 412 -46.88 -22.23 -77.60
N ASP I 413 -47.81 -22.54 -78.49
CA ASP I 413 -48.15 -21.69 -79.62
C ASP I 413 -49.38 -20.84 -79.28
N ASN I 414 -49.92 -20.17 -80.29
CA ASN I 414 -51.10 -19.32 -80.15
C ASN I 414 -52.40 -20.08 -80.36
N GLU I 415 -52.42 -21.38 -80.07
CA GLU I 415 -53.62 -22.17 -80.28
C GLU I 415 -54.00 -22.98 -79.04
N THR I 416 -52.99 -23.43 -78.29
CA THR I 416 -53.22 -24.26 -77.11
C THR I 416 -53.43 -23.46 -75.83
N GLU I 417 -53.21 -22.14 -75.88
CA GLU I 417 -53.38 -21.31 -74.68
C GLU I 417 -54.80 -20.78 -74.54
N ILE I 418 -55.63 -20.87 -75.58
CA ILE I 418 -56.99 -20.36 -75.48
C ILE I 418 -57.87 -21.33 -74.71
N ASN I 419 -57.73 -22.64 -74.96
CA ASN I 419 -58.54 -23.63 -74.27
C ASN I 419 -58.23 -23.72 -72.79
N PHE I 420 -57.05 -23.28 -72.35
CA PHE I 420 -56.76 -23.25 -70.93
C PHE I 420 -57.39 -22.04 -70.25
N LEU I 421 -57.59 -20.94 -70.99
CA LEU I 421 -58.21 -19.76 -70.42
C LEU I 421 -59.73 -19.91 -70.34
N LEU I 422 -60.35 -20.52 -71.34
CA LEU I 422 -61.80 -20.69 -71.32
C LEU I 422 -62.25 -21.83 -70.42
N LYS I 423 -61.34 -22.74 -70.05
CA LYS I 423 -61.70 -23.81 -69.12
C LYS I 423 -61.93 -23.27 -67.72
N GLN I 424 -61.15 -22.28 -67.31
CA GLN I 424 -61.34 -21.66 -66.00
C GLN I 424 -62.48 -20.65 -65.99
N ALA I 425 -62.86 -20.13 -67.16
CA ALA I 425 -63.93 -19.14 -67.23
C ALA I 425 -65.32 -19.76 -67.08
N LEU I 426 -65.45 -21.07 -67.30
CA LEU I 426 -66.75 -21.72 -67.16
C LEU I 426 -67.14 -21.93 -65.69
N THR I 427 -66.16 -22.04 -64.81
CA THR I 427 -66.42 -22.26 -63.39
C THR I 427 -66.23 -21.01 -62.54
N ILE I 428 -65.74 -19.91 -63.12
CA ILE I 428 -65.50 -18.69 -62.37
C ILE I 428 -66.31 -17.54 -62.97
N VAL I 429 -66.10 -17.27 -64.26
CA VAL I 429 -66.77 -16.15 -64.90
C VAL I 429 -68.22 -16.48 -65.21
N GLY I 430 -68.53 -17.73 -65.54
CA GLY I 430 -69.89 -18.11 -65.91
C GLY I 430 -70.87 -18.08 -64.76
N THR I 431 -70.40 -18.02 -63.51
CA THR I 431 -71.26 -18.00 -62.34
C THR I 431 -71.50 -16.59 -61.83
N LEU I 432 -70.74 -15.60 -62.31
CA LEU I 432 -70.87 -14.22 -61.86
C LEU I 432 -72.25 -13.64 -62.11
N PRO I 433 -72.89 -13.90 -63.27
CA PRO I 433 -74.30 -13.50 -63.40
C PRO I 433 -75.23 -14.31 -62.53
N PHE I 434 -74.88 -15.55 -62.21
CA PHE I 434 -75.70 -16.36 -61.32
C PHE I 434 -75.52 -15.93 -59.87
N THR I 435 -74.34 -15.41 -59.51
CA THR I 435 -74.09 -14.99 -58.14
C THR I 435 -74.76 -13.67 -57.82
N TYR I 436 -74.74 -12.73 -58.78
CA TYR I 436 -75.36 -11.43 -58.54
C TYR I 436 -76.88 -11.51 -58.54
N MET I 437 -77.45 -12.45 -59.29
CA MET I 437 -78.91 -12.56 -59.38
C MET I 437 -79.48 -13.20 -58.11
N LEU I 438 -78.80 -14.21 -57.56
CA LEU I 438 -79.33 -14.91 -56.41
C LEU I 438 -79.22 -14.09 -55.12
N GLU I 439 -78.25 -13.18 -55.05
CA GLU I 439 -78.09 -12.35 -53.86
C GLU I 439 -78.97 -11.11 -53.88
N LYS I 440 -79.36 -10.63 -55.07
CA LYS I 440 -80.23 -9.46 -55.16
C LYS I 440 -81.70 -9.81 -54.98
N TRP I 441 -82.06 -11.10 -55.11
CA TRP I 441 -83.44 -11.51 -54.87
C TRP I 441 -83.75 -11.60 -53.38
N ARG I 442 -82.82 -12.16 -52.60
CA ARG I 442 -83.00 -12.28 -51.16
C ARG I 442 -82.78 -10.95 -50.44
N TRP I 443 -82.24 -9.95 -51.11
CA TRP I 443 -81.93 -8.66 -50.49
C TRP I 443 -83.05 -7.65 -50.58
N MET I 444 -84.18 -7.99 -51.23
CA MET I 444 -85.24 -7.02 -51.40
C MET I 444 -86.58 -7.58 -50.95
N VAL I 445 -86.73 -8.90 -50.97
CA VAL I 445 -87.99 -9.51 -50.55
C VAL I 445 -88.05 -9.64 -49.03
N PHE I 446 -86.91 -9.73 -48.36
CA PHE I 446 -86.90 -9.77 -46.90
C PHE I 446 -87.38 -8.46 -46.28
N LYS I 447 -87.36 -7.36 -47.04
CA LYS I 447 -87.89 -6.10 -46.54
C LYS I 447 -89.42 -6.16 -46.45
N GLY I 448 -90.09 -6.50 -47.55
CA GLY I 448 -91.53 -6.67 -47.53
C GLY I 448 -92.29 -5.80 -48.51
N GLU I 449 -91.63 -5.35 -49.58
CA GLU I 449 -92.30 -4.55 -50.59
C GLU I 449 -92.88 -5.39 -51.73
N ILE I 450 -92.64 -6.68 -51.75
CA ILE I 450 -93.17 -7.59 -52.76
C ILE I 450 -94.21 -8.50 -52.09
N PRO I 451 -95.41 -8.62 -52.64
CA PRO I 451 -96.44 -9.43 -51.98
C PRO I 451 -96.14 -10.93 -52.11
N LYS I 452 -97.00 -11.72 -51.46
CA LYS I 452 -96.84 -13.17 -51.45
C LYS I 452 -97.30 -13.84 -52.73
N ASP I 453 -98.00 -13.12 -53.60
CA ASP I 453 -98.41 -13.65 -54.90
C ASP I 453 -97.42 -13.33 -56.00
N GLN I 454 -96.32 -12.65 -55.69
CA GLN I 454 -95.34 -12.21 -56.68
C GLN I 454 -93.96 -12.75 -56.37
N TRP I 455 -93.89 -13.94 -55.78
CA TRP I 455 -92.60 -14.57 -55.50
C TRP I 455 -91.94 -15.08 -56.78
N MET I 456 -92.62 -15.98 -57.49
CA MET I 456 -92.07 -16.57 -58.69
C MET I 456 -92.24 -15.70 -59.93
N LYS I 457 -93.18 -14.77 -59.92
CA LYS I 457 -93.35 -13.88 -61.07
C LYS I 457 -92.21 -12.89 -61.15
N LYS I 458 -91.74 -12.39 -60.00
CA LYS I 458 -90.54 -11.57 -59.96
C LYS I 458 -89.27 -12.39 -60.12
N TRP I 459 -89.34 -13.70 -59.89
CA TRP I 459 -88.16 -14.54 -60.00
C TRP I 459 -87.76 -14.77 -61.45
N TRP I 460 -88.74 -15.08 -62.30
CA TRP I 460 -88.44 -15.42 -63.70
C TRP I 460 -88.16 -14.19 -64.56
N GLU I 461 -88.55 -12.99 -64.12
CA GLU I 461 -88.27 -11.81 -64.93
C GLU I 461 -86.82 -11.38 -64.81
N MET I 462 -86.22 -11.56 -63.63
CA MET I 462 -84.83 -11.19 -63.42
C MET I 462 -83.86 -12.22 -63.97
N LYS I 463 -84.31 -13.43 -64.27
CA LYS I 463 -83.46 -14.44 -64.88
C LYS I 463 -83.30 -14.25 -66.37
N ARG I 464 -84.10 -13.35 -66.98
CA ARG I 464 -83.93 -13.00 -68.39
C ARG I 464 -83.18 -11.69 -68.59
N GLU I 465 -83.15 -10.83 -67.57
CA GLU I 465 -82.45 -9.55 -67.65
C GLU I 465 -81.04 -9.61 -67.06
N ILE I 466 -80.87 -10.28 -65.93
CA ILE I 466 -79.57 -10.38 -65.28
C ILE I 466 -78.80 -11.60 -65.78
N VAL I 467 -79.44 -12.76 -65.80
CA VAL I 467 -78.79 -14.00 -66.23
C VAL I 467 -79.02 -14.27 -67.71
N GLY I 468 -80.25 -14.06 -68.18
CA GLY I 468 -80.56 -14.29 -69.58
C GLY I 468 -80.78 -15.74 -69.95
N VAL I 469 -81.82 -16.36 -69.38
CA VAL I 469 -82.19 -17.73 -69.69
C VAL I 469 -83.66 -17.76 -70.08
N VAL I 470 -84.06 -18.87 -70.70
CA VAL I 470 -85.44 -19.08 -71.10
C VAL I 470 -85.99 -20.30 -70.36
N GLU I 471 -87.31 -20.48 -70.46
CA GLU I 471 -88.00 -21.55 -69.78
C GLU I 471 -88.86 -22.32 -70.77
N PRO I 472 -88.93 -23.65 -70.65
CA PRO I 472 -89.77 -24.42 -71.57
C PRO I 472 -91.26 -24.30 -71.29
N VAL I 473 -91.65 -24.07 -70.04
CA VAL I 473 -93.05 -23.90 -69.66
C VAL I 473 -93.14 -22.83 -68.58
N PRO I 474 -94.16 -21.96 -68.61
CA PRO I 474 -94.32 -21.00 -67.52
C PRO I 474 -94.73 -21.69 -66.23
N HIS I 475 -94.17 -21.22 -65.11
CA HIS I 475 -94.44 -21.78 -63.80
C HIS I 475 -95.19 -20.77 -62.94
N ASP I 476 -96.13 -21.27 -62.14
CA ASP I 476 -96.91 -20.42 -61.26
C ASP I 476 -96.23 -20.30 -59.90
N GLU I 477 -96.93 -19.74 -58.93
CA GLU I 477 -96.36 -19.53 -57.60
C GLU I 477 -96.33 -20.80 -56.75
N THR I 478 -96.91 -21.90 -57.24
CA THR I 478 -96.93 -23.12 -56.45
C THR I 478 -95.56 -23.79 -56.39
N TYR I 479 -94.73 -23.58 -57.41
CA TYR I 479 -93.40 -24.16 -57.43
C TYR I 479 -92.48 -23.46 -56.44
N CYS I 480 -91.47 -24.19 -55.98
CA CYS I 480 -90.42 -23.66 -55.08
C CYS I 480 -89.07 -24.01 -55.71
N ASP I 481 -88.61 -23.14 -56.61
CA ASP I 481 -87.38 -23.37 -57.37
C ASP I 481 -86.10 -23.11 -56.57
N PRO I 482 -85.91 -21.91 -56.01
CA PRO I 482 -84.59 -21.57 -55.45
C PRO I 482 -84.30 -22.16 -54.08
N ALA I 483 -85.11 -23.10 -53.59
CA ALA I 483 -84.89 -23.73 -52.29
C ALA I 483 -84.22 -25.09 -52.41
N SER I 484 -83.40 -25.28 -53.44
CA SER I 484 -82.74 -26.56 -53.70
C SER I 484 -81.23 -26.41 -53.83
N LEU I 485 -80.64 -25.48 -53.09
CA LEU I 485 -79.21 -25.21 -53.15
C LEU I 485 -78.52 -25.72 -51.90
N PHE I 486 -77.18 -25.76 -51.96
CA PHE I 486 -76.39 -26.21 -50.82
C PHE I 486 -76.39 -25.19 -49.69
N HIS I 487 -76.44 -23.89 -50.01
CA HIS I 487 -76.29 -22.84 -49.02
C HIS I 487 -77.61 -22.28 -48.52
N VAL I 488 -78.71 -22.54 -49.22
CA VAL I 488 -80.00 -21.99 -48.81
C VAL I 488 -80.77 -22.91 -47.86
N SER I 489 -80.40 -24.19 -47.79
CA SER I 489 -81.07 -25.15 -46.91
C SER I 489 -80.27 -25.47 -45.66
N ASN I 490 -79.11 -24.82 -45.47
CA ASN I 490 -78.28 -25.08 -44.29
C ASN I 490 -77.80 -23.79 -43.63
N ASP I 491 -78.42 -22.65 -43.95
CA ASP I 491 -78.10 -21.36 -43.33
C ASP I 491 -76.61 -21.01 -43.53
N TYR I 492 -76.23 -20.86 -44.79
CA TYR I 492 -74.88 -20.50 -45.17
C TYR I 492 -74.90 -19.18 -45.95
N SER I 493 -73.82 -18.42 -45.81
CA SER I 493 -73.72 -17.12 -46.45
C SER I 493 -73.44 -17.28 -47.94
N PHE I 494 -73.83 -16.25 -48.71
CA PHE I 494 -73.63 -16.23 -50.15
C PHE I 494 -72.72 -15.11 -50.63
N ILE I 495 -72.50 -14.06 -49.83
CA ILE I 495 -71.65 -12.96 -50.27
C ILE I 495 -70.19 -13.37 -50.34
N ARG I 496 -69.82 -14.49 -49.69
CA ARG I 496 -68.44 -14.95 -49.73
C ARG I 496 -68.05 -15.44 -51.11
N TYR I 497 -69.02 -15.88 -51.92
CA TYR I 497 -68.70 -16.40 -53.25
C TYR I 497 -68.34 -15.29 -54.22
N TYR I 498 -68.97 -14.13 -54.12
CA TYR I 498 -68.61 -13.02 -54.99
C TYR I 498 -67.23 -12.46 -54.65
N THR I 499 -66.78 -12.63 -53.41
CA THR I 499 -65.42 -12.24 -53.05
C THR I 499 -64.40 -13.33 -53.39
N ARG I 500 -64.82 -14.59 -53.33
CA ARG I 500 -63.90 -15.68 -53.66
C ARG I 500 -63.61 -15.73 -55.16
N THR I 501 -64.54 -15.24 -55.99
CA THR I 501 -64.32 -15.19 -57.42
C THR I 501 -63.41 -14.04 -57.85
N LEU I 502 -63.15 -13.09 -56.94
CA LEU I 502 -62.29 -11.95 -57.23
C LEU I 502 -60.99 -11.95 -56.44
N TYR I 503 -61.00 -12.45 -55.20
CA TYR I 503 -59.78 -12.50 -54.40
C TYR I 503 -58.78 -13.51 -54.93
N GLN I 504 -59.24 -14.52 -55.68
CA GLN I 504 -58.32 -15.46 -56.30
C GLN I 504 -57.55 -14.83 -57.46
N PHE I 505 -58.09 -13.75 -58.04
CA PHE I 505 -57.38 -13.00 -59.07
C PHE I 505 -56.57 -11.85 -58.49
N GLN I 506 -56.99 -11.31 -57.35
CA GLN I 506 -56.21 -10.26 -56.69
C GLN I 506 -54.95 -10.82 -56.05
N PHE I 507 -55.00 -12.06 -55.57
CA PHE I 507 -53.83 -12.68 -54.98
C PHE I 507 -52.90 -13.31 -56.02
N GLN I 508 -53.41 -13.61 -57.21
CA GLN I 508 -52.57 -14.18 -58.25
C GLN I 508 -51.68 -13.14 -58.91
N GLU I 509 -52.16 -11.91 -59.06
CA GLU I 509 -51.36 -10.85 -59.65
C GLU I 509 -50.45 -10.16 -58.65
N ALA I 510 -50.75 -10.26 -57.35
CA ALA I 510 -49.93 -9.66 -56.32
C ALA I 510 -48.81 -10.57 -55.85
N LEU I 511 -48.69 -11.76 -56.43
CA LEU I 511 -47.65 -12.71 -56.05
C LEU I 511 -46.58 -12.91 -57.11
N CYS I 512 -46.83 -12.50 -58.36
CA CYS I 512 -45.82 -12.58 -59.40
C CYS I 512 -45.35 -11.21 -59.86
N GLN I 513 -45.88 -10.13 -59.30
CA GLN I 513 -45.41 -8.79 -59.63
C GLN I 513 -44.12 -8.43 -58.91
N ALA I 514 -43.86 -9.04 -57.75
CA ALA I 514 -42.63 -8.82 -57.01
C ALA I 514 -41.58 -9.89 -57.30
N ALA I 515 -41.90 -10.87 -58.15
CA ALA I 515 -40.97 -11.93 -58.53
C ALA I 515 -40.41 -11.74 -59.93
N LYS I 516 -40.12 -10.48 -60.29
CA LYS I 516 -39.53 -10.09 -61.58
C LYS I 516 -40.22 -10.76 -62.77
N HIS I 517 -41.51 -11.06 -62.62
CA HIS I 517 -42.31 -11.65 -63.69
C HIS I 517 -43.18 -10.54 -64.28
N GLU I 518 -42.65 -9.87 -65.30
CA GLU I 518 -43.39 -8.81 -66.00
C GLU I 518 -44.09 -9.32 -67.26
N GLY I 519 -44.31 -10.63 -67.36
CA GLY I 519 -44.96 -11.20 -68.51
C GLY I 519 -46.46 -11.17 -68.40
N PRO I 520 -47.13 -12.12 -69.04
CA PRO I 520 -48.58 -12.19 -68.95
C PRO I 520 -49.03 -12.65 -67.57
N LEU I 521 -50.30 -12.35 -67.27
CA LEU I 521 -50.83 -12.69 -65.95
C LEU I 521 -51.21 -14.16 -65.84
N HIS I 522 -51.54 -14.80 -66.96
CA HIS I 522 -51.91 -16.20 -66.96
C HIS I 522 -50.71 -17.13 -67.04
N LYS I 523 -49.49 -16.60 -66.96
CA LYS I 523 -48.29 -17.40 -67.06
C LYS I 523 -47.34 -17.26 -65.89
N CYS I 524 -47.72 -16.57 -64.82
CA CYS I 524 -46.88 -16.50 -63.63
C CYS I 524 -46.85 -17.84 -62.90
N ASP I 525 -45.72 -18.13 -62.28
CA ASP I 525 -45.60 -19.24 -61.34
C ASP I 525 -44.85 -18.76 -60.11
N ILE I 526 -45.24 -19.29 -58.95
CA ILE I 526 -44.72 -18.82 -57.67
C ILE I 526 -43.54 -19.67 -57.23
N SER I 527 -42.98 -20.44 -58.16
CA SER I 527 -41.83 -21.29 -57.85
C SER I 527 -40.56 -20.46 -57.75
N ASN I 528 -39.69 -20.84 -56.83
CA ASN I 528 -38.38 -20.20 -56.62
C ASN I 528 -38.54 -18.70 -56.35
N SER I 529 -39.25 -18.40 -55.25
CA SER I 529 -39.48 -17.02 -54.83
C SER I 529 -39.58 -17.01 -53.32
N THR I 530 -38.49 -16.65 -52.64
CA THR I 530 -38.50 -16.61 -51.19
C THR I 530 -39.06 -15.30 -50.66
N GLU I 531 -38.74 -14.18 -51.32
CA GLU I 531 -39.21 -12.89 -50.85
C GLU I 531 -40.71 -12.70 -51.07
N ALA I 532 -41.32 -13.46 -51.97
CA ALA I 532 -42.76 -13.38 -52.18
C ALA I 532 -43.55 -14.18 -51.16
N GLY I 533 -42.90 -15.08 -50.43
CA GLY I 533 -43.58 -15.88 -49.44
C GLY I 533 -43.62 -15.26 -48.06
N GLN I 534 -42.61 -14.44 -47.74
CA GLN I 534 -42.57 -13.80 -46.44
C GLN I 534 -43.56 -12.64 -46.33
N LYS I 535 -43.88 -11.99 -47.44
CA LYS I 535 -44.87 -10.93 -47.43
C LYS I 535 -46.30 -11.48 -47.37
N LEU I 536 -46.50 -12.72 -47.79
CA LEU I 536 -47.83 -13.33 -47.72
C LEU I 536 -48.12 -13.88 -46.33
N PHE I 537 -47.10 -14.40 -45.65
CA PHE I 537 -47.29 -14.97 -44.32
C PHE I 537 -47.60 -13.92 -43.27
N ASN I 538 -47.31 -12.65 -43.55
CA ASN I 538 -47.61 -11.59 -42.59
C ASN I 538 -49.10 -11.26 -42.52
N MET I 539 -49.88 -11.67 -43.52
CA MET I 539 -51.31 -11.41 -43.56
C MET I 539 -52.14 -12.60 -43.12
N LEU I 540 -51.62 -13.82 -43.26
CA LEU I 540 -52.40 -15.01 -42.93
C LEU I 540 -52.55 -15.20 -41.42
N ARG I 541 -51.58 -14.71 -40.64
CA ARG I 541 -51.61 -14.87 -39.20
C ARG I 541 -52.35 -13.74 -38.49
N LEU I 542 -53.09 -12.92 -39.22
CA LEU I 542 -53.84 -11.82 -38.60
C LEU I 542 -55.16 -12.32 -38.03
N GLY I 543 -56.01 -12.90 -38.88
CA GLY I 543 -57.31 -13.38 -38.44
C GLY I 543 -58.32 -12.28 -38.23
N LYS I 544 -58.79 -12.13 -36.99
CA LYS I 544 -59.76 -11.10 -36.65
C LYS I 544 -59.12 -9.92 -35.91
N SER I 545 -57.79 -9.81 -35.97
CA SER I 545 -57.11 -8.69 -35.32
C SER I 545 -57.24 -7.41 -36.14
N GLU I 546 -56.96 -7.49 -37.43
CA GLU I 546 -57.07 -6.34 -38.32
C GLU I 546 -58.22 -6.56 -39.30
N PRO I 547 -58.91 -5.50 -39.72
CA PRO I 547 -60.01 -5.65 -40.67
C PRO I 547 -59.51 -6.09 -42.04
N TRP I 548 -60.46 -6.53 -42.86
CA TRP I 548 -60.11 -7.02 -44.20
C TRP I 548 -59.70 -5.87 -45.12
N THR I 549 -60.21 -4.66 -44.88
CA THR I 549 -59.84 -3.51 -45.69
C THR I 549 -58.48 -2.94 -45.34
N LEU I 550 -57.90 -3.32 -44.20
CA LEU I 550 -56.56 -2.89 -43.84
C LEU I 550 -55.49 -3.82 -44.37
N ALA I 551 -55.77 -5.13 -44.43
CA ALA I 551 -54.84 -6.08 -45.02
C ALA I 551 -54.85 -6.02 -46.54
N LEU I 552 -55.94 -5.54 -47.14
CA LEU I 552 -56.00 -5.43 -48.60
C LEU I 552 -55.13 -4.29 -49.12
N GLU I 553 -54.92 -3.25 -48.31
CA GLU I 553 -54.19 -2.08 -48.78
C GLU I 553 -52.69 -2.36 -48.92
N ASN I 554 -52.14 -3.22 -48.07
CA ASN I 554 -50.70 -3.47 -48.06
C ASN I 554 -50.28 -4.57 -49.03
N VAL I 555 -51.21 -5.13 -49.80
CA VAL I 555 -50.87 -6.19 -50.75
C VAL I 555 -51.03 -5.75 -52.20
N VAL I 556 -52.01 -4.90 -52.52
CA VAL I 556 -52.25 -4.51 -53.91
C VAL I 556 -52.26 -2.99 -54.01
N GLY I 557 -52.35 -2.32 -52.87
CA GLY I 557 -52.39 -0.87 -52.86
C GLY I 557 -53.76 -0.29 -53.17
N ALA I 558 -54.82 -0.89 -52.64
CA ALA I 558 -56.17 -0.43 -52.90
C ALA I 558 -57.04 -0.71 -51.68
N LYS I 559 -57.99 0.20 -51.42
CA LYS I 559 -58.88 0.08 -50.28
C LYS I 559 -60.21 -0.60 -50.63
N ASN I 560 -60.59 -0.62 -51.90
CA ASN I 560 -61.84 -1.22 -52.34
C ASN I 560 -61.55 -2.27 -53.42
N MET I 561 -62.50 -3.16 -53.60
CA MET I 561 -62.33 -4.23 -54.58
C MET I 561 -62.39 -3.69 -56.00
N ASN I 562 -61.59 -4.28 -56.88
CA ASN I 562 -61.52 -3.88 -58.27
C ASN I 562 -61.53 -5.12 -59.16
N VAL I 563 -62.20 -5.01 -60.31
CA VAL I 563 -62.32 -6.12 -61.25
C VAL I 563 -61.18 -6.07 -62.26
N ARG I 564 -60.23 -5.18 -62.05
CA ARG I 564 -59.11 -5.05 -62.99
C ARG I 564 -58.26 -6.31 -63.07
N PRO I 565 -57.87 -6.96 -61.97
CA PRO I 565 -57.09 -8.20 -62.11
C PRO I 565 -57.77 -9.27 -62.95
N LEU I 566 -59.10 -9.37 -62.90
CA LEU I 566 -59.80 -10.35 -63.71
C LEU I 566 -59.63 -10.04 -65.19
N LEU I 567 -59.77 -8.78 -65.57
CA LEU I 567 -59.58 -8.39 -66.97
C LEU I 567 -58.16 -8.68 -67.44
N ASN I 568 -57.17 -8.38 -66.59
CA ASN I 568 -55.78 -8.60 -66.98
C ASN I 568 -55.49 -10.08 -67.19
N TYR I 569 -56.10 -10.94 -66.39
CA TYR I 569 -55.90 -12.38 -66.55
C TYR I 569 -56.49 -12.87 -67.87
N PHE I 570 -57.64 -12.32 -68.27
CA PHE I 570 -58.34 -12.75 -69.48
C PHE I 570 -58.10 -11.81 -70.65
N GLU I 571 -56.92 -11.22 -70.76
CA GLU I 571 -56.62 -10.35 -71.89
C GLU I 571 -56.43 -11.17 -73.17
N PRO I 572 -55.78 -12.33 -73.13
CA PRO I 572 -55.84 -13.23 -74.30
C PRO I 572 -57.22 -13.79 -74.55
N LEU I 573 -58.07 -13.89 -73.52
CA LEU I 573 -59.44 -14.33 -73.70
C LEU I 573 -60.33 -13.19 -74.21
N PHE I 574 -60.02 -11.95 -73.85
CA PHE I 574 -60.84 -10.83 -74.30
C PHE I 574 -60.65 -10.54 -75.79
N THR I 575 -59.42 -10.67 -76.29
CA THR I 575 -59.17 -10.46 -77.72
C THR I 575 -59.64 -11.64 -78.56
N TRP I 576 -59.92 -12.79 -77.95
CA TRP I 576 -60.44 -13.94 -78.67
C TRP I 576 -61.96 -13.98 -78.67
N LEU I 577 -62.61 -13.33 -77.71
CA LEU I 577 -64.07 -13.30 -77.63
C LEU I 577 -64.68 -12.10 -78.35
N LYS I 578 -63.89 -11.34 -79.08
CA LYS I 578 -64.40 -10.21 -79.85
C LYS I 578 -64.17 -10.35 -81.33
N ASP I 579 -62.96 -10.72 -81.74
CA ASP I 579 -62.57 -10.72 -83.16
C ASP I 579 -63.09 -11.94 -83.92
N GLN I 580 -63.80 -12.85 -83.26
CA GLN I 580 -64.33 -14.04 -83.93
C GLN I 580 -65.84 -14.01 -84.11
N ASN I 581 -66.57 -13.34 -83.23
CA ASN I 581 -68.03 -13.27 -83.31
C ASN I 581 -68.42 -12.09 -84.20
N LYS I 582 -68.41 -12.34 -85.52
CA LYS I 582 -68.76 -11.31 -86.48
C LYS I 582 -70.17 -11.46 -87.05
N ASN I 583 -70.69 -12.69 -87.13
CA ASN I 583 -72.01 -12.93 -87.69
C ASN I 583 -73.01 -13.43 -86.66
N SER I 584 -72.63 -13.45 -85.38
CA SER I 584 -73.49 -13.94 -84.31
C SER I 584 -74.17 -12.77 -83.60
N PHE I 585 -75.23 -13.09 -82.88
CA PHE I 585 -76.00 -12.10 -82.13
C PHE I 585 -75.41 -11.96 -80.73
N VAL I 586 -74.90 -10.78 -80.42
CA VAL I 586 -74.35 -10.49 -79.10
C VAL I 586 -75.47 -9.89 -78.25
N GLY I 587 -75.56 -10.33 -77.00
CA GLY I 587 -76.60 -9.88 -76.12
C GLY I 587 -77.70 -10.92 -75.94
N TRP I 588 -78.93 -10.47 -75.74
CA TRP I 588 -80.05 -11.37 -75.55
C TRP I 588 -81.35 -10.65 -75.93
N SER I 589 -82.47 -11.35 -75.79
CA SER I 589 -83.78 -10.81 -76.08
C SER I 589 -84.69 -11.04 -74.88
N THR I 590 -85.81 -10.32 -74.86
CA THR I 590 -86.75 -10.37 -73.75
C THR I 590 -88.02 -11.17 -74.07
N ASP I 591 -88.62 -10.94 -75.24
CA ASP I 591 -89.90 -11.52 -75.60
C ASP I 591 -89.77 -12.84 -76.35
N TRP I 592 -88.66 -13.55 -76.18
CA TRP I 592 -88.47 -14.84 -76.83
C TRP I 592 -88.79 -15.97 -75.87
N SER I 593 -89.49 -17.00 -76.38
CA SER I 593 -89.86 -18.16 -75.60
C SER I 593 -90.01 -19.35 -76.55
N PRO I 594 -89.58 -20.55 -76.15
CA PRO I 594 -89.71 -21.70 -77.04
C PRO I 594 -91.13 -22.23 -77.16
N TYR I 595 -91.99 -21.95 -76.18
CA TYR I 595 -93.36 -22.43 -76.21
C TYR I 595 -94.30 -21.52 -77.02
N ALA I 596 -93.81 -20.38 -77.51
CA ALA I 596 -94.63 -19.46 -78.28
C ALA I 596 -94.56 -19.71 -79.78
N ASP I 597 -93.67 -20.57 -80.24
CA ASP I 597 -93.54 -20.86 -81.67
C ASP I 597 -94.60 -21.88 -82.11
N THR J 2 -26.62 52.82 -23.25
CA THR J 2 -25.23 52.99 -22.81
C THR J 2 -24.44 53.85 -23.79
N ILE J 3 -23.58 54.70 -23.24
CA ILE J 3 -22.77 55.61 -24.05
C ILE J 3 -21.32 55.52 -23.59
N GLU J 4 -21.07 54.76 -22.52
CA GLU J 4 -19.73 54.72 -21.94
C GLU J 4 -18.74 54.03 -22.87
N GLU J 5 -19.07 52.80 -23.32
CA GLU J 5 -18.19 52.10 -24.25
C GLU J 5 -18.34 52.59 -25.68
N GLN J 6 -19.42 53.33 -25.99
CA GLN J 6 -19.55 53.92 -27.31
C GLN J 6 -18.64 55.13 -27.47
N ALA J 7 -18.37 55.86 -26.38
CA ALA J 7 -17.44 56.97 -26.42
C ALA J 7 -15.98 56.53 -26.36
N LYS J 8 -15.72 55.31 -25.87
CA LYS J 8 -14.35 54.82 -25.82
C LYS J 8 -13.83 54.45 -27.21
N THR J 9 -14.71 54.01 -28.09
CA THR J 9 -14.35 53.72 -29.47
C THR J 9 -14.44 54.95 -30.37
N PHE J 10 -14.89 56.09 -29.82
CA PHE J 10 -15.00 57.32 -30.58
C PHE J 10 -13.83 58.28 -30.35
N LEU J 11 -13.19 58.23 -29.19
CA LEU J 11 -12.09 59.14 -28.88
C LEU J 11 -10.73 58.61 -29.31
N ASP J 12 -10.52 57.29 -29.26
CA ASP J 12 -9.24 56.73 -29.67
C ASP J 12 -9.06 56.76 -31.17
N LYS J 13 -10.13 56.83 -31.95
CA LYS J 13 -10.00 57.03 -33.38
C LYS J 13 -9.42 58.41 -33.69
N PHE J 14 -9.78 59.42 -32.88
CA PHE J 14 -9.16 60.73 -33.01
C PHE J 14 -7.73 60.73 -32.48
N ASN J 15 -7.40 59.80 -31.58
CA ASN J 15 -6.03 59.72 -31.06
C ASN J 15 -5.07 59.19 -32.11
N HIS J 16 -5.47 58.17 -32.85
CA HIS J 16 -4.60 57.54 -33.84
C HIS J 16 -4.58 58.26 -35.17
N GLU J 17 -5.60 59.07 -35.46
CA GLU J 17 -5.64 59.82 -36.71
C GLU J 17 -4.96 61.18 -36.59
N ALA J 18 -5.17 61.89 -35.49
CA ALA J 18 -4.53 63.18 -35.30
C ALA J 18 -3.05 63.05 -34.98
N GLU J 19 -2.61 61.89 -34.49
CA GLU J 19 -1.18 61.66 -34.29
C GLU J 19 -0.45 61.51 -35.60
N ASP J 20 -1.13 61.06 -36.66
CA ASP J 20 -0.56 61.00 -37.99
C ASP J 20 -0.88 62.22 -38.84
N LEU J 21 -1.96 62.93 -38.54
CA LEU J 21 -2.29 64.15 -39.26
C LEU J 21 -1.40 65.31 -38.82
N PHE J 22 -1.12 65.41 -37.52
CA PHE J 22 -0.16 66.39 -37.02
C PHE J 22 1.27 65.97 -37.30
N TYR J 23 1.51 64.70 -37.63
CA TYR J 23 2.83 64.26 -38.01
C TYR J 23 3.23 64.82 -39.37
N GLN J 24 2.34 64.69 -40.36
CA GLN J 24 2.65 65.14 -41.71
C GLN J 24 2.54 66.65 -41.87
N SER J 25 1.65 67.29 -41.11
CA SER J 25 1.51 68.74 -41.23
C SER J 25 2.70 69.47 -40.59
N SER J 26 3.22 68.92 -39.49
CA SER J 26 4.41 69.48 -38.88
C SER J 26 5.69 69.07 -39.59
N LEU J 27 5.63 68.04 -40.44
CA LEU J 27 6.79 67.71 -41.28
C LEU J 27 6.97 68.74 -42.38
N ALA J 28 5.88 69.31 -42.89
CA ALA J 28 5.98 70.36 -43.89
C ALA J 28 6.49 71.67 -43.30
N SER J 29 6.34 71.86 -41.98
CA SER J 29 6.86 73.04 -41.32
C SER J 29 8.33 72.89 -40.91
N TRP J 30 8.84 71.66 -40.86
CA TRP J 30 10.24 71.45 -40.54
C TRP J 30 11.13 71.80 -41.73
N ASN J 31 10.76 71.34 -42.93
CA ASN J 31 11.51 71.66 -44.13
C ASN J 31 11.13 73.03 -44.70
N TYR J 32 10.13 73.70 -44.14
CA TYR J 32 9.81 75.06 -44.57
C TYR J 32 10.90 76.03 -44.17
N ASN J 33 11.58 75.78 -43.05
CA ASN J 33 12.68 76.62 -42.62
C ASN J 33 14.03 76.15 -43.16
N THR J 34 14.12 74.92 -43.66
CA THR J 34 15.38 74.41 -44.18
C THR J 34 15.71 75.04 -45.53
N ASN J 35 14.82 74.85 -46.51
CA ASN J 35 15.00 75.41 -47.85
C ASN J 35 13.75 76.15 -48.26
N ILE J 36 13.89 77.44 -48.58
CA ILE J 36 12.76 78.25 -49.00
C ILE J 36 12.52 77.96 -50.48
N THR J 37 11.59 77.04 -50.76
CA THR J 37 11.26 76.64 -52.11
C THR J 37 9.77 76.82 -52.35
N GLU J 38 9.40 77.15 -53.59
CA GLU J 38 8.00 77.36 -53.93
C GLU J 38 7.20 76.06 -53.92
N GLU J 39 7.87 74.90 -53.98
CA GLU J 39 7.16 73.63 -53.92
C GLU J 39 6.92 73.14 -52.51
N ASN J 40 7.51 73.78 -51.50
CA ASN J 40 7.31 73.39 -50.12
C ASN J 40 6.20 74.17 -49.43
N VAL J 41 5.91 75.39 -49.89
CA VAL J 41 4.79 76.15 -49.32
C VAL J 41 3.46 75.56 -49.74
N GLN J 42 3.43 74.81 -50.86
CA GLN J 42 2.21 74.11 -51.25
C GLN J 42 1.98 72.89 -50.37
N ASN J 43 3.05 72.31 -49.82
CA ASN J 43 2.90 71.20 -48.89
C ASN J 43 2.27 71.67 -47.58
N MET J 44 2.60 72.89 -47.15
CA MET J 44 1.93 73.46 -45.98
C MET J 44 0.51 73.91 -46.28
N ASN J 45 0.20 74.16 -47.56
CA ASN J 45 -1.16 74.52 -47.93
C ASN J 45 -2.07 73.30 -47.95
N ASN J 46 -1.58 72.17 -48.45
CA ASN J 46 -2.40 70.96 -48.49
C ASN J 46 -2.52 70.32 -47.12
N ALA J 47 -1.42 70.21 -46.39
CA ALA J 47 -1.46 69.64 -45.05
C ALA J 47 -2.07 70.59 -44.02
N GLY J 48 -2.09 71.89 -44.32
CA GLY J 48 -2.71 72.83 -43.41
C GLY J 48 -4.21 72.97 -43.59
N ASP J 49 -4.68 72.81 -44.83
CA ASP J 49 -6.11 72.86 -45.10
C ASP J 49 -6.80 71.56 -44.71
N LYS J 50 -6.14 70.41 -44.93
CA LYS J 50 -6.73 69.14 -44.55
C LYS J 50 -6.78 68.98 -43.04
N TRP J 51 -5.83 69.59 -42.32
CA TRP J 51 -5.89 69.56 -40.85
C TRP J 51 -7.02 70.46 -40.35
N SER J 52 -7.25 71.59 -41.01
CA SER J 52 -8.35 72.47 -40.63
C SER J 52 -9.70 71.90 -41.03
N ALA J 53 -9.75 71.14 -42.13
CA ALA J 53 -10.99 70.52 -42.56
C ALA J 53 -11.35 69.28 -41.74
N PHE J 54 -10.37 68.68 -41.07
CA PHE J 54 -10.65 67.50 -40.24
C PHE J 54 -11.31 67.88 -38.92
N LEU J 55 -11.04 69.09 -38.42
CA LEU J 55 -11.64 69.50 -37.15
C LEU J 55 -13.07 69.96 -37.36
N LYS J 56 -13.36 70.60 -38.50
CA LYS J 56 -14.71 71.06 -38.80
C LYS J 56 -15.65 69.93 -39.19
N GLU J 57 -15.11 68.77 -39.57
CA GLU J 57 -15.93 67.63 -39.95
C GLU J 57 -16.10 66.62 -38.83
N GLN J 58 -15.35 66.76 -37.73
CA GLN J 58 -15.48 65.88 -36.57
C GLN J 58 -16.24 66.52 -35.43
N SER J 59 -16.37 67.85 -35.41
CA SER J 59 -17.08 68.54 -34.35
C SER J 59 -18.58 68.61 -34.58
N THR J 60 -19.02 68.69 -35.84
CA THR J 60 -20.45 68.73 -36.13
C THR J 60 -21.09 67.37 -35.92
N LEU J 61 -20.33 66.28 -36.09
CA LEU J 61 -20.85 64.95 -35.84
C LEU J 61 -20.89 64.63 -34.35
N ALA J 62 -20.02 65.26 -33.55
CA ALA J 62 -19.99 65.04 -32.12
C ALA J 62 -21.04 65.84 -31.37
N GLN J 63 -21.74 66.75 -32.04
CA GLN J 63 -22.79 67.54 -31.39
C GLN J 63 -24.07 66.75 -31.16
N MET J 64 -24.23 65.60 -31.81
CA MET J 64 -25.43 64.79 -31.60
C MET J 64 -25.39 64.08 -30.25
N TYR J 65 -24.20 63.83 -29.72
CA TYR J 65 -24.08 63.21 -28.41
C TYR J 65 -24.44 64.21 -27.31
N PRO J 66 -25.14 63.77 -26.27
CA PRO J 66 -25.48 64.67 -25.16
C PRO J 66 -24.26 64.94 -24.29
N LEU J 67 -24.45 65.77 -23.27
CA LEU J 67 -23.36 66.20 -22.40
C LEU J 67 -23.65 66.04 -20.92
N GLN J 68 -24.84 65.60 -20.52
CA GLN J 68 -25.19 65.50 -19.11
C GLN J 68 -25.55 64.07 -18.73
N GLU J 69 -24.77 63.10 -19.18
CA GLU J 69 -25.05 61.70 -18.90
C GLU J 69 -23.85 60.89 -18.45
N ILE J 70 -22.62 61.40 -18.56
CA ILE J 70 -21.42 60.67 -18.17
C ILE J 70 -20.84 61.33 -16.92
N GLN J 71 -20.48 60.51 -15.94
CA GLN J 71 -19.93 60.99 -14.67
C GLN J 71 -18.41 60.91 -14.62
N ASN J 72 -17.76 60.37 -15.65
CA ASN J 72 -16.31 60.25 -15.66
C ASN J 72 -15.67 61.62 -15.93
N LEU J 73 -14.57 61.88 -15.24
CA LEU J 73 -13.92 63.18 -15.30
C LEU J 73 -12.96 63.32 -16.47
N THR J 74 -12.31 62.24 -16.89
CA THR J 74 -11.31 62.33 -17.95
C THR J 74 -11.93 62.48 -19.34
N VAL J 75 -13.23 62.18 -19.49
CA VAL J 75 -13.89 62.32 -20.77
C VAL J 75 -14.68 63.62 -20.91
N LYS J 76 -15.02 64.27 -19.80
CA LYS J 76 -15.77 65.52 -19.88
C LYS J 76 -14.88 66.68 -20.33
N LEU J 77 -13.62 66.69 -19.89
CA LEU J 77 -12.72 67.77 -20.26
C LEU J 77 -12.22 67.64 -21.69
N GLN J 78 -11.97 66.40 -22.15
CA GLN J 78 -11.50 66.19 -23.51
C GLN J 78 -12.61 66.35 -24.54
N LEU J 79 -13.88 66.29 -24.12
CA LEU J 79 -14.98 66.51 -25.04
C LEU J 79 -15.25 68.01 -25.24
N GLN J 80 -14.97 68.83 -24.23
CA GLN J 80 -15.12 70.27 -24.40
C GLN J 80 -14.05 70.85 -25.31
N ALA J 81 -12.86 70.25 -25.31
CA ALA J 81 -11.79 70.69 -26.20
C ALA J 81 -11.95 70.14 -27.61
N LEU J 82 -12.72 69.07 -27.79
CA LEU J 82 -12.98 68.53 -29.11
C LEU J 82 -14.09 69.29 -29.82
N GLN J 83 -15.14 69.66 -29.08
CA GLN J 83 -16.25 70.44 -29.64
C GLN J 83 -15.89 71.92 -29.56
N GLN J 84 -15.01 72.34 -30.48
CA GLN J 84 -14.53 73.71 -30.56
C GLN J 84 -14.55 74.11 -32.03
N ASN J 85 -15.69 74.64 -32.48
CA ASN J 85 -15.84 74.99 -33.89
C ASN J 85 -15.05 76.24 -34.26
N GLY J 86 -15.18 77.30 -33.46
CA GLY J 86 -14.46 78.52 -33.74
C GLY J 86 -15.09 79.33 -34.86
N SER J 87 -14.40 79.37 -36.00
CA SER J 87 -14.84 80.16 -37.15
C SER J 87 -15.81 79.43 -38.06
N SER J 88 -16.25 78.22 -37.68
CA SER J 88 -17.17 77.45 -38.48
C SER J 88 -18.61 77.54 -37.99
N VAL J 89 -18.88 78.36 -36.97
CA VAL J 89 -20.25 78.53 -36.50
C VAL J 89 -21.06 79.40 -37.45
N LEU J 90 -20.40 80.08 -38.38
CA LEU J 90 -21.05 80.92 -39.37
C LEU J 90 -21.11 80.17 -40.70
N SER J 91 -21.55 80.88 -41.75
CA SER J 91 -21.68 80.28 -43.07
C SER J 91 -20.33 80.23 -43.77
N GLU J 92 -20.35 79.82 -45.05
CA GLU J 92 -19.11 79.72 -45.81
C GLU J 92 -18.60 81.07 -46.27
N ASP J 93 -19.46 82.07 -46.38
CA ASP J 93 -19.02 83.41 -46.77
C ASP J 93 -18.38 84.17 -45.64
N LYS J 94 -18.68 83.81 -44.39
CA LYS J 94 -18.06 84.45 -43.23
C LYS J 94 -16.81 83.73 -42.76
N SER J 95 -16.64 82.45 -43.12
CA SER J 95 -15.42 81.74 -42.75
C SER J 95 -14.22 82.23 -43.56
N LYS J 96 -14.44 82.63 -44.82
CA LYS J 96 -13.38 83.18 -45.63
C LYS J 96 -13.09 84.65 -45.31
N ARG J 97 -13.99 85.32 -44.58
CA ARG J 97 -13.76 86.72 -44.25
C ARG J 97 -12.65 86.86 -43.21
N LEU J 98 -12.61 85.95 -42.23
CA LEU J 98 -11.57 85.98 -41.22
C LEU J 98 -10.23 85.47 -41.77
N ASN J 99 -10.26 84.51 -42.69
CA ASN J 99 -9.02 83.98 -43.26
C ASN J 99 -8.39 84.96 -44.24
N THR J 100 -9.16 85.89 -44.80
CA THR J 100 -8.61 86.90 -45.69
C THR J 100 -7.97 88.04 -44.90
N ILE J 101 -8.62 88.46 -43.81
CA ILE J 101 -8.06 89.54 -43.00
C ILE J 101 -6.94 89.06 -42.10
N LEU J 102 -6.84 87.76 -41.84
CA LEU J 102 -5.75 87.23 -41.03
C LEU J 102 -4.44 87.25 -41.80
N ASN J 103 -4.47 86.83 -43.07
CA ASN J 103 -3.27 86.90 -43.90
C ASN J 103 -2.96 88.31 -44.36
N THR J 104 -3.96 89.21 -44.33
CA THR J 104 -3.71 90.60 -44.71
C THR J 104 -2.92 91.33 -43.64
N MET J 105 -3.30 91.18 -42.38
CA MET J 105 -2.55 91.79 -41.29
C MET J 105 -1.22 91.10 -41.05
N SER J 106 -1.07 89.86 -41.52
CA SER J 106 0.18 89.13 -41.31
C SER J 106 1.27 89.51 -42.30
N THR J 107 0.90 90.05 -43.47
CA THR J 107 1.90 90.48 -44.45
C THR J 107 2.33 91.92 -44.25
N ILE J 108 1.47 92.76 -43.68
CA ILE J 108 1.87 94.13 -43.36
C ILE J 108 2.79 94.14 -42.14
N TYR J 109 2.47 93.32 -41.13
CA TYR J 109 3.27 93.32 -39.92
C TYR J 109 4.63 92.64 -40.14
N SER J 110 4.68 91.67 -41.05
CA SER J 110 5.96 91.04 -41.37
C SER J 110 6.82 91.93 -42.25
N THR J 111 6.25 92.45 -43.33
CA THR J 111 6.96 93.39 -44.21
C THR J 111 6.75 94.83 -43.77
N GLY J 112 6.98 95.11 -42.49
CA GLY J 112 6.84 96.46 -41.97
C GLY J 112 8.08 97.27 -42.28
N LYS J 113 7.87 98.49 -42.78
CA LYS J 113 8.97 99.36 -43.17
C LYS J 113 8.65 100.80 -42.80
N VAL J 114 9.56 101.45 -42.11
CA VAL J 114 9.50 102.88 -41.83
C VAL J 114 10.64 103.55 -42.61
N CYS J 115 10.29 104.50 -43.46
CA CYS J 115 11.25 105.09 -44.38
C CYS J 115 11.44 106.56 -44.06
N ASN J 116 12.60 107.09 -44.46
CA ASN J 116 12.99 108.44 -44.10
C ASN J 116 12.20 109.48 -44.91
N PRO J 117 11.90 110.63 -44.32
CA PRO J 117 11.29 111.71 -45.09
C PRO J 117 12.29 112.51 -45.92
N ASP J 118 13.60 112.34 -45.68
CA ASP J 118 14.60 113.05 -46.46
C ASP J 118 14.86 112.39 -47.81
N ASN J 119 14.80 111.06 -47.87
CA ASN J 119 15.00 110.33 -49.11
C ASN J 119 14.07 109.13 -49.19
N PRO J 120 13.60 108.79 -50.39
CA PRO J 120 12.74 107.61 -50.57
C PRO J 120 13.48 106.31 -50.91
N GLN J 121 14.81 106.30 -50.84
CA GLN J 121 15.60 105.16 -51.27
C GLN J 121 16.27 104.43 -50.11
N GLU J 122 17.08 105.13 -49.32
CA GLU J 122 17.88 104.49 -48.28
C GLU J 122 17.08 104.50 -46.98
N CYS J 123 16.48 103.36 -46.66
CA CYS J 123 15.78 103.18 -45.39
C CYS J 123 15.69 101.68 -45.11
N LEU J 124 15.25 101.35 -43.90
CA LEU J 124 15.49 100.02 -43.34
C LEU J 124 14.17 99.38 -42.90
N LEU J 125 14.20 98.06 -42.83
CA LEU J 125 13.02 97.24 -42.57
C LEU J 125 12.72 97.20 -41.07
N LEU J 126 11.84 96.27 -40.67
CA LEU J 126 11.43 96.16 -39.26
C LEU J 126 12.35 95.26 -38.45
N GLU J 127 12.47 93.99 -38.84
CA GLU J 127 13.25 93.05 -38.06
C GLU J 127 14.33 92.40 -38.91
N PRO J 128 15.53 92.16 -38.35
CA PRO J 128 15.90 92.53 -36.99
C PRO J 128 16.57 93.91 -36.92
N GLY J 129 16.02 94.87 -37.66
CA GLY J 129 16.63 96.18 -37.75
C GLY J 129 16.14 97.19 -36.73
N LEU J 130 14.82 97.28 -36.55
CA LEU J 130 14.28 98.25 -35.60
C LEU J 130 14.61 97.87 -34.16
N ASN J 131 14.86 96.59 -33.88
CA ASN J 131 15.26 96.15 -32.56
C ASN J 131 16.71 96.47 -32.24
N GLU J 132 17.51 96.84 -33.25
CA GLU J 132 18.91 97.18 -33.04
C GLU J 132 19.16 98.68 -32.96
N ILE J 133 18.43 99.48 -33.72
CA ILE J 133 18.60 100.93 -33.64
C ILE J 133 18.00 101.48 -32.35
N MET J 134 16.92 100.88 -31.86
CA MET J 134 16.33 101.28 -30.59
C MET J 134 17.13 100.79 -29.40
N ALA J 135 17.91 99.72 -29.57
CA ALA J 135 18.70 99.19 -28.47
C ALA J 135 19.91 100.09 -28.18
N ASN J 136 20.67 100.43 -29.22
CA ASN J 136 21.86 101.27 -29.07
C ASN J 136 21.49 102.68 -29.53
N SER J 137 20.97 103.48 -28.60
CA SER J 137 20.58 104.86 -28.88
C SER J 137 20.73 105.66 -27.60
N LEU J 138 21.58 106.69 -27.64
CA LEU J 138 21.84 107.54 -26.49
C LEU J 138 21.37 108.97 -26.71
N ASP J 139 20.44 109.17 -27.64
CA ASP J 139 19.92 110.48 -27.98
C ASP J 139 18.41 110.54 -27.78
N TYR J 140 17.88 111.75 -27.72
CA TYR J 140 16.47 111.97 -27.44
C TYR J 140 15.63 112.09 -28.72
N ASN J 141 16.04 112.97 -29.64
CA ASN J 141 15.19 113.30 -30.78
C ASN J 141 15.15 112.18 -31.83
N GLU J 142 16.13 111.27 -31.82
CA GLU J 142 16.10 110.18 -32.79
C GLU J 142 15.05 109.14 -32.43
N ARG J 143 14.96 108.77 -31.15
CA ARG J 143 13.92 107.85 -30.71
C ARG J 143 12.55 108.51 -30.72
N LEU J 144 12.49 109.84 -30.63
CA LEU J 144 11.21 110.53 -30.74
C LEU J 144 10.69 110.51 -32.17
N TRP J 145 11.59 110.67 -33.14
CA TRP J 145 11.19 110.60 -34.55
C TRP J 145 10.86 109.17 -34.94
N ALA J 146 11.57 108.19 -34.38
CA ALA J 146 11.31 106.80 -34.71
C ALA J 146 10.00 106.29 -34.11
N TRP J 147 9.51 106.95 -33.06
CA TRP J 147 8.23 106.55 -32.46
C TRP J 147 7.05 107.18 -33.18
N GLU J 148 7.22 108.41 -33.70
CA GLU J 148 6.13 109.07 -34.41
C GLU J 148 5.97 108.52 -35.83
N SER J 149 7.08 108.25 -36.52
CA SER J 149 7.04 107.74 -37.88
C SER J 149 6.67 106.27 -37.94
N TRP J 150 6.74 105.54 -36.82
CA TRP J 150 6.39 104.12 -36.84
C TRP J 150 4.88 103.93 -36.91
N ARG J 151 4.12 104.78 -36.22
CA ARG J 151 2.66 104.73 -36.23
C ARG J 151 2.05 105.82 -37.10
N SER J 152 2.79 106.33 -38.08
CA SER J 152 2.29 107.37 -38.96
C SER J 152 1.63 106.80 -40.21
N GLU J 153 2.26 105.82 -40.85
CA GLU J 153 1.71 105.18 -42.04
C GLU J 153 1.22 103.76 -41.78
N VAL J 154 1.51 103.19 -40.62
CA VAL J 154 1.03 101.85 -40.30
C VAL J 154 -0.31 101.90 -39.56
N GLY J 155 -0.42 102.80 -38.58
CA GLY J 155 -1.67 102.95 -37.85
C GLY J 155 -2.78 103.60 -38.65
N LYS J 156 -2.44 104.27 -39.76
CA LYS J 156 -3.46 104.88 -40.61
C LYS J 156 -4.17 103.85 -41.47
N GLN J 157 -3.45 102.84 -41.97
CA GLN J 157 -4.05 101.82 -42.81
C GLN J 157 -4.69 100.72 -41.98
N LEU J 158 -4.13 100.42 -40.81
CA LEU J 158 -4.65 99.36 -39.94
C LEU J 158 -5.81 99.82 -39.09
N ARG J 159 -6.23 101.09 -39.19
CA ARG J 159 -7.35 101.55 -38.36
C ARG J 159 -8.68 101.00 -38.86
N PRO J 160 -9.03 101.07 -40.14
CA PRO J 160 -10.29 100.43 -40.58
C PRO J 160 -10.21 98.91 -40.65
N LEU J 161 -9.00 98.35 -40.78
CA LEU J 161 -8.86 96.90 -40.82
C LEU J 161 -9.03 96.27 -39.44
N TYR J 162 -8.65 96.99 -38.39
CA TYR J 162 -8.82 96.49 -37.02
C TYR J 162 -10.26 96.63 -36.54
N GLU J 163 -11.04 97.56 -37.10
CA GLU J 163 -12.43 97.71 -36.68
C GLU J 163 -13.27 96.54 -37.14
N GLU J 164 -13.07 96.08 -38.37
CA GLU J 164 -13.77 94.90 -38.88
C GLU J 164 -13.18 93.60 -38.36
N TYR J 165 -12.02 93.65 -37.69
CA TYR J 165 -11.42 92.44 -37.14
C TYR J 165 -12.02 92.06 -35.80
N VAL J 166 -12.52 93.04 -35.04
CA VAL J 166 -13.08 92.76 -33.71
C VAL J 166 -14.59 92.55 -33.73
N VAL J 167 -15.29 93.12 -34.71
CA VAL J 167 -16.74 92.93 -34.77
C VAL J 167 -17.09 91.54 -35.32
N LEU J 168 -16.19 90.93 -36.10
CA LEU J 168 -16.45 89.58 -36.58
C LEU J 168 -16.23 88.56 -35.48
N LYS J 169 -15.29 88.82 -34.57
CA LYS J 169 -15.09 87.92 -33.43
C LYS J 169 -16.22 88.02 -32.42
N ASN J 170 -16.83 89.19 -32.30
CA ASN J 170 -17.98 89.34 -31.40
C ASN J 170 -19.21 88.62 -31.95
N GLU J 171 -19.37 88.58 -33.26
CA GLU J 171 -20.47 87.85 -33.86
C GLU J 171 -20.26 86.35 -33.87
N MET J 172 -19.01 85.89 -33.78
CA MET J 172 -18.74 84.46 -33.71
C MET J 172 -19.07 83.91 -32.33
N ALA J 173 -18.73 84.66 -31.27
CA ALA J 173 -18.97 84.18 -29.92
C ALA J 173 -20.45 84.25 -29.54
N ARG J 174 -21.20 85.19 -30.14
CA ARG J 174 -22.63 85.28 -29.86
C ARG J 174 -23.40 84.11 -30.44
N ALA J 175 -22.88 83.49 -31.51
CA ALA J 175 -23.47 82.28 -32.06
C ALA J 175 -22.88 81.00 -31.47
N ASN J 176 -21.76 81.11 -30.74
CA ASN J 176 -21.13 79.97 -30.10
C ASN J 176 -21.50 79.87 -28.62
N HIS J 177 -22.67 80.39 -28.25
CA HIS J 177 -23.16 80.36 -26.86
C HIS J 177 -22.20 81.09 -25.92
N TYR J 178 -21.91 82.34 -26.26
CA TYR J 178 -21.09 83.20 -25.42
C TYR J 178 -21.58 84.63 -25.57
N GLU J 179 -21.17 85.48 -24.62
CA GLU J 179 -21.56 86.89 -24.66
C GLU J 179 -20.71 87.67 -25.66
N ASP J 180 -19.39 87.61 -25.50
CA ASP J 180 -18.48 88.29 -26.41
C ASP J 180 -17.22 87.44 -26.54
N TYR J 181 -16.21 87.99 -27.24
CA TYR J 181 -14.95 87.28 -27.37
C TYR J 181 -14.11 87.32 -26.10
N GLY J 182 -14.43 88.23 -25.18
CA GLY J 182 -13.72 88.26 -23.91
C GLY J 182 -14.06 87.07 -23.02
N ASP J 183 -15.29 86.57 -23.12
CA ASP J 183 -15.67 85.38 -22.38
C ASP J 183 -15.12 84.11 -23.02
N TYR J 184 -14.73 84.16 -24.29
CA TYR J 184 -14.09 83.01 -24.92
C TYR J 184 -12.68 82.79 -24.37
N TRP J 185 -12.00 83.87 -23.99
CA TRP J 185 -10.71 83.74 -23.34
C TRP J 185 -10.85 83.32 -21.88
N ARG J 186 -11.89 83.79 -21.20
CA ARG J 186 -12.16 83.37 -19.84
C ARG J 186 -12.82 82.00 -19.76
N GLY J 187 -13.43 81.53 -20.85
CA GLY J 187 -14.00 80.20 -20.90
C GLY J 187 -13.01 79.08 -21.08
N ASP J 188 -11.74 79.42 -21.31
CA ASP J 188 -10.69 78.41 -21.43
C ASP J 188 -10.04 78.10 -20.09
N TYR J 189 -10.03 79.05 -19.16
CA TYR J 189 -9.41 78.86 -17.85
C TYR J 189 -10.35 78.19 -16.85
N GLU J 190 -11.63 78.06 -17.16
CA GLU J 190 -12.58 77.47 -16.24
C GLU J 190 -12.55 75.95 -16.31
N VAL J 191 -12.88 75.31 -15.19
CA VAL J 191 -12.94 73.85 -15.10
C VAL J 191 -14.35 73.44 -14.75
N ASN J 192 -14.63 72.15 -14.92
CA ASN J 192 -15.95 71.62 -14.64
C ASN J 192 -15.84 70.13 -14.31
N GLY J 193 -16.62 69.70 -13.32
CA GLY J 193 -16.63 68.29 -12.95
C GLY J 193 -16.25 68.05 -11.50
N VAL J 194 -15.27 68.79 -11.00
CA VAL J 194 -14.77 68.64 -9.64
C VAL J 194 -15.47 69.65 -8.74
N ASP J 195 -15.88 69.18 -7.56
CA ASP J 195 -16.59 70.02 -6.61
C ASP J 195 -15.61 70.68 -5.65
N GLY J 196 -15.92 71.93 -5.27
CA GLY J 196 -15.07 72.69 -4.39
C GLY J 196 -13.85 73.31 -5.04
N TYR J 197 -13.70 73.16 -6.36
CA TYR J 197 -12.55 73.71 -7.08
C TYR J 197 -12.98 74.41 -8.36
N ASP J 198 -14.16 75.03 -8.36
CA ASP J 198 -14.66 75.71 -9.55
C ASP J 198 -14.01 77.07 -9.71
N TYR J 199 -13.93 77.50 -10.97
CA TYR J 199 -13.36 78.81 -11.33
C TYR J 199 -14.33 79.50 -12.28
N SER J 200 -14.97 80.57 -11.81
CA SER J 200 -15.94 81.30 -12.59
C SER J 200 -15.27 82.47 -13.31
N ARG J 201 -16.06 83.28 -14.00
CA ARG J 201 -15.54 84.45 -14.70
C ARG J 201 -15.57 85.71 -13.85
N GLY J 202 -16.52 85.81 -12.91
CA GLY J 202 -16.53 86.94 -11.99
C GLY J 202 -15.43 86.90 -10.96
N GLN J 203 -14.87 85.71 -10.71
CA GLN J 203 -13.75 85.59 -9.78
C GLN J 203 -12.41 85.86 -10.45
N LEU J 204 -12.34 85.77 -11.78
CA LEU J 204 -11.09 86.04 -12.48
C LEU J 204 -10.76 87.53 -12.46
N ILE J 205 -11.78 88.40 -12.46
CA ILE J 205 -11.53 89.83 -12.37
C ILE J 205 -11.29 90.26 -10.92
N GLU J 206 -11.64 89.41 -9.95
CA GLU J 206 -11.47 89.78 -8.55
C GLU J 206 -10.05 89.55 -8.07
N ASP J 207 -9.49 88.36 -8.34
CA ASP J 207 -8.14 88.05 -7.89
C ASP J 207 -7.07 88.76 -8.69
N VAL J 208 -7.39 89.22 -9.90
CA VAL J 208 -6.43 89.99 -10.68
C VAL J 208 -6.38 91.44 -10.23
N GLU J 209 -7.40 91.92 -9.53
CA GLU J 209 -7.42 93.26 -8.98
C GLU J 209 -6.98 93.33 -7.53
N HIS J 210 -7.23 92.28 -6.75
CA HIS J 210 -6.75 92.25 -5.38
C HIS J 210 -5.23 92.09 -5.32
N THR J 211 -4.64 91.43 -6.31
CA THR J 211 -3.19 91.29 -6.39
C THR J 211 -2.52 92.47 -7.09
N PHE J 212 -3.28 93.25 -7.86
CA PHE J 212 -2.70 94.43 -8.51
C PHE J 212 -2.60 95.61 -7.56
N GLU J 213 -3.50 95.71 -6.59
CA GLU J 213 -3.43 96.78 -5.61
C GLU J 213 -2.28 96.60 -4.64
N GLU J 214 -1.79 95.37 -4.48
CA GLU J 214 -0.61 95.12 -3.64
C GLU J 214 0.68 95.30 -4.41
N ILE J 215 0.68 95.03 -5.71
CA ILE J 215 1.88 95.19 -6.53
C ILE J 215 2.13 96.64 -6.93
N LYS J 216 1.16 97.52 -6.73
CA LYS J 216 1.30 98.92 -7.11
C LYS J 216 2.29 99.67 -6.24
N PRO J 217 2.36 99.42 -4.92
CA PRO J 217 3.43 100.03 -4.12
C PRO J 217 4.82 99.63 -4.58
N LEU J 218 5.01 98.39 -5.06
CA LEU J 218 6.31 98.00 -5.58
C LEU J 218 6.58 98.64 -6.93
N TYR J 219 5.54 98.94 -7.70
CA TYR J 219 5.72 99.64 -8.96
C TYR J 219 6.09 101.10 -8.75
N GLU J 220 5.57 101.71 -7.68
CA GLU J 220 5.88 103.10 -7.40
C GLU J 220 7.32 103.30 -6.96
N HIS J 221 7.98 102.25 -6.45
CA HIS J 221 9.38 102.36 -6.06
C HIS J 221 10.30 102.32 -7.27
N LEU J 222 10.05 101.40 -8.21
CA LEU J 222 10.90 101.31 -9.39
C LEU J 222 10.61 102.41 -10.40
N HIS J 223 9.38 102.95 -10.40
CA HIS J 223 9.07 104.05 -11.29
C HIS J 223 9.78 105.33 -10.85
N ALA J 224 9.96 105.52 -9.55
CA ALA J 224 10.74 106.64 -9.04
C ALA J 224 12.24 106.38 -9.09
N TYR J 225 12.65 105.11 -9.25
CA TYR J 225 14.07 104.81 -9.38
C TYR J 225 14.59 105.17 -10.76
N VAL J 226 13.87 104.76 -11.81
CA VAL J 226 14.27 105.15 -13.17
C VAL J 226 14.00 106.63 -13.43
N ARG J 227 13.11 107.25 -12.66
CA ARG J 227 12.91 108.69 -12.79
C ARG J 227 14.10 109.48 -12.25
N ALA J 228 14.80 108.93 -11.25
CA ALA J 228 15.97 109.59 -10.70
C ALA J 228 17.23 109.31 -11.51
N LYS J 229 17.25 108.24 -12.30
CA LYS J 229 18.40 107.92 -13.13
C LYS J 229 18.34 108.58 -14.50
N LEU J 230 17.17 109.06 -14.93
CA LEU J 230 17.03 109.77 -16.19
C LEU J 230 17.01 111.29 -16.02
N MET J 231 17.20 111.81 -14.80
CA MET J 231 17.31 113.25 -14.62
C MET J 231 18.69 113.75 -15.00
N ASN J 232 19.73 113.07 -14.53
CA ASN J 232 21.10 113.53 -14.77
C ASN J 232 21.55 113.30 -16.20
N ALA J 233 20.99 112.29 -16.87
CA ALA J 233 21.35 112.04 -18.27
C ALA J 233 20.64 113.01 -19.19
N TYR J 234 19.39 113.35 -18.90
CA TYR J 234 18.59 114.28 -19.70
C TYR J 234 17.98 115.32 -18.78
N PRO J 235 18.73 116.38 -18.44
CA PRO J 235 18.17 117.41 -17.56
C PRO J 235 17.19 118.35 -18.23
N SER J 236 17.27 118.51 -19.55
CA SER J 236 16.39 119.41 -20.28
C SER J 236 15.18 118.69 -20.88
N TYR J 237 14.98 117.42 -20.55
CA TYR J 237 13.86 116.65 -21.08
C TYR J 237 13.06 115.88 -20.04
N ILE J 238 13.60 115.62 -18.86
CA ILE J 238 12.94 114.81 -17.84
C ILE J 238 12.87 115.61 -16.56
N SER J 239 11.65 115.82 -16.06
CA SER J 239 11.39 116.51 -14.80
C SER J 239 10.68 115.57 -13.83
N PRO J 240 11.03 115.62 -12.52
CA PRO J 240 10.47 114.67 -11.55
C PRO J 240 9.08 115.03 -11.03
N ILE J 241 8.21 115.48 -11.93
CA ILE J 241 6.83 115.77 -11.59
C ILE J 241 5.91 114.95 -12.49
N GLY J 242 6.39 114.61 -13.67
CA GLY J 242 5.61 113.90 -14.67
C GLY J 242 5.86 112.40 -14.65
N CYS J 243 5.73 111.78 -15.82
CA CYS J 243 5.91 110.35 -15.98
C CYS J 243 6.96 110.09 -17.06
N LEU J 244 7.22 108.81 -17.31
CA LEU J 244 8.19 108.44 -18.32
C LEU J 244 7.60 108.59 -19.72
N PRO J 245 8.39 108.99 -20.70
CA PRO J 245 7.89 109.09 -22.09
C PRO J 245 7.67 107.71 -22.67
N ALA J 246 6.94 107.70 -23.80
CA ALA J 246 6.62 106.44 -24.47
C ALA J 246 7.78 105.90 -25.29
N HIS J 247 8.62 106.77 -25.84
CA HIS J 247 9.74 106.36 -26.66
C HIS J 247 11.00 106.05 -25.86
N LEU J 248 10.97 106.24 -24.54
CA LEU J 248 12.11 105.96 -23.67
C LEU J 248 11.85 104.74 -22.80
N LEU J 249 11.15 103.75 -23.34
CA LEU J 249 10.83 102.52 -22.61
C LEU J 249 11.68 101.34 -23.06
N GLY J 250 12.91 101.61 -23.50
CA GLY J 250 13.79 100.54 -23.95
C GLY J 250 13.53 100.11 -25.37
N ASP J 251 12.44 99.38 -25.59
CA ASP J 251 12.06 98.91 -26.90
C ASP J 251 10.93 99.79 -27.46
N MET J 252 10.40 99.40 -28.62
CA MET J 252 9.32 100.15 -29.23
C MET J 252 8.00 99.94 -28.51
N TRP J 253 7.65 98.68 -28.26
CA TRP J 253 6.40 98.36 -27.57
C TRP J 253 6.52 98.43 -26.05
N GLY J 254 7.74 98.53 -25.52
CA GLY J 254 7.91 98.59 -24.08
C GLY J 254 7.71 97.28 -23.36
N ARG J 255 7.95 96.15 -24.03
CA ARG J 255 7.78 94.85 -23.40
C ARG J 255 8.93 94.53 -22.47
N PHE J 256 10.16 94.58 -22.98
CA PHE J 256 11.36 94.29 -22.20
C PHE J 256 12.09 95.59 -21.90
N TRP J 257 12.26 95.88 -20.61
CA TRP J 257 12.96 97.08 -20.16
C TRP J 257 14.44 96.83 -19.87
N THR J 258 15.01 95.78 -20.46
CA THR J 258 16.42 95.45 -20.23
C THR J 258 17.37 96.30 -21.05
N ASN J 259 16.86 97.14 -21.95
CA ASN J 259 17.74 97.97 -22.76
C ASN J 259 18.32 99.14 -21.98
N LEU J 260 17.60 99.61 -20.96
CA LEU J 260 18.05 100.72 -20.12
C LEU J 260 18.87 100.25 -18.92
N TYR J 261 19.47 99.06 -19.00
CA TYR J 261 20.25 98.55 -17.88
C TYR J 261 21.61 99.22 -17.77
N SER J 262 22.31 99.38 -18.90
CA SER J 262 23.64 99.98 -18.87
C SER J 262 23.59 101.49 -18.64
N LEU J 263 22.46 102.13 -18.90
CA LEU J 263 22.36 103.57 -18.71
C LEU J 263 22.03 103.95 -17.27
N THR J 264 21.32 103.08 -16.54
CA THR J 264 20.85 103.40 -15.20
C THR J 264 21.50 102.51 -14.15
N VAL J 265 22.80 102.27 -14.27
CA VAL J 265 23.49 101.41 -13.30
C VAL J 265 23.60 102.14 -11.97
N PRO J 266 23.37 101.46 -10.84
CA PRO J 266 23.52 102.13 -9.54
C PRO J 266 24.96 102.12 -9.04
N PHE J 267 25.75 101.13 -9.47
CA PHE J 267 27.13 100.98 -9.05
C PHE J 267 27.99 100.70 -10.28
N GLY J 268 28.84 101.65 -10.65
CA GLY J 268 29.73 101.51 -11.78
C GLY J 268 31.15 101.10 -11.45
N GLN J 269 31.48 100.90 -10.17
CA GLN J 269 32.83 100.54 -9.78
C GLN J 269 33.07 99.04 -9.77
N LYS J 270 32.02 98.25 -9.54
CA LYS J 270 32.13 96.79 -9.46
C LYS J 270 31.79 96.16 -10.81
N PRO J 271 32.51 95.12 -11.23
CA PRO J 271 32.14 94.42 -12.46
C PRO J 271 30.96 93.48 -12.24
N ASN J 272 30.08 93.42 -13.24
CA ASN J 272 28.96 92.50 -13.21
C ASN J 272 29.41 91.11 -13.66
N ILE J 273 28.47 90.16 -13.67
CA ILE J 273 28.80 88.82 -14.15
C ILE J 273 28.88 88.82 -15.67
N ASP J 274 29.67 87.87 -16.19
CA ASP J 274 29.92 87.79 -17.62
C ASP J 274 30.13 86.33 -18.00
N VAL J 275 29.63 85.95 -19.18
CA VAL J 275 29.67 84.58 -19.66
C VAL J 275 30.47 84.45 -20.95
N THR J 276 30.33 85.40 -21.87
CA THR J 276 30.86 85.23 -23.22
C THR J 276 32.38 85.28 -23.24
N ASP J 277 32.99 86.23 -22.50
CA ASP J 277 34.44 86.36 -22.52
C ASP J 277 35.14 85.19 -21.86
N ALA J 278 34.42 84.40 -21.06
CA ALA J 278 34.99 83.20 -20.45
C ALA J 278 34.85 81.97 -21.35
N MET J 279 34.22 82.11 -22.51
CA MET J 279 34.07 81.01 -23.46
C MET J 279 34.85 81.23 -24.75
N VAL J 280 35.66 82.29 -24.82
CA VAL J 280 36.44 82.55 -26.02
C VAL J 280 37.79 81.82 -25.98
N ASP J 281 38.29 81.50 -24.79
CA ASP J 281 39.59 80.85 -24.68
C ASP J 281 39.57 79.38 -25.09
N GLN J 282 38.40 78.75 -25.11
CA GLN J 282 38.27 77.35 -25.45
C GLN J 282 37.49 77.12 -26.75
N ALA J 283 36.83 78.14 -27.29
CA ALA J 283 36.00 78.03 -28.49
C ALA J 283 34.90 76.98 -28.30
N TRP J 284 34.05 77.27 -27.32
CA TRP J 284 32.94 76.38 -26.99
C TRP J 284 31.97 76.28 -28.17
N ASP J 285 31.33 75.11 -28.28
CA ASP J 285 30.39 74.84 -29.35
C ASP J 285 29.00 74.62 -28.77
N ALA J 286 27.99 74.66 -29.65
CA ALA J 286 26.61 74.47 -29.20
C ALA J 286 26.37 73.04 -28.72
N GLN J 287 27.14 72.08 -29.23
CA GLN J 287 26.98 70.70 -28.79
C GLN J 287 27.48 70.51 -27.36
N ARG J 288 28.44 71.34 -26.93
CA ARG J 288 28.96 71.22 -25.57
C ARG J 288 27.99 71.78 -24.54
N ILE J 289 27.31 72.89 -24.87
CA ILE J 289 26.36 73.47 -23.93
C ILE J 289 25.14 72.57 -23.79
N PHE J 290 24.75 71.87 -24.86
CA PHE J 290 23.64 70.93 -24.76
C PHE J 290 24.02 69.67 -24.00
N LYS J 291 25.31 69.38 -23.86
CA LYS J 291 25.74 68.22 -23.09
C LYS J 291 25.74 68.50 -21.60
N GLU J 292 26.23 69.68 -21.20
CA GLU J 292 26.23 70.03 -19.78
C GLU J 292 24.81 70.34 -19.29
N ALA J 293 23.93 70.80 -20.17
CA ALA J 293 22.55 71.02 -19.77
C ALA J 293 21.80 69.71 -19.57
N GLU J 294 22.13 68.68 -20.37
CA GLU J 294 21.52 67.37 -20.18
C GLU J 294 22.08 66.67 -18.94
N LYS J 295 23.35 66.92 -18.62
CA LYS J 295 23.93 66.37 -17.40
C LYS J 295 23.41 67.09 -16.16
N PHE J 296 22.87 68.30 -16.32
CA PHE J 296 22.27 69.01 -15.20
C PHE J 296 20.88 68.50 -14.87
N PHE J 297 20.17 67.96 -15.86
CA PHE J 297 18.80 67.48 -15.64
C PHE J 297 18.78 66.08 -15.06
N VAL J 298 19.82 65.28 -15.29
CA VAL J 298 19.85 63.92 -14.77
C VAL J 298 20.20 63.88 -13.29
N SER J 299 20.95 64.87 -12.79
CA SER J 299 21.37 64.88 -11.40
C SER J 299 20.29 65.34 -10.44
N VAL J 300 19.16 65.86 -10.94
CA VAL J 300 18.10 66.35 -10.08
C VAL J 300 16.97 65.31 -10.05
N GLY J 301 16.87 64.51 -11.11
CA GLY J 301 15.85 63.48 -11.17
C GLY J 301 15.12 63.41 -12.49
N LEU J 302 15.30 64.42 -13.33
CA LEU J 302 14.66 64.42 -14.63
C LEU J 302 15.34 63.41 -15.55
N PRO J 303 14.58 62.68 -16.37
CA PRO J 303 15.19 61.67 -17.24
C PRO J 303 15.96 62.31 -18.38
N ASN J 304 16.86 61.52 -18.96
CA ASN J 304 17.68 61.99 -20.07
C ASN J 304 16.86 62.00 -21.37
N MET J 305 17.48 62.53 -22.42
CA MET J 305 16.85 62.60 -23.72
C MET J 305 17.13 61.34 -24.53
N THR J 306 16.25 61.07 -25.49
CA THR J 306 16.38 59.89 -26.33
C THR J 306 17.36 60.16 -27.48
N GLN J 307 17.55 59.16 -28.32
CA GLN J 307 18.46 59.29 -29.46
C GLN J 307 17.85 60.08 -30.61
N GLY J 308 16.53 60.28 -30.60
CA GLY J 308 15.89 61.06 -31.65
C GLY J 308 16.08 62.55 -31.55
N PHE J 309 16.52 63.06 -30.40
CA PHE J 309 16.74 64.49 -30.24
C PHE J 309 18.03 64.96 -30.91
N TRP J 310 19.01 64.07 -31.05
CA TRP J 310 20.29 64.42 -31.67
C TRP J 310 20.38 64.00 -33.13
N GLU J 311 19.40 63.25 -33.63
CA GLU J 311 19.45 62.81 -35.03
C GLU J 311 19.07 63.94 -35.98
N ASN J 312 17.91 64.55 -35.77
CA ASN J 312 17.39 65.61 -36.63
C ASN J 312 17.18 66.87 -35.80
N SER J 313 18.23 67.68 -35.68
CA SER J 313 18.17 68.92 -34.93
C SER J 313 19.12 69.92 -35.55
N MET J 314 18.69 71.19 -35.59
CA MET J 314 19.50 72.26 -36.16
C MET J 314 20.56 72.70 -35.15
N LEU J 315 21.83 72.59 -35.53
CA LEU J 315 22.93 72.97 -34.68
C LEU J 315 23.58 74.28 -35.13
N THR J 316 23.93 74.40 -36.41
CA THR J 316 24.54 75.62 -36.92
C THR J 316 24.18 75.77 -38.39
N ASP J 317 24.31 76.99 -38.89
CA ASP J 317 24.00 77.29 -40.28
C ASP J 317 25.21 76.98 -41.15
N PRO J 318 25.12 76.05 -42.10
CA PRO J 318 26.28 75.73 -42.94
C PRO J 318 26.57 76.80 -43.98
N GLY J 319 27.16 77.91 -43.56
CA GLY J 319 27.50 78.97 -44.49
C GLY J 319 26.28 79.79 -44.89
N ASN J 320 26.36 80.36 -46.09
CA ASN J 320 25.29 81.19 -46.64
C ASN J 320 24.65 80.54 -47.87
N VAL J 321 24.64 79.21 -47.92
CA VAL J 321 24.03 78.50 -49.03
C VAL J 321 22.51 78.42 -48.90
N GLN J 322 21.99 78.59 -47.69
CA GLN J 322 20.55 78.55 -47.45
C GLN J 322 20.19 79.55 -46.37
N LYS J 323 18.97 80.06 -46.45
CA LYS J 323 18.46 81.05 -45.50
C LYS J 323 17.49 80.39 -44.54
N ALA J 324 17.68 80.63 -43.24
CA ALA J 324 16.81 80.11 -42.21
C ALA J 324 16.32 81.25 -41.34
N VAL J 325 15.02 81.23 -41.03
CA VAL J 325 14.43 82.25 -40.17
C VAL J 325 14.90 82.00 -38.74
N CYS J 326 15.56 83.00 -38.16
CA CYS J 326 16.17 82.86 -36.83
C CYS J 326 15.09 83.09 -35.78
N HIS J 327 14.41 82.01 -35.39
CA HIS J 327 13.34 82.08 -34.41
C HIS J 327 13.31 80.82 -33.56
N PRO J 328 13.49 80.94 -32.23
CA PRO J 328 13.43 79.77 -31.35
C PRO J 328 11.99 79.32 -31.14
N THR J 329 11.70 78.08 -31.53
CA THR J 329 10.37 77.52 -31.35
C THR J 329 10.47 76.00 -31.28
N ALA J 330 9.41 75.39 -30.74
CA ALA J 330 9.34 73.94 -30.61
C ALA J 330 8.24 73.39 -31.50
N TRP J 331 8.39 72.11 -31.89
CA TRP J 331 7.42 71.45 -32.74
C TRP J 331 7.25 70.01 -32.27
N ASP J 332 6.03 69.69 -31.84
CA ASP J 332 5.70 68.34 -31.37
C ASP J 332 5.48 67.45 -32.59
N LEU J 333 6.50 66.67 -32.95
CA LEU J 333 6.39 65.77 -34.10
C LEU J 333 5.42 64.62 -33.80
N GLY J 334 5.46 64.10 -32.59
CA GLY J 334 4.59 63.01 -32.19
C GLY J 334 5.31 61.68 -32.16
N LYS J 335 4.73 60.75 -31.38
CA LYS J 335 5.27 59.40 -31.22
C LYS J 335 6.70 59.42 -30.69
N GLY J 336 6.92 60.21 -29.63
CA GLY J 336 8.21 60.25 -28.98
C GLY J 336 9.28 61.03 -29.72
N ASP J 337 8.90 61.94 -30.61
CA ASP J 337 9.84 62.74 -31.37
C ASP J 337 9.73 64.21 -30.97
N PHE J 338 10.87 64.83 -30.68
CA PHE J 338 10.93 66.22 -30.26
C PHE J 338 12.02 66.93 -31.06
N ARG J 339 11.62 67.88 -31.90
CA ARG J 339 12.53 68.67 -32.71
C ARG J 339 12.65 70.09 -32.15
N ILE J 340 13.69 70.79 -32.58
CA ILE J 340 13.94 72.17 -32.16
C ILE J 340 14.64 72.91 -33.28
N LEU J 341 14.50 74.24 -33.27
CA LEU J 341 15.17 75.11 -34.23
C LEU J 341 15.65 76.34 -33.48
N MET J 342 16.97 76.53 -33.42
CA MET J 342 17.54 77.60 -32.60
C MET J 342 18.80 78.14 -33.24
N CYS J 343 18.99 79.46 -33.11
CA CYS J 343 20.24 80.10 -33.51
C CYS J 343 21.28 79.95 -32.42
N THR J 344 22.55 79.83 -32.83
CA THR J 344 23.67 79.78 -31.90
C THR J 344 24.71 80.80 -32.34
N LYS J 345 24.91 81.82 -31.50
CA LYS J 345 25.91 82.86 -31.75
C LYS J 345 26.71 83.09 -30.47
N VAL J 346 27.81 83.82 -30.61
CA VAL J 346 28.64 84.18 -29.45
C VAL J 346 28.09 85.51 -28.93
N THR J 347 27.02 85.41 -28.15
CA THR J 347 26.37 86.56 -27.54
C THR J 347 26.00 86.18 -26.10
N MET J 348 25.15 87.00 -25.49
CA MET J 348 24.70 86.77 -24.12
C MET J 348 23.21 86.48 -24.01
N ASP J 349 22.39 87.03 -24.91
CA ASP J 349 20.94 86.86 -24.81
C ASP J 349 20.47 85.47 -25.22
N ASP J 350 21.21 84.77 -26.06
CA ASP J 350 20.81 83.42 -26.46
C ASP J 350 21.22 82.36 -25.45
N PHE J 351 22.12 82.68 -24.52
CA PHE J 351 22.48 81.73 -23.49
C PHE J 351 21.39 81.60 -22.42
N LEU J 352 20.59 82.66 -22.24
CA LEU J 352 19.48 82.59 -21.28
C LEU J 352 18.33 81.76 -21.82
N THR J 353 18.07 81.84 -23.12
CA THR J 353 17.02 81.05 -23.75
C THR J 353 17.49 79.67 -24.20
N ALA J 354 18.78 79.36 -24.00
CA ALA J 354 19.27 78.03 -24.37
C ALA J 354 18.70 76.96 -23.45
N HIS J 355 18.60 77.26 -22.15
CA HIS J 355 17.97 76.36 -21.20
C HIS J 355 16.46 76.55 -21.14
N HIS J 356 15.97 77.61 -21.75
CA HIS J 356 14.55 77.88 -21.76
C HIS J 356 13.86 76.91 -22.71
N GLU J 357 14.40 76.74 -23.92
CA GLU J 357 13.81 75.85 -24.91
C GLU J 357 13.98 74.39 -24.53
N MET J 358 15.02 74.06 -23.76
CA MET J 358 15.18 72.68 -23.31
C MET J 358 14.16 72.32 -22.23
N GLY J 359 13.56 73.35 -21.65
CA GLY J 359 12.48 73.12 -20.70
C GLY J 359 11.18 72.82 -21.44
N HIS J 360 10.92 73.49 -22.58
CA HIS J 360 9.73 73.14 -23.35
C HIS J 360 9.85 71.66 -23.66
N ILE J 361 11.02 71.24 -24.11
CA ILE J 361 11.22 69.84 -24.46
C ILE J 361 11.04 68.92 -23.27
N GLN J 362 11.74 69.20 -22.19
CA GLN J 362 11.61 68.38 -20.98
C GLN J 362 10.16 68.31 -20.52
N TYR J 363 9.39 69.37 -20.74
CA TYR J 363 7.95 69.32 -20.47
C TYR J 363 7.24 68.45 -21.50
N ASP J 364 7.74 68.43 -22.74
CA ASP J 364 7.19 67.55 -23.76
C ASP J 364 7.58 66.10 -23.52
N MET J 365 8.63 65.84 -22.75
CA MET J 365 9.04 64.48 -22.45
C MET J 365 8.09 63.80 -21.49
N ALA J 366 7.34 64.59 -20.70
CA ALA J 366 6.52 64.01 -19.64
C ALA J 366 5.37 63.19 -20.20
N TYR J 367 4.56 63.77 -21.08
CA TYR J 367 3.40 63.07 -21.63
C TYR J 367 3.74 62.36 -22.94
N ALA J 368 4.78 61.53 -22.90
CA ALA J 368 5.16 60.77 -24.09
C ALA J 368 4.24 59.57 -24.31
N ALA J 369 3.87 58.88 -23.22
CA ALA J 369 2.96 57.74 -23.30
C ALA J 369 1.50 58.14 -23.19
N GLN J 370 1.19 59.43 -23.35
CA GLN J 370 -0.16 59.96 -23.26
C GLN J 370 -0.71 60.25 -24.64
N PRO J 371 -2.02 60.03 -24.85
CA PRO J 371 -2.60 60.20 -26.19
C PRO J 371 -2.70 61.66 -26.61
N PHE J 372 -3.28 61.90 -27.79
CA PHE J 372 -3.41 63.25 -28.33
C PHE J 372 -4.46 64.07 -27.59
N LEU J 373 -5.46 63.42 -26.99
CA LEU J 373 -6.51 64.12 -26.26
C LEU J 373 -6.12 64.38 -24.80
N LEU J 374 -4.87 64.15 -24.43
CA LEU J 374 -4.41 64.41 -23.08
C LEU J 374 -3.24 65.40 -23.11
N ARG J 375 -3.37 66.46 -23.91
CA ARG J 375 -2.33 67.45 -24.07
C ARG J 375 -2.34 68.44 -22.90
N ASN J 376 -1.63 69.56 -23.06
CA ASN J 376 -1.53 70.56 -22.00
C ASN J 376 -2.92 71.02 -21.57
N GLY J 377 -3.00 71.52 -20.33
CA GLY J 377 -4.27 71.81 -19.71
C GLY J 377 -4.94 73.10 -20.16
N ALA J 378 -5.55 73.80 -19.21
CA ALA J 378 -6.39 74.95 -19.51
C ALA J 378 -5.62 76.23 -19.77
N ASN J 379 -4.28 76.19 -19.73
CA ASN J 379 -3.49 77.39 -19.95
C ASN J 379 -2.14 77.01 -20.51
N GLU J 380 -1.54 77.95 -21.25
CA GLU J 380 -0.20 77.80 -21.78
C GLU J 380 0.88 78.30 -20.83
N GLY J 381 0.50 78.71 -19.63
CA GLY J 381 1.43 79.24 -18.64
C GLY J 381 2.25 78.20 -17.90
N PHE J 382 2.11 76.92 -18.24
CA PHE J 382 2.88 75.85 -17.62
C PHE J 382 4.08 75.43 -18.45
N HIS J 383 4.16 75.85 -19.71
CA HIS J 383 5.26 75.44 -20.58
C HIS J 383 6.51 76.27 -20.30
N GLU J 384 6.39 77.59 -20.40
CA GLU J 384 7.54 78.45 -20.19
C GLU J 384 7.90 78.60 -18.72
N ALA J 385 6.95 78.33 -17.82
CA ALA J 385 7.22 78.52 -16.41
C ALA J 385 8.21 77.49 -15.89
N VAL J 386 8.09 76.24 -16.32
CA VAL J 386 9.02 75.19 -15.92
C VAL J 386 10.33 75.26 -16.70
N GLY J 387 10.39 76.03 -17.77
CA GLY J 387 11.60 76.16 -18.55
C GLY J 387 12.43 77.37 -18.14
N GLU J 388 11.80 78.29 -17.39
CA GLU J 388 12.50 79.47 -16.91
C GLU J 388 13.02 79.33 -15.48
N ILE J 389 12.49 78.38 -14.72
CA ILE J 389 13.00 78.15 -13.37
C ILE J 389 14.37 77.47 -13.41
N MET J 390 14.64 76.73 -14.48
CA MET J 390 15.96 76.11 -14.67
C MET J 390 16.93 77.06 -15.36
N SER J 391 16.43 77.99 -16.18
CA SER J 391 17.30 78.98 -16.78
C SER J 391 17.73 80.03 -15.77
N LEU J 392 16.87 80.35 -14.80
CA LEU J 392 17.27 81.28 -13.75
C LEU J 392 18.27 80.64 -12.79
N SER J 393 18.13 79.33 -12.53
CA SER J 393 19.10 78.64 -11.69
C SER J 393 20.44 78.46 -12.40
N ALA J 394 20.41 78.40 -13.74
CA ALA J 394 21.66 78.27 -14.50
C ALA J 394 22.44 79.57 -14.52
N ALA J 395 21.78 80.71 -14.38
CA ALA J 395 22.45 82.01 -14.34
C ALA J 395 22.90 82.40 -12.94
N THR J 396 22.70 81.54 -11.95
CA THR J 396 23.12 81.85 -10.60
C THR J 396 24.64 81.73 -10.49
N PRO J 397 25.32 82.69 -9.86
CA PRO J 397 26.77 82.57 -9.69
C PRO J 397 27.18 81.39 -8.81
N LYS J 398 26.29 80.90 -7.94
CA LYS J 398 26.61 79.72 -7.15
C LYS J 398 26.65 78.48 -8.01
N HIS J 399 25.75 78.38 -9.00
CA HIS J 399 25.77 77.24 -9.91
C HIS J 399 26.94 77.32 -10.89
N LEU J 400 27.36 78.53 -11.25
CA LEU J 400 28.44 78.69 -12.20
C LEU J 400 29.80 78.33 -11.61
N LYS J 401 29.94 78.35 -10.29
CA LYS J 401 31.21 78.02 -9.65
C LYS J 401 31.37 76.54 -9.36
N SER J 402 30.26 75.81 -9.21
CA SER J 402 30.36 74.39 -8.91
C SER J 402 30.77 73.58 -10.14
N ILE J 403 30.35 74.02 -11.33
CA ILE J 403 30.70 73.29 -12.54
C ILE J 403 32.11 73.65 -13.03
N GLY J 404 32.55 74.88 -12.79
CA GLY J 404 33.93 75.24 -13.07
C GLY J 404 34.17 76.23 -14.19
N LEU J 405 33.28 77.20 -14.35
CA LEU J 405 33.50 78.32 -15.27
C LEU J 405 33.78 79.63 -14.56
N LEU J 406 33.02 79.96 -13.52
CA LEU J 406 33.24 81.20 -12.79
C LEU J 406 34.39 81.06 -11.82
N SER J 407 35.23 82.10 -11.75
CA SER J 407 36.38 82.06 -10.86
C SER J 407 35.93 82.22 -9.41
N PRO J 408 36.60 81.53 -8.47
CA PRO J 408 36.20 81.65 -7.06
C PRO J 408 36.61 82.95 -6.40
N ASP J 409 37.39 83.81 -7.09
CA ASP J 409 37.78 85.08 -6.50
C ASP J 409 36.63 86.08 -6.47
N PHE J 410 35.59 85.86 -7.27
CA PHE J 410 34.42 86.74 -7.27
C PHE J 410 33.62 86.49 -6.00
N GLN J 411 33.78 87.36 -5.02
CA GLN J 411 33.11 87.21 -3.73
C GLN J 411 31.68 87.73 -3.81
N GLU J 412 30.95 87.59 -2.71
CA GLU J 412 29.53 87.97 -2.61
C GLU J 412 29.36 88.94 -1.44
N ASP J 413 29.50 90.24 -1.72
CA ASP J 413 29.31 91.29 -0.73
C ASP J 413 27.89 91.86 -0.84
N ASN J 414 27.65 92.97 -0.14
CA ASN J 414 26.36 93.65 -0.16
C ASN J 414 26.30 94.72 -1.26
N GLU J 415 27.01 94.53 -2.36
CA GLU J 415 27.00 95.49 -3.45
C GLU J 415 26.72 94.80 -4.78
N THR J 416 27.22 93.58 -4.94
CA THR J 416 27.10 92.85 -6.20
C THR J 416 25.81 92.05 -6.31
N GLU J 417 25.03 91.95 -5.25
CA GLU J 417 23.78 91.21 -5.29
C GLU J 417 22.59 92.07 -5.69
N ILE J 418 22.73 93.40 -5.63
CA ILE J 418 21.60 94.26 -5.98
C ILE J 418 21.41 94.33 -7.49
N ASN J 419 22.51 94.43 -8.24
CA ASN J 419 22.40 94.52 -9.69
C ASN J 419 21.90 93.24 -10.32
N PHE J 420 22.03 92.09 -9.64
CA PHE J 420 21.46 90.87 -10.16
C PHE J 420 19.96 90.78 -9.92
N LEU J 421 19.47 91.43 -8.86
CA LEU J 421 18.04 91.42 -8.57
C LEU J 421 17.28 92.39 -9.46
N LEU J 422 17.85 93.57 -9.72
CA LEU J 422 17.17 94.55 -10.55
C LEU J 422 17.25 94.22 -12.05
N LYS J 423 18.18 93.35 -12.45
CA LYS J 423 18.27 92.95 -13.84
C LYS J 423 17.08 92.07 -14.24
N GLN J 424 16.63 91.21 -13.32
CA GLN J 424 15.46 90.38 -13.59
C GLN J 424 14.15 91.14 -13.41
N ALA J 425 14.16 92.24 -12.66
CA ALA J 425 12.93 93.00 -12.43
C ALA J 425 12.54 93.85 -13.62
N LEU J 426 13.46 94.13 -14.54
CA LEU J 426 13.14 94.93 -15.71
C LEU J 426 12.35 94.14 -16.75
N THR J 427 12.52 92.82 -16.79
CA THR J 427 11.84 91.97 -17.75
C THR J 427 10.68 91.20 -17.15
N ILE J 428 10.48 91.27 -15.84
CA ILE J 428 9.40 90.53 -15.18
C ILE J 428 8.48 91.49 -14.46
N VAL J 429 9.04 92.29 -13.54
CA VAL J 429 8.23 93.19 -12.74
C VAL J 429 7.82 94.43 -13.54
N GLY J 430 8.67 94.91 -14.44
CA GLY J 430 8.37 96.11 -15.20
C GLY J 430 7.24 95.95 -16.21
N THR J 431 6.86 94.72 -16.53
CA THR J 431 5.80 94.45 -17.50
C THR J 431 4.45 94.21 -16.82
N LEU J 432 4.43 94.02 -15.51
CA LEU J 432 3.20 93.74 -14.77
C LEU J 432 2.18 94.87 -14.91
N PRO J 433 2.57 96.15 -14.84
CA PRO J 433 1.59 97.21 -15.17
C PRO J 433 1.22 97.23 -16.64
N PHE J 434 2.11 96.78 -17.53
CA PHE J 434 1.77 96.72 -18.95
C PHE J 434 0.86 95.52 -19.24
N THR J 435 0.98 94.45 -18.45
CA THR J 435 0.15 93.27 -18.69
C THR J 435 -1.27 93.46 -18.20
N TYR J 436 -1.44 94.12 -17.05
CA TYR J 436 -2.78 94.35 -16.51
C TYR J 436 -3.54 95.40 -17.32
N MET J 437 -2.84 96.36 -17.91
CA MET J 437 -3.51 97.41 -18.66
C MET J 437 -4.02 96.91 -20.01
N LEU J 438 -3.22 96.06 -20.68
CA LEU J 438 -3.59 95.60 -22.01
C LEU J 438 -4.72 94.57 -21.97
N GLU J 439 -4.86 93.84 -20.87
CA GLU J 439 -5.92 92.85 -20.75
C GLU J 439 -7.23 93.43 -20.26
N LYS J 440 -7.19 94.56 -19.53
CA LYS J 440 -8.41 95.19 -19.06
C LYS J 440 -9.05 96.08 -20.11
N TRP J 441 -8.32 96.44 -21.17
CA TRP J 441 -8.90 97.22 -22.25
C TRP J 441 -9.73 96.35 -23.19
N ARG J 442 -9.23 95.17 -23.52
CA ARG J 442 -9.96 94.24 -24.38
C ARG J 442 -11.10 93.54 -23.65
N TRP J 443 -11.16 93.64 -22.33
CA TRP J 443 -12.17 92.94 -21.54
C TRP J 443 -13.43 93.76 -21.30
N MET J 444 -13.49 95.00 -21.78
CA MET J 444 -14.64 95.85 -21.50
C MET J 444 -15.22 96.45 -22.78
N VAL J 445 -14.39 96.61 -23.81
CA VAL J 445 -14.87 97.18 -25.06
C VAL J 445 -15.54 96.12 -25.93
N PHE J 446 -15.18 94.85 -25.76
CA PHE J 446 -15.86 93.78 -26.49
C PHE J 446 -17.31 93.64 -26.06
N LYS J 447 -17.69 94.14 -24.88
CA LYS J 447 -19.07 94.12 -24.46
C LYS J 447 -19.90 95.09 -25.29
N GLY J 448 -19.50 96.36 -25.33
CA GLY J 448 -20.17 97.33 -26.16
C GLY J 448 -20.70 98.55 -25.43
N GLU J 449 -20.13 98.87 -24.27
CA GLU J 449 -20.52 100.06 -23.53
C GLU J 449 -19.70 101.29 -23.88
N ILE J 450 -18.69 101.14 -24.72
CA ILE J 450 -17.85 102.26 -25.17
C ILE J 450 -18.14 102.51 -26.64
N PRO J 451 -18.45 103.74 -27.04
CA PRO J 451 -18.78 104.00 -28.45
C PRO J 451 -17.55 103.91 -29.34
N LYS J 452 -17.80 104.05 -30.64
CA LYS J 452 -16.74 103.95 -31.64
C LYS J 452 -15.89 105.21 -31.72
N ASP J 453 -16.31 106.31 -31.11
CA ASP J 453 -15.52 107.54 -31.08
C ASP J 453 -14.67 107.66 -29.82
N GLN J 454 -14.69 106.66 -28.94
CA GLN J 454 -13.98 106.70 -27.68
C GLN J 454 -13.00 105.54 -27.54
N TRP J 455 -12.43 105.09 -28.67
CA TRP J 455 -11.45 104.01 -28.63
C TRP J 455 -10.12 104.51 -28.07
N MET J 456 -9.53 105.52 -28.71
CA MET J 456 -8.22 106.03 -28.30
C MET J 456 -8.30 107.02 -27.15
N LYS J 457 -9.47 107.64 -26.92
CA LYS J 457 -9.60 108.58 -25.81
C LYS J 457 -9.59 107.85 -24.48
N LYS J 458 -10.25 106.69 -24.41
CA LYS J 458 -10.17 105.83 -23.24
C LYS J 458 -8.84 105.10 -23.15
N TRP J 459 -8.12 104.99 -24.27
CA TRP J 459 -6.84 104.27 -24.28
C TRP J 459 -5.76 105.06 -23.57
N TRP J 460 -5.64 106.35 -23.88
CA TRP J 460 -4.59 107.18 -23.31
C TRP J 460 -4.87 107.60 -21.88
N GLU J 461 -6.12 107.51 -21.42
CA GLU J 461 -6.42 107.87 -20.04
C GLU J 461 -5.98 106.78 -19.07
N MET J 462 -6.08 105.51 -19.48
CA MET J 462 -5.69 104.39 -18.63
C MET J 462 -4.19 104.15 -18.63
N LYS J 463 -3.46 104.71 -19.60
CA LYS J 463 -2.00 104.58 -19.62
C LYS J 463 -1.32 105.55 -18.67
N ARG J 464 -2.06 106.52 -18.12
CA ARG J 464 -1.53 107.42 -17.11
C ARG J 464 -1.90 107.03 -15.69
N GLU J 465 -2.98 106.25 -15.52
CA GLU J 465 -3.43 105.80 -14.22
C GLU J 465 -2.91 104.41 -13.86
N ILE J 466 -2.92 103.48 -14.82
CA ILE J 466 -2.45 102.13 -14.56
C ILE J 466 -0.96 101.99 -14.83
N VAL J 467 -0.51 102.47 -15.99
CA VAL J 467 0.91 102.37 -16.36
C VAL J 467 1.67 103.62 -15.95
N GLY J 468 1.09 104.79 -16.19
CA GLY J 468 1.75 106.03 -15.82
C GLY J 468 2.81 106.48 -16.80
N VAL J 469 2.40 106.78 -18.04
CA VAL J 469 3.29 107.30 -19.06
C VAL J 469 2.71 108.58 -19.62
N VAL J 470 3.55 109.33 -20.34
CA VAL J 470 3.16 110.58 -20.98
C VAL J 470 3.32 110.43 -22.48
N GLU J 471 2.78 111.40 -23.21
CA GLU J 471 2.80 111.41 -24.66
C GLU J 471 3.36 112.73 -25.17
N PRO J 472 4.16 112.72 -26.24
CA PRO J 472 4.68 113.99 -26.77
C PRO J 472 3.65 114.80 -27.54
N VAL J 473 2.67 114.16 -28.16
CA VAL J 473 1.61 114.84 -28.89
C VAL J 473 0.30 114.09 -28.66
N PRO J 474 -0.83 114.79 -28.51
CA PRO J 474 -2.12 114.08 -28.40
C PRO J 474 -2.50 113.43 -29.72
N HIS J 475 -3.06 112.23 -29.63
CA HIS J 475 -3.47 111.46 -30.79
C HIS J 475 -4.99 111.32 -30.83
N ASP J 476 -5.56 111.46 -32.02
CA ASP J 476 -6.99 111.32 -32.22
C ASP J 476 -7.32 109.86 -32.52
N GLU J 477 -8.58 109.60 -32.92
CA GLU J 477 -9.06 108.24 -33.11
C GLU J 477 -8.59 107.61 -34.42
N THR J 478 -7.95 108.37 -35.31
CA THR J 478 -7.52 107.81 -36.58
C THR J 478 -6.31 106.89 -36.41
N TYR J 479 -5.55 107.05 -35.34
CA TYR J 479 -4.41 106.19 -35.08
C TYR J 479 -4.87 104.81 -34.62
N CYS J 480 -4.04 103.80 -34.88
CA CYS J 480 -4.27 102.43 -34.43
C CYS J 480 -3.00 101.96 -33.72
N ASP J 481 -2.90 102.28 -32.43
CA ASP J 481 -1.70 101.99 -31.65
C ASP J 481 -1.61 100.53 -31.20
N PRO J 482 -2.60 99.96 -30.51
CA PRO J 482 -2.41 98.65 -29.88
C PRO J 482 -2.55 97.46 -30.82
N ALA J 483 -2.59 97.67 -32.14
CA ALA J 483 -2.69 96.60 -33.10
C ALA J 483 -1.33 96.23 -33.69
N SER J 484 -0.26 96.39 -32.92
CA SER J 484 1.10 96.17 -33.40
C SER J 484 1.88 95.23 -32.50
N LEU J 485 1.22 94.25 -31.90
CA LEU J 485 1.85 93.31 -30.99
C LEU J 485 1.96 91.93 -31.63
N PHE J 486 2.77 91.07 -31.00
CA PHE J 486 2.96 89.72 -31.50
C PHE J 486 1.71 88.86 -31.29
N HIS J 487 0.95 89.12 -30.22
CA HIS J 487 -0.18 88.28 -29.86
C HIS J 487 -1.52 88.82 -30.33
N VAL J 488 -1.58 90.09 -30.73
CA VAL J 488 -2.85 90.67 -31.15
C VAL J 488 -3.10 90.53 -32.64
N SER J 489 -2.07 90.25 -33.43
CA SER J 489 -2.21 90.10 -34.88
C SER J 489 -2.18 88.65 -35.32
N ASN J 490 -2.08 87.70 -34.39
CA ASN J 490 -2.03 86.28 -34.72
C ASN J 490 -2.98 85.44 -33.88
N ASP J 491 -3.93 86.06 -33.19
CA ASP J 491 -4.95 85.37 -32.39
C ASP J 491 -4.28 84.50 -31.32
N TYR J 492 -3.56 85.16 -30.42
CA TYR J 492 -2.89 84.49 -29.31
C TYR J 492 -3.42 85.04 -27.98
N SER J 493 -3.43 84.18 -26.97
CA SER J 493 -3.94 84.55 -25.67
C SER J 493 -2.95 85.45 -24.92
N PHE J 494 -3.48 86.25 -24.00
CA PHE J 494 -2.68 87.16 -23.20
C PHE J 494 -2.71 86.86 -21.70
N ILE J 495 -3.71 86.12 -21.22
CA ILE J 495 -3.78 85.82 -19.79
C ILE J 495 -2.67 84.88 -19.35
N ARG J 496 -2.04 84.17 -20.29
CA ARG J 496 -0.95 83.27 -19.94
C ARG J 496 0.28 84.02 -19.45
N TYR J 497 0.45 85.28 -19.85
CA TYR J 497 1.63 86.03 -19.44
C TYR J 497 1.55 86.47 -17.98
N TYR J 498 0.36 86.81 -17.50
CA TYR J 498 0.22 87.18 -16.09
C TYR J 498 0.42 85.97 -15.18
N THR J 499 0.18 84.76 -15.68
CA THR J 499 0.47 83.56 -14.91
C THR J 499 1.92 83.15 -15.04
N ARG J 500 2.54 83.39 -16.20
CA ARG J 500 3.94 83.04 -16.38
C ARG J 500 4.86 83.93 -15.56
N THR J 501 4.44 85.15 -15.26
CA THR J 501 5.22 86.05 -14.42
C THR J 501 5.13 85.71 -12.94
N LEU J 502 4.19 84.85 -12.55
CA LEU J 502 4.03 84.45 -11.16
C LEU J 502 4.34 82.98 -10.91
N TYR J 503 4.06 82.10 -11.88
CA TYR J 503 4.36 80.69 -11.70
C TYR J 503 5.85 80.41 -11.70
N GLN J 504 6.67 81.28 -12.31
CA GLN J 504 8.11 81.11 -12.24
C GLN J 504 8.66 81.43 -10.85
N PHE J 505 7.92 82.19 -10.05
CA PHE J 505 8.29 82.44 -8.66
C PHE J 505 7.67 81.44 -7.71
N GLN J 506 6.51 80.88 -8.06
CA GLN J 506 5.89 79.86 -7.23
C GLN J 506 6.64 78.54 -7.33
N PHE J 507 7.23 78.24 -8.50
CA PHE J 507 8.00 77.03 -8.67
C PHE J 507 9.43 77.16 -8.18
N GLN J 508 9.95 78.39 -8.07
CA GLN J 508 11.31 78.57 -7.59
C GLN J 508 11.41 78.41 -6.07
N GLU J 509 10.38 78.83 -5.34
CA GLU J 509 10.38 78.69 -3.89
C GLU J 509 9.91 77.31 -3.43
N ALA J 510 9.18 76.59 -4.26
CA ALA J 510 8.71 75.25 -3.91
C ALA J 510 9.70 74.16 -4.26
N LEU J 511 10.87 74.53 -4.80
CA LEU J 511 11.89 73.56 -5.16
C LEU J 511 13.13 73.61 -4.28
N CYS J 512 13.32 74.68 -3.51
CA CYS J 512 14.44 74.74 -2.58
C CYS J 512 13.99 74.73 -1.12
N GLN J 513 12.68 74.67 -0.86
CA GLN J 513 12.18 74.55 0.50
C GLN J 513 12.28 73.13 1.04
N ALA J 514 12.25 72.13 0.17
CA ALA J 514 12.41 70.74 0.57
C ALA J 514 13.84 70.24 0.43
N ALA J 515 14.76 71.09 -0.03
CA ALA J 515 16.16 70.75 -0.17
C ALA J 515 17.01 71.38 0.93
N LYS J 516 16.47 71.44 2.15
CA LYS J 516 17.15 71.97 3.34
C LYS J 516 17.85 73.30 3.08
N HIS J 517 17.30 74.09 2.16
CA HIS J 517 17.83 75.42 1.84
C HIS J 517 16.92 76.46 2.52
N GLU J 518 17.25 76.82 3.75
CA GLU J 518 16.48 77.77 4.54
C GLU J 518 17.04 79.19 4.44
N GLY J 519 17.86 79.47 3.43
CA GLY J 519 18.44 80.79 3.27
C GLY J 519 17.55 81.72 2.48
N PRO J 520 18.15 82.66 1.76
CA PRO J 520 17.36 83.60 0.95
C PRO J 520 16.75 82.89 -0.26
N LEU J 521 15.72 83.53 -0.81
CA LEU J 521 15.02 82.95 -1.95
C LEU J 521 15.75 83.16 -3.27
N HIS J 522 16.56 84.22 -3.35
CA HIS J 522 17.32 84.51 -4.56
C HIS J 522 18.65 83.75 -4.61
N LYS J 523 18.89 82.84 -3.68
CA LYS J 523 20.15 82.12 -3.63
C LYS J 523 20.00 80.60 -3.63
N CYS J 524 18.79 80.07 -3.82
CA CYS J 524 18.61 78.63 -3.93
C CYS J 524 19.18 78.11 -5.24
N ASP J 525 19.69 76.88 -5.20
CA ASP J 525 20.05 76.14 -6.40
C ASP J 525 19.54 74.72 -6.28
N ILE J 526 19.10 74.16 -7.42
CA ILE J 526 18.44 72.86 -7.44
C ILE J 526 19.45 71.75 -7.68
N SER J 527 20.74 72.06 -7.52
CA SER J 527 21.78 71.07 -7.74
C SER J 527 21.85 70.11 -6.56
N ASN J 528 22.13 68.84 -6.87
CA ASN J 528 22.30 67.79 -5.86
C ASN J 528 21.05 67.66 -4.98
N SER J 529 19.93 67.34 -5.63
CA SER J 529 18.66 67.17 -4.92
C SER J 529 17.84 66.14 -5.70
N THR J 530 17.87 64.89 -5.23
CA THR J 530 17.12 63.83 -5.90
C THR J 530 15.66 63.80 -5.47
N GLU J 531 15.39 64.04 -4.18
CA GLU J 531 14.03 64.01 -3.68
C GLU J 531 13.19 65.19 -4.18
N ALA J 532 13.83 66.27 -4.59
CA ALA J 532 13.10 67.42 -5.13
C ALA J 532 12.72 67.23 -6.59
N GLY J 533 13.32 66.26 -7.28
CA GLY J 533 13.01 66.02 -8.67
C GLY J 533 11.90 65.03 -8.89
N GLN J 534 11.72 64.09 -7.95
CA GLN J 534 10.68 63.10 -8.09
C GLN J 534 9.30 63.68 -7.80
N LYS J 535 9.22 64.69 -6.93
CA LYS J 535 7.95 65.35 -6.67
C LYS J 535 7.54 66.29 -7.79
N LEU J 536 8.50 66.76 -8.60
CA LEU J 536 8.19 67.64 -9.71
C LEU J 536 7.73 66.84 -10.94
N PHE J 537 8.27 65.65 -11.13
CA PHE J 537 7.92 64.83 -12.28
C PHE J 537 6.50 64.27 -12.17
N ASN J 538 5.90 64.30 -10.98
CA ASN J 538 4.56 63.76 -10.81
C ASN J 538 3.48 64.69 -11.35
N MET J 539 3.77 65.97 -11.51
CA MET J 539 2.79 66.93 -12.03
C MET J 539 3.01 67.27 -13.50
N LEU J 540 4.21 67.03 -14.04
CA LEU J 540 4.46 67.33 -15.44
C LEU J 540 3.76 66.34 -16.37
N ARG J 541 3.55 65.10 -15.92
CA ARG J 541 2.94 64.07 -16.74
C ARG J 541 1.42 64.03 -16.61
N LEU J 542 0.81 65.07 -16.02
CA LEU J 542 -0.63 65.10 -15.88
C LEU J 542 -1.29 65.60 -17.16
N GLY J 543 -0.95 66.82 -17.59
CA GLY J 543 -1.53 67.39 -18.80
C GLY J 543 -2.93 67.91 -18.57
N LYS J 544 -3.90 67.33 -19.30
CA LYS J 544 -5.30 67.73 -19.17
C LYS J 544 -6.11 66.72 -18.36
N SER J 545 -5.45 65.84 -17.60
CA SER J 545 -6.16 64.88 -16.77
C SER J 545 -6.70 65.54 -15.51
N GLU J 546 -5.86 66.29 -14.79
CA GLU J 546 -6.26 67.00 -13.60
C GLU J 546 -6.25 68.50 -13.84
N PRO J 547 -7.14 69.25 -13.20
CA PRO J 547 -7.17 70.71 -13.39
C PRO J 547 -5.92 71.36 -12.84
N TRP J 548 -5.74 72.63 -13.22
CA TRP J 548 -4.56 73.37 -12.77
C TRP J 548 -4.66 73.74 -11.29
N THR J 549 -5.88 73.87 -10.76
CA THR J 549 -6.07 74.19 -9.35
C THR J 549 -5.88 72.99 -8.44
N LEU J 550 -5.90 71.78 -8.98
CA LEU J 550 -5.64 70.58 -8.19
C LEU J 550 -4.15 70.26 -8.09
N ALA J 551 -3.39 70.51 -9.14
CA ALA J 551 -1.95 70.34 -9.10
C ALA J 551 -1.24 71.45 -8.34
N LEU J 552 -1.87 72.62 -8.22
CA LEU J 552 -1.27 73.72 -7.48
C LEU J 552 -1.32 73.48 -5.97
N GLU J 553 -2.31 72.72 -5.50
CA GLU J 553 -2.48 72.54 -4.06
C GLU J 553 -1.40 71.62 -3.47
N ASN J 554 -0.94 70.64 -4.24
CA ASN J 554 0.01 69.65 -3.73
C ASN J 554 1.46 70.09 -3.86
N VAL J 555 1.73 71.30 -4.35
CA VAL J 555 3.09 71.78 -4.51
C VAL J 555 3.42 72.94 -3.58
N VAL J 556 2.47 73.82 -3.28
CA VAL J 556 2.75 74.98 -2.45
C VAL J 556 1.76 75.03 -1.29
N GLY J 557 0.69 74.25 -1.38
CA GLY J 557 -0.33 74.25 -0.35
C GLY J 557 -1.30 75.39 -0.43
N ALA J 558 -1.75 75.74 -1.63
CA ALA J 558 -2.68 76.85 -1.82
C ALA J 558 -3.56 76.55 -3.03
N LYS J 559 -4.81 77.03 -2.96
CA LYS J 559 -5.77 76.83 -4.04
C LYS J 559 -5.82 77.99 -5.03
N ASN J 560 -5.42 79.19 -4.61
CA ASN J 560 -5.46 80.36 -5.46
C ASN J 560 -4.07 80.97 -5.57
N MET J 561 -3.89 81.77 -6.62
CA MET J 561 -2.59 82.40 -6.85
C MET J 561 -2.32 83.46 -5.80
N ASN J 562 -1.05 83.54 -5.37
CA ASN J 562 -0.63 84.50 -4.36
C ASN J 562 0.69 85.12 -4.79
N VAL J 563 0.85 86.40 -4.49
CA VAL J 563 2.00 87.18 -4.95
C VAL J 563 3.13 87.12 -3.93
N ARG J 564 2.96 86.33 -2.88
CA ARG J 564 3.99 86.28 -1.84
C ARG J 564 5.33 85.74 -2.32
N PRO J 565 5.42 84.75 -3.23
CA PRO J 565 6.75 84.35 -3.72
C PRO J 565 7.53 85.49 -4.36
N LEU J 566 6.85 86.41 -5.04
CA LEU J 566 7.53 87.52 -5.70
C LEU J 566 8.17 88.45 -4.67
N LEU J 567 7.40 88.84 -3.65
CA LEU J 567 7.95 89.71 -2.60
C LEU J 567 9.10 89.02 -1.86
N ASN J 568 8.94 87.72 -1.57
CA ASN J 568 9.98 87.00 -0.87
C ASN J 568 11.27 86.95 -1.70
N TYR J 569 11.14 86.84 -3.02
CA TYR J 569 12.31 86.85 -3.89
C TYR J 569 12.98 88.21 -3.89
N PHE J 570 12.19 89.28 -3.86
CA PHE J 570 12.71 90.65 -3.95
C PHE J 570 12.78 91.33 -2.58
N GLU J 571 13.07 90.59 -1.52
CA GLU J 571 13.20 91.20 -0.20
C GLU J 571 14.48 92.02 -0.10
N PRO J 572 15.62 91.57 -0.65
CA PRO J 572 16.76 92.48 -0.77
C PRO J 572 16.51 93.63 -1.74
N LEU J 573 15.62 93.44 -2.72
CA LEU J 573 15.27 94.53 -3.62
C LEU J 573 14.26 95.49 -2.99
N PHE J 574 13.40 94.98 -2.10
CA PHE J 574 12.41 95.85 -1.46
C PHE J 574 13.05 96.78 -0.44
N THR J 575 14.06 96.29 0.30
CA THR J 575 14.76 97.16 1.24
C THR J 575 15.72 98.11 0.56
N TRP J 576 16.04 97.89 -0.72
CA TRP J 576 16.90 98.79 -1.47
C TRP J 576 16.11 99.86 -2.22
N LEU J 577 14.84 99.60 -2.51
CA LEU J 577 14.00 100.54 -3.25
C LEU J 577 13.20 101.47 -2.33
N LYS J 578 13.47 101.43 -1.02
CA LYS J 578 12.78 102.32 -0.08
C LYS J 578 13.74 103.25 0.64
N ASP J 579 14.86 102.73 1.15
CA ASP J 579 15.74 103.49 2.03
C ASP J 579 16.67 104.44 1.27
N GLN J 580 16.61 104.47 -0.06
CA GLN J 580 17.45 105.38 -0.83
C GLN J 580 16.69 106.52 -1.49
N ASN J 581 15.40 106.34 -1.79
CA ASN J 581 14.60 107.39 -2.43
C ASN J 581 14.03 108.29 -1.33
N LYS J 582 14.84 109.25 -0.90
CA LYS J 582 14.44 110.17 0.15
C LYS J 582 14.05 111.55 -0.35
N ASN J 583 14.64 111.99 -1.47
CA ASN J 583 14.35 113.31 -2.03
C ASN J 583 13.64 113.25 -3.38
N SER J 584 13.23 112.06 -3.81
CA SER J 584 12.58 111.88 -5.10
C SER J 584 11.06 111.81 -4.93
N PHE J 585 10.36 112.01 -6.04
CA PHE J 585 8.91 111.98 -6.05
C PHE J 585 8.45 110.55 -6.32
N VAL J 586 7.77 109.95 -5.35
CA VAL J 586 7.22 108.61 -5.49
C VAL J 586 5.79 108.73 -6.01
N GLY J 587 5.45 107.89 -6.99
CA GLY J 587 4.14 107.95 -7.60
C GLY J 587 4.18 108.59 -8.97
N TRP J 588 3.10 109.29 -9.34
CA TRP J 588 3.02 109.94 -10.63
C TRP J 588 2.02 111.08 -10.55
N SER J 589 1.82 111.77 -11.67
CA SER J 589 0.86 112.87 -11.77
C SER J 589 -0.06 112.63 -12.95
N THR J 590 -1.17 113.37 -12.97
CA THR J 590 -2.19 113.21 -13.99
C THR J 590 -2.18 114.32 -15.03
N ASP J 591 -2.09 115.58 -14.59
CA ASP J 591 -2.22 116.73 -15.48
C ASP J 591 -0.88 117.22 -16.01
N TRP J 592 0.14 116.36 -16.07
CA TRP J 592 1.43 116.72 -16.61
C TRP J 592 1.56 116.27 -18.05
N SER J 593 2.13 117.14 -18.89
CA SER J 593 2.34 116.86 -20.31
C SER J 593 3.53 117.67 -20.78
N PRO J 594 4.39 117.11 -21.64
CA PRO J 594 5.55 117.87 -22.13
C PRO J 594 5.19 118.94 -23.14
N TYR J 595 4.06 118.81 -23.82
CA TYR J 595 3.65 119.79 -24.83
C TYR J 595 2.93 120.99 -24.24
N ALA J 596 2.66 120.99 -22.93
CA ALA J 596 1.96 122.10 -22.29
C ALA J 596 2.89 123.15 -21.72
N ASP J 597 4.20 122.88 -21.69
CA ASP J 597 5.16 123.85 -21.16
C ASP J 597 5.50 124.91 -22.20
N VAL K 2 -23.71 39.64 -53.43
CA VAL K 2 -23.66 40.46 -54.64
C VAL K 2 -22.92 39.74 -55.75
N GLN K 3 -22.66 40.43 -56.85
CA GLN K 3 -21.98 39.87 -58.00
C GLN K 3 -20.96 40.87 -58.53
N LEU K 4 -19.76 40.38 -58.84
CA LEU K 4 -18.68 41.20 -59.36
C LEU K 4 -18.45 40.84 -60.82
N VAL K 5 -18.55 41.83 -61.70
CA VAL K 5 -18.40 41.64 -63.14
C VAL K 5 -17.08 42.26 -63.57
N GLU K 6 -16.36 41.58 -64.45
CA GLU K 6 -15.09 42.04 -64.98
C GLU K 6 -15.21 42.32 -66.48
N SER K 7 -14.09 42.65 -67.10
CA SER K 7 -14.06 42.92 -68.53
C SER K 7 -13.91 41.62 -69.30
N GLY K 8 -13.96 41.73 -70.63
CA GLY K 8 -13.85 40.58 -71.51
C GLY K 8 -12.42 40.24 -71.86
N ALA K 9 -12.23 39.76 -73.08
CA ALA K 9 -10.91 39.38 -73.54
C ALA K 9 -10.09 40.61 -73.93
N GLU K 10 -8.77 40.48 -73.82
CA GLU K 10 -7.88 41.58 -74.14
C GLU K 10 -6.50 41.03 -74.50
N VAL K 11 -5.93 41.57 -75.57
CA VAL K 11 -4.59 41.20 -76.00
C VAL K 11 -3.70 42.44 -75.89
N LYS K 12 -2.43 42.21 -75.63
CA LYS K 12 -1.47 43.30 -75.42
C LYS K 12 -0.18 42.96 -76.16
N LYS K 13 0.86 43.75 -75.92
CA LYS K 13 2.15 43.61 -76.55
C LYS K 13 3.21 43.19 -75.55
N PRO K 14 4.27 42.49 -76.00
CA PRO K 14 5.32 42.06 -75.06
C PRO K 14 6.19 43.23 -74.61
N GLY K 15 5.75 43.94 -73.58
CA GLY K 15 6.46 45.10 -73.08
C GLY K 15 5.59 46.34 -73.04
N SER K 16 4.28 46.15 -72.95
CA SER K 16 3.30 47.22 -72.86
C SER K 16 2.68 47.22 -71.47
N SER K 17 1.69 48.08 -71.28
CA SER K 17 1.00 48.23 -69.99
C SER K 17 -0.46 47.85 -70.17
N VAL K 18 -0.88 46.79 -69.49
CA VAL K 18 -2.27 46.33 -69.54
C VAL K 18 -3.03 46.96 -68.38
N LYS K 19 -4.26 47.37 -68.65
CA LYS K 19 -5.10 48.06 -67.67
C LYS K 19 -6.50 47.44 -67.69
N VAL K 20 -6.82 46.66 -66.67
CA VAL K 20 -8.15 46.08 -66.51
C VAL K 20 -8.75 46.63 -65.22
N SER K 21 -10.04 46.34 -65.02
CA SER K 21 -10.76 46.86 -63.88
C SER K 21 -11.64 45.76 -63.29
N CYS K 22 -12.20 46.04 -62.11
CA CYS K 22 -13.12 45.14 -61.43
C CYS K 22 -14.33 45.94 -60.97
N LYS K 23 -15.49 45.61 -61.52
CA LYS K 23 -16.73 46.32 -61.21
C LYS K 23 -17.55 45.55 -60.19
N ALA K 24 -18.22 46.29 -59.32
CA ALA K 24 -19.07 45.73 -58.27
C ALA K 24 -20.50 46.20 -58.46
N SER K 25 -21.45 45.27 -58.34
CA SER K 25 -22.87 45.57 -58.49
C SER K 25 -23.49 45.70 -57.10
N GLY K 26 -23.86 46.91 -56.73
CA GLY K 26 -24.47 47.18 -55.45
C GLY K 26 -23.46 47.75 -54.46
N GLY K 27 -23.41 47.17 -53.25
CA GLY K 27 -22.53 47.61 -52.21
C GLY K 27 -21.67 46.46 -51.69
N THR K 28 -21.41 46.51 -50.38
CA THR K 28 -20.56 45.53 -49.69
C THR K 28 -19.24 45.32 -50.42
N PHE K 29 -18.61 46.44 -50.79
CA PHE K 29 -17.31 46.42 -51.45
C PHE K 29 -16.24 47.20 -50.72
N SER K 30 -16.60 48.30 -50.05
CA SER K 30 -15.65 49.13 -49.32
C SER K 30 -15.51 48.72 -47.86
N SER K 31 -15.90 47.50 -47.52
CA SER K 31 -15.80 47.00 -46.15
C SER K 31 -15.02 45.70 -46.02
N TYR K 32 -14.70 45.04 -47.13
CA TYR K 32 -13.94 43.80 -47.11
C TYR K 32 -12.80 43.87 -48.11
N ALA K 33 -11.77 43.05 -47.86
CA ALA K 33 -10.59 43.07 -48.71
C ALA K 33 -10.88 42.43 -50.07
N ILE K 34 -10.20 42.94 -51.09
CA ILE K 34 -10.33 42.45 -52.46
C ILE K 34 -8.96 42.00 -52.93
N SER K 35 -8.86 40.76 -53.38
CA SER K 35 -7.62 40.18 -53.86
C SER K 35 -7.73 39.87 -55.36
N TRP K 36 -6.65 39.31 -55.90
CA TRP K 36 -6.59 38.95 -57.32
C TRP K 36 -5.95 37.57 -57.42
N VAL K 37 -6.72 36.58 -57.85
CA VAL K 37 -6.25 35.21 -58.00
C VAL K 37 -6.18 34.89 -59.49
N ARG K 38 -5.05 34.38 -59.94
CA ARG K 38 -4.84 34.03 -61.34
C ARG K 38 -4.88 32.52 -61.51
N GLN K 39 -5.05 32.09 -62.76
CA GLN K 39 -5.14 30.67 -63.09
C GLN K 39 -4.63 30.48 -64.52
N ALA K 40 -3.62 29.62 -64.67
CA ALA K 40 -3.04 29.34 -65.97
C ALA K 40 -3.15 27.87 -66.30
N PRO K 41 -3.46 27.52 -67.55
CA PRO K 41 -3.57 26.11 -67.94
C PRO K 41 -2.19 25.47 -67.99
N GLY K 42 -1.98 24.45 -67.15
CA GLY K 42 -0.71 23.76 -67.09
C GLY K 42 -0.13 23.71 -65.69
N GLN K 43 -0.42 24.73 -64.88
CA GLN K 43 0.08 24.78 -63.52
C GLN K 43 -1.05 25.08 -62.55
N GLY K 44 -0.71 25.31 -61.27
CA GLY K 44 -1.71 25.60 -60.26
C GLY K 44 -2.16 27.04 -60.29
N LEU K 45 -2.85 27.43 -59.23
CA LEU K 45 -3.38 28.78 -59.08
C LEU K 45 -2.47 29.58 -58.16
N GLU K 46 -2.04 30.76 -58.61
CA GLU K 46 -1.19 31.64 -57.84
C GLU K 46 -2.01 32.79 -57.25
N TRP K 47 -1.38 33.50 -56.31
CA TRP K 47 -2.02 34.61 -55.62
C TRP K 47 -1.04 35.78 -55.59
N MET K 48 -1.43 36.90 -56.21
CA MET K 48 -0.56 38.07 -56.27
C MET K 48 -0.60 38.87 -54.99
N GLY K 49 -1.77 39.39 -54.63
CA GLY K 49 -1.89 40.17 -53.42
C GLY K 49 -3.33 40.54 -53.15
N GLY K 50 -3.55 41.11 -51.98
CA GLY K 50 -4.87 41.55 -51.58
C GLY K 50 -4.85 43.01 -51.15
N ILE K 51 -5.88 43.74 -51.56
CA ILE K 51 -5.97 45.19 -51.32
C ILE K 51 -7.20 45.46 -50.48
N ILE K 52 -7.02 46.25 -49.43
CA ILE K 52 -8.12 46.71 -48.57
C ILE K 52 -8.57 48.09 -49.07
N PRO K 53 -9.87 48.29 -49.33
CA PRO K 53 -10.29 49.53 -49.99
C PRO K 53 -10.62 50.67 -49.03
N ILE K 54 -10.87 50.36 -47.76
CA ILE K 54 -11.32 51.40 -46.84
C ILE K 54 -10.13 52.25 -46.36
N LEU K 55 -8.96 51.64 -46.18
CA LEU K 55 -7.79 52.36 -45.73
C LEU K 55 -6.68 52.44 -46.78
N GLY K 56 -6.64 51.50 -47.72
CA GLY K 56 -5.69 51.57 -48.82
C GLY K 56 -4.27 51.14 -48.46
N ILE K 57 -4.11 49.88 -48.09
CA ILE K 57 -2.79 49.29 -47.84
C ILE K 57 -2.58 48.14 -48.81
N ALA K 58 -1.50 48.21 -49.57
CA ALA K 58 -1.16 47.16 -50.52
C ALA K 58 -0.40 46.05 -49.81
N ASN K 59 -0.83 44.81 -50.00
CA ASN K 59 -0.23 43.64 -49.36
C ASN K 59 -0.01 42.58 -50.45
N TYR K 60 1.19 42.56 -51.01
CA TYR K 60 1.56 41.59 -52.03
C TYR K 60 2.29 40.42 -51.39
N ALA K 61 2.84 39.54 -52.22
CA ALA K 61 3.60 38.39 -51.76
C ALA K 61 5.07 38.56 -52.10
N GLN K 62 5.89 37.69 -51.53
CA GLN K 62 7.33 37.74 -51.77
C GLN K 62 7.75 37.07 -53.08
N LYS K 63 6.86 36.30 -53.71
CA LYS K 63 7.17 35.68 -54.98
C LYS K 63 6.97 36.62 -56.17
N PHE K 64 6.17 37.67 -56.00
CA PHE K 64 5.95 38.67 -57.03
C PHE K 64 6.71 39.93 -56.66
N GLN K 65 7.52 40.42 -57.60
CA GLN K 65 8.34 41.61 -57.36
C GLN K 65 7.52 42.86 -57.64
N GLY K 66 8.17 44.02 -57.61
CA GLY K 66 7.49 45.28 -57.81
C GLY K 66 7.26 45.62 -59.26
N ARG K 67 6.33 44.90 -59.90
CA ARG K 67 5.99 45.15 -61.29
C ARG K 67 4.50 45.31 -61.54
N VAL K 68 3.65 45.05 -60.55
CA VAL K 68 2.21 45.18 -60.69
C VAL K 68 1.68 46.01 -59.52
N THR K 69 0.75 46.91 -59.81
CA THR K 69 0.12 47.76 -58.80
C THR K 69 -1.38 47.69 -58.94
N ILE K 70 -2.07 47.69 -57.81
CA ILE K 70 -3.53 47.61 -57.76
C ILE K 70 -4.04 48.85 -57.02
N THR K 71 -4.87 49.65 -57.69
CA THR K 71 -5.44 50.85 -57.11
C THR K 71 -6.96 50.71 -57.08
N ALA K 72 -7.56 51.06 -55.93
CA ALA K 72 -8.99 50.99 -55.74
C ALA K 72 -9.56 52.38 -55.48
N ASP K 73 -10.85 52.52 -55.71
CA ASP K 73 -11.56 53.77 -55.52
C ASP K 73 -12.82 53.54 -54.71
N LYS K 74 -13.05 54.40 -53.72
CA LYS K 74 -14.22 54.29 -52.85
C LYS K 74 -15.40 55.13 -53.32
N SER K 75 -15.20 55.99 -54.32
CA SER K 75 -16.30 56.82 -54.80
C SER K 75 -17.25 56.04 -55.70
N THR K 76 -16.72 55.20 -56.57
CA THR K 76 -17.54 54.42 -57.50
C THR K 76 -17.44 52.91 -57.28
N SER K 77 -16.68 52.48 -56.27
CA SER K 77 -16.55 51.05 -55.93
C SER K 77 -16.00 50.25 -57.12
N THR K 78 -14.82 50.66 -57.59
CA THR K 78 -14.18 50.02 -58.73
C THR K 78 -12.68 49.92 -58.47
N ALA K 79 -12.14 48.71 -58.54
CA ALA K 79 -10.72 48.47 -58.37
C ALA K 79 -10.06 48.32 -59.73
N TYR K 80 -8.88 48.92 -59.87
CA TYR K 80 -8.13 48.91 -61.13
C TYR K 80 -6.85 48.11 -60.98
N MET K 81 -6.51 47.35 -62.02
CA MET K 81 -5.30 46.53 -62.04
C MET K 81 -4.42 46.99 -63.19
N GLU K 82 -3.17 47.31 -62.88
CA GLU K 82 -2.20 47.77 -63.88
C GLU K 82 -0.94 46.93 -63.77
N LEU K 83 -0.51 46.36 -64.90
CA LEU K 83 0.69 45.55 -64.96
C LEU K 83 1.49 45.93 -66.20
N SER K 84 2.81 45.91 -66.07
CA SER K 84 3.71 46.28 -67.15
C SER K 84 4.75 45.19 -67.34
N SER K 85 5.52 45.31 -68.44
CA SER K 85 6.58 44.38 -68.80
C SER K 85 6.06 42.93 -68.82
N LEU K 86 5.11 42.71 -69.73
CA LEU K 86 4.52 41.39 -69.89
C LEU K 86 5.55 40.42 -70.47
N ARG K 87 5.45 39.16 -70.04
CA ARG K 87 6.35 38.10 -70.48
C ARG K 87 5.55 37.04 -71.25
N SER K 88 6.25 35.99 -71.67
CA SER K 88 5.62 34.93 -72.44
C SER K 88 4.81 33.96 -71.59
N GLU K 89 5.03 33.95 -70.28
CA GLU K 89 4.31 33.05 -69.37
C GLU K 89 3.19 33.76 -68.63
N ASP K 90 2.71 34.89 -69.15
CA ASP K 90 1.64 35.65 -68.52
C ASP K 90 0.28 35.40 -69.16
N THR K 91 0.19 34.42 -70.05
CA THR K 91 -1.07 34.08 -70.71
C THR K 91 -1.94 33.29 -69.73
N ALA K 92 -2.73 34.02 -68.95
CA ALA K 92 -3.61 33.41 -67.96
C ALA K 92 -4.86 34.27 -67.82
N VAL K 93 -5.68 33.95 -66.83
CA VAL K 93 -6.91 34.68 -66.55
C VAL K 93 -6.93 35.05 -65.08
N TYR K 94 -7.35 36.29 -64.80
CA TYR K 94 -7.39 36.82 -63.44
C TYR K 94 -8.84 36.86 -62.94
N TYR K 95 -8.98 36.79 -61.62
CA TYR K 95 -10.29 36.80 -60.98
C TYR K 95 -10.31 37.82 -59.85
N CYS K 96 -11.47 38.42 -59.64
CA CYS K 96 -11.68 39.42 -58.61
C CYS K 96 -12.33 38.73 -57.41
N ALA K 97 -11.53 38.45 -56.38
CA ALA K 97 -11.98 37.70 -55.22
C ALA K 97 -12.34 38.65 -54.07
N ARG K 98 -12.79 38.06 -52.97
CA ARG K 98 -13.19 38.82 -51.79
C ARG K 98 -12.83 38.02 -50.55
N GLU K 99 -12.37 38.72 -49.51
CA GLU K 99 -11.99 38.10 -48.25
C GLU K 99 -13.08 38.34 -47.21
N ASN K 100 -13.46 37.27 -46.51
CA ASN K 100 -14.46 37.33 -45.44
C ASN K 100 -13.84 36.70 -44.19
N GLY K 101 -13.27 37.53 -43.33
CA GLY K 101 -12.60 37.02 -42.15
C GLY K 101 -13.58 36.51 -41.10
N TYR K 102 -13.05 35.68 -40.20
CA TYR K 102 -13.83 35.10 -39.13
C TYR K 102 -12.90 34.85 -37.94
N SER K 103 -13.41 34.18 -36.92
CA SER K 103 -12.64 33.87 -35.71
C SER K 103 -12.48 32.36 -35.59
N GLY K 104 -11.40 31.95 -34.96
CA GLY K 104 -11.10 30.55 -34.77
C GLY K 104 -9.61 30.32 -34.63
N TYR K 105 -9.25 29.06 -34.44
CA TYR K 105 -7.84 28.71 -34.26
C TYR K 105 -7.09 28.75 -35.59
N GLY K 106 -7.78 28.51 -36.71
CA GLY K 106 -7.13 28.54 -38.01
C GLY K 106 -6.90 29.94 -38.53
N ALA K 107 -7.99 30.69 -38.73
CA ALA K 107 -7.94 32.07 -39.22
C ALA K 107 -7.18 32.16 -40.55
N ALA K 108 -7.73 31.48 -41.55
CA ALA K 108 -7.17 31.46 -42.89
C ALA K 108 -8.04 32.29 -43.83
N ALA K 109 -7.40 32.87 -44.84
CA ALA K 109 -8.10 33.71 -45.80
C ALA K 109 -8.87 32.83 -46.78
N ASN K 110 -10.18 33.01 -46.84
CA ASN K 110 -11.05 32.27 -47.73
C ASN K 110 -11.68 33.21 -48.75
N PHE K 111 -11.98 32.66 -49.93
CA PHE K 111 -12.58 33.43 -51.03
C PHE K 111 -13.98 32.89 -51.28
N ASP K 112 -14.96 33.53 -50.64
CA ASP K 112 -16.36 33.12 -50.81
C ASP K 112 -16.98 33.73 -52.06
N LEU K 113 -16.55 34.92 -52.45
CA LEU K 113 -17.08 35.62 -53.62
C LEU K 113 -15.98 35.76 -54.66
N TRP K 114 -16.30 35.43 -55.91
CA TRP K 114 -15.37 35.51 -57.01
C TRP K 114 -15.95 36.39 -58.12
N GLY K 115 -15.13 36.62 -59.14
CA GLY K 115 -15.52 37.42 -60.27
C GLY K 115 -15.80 36.60 -61.52
N ARG K 116 -15.92 37.31 -62.65
CA ARG K 116 -16.19 36.65 -63.92
C ARG K 116 -14.91 36.08 -64.53
N GLY K 117 -13.93 36.94 -64.79
CA GLY K 117 -12.67 36.50 -65.36
C GLY K 117 -12.24 37.32 -66.56
N THR K 118 -11.01 37.81 -66.53
CA THR K 118 -10.44 38.60 -67.62
C THR K 118 -9.27 37.83 -68.23
N LEU K 119 -9.51 37.26 -69.41
CA LEU K 119 -8.48 36.49 -70.10
C LEU K 119 -7.53 37.45 -70.81
N VAL K 120 -6.30 37.55 -70.29
CA VAL K 120 -5.28 38.44 -70.84
C VAL K 120 -4.20 37.58 -71.47
N THR K 121 -4.11 37.61 -72.79
CA THR K 121 -3.09 36.89 -73.54
C THR K 121 -2.13 37.87 -74.19
N VAL K 122 -0.87 37.44 -74.35
CA VAL K 122 0.16 38.26 -74.96
C VAL K 122 1.14 37.36 -75.68
N SER K 123 1.48 37.72 -76.91
CA SER K 123 2.42 36.97 -77.74
C SER K 123 2.83 37.86 -78.91
N SER K 124 3.53 37.26 -79.87
CA SER K 124 3.91 37.97 -81.10
C SER K 124 2.79 37.84 -82.12
N ALA K 125 3.07 38.24 -83.37
CA ALA K 125 2.11 38.17 -84.47
C ALA K 125 0.83 38.95 -84.12
N SER K 126 1.02 40.26 -84.00
CA SER K 126 -0.02 41.15 -83.51
C SER K 126 -1.10 41.33 -84.59
N THR K 127 -2.02 42.25 -84.35
CA THR K 127 -3.19 42.41 -85.21
C THR K 127 -2.79 42.93 -86.58
N LYS K 128 -3.29 42.27 -87.62
CA LYS K 128 -3.07 42.68 -89.00
C LYS K 128 -4.34 42.42 -89.79
N GLY K 129 -4.28 42.63 -91.11
CA GLY K 129 -5.42 42.41 -91.97
C GLY K 129 -5.64 40.95 -92.26
N PRO K 130 -6.88 40.49 -92.04
CA PRO K 130 -7.19 39.08 -92.30
C PRO K 130 -7.35 38.80 -93.78
N SER K 131 -7.05 37.56 -94.16
CA SER K 131 -7.15 37.11 -95.55
C SER K 131 -8.16 35.98 -95.62
N VAL K 132 -9.14 36.13 -96.50
CA VAL K 132 -10.21 35.15 -96.70
C VAL K 132 -9.99 34.46 -98.02
N PHE K 133 -10.03 33.13 -98.02
CA PHE K 133 -9.81 32.33 -99.22
C PHE K 133 -10.97 31.38 -99.41
N PRO K 134 -11.71 31.45 -100.51
CA PRO K 134 -12.85 30.55 -100.73
C PRO K 134 -12.39 29.16 -101.14
N LEU K 135 -13.37 28.25 -101.17
CA LEU K 135 -13.12 26.85 -101.49
C LEU K 135 -14.23 26.33 -102.39
N ALA K 136 -13.84 25.66 -103.48
CA ALA K 136 -14.80 25.18 -104.45
C ALA K 136 -14.70 23.67 -104.63
N PRO K 137 -15.82 22.97 -104.74
CA PRO K 137 -15.78 21.52 -104.95
C PRO K 137 -15.45 21.16 -106.40
N SER K 138 -14.88 19.98 -106.56
CA SER K 138 -14.48 19.46 -107.86
C SER K 138 -15.36 18.30 -108.28
N SER K 139 -15.18 17.86 -109.53
CA SER K 139 -15.98 16.77 -110.08
C SER K 139 -15.55 15.41 -109.57
N LYS K 140 -14.30 15.26 -109.12
CA LYS K 140 -13.84 13.99 -108.59
C LYS K 140 -14.16 13.82 -107.11
N SER K 141 -14.20 14.92 -106.35
CA SER K 141 -14.49 14.85 -104.93
C SER K 141 -15.99 14.80 -104.63
N THR K 142 -16.85 14.97 -105.64
CA THR K 142 -18.29 14.93 -105.46
C THR K 142 -18.84 13.76 -106.27
N SER K 143 -19.03 12.62 -105.61
CA SER K 143 -19.56 11.42 -106.26
C SER K 143 -21.06 11.26 -106.07
N GLY K 144 -21.65 11.86 -105.03
CA GLY K 144 -23.06 11.77 -104.78
C GLY K 144 -23.78 13.09 -105.05
N GLY K 145 -24.91 13.25 -104.37
CA GLY K 145 -25.71 14.46 -104.53
C GLY K 145 -25.46 15.49 -103.45
N THR K 146 -24.29 15.41 -102.82
CA THR K 146 -23.92 16.36 -101.77
C THR K 146 -22.47 16.78 -101.95
N ALA K 147 -22.24 18.10 -101.96
CA ALA K 147 -20.90 18.65 -102.10
C ALA K 147 -20.57 19.52 -100.89
N ALA K 148 -19.29 19.54 -100.54
CA ALA K 148 -18.80 20.29 -99.39
C ALA K 148 -17.91 21.43 -99.88
N LEU K 149 -18.18 22.63 -99.39
CA LEU K 149 -17.39 23.80 -99.74
C LEU K 149 -17.56 24.85 -98.65
N GLY K 150 -16.61 25.79 -98.61
CA GLY K 150 -16.64 26.84 -97.62
C GLY K 150 -15.60 27.92 -97.85
N CYS K 151 -15.17 28.57 -96.77
CA CYS K 151 -14.19 29.64 -96.84
CA CYS K 151 -14.19 29.65 -96.84
C CYS K 151 -13.10 29.40 -95.80
N LEU K 152 -11.88 29.79 -96.15
CA LEU K 152 -10.72 29.62 -95.27
C LEU K 152 -10.22 31.00 -94.84
N VAL K 153 -10.08 31.17 -93.53
CA VAL K 153 -9.62 32.43 -92.95
C VAL K 153 -8.18 32.24 -92.48
N LYS K 154 -7.27 33.04 -93.04
CA LYS K 154 -5.86 32.96 -92.73
C LYS K 154 -5.32 34.35 -92.40
N ASP K 155 -4.25 34.36 -91.60
CA ASP K 155 -3.52 35.59 -91.26
C ASP K 155 -4.42 36.60 -90.55
N TYR K 156 -5.06 36.15 -89.47
CA TYR K 156 -5.95 36.99 -88.69
C TYR K 156 -5.52 36.97 -87.22
N PHE K 157 -5.78 38.10 -86.54
CA PHE K 157 -5.43 38.29 -85.14
C PHE K 157 -6.15 39.52 -84.63
N PRO K 158 -6.70 39.50 -83.41
CA PRO K 158 -6.74 38.36 -82.49
C PRO K 158 -8.09 37.66 -82.45
N GLU K 159 -8.25 36.72 -81.52
CA GLU K 159 -9.50 36.01 -81.29
C GLU K 159 -10.50 36.92 -80.56
N PRO K 160 -11.81 36.67 -80.75
CA PRO K 160 -12.42 35.70 -81.64
C PRO K 160 -12.95 36.31 -82.94
N VAL K 161 -13.22 35.47 -83.93
CA VAL K 161 -13.77 35.89 -85.22
C VAL K 161 -14.92 34.97 -85.57
N THR K 162 -16.10 35.55 -85.77
CA THR K 162 -17.28 34.78 -86.13
C THR K 162 -17.39 34.64 -87.65
N VAL K 163 -18.07 33.58 -88.08
CA VAL K 163 -18.28 33.29 -89.49
C VAL K 163 -19.78 33.12 -89.73
N SER K 164 -20.34 33.94 -90.61
CA SER K 164 -21.75 33.89 -90.95
C SER K 164 -21.94 33.49 -92.40
N TRP K 165 -23.10 32.91 -92.70
CA TRP K 165 -23.44 32.47 -94.05
C TRP K 165 -24.74 33.14 -94.45
N ASN K 166 -24.67 34.01 -95.46
CA ASN K 166 -25.83 34.75 -95.97
C ASN K 166 -26.51 35.54 -94.86
N SER K 167 -25.68 36.22 -94.05
CA SER K 167 -26.16 37.07 -92.96
C SER K 167 -27.00 36.28 -91.96
N GLY K 168 -26.62 35.03 -91.72
CA GLY K 168 -27.32 34.21 -90.75
C GLY K 168 -28.57 33.54 -91.28
N ALA K 169 -28.65 33.29 -92.58
CA ALA K 169 -29.81 32.63 -93.17
C ALA K 169 -29.63 31.12 -93.29
N LEU K 170 -28.39 30.64 -93.36
CA LEU K 170 -28.08 29.22 -93.48
C LEU K 170 -27.66 28.72 -92.10
N THR K 171 -28.52 27.91 -91.49
CA THR K 171 -28.25 27.34 -90.18
C THR K 171 -28.06 25.83 -90.20
N SER K 172 -28.48 25.16 -91.27
CA SER K 172 -28.45 23.70 -91.35
C SER K 172 -27.15 23.25 -92.01
N GLY K 173 -26.36 22.47 -91.28
CA GLY K 173 -25.12 21.93 -91.80
C GLY K 173 -23.90 22.81 -91.66
N VAL K 174 -23.98 23.88 -90.88
CA VAL K 174 -22.86 24.80 -90.71
C VAL K 174 -22.05 24.37 -89.48
N HIS K 175 -20.73 24.46 -89.60
CA HIS K 175 -19.83 24.09 -88.51
C HIS K 175 -18.65 25.06 -88.49
N THR K 176 -18.27 25.49 -87.30
CA THR K 176 -17.16 26.42 -87.10
C THR K 176 -16.03 25.68 -86.41
N PHE K 177 -14.88 25.57 -87.09
CA PHE K 177 -13.73 24.88 -86.55
C PHE K 177 -12.95 25.80 -85.62
N PRO K 178 -12.35 25.25 -84.56
CA PRO K 178 -11.57 26.08 -83.64
C PRO K 178 -10.24 26.52 -84.22
N ALA K 179 -9.50 27.36 -83.49
CA ALA K 179 -8.22 27.86 -83.94
C ALA K 179 -7.09 26.92 -83.48
N VAL K 180 -5.86 27.26 -83.86
CA VAL K 180 -4.69 26.46 -83.49
C VAL K 180 -3.48 27.39 -83.43
N LEU K 181 -2.60 27.13 -82.47
CA LEU K 181 -1.36 27.89 -82.34
C LEU K 181 -0.38 27.51 -83.44
N GLN K 182 0.22 28.52 -84.05
CA GLN K 182 1.23 28.34 -85.08
C GLN K 182 2.62 28.58 -84.49
N SER K 183 3.65 28.14 -85.21
CA SER K 183 5.02 28.36 -84.78
C SER K 183 5.38 29.85 -84.73
N SER K 184 4.71 30.68 -85.52
CA SER K 184 4.89 32.12 -85.48
C SER K 184 3.94 32.81 -84.50
N GLY K 185 3.08 32.06 -83.83
CA GLY K 185 2.14 32.64 -82.89
C GLY K 185 0.88 33.19 -83.53
N LEU K 186 0.29 32.45 -84.47
CA LEU K 186 -0.90 32.89 -85.18
C LEU K 186 -1.95 31.79 -85.17
N TYR K 187 -3.19 32.17 -85.47
CA TYR K 187 -4.31 31.26 -85.44
C TYR K 187 -4.89 31.10 -86.84
N SER K 188 -5.70 30.04 -87.00
CA SER K 188 -6.35 29.76 -88.27
C SER K 188 -7.53 28.84 -88.02
N LEU K 189 -8.66 29.14 -88.65
CA LEU K 189 -9.87 28.34 -88.52
C LEU K 189 -10.49 28.14 -89.90
N SER K 190 -11.50 27.27 -89.95
CA SER K 190 -12.18 26.95 -91.20
C SER K 190 -13.66 26.75 -90.94
N SER K 191 -14.44 26.73 -92.02
CA SER K 191 -15.89 26.50 -91.94
C SER K 191 -16.34 25.91 -93.27
N VAL K 192 -17.15 24.86 -93.19
CA VAL K 192 -17.63 24.16 -94.38
C VAL K 192 -19.07 23.73 -94.16
N VAL K 193 -19.90 23.89 -95.20
CA VAL K 193 -21.29 23.49 -95.19
C VAL K 193 -21.54 22.54 -96.35
N THR K 194 -22.31 21.48 -96.10
CA THR K 194 -22.71 20.55 -97.15
C THR K 194 -24.05 20.98 -97.74
N VAL K 195 -24.07 21.22 -99.04
CA VAL K 195 -25.30 21.61 -99.74
C VAL K 195 -25.52 20.65 -100.90
N PRO K 196 -26.76 20.40 -101.30
CA PRO K 196 -27.00 19.53 -102.46
C PRO K 196 -26.47 20.16 -103.74
N SER K 197 -26.15 19.30 -104.70
CA SER K 197 -25.51 19.73 -105.93
C SER K 197 -26.45 20.48 -106.88
N SER K 198 -27.77 20.39 -106.66
CA SER K 198 -28.70 21.08 -107.52
C SER K 198 -28.74 22.59 -107.28
N SER K 199 -28.25 23.05 -106.12
CA SER K 199 -28.30 24.45 -105.75
C SER K 199 -26.95 25.15 -105.88
N LEU K 200 -26.00 24.56 -106.61
CA LEU K 200 -24.71 25.23 -106.81
C LEU K 200 -24.77 26.26 -107.93
N GLY K 201 -25.56 26.00 -108.96
CA GLY K 201 -25.65 26.89 -110.10
C GLY K 201 -26.80 27.87 -110.07
N THR K 202 -27.60 27.89 -109.01
CA THR K 202 -28.72 28.81 -108.90
C THR K 202 -28.62 29.74 -107.70
N GLN K 203 -28.19 29.23 -106.54
CA GLN K 203 -28.08 30.02 -105.33
C GLN K 203 -26.60 30.23 -105.00
N THR K 204 -26.21 31.48 -104.78
CA THR K 204 -24.83 31.82 -104.51
C THR K 204 -24.58 31.87 -103.00
N TYR K 205 -23.35 31.54 -102.60
CA TYR K 205 -22.93 31.56 -101.22
C TYR K 205 -21.85 32.61 -101.03
N ILE K 206 -21.79 33.16 -99.81
CA ILE K 206 -20.84 34.22 -99.47
C ILE K 206 -20.54 34.16 -97.99
N CYS K 207 -19.26 34.25 -97.64
CA CYS K 207 -18.82 34.23 -96.25
CA CYS K 207 -18.82 34.23 -96.25
C CYS K 207 -18.63 35.66 -95.76
N ASN K 208 -19.19 35.96 -94.59
CA ASN K 208 -19.11 37.29 -93.98
C ASN K 208 -18.21 37.17 -92.75
N VAL K 209 -16.97 37.66 -92.88
CA VAL K 209 -15.98 37.58 -91.81
C VAL K 209 -16.03 38.89 -91.03
N ASN K 210 -16.41 38.81 -89.76
CA ASN K 210 -16.49 39.97 -88.89
C ASN K 210 -15.41 39.91 -87.81
N HIS K 211 -14.79 41.05 -87.55
CA HIS K 211 -13.73 41.15 -86.54
C HIS K 211 -13.95 42.44 -85.76
N LYS K 212 -14.34 42.30 -84.50
CA LYS K 212 -14.69 43.47 -83.69
C LYS K 212 -13.49 44.24 -83.11
N PRO K 213 -12.38 43.60 -82.70
CA PRO K 213 -11.25 44.40 -82.22
C PRO K 213 -10.49 45.11 -83.32
N SER K 214 -10.53 44.60 -84.56
CA SER K 214 -9.80 45.19 -85.67
C SER K 214 -10.67 46.04 -86.57
N ASN K 215 -12.00 45.97 -86.44
CA ASN K 215 -12.94 46.75 -87.23
C ASN K 215 -12.71 46.51 -88.72
N THR K 216 -12.65 45.23 -89.10
CA THR K 216 -12.54 44.83 -90.49
C THR K 216 -13.66 43.83 -90.79
N LYS K 217 -14.49 44.17 -91.78
CA LYS K 217 -15.61 43.32 -92.20
C LYS K 217 -15.47 43.11 -93.71
N VAL K 218 -14.86 41.99 -94.10
CA VAL K 218 -14.57 41.68 -95.50
C VAL K 218 -15.40 40.47 -95.90
N ASP K 219 -16.26 40.66 -96.90
CA ASP K 219 -17.07 39.58 -97.45
C ASP K 219 -16.49 39.14 -98.79
N LYS K 220 -16.55 37.84 -99.05
CA LYS K 220 -15.98 37.26 -100.25
C LYS K 220 -16.91 36.19 -100.80
N LYS K 221 -17.11 36.20 -102.12
CA LYS K 221 -17.98 35.26 -102.78
C LYS K 221 -17.19 34.02 -103.21
N VAL K 222 -17.93 32.94 -103.49
CA VAL K 222 -17.34 31.68 -103.90
C VAL K 222 -17.86 31.33 -105.30
N GLU K 223 -16.98 30.74 -106.10
CA GLU K 223 -17.33 30.32 -107.46
C GLU K 223 -16.79 28.91 -107.70
N PRO K 224 -17.55 28.06 -108.37
CA PRO K 224 -17.07 26.70 -108.65
C PRO K 224 -15.96 26.70 -109.69
N LYS K 225 -15.18 25.63 -109.67
CA LYS K 225 -14.07 25.48 -110.60
C LYS K 225 -14.58 25.11 -111.99
N SER K 226 -13.85 25.56 -113.00
CA SER K 226 -14.23 25.31 -114.40
C SER K 226 -13.49 24.16 -115.04
N CYS K 227 -12.30 23.82 -114.56
CA CYS K 227 -11.51 22.74 -115.16
C CYS K 227 -11.81 21.39 -114.52
N ASP K 228 -12.02 21.35 -113.21
CA ASP K 228 -12.35 20.09 -112.53
C ASP K 228 -13.58 20.26 -111.64
N SER L 2 3.82 24.09 -55.82
CA SER L 2 5.05 24.46 -55.14
C SER L 2 5.22 23.65 -53.86
N VAL L 3 4.77 24.21 -52.73
CA VAL L 3 4.89 23.51 -51.45
C VAL L 3 3.78 22.51 -51.23
N LEU L 4 2.70 22.59 -52.01
CA LEU L 4 1.57 21.68 -51.89
C LEU L 4 1.51 20.79 -53.12
N THR L 5 1.53 19.47 -52.89
CA THR L 5 1.46 18.50 -53.96
C THR L 5 0.12 17.76 -53.92
N GLN L 6 -0.30 17.27 -55.08
CA GLN L 6 -1.57 16.59 -55.23
C GLN L 6 -1.43 15.49 -56.26
N PRO L 7 -2.22 14.41 -56.16
CA PRO L 7 -2.16 13.37 -57.17
C PRO L 7 -2.69 13.88 -58.50
N PRO L 8 -2.18 13.38 -59.63
CA PRO L 8 -2.61 13.91 -60.93
C PRO L 8 -4.00 13.42 -61.33
N SER L 9 -4.37 12.22 -60.91
CA SER L 9 -5.66 11.64 -61.29
C SER L 9 -6.07 10.60 -60.26
N VAL L 10 -7.39 10.40 -60.14
CA VAL L 10 -7.97 9.43 -59.22
C VAL L 10 -9.15 8.76 -59.90
N SER L 11 -9.29 7.46 -59.69
CA SER L 11 -10.37 6.68 -60.27
C SER L 11 -11.46 6.41 -59.23
N GLY L 12 -12.70 6.30 -59.71
CA GLY L 12 -13.82 6.02 -58.83
C GLY L 12 -14.97 5.41 -59.58
N ALA L 13 -15.95 4.94 -58.82
CA ALA L 13 -17.15 4.33 -59.37
C ALA L 13 -18.38 5.12 -58.96
N PRO L 14 -19.39 5.20 -59.83
CA PRO L 14 -20.60 5.98 -59.50
C PRO L 14 -21.48 5.30 -58.47
N GLY L 15 -21.19 5.50 -57.19
CA GLY L 15 -21.99 4.93 -56.13
C GLY L 15 -21.23 4.53 -54.89
N GLN L 16 -19.90 4.57 -54.96
CA GLN L 16 -19.05 4.29 -53.81
C GLN L 16 -18.42 5.58 -53.30
N ARG L 17 -17.63 5.46 -52.24
CA ARG L 17 -17.01 6.62 -51.60
C ARG L 17 -15.65 6.90 -52.24
N VAL L 18 -15.45 8.14 -52.65
CA VAL L 18 -14.20 8.57 -53.28
C VAL L 18 -13.55 9.60 -52.35
N THR L 19 -12.33 9.30 -51.92
CA THR L 19 -11.60 10.15 -51.00
C THR L 19 -10.35 10.69 -51.68
N ILE L 20 -9.93 11.89 -51.25
CA ILE L 20 -8.74 12.54 -51.77
C ILE L 20 -7.90 13.03 -50.60
N SER L 21 -6.59 13.11 -50.82
CA SER L 21 -5.64 13.45 -49.78
C SER L 21 -4.81 14.65 -50.21
N CYS L 22 -4.49 15.49 -49.23
CA CYS L 22 -3.77 16.72 -49.47
C CYS L 22 -2.59 16.79 -48.50
N THR L 23 -1.37 16.82 -49.05
CA THR L 23 -0.15 16.79 -48.26
C THR L 23 0.66 18.05 -48.52
N GLY L 24 1.19 18.65 -47.45
CA GLY L 24 2.02 19.82 -47.58
C GLY L 24 3.22 19.79 -46.65
N SER L 25 3.42 20.87 -45.89
CA SER L 25 4.49 20.96 -44.93
C SER L 25 3.90 21.18 -43.53
N SER L 26 4.77 21.39 -42.55
CA SER L 26 4.37 21.60 -41.17
C SER L 26 4.26 23.07 -40.80
N SER L 27 4.25 23.97 -41.79
CA SER L 27 4.16 25.40 -41.54
C SER L 27 2.95 26.07 -42.18
N ASN L 28 2.26 25.40 -43.09
CA ASN L 28 1.10 25.96 -43.78
C ASN L 28 -0.20 25.23 -43.47
N ILE L 29 -0.17 23.89 -43.47
CA ILE L 29 -1.34 23.09 -43.17
C ILE L 29 -1.24 22.44 -41.79
N GLY L 30 -0.06 21.96 -41.41
CA GLY L 30 0.14 21.35 -40.11
C GLY L 30 0.38 22.30 -38.97
N ALA L 31 0.55 23.59 -39.25
CA ALA L 31 0.81 24.57 -38.20
C ALA L 31 -0.45 24.89 -37.40
N GLY L 32 -1.62 24.81 -38.03
CA GLY L 32 -2.86 25.11 -37.35
C GLY L 32 -3.84 25.89 -38.20
N TYR L 33 -3.41 26.28 -39.40
CA TYR L 33 -4.27 27.05 -40.29
C TYR L 33 -5.36 26.16 -40.88
N ASP L 34 -6.51 26.77 -41.15
CA ASP L 34 -7.62 26.05 -41.77
C ASP L 34 -7.38 25.88 -43.26
N VAL L 35 -8.00 24.86 -43.84
CA VAL L 35 -7.88 24.55 -45.26
C VAL L 35 -9.18 24.91 -45.96
N HIS L 36 -9.06 25.22 -47.25
CA HIS L 36 -10.21 25.59 -48.07
C HIS L 36 -10.15 24.81 -49.38
N TRP L 37 -11.24 24.15 -49.73
CA TRP L 37 -11.34 23.36 -50.95
C TRP L 37 -12.20 24.09 -51.97
N TYR L 38 -11.75 24.08 -53.22
CA TYR L 38 -12.45 24.74 -54.32
C TYR L 38 -12.64 23.77 -55.47
N GLN L 39 -13.58 24.11 -56.35
CA GLN L 39 -13.89 23.32 -57.53
C GLN L 39 -13.71 24.19 -58.77
N GLN L 40 -12.84 23.74 -59.67
CA GLN L 40 -12.49 24.49 -60.88
C GLN L 40 -13.16 23.83 -62.08
N LEU L 41 -14.34 24.34 -62.43
CA LEU L 41 -15.07 23.83 -63.58
C LEU L 41 -14.54 24.47 -64.85
N PRO L 42 -14.20 23.70 -65.88
CA PRO L 42 -13.66 24.28 -67.12
C PRO L 42 -14.74 24.97 -67.96
N GLY L 43 -15.02 26.23 -67.65
CA GLY L 43 -16.03 26.98 -68.37
C GLY L 43 -16.82 27.94 -67.52
N THR L 44 -16.55 27.97 -66.22
CA THR L 44 -17.18 28.92 -65.32
C THR L 44 -16.20 29.26 -64.21
N ALA L 45 -16.57 30.26 -63.41
CA ALA L 45 -15.70 30.71 -62.32
C ALA L 45 -15.84 29.79 -61.12
N PRO L 46 -14.75 29.54 -60.39
CA PRO L 46 -14.84 28.69 -59.20
C PRO L 46 -15.57 29.40 -58.07
N LYS L 47 -16.24 28.60 -57.25
CA LYS L 47 -17.00 29.10 -56.11
C LYS L 47 -16.47 28.47 -54.82
N LEU L 48 -17.08 28.84 -53.70
CA LEU L 48 -16.70 28.32 -52.40
C LEU L 48 -17.50 27.06 -52.09
N LEU L 49 -16.82 26.02 -51.63
CA LEU L 49 -17.46 24.76 -51.27
C LEU L 49 -17.53 24.55 -49.76
N ILE L 50 -16.41 24.65 -49.06
CA ILE L 50 -16.38 24.45 -47.61
C ILE L 50 -15.18 25.21 -47.05
N TYR L 51 -15.40 25.91 -45.95
CA TYR L 51 -14.37 26.68 -45.27
C TYR L 51 -14.24 26.20 -43.84
N GLY L 52 -13.00 25.99 -43.39
CA GLY L 52 -12.75 25.56 -42.04
C GLY L 52 -13.03 24.10 -41.75
N ASN L 53 -13.55 23.36 -42.72
CA ASN L 53 -13.87 21.94 -42.59
C ASN L 53 -14.87 21.66 -41.45
N SER L 54 -15.60 22.69 -41.01
CA SER L 54 -16.58 22.51 -39.95
C SER L 54 -17.93 23.16 -40.25
N ASN L 55 -18.01 24.15 -41.13
CA ASN L 55 -19.25 24.84 -41.44
C ASN L 55 -19.70 24.50 -42.86
N ARG L 56 -20.95 24.83 -43.16
CA ARG L 56 -21.54 24.58 -44.46
C ARG L 56 -22.09 25.88 -45.04
N PRO L 57 -21.58 26.35 -46.17
CA PRO L 57 -22.12 27.56 -46.78
C PRO L 57 -23.49 27.32 -47.40
N SER L 58 -24.11 28.40 -47.85
CA SER L 58 -25.43 28.32 -48.45
C SER L 58 -25.31 28.00 -49.94
N GLY L 59 -26.06 26.99 -50.38
CA GLY L 59 -26.07 26.58 -51.76
C GLY L 59 -25.23 25.36 -52.09
N VAL L 60 -24.57 24.77 -51.11
CA VAL L 60 -23.73 23.59 -51.33
C VAL L 60 -24.41 22.36 -50.73
N PRO L 61 -24.40 21.22 -51.41
CA PRO L 61 -24.98 20.01 -50.82
C PRO L 61 -24.15 19.52 -49.64
N ASP L 62 -24.76 18.63 -48.87
CA ASP L 62 -24.15 18.09 -47.66
C ASP L 62 -23.35 16.81 -47.94
N ARG L 63 -23.15 16.46 -49.21
CA ARG L 63 -22.41 15.25 -49.54
C ARG L 63 -20.91 15.43 -49.41
N PHE L 64 -20.42 16.67 -49.39
CA PHE L 64 -19.00 16.92 -49.22
C PHE L 64 -18.63 16.90 -47.74
N SER L 65 -17.57 16.18 -47.40
CA SER L 65 -17.10 16.08 -46.03
C SER L 65 -15.61 16.40 -45.99
N GLY L 66 -15.24 17.38 -45.17
CA GLY L 66 -13.85 17.78 -45.03
C GLY L 66 -13.36 17.54 -43.62
N SER L 67 -12.12 17.07 -43.51
CA SER L 67 -11.52 16.79 -42.21
C SER L 67 -10.03 17.05 -42.28
N LYS L 68 -9.44 17.31 -41.12
CA LYS L 68 -8.00 17.57 -40.99
C LYS L 68 -7.44 16.55 -40.00
N SER L 69 -6.68 15.58 -40.52
CA SER L 69 -6.07 14.54 -39.70
C SER L 69 -4.58 14.83 -39.59
N GLY L 70 -4.22 15.64 -38.59
CA GLY L 70 -2.83 16.00 -38.36
C GLY L 70 -2.30 17.03 -39.32
N THR L 71 -1.36 16.63 -40.17
CA THR L 71 -0.72 17.53 -41.12
C THR L 71 -1.33 17.44 -42.51
N SER L 72 -2.33 16.58 -42.70
CA SER L 72 -2.94 16.38 -44.00
C SER L 72 -4.45 16.56 -43.90
N ALA L 73 -5.03 17.11 -44.95
CA ALA L 73 -6.48 17.29 -45.06
C ALA L 73 -7.07 16.27 -46.02
N SER L 74 -8.34 15.94 -45.81
CA SER L 74 -9.01 14.92 -46.61
C SER L 74 -10.38 15.43 -47.02
N LEU L 75 -10.80 15.03 -48.23
CA LEU L 75 -12.12 15.34 -48.75
C LEU L 75 -12.75 14.04 -49.24
N ALA L 76 -13.93 13.72 -48.73
CA ALA L 76 -14.64 12.49 -49.06
C ALA L 76 -16.01 12.83 -49.60
N ILE L 77 -16.41 12.18 -50.69
CA ILE L 77 -17.70 12.38 -51.31
C ILE L 77 -18.42 11.04 -51.40
N THR L 78 -19.75 11.11 -51.53
CA THR L 78 -20.59 9.92 -51.62
C THR L 78 -21.51 10.08 -52.83
N GLY L 79 -21.28 9.26 -53.86
CA GLY L 79 -22.09 9.32 -55.06
C GLY L 79 -21.53 10.25 -56.11
N LEU L 80 -21.36 9.75 -57.33
CA LEU L 80 -20.82 10.53 -58.44
C LEU L 80 -21.96 10.92 -59.36
N GLN L 81 -22.29 12.22 -59.37
CA GLN L 81 -23.36 12.74 -60.20
C GLN L 81 -22.78 13.22 -61.54
N ALA L 82 -23.58 13.95 -62.32
CA ALA L 82 -23.20 14.41 -63.64
C ALA L 82 -22.63 15.82 -63.64
N GLU L 83 -22.03 16.26 -62.53
CA GLU L 83 -21.41 17.58 -62.46
C GLU L 83 -20.04 17.54 -61.80
N ASP L 84 -19.46 16.35 -61.59
CA ASP L 84 -18.17 16.21 -60.94
C ASP L 84 -17.02 16.12 -61.94
N GLU L 85 -17.19 16.72 -63.12
CA GLU L 85 -16.13 16.76 -64.13
C GLU L 85 -15.35 18.06 -64.03
N ALA L 86 -14.68 18.23 -62.87
CA ALA L 86 -13.92 19.43 -62.60
C ALA L 86 -12.67 19.02 -61.82
N ASP L 87 -11.95 20.02 -61.30
CA ASP L 87 -10.71 19.81 -60.57
C ASP L 87 -10.87 20.28 -59.13
N TYR L 88 -10.25 19.56 -58.20
CA TYR L 88 -10.25 19.89 -56.79
C TYR L 88 -8.86 20.34 -56.37
N TYR L 89 -8.78 21.45 -55.64
CA TYR L 89 -7.52 22.05 -55.25
C TYR L 89 -7.44 22.18 -53.73
N CYS L 90 -6.21 22.33 -53.23
CA CYS L 90 -5.94 22.70 -51.84
C CYS L 90 -5.56 24.17 -51.79
N GLN L 91 -6.22 24.93 -50.93
CA GLN L 91 -5.78 26.28 -50.61
C GLN L 91 -5.54 26.37 -49.11
N SER L 92 -4.34 26.81 -48.73
CA SER L 92 -3.99 26.97 -47.34
C SER L 92 -3.02 28.13 -47.21
N TYR L 93 -3.07 28.80 -46.06
CA TYR L 93 -2.24 29.98 -45.83
C TYR L 93 -0.83 29.53 -45.47
N ASP L 94 0.14 29.94 -46.28
CA ASP L 94 1.54 29.60 -46.06
C ASP L 94 2.27 30.81 -45.49
N SER L 95 3.05 30.58 -44.44
CA SER L 95 3.81 31.66 -43.81
C SER L 95 5.17 31.88 -44.46
N SER L 96 5.76 30.82 -45.04
CA SER L 96 7.03 30.99 -45.73
C SER L 96 6.85 31.74 -47.05
N LEU L 97 5.67 31.63 -47.67
CA LEU L 97 5.36 32.37 -48.88
C LEU L 97 4.66 33.70 -48.60
N SER L 98 4.24 33.92 -47.35
CA SER L 98 3.56 35.14 -46.93
C SER L 98 2.30 35.38 -47.76
N GLY L 99 1.43 34.38 -47.76
CA GLY L 99 0.18 34.47 -48.49
C GLY L 99 -0.42 33.09 -48.68
N SER L 100 -1.52 33.08 -49.44
CA SER L 100 -2.22 31.84 -49.75
C SER L 100 -1.66 31.22 -51.02
N VAL L 101 -1.48 29.91 -50.99
CA VAL L 101 -0.95 29.16 -52.12
C VAL L 101 -1.89 28.00 -52.41
N PHE L 102 -2.11 27.72 -53.70
CA PHE L 102 -3.00 26.64 -54.10
C PHE L 102 -2.20 25.37 -54.34
N GLY L 103 -2.92 24.28 -54.60
CA GLY L 103 -2.32 22.97 -54.80
C GLY L 103 -2.12 22.63 -56.25
N GLY L 104 -2.04 21.33 -56.52
CA GLY L 104 -1.82 20.85 -57.88
C GLY L 104 -3.10 20.69 -58.66
N GLY L 105 -4.05 19.92 -58.11
CA GLY L 105 -5.32 19.69 -58.79
C GLY L 105 -5.46 18.30 -59.36
N THR L 106 -6.59 17.65 -59.07
CA THR L 106 -6.86 16.30 -59.54
C THR L 106 -8.02 16.34 -60.54
N LYS L 107 -7.92 15.53 -61.58
CA LYS L 107 -8.98 15.41 -62.58
C LYS L 107 -9.81 14.17 -62.27
N LEU L 108 -11.13 14.33 -62.26
CA LEU L 108 -12.06 13.27 -61.87
C LEU L 108 -12.87 12.86 -63.11
N THR L 109 -12.35 11.91 -63.88
CA THR L 109 -13.04 11.48 -65.09
C THR L 109 -12.45 10.20 -65.66
N VAL L 110 -13.20 9.11 -65.58
CA VAL L 110 -12.70 7.83 -66.08
C VAL L 110 -12.62 7.81 -67.61
N LEU L 111 -13.70 8.18 -68.29
CA LEU L 111 -13.72 8.15 -69.75
C LEU L 111 -15.05 8.62 -70.30
N GLY L 112 -15.75 7.74 -71.04
CA GLY L 112 -17.03 8.11 -71.62
C GLY L 112 -16.93 8.37 -73.11
N GLN L 113 -15.85 7.90 -73.74
CA GLN L 113 -15.65 8.13 -75.17
C GLN L 113 -15.64 6.83 -75.96
N PRO L 114 -16.80 6.44 -76.51
CA PRO L 114 -16.87 5.22 -77.33
C PRO L 114 -16.20 5.38 -78.69
N LYS L 115 -16.15 4.31 -79.47
CA LYS L 115 -15.48 4.36 -80.78
C LYS L 115 -16.43 4.64 -81.94
N ALA L 116 -15.90 4.65 -83.15
CA ALA L 116 -16.71 4.92 -84.33
C ALA L 116 -15.83 4.76 -85.58
N ALA L 117 -16.35 5.19 -86.72
CA ALA L 117 -15.63 5.13 -87.98
C ALA L 117 -15.40 6.54 -88.51
N PRO L 118 -14.17 6.94 -88.78
CA PRO L 118 -13.92 8.31 -89.24
C PRO L 118 -14.10 8.44 -90.75
N SER L 119 -14.15 9.70 -91.18
CA SER L 119 -14.26 10.03 -92.61
C SER L 119 -13.49 11.32 -92.85
N VAL L 120 -12.50 11.25 -93.73
CA VAL L 120 -11.61 12.37 -93.99
C VAL L 120 -11.92 12.97 -95.36
N THR L 121 -11.54 14.23 -95.52
CA THR L 121 -11.70 14.95 -96.78
C THR L 121 -10.43 15.76 -97.04
N LEU L 122 -9.80 15.54 -98.19
CA LEU L 122 -8.60 16.26 -98.58
C LEU L 122 -8.97 17.28 -99.64
N PHE L 123 -8.60 18.54 -99.40
CA PHE L 123 -8.93 19.65 -100.29
C PHE L 123 -7.67 20.36 -100.74
N PRO L 124 -7.40 20.44 -102.03
CA PRO L 124 -6.21 21.14 -102.51
C PRO L 124 -6.41 22.65 -102.46
N PRO L 125 -5.32 23.42 -102.42
CA PRO L 125 -5.47 24.88 -102.44
C PRO L 125 -6.00 25.37 -103.77
N SER L 126 -6.73 26.48 -103.70
CA SER L 126 -7.35 27.06 -104.89
C SER L 126 -6.35 27.94 -105.63
N SER L 127 -6.81 28.55 -106.72
CA SER L 127 -5.92 29.32 -107.58
C SER L 127 -5.56 30.67 -106.98
N GLU L 128 -6.44 31.25 -106.16
CA GLU L 128 -6.17 32.57 -105.58
C GLU L 128 -5.17 32.51 -104.43
N GLU L 129 -4.95 31.34 -103.84
CA GLU L 129 -4.02 31.22 -102.72
C GLU L 129 -2.57 31.13 -103.16
N LEU L 130 -2.32 30.86 -104.45
CA LEU L 130 -0.97 30.58 -104.91
C LEU L 130 -0.14 31.85 -105.09
N GLN L 131 -0.78 32.98 -105.37
CA GLN L 131 -0.07 34.24 -105.56
C GLN L 131 0.25 34.95 -104.24
N ALA L 132 -0.17 34.39 -103.11
CA ALA L 132 0.11 34.98 -101.80
C ALA L 132 1.42 34.49 -101.20
N ASN L 133 2.27 33.82 -101.99
CA ASN L 133 3.57 33.32 -101.54
C ASN L 133 3.41 32.35 -100.37
N LYS L 134 2.33 31.58 -100.36
CA LYS L 134 2.11 30.59 -99.31
C LYS L 134 1.18 29.51 -99.85
N ALA L 135 1.19 28.35 -99.18
CA ALA L 135 0.36 27.22 -99.55
C ALA L 135 -0.14 26.54 -98.28
N THR L 136 -1.45 26.56 -98.08
CA THR L 136 -2.08 25.99 -96.89
C THR L 136 -2.83 24.73 -97.31
N LEU L 137 -2.19 23.58 -97.13
CA LEU L 137 -2.79 22.29 -97.48
C LEU L 137 -3.62 21.81 -96.29
N VAL L 138 -4.93 21.78 -96.45
CA VAL L 138 -5.85 21.46 -95.36
C VAL L 138 -6.30 20.01 -95.50
N CYS L 139 -6.64 19.39 -94.37
CA CYS L 139 -7.09 18.00 -94.34
C CYS L 139 -8.15 17.89 -93.26
N LEU L 140 -9.42 17.89 -93.68
CA LEU L 140 -10.55 17.93 -92.75
C LEU L 140 -11.00 16.53 -92.39
N ILE L 141 -11.19 16.29 -91.10
CA ILE L 141 -11.71 15.03 -90.58
C ILE L 141 -13.00 15.32 -89.83
N SER L 142 -14.02 14.50 -90.08
CA SER L 142 -15.33 14.74 -89.49
C SER L 142 -16.04 13.40 -89.27
N ASP L 143 -17.07 13.45 -88.41
CA ASP L 143 -17.93 12.29 -88.11
C ASP L 143 -17.11 11.12 -87.57
N PHE L 144 -16.50 11.36 -86.41
CA PHE L 144 -15.72 10.33 -85.74
C PHE L 144 -15.92 10.46 -84.23
N TYR L 145 -15.54 9.40 -83.52
CA TYR L 145 -15.68 9.34 -82.07
C TYR L 145 -14.71 8.31 -81.49
N PRO L 146 -13.87 8.70 -80.52
CA PRO L 146 -13.79 10.04 -79.95
C PRO L 146 -12.83 10.95 -80.71
N GLY L 147 -12.50 12.09 -80.12
CA GLY L 147 -11.62 13.05 -80.78
C GLY L 147 -10.16 12.86 -80.45
N ALA L 148 -9.60 11.72 -80.83
CA ALA L 148 -8.17 11.42 -80.64
C ALA L 148 -7.65 10.83 -81.94
N VAL L 149 -7.18 11.69 -82.84
CA VAL L 149 -6.70 11.29 -84.16
C VAL L 149 -5.26 11.75 -84.32
N THR L 150 -4.39 10.85 -84.72
CA THR L 150 -3.00 11.17 -85.00
C THR L 150 -2.86 11.48 -86.50
N VAL L 151 -2.41 12.70 -86.80
CA VAL L 151 -2.33 13.18 -88.17
C VAL L 151 -0.88 13.09 -88.65
N ALA L 152 -0.68 12.50 -89.82
CA ALA L 152 0.63 12.41 -90.44
C ALA L 152 0.53 12.80 -91.91
N TRP L 153 1.64 13.28 -92.46
CA TRP L 153 1.71 13.74 -93.83
C TRP L 153 2.83 13.04 -94.57
N LYS L 154 2.69 12.95 -95.90
CA LYS L 154 3.71 12.36 -96.74
C LYS L 154 3.61 12.94 -98.14
N ALA L 155 4.70 12.86 -98.89
CA ALA L 155 4.78 13.36 -100.26
C ALA L 155 5.25 12.26 -101.20
N ASP L 156 4.82 11.03 -100.93
CA ASP L 156 5.10 9.82 -101.70
C ASP L 156 6.57 9.41 -101.66
N SER L 157 7.45 10.19 -101.02
CA SER L 157 8.85 9.81 -100.90
C SER L 157 9.43 10.01 -99.51
N SER L 158 8.80 10.78 -98.62
CA SER L 158 9.32 11.03 -97.29
C SER L 158 8.22 11.64 -96.44
N PRO L 159 8.15 11.33 -95.15
CA PRO L 159 7.14 11.97 -94.31
C PRO L 159 7.50 13.42 -94.02
N VAL L 160 6.46 14.25 -93.90
CA VAL L 160 6.64 15.68 -93.68
C VAL L 160 6.61 15.95 -92.18
N LYS L 161 7.74 16.40 -91.64
CA LYS L 161 7.88 16.71 -90.22
C LYS L 161 8.06 18.21 -90.00
N ALA L 162 7.45 19.03 -90.86
CA ALA L 162 7.58 20.48 -90.78
C ALA L 162 6.26 21.12 -91.18
N GLY L 163 5.80 22.07 -90.37
CA GLY L 163 4.54 22.74 -90.63
C GLY L 163 3.30 21.95 -90.26
N VAL L 164 3.45 20.86 -89.51
CA VAL L 164 2.33 20.02 -89.14
C VAL L 164 1.61 20.64 -87.95
N GLU L 165 0.27 20.64 -88.00
CA GLU L 165 -0.54 21.18 -86.92
C GLU L 165 -1.79 20.33 -86.78
N THR L 166 -2.22 20.13 -85.53
CA THR L 166 -3.47 19.46 -85.21
C THR L 166 -4.27 20.32 -84.26
N THR L 167 -5.55 20.52 -84.57
CA THR L 167 -6.46 21.25 -83.70
C THR L 167 -7.25 20.29 -82.82
N THR L 168 -7.80 20.83 -81.74
CA THR L 168 -8.60 19.98 -80.86
C THR L 168 -10.00 19.82 -81.44
N PRO L 169 -10.60 18.63 -81.32
CA PRO L 169 -11.96 18.43 -81.85
C PRO L 169 -13.01 18.95 -80.88
N SER L 170 -14.09 19.49 -81.46
CA SER L 170 -15.22 19.99 -80.70
C SER L 170 -16.44 19.13 -80.96
N LYS L 171 -17.40 19.20 -80.05
CA LYS L 171 -18.62 18.40 -80.15
C LYS L 171 -19.56 19.02 -81.18
N GLN L 172 -20.11 18.18 -82.04
CA GLN L 172 -21.07 18.63 -83.06
C GLN L 172 -22.48 18.59 -82.47
N SER L 173 -23.48 18.77 -83.33
CA SER L 173 -24.86 18.72 -82.89
C SER L 173 -25.39 17.29 -82.77
N ASN L 174 -24.79 16.35 -83.50
CA ASN L 174 -25.19 14.94 -83.45
C ASN L 174 -24.22 14.09 -82.64
N ASN L 175 -23.62 14.67 -81.59
CA ASN L 175 -22.71 13.96 -80.68
C ASN L 175 -21.52 13.37 -81.44
N LYS L 176 -20.95 14.15 -82.35
CA LYS L 176 -19.77 13.75 -83.10
C LYS L 176 -18.67 14.79 -82.93
N TYR L 177 -17.51 14.50 -83.49
CA TYR L 177 -16.35 15.36 -83.41
C TYR L 177 -15.84 15.69 -84.81
N ALA L 178 -15.15 16.82 -84.91
CA ALA L 178 -14.60 17.27 -86.18
C ALA L 178 -13.35 18.10 -85.92
N ALA L 179 -12.36 17.97 -86.80
CA ALA L 179 -11.11 18.69 -86.66
C ALA L 179 -10.53 18.95 -88.05
N SER L 180 -9.47 19.73 -88.08
CA SER L 180 -8.79 20.08 -89.32
C SER L 180 -7.29 20.18 -89.07
N SER L 181 -6.51 19.87 -90.11
CA SER L 181 -5.06 19.94 -90.03
C SER L 181 -4.54 20.76 -91.20
N TYR L 182 -3.70 21.74 -90.91
CA TYR L 182 -3.11 22.60 -91.92
C TYR L 182 -1.65 22.20 -92.14
N LEU L 183 -1.14 22.56 -93.32
CA LEU L 183 0.25 22.36 -93.67
C LEU L 183 0.73 23.60 -94.40
N SER L 184 1.66 24.33 -93.78
CA SER L 184 2.18 25.57 -94.35
C SER L 184 3.33 25.23 -95.31
N LEU L 185 3.11 25.47 -96.60
CA LEU L 185 4.15 25.26 -97.62
C LEU L 185 4.25 26.52 -98.48
N THR L 186 5.15 26.48 -99.45
CA THR L 186 5.31 27.56 -100.40
C THR L 186 4.95 27.09 -101.80
N PRO L 187 4.38 27.96 -102.65
CA PRO L 187 3.98 27.53 -104.00
C PRO L 187 5.13 27.19 -104.92
N GLU L 188 6.37 27.46 -104.53
CA GLU L 188 7.50 27.14 -105.40
C GLU L 188 7.70 25.63 -105.51
N GLN L 189 7.56 24.91 -104.40
CA GLN L 189 7.73 23.47 -104.38
C GLN L 189 6.41 22.70 -104.37
N TRP L 190 5.28 23.38 -104.48
CA TRP L 190 4.00 22.68 -104.52
C TRP L 190 3.80 21.98 -105.87
N LYS L 191 4.27 22.58 -106.95
CA LYS L 191 4.14 21.98 -108.28
C LYS L 191 5.28 21.04 -108.63
N SER L 192 6.36 21.03 -107.85
CA SER L 192 7.50 20.18 -108.18
C SER L 192 7.23 18.72 -107.81
N HIS L 193 6.61 18.49 -106.66
CA HIS L 193 6.27 17.13 -106.26
C HIS L 193 5.05 16.64 -107.01
N ARG L 194 4.87 15.31 -107.02
CA ARG L 194 3.83 14.70 -107.83
C ARG L 194 2.46 14.76 -107.15
N SER L 195 2.42 14.53 -105.84
CA SER L 195 1.15 14.50 -105.13
C SER L 195 1.38 14.77 -103.65
N TYR L 196 0.27 14.91 -102.93
CA TYR L 196 0.29 15.16 -101.49
C TYR L 196 -0.88 14.42 -100.85
N SER L 197 -0.69 14.00 -99.61
CA SER L 197 -1.72 13.25 -98.90
C SER L 197 -1.54 13.40 -97.41
N CYS L 198 -2.64 13.21 -96.67
CA CYS L 198 -2.63 13.21 -95.22
C CYS L 198 -3.10 11.85 -94.72
N GLN L 199 -2.24 11.16 -93.97
CA GLN L 199 -2.54 9.84 -93.43
C GLN L 199 -2.85 9.95 -91.95
N VAL L 200 -4.00 9.40 -91.55
CA VAL L 200 -4.43 9.40 -90.16
C VAL L 200 -4.78 7.97 -89.76
N THR L 201 -4.90 7.75 -88.45
CA THR L 201 -5.24 6.45 -87.90
C THR L 201 -6.25 6.63 -86.79
N HIS L 202 -7.09 5.59 -86.59
CA HIS L 202 -8.07 5.61 -85.51
C HIS L 202 -8.35 4.15 -85.15
N GLU L 203 -7.72 3.69 -84.07
CA GLU L 203 -7.84 2.30 -83.62
C GLU L 203 -7.48 1.32 -84.74
N GLY L 204 -6.37 1.62 -85.42
CA GLY L 204 -5.87 0.79 -86.50
C GLY L 204 -6.46 1.09 -87.87
N SER L 205 -7.60 1.77 -87.93
CA SER L 205 -8.24 2.09 -89.20
C SER L 205 -7.47 3.24 -89.86
N THR L 206 -6.84 2.97 -90.99
CA THR L 206 -6.05 3.94 -91.72
C THR L 206 -6.74 4.26 -93.04
N VAL L 207 -7.19 5.50 -93.19
CA VAL L 207 -7.84 5.96 -94.42
C VAL L 207 -6.88 6.93 -95.12
N GLU L 208 -6.70 6.73 -96.42
CA GLU L 208 -5.75 7.49 -97.22
C GLU L 208 -6.47 8.13 -98.40
N LYS L 209 -6.22 9.42 -98.61
CA LYS L 209 -6.77 10.15 -99.75
C LYS L 209 -5.69 11.03 -100.34
N THR L 210 -5.58 11.03 -101.67
CA THR L 210 -4.54 11.77 -102.36
C THR L 210 -5.17 12.67 -103.42
N VAL L 211 -4.46 13.73 -103.76
CA VAL L 211 -4.85 14.66 -104.81
C VAL L 211 -3.66 14.84 -105.75
N ALA L 212 -3.93 15.44 -106.91
CA ALA L 212 -2.88 15.69 -107.89
C ALA L 212 -2.97 17.11 -108.41
N PRO L 213 -1.90 17.90 -108.30
CA PRO L 213 -1.96 19.29 -108.77
C PRO L 213 -1.93 19.42 -110.28
N THR L 214 -1.38 18.44 -111.00
CA THR L 214 -1.32 18.49 -112.45
C THR L 214 -2.20 17.41 -113.08
#